data_6YFM
#
_entry.id   6YFM
#
_cell.length_a   282.018
_cell.length_b   302.810
_cell.length_c   352.159
_cell.angle_alpha   90.000
_cell.angle_beta   90.000
_cell.angle_gamma   90.000
#
_symmetry.space_group_name_H-M   'I 2 2 2'
#
loop_
_entity.id
_entity.type
_entity.pdbx_description
1 polymer 'coat protein'
2 non-polymer 'ZINC ION'
#
_entity_poly.entity_id   1
_entity_poly.type   'polypeptide(L)'
_entity_poly.pdbx_seq_one_letter_code
;SSQANITVFDGAATPVSHVLVPLGVGIDENLGSVAKWRENLATVPLYANVRVTTMQKKLKSGIERVEIRVEVPVMEAVSG
QNAFGYTAAPKVAFTDSGSFVGYFSERSAQSNRRLVKQILTNLLGNVSTSVAAPTTGFASELIDSGITAS
;
_entity_poly.pdbx_strand_id   AA,AB,AC,AD,AE,AF,AG,AH,AI,AJ,AK,AL,AM,AN,AO,AP,AQ,AR,AS,AT,AU,AV,AW,AX,AY,AZ,BA,BB,BC,BD,BE,BF,BG,BH,BI,BJ,BK,BL,BM,BN,BO,BP,BQ,BR,BS
#
# COMPACT_ATOMS: atom_id res chain seq x y z
N SER A 1 -26.12 -66.03 -19.08
CA SER A 1 -25.80 -64.96 -18.15
C SER A 1 -25.85 -65.40 -16.68
N SER A 2 -26.15 -66.67 -16.44
CA SER A 2 -25.99 -67.29 -15.14
C SER A 2 -24.75 -68.17 -15.13
N GLN A 3 -24.29 -68.53 -13.93
CA GLN A 3 -23.01 -69.22 -13.81
C GLN A 3 -23.09 -70.63 -14.37
N ALA A 4 -22.04 -71.02 -15.10
CA ALA A 4 -21.91 -72.37 -15.63
C ALA A 4 -20.45 -72.75 -15.63
N ASN A 5 -20.19 -74.03 -15.93
CA ASN A 5 -18.82 -74.53 -15.96
C ASN A 5 -18.01 -73.80 -17.03
N ILE A 6 -16.71 -73.70 -16.78
CA ILE A 6 -15.75 -73.10 -17.71
C ILE A 6 -14.67 -74.12 -18.00
N THR A 7 -14.42 -74.39 -19.27
CA THR A 7 -13.35 -75.27 -19.70
C THR A 7 -12.30 -74.45 -20.43
N VAL A 8 -11.08 -74.42 -19.89
CA VAL A 8 -9.98 -73.61 -20.43
C VAL A 8 -8.69 -74.41 -20.39
N PHE A 9 -7.92 -74.32 -21.47
CA PHE A 9 -6.57 -74.86 -21.49
C PHE A 9 -5.58 -73.79 -21.02
N ASP A 10 -4.56 -74.22 -20.28
CA ASP A 10 -3.58 -73.28 -19.74
C ASP A 10 -2.46 -73.08 -20.75
N GLY A 11 -1.36 -72.47 -20.31
CA GLY A 11 -0.25 -72.17 -21.19
C GLY A 11 1.00 -72.96 -20.89
N ALA A 12 0.84 -74.18 -20.40
CA ALA A 12 1.98 -75.07 -20.23
C ALA A 12 2.57 -75.41 -21.59
N ALA A 13 3.79 -75.97 -21.56
CA ALA A 13 4.45 -76.36 -22.81
C ALA A 13 3.56 -77.33 -23.59
N THR A 14 3.02 -78.34 -22.91
CA THR A 14 1.88 -79.10 -23.42
C THR A 14 0.66 -78.64 -22.65
N PRO A 15 -0.22 -77.82 -23.22
CA PRO A 15 -1.30 -77.22 -22.43
C PRO A 15 -2.27 -78.24 -21.87
N VAL A 16 -2.77 -77.93 -20.67
CA VAL A 16 -3.62 -78.82 -19.87
C VAL A 16 -4.99 -78.17 -19.71
N SER A 17 -6.05 -78.96 -19.90
CA SER A 17 -7.40 -78.44 -19.73
C SER A 17 -7.76 -78.37 -18.25
N HIS A 18 -8.54 -77.34 -17.90
CA HIS A 18 -9.05 -77.16 -16.55
C HIS A 18 -10.55 -76.92 -16.62
N VAL A 19 -11.29 -77.54 -15.72
CA VAL A 19 -12.73 -77.33 -15.62
C VAL A 19 -12.98 -76.56 -14.33
N LEU A 20 -13.45 -75.33 -14.48
CA LEU A 20 -13.75 -74.45 -13.36
C LEU A 20 -15.26 -74.50 -13.09
N VAL A 21 -15.63 -74.92 -11.89
CA VAL A 21 -17.02 -75.06 -11.47
C VAL A 21 -17.45 -73.75 -10.83
N PRO A 22 -18.72 -73.33 -10.97
CA PRO A 22 -19.17 -72.14 -10.26
C PRO A 22 -19.01 -72.32 -8.75
N LEU A 23 -18.57 -71.24 -8.09
CA LEU A 23 -18.27 -71.27 -6.67
C LEU A 23 -19.18 -70.38 -5.85
N GLY A 24 -19.70 -69.30 -6.43
CA GLY A 24 -20.62 -68.43 -5.72
C GLY A 24 -20.65 -67.06 -6.32
N VAL A 25 -21.65 -66.30 -5.89
CA VAL A 25 -21.81 -64.90 -6.28
C VAL A 25 -22.07 -64.10 -5.00
N GLY A 26 -21.60 -62.85 -4.99
CA GLY A 26 -21.83 -61.99 -3.85
C GLY A 26 -21.58 -60.54 -4.17
N ILE A 27 -21.83 -59.69 -3.18
CA ILE A 27 -21.50 -58.28 -3.23
C ILE A 27 -20.47 -57.98 -2.15
N ASP A 28 -19.45 -57.21 -2.51
CA ASP A 28 -18.37 -56.84 -1.60
C ASP A 28 -18.37 -55.33 -1.39
N GLU A 29 -18.03 -54.93 -0.17
CA GLU A 29 -17.94 -53.50 0.15
C GLU A 29 -16.95 -52.79 -0.76
N ASN A 30 -15.76 -53.38 -0.95
CA ASN A 30 -14.67 -52.74 -1.66
C ASN A 30 -14.46 -53.26 -3.08
N LEU A 31 -15.00 -54.43 -3.41
CA LEU A 31 -14.76 -55.04 -4.72
C LEU A 31 -15.93 -54.88 -5.69
N GLY A 32 -17.16 -54.81 -5.20
CA GLY A 32 -18.32 -54.67 -6.06
C GLY A 32 -19.02 -56.00 -6.30
N SER A 33 -19.61 -56.18 -7.48
CA SER A 33 -20.24 -57.45 -7.81
C SER A 33 -19.18 -58.49 -8.14
N VAL A 34 -19.19 -59.59 -7.41
CA VAL A 34 -18.16 -60.63 -7.51
C VAL A 34 -18.81 -61.95 -7.92
N ALA A 35 -18.16 -62.66 -8.84
CA ALA A 35 -18.52 -64.02 -9.21
C ALA A 35 -17.27 -64.87 -9.20
N LYS A 36 -17.38 -66.09 -8.68
CA LYS A 36 -16.22 -66.94 -8.42
C LYS A 36 -16.40 -68.30 -9.09
N TRP A 37 -15.33 -68.78 -9.71
CA TRP A 37 -15.22 -70.14 -10.23
C TRP A 37 -13.99 -70.78 -9.61
N ARG A 38 -13.89 -72.10 -9.76
CA ARG A 38 -12.80 -72.84 -9.13
C ARG A 38 -12.76 -74.25 -9.68
N GLU A 39 -11.54 -74.76 -9.87
CA GLU A 39 -11.34 -76.15 -10.22
C GLU A 39 -11.65 -77.06 -9.03
N ASN A 40 -11.82 -78.35 -9.31
CA ASN A 40 -12.16 -79.31 -8.27
C ASN A 40 -11.24 -80.51 -8.31
N LEU A 41 -9.95 -80.27 -8.54
CA LEU A 41 -9.01 -81.38 -8.62
C LEU A 41 -8.87 -82.05 -7.27
N ALA A 42 -8.78 -83.39 -7.30
CA ALA A 42 -8.43 -84.15 -6.11
C ALA A 42 -6.95 -84.07 -5.76
N THR A 43 -6.15 -83.39 -6.59
CA THR A 43 -4.70 -83.40 -6.38
C THR A 43 -4.29 -82.49 -5.22
N VAL A 44 -4.99 -81.38 -5.08
CA VAL A 44 -4.66 -80.34 -4.10
C VAL A 44 -5.86 -80.18 -3.18
N PRO A 45 -5.69 -79.54 -2.04
CA PRO A 45 -6.85 -79.21 -1.20
C PRO A 45 -7.72 -78.16 -1.88
N LEU A 46 -8.90 -77.93 -1.29
CA LEU A 46 -9.89 -77.09 -1.95
C LEU A 46 -9.37 -75.69 -2.20
N TYR A 47 -8.72 -75.08 -1.20
CA TYR A 47 -8.28 -73.70 -1.33
C TYR A 47 -7.17 -73.53 -2.37
N ALA A 48 -6.47 -74.61 -2.75
CA ALA A 48 -5.31 -74.52 -3.61
C ALA A 48 -5.63 -74.73 -5.09
N ASN A 49 -6.90 -74.76 -5.46
CA ASN A 49 -7.29 -74.99 -6.85
C ASN A 49 -7.17 -73.71 -7.68
N VAL A 50 -6.94 -73.91 -8.99
CA VAL A 50 -6.99 -72.80 -9.93
C VAL A 50 -8.37 -72.14 -9.85
N ARG A 51 -8.38 -70.81 -9.77
CA ARG A 51 -9.62 -70.08 -9.60
C ARG A 51 -9.72 -68.92 -10.57
N VAL A 52 -10.96 -68.56 -10.90
CA VAL A 52 -11.27 -67.41 -11.75
C VAL A 52 -12.32 -66.58 -11.03
N THR A 53 -12.15 -65.27 -11.04
CA THR A 53 -13.03 -64.35 -10.35
C THR A 53 -13.26 -63.10 -11.19
N THR A 54 -14.49 -62.63 -11.23
CA THR A 54 -14.84 -61.38 -11.89
C THR A 54 -15.30 -60.35 -10.88
N MET A 55 -14.91 -59.10 -11.10
CA MET A 55 -15.30 -57.97 -10.26
C MET A 55 -15.87 -56.86 -11.13
N GLN A 56 -16.97 -56.26 -10.67
CA GLN A 56 -17.60 -55.12 -11.32
C GLN A 56 -17.91 -54.08 -10.27
N LYS A 57 -17.24 -52.93 -10.36
CA LYS A 57 -17.35 -51.89 -9.34
C LYS A 57 -17.53 -50.54 -10.02
N LYS A 58 -18.58 -49.83 -9.61
CA LYS A 58 -18.82 -48.48 -10.12
C LYS A 58 -17.94 -47.50 -9.35
N LEU A 59 -17.22 -46.67 -10.08
CA LEU A 59 -16.38 -45.65 -9.47
C LEU A 59 -17.03 -44.28 -9.62
N LYS A 60 -16.31 -43.25 -9.16
CA LYS A 60 -16.77 -41.89 -9.30
C LYS A 60 -16.60 -41.42 -10.74
N SER A 61 -17.36 -40.39 -11.09
CA SER A 61 -17.33 -39.78 -12.42
C SER A 61 -17.79 -40.75 -13.50
N GLY A 62 -18.70 -41.65 -13.14
CA GLY A 62 -19.35 -42.50 -14.15
C GLY A 62 -18.41 -43.42 -14.88
N ILE A 63 -17.47 -44.04 -14.16
CA ILE A 63 -16.53 -44.99 -14.73
C ILE A 63 -16.67 -46.27 -13.93
N GLU A 64 -16.79 -47.40 -14.62
CA GLU A 64 -16.85 -48.70 -13.95
C GLU A 64 -15.56 -49.45 -14.20
N ARG A 65 -15.09 -50.15 -13.19
CA ARG A 65 -13.91 -50.98 -13.27
C ARG A 65 -14.35 -52.44 -13.36
N VAL A 66 -13.76 -53.17 -14.30
CA VAL A 66 -14.14 -54.54 -14.60
C VAL A 66 -12.89 -55.39 -14.58
N GLU A 67 -12.93 -56.52 -13.86
CA GLU A 67 -11.76 -57.39 -13.78
C GLU A 67 -12.15 -58.84 -13.95
N ILE A 68 -11.33 -59.59 -14.67
CA ILE A 68 -11.36 -61.04 -14.70
C ILE A 68 -10.01 -61.52 -14.18
N ARG A 69 -9.98 -62.04 -12.96
CA ARG A 69 -8.73 -62.40 -12.30
C ARG A 69 -8.54 -63.91 -12.30
N VAL A 70 -7.46 -64.38 -12.93
CA VAL A 70 -7.08 -65.79 -12.94
C VAL A 70 -5.92 -65.95 -11.97
N GLU A 71 -6.11 -66.79 -10.96
CA GLU A 71 -5.07 -67.08 -9.97
C GLU A 71 -4.74 -68.57 -10.02
N VAL A 72 -3.45 -68.88 -10.20
CA VAL A 72 -2.98 -70.25 -10.23
C VAL A 72 -2.05 -70.49 -9.05
N PRO A 73 -2.49 -71.20 -8.02
CA PRO A 73 -1.57 -71.56 -6.93
C PRO A 73 -0.63 -72.66 -7.38
N VAL A 74 0.67 -72.40 -7.23
CA VAL A 74 1.71 -73.38 -7.54
C VAL A 74 2.16 -74.00 -6.22
N MET A 75 2.06 -75.33 -6.14
CA MET A 75 2.29 -76.03 -4.88
C MET A 75 3.77 -76.32 -4.68
N GLU A 76 4.19 -76.35 -3.42
CA GLU A 76 5.49 -76.90 -3.08
C GLU A 76 5.53 -78.38 -3.41
N ALA A 77 6.71 -78.87 -3.75
CA ALA A 77 6.90 -80.28 -4.08
C ALA A 77 7.16 -81.05 -2.78
N VAL A 78 6.23 -81.92 -2.41
CA VAL A 78 6.41 -82.75 -1.23
C VAL A 78 7.41 -83.85 -1.56
N SER A 79 8.50 -83.91 -0.80
CA SER A 79 9.54 -84.91 -0.99
C SER A 79 10.00 -85.38 0.38
N GLY A 80 10.13 -86.70 0.55
CA GLY A 80 10.55 -87.27 1.82
C GLY A 80 9.67 -86.83 2.98
N GLN A 81 10.29 -86.86 4.16
CA GLN A 81 9.62 -86.53 5.40
C GLN A 81 10.18 -85.24 5.98
N ASN A 82 9.39 -84.62 6.85
CA ASN A 82 9.83 -83.43 7.55
C ASN A 82 10.61 -83.82 8.81
N ALA A 83 11.02 -82.82 9.58
CA ALA A 83 11.82 -83.06 10.77
C ALA A 83 11.08 -83.84 11.84
N PHE A 84 9.77 -84.04 11.69
CA PHE A 84 8.98 -84.79 12.67
C PHE A 84 8.73 -86.23 12.26
N GLY A 85 9.15 -86.63 11.06
CA GLY A 85 8.97 -87.99 10.60
C GLY A 85 7.69 -88.24 9.85
N TYR A 86 6.98 -87.21 9.45
CA TYR A 86 5.74 -87.33 8.70
C TYR A 86 5.91 -86.76 7.30
N THR A 87 5.10 -87.26 6.36
CA THR A 87 5.02 -86.65 5.04
C THR A 87 4.42 -85.26 5.16
N ALA A 88 5.02 -84.28 4.50
CA ALA A 88 4.59 -82.90 4.66
C ALA A 88 3.19 -82.69 4.11
N ALA A 89 2.44 -81.79 4.76
CA ALA A 89 1.15 -81.40 4.26
C ALA A 89 1.32 -80.53 3.01
N PRO A 90 0.35 -80.57 2.08
CA PRO A 90 0.45 -79.71 0.90
C PRO A 90 0.49 -78.24 1.30
N LYS A 91 1.37 -77.49 0.63
CA LYS A 91 1.55 -76.08 0.94
C LYS A 91 1.73 -75.30 -0.36
N VAL A 92 1.09 -74.14 -0.42
CA VAL A 92 1.20 -73.28 -1.60
C VAL A 92 2.56 -72.59 -1.60
N ALA A 93 3.30 -72.75 -2.69
CA ALA A 93 4.60 -72.10 -2.79
C ALA A 93 4.45 -70.63 -3.15
N PHE A 94 3.69 -70.35 -4.19
CA PHE A 94 3.36 -68.98 -4.59
C PHE A 94 2.12 -69.05 -5.47
N THR A 95 1.47 -67.90 -5.62
CA THR A 95 0.28 -67.80 -6.44
C THR A 95 0.51 -66.79 -7.55
N ASP A 96 0.41 -67.24 -8.80
CA ASP A 96 0.52 -66.36 -9.96
C ASP A 96 -0.85 -65.80 -10.30
N SER A 97 -0.88 -64.51 -10.64
CA SER A 97 -2.12 -63.80 -10.91
C SER A 97 -2.02 -63.08 -12.23
N GLY A 98 -2.88 -63.45 -13.18
CA GLY A 98 -3.02 -62.72 -14.42
C GLY A 98 -4.46 -62.33 -14.63
N SER A 99 -4.72 -61.06 -14.92
CA SER A 99 -6.10 -60.60 -14.97
C SER A 99 -6.31 -59.62 -16.11
N PHE A 100 -7.55 -59.55 -16.58
CA PHE A 100 -8.00 -58.46 -17.43
C PHE A 100 -8.58 -57.37 -16.53
N VAL A 101 -8.21 -56.11 -16.79
CA VAL A 101 -8.73 -54.99 -16.03
C VAL A 101 -9.21 -53.94 -17.03
N GLY A 102 -10.50 -53.65 -17.01
CA GLY A 102 -11.10 -52.66 -17.88
C GLY A 102 -11.65 -51.48 -17.10
N TYR A 103 -11.41 -50.28 -17.61
CA TYR A 103 -12.03 -49.07 -17.11
C TYR A 103 -12.84 -48.47 -18.25
N PHE A 104 -14.16 -48.43 -18.10
CA PHE A 104 -15.05 -48.00 -19.15
C PHE A 104 -15.97 -46.90 -18.63
N SER A 105 -16.17 -45.87 -19.46
CA SER A 105 -17.15 -44.85 -19.14
C SER A 105 -18.56 -45.38 -19.31
N GLU A 106 -19.49 -44.82 -18.54
CA GLU A 106 -20.90 -45.16 -18.72
C GLU A 106 -21.39 -44.83 -20.12
N ARG A 107 -20.68 -43.95 -20.84
CA ARG A 107 -21.05 -43.54 -22.18
C ARG A 107 -20.62 -44.52 -23.27
N SER A 108 -19.70 -45.44 -22.97
CA SER A 108 -19.27 -46.39 -24.00
C SER A 108 -20.35 -47.43 -24.25
N ALA A 109 -20.42 -47.86 -25.50
CA ALA A 109 -21.40 -48.84 -25.94
C ALA A 109 -20.79 -50.23 -25.98
N GLN A 110 -21.66 -51.23 -26.13
CA GLN A 110 -21.20 -52.60 -26.27
C GLN A 110 -20.13 -52.72 -27.35
N SER A 111 -20.34 -52.03 -28.48
CA SER A 111 -19.40 -52.11 -29.59
C SER A 111 -18.04 -51.52 -29.22
N ASN A 112 -18.03 -50.39 -28.52
CA ASN A 112 -16.76 -49.77 -28.12
C ASN A 112 -15.96 -50.70 -27.23
N ARG A 113 -16.61 -51.30 -26.23
CA ARG A 113 -15.90 -52.15 -25.29
C ARG A 113 -15.42 -53.43 -25.95
N ARG A 114 -16.26 -54.05 -26.78
CA ARG A 114 -15.85 -55.24 -27.51
C ARG A 114 -14.67 -54.96 -28.42
N LEU A 115 -14.59 -53.75 -28.98
CA LEU A 115 -13.50 -53.40 -29.88
C LEU A 115 -12.17 -53.37 -29.14
N VAL A 116 -12.13 -52.73 -27.98
CA VAL A 116 -10.90 -52.68 -27.19
C VAL A 116 -10.50 -54.07 -26.73
N LYS A 117 -11.48 -54.87 -26.28
CA LYS A 117 -11.21 -56.20 -25.74
C LYS A 117 -10.33 -57.01 -26.70
N GLN A 118 -10.73 -57.08 -27.97
CA GLN A 118 -10.04 -57.97 -28.89
C GLN A 118 -8.64 -57.49 -29.22
N ILE A 119 -8.38 -56.17 -29.20
CA ILE A 119 -7.02 -55.69 -29.40
C ILE A 119 -6.08 -56.32 -28.39
N LEU A 120 -6.44 -56.20 -27.10
CA LEU A 120 -5.63 -56.81 -26.05
C LEU A 120 -5.49 -58.30 -26.25
N THR A 121 -6.61 -58.98 -26.52
CA THR A 121 -6.56 -60.44 -26.71
C THR A 121 -5.60 -60.82 -27.83
N ASN A 122 -5.67 -60.11 -28.96
CA ASN A 122 -4.78 -60.42 -30.07
C ASN A 122 -3.34 -60.11 -29.70
N LEU A 123 -3.10 -59.04 -28.93
CA LEU A 123 -1.76 -58.73 -28.48
C LEU A 123 -1.19 -59.86 -27.62
N LEU A 124 -2.01 -60.36 -26.69
CA LEU A 124 -1.55 -61.44 -25.80
C LEU A 124 -1.29 -62.73 -26.57
N GLY A 125 -2.01 -62.94 -27.67
CA GLY A 125 -1.83 -64.14 -28.48
C GLY A 125 -0.79 -64.00 -29.56
N ASN A 126 -0.13 -62.85 -29.65
CA ASN A 126 0.86 -62.56 -30.69
C ASN A 126 0.25 -62.74 -32.08
N VAL A 127 -0.95 -62.21 -32.26
CA VAL A 127 -1.73 -62.40 -33.48
C VAL A 127 -1.84 -61.06 -34.17
N SER A 128 -1.34 -60.99 -35.40
CA SER A 128 -1.39 -59.79 -36.22
C SER A 128 -2.44 -59.87 -37.33
N THR A 129 -3.20 -60.95 -37.41
CA THR A 129 -4.22 -61.13 -38.42
C THR A 129 -5.60 -60.83 -37.83
N SER A 130 -6.62 -60.95 -38.67
CA SER A 130 -7.99 -60.65 -38.26
C SER A 130 -8.58 -61.82 -37.49
N VAL A 131 -9.15 -61.51 -36.33
CA VAL A 131 -9.81 -62.49 -35.48
C VAL A 131 -11.14 -61.90 -35.02
N ALA A 132 -12.20 -62.69 -35.11
CA ALA A 132 -13.54 -62.22 -34.75
C ALA A 132 -13.70 -62.14 -33.24
N ALA A 133 -14.21 -61.02 -32.77
CA ALA A 133 -14.40 -60.82 -31.33
C ALA A 133 -15.59 -61.63 -30.85
N PRO A 134 -15.44 -62.39 -29.77
CA PRO A 134 -16.57 -63.18 -29.25
C PRO A 134 -17.71 -62.29 -28.77
N THR A 135 -18.94 -62.75 -28.98
CA THR A 135 -20.12 -62.05 -28.51
C THR A 135 -20.88 -62.82 -27.45
N THR A 136 -20.38 -63.99 -27.03
CA THR A 136 -20.96 -64.78 -25.97
C THR A 136 -19.86 -65.24 -25.01
N GLY A 137 -20.28 -65.85 -23.91
CA GLY A 137 -19.37 -66.27 -22.87
C GLY A 137 -19.31 -65.26 -21.73
N PHE A 138 -18.86 -65.75 -20.57
CA PHE A 138 -18.87 -64.90 -19.38
C PHE A 138 -17.94 -63.71 -19.53
N ALA A 139 -16.83 -63.88 -20.27
CA ALA A 139 -15.91 -62.76 -20.49
C ALA A 139 -16.56 -61.68 -21.35
N SER A 140 -17.23 -62.07 -22.43
CA SER A 140 -17.90 -61.09 -23.26
C SER A 140 -19.04 -60.40 -22.51
N GLU A 141 -19.82 -61.18 -21.75
CA GLU A 141 -20.91 -60.58 -20.99
C GLU A 141 -20.39 -59.53 -20.02
N LEU A 142 -19.24 -59.79 -19.41
CA LEU A 142 -18.69 -58.86 -18.44
C LEU A 142 -18.03 -57.66 -19.13
N ILE A 143 -17.09 -57.92 -20.03
CA ILE A 143 -16.30 -56.83 -20.62
C ILE A 143 -17.14 -56.04 -21.62
N ASP A 144 -17.83 -56.73 -22.53
CA ASP A 144 -18.56 -56.02 -23.58
C ASP A 144 -19.81 -55.34 -23.02
N SER A 145 -20.50 -56.00 -22.08
CA SER A 145 -21.85 -55.59 -21.72
C SER A 145 -22.04 -55.30 -20.23
N GLY A 146 -21.00 -55.34 -19.42
CA GLY A 146 -21.15 -55.04 -18.01
C GLY A 146 -22.09 -55.96 -17.28
N ILE A 147 -22.05 -57.26 -17.60
CA ILE A 147 -22.94 -58.26 -17.04
C ILE A 147 -22.13 -59.17 -16.11
N THR A 148 -22.56 -59.28 -14.86
CA THR A 148 -22.01 -60.24 -13.93
C THR A 148 -22.94 -61.45 -13.85
N ALA A 149 -22.36 -62.64 -13.77
CA ALA A 149 -23.16 -63.85 -13.68
C ALA A 149 -24.06 -63.82 -12.44
N SER A 150 -25.13 -64.59 -12.51
CA SER A 150 -26.11 -64.62 -11.42
C SER A 150 -26.89 -65.93 -11.35
N SER B 1 -38.16 -67.66 -11.32
CA SER B 1 -37.19 -67.84 -10.26
C SER B 1 -35.86 -67.16 -10.59
N SER B 2 -35.05 -67.79 -11.44
CA SER B 2 -33.77 -67.24 -11.83
C SER B 2 -33.93 -66.29 -13.01
N GLN B 3 -32.93 -65.43 -13.20
CA GLN B 3 -33.02 -64.37 -14.20
C GLN B 3 -33.04 -64.92 -15.62
N ALA B 4 -33.90 -64.36 -16.45
CA ALA B 4 -33.98 -64.71 -17.86
C ALA B 4 -34.30 -63.46 -18.67
N ASN B 5 -34.22 -63.59 -19.98
CA ASN B 5 -34.51 -62.46 -20.86
C ASN B 5 -35.98 -62.06 -20.75
N ILE B 6 -36.21 -60.75 -20.62
CA ILE B 6 -37.55 -60.18 -20.62
C ILE B 6 -37.81 -59.58 -21.99
N THR B 7 -38.96 -59.90 -22.57
CA THR B 7 -39.39 -59.31 -23.84
C THR B 7 -40.66 -58.49 -23.58
N VAL B 8 -40.58 -57.18 -23.81
CA VAL B 8 -41.66 -56.24 -23.52
C VAL B 8 -41.81 -55.28 -24.68
N PHE B 9 -43.05 -54.94 -25.00
CA PHE B 9 -43.33 -53.83 -25.91
C PHE B 9 -43.51 -52.54 -25.13
N ASP B 10 -43.08 -51.43 -25.73
CA ASP B 10 -43.17 -50.14 -25.06
C ASP B 10 -44.49 -49.46 -25.42
N GLY B 11 -44.60 -48.18 -25.11
CA GLY B 11 -45.84 -47.46 -25.34
C GLY B 11 -45.72 -46.38 -26.41
N ALA B 12 -44.83 -46.60 -27.38
CA ALA B 12 -44.75 -45.70 -28.51
C ALA B 12 -46.04 -45.76 -29.32
N ALA B 13 -46.25 -44.75 -30.18
CA ALA B 13 -47.46 -44.71 -30.99
C ALA B 13 -47.59 -45.98 -31.82
N THR B 14 -46.48 -46.48 -32.36
CA THR B 14 -46.39 -47.84 -32.86
C THR B 14 -45.47 -48.63 -31.93
N PRO B 15 -46.01 -49.45 -31.03
CA PRO B 15 -45.18 -50.07 -29.99
C PRO B 15 -44.05 -50.93 -30.55
N VAL B 16 -42.90 -50.88 -29.87
CA VAL B 16 -41.67 -51.53 -30.27
C VAL B 16 -41.27 -52.52 -29.19
N SER B 17 -40.78 -53.69 -29.59
CA SER B 17 -40.35 -54.69 -28.63
C SER B 17 -38.94 -54.42 -28.16
N HIS B 18 -38.70 -54.67 -26.87
CA HIS B 18 -37.38 -54.57 -26.26
C HIS B 18 -37.03 -55.91 -25.61
N VAL B 19 -35.78 -56.33 -25.76
CA VAL B 19 -35.28 -57.53 -25.10
C VAL B 19 -34.31 -57.09 -24.01
N LEU B 20 -34.68 -57.32 -22.76
CA LEU B 20 -33.86 -56.94 -21.61
C LEU B 20 -33.15 -58.18 -21.09
N VAL B 21 -31.82 -58.16 -21.11
CA VAL B 21 -31.03 -59.31 -20.68
C VAL B 21 -30.64 -59.12 -19.21
N PRO B 22 -30.37 -60.19 -18.48
CA PRO B 22 -29.99 -60.05 -17.07
C PRO B 22 -28.64 -59.37 -16.92
N LEU B 23 -28.53 -58.59 -15.83
CA LEU B 23 -27.28 -57.94 -15.45
C LEU B 23 -26.71 -58.43 -14.13
N GLY B 24 -27.53 -59.03 -13.27
CA GLY B 24 -27.05 -59.55 -12.01
C GLY B 24 -28.01 -59.36 -10.86
N VAL B 25 -27.72 -60.02 -9.75
CA VAL B 25 -28.51 -59.92 -8.53
C VAL B 25 -27.55 -59.74 -7.37
N GLY B 26 -27.99 -58.99 -6.36
CA GLY B 26 -27.20 -58.82 -5.16
C GLY B 26 -28.03 -58.21 -4.05
N ILE B 27 -27.40 -58.09 -2.89
CA ILE B 27 -28.05 -57.53 -1.70
C ILE B 27 -27.33 -56.25 -1.31
N ASP B 28 -27.98 -55.12 -1.56
CA ASP B 28 -27.54 -53.82 -1.06
C ASP B 28 -28.14 -53.58 0.31
N GLU B 29 -27.35 -52.98 1.20
CA GLU B 29 -27.83 -52.76 2.56
C GLU B 29 -28.96 -51.75 2.60
N ASN B 30 -28.91 -50.72 1.75
CA ASN B 30 -29.96 -49.71 1.69
C ASN B 30 -31.13 -50.15 0.81
N LEU B 31 -30.86 -50.65 -0.39
CA LEU B 31 -31.94 -50.96 -1.32
C LEU B 31 -32.62 -52.28 -1.01
N GLY B 32 -31.89 -53.24 -0.43
CA GLY B 32 -32.43 -54.57 -0.21
C GLY B 32 -31.95 -55.57 -1.24
N SER B 33 -32.81 -56.52 -1.62
CA SER B 33 -32.47 -57.46 -2.68
C SER B 33 -32.77 -56.82 -4.03
N VAL B 34 -31.73 -56.70 -4.86
CA VAL B 34 -31.81 -55.98 -6.13
C VAL B 34 -31.52 -56.95 -7.27
N ALA B 35 -32.34 -56.91 -8.31
CA ALA B 35 -32.12 -57.64 -9.54
C ALA B 35 -32.22 -56.67 -10.71
N LYS B 36 -31.28 -56.78 -11.66
CA LYS B 36 -31.16 -55.81 -12.74
C LYS B 36 -31.27 -56.48 -14.10
N TRP B 37 -31.96 -55.80 -15.02
CA TRP B 37 -32.02 -56.18 -16.42
C TRP B 37 -31.71 -54.95 -17.26
N ARG B 38 -31.25 -55.18 -18.49
CA ARG B 38 -30.99 -54.06 -19.39
C ARG B 38 -31.01 -54.53 -20.83
N GLU B 39 -31.57 -53.70 -21.70
CA GLU B 39 -31.50 -53.94 -23.14
C GLU B 39 -30.07 -53.72 -23.64
N ASN B 40 -29.69 -54.46 -24.68
CA ASN B 40 -28.30 -54.48 -25.15
C ASN B 40 -28.26 -54.11 -26.62
N LEU B 41 -28.69 -52.89 -26.94
CA LEU B 41 -28.47 -52.36 -28.28
C LEU B 41 -26.98 -52.16 -28.52
N ALA B 42 -26.52 -52.63 -29.68
CA ALA B 42 -25.08 -52.76 -29.92
C ALA B 42 -24.37 -51.40 -29.92
N THR B 43 -24.98 -50.38 -30.52
CA THR B 43 -24.35 -49.07 -30.65
C THR B 43 -24.75 -48.10 -29.55
N VAL B 44 -25.81 -48.36 -28.82
CA VAL B 44 -26.31 -47.39 -27.82
C VAL B 44 -25.42 -47.45 -26.59
N PRO B 45 -25.02 -46.30 -26.02
CA PRO B 45 -24.26 -46.33 -24.76
C PRO B 45 -24.98 -47.16 -23.71
N LEU B 46 -24.19 -47.84 -22.88
CA LEU B 46 -24.78 -48.76 -21.91
C LEU B 46 -25.71 -48.03 -20.95
N TYR B 47 -25.33 -46.85 -20.50
CA TYR B 47 -26.19 -46.12 -19.58
C TYR B 47 -27.36 -45.42 -20.27
N ALA B 48 -27.47 -45.54 -21.60
CA ALA B 48 -28.58 -44.99 -22.34
C ALA B 48 -29.61 -46.05 -22.76
N ASN B 49 -29.38 -47.31 -22.39
CA ASN B 49 -30.27 -48.40 -22.75
C ASN B 49 -31.38 -48.58 -21.72
N VAL B 50 -32.55 -49.02 -22.21
CA VAL B 50 -33.68 -49.30 -21.33
C VAL B 50 -33.27 -50.33 -20.30
N ARG B 51 -33.60 -50.07 -19.04
CA ARG B 51 -33.27 -50.99 -17.96
C ARG B 51 -34.47 -51.20 -17.04
N VAL B 52 -34.48 -52.35 -16.38
CA VAL B 52 -35.51 -52.73 -15.43
C VAL B 52 -34.84 -53.26 -14.18
N THR B 53 -35.35 -52.85 -13.01
CA THR B 53 -34.75 -53.20 -11.73
C THR B 53 -35.85 -53.53 -10.73
N THR B 54 -35.60 -54.51 -9.86
CA THR B 54 -36.50 -54.82 -8.76
C THR B 54 -35.77 -54.66 -7.43
N MET B 55 -36.44 -54.02 -6.48
CA MET B 55 -35.95 -53.91 -5.11
C MET B 55 -36.94 -54.58 -4.17
N GLN B 56 -36.40 -55.26 -3.15
CA GLN B 56 -37.22 -55.82 -2.07
C GLN B 56 -36.52 -55.55 -0.76
N LYS B 57 -37.22 -54.92 0.17
CA LYS B 57 -36.64 -54.54 1.46
C LYS B 57 -37.70 -54.62 2.53
N LYS B 58 -37.35 -55.22 3.66
CA LYS B 58 -38.18 -55.19 4.86
C LYS B 58 -37.80 -53.95 5.65
N LEU B 59 -38.77 -53.07 5.89
CA LEU B 59 -38.52 -51.83 6.62
C LEU B 59 -38.49 -52.09 8.12
N LYS B 60 -38.21 -51.03 8.89
CA LYS B 60 -38.21 -51.16 10.34
C LYS B 60 -39.61 -51.44 10.87
N SER B 61 -40.64 -50.92 10.21
CA SER B 61 -42.02 -51.16 10.62
C SER B 61 -42.41 -52.63 10.54
N GLY B 62 -41.65 -53.45 9.81
CA GLY B 62 -42.11 -54.77 9.42
C GLY B 62 -42.81 -54.80 8.08
N ILE B 63 -43.17 -53.63 7.54
CA ILE B 63 -43.77 -53.55 6.23
C ILE B 63 -42.74 -53.93 5.18
N GLU B 64 -43.10 -54.84 4.28
CA GLU B 64 -42.23 -55.17 3.17
C GLU B 64 -42.49 -54.17 2.04
N ARG B 65 -41.42 -53.62 1.49
CA ARG B 65 -41.50 -52.72 0.35
C ARG B 65 -41.00 -53.43 -0.90
N VAL B 66 -41.69 -53.21 -2.01
CA VAL B 66 -41.45 -53.91 -3.27
C VAL B 66 -41.50 -52.89 -4.40
N GLU B 67 -40.52 -52.95 -5.30
CA GLU B 67 -40.47 -52.00 -6.41
C GLU B 67 -40.02 -52.70 -7.68
N ILE B 68 -40.67 -52.35 -8.79
CA ILE B 68 -40.24 -52.71 -10.13
C ILE B 68 -40.04 -51.39 -10.89
N ARG B 69 -38.79 -51.01 -11.14
CA ARG B 69 -38.46 -49.70 -11.69
C ARG B 69 -38.01 -49.82 -13.14
N VAL B 70 -38.78 -49.21 -14.04
CA VAL B 70 -38.44 -49.14 -15.46
C VAL B 70 -37.85 -47.76 -15.76
N GLU B 71 -36.64 -47.74 -16.31
CA GLU B 71 -35.96 -46.50 -16.65
C GLU B 71 -35.64 -46.48 -18.13
N VAL B 72 -36.03 -45.41 -18.81
CA VAL B 72 -35.77 -45.22 -20.23
C VAL B 72 -34.94 -43.96 -20.41
N PRO B 73 -33.64 -44.10 -20.64
CA PRO B 73 -32.82 -42.91 -20.87
C PRO B 73 -33.03 -42.35 -22.27
N VAL B 74 -32.95 -41.02 -22.36
CA VAL B 74 -33.08 -40.31 -23.63
C VAL B 74 -31.82 -39.47 -23.83
N MET B 75 -31.21 -39.60 -25.00
CA MET B 75 -29.98 -38.91 -25.29
C MET B 75 -30.25 -37.57 -25.97
N GLU B 76 -29.23 -36.72 -25.98
CA GLU B 76 -29.29 -35.50 -26.78
C GLU B 76 -29.14 -35.85 -28.25
N ALA B 77 -29.16 -34.82 -29.09
CA ALA B 77 -29.09 -35.03 -30.53
C ALA B 77 -27.65 -35.16 -31.00
N VAL B 78 -27.46 -35.89 -32.12
CA VAL B 78 -26.14 -36.10 -32.72
C VAL B 78 -25.87 -35.00 -33.73
N SER B 79 -24.61 -34.56 -33.81
CA SER B 79 -24.24 -33.52 -34.75
C SER B 79 -23.50 -34.04 -35.99
N GLY B 80 -23.07 -35.28 -36.00
CA GLY B 80 -22.25 -35.76 -37.10
C GLY B 80 -21.50 -37.02 -36.75
N GLN B 81 -20.55 -37.37 -37.62
CA GLN B 81 -19.74 -38.57 -37.49
C GLN B 81 -18.35 -38.27 -37.99
N ASN B 82 -17.34 -38.57 -37.19
CA ASN B 82 -15.97 -38.27 -37.57
C ASN B 82 -15.53 -39.14 -38.73
N ALA B 83 -14.77 -38.55 -39.64
CA ALA B 83 -14.38 -39.27 -40.84
C ALA B 83 -13.38 -40.39 -40.55
N PHE B 84 -12.57 -40.26 -39.51
CA PHE B 84 -11.45 -41.20 -39.38
C PHE B 84 -11.28 -41.80 -37.99
N GLY B 85 -11.68 -41.09 -36.96
CA GLY B 85 -11.62 -41.60 -35.59
C GLY B 85 -12.81 -42.47 -35.23
N TYR B 86 -13.04 -42.60 -33.93
CA TYR B 86 -14.26 -43.19 -33.39
C TYR B 86 -15.13 -42.08 -32.83
N THR B 87 -16.45 -42.21 -33.01
CA THR B 87 -17.39 -41.15 -32.67
C THR B 87 -18.36 -41.62 -31.59
N ALA B 88 -18.50 -40.82 -30.55
CA ALA B 88 -19.33 -41.16 -29.41
C ALA B 88 -20.78 -40.71 -29.63
N ALA B 89 -21.67 -41.46 -29.04
CA ALA B 89 -23.05 -41.02 -28.98
C ALA B 89 -23.20 -39.94 -27.90
N PRO B 90 -24.14 -39.01 -28.08
CA PRO B 90 -24.26 -37.88 -27.15
C PRO B 90 -24.66 -38.34 -25.76
N LYS B 91 -24.55 -37.41 -24.81
CA LYS B 91 -24.85 -37.69 -23.42
C LYS B 91 -26.35 -37.86 -23.21
N VAL B 92 -26.71 -38.53 -22.12
CA VAL B 92 -28.11 -38.70 -21.76
C VAL B 92 -28.68 -37.36 -21.30
N ALA B 93 -29.76 -36.93 -21.94
CA ALA B 93 -30.37 -35.65 -21.56
C ALA B 93 -31.23 -35.79 -20.31
N PHE B 94 -31.99 -36.87 -20.21
CA PHE B 94 -32.80 -37.15 -19.03
C PHE B 94 -33.14 -38.63 -19.05
N THR B 95 -33.66 -39.11 -17.92
CA THR B 95 -34.08 -40.49 -17.79
C THR B 95 -35.49 -40.51 -17.21
N ASP B 96 -36.41 -41.15 -17.94
CA ASP B 96 -37.77 -41.31 -17.49
C ASP B 96 -37.89 -42.57 -16.64
N SER B 97 -38.50 -42.44 -15.46
CA SER B 97 -38.62 -43.52 -14.51
C SER B 97 -40.08 -43.75 -14.18
N GLY B 98 -40.58 -44.94 -14.51
CA GLY B 98 -41.91 -45.36 -14.09
C GLY B 98 -41.82 -46.68 -13.36
N SER B 99 -42.38 -46.75 -12.16
CA SER B 99 -42.19 -47.93 -11.35
C SER B 99 -43.48 -48.30 -10.63
N PHE B 100 -43.61 -49.59 -10.33
CA PHE B 100 -44.58 -50.08 -9.36
C PHE B 100 -43.93 -50.10 -7.99
N VAL B 101 -44.65 -49.63 -6.97
CA VAL B 101 -44.16 -49.66 -5.59
C VAL B 101 -45.26 -50.22 -4.71
N GLY B 102 -44.96 -51.29 -4.00
CA GLY B 102 -45.92 -51.94 -3.11
C GLY B 102 -45.45 -51.92 -1.67
N TYR B 103 -46.38 -51.60 -0.76
CA TYR B 103 -46.14 -51.66 0.67
C TYR B 103 -47.13 -52.64 1.26
N PHE B 104 -46.64 -53.75 1.80
CA PHE B 104 -47.49 -54.82 2.29
C PHE B 104 -47.13 -55.18 3.73
N SER B 105 -48.15 -55.49 4.52
CA SER B 105 -47.94 -56.02 5.85
C SER B 105 -47.55 -57.49 5.79
N GLU B 106 -46.98 -57.99 6.89
CA GLU B 106 -46.65 -59.41 6.97
C GLU B 106 -47.88 -60.28 6.90
N ARG B 107 -49.03 -59.79 7.38
CA ARG B 107 -50.24 -60.60 7.38
C ARG B 107 -50.79 -60.82 5.97
N SER B 108 -50.52 -59.90 5.04
CA SER B 108 -51.13 -59.98 3.72
C SER B 108 -50.62 -61.20 2.97
N ALA B 109 -51.54 -61.93 2.35
CA ALA B 109 -51.22 -63.18 1.69
C ALA B 109 -50.96 -62.94 0.21
N GLN B 110 -50.57 -64.02 -0.49
CA GLN B 110 -50.50 -63.97 -1.96
C GLN B 110 -51.73 -63.28 -2.54
N SER B 111 -52.91 -63.74 -2.16
CA SER B 111 -54.14 -63.25 -2.79
C SER B 111 -54.36 -61.77 -2.50
N ASN B 112 -54.03 -61.33 -1.28
CA ASN B 112 -54.15 -59.92 -0.94
C ASN B 112 -53.27 -59.05 -1.82
N ARG B 113 -51.98 -59.39 -1.89
CA ARG B 113 -51.04 -58.60 -2.72
C ARG B 113 -51.45 -58.66 -4.19
N ARG B 114 -51.82 -59.83 -4.68
CA ARG B 114 -52.22 -59.96 -6.08
C ARG B 114 -53.47 -59.15 -6.38
N LEU B 115 -54.37 -59.02 -5.40
CA LEU B 115 -55.62 -58.31 -5.64
C LEU B 115 -55.35 -56.83 -5.90
N VAL B 116 -54.50 -56.21 -5.08
CA VAL B 116 -54.21 -54.79 -5.27
C VAL B 116 -53.39 -54.58 -6.53
N LYS B 117 -52.43 -55.47 -6.79
CA LYS B 117 -51.60 -55.38 -7.99
C LYS B 117 -52.46 -55.15 -9.24
N GLN B 118 -53.48 -55.98 -9.42
CA GLN B 118 -54.22 -55.93 -10.69
C GLN B 118 -55.09 -54.68 -10.78
N ILE B 119 -55.56 -54.14 -9.65
CA ILE B 119 -56.28 -52.87 -9.70
C ILE B 119 -55.42 -51.82 -10.37
N LEU B 120 -54.18 -51.68 -9.92
CA LEU B 120 -53.28 -50.70 -10.51
C LEU B 120 -52.97 -51.01 -11.97
N THR B 121 -52.73 -52.29 -12.28
CA THR B 121 -52.45 -52.64 -13.67
C THR B 121 -53.62 -52.29 -14.58
N ASN B 122 -54.84 -52.56 -14.13
CA ASN B 122 -56.01 -52.23 -14.94
C ASN B 122 -56.18 -50.72 -15.05
N LEU B 123 -55.90 -49.98 -13.97
CA LEU B 123 -55.96 -48.53 -14.03
C LEU B 123 -54.97 -47.98 -15.06
N LEU B 124 -53.74 -48.50 -15.05
CA LEU B 124 -52.73 -48.02 -16.00
C LEU B 124 -53.10 -48.35 -17.44
N GLY B 125 -53.85 -49.43 -17.64
CA GLY B 125 -54.28 -49.82 -18.97
C GLY B 125 -55.61 -49.26 -19.39
N ASN B 126 -56.24 -48.43 -18.55
CA ASN B 126 -57.56 -47.85 -18.82
C ASN B 126 -58.58 -48.96 -19.10
N VAL B 127 -58.56 -49.99 -18.26
CA VAL B 127 -59.37 -51.18 -18.45
C VAL B 127 -60.45 -51.22 -17.38
N SER B 128 -61.70 -51.19 -17.81
CA SER B 128 -62.84 -51.29 -16.92
C SER B 128 -63.44 -52.68 -16.86
N THR B 129 -62.94 -53.62 -17.68
CA THR B 129 -63.47 -54.97 -17.71
C THR B 129 -62.66 -55.88 -16.80
N SER B 130 -63.05 -57.16 -16.76
CA SER B 130 -62.41 -58.13 -15.89
C SER B 130 -61.17 -58.71 -16.57
N VAL B 131 -60.05 -58.74 -15.84
CA VAL B 131 -58.79 -59.27 -16.34
C VAL B 131 -58.22 -60.19 -15.28
N ALA B 132 -57.80 -61.39 -15.70
CA ALA B 132 -57.24 -62.35 -14.76
C ALA B 132 -55.87 -61.89 -14.31
N ALA B 133 -55.65 -61.89 -13.01
CA ALA B 133 -54.37 -61.45 -12.46
C ALA B 133 -53.33 -62.53 -12.68
N PRO B 134 -52.16 -62.18 -13.23
CA PRO B 134 -51.11 -63.19 -13.47
C PRO B 134 -50.65 -63.84 -12.16
N THR B 135 -50.36 -65.14 -12.23
CA THR B 135 -49.81 -65.87 -11.09
C THR B 135 -48.40 -66.37 -11.35
N THR B 136 -47.85 -66.12 -12.54
CA THR B 136 -46.47 -66.46 -12.88
C THR B 136 -45.80 -65.21 -13.46
N GLY B 137 -44.51 -65.33 -13.74
CA GLY B 137 -43.73 -64.20 -14.21
C GLY B 137 -43.00 -63.51 -13.07
N PHE B 138 -41.92 -62.79 -13.43
CA PHE B 138 -41.07 -62.23 -12.40
C PHE B 138 -41.79 -61.16 -11.59
N ALA B 139 -42.69 -60.41 -12.22
CA ALA B 139 -43.46 -59.42 -11.48
C ALA B 139 -44.38 -60.07 -10.46
N SER B 140 -45.03 -61.19 -10.83
CA SER B 140 -45.87 -61.88 -9.88
C SER B 140 -45.07 -62.50 -8.74
N GLU B 141 -43.91 -63.11 -9.06
CA GLU B 141 -43.07 -63.66 -8.01
C GLU B 141 -42.70 -62.58 -7.00
N LEU B 142 -42.40 -61.36 -7.48
CA LEU B 142 -41.98 -60.29 -6.58
C LEU B 142 -43.15 -59.68 -5.83
N ILE B 143 -44.19 -59.26 -6.56
CA ILE B 143 -45.28 -58.52 -5.93
C ILE B 143 -46.19 -59.45 -5.15
N ASP B 144 -46.60 -60.57 -5.73
CA ASP B 144 -47.53 -61.45 -5.04
C ASP B 144 -46.84 -62.23 -3.93
N SER B 145 -45.62 -62.70 -4.17
CA SER B 145 -44.99 -63.67 -3.27
C SER B 145 -43.72 -63.18 -2.59
N GLY B 146 -43.25 -61.97 -2.87
CA GLY B 146 -42.05 -61.48 -2.24
C GLY B 146 -40.80 -62.26 -2.60
N ILE B 147 -40.64 -62.63 -3.86
CA ILE B 147 -39.52 -63.44 -4.33
C ILE B 147 -38.76 -62.65 -5.39
N THR B 148 -37.48 -62.41 -5.15
CA THR B 148 -36.60 -61.74 -6.10
C THR B 148 -35.86 -62.77 -6.95
N ALA B 149 -35.52 -62.37 -8.17
CA ALA B 149 -34.80 -63.26 -9.07
C ALA B 149 -33.50 -63.76 -8.44
N SER B 150 -33.12 -64.99 -8.79
CA SER B 150 -31.97 -65.65 -8.19
C SER B 150 -30.82 -65.84 -9.18
N SER C 1 -24.66 -75.78 -9.55
CA SER C 1 -24.22 -74.67 -8.70
C SER C 1 -25.18 -73.50 -8.82
N SER C 2 -25.80 -73.35 -9.98
CA SER C 2 -26.85 -72.35 -10.12
C SER C 2 -28.10 -72.81 -9.38
N GLN C 3 -28.78 -71.86 -8.74
CA GLN C 3 -29.87 -72.16 -7.81
C GLN C 3 -31.14 -72.53 -8.57
N ALA C 4 -31.75 -73.67 -8.21
CA ALA C 4 -32.91 -74.18 -8.91
C ALA C 4 -33.95 -74.68 -7.91
N ASN C 5 -35.14 -74.98 -8.44
CA ASN C 5 -36.21 -75.53 -7.62
C ASN C 5 -35.79 -76.86 -7.02
N ILE C 6 -36.17 -77.09 -5.77
CA ILE C 6 -35.90 -78.32 -5.05
C ILE C 6 -37.23 -79.03 -4.81
N THR C 7 -37.35 -80.26 -5.30
CA THR C 7 -38.49 -81.11 -5.00
C THR C 7 -38.04 -82.17 -4.00
N VAL C 8 -38.69 -82.20 -2.84
CA VAL C 8 -38.29 -83.07 -1.73
C VAL C 8 -39.53 -83.55 -0.99
N PHE C 9 -39.55 -84.85 -0.68
CA PHE C 9 -40.61 -85.42 0.15
C PHE C 9 -40.24 -85.34 1.62
N ASP C 10 -41.24 -85.15 2.47
CA ASP C 10 -41.01 -85.04 3.90
C ASP C 10 -41.12 -86.41 4.56
N GLY C 11 -41.16 -86.44 5.89
CA GLY C 11 -41.22 -87.69 6.62
C GLY C 11 -42.53 -87.92 7.34
N ALA C 12 -43.62 -87.46 6.75
CA ALA C 12 -44.93 -87.80 7.27
C ALA C 12 -45.19 -89.30 7.07
N ALA C 13 -46.21 -89.81 7.76
CA ALA C 13 -46.56 -91.22 7.63
C ALA C 13 -46.81 -91.58 6.17
N THR C 14 -47.50 -90.71 5.44
CA THR C 14 -47.50 -90.74 3.98
C THR C 14 -46.74 -89.52 3.49
N PRO C 15 -45.50 -89.67 3.05
CA PRO C 15 -44.67 -88.50 2.73
C PRO C 15 -45.30 -87.61 1.67
N VAL C 16 -45.10 -86.30 1.84
CA VAL C 16 -45.69 -85.26 1.02
C VAL C 16 -44.57 -84.52 0.30
N SER C 17 -44.72 -84.31 -1.00
CA SER C 17 -43.73 -83.56 -1.76
C SER C 17 -43.86 -82.06 -1.49
N HIS C 18 -42.72 -81.40 -1.35
CA HIS C 18 -42.65 -79.95 -1.24
C HIS C 18 -41.77 -79.42 -2.35
N VAL C 19 -42.19 -78.31 -2.97
CA VAL C 19 -41.41 -77.66 -4.00
C VAL C 19 -40.85 -76.37 -3.41
N LEU C 20 -39.52 -76.32 -3.26
CA LEU C 20 -38.83 -75.21 -2.64
C LEU C 20 -38.23 -74.32 -3.73
N VAL C 21 -38.72 -73.09 -3.82
CA VAL C 21 -38.33 -72.13 -4.84
C VAL C 21 -37.11 -71.36 -4.35
N PRO C 22 -36.18 -70.97 -5.23
CA PRO C 22 -35.03 -70.19 -4.78
C PRO C 22 -35.43 -68.77 -4.38
N LEU C 23 -34.79 -68.29 -3.31
CA LEU C 23 -34.96 -66.93 -2.84
C LEU C 23 -33.78 -66.01 -3.14
N GLY C 24 -32.61 -66.58 -3.43
CA GLY C 24 -31.42 -65.81 -3.70
C GLY C 24 -30.28 -66.22 -2.78
N VAL C 25 -29.10 -65.64 -3.05
CA VAL C 25 -27.89 -65.93 -2.29
C VAL C 25 -27.24 -64.61 -1.91
N GLY C 26 -26.37 -64.67 -0.91
CA GLY C 26 -25.68 -63.47 -0.45
C GLY C 26 -24.72 -63.79 0.67
N ILE C 27 -24.09 -62.75 1.19
CA ILE C 27 -23.07 -62.88 2.23
C ILE C 27 -23.53 -62.15 3.48
N ASP C 28 -23.51 -62.85 4.61
CA ASP C 28 -23.82 -62.30 5.92
C ASP C 28 -22.55 -62.27 6.76
N GLU C 29 -22.42 -61.23 7.59
CA GLU C 29 -21.21 -61.11 8.40
C GLU C 29 -21.11 -62.22 9.43
N ASN C 30 -22.23 -62.57 10.07
CA ASN C 30 -22.21 -63.64 11.08
C ASN C 30 -22.17 -65.02 10.44
N LEU C 31 -22.90 -65.23 9.35
CA LEU C 31 -23.20 -66.58 8.88
C LEU C 31 -22.33 -67.03 7.71
N GLY C 32 -21.75 -66.11 6.94
CA GLY C 32 -20.97 -66.48 5.78
C GLY C 32 -21.77 -66.38 4.49
N SER C 33 -21.50 -67.26 3.54
CA SER C 33 -22.29 -67.32 2.31
C SER C 33 -23.58 -68.07 2.59
N VAL C 34 -24.71 -67.43 2.30
CA VAL C 34 -26.02 -67.96 2.63
C VAL C 34 -26.82 -68.09 1.33
N ALA C 35 -27.47 -69.25 1.17
CA ALA C 35 -28.40 -69.47 0.07
C ALA C 35 -29.73 -69.92 0.66
N LYS C 36 -30.83 -69.40 0.11
CA LYS C 36 -32.15 -69.62 0.70
C LYS C 36 -33.11 -70.19 -0.33
N TRP C 37 -33.86 -71.20 0.07
CA TRP C 37 -35.01 -71.71 -0.66
C TRP C 37 -36.23 -71.63 0.23
N ARG C 38 -37.40 -71.70 -0.40
CA ARG C 38 -38.65 -71.57 0.33
C ARG C 38 -39.78 -72.17 -0.50
N GLU C 39 -40.72 -72.81 0.16
CA GLU C 39 -41.95 -73.22 -0.51
C GLU C 39 -42.88 -72.03 -0.62
N ASN C 40 -43.76 -72.04 -1.63
CA ASN C 40 -44.67 -70.91 -1.86
C ASN C 40 -46.11 -71.40 -1.81
N LEU C 41 -46.54 -71.86 -0.64
CA LEU C 41 -47.91 -72.30 -0.42
C LEU C 41 -48.77 -71.09 -0.05
N ALA C 42 -49.96 -71.01 -0.66
CA ALA C 42 -50.99 -70.07 -0.25
C ALA C 42 -51.72 -70.50 1.03
N THR C 43 -51.47 -71.72 1.50
CA THR C 43 -52.11 -72.20 2.73
C THR C 43 -51.64 -71.42 3.96
N VAL C 44 -50.40 -70.95 3.96
CA VAL C 44 -49.79 -70.37 5.16
C VAL C 44 -49.22 -69.00 4.81
N PRO C 45 -48.94 -68.17 5.82
CA PRO C 45 -48.27 -66.89 5.54
C PRO C 45 -46.94 -67.10 4.82
N LEU C 46 -46.50 -66.04 4.14
CA LEU C 46 -45.28 -66.14 3.34
C LEU C 46 -44.06 -66.50 4.19
N TYR C 47 -43.93 -65.87 5.36
CA TYR C 47 -42.81 -66.14 6.25
C TYR C 47 -42.88 -67.51 6.91
N ALA C 48 -44.03 -68.20 6.83
CA ALA C 48 -44.26 -69.43 7.60
C ALA C 48 -44.16 -70.68 6.73
N ASN C 49 -43.49 -70.60 5.60
CA ASN C 49 -43.36 -71.72 4.69
C ASN C 49 -42.17 -72.59 5.07
N VAL C 50 -42.22 -73.87 4.66
CA VAL C 50 -41.06 -74.75 4.77
C VAL C 50 -39.91 -74.13 3.99
N ARG C 51 -38.72 -74.11 4.61
CA ARG C 51 -37.58 -73.44 3.99
C ARG C 51 -36.31 -74.25 4.20
N VAL C 52 -35.35 -74.02 3.31
CA VAL C 52 -34.02 -74.64 3.40
C VAL C 52 -32.99 -73.54 3.20
N THR C 53 -31.94 -73.57 4.01
CA THR C 53 -30.89 -72.56 4.00
C THR C 53 -29.52 -73.25 4.10
N THR C 54 -28.54 -72.73 3.37
CA THR C 54 -27.16 -73.22 3.46
C THR C 54 -26.25 -72.09 3.90
N MET C 55 -25.47 -72.34 4.94
CA MET C 55 -24.43 -71.42 5.40
C MET C 55 -23.05 -72.03 5.16
N GLN C 56 -22.09 -71.19 4.84
CA GLN C 56 -20.71 -71.61 4.63
C GLN C 56 -19.79 -70.50 5.13
N LYS C 57 -19.01 -70.79 6.18
CA LYS C 57 -18.17 -69.78 6.81
C LYS C 57 -16.85 -70.40 7.22
N LYS C 58 -15.76 -69.67 6.99
CA LYS C 58 -14.46 -70.03 7.54
C LYS C 58 -14.35 -69.41 8.94
N LEU C 59 -14.17 -70.25 9.94
CA LEU C 59 -14.11 -69.79 11.32
C LEU C 59 -12.76 -69.15 11.62
N LYS C 60 -12.67 -68.53 12.82
CA LYS C 60 -11.41 -67.92 13.23
C LYS C 60 -10.29 -68.96 13.31
N SER C 61 -10.61 -70.17 13.76
CA SER C 61 -9.61 -71.22 13.85
C SER C 61 -9.08 -71.68 12.50
N GLY C 62 -9.72 -71.29 11.40
CA GLY C 62 -9.39 -71.78 10.08
C GLY C 62 -10.22 -72.96 9.63
N ILE C 63 -11.01 -73.54 10.53
CA ILE C 63 -11.91 -74.64 10.18
C ILE C 63 -13.09 -74.11 9.39
N GLU C 64 -13.37 -74.74 8.25
CA GLU C 64 -14.55 -74.37 7.48
C GLU C 64 -15.79 -75.06 8.05
N ARG C 65 -16.87 -74.31 8.21
CA ARG C 65 -18.12 -74.82 8.73
C ARG C 65 -19.21 -74.68 7.67
N VAL C 66 -19.93 -75.77 7.43
CA VAL C 66 -21.04 -75.77 6.47
C VAL C 66 -22.29 -76.24 7.19
N GLU C 67 -23.44 -75.71 6.75
CA GLU C 67 -24.72 -76.08 7.35
C GLU C 67 -25.79 -76.12 6.26
N ILE C 68 -26.67 -77.11 6.36
CA ILE C 68 -27.90 -77.16 5.59
C ILE C 68 -29.03 -77.22 6.61
N ARG C 69 -29.79 -76.14 6.74
CA ARG C 69 -30.80 -76.00 7.78
C ARG C 69 -32.19 -76.10 7.17
N VAL C 70 -32.97 -77.09 7.61
CA VAL C 70 -34.35 -77.26 7.20
C VAL C 70 -35.26 -76.83 8.34
N GLU C 71 -36.17 -75.90 8.05
CA GLU C 71 -37.09 -75.37 9.05
C GLU C 71 -38.53 -75.59 8.58
N VAL C 72 -39.36 -76.18 9.43
CA VAL C 72 -40.74 -76.45 9.14
C VAL C 72 -41.61 -75.75 10.19
N PRO C 73 -42.19 -74.61 9.85
CA PRO C 73 -43.13 -73.97 10.78
C PRO C 73 -44.44 -74.73 10.87
N VAL C 74 -44.99 -74.78 12.08
CA VAL C 74 -46.29 -75.39 12.34
C VAL C 74 -47.21 -74.31 12.89
N MET C 75 -48.39 -74.18 12.29
CA MET C 75 -49.29 -73.09 12.62
C MET C 75 -50.19 -73.45 13.79
N GLU C 76 -50.59 -72.42 14.54
CA GLU C 76 -51.67 -72.58 15.50
C GLU C 76 -52.99 -72.84 14.78
N ALA C 77 -53.93 -73.43 15.50
CA ALA C 77 -55.25 -73.71 14.95
C ALA C 77 -56.17 -72.55 15.31
N VAL C 78 -56.63 -71.82 14.30
CA VAL C 78 -57.57 -70.73 14.52
C VAL C 78 -58.96 -71.32 14.75
N SER C 79 -59.57 -70.97 15.88
CA SER C 79 -60.89 -71.46 16.24
C SER C 79 -61.69 -70.33 16.86
N GLY C 80 -62.96 -70.24 16.49
CA GLY C 80 -63.85 -69.26 17.09
C GLY C 80 -63.35 -67.83 16.92
N GLN C 81 -63.38 -67.07 18.01
CA GLN C 81 -62.97 -65.67 18.01
C GLN C 81 -62.22 -65.35 19.29
N ASN C 82 -61.43 -64.28 19.23
CA ASN C 82 -60.66 -63.83 20.39
C ASN C 82 -61.52 -62.92 21.26
N ALA C 83 -60.92 -62.41 22.32
CA ALA C 83 -61.64 -61.58 23.28
C ALA C 83 -62.12 -60.25 22.68
N PHE C 84 -61.63 -59.88 21.50
CA PHE C 84 -62.07 -58.64 20.88
C PHE C 84 -63.23 -58.84 19.90
N GLY C 85 -63.62 -60.09 19.64
CA GLY C 85 -64.73 -60.36 18.75
C GLY C 85 -64.36 -60.59 17.30
N TYR C 86 -63.08 -60.84 17.01
CA TYR C 86 -62.60 -61.06 15.66
C TYR C 86 -61.97 -62.43 15.53
N THR C 87 -61.98 -62.96 14.31
CA THR C 87 -61.21 -64.15 14.00
C THR C 87 -59.73 -63.85 14.15
N ALA C 88 -58.99 -64.76 14.80
CA ALA C 88 -57.58 -64.51 15.06
C ALA C 88 -56.76 -64.59 13.78
N ALA C 89 -55.66 -63.83 13.76
CA ALA C 89 -54.72 -63.88 12.65
C ALA C 89 -53.88 -65.14 12.71
N PRO C 90 -53.35 -65.59 11.58
CA PRO C 90 -52.43 -66.74 11.61
C PRO C 90 -51.26 -66.48 12.53
N LYS C 91 -50.87 -67.52 13.28
CA LYS C 91 -49.74 -67.43 14.19
C LYS C 91 -48.98 -68.74 14.18
N VAL C 92 -47.65 -68.64 14.14
CA VAL C 92 -46.79 -69.81 14.15
C VAL C 92 -46.73 -70.36 15.57
N ALA C 93 -47.09 -71.64 15.72
CA ALA C 93 -47.00 -72.27 17.04
C ALA C 93 -45.55 -72.55 17.41
N PHE C 94 -44.81 -73.20 16.53
CA PHE C 94 -43.40 -73.49 16.73
C PHE C 94 -42.79 -73.83 15.39
N THR C 95 -41.46 -73.78 15.33
CA THR C 95 -40.72 -74.12 14.12
C THR C 95 -39.75 -75.25 14.44
N ASP C 96 -39.95 -76.41 13.82
CA ASP C 96 -38.98 -77.48 13.95
C ASP C 96 -37.80 -77.23 13.02
N SER C 97 -36.61 -77.55 13.49
CA SER C 97 -35.37 -77.31 12.77
C SER C 97 -34.51 -78.56 12.80
N GLY C 98 -34.14 -79.03 11.61
CA GLY C 98 -33.19 -80.12 11.48
C GLY C 98 -32.15 -79.75 10.44
N SER C 99 -30.88 -79.87 10.80
CA SER C 99 -29.80 -79.37 9.96
C SER C 99 -28.64 -80.37 9.93
N PHE C 100 -27.89 -80.35 8.84
CA PHE C 100 -26.58 -80.97 8.76
C PHE C 100 -25.54 -79.90 9.06
N VAL C 101 -24.55 -80.25 9.87
CA VAL C 101 -23.48 -79.32 10.22
C VAL C 101 -22.15 -80.03 10.05
N GLY C 102 -21.30 -79.49 9.18
CA GLY C 102 -19.99 -80.05 8.93
C GLY C 102 -18.89 -79.12 9.39
N TYR C 103 -17.87 -79.69 10.02
CA TYR C 103 -16.65 -78.98 10.38
C TYR C 103 -15.48 -79.70 9.72
N PHE C 104 -14.75 -78.98 8.88
CA PHE C 104 -13.68 -79.57 8.09
C PHE C 104 -12.42 -78.72 8.15
N SER C 105 -11.27 -79.39 8.23
CA SER C 105 -10.00 -78.70 8.14
C SER C 105 -9.74 -78.24 6.70
N GLU C 106 -8.86 -77.25 6.57
CA GLU C 106 -8.46 -76.82 5.22
C GLU C 106 -7.85 -77.98 4.44
N ARG C 107 -7.18 -78.91 5.13
CA ARG C 107 -6.53 -80.03 4.47
C ARG C 107 -7.50 -81.10 3.97
N SER C 108 -8.72 -81.12 4.49
CA SER C 108 -9.68 -82.14 4.06
C SER C 108 -10.03 -81.95 2.60
N ALA C 109 -10.18 -83.05 1.88
CA ALA C 109 -10.41 -83.04 0.45
C ALA C 109 -11.87 -83.36 0.16
N GLN C 110 -12.23 -83.19 -1.12
CA GLN C 110 -13.59 -83.53 -1.55
C GLN C 110 -13.94 -84.96 -1.17
N SER C 111 -12.99 -85.89 -1.35
CA SER C 111 -13.25 -87.28 -1.00
C SER C 111 -13.44 -87.46 0.50
N ASN C 112 -12.64 -86.74 1.31
CA ASN C 112 -12.76 -86.85 2.76
C ASN C 112 -14.12 -86.38 3.24
N ARG C 113 -14.55 -85.21 2.78
CA ARG C 113 -15.82 -84.64 3.22
C ARG C 113 -17.00 -85.48 2.74
N ARG C 114 -16.95 -85.95 1.49
CA ARG C 114 -17.99 -86.81 0.97
C ARG C 114 -18.09 -88.10 1.76
N LEU C 115 -16.95 -88.62 2.22
CA LEU C 115 -16.93 -89.88 2.96
C LEU C 115 -17.70 -89.76 4.26
N VAL C 116 -17.46 -88.69 5.01
CA VAL C 116 -18.17 -88.48 6.27
C VAL C 116 -19.64 -88.22 6.01
N LYS C 117 -19.95 -87.42 4.98
CA LYS C 117 -21.34 -87.09 4.68
C LYS C 117 -22.21 -88.34 4.61
N GLN C 118 -21.80 -89.32 3.82
CA GLN C 118 -22.67 -90.47 3.57
C GLN C 118 -22.84 -91.35 4.80
N ILE C 119 -21.85 -91.39 5.70
CA ILE C 119 -22.03 -92.10 6.96
C ILE C 119 -23.25 -91.55 7.70
N LEU C 120 -23.33 -90.22 7.81
CA LEU C 120 -24.45 -89.61 8.50
C LEU C 120 -25.76 -89.87 7.76
N THR C 121 -25.76 -89.68 6.44
CA THR C 121 -26.99 -89.90 5.66
C THR C 121 -27.49 -91.33 5.85
N ASN C 122 -26.60 -92.32 5.81
CA ASN C 122 -27.03 -93.70 5.99
C ASN C 122 -27.54 -93.93 7.40
N LEU C 123 -26.87 -93.37 8.41
CA LEU C 123 -27.34 -93.48 9.78
C LEU C 123 -28.75 -92.90 9.91
N LEU C 124 -28.99 -91.74 9.31
CA LEU C 124 -30.30 -91.10 9.40
C LEU C 124 -31.38 -91.91 8.68
N GLY C 125 -31.00 -92.66 7.66
CA GLY C 125 -31.92 -93.47 6.91
C GLY C 125 -32.03 -94.90 7.38
N ASN C 126 -31.33 -95.26 8.46
CA ASN C 126 -31.33 -96.63 9.01
C ASN C 126 -30.85 -97.62 7.96
N VAL C 127 -29.85 -97.22 7.19
CA VAL C 127 -29.34 -98.01 6.07
C VAL C 127 -28.01 -98.61 6.49
N SER C 128 -27.95 -99.94 6.55
CA SER C 128 -26.74 -100.65 6.88
C SER C 128 -26.05 -101.24 5.64
N THR C 129 -26.60 -101.01 4.45
CA THR C 129 -26.02 -101.54 3.23
C THR C 129 -25.21 -100.44 2.51
N SER C 130 -24.67 -100.79 1.35
CA SER C 130 -23.82 -99.88 0.60
C SER C 130 -24.66 -98.94 -0.25
N VAL C 131 -24.36 -97.64 -0.14
CA VAL C 131 -25.07 -96.60 -0.89
C VAL C 131 -24.04 -95.65 -1.45
N ALA C 132 -24.16 -95.34 -2.75
CA ALA C 132 -23.22 -94.45 -3.40
C ALA C 132 -23.46 -93.02 -2.97
N ALA C 133 -22.39 -92.33 -2.60
CA ALA C 133 -22.51 -90.96 -2.14
C ALA C 133 -22.76 -90.04 -3.34
N PRO C 134 -23.75 -89.16 -3.27
CA PRO C 134 -24.02 -88.26 -4.41
C PRO C 134 -22.83 -87.35 -4.67
N THR C 135 -22.53 -87.16 -5.95
CA THR C 135 -21.48 -86.23 -6.37
C THR C 135 -22.05 -85.00 -7.08
N THR C 136 -23.37 -84.87 -7.15
CA THR C 136 -24.04 -83.72 -7.72
C THR C 136 -25.16 -83.28 -6.79
N GLY C 137 -25.74 -82.12 -7.09
CA GLY C 137 -26.77 -81.56 -6.24
C GLY C 137 -26.20 -80.50 -5.30
N PHE C 138 -27.11 -79.65 -4.80
CA PHE C 138 -26.66 -78.52 -3.99
C PHE C 138 -26.05 -78.98 -2.67
N ALA C 139 -26.57 -80.07 -2.09
CA ALA C 139 -26.00 -80.57 -0.84
C ALA C 139 -24.58 -81.07 -1.05
N SER C 140 -24.37 -81.86 -2.12
CA SER C 140 -23.02 -82.35 -2.40
C SER C 140 -22.07 -81.20 -2.72
N GLU C 141 -22.53 -80.20 -3.45
CA GLU C 141 -21.66 -79.08 -3.78
C GLU C 141 -21.24 -78.33 -2.52
N LEU C 142 -22.15 -78.21 -1.54
CA LEU C 142 -21.82 -77.50 -0.32
C LEU C 142 -20.93 -78.33 0.61
N ILE C 143 -21.34 -79.56 0.90
CA ILE C 143 -20.63 -80.36 1.89
C ILE C 143 -19.33 -80.90 1.32
N ASP C 144 -19.38 -81.50 0.11
CA ASP C 144 -18.18 -82.10 -0.45
C ASP C 144 -17.17 -81.04 -0.91
N SER C 145 -17.65 -79.99 -1.57
CA SER C 145 -16.76 -79.09 -2.30
C SER C 145 -16.77 -77.64 -1.79
N GLY C 146 -17.57 -77.33 -0.77
CA GLY C 146 -17.57 -75.97 -0.25
C GLY C 146 -18.18 -74.93 -1.17
N ILE C 147 -19.12 -75.35 -2.02
CA ILE C 147 -19.73 -74.48 -3.02
C ILE C 147 -21.09 -74.01 -2.53
N THR C 148 -21.37 -72.72 -2.69
CA THR C 148 -22.67 -72.15 -2.42
C THR C 148 -23.36 -71.85 -3.75
N ALA C 149 -24.70 -71.95 -3.75
CA ALA C 149 -25.46 -71.73 -4.96
C ALA C 149 -25.36 -70.27 -5.42
N SER C 150 -25.83 -70.02 -6.65
CA SER C 150 -25.78 -68.69 -7.23
C SER C 150 -26.98 -68.38 -8.14
N SER D 1 -53.50 68.03 -11.57
CA SER D 1 -52.95 67.64 -10.28
C SER D 1 -52.57 66.15 -10.21
N SER D 2 -52.77 65.43 -11.32
CA SER D 2 -52.24 64.09 -11.47
C SER D 2 -51.03 64.12 -12.40
N GLN D 3 -50.25 63.05 -12.36
CA GLN D 3 -48.97 63.05 -13.08
C GLN D 3 -49.17 63.06 -14.58
N ALA D 4 -48.36 63.87 -15.27
CA ALA D 4 -48.36 63.94 -16.72
C ALA D 4 -46.94 64.20 -17.20
N ASN D 5 -46.75 64.11 -18.52
CA ASN D 5 -45.44 64.35 -19.10
C ASN D 5 -44.98 65.78 -18.82
N ILE D 6 -43.66 65.94 -18.75
CA ILE D 6 -43.02 67.23 -18.55
C ILE D 6 -42.03 67.45 -19.69
N THR D 7 -42.15 68.58 -20.38
CA THR D 7 -41.22 68.96 -21.44
C THR D 7 -40.43 70.18 -20.97
N VAL D 8 -39.11 70.03 -20.87
CA VAL D 8 -38.24 71.08 -20.36
C VAL D 8 -36.97 71.13 -21.20
N PHE D 9 -36.53 72.34 -21.52
CA PHE D 9 -35.22 72.55 -22.14
C PHE D 9 -34.18 72.75 -21.05
N ASP D 10 -32.98 72.22 -21.30
CA ASP D 10 -31.90 72.32 -20.31
C ASP D 10 -31.11 73.60 -20.53
N GLY D 11 -29.94 73.70 -19.89
CA GLY D 11 -29.14 74.90 -19.98
C GLY D 11 -27.83 74.71 -20.72
N ALA D 12 -27.82 73.81 -21.70
CA ALA D 12 -26.67 73.66 -22.57
C ALA D 12 -26.47 74.94 -23.39
N ALA D 13 -25.29 75.05 -23.99
CA ALA D 13 -25.00 76.23 -24.82
C ALA D 13 -26.04 76.37 -25.92
N THR D 14 -26.36 75.28 -26.61
CA THR D 14 -27.57 75.17 -27.41
C THR D 14 -28.54 74.28 -26.63
N PRO D 15 -29.56 74.84 -25.98
CA PRO D 15 -30.39 74.05 -25.07
C PRO D 15 -31.14 72.92 -25.78
N VAL D 16 -31.29 71.81 -25.05
CA VAL D 16 -31.86 70.56 -25.55
C VAL D 16 -33.14 70.27 -24.80
N SER D 17 -34.19 69.88 -25.52
CA SER D 17 -35.46 69.53 -24.88
C SER D 17 -35.39 68.13 -24.30
N HIS D 18 -36.05 67.94 -23.16
CA HIS D 18 -36.17 66.65 -22.51
C HIS D 18 -37.64 66.39 -22.19
N VAL D 19 -38.09 65.16 -22.43
CA VAL D 19 -39.44 64.75 -22.08
C VAL D 19 -39.33 63.78 -20.91
N LEU D 20 -39.86 64.20 -19.77
CA LEU D 20 -39.85 63.40 -18.55
C LEU D 20 -41.22 62.73 -18.39
N VAL D 21 -41.22 61.41 -18.37
CA VAL D 21 -42.43 60.61 -18.26
C VAL D 21 -42.70 60.35 -16.78
N PRO D 22 -43.96 60.27 -16.34
CA PRO D 22 -44.22 59.91 -14.95
C PRO D 22 -43.65 58.54 -14.63
N LEU D 23 -43.06 58.42 -13.44
CA LEU D 23 -42.37 57.21 -13.02
C LEU D 23 -43.03 56.52 -11.83
N GLY D 24 -43.71 57.26 -10.99
CA GLY D 24 -44.42 56.66 -9.87
C GLY D 24 -44.65 57.66 -8.76
N VAL D 25 -45.51 57.26 -7.83
CA VAL D 25 -45.79 58.04 -6.63
C VAL D 25 -45.70 57.09 -5.44
N GLY D 26 -45.28 57.63 -4.29
CA GLY D 26 -45.18 56.81 -3.09
C GLY D 26 -45.07 57.66 -1.85
N ILE D 27 -45.04 56.98 -0.71
CA ILE D 27 -44.78 57.59 0.59
C ILE D 27 -43.49 57.00 1.14
N ASP D 28 -42.63 57.86 1.67
CA ASP D 28 -41.35 57.45 2.24
C ASP D 28 -41.32 57.78 3.72
N GLU D 29 -40.65 56.90 4.48
CA GLU D 29 -40.52 57.11 5.91
C GLU D 29 -39.83 58.44 6.22
N ASN D 30 -38.73 58.74 5.51
CA ASN D 30 -37.90 59.89 5.80
C ASN D 30 -38.08 61.05 4.83
N LEU D 31 -38.68 60.81 3.66
CA LEU D 31 -38.80 61.85 2.64
C LEU D 31 -40.19 62.47 2.55
N GLY D 32 -41.25 61.70 2.87
CA GLY D 32 -42.60 62.22 2.81
C GLY D 32 -43.31 61.80 1.53
N SER D 33 -44.20 62.64 1.02
CA SER D 33 -44.87 62.34 -0.24
C SER D 33 -43.92 62.57 -1.40
N VAL D 34 -43.70 61.54 -2.20
CA VAL D 34 -42.73 61.57 -3.29
C VAL D 34 -43.44 61.32 -4.61
N ALA D 35 -43.05 62.08 -5.64
CA ALA D 35 -43.48 61.88 -7.01
C ALA D 35 -42.26 61.92 -7.90
N LYS D 36 -42.19 61.00 -8.87
CA LYS D 36 -40.99 60.79 -9.67
C LYS D 36 -41.32 60.90 -11.16
N TRP D 37 -40.46 61.59 -11.89
CA TRP D 37 -40.47 61.63 -13.35
C TRP D 37 -39.09 61.19 -13.85
N ARG D 38 -39.01 60.91 -15.15
CA ARG D 38 -37.77 60.39 -15.72
C ARG D 38 -37.86 60.43 -17.24
N GLU D 39 -36.74 60.75 -17.87
CA GLU D 39 -36.62 60.66 -19.31
C GLU D 39 -36.55 59.20 -19.75
N ASN D 40 -36.77 58.97 -21.04
CA ASN D 40 -36.79 57.61 -21.58
C ASN D 40 -35.88 57.49 -22.79
N LEU D 41 -34.72 58.13 -22.74
CA LEU D 41 -33.82 58.09 -23.87
C LEU D 41 -33.28 56.68 -24.08
N ALA D 42 -33.18 56.28 -25.35
CA ALA D 42 -32.49 55.05 -25.71
C ALA D 42 -30.98 55.17 -25.64
N THR D 43 -30.46 56.37 -25.32
CA THR D 43 -29.00 56.56 -25.39
C THR D 43 -28.31 55.94 -24.17
N VAL D 44 -28.96 55.98 -23.02
CA VAL D 44 -28.40 55.54 -21.75
C VAL D 44 -29.29 54.44 -21.21
N PRO D 45 -28.83 53.67 -20.23
CA PRO D 45 -29.71 52.70 -19.57
C PRO D 45 -30.75 53.43 -18.74
N LEU D 46 -31.73 52.67 -18.24
CA LEU D 46 -32.88 53.27 -17.60
C LEU D 46 -32.48 54.11 -16.39
N TYR D 47 -31.59 53.59 -15.54
CA TYR D 47 -31.23 54.29 -14.31
C TYR D 47 -30.47 55.59 -14.58
N ALA D 48 -29.88 55.75 -15.77
CA ALA D 48 -29.00 56.88 -16.06
C ALA D 48 -29.73 58.06 -16.72
N ASN D 49 -31.05 58.04 -16.77
CA ASN D 49 -31.80 59.11 -17.41
C ASN D 49 -31.95 60.31 -16.49
N VAL D 50 -32.09 61.49 -17.11
CA VAL D 50 -32.43 62.70 -16.38
C VAL D 50 -33.74 62.47 -15.62
N ARG D 51 -33.76 62.85 -14.35
CA ARG D 51 -34.92 62.59 -13.51
C ARG D 51 -35.31 63.84 -12.74
N VAL D 52 -36.60 63.92 -12.40
CA VAL D 52 -37.16 64.98 -11.58
C VAL D 52 -37.98 64.32 -10.48
N THR D 53 -37.85 64.83 -9.26
CA THR D 53 -38.52 64.27 -8.10
C THR D 53 -39.00 65.38 -7.19
N THR D 54 -40.21 65.25 -6.67
CA THR D 54 -40.76 66.17 -5.68
C THR D 54 -40.93 65.47 -4.34
N MET D 55 -40.65 66.20 -3.27
CA MET D 55 -40.82 65.72 -1.91
C MET D 55 -41.63 66.72 -1.10
N GLN D 56 -42.56 66.21 -0.30
CA GLN D 56 -43.37 67.02 0.60
C GLN D 56 -43.39 66.32 1.96
N LYS D 57 -42.80 66.97 2.96
CA LYS D 57 -42.65 66.38 4.28
C LYS D 57 -43.05 67.38 5.35
N LYS D 58 -43.96 66.98 6.22
CA LYS D 58 -44.35 67.83 7.34
C LYS D 58 -43.32 67.70 8.46
N LEU D 59 -42.84 68.84 8.95
CA LEU D 59 -41.88 68.86 10.05
C LEU D 59 -42.57 69.26 11.33
N LYS D 60 -41.78 69.40 12.39
CA LYS D 60 -42.29 69.85 13.66
C LYS D 60 -42.54 71.35 13.63
N SER D 61 -43.39 71.81 14.55
CA SER D 61 -43.75 73.23 14.68
C SER D 61 -44.47 73.75 13.44
N GLY D 62 -45.23 72.87 12.77
CA GLY D 62 -46.11 73.32 11.70
C GLY D 62 -45.39 73.93 10.53
N ILE D 63 -44.28 73.33 10.10
CA ILE D 63 -43.52 73.78 8.95
C ILE D 63 -43.39 72.58 8.01
N GLU D 64 -43.69 72.80 6.74
CA GLU D 64 -43.53 71.75 5.74
C GLU D 64 -42.34 72.07 4.85
N ARG D 65 -41.60 71.03 4.49
CA ARG D 65 -40.47 71.17 3.59
C ARG D 65 -40.88 70.64 2.23
N VAL D 66 -40.57 71.39 1.18
CA VAL D 66 -40.99 71.10 -0.17
C VAL D 66 -39.75 71.14 -1.07
N GLU D 67 -39.57 70.11 -1.89
CA GLU D 67 -38.41 70.05 -2.77
C GLU D 67 -38.80 69.60 -4.17
N ILE D 68 -38.19 70.23 -5.16
CA ILE D 68 -38.21 69.77 -6.55
C ILE D 68 -36.75 69.51 -6.91
N ARG D 69 -36.37 68.23 -7.03
CA ARG D 69 -34.98 67.86 -7.23
C ARG D 69 -34.77 67.40 -8.67
N VAL D 70 -33.91 68.10 -9.40
CA VAL D 70 -33.51 67.74 -10.75
C VAL D 70 -32.12 67.13 -10.69
N GLU D 71 -32.00 65.88 -11.13
CA GLU D 71 -30.72 65.18 -11.16
C GLU D 71 -30.38 64.81 -12.59
N VAL D 72 -29.19 65.22 -13.04
CA VAL D 72 -28.72 64.92 -14.39
C VAL D 72 -27.49 64.03 -14.29
N PRO D 73 -27.60 62.73 -14.58
CA PRO D 73 -26.42 61.88 -14.64
C PRO D 73 -25.61 62.18 -15.89
N VAL D 74 -24.33 62.48 -15.70
CA VAL D 74 -23.39 62.71 -16.80
C VAL D 74 -22.59 61.44 -16.99
N MET D 75 -22.63 60.89 -18.19
CA MET D 75 -22.03 59.58 -18.46
C MET D 75 -20.55 59.71 -18.79
N GLU D 76 -19.81 58.67 -18.43
CA GLU D 76 -18.44 58.54 -18.93
C GLU D 76 -18.47 58.35 -20.45
N ALA D 77 -17.41 58.81 -21.11
CA ALA D 77 -17.29 58.67 -22.56
C ALA D 77 -16.67 57.32 -22.87
N VAL D 78 -17.44 56.45 -23.50
CA VAL D 78 -16.92 55.15 -23.90
C VAL D 78 -16.02 55.35 -25.13
N SER D 79 -14.77 54.95 -25.01
CA SER D 79 -13.80 55.06 -26.10
C SER D 79 -12.97 53.79 -26.12
N GLY D 80 -12.77 53.23 -27.32
CA GLY D 80 -11.99 52.02 -27.47
C GLY D 80 -12.51 50.87 -26.62
N GLN D 81 -11.60 49.96 -26.31
CA GLN D 81 -11.89 48.76 -25.54
C GLN D 81 -11.22 48.83 -24.18
N ASN D 82 -11.75 48.04 -23.24
CA ASN D 82 -11.15 47.93 -21.92
C ASN D 82 -10.04 46.88 -21.94
N ALA D 83 -9.45 46.63 -20.78
CA ALA D 83 -8.34 45.70 -20.67
C ALA D 83 -8.74 44.26 -21.00
N PHE D 84 -10.04 43.97 -21.14
CA PHE D 84 -10.50 42.63 -21.46
C PHE D 84 -10.83 42.45 -22.94
N GLY D 85 -10.75 43.50 -23.74
CA GLY D 85 -11.02 43.41 -25.16
C GLY D 85 -12.45 43.66 -25.55
N TYR D 86 -13.28 44.17 -24.64
CA TYR D 86 -14.68 44.48 -24.91
C TYR D 86 -14.91 45.98 -24.85
N THR D 87 -15.94 46.43 -25.56
CA THR D 87 -16.40 47.80 -25.41
C THR D 87 -16.99 48.00 -24.03
N ALA D 88 -16.60 49.09 -23.36
CA ALA D 88 -17.00 49.30 -21.98
C ALA D 88 -18.50 49.48 -21.85
N ALA D 89 -19.06 49.00 -20.74
CA ALA D 89 -20.45 49.22 -20.44
C ALA D 89 -20.66 50.69 -20.05
N PRO D 90 -21.84 51.24 -20.31
CA PRO D 90 -22.10 52.64 -19.90
C PRO D 90 -21.98 52.77 -18.39
N LYS D 91 -21.35 53.86 -17.96
CA LYS D 91 -21.11 54.11 -16.55
C LYS D 91 -21.32 55.59 -16.26
N VAL D 92 -21.97 55.87 -15.13
CA VAL D 92 -22.23 57.25 -14.72
C VAL D 92 -20.93 57.85 -14.17
N ALA D 93 -20.52 58.98 -14.74
CA ALA D 93 -19.31 59.64 -14.25
C ALA D 93 -19.59 60.42 -12.98
N PHE D 94 -20.63 61.24 -12.99
CA PHE D 94 -21.08 61.97 -11.82
C PHE D 94 -22.51 62.40 -12.07
N THR D 95 -23.21 62.76 -10.99
CA THR D 95 -24.59 63.21 -11.08
C THR D 95 -24.70 64.61 -10.51
N ASP D 96 -25.12 65.55 -11.34
CA ASP D 96 -25.36 66.92 -10.89
C ASP D 96 -26.79 67.05 -10.37
N SER D 97 -26.94 67.79 -9.27
CA SER D 97 -28.22 67.92 -8.59
C SER D 97 -28.51 69.39 -8.36
N GLY D 98 -29.60 69.89 -8.95
CA GLY D 98 -30.09 71.21 -8.67
C GLY D 98 -31.55 71.14 -8.25
N SER D 99 -31.90 71.76 -7.13
CA SER D 99 -33.24 71.59 -6.61
C SER D 99 -33.79 72.89 -6.04
N PHE D 100 -35.11 73.00 -6.04
CA PHE D 100 -35.81 74.01 -5.26
C PHE D 100 -36.13 73.40 -3.90
N VAL D 101 -35.88 74.16 -2.83
CA VAL D 101 -36.19 73.71 -1.48
C VAL D 101 -36.95 74.83 -0.78
N GLY D 102 -38.20 74.56 -0.40
CA GLY D 102 -39.03 75.52 0.28
C GLY D 102 -39.36 75.05 1.69
N TYR D 103 -39.30 75.98 2.63
CA TYR D 103 -39.79 75.78 3.99
C TYR D 103 -40.90 76.78 4.24
N PHE D 104 -42.11 76.29 4.42
CA PHE D 104 -43.28 77.16 4.56
C PHE D 104 -44.04 76.81 5.83
N SER D 105 -44.48 77.84 6.54
CA SER D 105 -45.35 77.64 7.68
C SER D 105 -46.75 77.23 7.23
N GLU D 106 -47.43 76.47 8.08
CA GLU D 106 -48.83 76.13 7.80
C GLU D 106 -49.70 77.37 7.69
N ARG D 107 -49.24 78.50 8.24
CA ARG D 107 -49.99 79.75 8.22
C ARG D 107 -49.86 80.52 6.90
N SER D 108 -48.87 80.20 6.06
CA SER D 108 -48.71 80.92 4.81
C SER D 108 -49.80 80.51 3.82
N ALA D 109 -50.22 81.47 3.02
CA ALA D 109 -51.27 81.28 2.02
C ALA D 109 -50.66 81.00 0.66
N GLN D 110 -51.51 80.58 -0.28
CA GLN D 110 -51.08 80.37 -1.65
C GLN D 110 -50.35 81.59 -2.19
N SER D 111 -50.88 82.79 -1.90
CA SER D 111 -50.30 84.02 -2.41
C SER D 111 -48.90 84.25 -1.84
N ASN D 112 -48.72 84.00 -0.55
CA ASN D 112 -47.41 84.19 0.07
C ASN D 112 -46.36 83.29 -0.57
N ARG D 113 -46.69 82.01 -0.76
CA ARG D 113 -45.73 81.06 -1.30
C ARG D 113 -45.43 81.37 -2.76
N ARG D 114 -46.46 81.68 -3.55
CA ARG D 114 -46.24 82.04 -4.95
C ARG D 114 -45.37 83.28 -5.06
N LEU D 115 -45.48 84.21 -4.11
CA LEU D 115 -44.69 85.43 -4.17
C LEU D 115 -43.20 85.15 -4.00
N VAL D 116 -42.85 84.32 -3.02
CA VAL D 116 -41.45 83.96 -2.80
C VAL D 116 -40.91 83.19 -3.99
N LYS D 117 -41.71 82.25 -4.51
CA LYS D 117 -41.26 81.40 -5.62
C LYS D 117 -40.68 82.22 -6.75
N GLN D 118 -41.42 83.23 -7.21
CA GLN D 118 -40.99 83.96 -8.40
C GLN D 118 -39.75 84.80 -8.16
N ILE D 119 -39.53 85.28 -6.94
CA ILE D 119 -38.29 86.00 -6.65
C ILE D 119 -37.09 85.12 -6.99
N LEU D 120 -37.06 83.91 -6.43
CA LEU D 120 -35.99 82.99 -6.71
C LEU D 120 -35.88 82.69 -8.20
N THR D 121 -37.02 82.41 -8.84
CA THR D 121 -37.00 82.10 -10.27
C THR D 121 -36.38 83.25 -11.07
N ASN D 122 -36.78 84.48 -10.78
CA ASN D 122 -36.22 85.62 -11.49
C ASN D 122 -34.74 85.78 -11.19
N LEU D 123 -34.33 85.52 -9.95
CA LEU D 123 -32.92 85.58 -9.61
C LEU D 123 -32.11 84.57 -10.43
N LEU D 124 -32.62 83.34 -10.54
CA LEU D 124 -31.92 82.31 -11.30
C LEU D 124 -31.85 82.64 -12.78
N GLY D 125 -32.84 83.36 -13.29
CA GLY D 125 -32.87 83.74 -14.69
C GLY D 125 -32.18 85.04 -15.01
N ASN D 126 -31.59 85.69 -13.99
CA ASN D 126 -30.94 86.99 -14.14
C ASN D 126 -31.90 88.02 -14.72
N VAL D 127 -33.13 88.03 -14.19
CA VAL D 127 -34.22 88.85 -14.70
C VAL D 127 -34.56 89.91 -13.66
N SER D 128 -34.41 91.17 -14.05
CA SER D 128 -34.72 92.30 -13.17
C SER D 128 -36.03 92.99 -13.53
N THR D 129 -36.76 92.49 -14.52
CA THR D 129 -38.02 93.08 -14.94
C THR D 129 -39.19 92.26 -14.37
N SER D 130 -40.40 92.70 -14.68
CA SER D 130 -41.60 92.06 -14.16
C SER D 130 -41.93 90.81 -14.95
N VAL D 131 -42.16 89.71 -14.24
CA VAL D 131 -42.53 88.44 -14.83
C VAL D 131 -43.69 87.87 -14.02
N ALA D 132 -44.72 87.39 -14.72
CA ALA D 132 -45.91 86.87 -14.06
C ALA D 132 -45.64 85.48 -13.49
N ALA D 133 -46.02 85.29 -12.24
CA ALA D 133 -45.80 84.01 -11.57
C ALA D 133 -46.80 82.98 -12.08
N PRO D 134 -46.34 81.78 -12.46
CA PRO D 134 -47.26 80.76 -12.95
C PRO D 134 -48.22 80.32 -11.85
N THR D 135 -49.45 80.01 -12.27
CA THR D 135 -50.48 79.51 -11.36
C THR D 135 -50.90 78.08 -11.69
N THR D 136 -50.27 77.46 -12.68
CA THR D 136 -50.51 76.06 -13.04
C THR D 136 -49.19 75.34 -13.23
N GLY D 137 -49.25 74.04 -13.43
CA GLY D 137 -48.07 73.21 -13.54
C GLY D 137 -47.72 72.53 -12.23
N PHE D 138 -46.95 71.45 -12.33
CA PHE D 138 -46.66 70.66 -11.14
C PHE D 138 -45.82 71.44 -10.14
N ALA D 139 -44.96 72.34 -10.63
CA ALA D 139 -44.17 73.17 -9.72
C ALA D 139 -45.05 74.13 -8.94
N SER D 140 -45.99 74.80 -9.61
CA SER D 140 -46.90 75.70 -8.90
C SER D 140 -47.78 74.93 -7.93
N GLU D 141 -48.30 73.78 -8.35
CA GLU D 141 -49.16 73.00 -7.45
C GLU D 141 -48.40 72.62 -6.19
N LEU D 142 -47.12 72.30 -6.32
CA LEU D 142 -46.34 71.89 -5.16
C LEU D 142 -45.92 73.09 -4.31
N ILE D 143 -45.27 74.07 -4.92
CA ILE D 143 -44.71 75.18 -4.15
C ILE D 143 -45.81 76.11 -3.67
N ASP D 144 -46.71 76.52 -4.56
CA ASP D 144 -47.73 77.50 -4.18
C ASP D 144 -48.78 76.89 -3.26
N SER D 145 -49.16 75.64 -3.52
CA SER D 145 -50.36 75.08 -2.92
C SER D 145 -50.14 73.78 -2.15
N GLY D 146 -48.90 73.32 -2.01
CA GLY D 146 -48.66 72.11 -1.24
C GLY D 146 -49.34 70.88 -1.81
N ILE D 147 -49.37 70.75 -3.13
CA ILE D 147 -50.03 69.65 -3.82
C ILE D 147 -48.98 68.75 -4.43
N THR D 148 -49.04 67.47 -4.09
CA THR D 148 -48.23 66.45 -4.74
C THR D 148 -49.07 65.71 -5.77
N ALA D 149 -48.47 65.40 -6.91
CA ALA D 149 -49.18 64.70 -7.97
C ALA D 149 -49.70 63.35 -7.47
N SER D 150 -50.73 62.85 -8.14
CA SER D 150 -51.36 61.61 -7.74
C SER D 150 -52.07 60.88 -8.88
N SER E 1 -62.84 57.22 -9.66
CA SER E 1 -61.60 56.46 -9.55
C SER E 1 -60.43 57.35 -9.12
N SER E 2 -59.89 58.13 -10.05
CA SER E 2 -58.77 59.02 -9.76
C SER E 2 -59.28 60.36 -9.24
N GLN E 3 -58.39 61.09 -8.56
CA GLN E 3 -58.78 62.32 -7.88
C GLN E 3 -59.17 63.41 -8.88
N ALA E 4 -60.26 64.11 -8.55
CA ALA E 4 -60.73 65.24 -9.33
C ALA E 4 -61.28 66.29 -8.39
N ASN E 5 -61.58 67.46 -8.96
CA ASN E 5 -62.12 68.56 -8.15
C ASN E 5 -63.51 68.20 -7.63
N ILE E 6 -63.73 68.44 -6.34
CA ILE E 6 -65.02 68.28 -5.71
C ILE E 6 -65.66 69.65 -5.57
N THR E 7 -66.93 69.75 -5.97
CA THR E 7 -67.72 70.97 -5.80
C THR E 7 -68.87 70.67 -4.85
N VAL E 8 -68.89 71.35 -3.70
CA VAL E 8 -69.86 71.10 -2.64
C VAL E 8 -70.35 72.43 -2.10
N PHE E 9 -71.64 72.50 -1.79
CA PHE E 9 -72.19 73.62 -1.03
C PHE E 9 -72.17 73.29 0.46
N ASP E 10 -71.95 74.32 1.27
CA ASP E 10 -71.87 74.14 2.71
C ASP E 10 -73.25 74.32 3.33
N GLY E 11 -73.30 74.45 4.66
CA GLY E 11 -74.56 74.56 5.35
C GLY E 11 -74.77 75.92 6.00
N ALA E 12 -74.19 76.96 5.41
CA ALA E 12 -74.46 78.31 5.89
C ALA E 12 -75.92 78.67 5.66
N ALA E 13 -76.37 79.72 6.34
CA ALA E 13 -77.76 80.14 6.21
C ALA E 13 -78.11 80.42 4.74
N THR E 14 -77.18 81.04 4.02
CA THR E 14 -77.21 81.08 2.56
C THR E 14 -76.05 80.21 2.07
N PRO E 15 -76.29 78.98 1.62
CA PRO E 15 -75.18 78.06 1.33
C PRO E 15 -74.24 78.59 0.24
N VAL E 16 -72.95 78.30 0.42
CA VAL E 16 -71.87 78.78 -0.41
C VAL E 16 -71.16 77.57 -1.02
N SER E 17 -70.78 77.68 -2.29
CA SER E 17 -70.08 76.59 -2.95
C SER E 17 -68.59 76.63 -2.65
N HIS E 18 -67.99 75.46 -2.48
CA HIS E 18 -66.56 75.30 -2.28
C HIS E 18 -66.01 74.36 -3.35
N VAL E 19 -64.85 74.69 -3.90
CA VAL E 19 -64.16 73.82 -4.85
C VAL E 19 -62.93 73.26 -4.16
N LEU E 20 -62.92 71.95 -3.92
CA LEU E 20 -61.83 71.26 -3.26
C LEU E 20 -60.98 70.57 -4.31
N VAL E 21 -59.71 70.96 -4.39
CA VAL E 21 -58.80 70.40 -5.40
C VAL E 21 -58.02 69.25 -4.76
N PRO E 22 -57.53 68.30 -5.56
CA PRO E 22 -56.78 67.18 -4.99
C PRO E 22 -55.45 67.63 -4.40
N LEU E 23 -55.06 66.94 -3.31
CA LEU E 23 -53.76 67.16 -2.66
C LEU E 23 -52.84 65.96 -2.74
N GLY E 24 -53.37 64.76 -2.96
CA GLY E 24 -52.54 63.58 -3.08
C GLY E 24 -53.14 62.35 -2.45
N VAL E 25 -52.54 61.20 -2.72
CA VAL E 25 -52.96 59.91 -2.17
C VAL E 25 -51.71 59.19 -1.69
N GLY E 26 -51.87 58.42 -0.63
CA GLY E 26 -50.77 57.60 -0.14
C GLY E 26 -51.27 56.59 0.86
N ILE E 27 -50.34 55.75 1.33
CA ILE E 27 -50.65 54.69 2.27
C ILE E 27 -49.88 54.96 3.55
N ASP E 28 -50.60 55.39 4.59
CA ASP E 28 -50.06 55.50 5.94
C ASP E 28 -50.25 54.18 6.67
N GLU E 29 -49.25 53.79 7.47
CA GLU E 29 -49.34 52.50 8.16
C GLU E 29 -50.44 52.50 9.20
N ASN E 30 -50.65 53.63 9.89
CA ASN E 30 -51.69 53.74 10.89
C ASN E 30 -53.05 54.06 10.29
N LEU E 31 -53.12 55.06 9.39
CA LEU E 31 -54.41 55.49 8.89
C LEU E 31 -54.95 54.58 7.79
N GLY E 32 -54.08 53.94 7.01
CA GLY E 32 -54.49 53.14 5.89
C GLY E 32 -54.30 53.87 4.57
N SER E 33 -55.21 53.66 3.61
CA SER E 33 -55.16 54.39 2.36
C SER E 33 -55.84 55.74 2.53
N VAL E 34 -55.09 56.82 2.31
CA VAL E 34 -55.54 58.18 2.57
C VAL E 34 -55.55 58.96 1.26
N ALA E 35 -56.64 59.69 1.02
CA ALA E 35 -56.75 60.62 -0.09
C ALA E 35 -57.19 61.98 0.44
N LYS E 36 -56.56 63.04 -0.03
CA LYS E 36 -56.76 64.38 0.52
C LYS E 36 -57.24 65.35 -0.55
N TRP E 37 -58.17 66.22 -0.16
CA TRP E 37 -58.62 67.34 -0.98
C TRP E 37 -58.58 68.59 -0.12
N ARG E 38 -58.49 69.75 -0.76
CA ARG E 38 -58.52 71.02 -0.02
C ARG E 38 -58.93 72.14 -0.94
N GLU E 39 -59.73 73.07 -0.40
CA GLU E 39 -60.05 74.30 -1.11
C GLU E 39 -58.83 75.20 -1.17
N ASN E 40 -58.75 76.00 -2.24
CA ASN E 40 -57.55 76.79 -2.52
C ASN E 40 -57.92 78.26 -2.66
N LEU E 41 -58.45 78.84 -1.58
CA LEU E 41 -58.63 80.28 -1.53
C LEU E 41 -57.27 80.97 -1.54
N ALA E 42 -57.15 81.99 -2.39
CA ALA E 42 -55.83 82.55 -2.70
C ALA E 42 -55.17 83.19 -1.48
N THR E 43 -55.95 83.92 -0.67
CA THR E 43 -55.42 84.64 0.48
C THR E 43 -55.50 83.87 1.78
N VAL E 44 -56.31 82.83 1.85
CA VAL E 44 -56.53 82.12 3.13
C VAL E 44 -55.33 81.23 3.42
N PRO E 45 -54.81 81.21 4.65
CA PRO E 45 -53.73 80.28 4.98
C PRO E 45 -54.10 78.85 4.60
N LEU E 46 -53.10 78.09 4.17
CA LEU E 46 -53.37 76.75 3.66
C LEU E 46 -54.02 75.87 4.73
N TYR E 47 -53.55 75.97 5.97
CA TYR E 47 -54.13 75.15 7.03
C TYR E 47 -55.45 75.70 7.54
N ALA E 48 -55.93 76.81 7.00
CA ALA E 48 -57.22 77.37 7.36
C ALA E 48 -58.30 77.11 6.31
N ASN E 49 -57.96 76.42 5.22
CA ASN E 49 -58.89 76.14 4.14
C ASN E 49 -59.66 74.84 4.40
N VAL E 50 -60.90 74.82 3.91
CA VAL E 50 -61.74 73.62 4.02
C VAL E 50 -61.03 72.45 3.35
N ARG E 51 -61.00 71.31 4.03
CA ARG E 51 -60.36 70.13 3.50
C ARG E 51 -61.24 68.91 3.70
N VAL E 52 -61.05 67.92 2.82
CA VAL E 52 -61.77 66.65 2.87
C VAL E 52 -60.76 65.53 2.73
N THR E 53 -60.93 64.48 3.53
CA THR E 53 -59.99 63.37 3.57
C THR E 53 -60.75 62.05 3.68
N THR E 54 -60.25 61.01 3.01
CA THR E 54 -60.79 59.67 3.15
C THR E 54 -59.73 58.73 3.69
N MET E 55 -60.11 57.90 4.64
CA MET E 55 -59.27 56.83 5.17
C MET E 55 -59.93 55.48 4.91
N GLN E 56 -59.12 54.49 4.58
CA GLN E 56 -59.59 53.11 4.46
C GLN E 56 -58.55 52.20 5.08
N LYS E 57 -58.97 51.38 6.05
CA LYS E 57 -58.06 50.51 6.78
C LYS E 57 -58.78 49.22 7.15
N LYS E 58 -58.12 48.10 6.91
CA LYS E 58 -58.58 46.81 7.41
C LYS E 58 -58.01 46.61 8.80
N LEU E 59 -58.90 46.43 9.78
CA LEU E 59 -58.48 46.25 11.16
C LEU E 59 -58.02 44.82 11.41
N LYS E 60 -57.56 44.56 12.63
CA LYS E 60 -57.15 43.21 12.99
C LYS E 60 -58.33 42.25 13.00
N SER E 61 -59.53 42.75 13.35
CA SER E 61 -60.73 41.92 13.36
C SER E 61 -61.10 41.39 11.99
N GLY E 62 -60.55 41.98 10.92
CA GLY E 62 -61.06 41.77 9.58
C GLY E 62 -62.12 42.77 9.17
N ILE E 63 -62.64 43.55 10.12
CA ILE E 63 -63.59 44.61 9.81
C ILE E 63 -62.89 45.70 9.03
N GLU E 64 -63.47 46.11 7.90
CA GLU E 64 -62.94 47.24 7.17
C GLU E 64 -63.52 48.52 7.76
N ARG E 65 -62.66 49.49 8.01
CA ARG E 65 -63.08 50.80 8.50
C ARG E 65 -62.94 51.82 7.38
N VAL E 66 -63.92 52.71 7.28
CA VAL E 66 -64.01 53.67 6.19
C VAL E 66 -64.41 55.02 6.78
N GLU E 67 -63.72 56.09 6.36
CA GLU E 67 -64.01 57.41 6.88
C GLU E 67 -63.91 58.46 5.77
N ILE E 68 -64.86 59.40 5.79
CA ILE E 68 -64.82 60.61 4.97
C ILE E 68 -64.86 61.77 5.94
N ARG E 69 -63.74 62.47 6.12
CA ARG E 69 -63.61 63.50 7.16
C ARG E 69 -63.59 64.89 6.53
N VAL E 70 -64.58 65.70 6.87
CA VAL E 70 -64.66 67.10 6.46
C VAL E 70 -64.20 67.98 7.61
N GLU E 71 -63.20 68.82 7.36
CA GLU E 71 -62.67 69.73 8.36
C GLU E 71 -62.78 71.16 7.87
N VAL E 72 -63.37 72.02 8.69
CA VAL E 72 -63.52 73.43 8.37
C VAL E 72 -62.80 74.24 9.44
N PRO E 73 -61.62 74.76 9.14
CA PRO E 73 -60.92 75.59 10.13
C PRO E 73 -61.52 76.98 10.22
N VAL E 74 -61.50 77.54 11.41
CA VAL E 74 -61.99 78.89 11.69
C VAL E 74 -60.87 79.69 12.32
N MET E 75 -60.60 80.86 11.76
CA MET E 75 -59.51 81.69 12.23
C MET E 75 -60.00 82.68 13.28
N GLU E 76 -59.04 83.26 14.01
CA GLU E 76 -59.35 84.37 14.89
C GLU E 76 -59.62 85.62 14.07
N ALA E 77 -59.88 86.72 14.77
CA ALA E 77 -60.21 87.96 14.10
C ALA E 77 -58.96 88.73 13.71
N VAL E 78 -59.08 89.55 12.64
CA VAL E 78 -57.98 90.37 12.14
C VAL E 78 -58.03 91.73 12.83
N SER E 79 -56.86 92.29 13.12
CA SER E 79 -56.79 93.60 13.76
C SER E 79 -56.41 94.72 12.82
N GLY E 80 -55.97 94.44 11.61
CA GLY E 80 -55.50 95.51 10.74
C GLY E 80 -54.64 94.96 9.61
N GLN E 81 -53.97 95.89 8.93
CA GLN E 81 -53.13 95.59 7.77
C GLN E 81 -51.93 96.53 7.78
N ASN E 82 -50.74 95.97 7.69
CA ASN E 82 -49.54 96.79 7.76
C ASN E 82 -49.42 97.66 6.51
N ALA E 83 -48.96 98.89 6.72
CA ALA E 83 -48.90 99.84 5.61
C ALA E 83 -47.85 99.47 4.58
N PHE E 84 -46.77 98.79 4.99
CA PHE E 84 -45.65 98.66 4.05
C PHE E 84 -45.09 97.25 3.94
N GLY E 85 -45.20 96.44 4.97
CA GLY E 85 -44.75 95.07 4.93
C GLY E 85 -45.76 94.13 4.32
N TYR E 86 -45.62 92.84 4.65
CA TYR E 86 -46.62 91.83 4.36
C TYR E 86 -47.33 91.46 5.65
N THR E 87 -48.64 91.21 5.56
CA THR E 87 -49.46 91.01 6.75
C THR E 87 -50.08 89.62 6.73
N ALA E 88 -49.94 88.91 7.84
CA ALA E 88 -50.41 87.54 7.96
C ALA E 88 -51.87 87.49 8.42
N ALA E 89 -52.55 86.47 7.98
CA ALA E 89 -53.86 86.18 8.51
C ALA E 89 -53.73 85.54 9.89
N PRO E 90 -54.69 85.76 10.77
CA PRO E 90 -54.57 85.27 12.15
C PRO E 90 -54.56 83.75 12.21
N LYS E 91 -54.21 83.24 13.39
CA LYS E 91 -54.10 81.80 13.60
C LYS E 91 -55.48 81.16 13.62
N VAL E 92 -55.50 79.84 13.38
CA VAL E 92 -56.74 79.08 13.45
C VAL E 92 -57.18 78.97 14.90
N ALA E 93 -58.41 79.39 15.18
CA ALA E 93 -58.92 79.32 16.54
C ALA E 93 -59.38 77.91 16.89
N PHE E 94 -60.06 77.26 15.96
CA PHE E 94 -60.50 75.88 16.14
C PHE E 94 -60.80 75.30 14.77
N THR E 95 -60.97 73.98 14.73
CA THR E 95 -61.32 73.29 13.50
C THR E 95 -62.50 72.38 13.77
N ASP E 96 -63.57 72.56 13.00
CA ASP E 96 -64.76 71.73 13.11
C ASP E 96 -64.61 70.52 12.21
N SER E 97 -64.85 69.33 12.77
CA SER E 97 -64.68 68.07 12.06
C SER E 97 -65.98 67.30 12.07
N GLY E 98 -66.53 67.06 10.87
CA GLY E 98 -67.67 66.19 10.73
C GLY E 98 -67.36 65.11 9.71
N SER E 99 -67.56 63.85 10.08
CA SER E 99 -67.13 62.77 9.22
C SER E 99 -68.16 61.64 9.20
N PHE E 100 -68.16 60.91 8.10
CA PHE E 100 -68.82 59.61 8.04
C PHE E 100 -67.80 58.54 8.41
N VAL E 101 -68.22 57.58 9.24
CA VAL E 101 -67.37 56.47 9.63
C VAL E 101 -68.16 55.18 9.48
N GLY E 102 -67.65 54.26 8.68
CA GLY E 102 -68.31 52.99 8.42
C GLY E 102 -67.46 51.82 8.89
N TYR E 103 -68.09 50.86 9.56
CA TYR E 103 -67.46 49.60 9.95
C TYR E 103 -68.23 48.47 9.30
N PHE E 104 -67.58 47.75 8.39
CA PHE E 104 -68.24 46.72 7.59
C PHE E 104 -67.48 45.40 7.70
N SER E 105 -68.23 44.31 7.75
CA SER E 105 -67.63 42.98 7.68
C SER E 105 -67.26 42.65 6.24
N GLU E 106 -66.39 41.64 6.09
CA GLU E 106 -66.01 41.19 4.76
C GLU E 106 -67.21 40.63 4.00
N ARG E 107 -68.17 40.04 4.71
CA ARG E 107 -69.33 39.44 4.03
C ARG E 107 -70.25 40.49 3.42
N SER E 108 -70.26 41.70 3.94
CA SER E 108 -71.22 42.71 3.49
C SER E 108 -70.91 43.12 2.06
N ALA E 109 -71.95 43.18 1.24
CA ALA E 109 -71.81 43.44 -0.18
C ALA E 109 -71.98 44.93 -0.47
N GLN E 110 -71.79 45.31 -1.73
CA GLN E 110 -72.12 46.66 -2.18
C GLN E 110 -73.47 47.09 -1.63
N SER E 111 -74.50 46.27 -1.85
CA SER E 111 -75.87 46.67 -1.50
C SER E 111 -76.03 46.84 0.01
N ASN E 112 -75.38 45.98 0.79
CA ASN E 112 -75.42 46.10 2.24
C ASN E 112 -74.84 47.43 2.71
N ARG E 113 -73.61 47.74 2.28
CA ARG E 113 -72.98 49.00 2.66
C ARG E 113 -73.77 50.20 2.16
N ARG E 114 -74.24 50.15 0.92
CA ARG E 114 -75.02 51.26 0.37
C ARG E 114 -76.31 51.47 1.14
N LEU E 115 -76.91 50.38 1.64
CA LEU E 115 -78.19 50.49 2.34
C LEU E 115 -78.04 51.30 3.62
N VAL E 116 -77.01 51.00 4.41
CA VAL E 116 -76.80 51.73 5.66
C VAL E 116 -76.38 53.17 5.38
N LYS E 117 -75.51 53.35 4.38
CA LYS E 117 -75.06 54.69 4.02
C LYS E 117 -76.24 55.66 3.89
N GLN E 118 -77.25 55.27 3.13
CA GLN E 118 -78.32 56.22 2.81
C GLN E 118 -79.21 56.49 4.02
N ILE E 119 -79.34 55.53 4.93
CA ILE E 119 -80.07 55.80 6.17
C ILE E 119 -79.47 57.00 6.87
N LEU E 120 -78.14 56.97 7.06
CA LEU E 120 -77.48 58.07 7.72
C LEU E 120 -77.59 59.37 6.93
N THR E 121 -77.41 59.29 5.61
CA THR E 121 -77.53 60.50 4.80
C THR E 121 -78.91 61.12 4.92
N ASN E 122 -79.95 60.29 4.91
CA ASN E 122 -81.30 60.82 5.04
C ASN E 122 -81.53 61.38 6.44
N LEU E 123 -80.98 60.73 7.46
CA LEU E 123 -81.08 61.25 8.82
C LEU E 123 -80.43 62.63 8.93
N LEU E 124 -79.24 62.80 8.34
CA LEU E 124 -78.55 64.08 8.41
C LEU E 124 -79.30 65.16 7.64
N GLY E 125 -80.06 64.78 6.62
CA GLY E 125 -80.82 65.72 5.85
C GLY E 125 -82.24 65.94 6.35
N ASN E 126 -82.61 65.29 7.45
CA ASN E 126 -83.98 65.36 7.99
C ASN E 126 -85.01 64.97 6.94
N VAL E 127 -84.73 63.88 6.24
CA VAL E 127 -85.53 63.43 5.12
C VAL E 127 -86.27 62.16 5.52
N SER E 128 -87.59 62.22 5.50
CA SER E 128 -88.43 61.06 5.79
C SER E 128 -88.97 60.38 4.53
N THR E 129 -88.69 60.94 3.35
CA THR E 129 -89.18 60.38 2.11
C THR E 129 -88.14 59.45 1.48
N SER E 130 -88.47 58.89 0.33
CA SER E 130 -87.59 57.95 -0.35
C SER E 130 -86.58 58.71 -1.22
N VAL E 131 -85.31 58.34 -1.09
CA VAL E 131 -84.22 58.97 -1.84
C VAL E 131 -83.36 57.85 -2.41
N ALA E 132 -83.05 57.94 -3.71
CA ALA E 132 -82.22 56.94 -4.35
C ALA E 132 -80.78 57.05 -3.86
N ALA E 133 -80.22 55.93 -3.45
CA ALA E 133 -78.84 55.93 -2.96
C ALA E 133 -77.88 56.05 -4.13
N PRO E 134 -76.91 56.97 -4.07
CA PRO E 134 -75.96 57.13 -5.18
C PRO E 134 -75.14 55.87 -5.39
N THR E 135 -74.84 55.57 -6.66
CA THR E 135 -73.98 54.45 -7.01
C THR E 135 -72.69 54.90 -7.68
N THR E 136 -72.51 56.20 -7.87
CA THR E 136 -71.27 56.77 -8.40
C THR E 136 -70.82 57.89 -7.48
N GLY E 137 -69.66 58.46 -7.77
CA GLY E 137 -69.07 59.47 -6.92
C GLY E 137 -68.06 58.88 -5.95
N PHE E 138 -67.15 59.73 -5.49
CA PHE E 138 -66.04 59.22 -4.68
C PHE E 138 -66.53 58.66 -3.34
N ALA E 139 -67.59 59.23 -2.78
CA ALA E 139 -68.14 58.69 -1.55
C ALA E 139 -68.72 57.30 -1.77
N SER E 140 -69.42 57.09 -2.87
CA SER E 140 -69.96 55.75 -3.16
C SER E 140 -68.84 54.75 -3.43
N GLU E 141 -67.82 55.14 -4.19
CA GLU E 141 -66.70 54.25 -4.42
C GLU E 141 -66.08 53.79 -3.11
N LEU E 142 -65.96 54.71 -2.15
CA LEU E 142 -65.32 54.38 -0.88
C LEU E 142 -66.25 53.59 0.03
N ILE E 143 -67.46 54.10 0.27
CA ILE E 143 -68.34 53.49 1.26
C ILE E 143 -68.99 52.22 0.71
N ASP E 144 -69.51 52.28 -0.51
CA ASP E 144 -70.20 51.10 -1.05
C ASP E 144 -69.21 50.02 -1.47
N SER E 145 -68.09 50.41 -2.08
CA SER E 145 -67.21 49.44 -2.74
C SER E 145 -65.82 49.33 -2.15
N GLY E 146 -65.47 50.13 -1.14
CA GLY E 146 -64.14 50.05 -0.57
C GLY E 146 -63.04 50.45 -1.51
N ILE E 147 -63.23 51.51 -2.28
CA ILE E 147 -62.27 51.97 -3.29
C ILE E 147 -61.85 53.39 -2.94
N THR E 148 -60.55 53.60 -2.73
CA THR E 148 -59.99 54.92 -2.48
C THR E 148 -59.51 55.53 -3.78
N ALA E 149 -59.53 56.87 -3.84
CA ALA E 149 -59.07 57.58 -5.04
C ALA E 149 -57.63 57.20 -5.39
N SER E 150 -57.36 57.20 -6.69
CA SER E 150 -56.06 56.75 -7.21
C SER E 150 -55.23 57.89 -7.78
N SER F 1 -49.21 56.56 -17.74
CA SER F 1 -48.57 56.29 -16.45
C SER F 1 -49.55 56.52 -15.31
N SER F 2 -50.48 57.46 -15.49
CA SER F 2 -51.55 57.63 -14.53
C SER F 2 -52.53 56.46 -14.63
N GLN F 3 -53.02 56.03 -13.47
CA GLN F 3 -53.80 54.80 -13.37
C GLN F 3 -55.22 55.01 -13.87
N ALA F 4 -55.68 54.13 -14.77
CA ALA F 4 -56.99 54.28 -15.40
C ALA F 4 -57.69 52.93 -15.47
N ASN F 5 -58.97 52.98 -15.83
CA ASN F 5 -59.76 51.77 -16.00
C ASN F 5 -59.16 50.89 -17.09
N ILE F 6 -59.17 49.58 -16.86
CA ILE F 6 -58.68 48.60 -17.81
C ILE F 6 -59.87 47.78 -18.29
N THR F 7 -60.10 47.78 -19.60
CA THR F 7 -61.09 46.92 -20.22
C THR F 7 -60.36 45.77 -20.93
N VAL F 8 -60.65 44.53 -20.53
CA VAL F 8 -59.93 43.36 -21.01
C VAL F 8 -60.91 42.20 -21.12
N PHE F 9 -60.81 41.47 -22.25
CA PHE F 9 -61.58 40.25 -22.43
C PHE F 9 -60.81 39.05 -21.90
N ASP F 10 -61.54 38.07 -21.37
CA ASP F 10 -60.92 36.87 -20.81
C ASP F 10 -60.81 35.80 -21.88
N GLY F 11 -60.48 34.57 -21.47
CA GLY F 11 -60.31 33.47 -22.39
C GLY F 11 -61.36 32.40 -22.29
N ALA F 12 -62.58 32.80 -21.96
CA ALA F 12 -63.68 31.84 -22.02
C ALA F 12 -63.96 31.46 -23.47
N ALA F 13 -64.74 30.38 -23.65
CA ALA F 13 -65.07 29.93 -25.00
C ALA F 13 -65.71 31.06 -25.79
N THR F 14 -66.60 31.83 -25.16
CA THR F 14 -67.01 33.12 -25.67
C THR F 14 -66.44 34.18 -24.73
N PRO F 15 -65.37 34.88 -25.12
CA PRO F 15 -64.69 35.78 -24.18
C PRO F 15 -65.61 36.87 -23.64
N VAL F 16 -65.40 37.20 -22.37
CA VAL F 16 -66.23 38.14 -21.61
C VAL F 16 -65.35 39.34 -21.24
N SER F 17 -65.88 40.54 -21.45
CA SER F 17 -65.15 41.74 -21.07
C SER F 17 -65.24 41.97 -19.57
N HIS F 18 -64.13 42.38 -18.98
CA HIS F 18 -64.05 42.77 -17.58
C HIS F 18 -63.54 44.20 -17.50
N VAL F 19 -64.13 45.00 -16.64
CA VAL F 19 -63.68 46.38 -16.42
C VAL F 19 -63.01 46.43 -15.06
N LEU F 20 -61.70 46.67 -15.06
CA LEU F 20 -60.87 46.67 -13.86
C LEU F 20 -60.64 48.11 -13.43
N VAL F 21 -61.15 48.47 -12.26
CA VAL F 21 -61.08 49.83 -11.72
C VAL F 21 -59.79 49.98 -10.94
N PRO F 22 -59.16 51.15 -10.93
CA PRO F 22 -57.93 51.33 -10.12
C PRO F 22 -58.23 51.32 -8.63
N LEU F 23 -57.34 50.69 -7.87
CA LEU F 23 -57.40 50.69 -6.42
C LEU F 23 -56.37 51.58 -5.75
N GLY F 24 -55.32 51.97 -6.46
CA GLY F 24 -54.26 52.79 -5.92
C GLY F 24 -52.91 52.14 -6.09
N VAL F 25 -51.87 52.90 -5.73
CA VAL F 25 -50.49 52.45 -5.84
C VAL F 25 -49.77 52.72 -4.51
N GLY F 26 -48.66 52.03 -4.31
CA GLY F 26 -47.90 52.21 -3.08
C GLY F 26 -46.66 51.35 -3.10
N ILE F 27 -45.92 51.40 -1.98
CA ILE F 27 -44.65 50.70 -1.85
C ILE F 27 -44.75 49.69 -0.71
N ASP F 28 -44.40 48.43 -1.00
CA ASP F 28 -44.35 47.37 -0.02
C ASP F 28 -42.90 46.95 0.18
N GLU F 29 -42.56 46.59 1.42
CA GLU F 29 -41.17 46.23 1.72
C GLU F 29 -40.76 44.95 0.99
N ASN F 30 -41.65 43.95 0.95
CA ASN F 30 -41.33 42.70 0.28
C ASN F 30 -41.43 42.82 -1.24
N LEU F 31 -42.44 43.52 -1.74
CA LEU F 31 -42.83 43.43 -3.14
C LEU F 31 -42.30 44.56 -4.01
N GLY F 32 -42.00 45.72 -3.44
CA GLY F 32 -41.57 46.86 -4.22
C GLY F 32 -42.69 47.83 -4.49
N SER F 33 -42.68 48.47 -5.65
CA SER F 33 -43.78 49.34 -6.06
C SER F 33 -44.93 48.49 -6.58
N VAL F 34 -46.11 48.65 -5.98
CA VAL F 34 -47.27 47.84 -6.27
C VAL F 34 -48.38 48.74 -6.77
N ALA F 35 -49.04 48.33 -7.85
CA ALA F 35 -50.23 48.98 -8.37
C ALA F 35 -51.33 47.94 -8.49
N LYS F 36 -52.55 48.31 -8.09
CA LYS F 36 -53.65 47.36 -8.01
C LYS F 36 -54.85 47.84 -8.81
N TRP F 37 -55.44 46.91 -9.58
CA TRP F 37 -56.73 47.10 -10.21
C TRP F 37 -57.66 45.98 -9.75
N ARG F 38 -58.96 46.22 -9.93
CA ARG F 38 -59.96 45.26 -9.48
C ARG F 38 -61.25 45.51 -10.23
N GLU F 39 -61.96 44.43 -10.54
CA GLU F 39 -63.31 44.56 -11.06
C GLU F 39 -64.26 44.82 -9.90
N ASN F 40 -65.39 45.49 -10.18
CA ASN F 40 -66.35 45.83 -9.12
C ASN F 40 -67.71 45.23 -9.46
N LEU F 41 -67.78 43.90 -9.49
CA LEU F 41 -69.03 43.18 -9.70
C LEU F 41 -69.78 43.02 -8.38
N ALA F 42 -71.10 43.28 -8.43
CA ALA F 42 -72.00 42.94 -7.33
C ALA F 42 -72.31 41.45 -7.25
N THR F 43 -71.91 40.67 -8.28
CA THR F 43 -72.18 39.23 -8.27
C THR F 43 -71.40 38.51 -7.17
N VAL F 44 -70.22 39.01 -6.82
CA VAL F 44 -69.31 38.28 -5.93
C VAL F 44 -68.89 39.22 -4.80
N PRO F 45 -68.35 38.67 -3.71
CA PRO F 45 -67.81 39.52 -2.64
C PRO F 45 -66.74 40.46 -3.17
N LEU F 46 -66.52 41.55 -2.43
CA LEU F 46 -65.58 42.57 -2.88
C LEU F 46 -64.18 42.01 -3.03
N TYR F 47 -63.73 41.21 -2.06
CA TYR F 47 -62.39 40.62 -2.12
C TYR F 47 -62.25 39.54 -3.19
N ALA F 48 -63.35 39.06 -3.77
CA ALA F 48 -63.33 37.91 -4.65
C ALA F 48 -63.46 38.29 -6.13
N ASN F 49 -63.14 39.52 -6.47
CA ASN F 49 -63.24 40.00 -7.84
C ASN F 49 -61.97 39.69 -8.62
N VAL F 50 -62.12 39.62 -9.95
CA VAL F 50 -60.95 39.54 -10.83
C VAL F 50 -60.07 40.76 -10.59
N ARG F 51 -58.77 40.53 -10.46
CA ARG F 51 -57.86 41.62 -10.12
C ARG F 51 -56.56 41.50 -10.91
N VAL F 52 -55.89 42.64 -11.06
CA VAL F 52 -54.59 42.73 -11.71
C VAL F 52 -53.68 43.54 -10.80
N THR F 53 -52.43 43.09 -10.66
CA THR F 53 -51.45 43.74 -9.80
C THR F 53 -50.10 43.78 -10.51
N THR F 54 -49.37 44.88 -10.34
CA THR F 54 -48.02 45.01 -10.87
C THR F 54 -47.04 45.24 -9.73
N MET F 55 -45.99 44.42 -9.67
CA MET F 55 -44.88 44.61 -8.74
C MET F 55 -43.62 44.98 -9.50
N GLN F 56 -42.80 45.82 -8.88
CA GLN F 56 -41.52 46.24 -9.46
C GLN F 56 -40.53 46.41 -8.32
N LYS F 57 -39.49 45.58 -8.30
CA LYS F 57 -38.52 45.58 -7.21
C LYS F 57 -37.12 45.36 -7.77
N LYS F 58 -36.16 46.10 -7.23
CA LYS F 58 -34.75 45.84 -7.48
C LYS F 58 -34.27 44.82 -6.45
N LEU F 59 -33.78 43.68 -6.93
CA LEU F 59 -33.36 42.61 -6.04
C LEU F 59 -31.98 42.91 -5.44
N LYS F 60 -31.58 42.07 -4.48
CA LYS F 60 -30.26 42.24 -3.86
C LYS F 60 -29.15 42.14 -4.89
N SER F 61 -29.30 41.24 -5.86
CA SER F 61 -28.30 41.07 -6.90
C SER F 61 -28.16 42.28 -7.82
N GLY F 62 -29.09 43.24 -7.75
CA GLY F 62 -29.13 44.34 -8.68
C GLY F 62 -30.03 44.13 -9.87
N ILE F 63 -30.53 42.90 -10.06
CA ILE F 63 -31.46 42.61 -11.15
C ILE F 63 -32.83 43.18 -10.82
N GLU F 64 -33.41 43.92 -11.77
CA GLU F 64 -34.76 44.42 -11.58
C GLU F 64 -35.77 43.34 -11.95
N ARG F 65 -36.78 43.15 -11.11
CA ARG F 65 -37.83 42.16 -11.33
C ARG F 65 -39.17 42.88 -11.47
N VAL F 66 -39.91 42.54 -12.51
CA VAL F 66 -41.24 43.10 -12.74
C VAL F 66 -42.23 41.95 -12.85
N GLU F 67 -43.46 42.20 -12.40
CA GLU F 67 -44.52 41.20 -12.47
C GLU F 67 -45.85 41.88 -12.78
N ILE F 68 -46.64 41.21 -13.62
CA ILE F 68 -48.04 41.56 -13.83
C ILE F 68 -48.83 40.31 -13.47
N ARG F 69 -49.55 40.35 -12.34
CA ARG F 69 -50.23 39.18 -11.81
C ARG F 69 -51.74 39.32 -11.98
N VAL F 70 -52.34 38.39 -12.71
CA VAL F 70 -53.78 38.32 -12.92
C VAL F 70 -54.33 37.19 -12.05
N GLU F 71 -55.31 37.51 -11.21
CA GLU F 71 -55.93 36.54 -10.31
C GLU F 71 -57.43 36.51 -10.57
N VAL F 72 -57.97 35.32 -10.77
CA VAL F 72 -59.38 35.11 -11.04
C VAL F 72 -59.93 34.16 -9.97
N PRO F 73 -60.60 34.69 -8.95
CA PRO F 73 -61.25 33.81 -7.97
C PRO F 73 -62.48 33.12 -8.57
N VAL F 74 -62.67 31.87 -8.17
CA VAL F 74 -63.83 31.07 -8.56
C VAL F 74 -64.58 30.69 -7.29
N MET F 75 -65.89 30.96 -7.28
CA MET F 75 -66.67 30.78 -6.08
C MET F 75 -67.20 29.35 -5.96
N GLU F 76 -67.40 28.92 -4.72
CA GLU F 76 -68.16 27.70 -4.48
C GLU F 76 -69.62 27.92 -4.86
N ALA F 77 -70.32 26.80 -5.11
CA ALA F 77 -71.73 26.85 -5.45
C ALA F 77 -72.54 26.67 -4.18
N VAL F 78 -73.27 27.70 -3.78
CA VAL F 78 -74.14 27.61 -2.61
C VAL F 78 -75.39 26.82 -2.99
N SER F 79 -75.67 25.76 -2.24
CA SER F 79 -76.82 24.91 -2.48
C SER F 79 -77.44 24.52 -1.16
N GLY F 80 -78.77 24.54 -1.09
CA GLY F 80 -79.47 24.08 0.10
C GLY F 80 -79.06 24.85 1.34
N GLN F 81 -78.81 24.11 2.42
CA GLN F 81 -78.45 24.69 3.70
C GLN F 81 -77.37 23.85 4.37
N ASN F 82 -76.64 24.48 5.30
CA ASN F 82 -75.61 23.80 6.05
C ASN F 82 -76.21 23.08 7.25
N ALA F 83 -75.33 22.46 8.05
CA ALA F 83 -75.78 21.68 9.19
C ALA F 83 -76.43 22.53 10.27
N PHE F 84 -76.31 23.85 10.21
CA PHE F 84 -76.92 24.72 11.20
C PHE F 84 -78.29 25.21 10.77
N GLY F 85 -78.73 24.92 9.55
CA GLY F 85 -80.04 25.33 9.09
C GLY F 85 -80.08 26.66 8.37
N TYR F 86 -78.93 27.18 7.93
CA TYR F 86 -78.85 28.46 7.26
C TYR F 86 -78.25 28.29 5.86
N THR F 87 -78.59 29.21 4.97
CA THR F 87 -77.91 29.30 3.68
C THR F 87 -76.45 29.67 3.91
N ALA F 88 -75.55 28.99 3.22
CA ALA F 88 -74.12 29.21 3.42
C ALA F 88 -73.70 30.57 2.86
N ALA F 89 -72.66 31.14 3.48
CA ALA F 89 -72.08 32.37 3.02
C ALA F 89 -71.22 32.12 1.78
N PRO F 90 -71.02 33.13 0.94
CA PRO F 90 -70.11 32.97 -0.20
C PRO F 90 -68.73 32.54 0.26
N LYS F 91 -68.13 31.63 -0.49
CA LYS F 91 -66.78 31.14 -0.20
C LYS F 91 -66.03 30.92 -1.49
N VAL F 92 -64.77 31.35 -1.50
CA VAL F 92 -63.92 31.18 -2.68
C VAL F 92 -63.45 29.73 -2.73
N ALA F 93 -63.72 29.06 -3.86
CA ALA F 93 -63.26 27.69 -4.04
C ALA F 93 -61.75 27.65 -4.28
N PHE F 94 -61.28 28.44 -5.24
CA PHE F 94 -59.86 28.53 -5.54
C PHE F 94 -59.64 29.80 -6.35
N THR F 95 -58.38 30.22 -6.43
CA THR F 95 -58.01 31.40 -7.21
C THR F 95 -56.96 31.00 -8.23
N ASP F 96 -57.30 31.12 -9.51
CA ASP F 96 -56.32 30.90 -10.55
C ASP F 96 -55.45 32.15 -10.71
N SER F 97 -54.17 31.93 -10.95
CA SER F 97 -53.19 33.00 -11.05
C SER F 97 -52.32 32.80 -12.28
N GLY F 98 -52.29 33.81 -13.15
CA GLY F 98 -51.40 33.82 -14.29
C GLY F 98 -50.70 35.16 -14.35
N SER F 99 -49.37 35.14 -14.45
CA SER F 99 -48.59 36.36 -14.34
C SER F 99 -47.47 36.36 -15.37
N PHE F 100 -47.05 37.56 -15.76
CA PHE F 100 -45.80 37.78 -16.47
C PHE F 100 -44.75 38.16 -15.44
N VAL F 101 -43.56 37.57 -15.58
CA VAL F 101 -42.45 37.86 -14.67
C VAL F 101 -41.21 38.14 -15.50
N GLY F 102 -40.65 39.32 -15.33
CA GLY F 102 -39.45 39.72 -16.05
C GLY F 102 -38.28 39.93 -15.10
N TYR F 103 -37.11 39.44 -15.52
CA TYR F 103 -35.86 39.68 -14.81
C TYR F 103 -34.90 40.36 -15.79
N PHE F 104 -34.46 41.55 -15.45
CA PHE F 104 -33.64 42.36 -16.35
C PHE F 104 -32.43 42.92 -15.63
N SER F 105 -31.30 42.94 -16.31
CA SER F 105 -30.11 43.60 -15.79
C SER F 105 -30.29 45.11 -15.85
N GLU F 106 -29.51 45.82 -15.02
CA GLU F 106 -29.50 47.28 -15.08
C GLU F 106 -29.11 47.77 -16.48
N ARG F 107 -28.26 47.01 -17.19
CA ARG F 107 -27.79 47.41 -18.50
C ARG F 107 -28.83 47.24 -19.60
N SER F 108 -29.86 46.43 -19.37
CA SER F 108 -30.88 46.21 -20.39
C SER F 108 -31.64 47.50 -20.65
N ALA F 109 -31.94 47.73 -21.92
CA ALA F 109 -32.57 48.97 -22.37
C ALA F 109 -34.05 48.74 -22.65
N GLN F 110 -34.77 49.84 -22.88
CA GLN F 110 -36.18 49.75 -23.24
C GLN F 110 -36.37 48.83 -24.43
N SER F 111 -35.50 48.93 -25.43
CA SER F 111 -35.62 48.08 -26.62
C SER F 111 -35.37 46.62 -26.28
N ASN F 112 -34.40 46.35 -25.40
CA ASN F 112 -34.10 44.97 -25.02
C ASN F 112 -35.28 44.32 -24.31
N ARG F 113 -35.85 45.02 -23.32
CA ARG F 113 -36.96 44.47 -22.55
C ARG F 113 -38.20 44.30 -23.41
N ARG F 114 -38.50 45.29 -24.27
CA ARG F 114 -39.63 45.18 -25.17
C ARG F 114 -39.47 44.00 -26.12
N LEU F 115 -38.24 43.73 -26.55
CA LEU F 115 -37.99 42.64 -27.49
C LEU F 115 -38.37 41.30 -26.90
N VAL F 116 -37.94 41.05 -25.66
CA VAL F 116 -38.27 39.79 -24.99
C VAL F 116 -39.76 39.71 -24.72
N LYS F 117 -40.37 40.82 -24.29
CA LYS F 117 -41.79 40.84 -23.97
C LYS F 117 -42.62 40.23 -25.10
N GLN F 118 -42.43 40.73 -26.32
CA GLN F 118 -43.31 40.34 -27.42
C GLN F 118 -43.11 38.88 -27.83
N ILE F 119 -41.91 38.33 -27.64
CA ILE F 119 -41.71 36.90 -27.89
C ILE F 119 -42.68 36.09 -27.03
N LEU F 120 -42.74 36.42 -25.74
CA LEU F 120 -43.64 35.69 -24.85
C LEU F 120 -45.10 35.92 -25.25
N THR F 121 -45.49 37.17 -25.50
CA THR F 121 -46.86 37.46 -25.88
C THR F 121 -47.28 36.68 -27.12
N ASN F 122 -46.41 36.63 -28.12
CA ASN F 122 -46.74 35.88 -29.33
C ASN F 122 -46.83 34.39 -29.05
N LEU F 123 -45.91 33.86 -28.25
CA LEU F 123 -45.99 32.46 -27.86
C LEU F 123 -47.31 32.15 -27.17
N LEU F 124 -47.74 33.02 -26.25
CA LEU F 124 -48.98 32.79 -25.52
C LEU F 124 -50.19 32.88 -26.44
N GLY F 125 -50.10 33.65 -27.52
CA GLY F 125 -51.19 33.80 -28.46
C GLY F 125 -51.12 32.87 -29.64
N ASN F 126 -50.14 31.96 -29.66
CA ASN F 126 -49.96 31.01 -30.78
C ASN F 126 -49.77 31.75 -32.10
N VAL F 127 -49.03 32.86 -32.04
CA VAL F 127 -48.85 33.73 -33.19
C VAL F 127 -47.44 33.52 -33.73
N SER F 128 -47.34 33.03 -34.96
CA SER F 128 -46.06 32.83 -35.62
C SER F 128 -45.74 33.93 -36.61
N THR F 129 -46.60 34.93 -36.76
CA THR F 129 -46.38 36.02 -37.70
C THR F 129 -45.83 37.24 -36.96
N SER F 130 -45.64 38.32 -37.71
CA SER F 130 -45.05 39.54 -37.16
C SER F 130 -46.11 40.40 -36.49
N VAL F 131 -45.82 40.82 -35.26
CA VAL F 131 -46.73 41.64 -34.47
C VAL F 131 -45.92 42.76 -33.83
N ALA F 132 -46.41 43.99 -33.96
CA ALA F 132 -45.71 45.14 -33.41
C ALA F 132 -45.85 45.16 -31.90
N ALA F 133 -44.74 45.36 -31.21
CA ALA F 133 -44.76 45.37 -29.76
C ALA F 133 -45.33 46.68 -29.27
N PRO F 134 -46.29 46.66 -28.35
CA PRO F 134 -46.89 47.91 -27.85
C PRO F 134 -45.85 48.78 -27.17
N THR F 135 -45.92 50.08 -27.42
CA THR F 135 -45.06 51.05 -26.77
C THR F 135 -45.82 51.95 -25.80
N THR F 136 -47.11 51.69 -25.61
CA THR F 136 -47.94 52.42 -24.66
C THR F 136 -48.76 51.42 -23.85
N GLY F 137 -49.42 51.92 -22.82
CA GLY F 137 -50.18 51.06 -21.94
C GLY F 137 -49.40 50.72 -20.67
N PHE F 138 -50.14 50.31 -19.64
CA PHE F 138 -49.52 50.08 -18.34
C PHE F 138 -48.55 48.90 -18.38
N ALA F 139 -48.85 47.88 -19.18
CA ALA F 139 -47.95 46.74 -19.28
C ALA F 139 -46.64 47.14 -19.94
N SER F 140 -46.71 47.90 -21.05
CA SER F 140 -45.49 48.35 -21.70
C SER F 140 -44.69 49.28 -20.80
N GLU F 141 -45.36 50.15 -20.05
CA GLU F 141 -44.65 51.06 -19.17
C GLU F 141 -43.91 50.29 -18.08
N LEU F 142 -44.50 49.21 -17.59
CA LEU F 142 -43.86 48.42 -16.54
C LEU F 142 -42.73 47.56 -17.09
N ILE F 143 -43.01 46.77 -18.12
CA ILE F 143 -42.03 45.79 -18.60
C ILE F 143 -40.94 46.49 -19.40
N ASP F 144 -41.31 47.35 -20.34
CA ASP F 144 -40.31 47.99 -21.19
C ASP F 144 -39.49 49.02 -20.42
N SER F 145 -40.15 49.86 -19.61
CA SER F 145 -39.53 51.04 -19.06
C SER F 145 -39.43 51.08 -17.54
N GLY F 146 -39.90 50.04 -16.85
CA GLY F 146 -39.80 50.03 -15.40
C GLY F 146 -40.67 51.04 -14.68
N ILE F 147 -41.80 51.42 -15.27
CA ILE F 147 -42.68 52.44 -14.74
C ILE F 147 -43.86 51.79 -14.04
N THR F 148 -44.19 52.29 -12.85
CA THR F 148 -45.38 51.89 -12.12
C THR F 148 -46.43 52.99 -12.23
N ALA F 149 -47.70 52.60 -12.21
CA ALA F 149 -48.78 53.56 -12.35
C ALA F 149 -48.84 54.50 -11.14
N SER F 150 -49.64 55.55 -11.27
CA SER F 150 -49.78 56.55 -10.22
C SER F 150 -51.20 57.13 -10.12
N SER G 1 94.43 29.42 -12.65
CA SER G 1 93.38 29.51 -11.66
C SER G 1 93.01 28.15 -11.06
N SER G 2 93.70 27.10 -11.49
CA SER G 2 93.61 25.80 -10.84
C SER G 2 94.88 25.57 -10.02
N GLN G 3 94.81 24.60 -9.10
CA GLN G 3 95.89 24.40 -8.15
C GLN G 3 97.16 23.90 -8.84
N ALA G 4 98.30 24.47 -8.42
CA ALA G 4 99.60 24.05 -8.91
C ALA G 4 100.62 24.18 -7.78
N ASN G 5 101.82 23.67 -8.02
CA ASN G 5 102.88 23.74 -7.03
C ASN G 5 103.24 25.19 -6.72
N ILE G 6 103.69 25.43 -5.49
CA ILE G 6 104.14 26.74 -5.03
C ILE G 6 105.55 26.59 -4.53
N THR G 7 106.46 27.42 -5.03
CA THR G 7 107.85 27.46 -4.58
C THR G 7 108.09 28.79 -3.87
N VAL G 8 108.43 28.75 -2.59
CA VAL G 8 108.60 29.94 -1.77
C VAL G 8 109.82 29.76 -0.87
N PHE G 9 110.63 30.79 -0.75
CA PHE G 9 111.71 30.83 0.23
C PHE G 9 111.18 31.42 1.54
N ASP G 10 111.67 30.90 2.66
CA ASP G 10 111.21 31.36 3.96
C ASP G 10 112.09 32.52 4.43
N GLY G 11 111.97 32.88 5.70
CA GLY G 11 112.69 34.01 6.24
C GLY G 11 113.76 33.63 7.25
N ALA G 12 114.35 32.46 7.08
CA ALA G 12 115.49 32.08 7.89
C ALA G 12 116.67 33.01 7.62
N ALA G 13 117.67 32.96 8.51
CA ALA G 13 118.85 33.78 8.31
C ALA G 13 119.49 33.52 6.96
N THR G 14 119.65 32.25 6.62
CA THR G 14 119.89 31.82 5.24
C THR G 14 118.59 31.21 4.74
N PRO G 15 117.82 31.92 3.90
CA PRO G 15 116.48 31.44 3.55
C PRO G 15 116.50 30.12 2.80
N VAL G 16 115.47 29.31 3.06
CA VAL G 16 115.34 27.95 2.56
C VAL G 16 114.11 27.87 1.66
N SER G 17 114.26 27.22 0.50
CA SER G 17 113.13 27.07 -0.41
C SER G 17 112.22 25.94 0.06
N HIS G 18 110.92 26.13 -0.16
CA HIS G 18 109.91 25.12 0.16
C HIS G 18 109.03 24.93 -1.07
N VAL G 19 108.71 23.68 -1.38
CA VAL G 19 107.79 23.35 -2.46
C VAL G 19 106.51 22.84 -1.83
N LEU G 20 105.43 23.60 -2.01
CA LEU G 20 104.12 23.26 -1.49
C LEU G 20 103.29 22.63 -2.60
N VAL G 21 102.87 21.39 -2.40
CA VAL G 21 102.09 20.62 -3.37
C VAL G 21 100.61 20.86 -3.09
N PRO G 22 99.75 20.89 -4.11
CA PRO G 22 98.31 21.01 -3.84
C PRO G 22 97.83 19.85 -2.99
N LEU G 23 96.95 20.16 -2.04
CA LEU G 23 96.47 19.19 -1.07
C LEU G 23 94.97 18.92 -1.19
N GLY G 24 94.19 19.87 -1.66
CA GLY G 24 92.77 19.66 -1.87
C GLY G 24 92.01 20.96 -1.87
N VAL G 25 90.76 20.87 -2.30
CA VAL G 25 89.83 21.98 -2.30
C VAL G 25 88.53 21.50 -1.69
N GLY G 26 87.84 22.40 -1.00
CA GLY G 26 86.57 22.05 -0.39
C GLY G 26 85.76 23.27 -0.02
N ILE G 27 84.56 23.02 0.48
CA ILE G 27 83.69 24.05 1.06
C ILE G 27 83.49 23.72 2.54
N ASP G 28 83.58 24.74 3.38
CA ASP G 28 83.43 24.59 4.82
C ASP G 28 82.23 25.40 5.28
N GLU G 29 81.53 24.87 6.29
CA GLU G 29 80.37 25.55 6.85
C GLU G 29 80.75 26.92 7.39
N ASN G 30 81.86 27.01 8.13
CA ASN G 30 82.25 28.23 8.82
C ASN G 30 83.39 28.98 8.15
N LEU G 31 84.15 28.35 7.25
CA LEU G 31 85.31 28.97 6.64
C LEU G 31 85.08 29.46 5.22
N GLY G 32 84.18 28.82 4.47
CA GLY G 32 83.90 29.22 3.11
C GLY G 32 84.65 28.37 2.10
N SER G 33 85.03 28.96 0.96
CA SER G 33 85.81 28.22 -0.03
C SER G 33 87.26 28.09 0.45
N VAL G 34 87.74 26.86 0.54
CA VAL G 34 89.05 26.56 1.09
C VAL G 34 89.89 25.84 0.04
N ALA G 35 91.16 26.24 -0.05
CA ALA G 35 92.16 25.56 -0.87
C ALA G 35 93.40 25.35 -0.02
N LYS G 36 94.00 24.16 -0.13
CA LYS G 36 95.08 23.75 0.75
C LYS G 36 96.31 23.32 -0.05
N TRP G 37 97.47 23.77 0.41
CA TRP G 37 98.77 23.31 -0.09
C TRP G 37 99.57 22.79 1.10
N ARG G 38 100.67 22.09 0.79
CA ARG G 38 101.45 21.46 1.84
C ARG G 38 102.77 20.97 1.26
N GLU G 39 103.83 21.12 2.05
CA GLU G 39 105.12 20.54 1.71
C GLU G 39 105.09 19.02 1.85
N ASN G 40 106.09 18.36 1.26
CA ASN G 40 106.16 16.91 1.28
C ASN G 40 107.51 16.43 1.74
N LEU G 41 108.08 17.09 2.75
CA LEU G 41 109.39 16.70 3.23
C LEU G 41 109.34 15.33 3.87
N ALA G 42 110.38 14.53 3.62
CA ALA G 42 110.57 13.27 4.34
C ALA G 42 111.09 13.47 5.75
N THR G 43 111.36 14.72 6.16
CA THR G 43 111.99 14.94 7.46
C THR G 43 110.99 14.79 8.60
N VAL G 44 109.75 15.19 8.36
CA VAL G 44 108.70 15.24 9.37
C VAL G 44 107.56 14.35 8.88
N PRO G 45 106.63 13.97 9.76
CA PRO G 45 105.44 13.25 9.30
C PRO G 45 104.55 14.17 8.48
N LEU G 46 103.53 13.58 7.86
CA LEU G 46 102.72 14.32 6.89
C LEU G 46 102.05 15.53 7.53
N TYR G 47 101.47 15.36 8.73
CA TYR G 47 100.73 16.45 9.35
C TYR G 47 101.64 17.61 9.78
N ALA G 48 102.93 17.38 9.91
CA ALA G 48 103.85 18.38 10.45
C ALA G 48 104.53 19.24 9.38
N ASN G 49 104.09 19.15 8.14
CA ASN G 49 104.71 19.92 7.06
C ASN G 49 104.21 21.35 7.04
N VAL G 50 105.06 22.24 6.52
CA VAL G 50 104.65 23.61 6.25
C VAL G 50 103.45 23.61 5.31
N ARG G 51 102.43 24.39 5.66
CA ARG G 51 101.20 24.39 4.88
C ARG G 51 100.75 25.80 4.58
N VAL G 52 100.01 25.94 3.47
CA VAL G 52 99.41 27.20 3.05
C VAL G 52 97.94 26.91 2.74
N THR G 53 97.06 27.81 3.18
CA THR G 53 95.62 27.64 3.02
C THR G 53 94.99 28.97 2.70
N THR G 54 94.05 28.98 1.77
CA THR G 54 93.25 30.16 1.44
C THR G 54 91.81 29.95 1.82
N MET G 55 91.17 31.00 2.32
CA MET G 55 89.77 31.00 2.68
C MET G 55 89.07 32.18 2.04
N GLN G 56 87.87 31.94 1.51
CA GLN G 56 87.02 32.96 0.91
C GLN G 56 85.61 32.77 1.44
N LYS G 57 85.12 33.74 2.22
CA LYS G 57 83.84 33.63 2.90
C LYS G 57 83.07 34.92 2.71
N LYS G 58 81.83 34.81 2.21
CA LYS G 58 80.96 35.96 2.08
C LYS G 58 80.31 36.25 3.42
N LEU G 59 80.39 37.51 3.86
CA LEU G 59 79.77 37.93 5.11
C LEU G 59 78.50 38.73 4.81
N LYS G 60 77.90 39.24 5.88
CA LYS G 60 76.73 40.07 5.75
C LYS G 60 77.12 41.46 5.26
N SER G 61 76.15 42.17 4.70
CA SER G 61 76.33 43.53 4.19
C SER G 61 77.32 43.58 3.03
N GLY G 62 77.37 42.50 2.25
CA GLY G 62 78.13 42.52 1.00
C GLY G 62 79.62 42.73 1.19
N ILE G 63 80.21 42.07 2.19
CA ILE G 63 81.63 42.13 2.45
C ILE G 63 82.15 40.70 2.44
N GLU G 64 83.24 40.46 1.72
CA GLU G 64 83.84 39.14 1.71
C GLU G 64 85.17 39.20 2.48
N ARG G 65 85.44 38.13 3.21
CA ARG G 65 86.68 37.99 3.95
C ARG G 65 87.58 37.01 3.20
N VAL G 66 88.83 37.39 3.04
CA VAL G 66 89.80 36.64 2.24
C VAL G 66 91.03 36.42 3.10
N GLU G 67 91.52 35.18 3.17
CA GLU G 67 92.69 34.88 3.97
C GLU G 67 93.65 33.97 3.22
N ILE G 68 94.94 34.25 3.36
CA ILE G 68 96.01 33.35 2.97
C ILE G 68 96.78 33.04 4.25
N ARG G 69 96.63 31.82 4.76
CA ARG G 69 97.21 31.45 6.05
C ARG G 69 98.42 30.54 5.85
N VAL G 70 99.58 31.00 6.31
CA VAL G 70 100.82 30.21 6.30
C VAL G 70 101.07 29.71 7.71
N GLU G 71 101.13 28.40 7.88
CA GLU G 71 101.40 27.77 9.16
C GLU G 71 102.68 26.96 9.07
N VAL G 72 103.63 27.24 9.96
CA VAL G 72 104.89 26.52 10.01
C VAL G 72 104.99 25.76 11.33
N PRO G 73 104.81 24.44 11.33
CA PRO G 73 105.03 23.66 12.56
C PRO G 73 106.52 23.56 12.85
N VAL G 74 106.90 23.96 14.06
CA VAL G 74 108.27 23.84 14.54
C VAL G 74 108.35 22.61 15.42
N MET G 75 109.24 21.69 15.08
CA MET G 75 109.29 20.40 15.75
C MET G 75 110.15 20.45 17.00
N GLU G 76 109.79 19.63 17.98
CA GLU G 76 110.69 19.39 19.10
C GLU G 76 111.96 18.70 18.62
N ALA G 77 113.06 18.95 19.32
CA ALA G 77 114.33 18.35 18.97
C ALA G 77 114.43 16.99 19.66
N VAL G 78 114.45 15.93 18.88
CA VAL G 78 114.60 14.59 19.43
C VAL G 78 116.06 14.40 19.83
N SER G 79 116.29 14.10 21.11
CA SER G 79 117.63 13.88 21.63
C SER G 79 117.57 12.71 22.60
N GLY G 80 118.53 11.80 22.49
CA GLY G 80 118.58 10.62 23.35
C GLY G 80 117.29 9.81 23.32
N GLN G 81 117.07 9.11 24.42
CA GLN G 81 115.92 8.23 24.58
C GLN G 81 114.99 8.78 25.63
N ASN G 82 113.74 8.33 25.57
CA ASN G 82 112.75 8.68 26.58
C ASN G 82 112.85 7.73 27.76
N ALA G 83 111.96 7.92 28.74
CA ALA G 83 111.98 7.12 29.95
C ALA G 83 111.69 5.64 29.69
N PHE G 84 111.27 5.27 28.48
CA PHE G 84 110.98 3.89 28.16
C PHE G 84 112.10 3.21 27.40
N GLY G 85 113.16 3.93 27.05
CA GLY G 85 114.29 3.35 26.34
C GLY G 85 114.20 3.40 24.84
N TYR G 86 113.25 4.15 24.29
CA TYR G 86 113.08 4.29 22.86
C TYR G 86 113.39 5.72 22.42
N THR G 87 113.79 5.87 21.16
CA THR G 87 113.91 7.20 20.57
C THR G 87 112.53 7.81 20.45
N ALA G 88 112.41 9.08 20.84
CA ALA G 88 111.10 9.73 20.90
C ALA G 88 110.51 9.89 19.50
N ALA G 89 109.19 9.78 19.43
CA ALA G 89 108.49 10.04 18.19
C ALA G 89 108.51 11.54 17.89
N PRO G 90 108.49 11.93 16.62
CA PRO G 90 108.44 13.37 16.30
C PRO G 90 107.19 14.01 16.88
N LYS G 91 107.38 15.20 17.45
CA LYS G 91 106.29 15.93 18.09
C LYS G 91 106.40 17.40 17.76
N VAL G 92 105.25 18.03 17.47
CA VAL G 92 105.22 19.45 17.15
C VAL G 92 105.36 20.25 18.44
N ALA G 93 106.36 21.14 18.47
CA ALA G 93 106.57 21.98 19.65
C ALA G 93 105.57 23.12 19.69
N PHE G 94 105.46 23.86 18.58
CA PHE G 94 104.48 24.91 18.43
C PHE G 94 104.32 25.18 16.95
N THR G 95 103.23 25.85 16.59
CA THR G 95 102.94 26.18 15.21
C THR G 95 102.82 27.70 15.08
N ASP G 96 103.69 28.29 14.26
CA ASP G 96 103.62 29.72 13.97
C ASP G 96 102.68 29.95 12.79
N SER G 97 101.88 31.01 12.89
CA SER G 97 100.85 31.32 11.90
C SER G 97 100.98 32.77 11.48
N GLY G 98 101.27 32.99 10.20
CA GLY G 98 101.24 34.32 9.62
C GLY G 98 100.34 34.33 8.41
N SER G 99 99.40 35.27 8.35
CA SER G 99 98.40 35.23 7.29
C SER G 99 98.11 36.62 6.77
N PHE G 100 97.67 36.69 5.51
CA PHE G 100 97.01 37.87 4.97
C PHE G 100 95.52 37.74 5.21
N VAL G 101 94.90 38.82 5.67
CA VAL G 101 93.45 38.85 5.89
C VAL G 101 92.90 40.10 5.24
N GLY G 102 92.05 39.93 4.24
CA GLY G 102 91.42 41.02 3.54
C GLY G 102 89.93 41.06 3.76
N TYR G 103 89.39 42.26 3.98
CA TYR G 103 87.95 42.49 4.00
C TYR G 103 87.65 43.48 2.89
N PHE G 104 86.89 43.03 1.90
CA PHE G 104 86.61 43.84 0.72
C PHE G 104 85.12 43.90 0.48
N SER G 105 84.64 45.11 0.14
CA SER G 105 83.25 45.27 -0.27
C SER G 105 83.03 44.67 -1.66
N GLU G 106 81.80 44.21 -1.90
CA GLU G 106 81.44 43.74 -3.24
C GLU G 106 81.61 44.85 -4.28
N ARG G 107 81.62 46.11 -3.85
CA ARG G 107 81.76 47.26 -4.75
C ARG G 107 83.20 47.54 -5.17
N SER G 108 84.19 46.99 -4.48
CA SER G 108 85.58 47.25 -4.86
C SER G 108 85.93 46.49 -6.13
N ALA G 109 86.79 47.10 -6.93
CA ALA G 109 87.22 46.55 -8.20
C ALA G 109 88.57 45.86 -8.04
N GLN G 110 88.96 45.11 -9.07
CA GLN G 110 90.27 44.46 -9.08
C GLN G 110 91.37 45.46 -8.78
N SER G 111 91.28 46.66 -9.36
CA SER G 111 92.31 47.67 -9.16
C SER G 111 92.38 48.13 -7.71
N ASN G 112 91.22 48.34 -7.08
CA ASN G 112 91.21 48.78 -5.68
C ASN G 112 91.88 47.77 -4.78
N ARG G 113 91.55 46.49 -4.95
CA ARG G 113 92.08 45.45 -4.09
C ARG G 113 93.58 45.26 -4.33
N ARG G 114 94.00 45.24 -5.59
CA ARG G 114 95.42 45.13 -5.91
C ARG G 114 96.21 46.29 -5.32
N LEU G 115 95.61 47.48 -5.26
CA LEU G 115 96.31 48.64 -4.73
C LEU G 115 96.60 48.49 -3.24
N VAL G 116 95.61 48.05 -2.47
CA VAL G 116 95.81 47.84 -1.04
C VAL G 116 96.83 46.74 -0.81
N LYS G 117 96.72 45.64 -1.57
CA LYS G 117 97.60 44.49 -1.39
C LYS G 117 99.07 44.89 -1.35
N GLN G 118 99.50 45.67 -2.33
CA GLN G 118 100.93 45.96 -2.44
C GLN G 118 101.42 46.88 -1.34
N ILE G 119 100.57 47.76 -0.80
CA ILE G 119 100.97 48.58 0.34
C ILE G 119 101.43 47.69 1.48
N LEU G 120 100.58 46.74 1.87
CA LEU G 120 100.94 45.81 2.94
C LEU G 120 102.21 45.04 2.59
N THR G 121 102.29 44.52 1.37
CA THR G 121 103.46 43.75 0.97
C THR G 121 104.73 44.58 1.10
N ASN G 122 104.70 45.83 0.63
CA ASN G 122 105.88 46.67 0.74
C ASN G 122 106.19 46.99 2.20
N LEU G 123 105.16 47.17 3.02
CA LEU G 123 105.39 47.39 4.45
C LEU G 123 106.10 46.21 5.08
N LEU G 124 105.64 44.99 4.76
CA LEU G 124 106.25 43.80 5.35
C LEU G 124 107.69 43.60 4.86
N GLY G 125 108.01 44.07 3.66
CA GLY G 125 109.33 43.96 3.12
C GLY G 125 110.26 45.11 3.45
N ASN G 126 109.77 46.07 4.24
CA ASN G 126 110.53 47.28 4.59
C ASN G 126 111.00 48.02 3.34
N VAL G 127 110.10 48.16 2.37
CA VAL G 127 110.42 48.72 1.06
C VAL G 127 109.69 50.05 0.92
N SER G 128 110.46 51.12 0.73
CA SER G 128 109.91 52.45 0.55
C SER G 128 109.97 52.94 -0.89
N THR G 129 110.43 52.10 -1.82
CA THR G 129 110.51 52.46 -3.22
C THR G 129 109.35 51.84 -3.99
N SER G 130 109.32 52.10 -5.30
CA SER G 130 108.23 51.63 -6.15
C SER G 130 108.45 50.17 -6.52
N VAL G 131 107.40 49.36 -6.33
CA VAL G 131 107.41 47.95 -6.67
C VAL G 131 106.11 47.64 -7.40
N ALA G 132 106.21 46.92 -8.52
CA ALA G 132 105.04 46.60 -9.33
C ALA G 132 104.21 45.50 -8.67
N ALA G 133 102.91 45.73 -8.59
CA ALA G 133 102.01 44.77 -7.97
C ALA G 133 101.79 43.59 -8.90
N PRO G 134 101.94 42.35 -8.40
CA PRO G 134 101.73 41.18 -9.27
C PRO G 134 100.28 41.09 -9.74
N THR G 135 100.12 40.62 -10.98
CA THR G 135 98.80 40.41 -11.56
C THR G 135 98.51 38.94 -11.83
N THR G 136 99.42 38.04 -11.47
CA THR G 136 99.23 36.60 -11.60
C THR G 136 99.66 35.91 -10.32
N GLY G 137 99.41 34.62 -10.24
CA GLY G 137 99.69 33.85 -9.05
C GLY G 137 98.46 33.67 -8.19
N PHE G 138 98.50 32.64 -7.33
CA PHE G 138 97.31 32.31 -6.55
C PHE G 138 96.96 33.42 -5.56
N ALA G 139 97.97 34.14 -5.06
CA ALA G 139 97.71 35.25 -4.15
C ALA G 139 96.99 36.39 -4.86
N SER G 140 97.45 36.74 -6.07
CA SER G 140 96.76 37.80 -6.83
C SER G 140 95.36 37.37 -7.21
N GLU G 141 95.19 36.13 -7.65
CA GLU G 141 93.86 35.66 -8.04
C GLU G 141 92.90 35.76 -6.87
N LEU G 142 93.38 35.45 -5.66
CA LEU G 142 92.52 35.49 -4.49
C LEU G 142 92.27 36.92 -4.01
N ILE G 143 93.35 37.67 -3.75
CA ILE G 143 93.20 38.99 -3.15
C ILE G 143 92.66 40.00 -4.16
N ASP G 144 93.24 40.03 -5.36
CA ASP G 144 92.84 41.05 -6.33
C ASP G 144 91.47 40.73 -6.92
N SER G 145 91.18 39.46 -7.17
CA SER G 145 90.05 39.09 -8.00
C SER G 145 89.06 38.14 -7.34
N GLY G 146 89.23 37.81 -6.07
CA GLY G 146 88.28 36.93 -5.41
C GLY G 146 88.17 35.56 -6.03
N ILE G 147 89.29 34.99 -6.47
CA ILE G 147 89.32 33.70 -7.15
C ILE G 147 89.97 32.67 -6.22
N THR G 148 89.26 31.59 -5.97
CA THR G 148 89.83 30.44 -5.27
C THR G 148 90.20 29.37 -6.28
N ALA G 149 91.34 28.72 -6.04
CA ALA G 149 91.81 27.68 -6.94
C ALA G 149 90.77 26.56 -7.05
N SER G 150 90.85 25.82 -8.15
CA SER G 150 89.88 24.75 -8.42
C SER G 150 90.43 23.66 -9.34
N SER H 1 86.13 19.54 -19.05
CA SER H 1 86.26 18.90 -17.75
C SER H 1 86.56 19.94 -16.66
N SER H 2 87.82 20.37 -16.58
CA SER H 2 88.22 21.35 -15.57
C SER H 2 87.98 22.76 -16.10
N GLN H 3 87.94 23.71 -15.15
CA GLN H 3 87.57 25.08 -15.49
C GLN H 3 88.62 25.76 -16.35
N ALA H 4 88.16 26.49 -17.37
CA ALA H 4 89.02 27.27 -18.23
C ALA H 4 88.32 28.56 -18.61
N ASN H 5 89.06 29.46 -19.25
CA ASN H 5 88.48 30.73 -19.66
C ASN H 5 87.42 30.51 -20.73
N ILE H 6 86.28 31.18 -20.56
CA ILE H 6 85.19 31.18 -21.52
C ILE H 6 85.25 32.49 -22.30
N THR H 7 85.19 32.41 -23.63
CA THR H 7 85.12 33.58 -24.49
C THR H 7 83.78 33.57 -25.21
N VAL H 8 82.95 34.60 -24.95
CA VAL H 8 81.59 34.68 -25.47
C VAL H 8 81.34 36.10 -25.96
N PHE H 9 80.63 36.21 -27.07
CA PHE H 9 80.10 37.49 -27.52
C PHE H 9 78.69 37.70 -26.97
N ASP H 10 78.36 38.95 -26.65
CA ASP H 10 77.06 39.26 -26.08
C ASP H 10 76.07 39.59 -27.19
N GLY H 11 74.91 40.15 -26.83
CA GLY H 11 73.89 40.45 -27.80
C GLY H 11 73.65 41.93 -27.98
N ALA H 12 74.69 42.73 -27.80
CA ALA H 12 74.59 44.15 -28.10
C ALA H 12 74.37 44.35 -29.59
N ALA H 13 73.91 45.55 -29.96
CA ALA H 13 73.67 45.85 -31.37
C ALA H 13 74.91 45.61 -32.21
N THR H 14 76.08 45.98 -31.67
CA THR H 14 77.36 45.52 -32.17
C THR H 14 77.96 44.60 -31.12
N PRO H 15 77.90 43.27 -31.31
CA PRO H 15 78.28 42.36 -30.22
C PRO H 15 79.73 42.51 -29.79
N VAL H 16 79.94 42.35 -28.48
CA VAL H 16 81.22 42.57 -27.81
C VAL H 16 81.64 41.26 -27.16
N SER H 17 82.94 40.95 -27.24
CA SER H 17 83.45 39.73 -26.64
C SER H 17 83.73 39.94 -25.15
N HIS H 18 83.43 38.91 -24.36
CA HIS H 18 83.73 38.87 -22.93
C HIS H 18 84.59 37.66 -22.62
N VAL H 19 85.59 37.83 -21.77
CA VAL H 19 86.42 36.72 -21.31
C VAL H 19 86.08 36.47 -19.84
N LEU H 20 85.48 35.32 -19.56
CA LEU H 20 85.08 34.94 -18.22
C LEU H 20 86.10 33.96 -17.65
N VAL H 21 86.76 34.36 -16.57
CA VAL H 21 87.79 33.53 -15.95
C VAL H 21 87.17 32.68 -14.84
N PRO H 22 87.76 31.54 -14.50
CA PRO H 22 87.19 30.71 -13.43
C PRO H 22 87.28 31.38 -12.07
N LEU H 23 86.27 31.12 -11.24
CA LEU H 23 86.21 31.59 -9.86
C LEU H 23 86.26 30.47 -8.84
N GLY H 24 85.90 29.25 -9.22
CA GLY H 24 85.95 28.14 -8.30
C GLY H 24 84.80 27.17 -8.46
N VAL H 25 84.92 26.01 -7.81
CA VAL H 25 83.89 24.98 -7.83
C VAL H 25 83.70 24.50 -6.39
N GLY H 26 82.47 24.13 -6.06
CA GLY H 26 82.18 23.57 -4.76
C GLY H 26 80.81 22.93 -4.74
N ILE H 27 80.49 22.34 -3.59
CA ILE H 27 79.23 21.64 -3.40
C ILE H 27 78.45 22.36 -2.31
N ASP H 28 77.40 23.08 -2.71
CA ASP H 28 76.44 23.67 -1.79
C ASP H 28 75.33 22.66 -1.52
N GLU H 29 74.86 22.60 -0.27
CA GLU H 29 73.84 21.62 0.08
C GLU H 29 72.51 21.93 -0.61
N ASN H 30 72.17 23.21 -0.75
CA ASN H 30 70.95 23.61 -1.42
C ASN H 30 71.09 23.66 -2.94
N LEU H 31 72.15 24.29 -3.44
CA LEU H 31 72.27 24.48 -4.88
C LEU H 31 72.77 23.23 -5.60
N GLY H 32 73.57 22.41 -4.93
CA GLY H 32 74.18 21.25 -5.57
C GLY H 32 75.63 21.51 -5.94
N SER H 33 76.08 20.95 -7.06
CA SER H 33 77.43 21.22 -7.54
C SER H 33 77.44 22.53 -8.33
N VAL H 34 78.23 23.48 -7.87
CA VAL H 34 78.25 24.84 -8.41
C VAL H 34 79.64 25.13 -8.97
N ALA H 35 79.68 25.69 -10.18
CA ALA H 35 80.90 26.19 -10.79
C ALA H 35 80.67 27.62 -11.24
N LYS H 36 81.64 28.50 -10.97
CA LYS H 36 81.49 29.94 -11.19
C LYS H 36 82.55 30.47 -12.13
N TRP H 37 82.14 31.37 -13.01
CA TRP H 37 83.03 32.14 -13.87
C TRP H 37 82.66 33.61 -13.75
N ARG H 38 83.62 34.49 -14.05
CA ARG H 38 83.33 35.92 -14.02
C ARG H 38 84.34 36.66 -14.90
N GLU H 39 83.86 37.68 -15.61
CA GLU H 39 84.73 38.59 -16.33
C GLU H 39 85.50 39.47 -15.35
N ASN H 40 86.71 39.86 -15.74
CA ASN H 40 87.63 40.55 -14.83
C ASN H 40 88.06 41.88 -15.46
N LEU H 41 87.09 42.77 -15.69
CA LEU H 41 87.42 44.13 -16.07
C LEU H 41 88.12 44.83 -14.91
N ALA H 42 89.22 45.51 -15.23
CA ALA H 42 90.13 45.98 -14.20
C ALA H 42 89.49 47.02 -13.28
N THR H 43 88.71 47.95 -13.86
CA THR H 43 88.12 49.03 -13.09
C THR H 43 86.69 48.75 -12.62
N VAL H 44 86.03 47.75 -13.21
CA VAL H 44 84.61 47.51 -12.88
C VAL H 44 84.52 46.81 -11.53
N PRO H 45 83.62 47.24 -10.64
CA PRO H 45 83.42 46.51 -9.37
C PRO H 45 83.20 45.03 -9.63
N LEU H 46 83.71 44.20 -8.71
CA LEU H 46 83.66 42.76 -8.93
C LEU H 46 82.22 42.26 -9.04
N TYR H 47 81.31 42.80 -8.21
CA TYR H 47 79.93 42.36 -8.29
C TYR H 47 79.16 42.99 -9.44
N ALA H 48 79.81 43.85 -10.23
CA ALA H 48 79.19 44.45 -11.41
C ALA H 48 79.66 43.79 -12.71
N ASN H 49 80.53 42.79 -12.63
CA ASN H 49 81.07 42.13 -13.82
C ASN H 49 80.18 40.97 -14.25
N VAL H 50 80.15 40.73 -15.57
CA VAL H 50 79.39 39.61 -16.13
C VAL H 50 79.89 38.31 -15.51
N ARG H 51 78.95 37.47 -15.07
CA ARG H 51 79.30 36.21 -14.46
C ARG H 51 78.44 35.08 -15.04
N VAL H 52 78.98 33.87 -14.98
CA VAL H 52 78.30 32.66 -15.44
C VAL H 52 78.45 31.60 -14.37
N THR H 53 77.36 30.87 -14.11
CA THR H 53 77.33 29.89 -13.04
C THR H 53 76.56 28.66 -13.51
N THR H 54 77.02 27.47 -13.09
CA THR H 54 76.30 26.23 -13.35
C THR H 54 75.93 25.57 -12.04
N MET H 55 74.69 25.09 -11.96
CA MET H 55 74.21 24.30 -10.83
C MET H 55 73.79 22.92 -11.32
N GLN H 56 74.09 21.90 -10.53
CA GLN H 56 73.60 20.54 -10.78
C GLN H 56 73.15 19.94 -9.47
N LYS H 57 71.90 19.47 -9.42
CA LYS H 57 71.31 18.94 -8.20
C LYS H 57 70.35 17.82 -8.55
N LYS H 58 70.45 16.72 -7.82
CA LYS H 58 69.47 15.65 -7.90
C LYS H 58 68.37 15.95 -6.89
N LEU H 59 67.13 16.07 -7.36
CA LEU H 59 66.02 16.39 -6.49
C LEU H 59 65.53 15.15 -5.77
N LYS H 60 64.53 15.34 -4.89
CA LYS H 60 63.96 14.20 -4.18
C LYS H 60 63.23 13.25 -5.13
N SER H 61 62.65 13.79 -6.21
CA SER H 61 61.96 12.97 -7.20
C SER H 61 62.88 11.99 -7.91
N GLY H 62 64.19 12.21 -7.84
CA GLY H 62 65.13 11.54 -8.72
C GLY H 62 65.42 12.31 -9.99
N ILE H 63 64.62 13.34 -10.29
CA ILE H 63 64.87 14.19 -11.45
C ILE H 63 66.15 14.99 -11.21
N GLU H 64 67.05 14.96 -12.19
CA GLU H 64 68.24 15.80 -12.10
C GLU H 64 67.89 17.18 -12.66
N ARG H 65 68.27 18.22 -11.92
CA ARG H 65 68.08 19.59 -12.36
C ARG H 65 69.44 20.18 -12.75
N VAL H 66 69.44 20.95 -13.84
CA VAL H 66 70.65 21.48 -14.44
C VAL H 66 70.40 22.93 -14.82
N GLU H 67 71.34 23.82 -14.48
CA GLU H 67 71.18 25.24 -14.79
C GLU H 67 72.49 25.85 -15.22
N ILE H 68 72.43 26.70 -16.23
CA ILE H 68 73.52 27.57 -16.66
C ILE H 68 73.00 29.00 -16.56
N ARG H 69 73.46 29.75 -15.56
CA ARG H 69 72.90 31.07 -15.26
C ARG H 69 73.89 32.17 -15.66
N VAL H 70 73.47 33.02 -16.61
CA VAL H 70 74.23 34.18 -17.04
C VAL H 70 73.64 35.42 -16.38
N GLU H 71 74.47 36.16 -15.65
CA GLU H 71 74.05 37.36 -14.96
C GLU H 71 74.87 38.54 -15.46
N VAL H 72 74.20 39.61 -15.87
CA VAL H 72 74.85 40.84 -16.34
C VAL H 72 74.40 41.98 -15.44
N PRO H 73 75.26 42.42 -14.52
CA PRO H 73 74.88 43.56 -13.67
C PRO H 73 75.01 44.87 -14.42
N VAL H 74 74.12 45.80 -14.10
CA VAL H 74 74.12 47.14 -14.68
C VAL H 74 74.21 48.14 -13.54
N MET H 75 75.14 49.07 -13.66
CA MET H 75 75.37 50.06 -12.62
C MET H 75 74.56 51.32 -12.88
N GLU H 76 74.44 52.14 -11.85
CA GLU H 76 73.89 53.47 -12.01
C GLU H 76 74.89 54.36 -12.73
N ALA H 77 74.51 55.62 -12.92
CA ALA H 77 75.35 56.55 -13.65
C ALA H 77 76.38 57.20 -12.72
N VAL H 78 77.54 57.60 -13.31
CA VAL H 78 78.61 58.26 -12.57
C VAL H 78 78.39 59.76 -12.61
N SER H 79 78.73 60.43 -11.51
CA SER H 79 78.58 61.88 -11.43
C SER H 79 79.89 62.65 -11.57
N GLY H 80 81.04 61.98 -11.52
CA GLY H 80 82.28 62.70 -11.51
C GLY H 80 83.43 61.85 -11.00
N GLN H 81 84.56 62.52 -10.74
CA GLN H 81 85.78 61.88 -10.30
C GLN H 81 86.48 62.81 -9.32
N ASN H 82 86.83 62.30 -8.14
CA ASN H 82 87.46 63.14 -7.13
C ASN H 82 88.85 63.54 -7.57
N ALA H 83 89.22 64.79 -7.26
CA ALA H 83 90.50 65.31 -7.72
C ALA H 83 91.67 64.66 -7.01
N PHE H 84 91.50 64.19 -5.77
CA PHE H 84 92.68 63.80 -5.01
C PHE H 84 92.57 62.46 -4.30
N GLY H 85 91.37 62.05 -3.94
CA GLY H 85 91.15 60.76 -3.32
C GLY H 85 91.04 59.63 -4.32
N TYR H 86 90.42 58.54 -3.87
CA TYR H 86 90.01 57.45 -4.75
C TYR H 86 88.50 57.50 -4.93
N THR H 87 88.03 57.20 -6.14
CA THR H 87 86.63 57.37 -6.50
C THR H 87 86.00 56.02 -6.86
N ALA H 88 84.85 55.74 -6.25
CA ALA H 88 84.18 54.47 -6.44
C ALA H 88 83.24 54.53 -7.64
N ALA H 89 83.07 53.40 -8.26
CA ALA H 89 82.04 53.26 -9.26
C ALA H 89 80.67 53.11 -8.59
N PRO H 90 79.61 53.58 -9.24
CA PRO H 90 78.30 53.58 -8.60
C PRO H 90 77.79 52.18 -8.34
N LYS H 91 76.72 52.11 -7.53
CA LYS H 91 76.14 50.83 -7.14
C LYS H 91 75.42 50.18 -8.32
N VAL H 92 75.24 48.87 -8.22
CA VAL H 92 74.51 48.12 -9.23
C VAL H 92 73.03 48.49 -9.15
N ALA H 93 72.47 48.93 -10.27
CA ALA H 93 71.06 49.29 -10.29
C ALA H 93 70.16 48.07 -10.39
N PHE H 94 70.54 47.11 -11.23
CA PHE H 94 69.81 45.86 -11.36
C PHE H 94 70.74 44.84 -12.00
N THR H 95 70.31 43.58 -11.96
CA THR H 95 71.07 42.50 -12.58
C THR H 95 70.13 41.69 -13.46
N ASP H 96 70.48 41.57 -14.73
CA ASP H 96 69.71 40.77 -15.68
C ASP H 96 70.18 39.33 -15.63
N SER H 97 69.25 38.40 -15.51
CA SER H 97 69.56 36.98 -15.37
C SER H 97 68.85 36.21 -16.48
N GLY H 98 69.63 35.56 -17.33
CA GLY H 98 69.09 34.64 -18.32
C GLY H 98 69.78 33.30 -18.19
N SER H 99 69.00 32.22 -18.06
CA SER H 99 69.60 30.94 -17.76
C SER H 99 68.90 29.84 -18.56
N PHE H 100 69.65 28.76 -18.80
CA PHE H 100 69.08 27.50 -19.23
C PHE H 100 68.79 26.66 -17.99
N VAL H 101 67.62 26.02 -17.96
CA VAL H 101 67.25 25.14 -16.87
C VAL H 101 66.72 23.84 -17.46
N GLY H 102 67.33 22.73 -17.10
CA GLY H 102 66.93 21.42 -17.59
C GLY H 102 66.48 20.51 -16.47
N TYR H 103 65.37 19.81 -16.70
CA TYR H 103 64.86 18.79 -15.78
C TYR H 103 64.83 17.47 -16.54
N PHE H 104 65.64 16.51 -16.12
CA PHE H 104 65.80 15.25 -16.83
C PHE H 104 65.58 14.08 -15.89
N SER H 105 64.94 13.03 -16.39
CA SER H 105 64.82 11.78 -15.66
C SER H 105 66.13 11.00 -15.72
N GLU H 106 66.26 10.04 -14.80
CA GLU H 106 67.44 9.18 -14.82
C GLU H 106 67.51 8.35 -16.10
N ARG H 107 66.36 7.99 -16.68
CA ARG H 107 66.36 7.16 -17.87
C ARG H 107 66.90 7.90 -19.10
N SER H 108 66.78 9.23 -19.12
CA SER H 108 67.15 9.98 -20.32
C SER H 108 68.65 9.89 -20.56
N ALA H 109 69.02 9.63 -21.81
CA ALA H 109 70.41 9.40 -22.19
C ALA H 109 71.04 10.71 -22.67
N GLN H 110 72.34 10.64 -22.96
CA GLN H 110 73.02 11.75 -23.63
C GLN H 110 72.18 12.28 -24.78
N SER H 111 71.75 11.40 -25.69
CA SER H 111 71.07 11.84 -26.91
C SER H 111 69.74 12.50 -26.59
N ASN H 112 69.02 11.98 -25.59
CA ASN H 112 67.76 12.59 -25.18
C ASN H 112 67.95 14.02 -24.69
N ARG H 113 68.87 14.21 -23.73
CA ARG H 113 69.14 15.55 -23.21
C ARG H 113 69.65 16.48 -24.30
N ARG H 114 70.58 16.00 -25.14
CA ARG H 114 71.11 16.82 -26.21
C ARG H 114 70.04 17.22 -27.21
N LEU H 115 69.04 16.35 -27.42
CA LEU H 115 68.01 16.64 -28.41
C LEU H 115 67.16 17.83 -27.98
N VAL H 116 66.75 17.87 -26.71
CA VAL H 116 65.94 18.97 -26.23
C VAL H 116 66.77 20.25 -26.15
N LYS H 117 68.02 20.12 -25.69
CA LYS H 117 68.90 21.27 -25.60
C LYS H 117 68.89 22.09 -26.88
N GLN H 118 69.08 21.44 -28.02
CA GLN H 118 69.26 22.18 -29.26
C GLN H 118 67.96 22.81 -29.74
N ILE H 119 66.81 22.20 -29.42
CA ILE H 119 65.53 22.85 -29.74
C ILE H 119 65.49 24.24 -29.13
N LEU H 120 65.80 24.33 -27.83
CA LEU H 120 65.78 25.61 -27.16
C LEU H 120 66.83 26.56 -27.72
N THR H 121 68.04 26.05 -27.98
CA THR H 121 69.08 26.90 -28.54
C THR H 121 68.66 27.48 -29.89
N ASN H 122 68.05 26.66 -30.73
CA ASN H 122 67.60 27.14 -32.04
C ASN H 122 66.46 28.14 -31.89
N LEU H 123 65.55 27.88 -30.94
CA LEU H 123 64.48 28.83 -30.66
C LEU H 123 65.03 30.19 -30.24
N LEU H 124 66.03 30.19 -29.34
CA LEU H 124 66.60 31.45 -28.88
C LEU H 124 67.34 32.18 -29.99
N GLY H 125 67.85 31.45 -30.97
CA GLY H 125 68.54 32.05 -32.10
C GLY H 125 67.66 32.36 -33.28
N ASN H 126 66.35 32.11 -33.17
CA ASN H 126 65.40 32.30 -34.27
C ASN H 126 65.84 31.55 -35.52
N VAL H 127 66.22 30.29 -35.32
CA VAL H 127 66.80 29.45 -36.36
C VAL H 127 65.79 28.37 -36.72
N SER H 128 65.36 28.36 -37.97
CA SER H 128 64.46 27.34 -38.48
C SER H 128 65.17 26.27 -39.28
N THR H 129 66.48 26.40 -39.50
CA THR H 129 67.24 25.43 -40.28
C THR H 129 67.88 24.40 -39.36
N SER H 130 68.61 23.46 -39.96
CA SER H 130 69.25 22.39 -39.21
C SER H 130 70.61 22.85 -38.67
N VAL H 131 70.85 22.60 -37.38
CA VAL H 131 72.08 22.96 -36.72
C VAL H 131 72.56 21.76 -35.92
N ALA H 132 73.84 21.42 -36.07
CA ALA H 132 74.40 20.29 -35.36
C ALA H 132 74.52 20.62 -33.87
N ALA H 133 74.02 19.72 -33.03
CA ALA H 133 74.08 19.95 -31.59
C ALA H 133 75.50 19.71 -31.09
N PRO H 134 76.07 20.63 -30.32
CA PRO H 134 77.44 20.44 -29.82
C PRO H 134 77.54 19.21 -28.92
N THR H 135 78.67 18.53 -29.01
CA THR H 135 78.96 17.38 -28.16
C THR H 135 80.15 17.63 -27.24
N THR H 136 80.78 18.80 -27.34
CA THR H 136 81.87 19.21 -26.44
C THR H 136 81.55 20.59 -25.89
N GLY H 137 82.40 21.07 -24.99
CA GLY H 137 82.16 22.32 -24.32
C GLY H 137 81.48 22.14 -22.97
N PHE H 138 81.66 23.13 -22.10
CA PHE H 138 81.19 22.97 -20.73
C PHE H 138 79.67 22.86 -20.66
N ALA H 139 78.97 23.55 -21.56
CA ALA H 139 77.51 23.44 -21.59
C ALA H 139 77.07 22.04 -21.98
N SER H 140 77.75 21.44 -22.97
CA SER H 140 77.40 20.07 -23.35
C SER H 140 77.74 19.07 -22.24
N GLU H 141 78.90 19.22 -21.60
CA GLU H 141 79.24 18.34 -20.49
C GLU H 141 78.16 18.38 -19.41
N LEU H 142 77.63 19.58 -19.13
CA LEU H 142 76.64 19.72 -18.07
C LEU H 142 75.26 19.24 -18.51
N ILE H 143 74.76 19.75 -19.64
CA ILE H 143 73.40 19.48 -20.05
C ILE H 143 73.26 18.08 -20.63
N ASP H 144 74.18 17.69 -21.53
CA ASP H 144 74.04 16.38 -22.16
C ASP H 144 74.44 15.26 -21.20
N SER H 145 75.51 15.47 -20.42
CA SER H 145 76.12 14.37 -19.68
C SER H 145 76.06 14.53 -18.15
N GLY H 146 75.53 15.62 -17.64
CA GLY H 146 75.48 15.80 -16.19
C GLY H 146 76.84 15.89 -15.53
N ILE H 147 77.77 16.63 -16.13
CA ILE H 147 79.13 16.76 -15.63
C ILE H 147 79.41 18.23 -15.36
N THR H 148 79.75 18.54 -14.11
CA THR H 148 80.13 19.89 -13.70
C THR H 148 81.64 20.05 -13.78
N ALA H 149 82.08 21.29 -14.02
CA ALA H 149 83.52 21.57 -14.09
C ALA H 149 84.23 21.15 -12.81
N SER H 150 85.48 20.73 -12.97
CA SER H 150 86.26 20.18 -11.86
C SER H 150 87.42 21.09 -11.46
N SER I 1 97.97 16.73 -8.88
CA SER I 1 96.99 16.93 -7.83
C SER I 1 95.69 17.50 -8.40
N SER I 2 95.81 18.28 -9.47
CA SER I 2 94.63 18.72 -10.19
C SER I 2 94.00 17.55 -10.96
N GLN I 3 92.67 17.51 -10.96
CA GLN I 3 91.93 16.35 -11.46
C GLN I 3 91.93 16.33 -12.99
N ALA I 4 92.30 15.19 -13.57
CA ALA I 4 92.43 15.06 -15.02
C ALA I 4 91.83 13.75 -15.49
N ASN I 5 91.70 13.62 -16.81
CA ASN I 5 91.20 12.38 -17.41
C ASN I 5 92.12 11.22 -17.07
N ILE I 6 91.51 10.07 -16.80
CA ILE I 6 92.24 8.84 -16.50
C ILE I 6 91.99 7.86 -17.64
N THR I 7 93.07 7.41 -18.28
CA THR I 7 93.00 6.35 -19.28
C THR I 7 93.53 5.07 -18.63
N VAL I 8 92.70 4.03 -18.60
CA VAL I 8 93.04 2.78 -17.90
C VAL I 8 92.45 1.61 -18.66
N PHE I 9 93.24 0.55 -18.82
CA PHE I 9 92.75 -0.68 -19.42
C PHE I 9 92.22 -1.61 -18.34
N ASP I 10 91.19 -2.38 -18.70
CA ASP I 10 90.55 -3.28 -17.75
C ASP I 10 91.22 -4.66 -17.82
N GLY I 11 90.60 -5.66 -17.19
CA GLY I 11 91.16 -6.99 -17.16
C GLY I 11 90.35 -8.01 -17.94
N ALA I 12 89.75 -7.58 -19.03
CA ALA I 12 89.11 -8.53 -19.94
C ALA I 12 90.18 -9.40 -20.59
N ALA I 13 89.74 -10.51 -21.21
CA ALA I 13 90.68 -11.39 -21.90
C ALA I 13 91.48 -10.62 -22.94
N THR I 14 90.84 -9.72 -23.67
CA THR I 14 91.52 -8.68 -24.43
C THR I 14 91.23 -7.35 -23.75
N PRO I 15 92.16 -6.79 -22.99
CA PRO I 15 91.85 -5.60 -22.19
C PRO I 15 91.37 -4.43 -23.03
N VAL I 16 90.42 -3.68 -22.48
CA VAL I 16 89.74 -2.58 -23.14
C VAL I 16 90.07 -1.29 -22.40
N SER I 17 90.43 -0.25 -23.15
CA SER I 17 90.73 1.04 -22.53
C SER I 17 89.44 1.75 -22.16
N HIS I 18 89.45 2.38 -20.99
CA HIS I 18 88.36 3.22 -20.52
C HIS I 18 88.91 4.61 -20.24
N VAL I 19 88.17 5.64 -20.65
CA VAL I 19 88.55 7.03 -20.36
C VAL I 19 87.60 7.55 -19.29
N LEU I 20 88.15 7.84 -18.12
CA LEU I 20 87.38 8.27 -16.95
C LEU I 20 87.53 9.78 -16.81
N VAL I 21 86.41 10.49 -16.98
CA VAL I 21 86.37 11.95 -16.94
C VAL I 21 86.19 12.40 -15.50
N PRO I 22 86.76 13.54 -15.10
CA PRO I 22 86.53 14.02 -13.73
C PRO I 22 85.11 14.51 -13.51
N LEU I 23 84.58 14.21 -12.32
CA LEU I 23 83.27 14.68 -11.92
C LEU I 23 83.32 15.79 -10.87
N GLY I 24 84.44 15.97 -10.19
CA GLY I 24 84.59 16.96 -9.15
C GLY I 24 85.03 16.34 -7.84
N VAL I 25 85.31 17.22 -6.88
CA VAL I 25 85.76 16.81 -5.55
C VAL I 25 84.94 17.55 -4.51
N GLY I 26 84.95 17.01 -3.28
CA GLY I 26 84.19 17.62 -2.21
C GLY I 26 84.40 16.85 -0.92
N ILE I 27 83.69 17.31 0.12
CA ILE I 27 83.81 16.74 1.46
C ILE I 27 82.46 16.17 1.90
N ASP I 28 82.47 14.90 2.32
CA ASP I 28 81.31 14.22 2.85
C ASP I 28 81.52 13.97 4.34
N GLU I 29 80.45 14.05 5.12
CA GLU I 29 80.57 13.87 6.57
C GLU I 29 80.97 12.43 6.91
N ASN I 30 80.39 11.45 6.22
CA ASN I 30 80.72 10.06 6.50
C ASN I 30 82.06 9.66 5.90
N LEU I 31 82.35 10.11 4.68
CA LEU I 31 83.42 9.53 3.88
C LEU I 31 84.71 10.33 3.89
N GLY I 32 84.67 11.63 4.19
CA GLY I 32 85.87 12.45 4.16
C GLY I 32 85.98 13.23 2.87
N SER I 33 87.22 13.44 2.40
CA SER I 33 87.43 14.08 1.11
C SER I 33 87.22 13.06 0.00
N VAL I 34 86.32 13.37 -0.92
CA VAL I 34 85.92 12.45 -1.98
C VAL I 34 86.22 13.09 -3.32
N ALA I 35 86.83 12.31 -4.22
CA ALA I 35 87.05 12.72 -5.60
C ALA I 35 86.45 11.64 -6.51
N LYS I 36 85.76 12.08 -7.57
CA LYS I 36 85.02 11.17 -8.41
C LYS I 36 85.44 11.30 -9.87
N TRP I 37 85.62 10.15 -10.52
CA TRP I 37 85.77 10.07 -11.96
C TRP I 37 84.69 9.13 -12.51
N ARG I 38 84.46 9.24 -13.81
CA ARG I 38 83.41 8.45 -14.45
C ARG I 38 83.69 8.39 -15.94
N GLU I 39 83.39 7.24 -16.54
CA GLU I 39 83.40 7.14 -17.99
C GLU I 39 82.11 7.73 -18.54
N ASN I 40 82.15 8.22 -19.78
CA ASN I 40 80.97 8.86 -20.39
C ASN I 40 80.60 8.13 -21.67
N LEU I 41 80.19 6.86 -21.54
CA LEU I 41 79.73 6.07 -22.67
C LEU I 41 78.24 6.32 -22.91
N ALA I 42 77.89 6.50 -24.18
CA ALA I 42 76.50 6.52 -24.61
C ALA I 42 75.86 5.12 -24.65
N THR I 43 76.67 4.07 -24.49
CA THR I 43 76.14 2.71 -24.52
C THR I 43 75.24 2.43 -23.32
N VAL I 44 75.49 3.06 -22.18
CA VAL I 44 74.82 2.72 -20.93
C VAL I 44 74.25 3.99 -20.31
N PRO I 45 73.31 3.86 -19.37
CA PRO I 45 72.83 5.05 -18.65
C PRO I 45 73.96 5.79 -17.97
N LEU I 46 73.72 7.08 -17.70
CA LEU I 46 74.76 7.92 -17.13
C LEU I 46 75.23 7.40 -15.77
N TYR I 47 74.29 6.99 -14.91
CA TYR I 47 74.64 6.47 -13.59
C TYR I 47 75.31 5.11 -13.64
N ALA I 48 75.29 4.42 -14.78
CA ALA I 48 75.72 3.02 -14.88
C ALA I 48 77.10 2.88 -15.53
N ASN I 49 77.89 3.95 -15.54
CA ASN I 49 79.21 3.93 -16.17
C ASN I 49 80.27 3.42 -15.19
N VAL I 50 81.36 2.90 -15.74
CA VAL I 50 82.54 2.57 -14.94
C VAL I 50 83.00 3.84 -14.22
N ARG I 51 83.28 3.72 -12.93
CA ARG I 51 83.64 4.89 -12.14
C ARG I 51 84.77 4.57 -11.17
N VAL I 52 85.49 5.62 -10.77
CA VAL I 52 86.55 5.53 -9.78
C VAL I 52 86.33 6.64 -8.76
N THR I 53 86.51 6.31 -7.48
CA THR I 53 86.29 7.25 -6.39
C THR I 53 87.42 7.09 -5.37
N THR I 54 87.86 8.22 -4.79
CA THR I 54 88.86 8.21 -3.73
C THR I 54 88.27 8.86 -2.48
N MET I 55 88.36 8.14 -1.36
CA MET I 55 87.98 8.68 -0.05
C MET I 55 89.22 8.82 0.82
N GLN I 56 89.23 9.86 1.65
CA GLN I 56 90.32 10.10 2.60
C GLN I 56 89.71 10.69 3.86
N LYS I 57 89.83 9.96 4.97
CA LYS I 57 89.21 10.36 6.23
C LYS I 57 90.13 10.02 7.39
N LYS I 58 90.24 10.94 8.34
CA LYS I 58 90.88 10.66 9.61
C LYS I 58 89.84 10.07 10.56
N LEU I 59 90.09 8.85 11.04
CA LEU I 59 89.13 8.16 11.89
C LEU I 59 89.20 8.70 13.31
N LYS I 60 88.24 8.25 14.14
CA LYS I 60 88.21 8.67 15.53
C LYS I 60 89.49 8.26 16.25
N SER I 61 90.02 7.09 15.94
CA SER I 61 91.25 6.61 16.56
C SER I 61 92.48 7.45 16.19
N GLY I 62 92.37 8.34 15.20
CA GLY I 62 93.51 9.07 14.70
C GLY I 62 94.18 8.43 13.50
N ILE I 63 93.80 7.19 13.16
CA ILE I 63 94.34 6.52 11.99
C ILE I 63 93.73 7.11 10.73
N GLU I 64 94.58 7.46 9.77
CA GLU I 64 94.08 7.94 8.49
C GLU I 64 93.72 6.76 7.59
N ARG I 65 92.55 6.82 6.96
CA ARG I 65 92.07 5.78 6.06
C ARG I 65 91.92 6.35 4.66
N VAL I 66 92.48 5.66 3.67
CA VAL I 66 92.38 6.05 2.27
C VAL I 66 91.77 4.90 1.48
N GLU I 67 91.01 5.25 0.45
CA GLU I 67 90.39 4.23 -0.41
C GLU I 67 90.39 4.71 -1.85
N ILE I 68 90.63 3.78 -2.76
CA ILE I 68 90.42 3.97 -4.19
C ILE I 68 89.44 2.89 -4.61
N ARG I 69 88.21 3.27 -4.93
CA ARG I 69 87.12 2.33 -5.19
C ARG I 69 86.80 2.35 -6.68
N VAL I 70 86.94 1.19 -7.34
CA VAL I 70 86.58 1.01 -8.74
C VAL I 70 85.28 0.22 -8.79
N GLU I 71 84.28 0.76 -9.48
CA GLU I 71 82.97 0.14 -9.61
C GLU I 71 82.66 -0.04 -11.09
N VAL I 72 82.28 -1.26 -11.48
CA VAL I 72 81.94 -1.60 -12.84
C VAL I 72 80.51 -2.15 -12.86
N PRO I 73 79.53 -1.34 -13.24
CA PRO I 73 78.17 -1.86 -13.39
C PRO I 73 78.04 -2.75 -14.61
N VAL I 74 77.25 -3.81 -14.47
CA VAL I 74 76.94 -4.74 -15.55
C VAL I 74 75.44 -4.70 -15.78
N MET I 75 75.04 -4.50 -17.04
CA MET I 75 73.64 -4.29 -17.35
C MET I 75 72.92 -5.61 -17.58
N GLU I 76 71.62 -5.61 -17.29
CA GLU I 76 70.76 -6.70 -17.74
C GLU I 76 70.63 -6.69 -19.25
N ALA I 77 70.28 -7.84 -19.81
CA ALA I 77 70.09 -7.97 -21.25
C ALA I 77 68.61 -7.74 -21.55
N VAL I 78 68.31 -6.68 -22.28
CA VAL I 78 66.93 -6.40 -22.68
C VAL I 78 66.59 -7.31 -23.85
N SER I 79 65.51 -8.08 -23.70
CA SER I 79 65.06 -9.00 -24.73
C SER I 79 63.54 -8.95 -24.81
N GLY I 80 63.01 -8.95 -26.03
CA GLY I 80 61.57 -9.02 -26.22
C GLY I 80 60.84 -7.86 -25.56
N GLN I 81 59.76 -8.18 -24.85
CA GLN I 81 58.94 -7.19 -24.19
C GLN I 81 58.47 -7.71 -22.83
N ASN I 82 58.11 -6.78 -21.95
CA ASN I 82 57.62 -7.12 -20.64
C ASN I 82 56.12 -7.42 -20.70
N ALA I 83 55.55 -7.70 -19.53
CA ALA I 83 54.14 -8.06 -19.44
C ALA I 83 53.21 -6.93 -19.83
N PHE I 84 53.71 -5.70 -19.94
CA PHE I 84 52.87 -4.58 -20.33
C PHE I 84 52.90 -4.31 -21.82
N GLY I 85 53.74 -5.01 -22.58
CA GLY I 85 53.81 -4.83 -24.01
C GLY I 85 54.82 -3.83 -24.50
N TYR I 86 55.77 -3.44 -23.65
CA TYR I 86 56.79 -2.45 -23.99
C TYR I 86 58.18 -3.07 -23.87
N THR I 87 59.13 -2.51 -24.62
CA THR I 87 60.53 -2.84 -24.42
C THR I 87 60.97 -2.35 -23.04
N ALA I 88 61.70 -3.20 -22.32
CA ALA I 88 62.09 -2.86 -20.95
C ALA I 88 63.15 -1.76 -20.95
N ALA I 89 63.15 -0.97 -19.87
CA ALA I 89 64.15 0.06 -19.67
C ALA I 89 65.46 -0.56 -19.23
N PRO I 90 66.59 0.11 -19.48
CA PRO I 90 67.87 -0.38 -18.98
C PRO I 90 67.83 -0.58 -17.48
N LYS I 91 68.45 -1.66 -17.02
CA LYS I 91 68.51 -1.98 -15.59
C LYS I 91 69.87 -2.58 -15.27
N VAL I 92 70.46 -2.14 -14.18
CA VAL I 92 71.74 -2.66 -13.73
C VAL I 92 71.53 -4.03 -13.09
N ALA I 93 72.22 -5.04 -13.60
CA ALA I 93 72.13 -6.38 -13.02
C ALA I 93 72.87 -6.44 -11.70
N PHE I 94 74.13 -6.00 -11.68
CA PHE I 94 74.94 -5.96 -10.47
C PHE I 94 76.11 -5.02 -10.73
N THR I 95 76.77 -4.60 -9.65
CA THR I 95 77.93 -3.74 -9.74
C THR I 95 79.10 -4.42 -9.03
N ASP I 96 80.14 -4.76 -9.78
CA ASP I 96 81.35 -5.28 -9.17
C ASP I 96 82.18 -4.12 -8.62
N SER I 97 82.78 -4.35 -7.46
CA SER I 97 83.55 -3.34 -6.74
C SER I 97 84.89 -3.91 -6.31
N GLY I 98 85.97 -3.26 -6.73
CA GLY I 98 87.30 -3.60 -6.27
C GLY I 98 88.01 -2.33 -5.84
N SER I 99 88.56 -2.32 -4.63
CA SER I 99 89.11 -1.12 -4.05
C SER I 99 90.43 -1.42 -3.34
N PHE I 100 91.28 -0.40 -3.27
CA PHE I 100 92.43 -0.39 -2.38
C PHE I 100 92.01 0.35 -1.11
N VAL I 101 92.38 -0.19 0.04
CA VAL I 101 92.05 0.43 1.33
C VAL I 101 93.32 0.46 2.17
N GLY I 102 93.73 1.66 2.56
CA GLY I 102 94.92 1.83 3.39
C GLY I 102 94.56 2.39 4.76
N TYR I 103 95.20 1.83 5.78
CA TYR I 103 95.11 2.35 7.15
C TYR I 103 96.52 2.69 7.61
N PHE I 104 96.74 3.96 7.95
CA PHE I 104 98.07 4.44 8.29
C PHE I 104 98.02 5.26 9.58
N SER I 105 99.05 5.09 10.41
CA SER I 105 99.22 5.94 11.58
C SER I 105 99.66 7.34 11.17
N GLU I 106 99.43 8.31 12.05
CA GLU I 106 99.92 9.65 11.80
C GLU I 106 101.44 9.66 11.64
N ARG I 107 102.14 8.75 12.31
CA ARG I 107 103.60 8.70 12.26
C ARG I 107 104.13 8.13 10.95
N SER I 108 103.32 7.40 10.20
CA SER I 108 103.79 6.82 8.95
C SER I 108 104.14 7.91 7.96
N ALA I 109 105.22 7.70 7.22
CA ALA I 109 105.76 8.67 6.29
C ALA I 109 105.41 8.30 4.86
N GLN I 110 105.69 9.24 3.95
CA GLN I 110 105.47 8.98 2.53
C GLN I 110 106.17 7.70 2.11
N SER I 111 107.41 7.50 2.58
CA SER I 111 108.14 6.29 2.20
C SER I 111 107.50 5.04 2.78
N ASN I 112 106.99 5.12 4.02
CA ASN I 112 106.34 3.96 4.63
C ASN I 112 105.10 3.54 3.86
N ARG I 113 104.24 4.51 3.54
CA ARG I 113 102.99 4.21 2.85
C ARG I 113 103.26 3.71 1.44
N ARG I 114 104.20 4.34 0.73
CA ARG I 114 104.55 3.89 -0.61
C ARG I 114 105.10 2.46 -0.58
N LEU I 115 105.84 2.12 0.48
CA LEU I 115 106.44 0.79 0.57
C LEU I 115 105.36 -0.29 0.61
N VAL I 116 104.35 -0.09 1.46
CA VAL I 116 103.26 -1.06 1.56
C VAL I 116 102.46 -1.11 0.27
N LYS I 117 102.20 0.06 -0.33
CA LYS I 117 101.41 0.12 -1.55
C LYS I 117 101.93 -0.86 -2.59
N GLN I 118 103.23 -0.79 -2.90
CA GLN I 118 103.76 -1.57 -4.01
C GLN I 118 103.76 -3.06 -3.73
N ILE I 119 103.86 -3.47 -2.47
CA ILE I 119 103.71 -4.89 -2.14
C ILE I 119 102.38 -5.40 -2.64
N LEU I 120 101.30 -4.67 -2.34
CA LEU I 120 99.98 -5.08 -2.77
C LEU I 120 99.86 -5.07 -4.29
N THR I 121 100.33 -3.99 -4.92
CA THR I 121 100.25 -3.89 -6.38
C THR I 121 100.96 -5.06 -7.05
N ASN I 122 102.15 -5.41 -6.56
CA ASN I 122 102.88 -6.53 -7.14
C ASN I 122 102.15 -7.85 -6.91
N LEU I 123 101.60 -8.04 -5.71
CA LEU I 123 100.82 -9.23 -5.43
C LEU I 123 99.64 -9.35 -6.39
N LEU I 124 98.94 -8.23 -6.63
CA LEU I 124 97.78 -8.25 -7.52
C LEU I 124 98.18 -8.53 -8.96
N GLY I 125 99.40 -8.16 -9.34
CA GLY I 125 99.88 -8.37 -10.68
C GLY I 125 100.67 -9.64 -10.86
N ASN I 126 100.77 -10.47 -9.82
CA ASN I 126 101.52 -11.73 -9.86
C ASN I 126 102.98 -11.48 -10.23
N VAL I 127 103.55 -10.39 -9.70
CA VAL I 127 104.89 -9.94 -10.03
C VAL I 127 105.80 -10.26 -8.86
N SER I 128 106.77 -11.14 -9.10
CA SER I 128 107.75 -11.49 -8.09
C SER I 128 109.09 -10.78 -8.28
N THR I 129 109.20 -9.92 -9.30
CA THR I 129 110.43 -9.20 -9.56
C THR I 129 110.35 -7.79 -9.01
N SER I 130 111.41 -7.01 -9.23
CA SER I 130 111.51 -5.67 -8.69
C SER I 130 110.79 -4.67 -9.60
N VAL I 131 109.93 -3.86 -9.00
CA VAL I 131 109.16 -2.85 -9.71
C VAL I 131 109.22 -1.55 -8.92
N ALA I 132 109.52 -0.45 -9.61
CA ALA I 132 109.64 0.84 -8.95
C ALA I 132 108.25 1.36 -8.59
N ALA I 133 108.11 1.83 -7.37
CA ALA I 133 106.82 2.32 -6.92
C ALA I 133 106.57 3.71 -7.49
N PRO I 134 105.41 3.95 -8.09
CA PRO I 134 105.14 5.27 -8.67
C PRO I 134 105.17 6.35 -7.61
N THR I 135 105.77 7.49 -7.96
CA THR I 135 105.79 8.66 -7.10
C THR I 135 104.94 9.80 -7.64
N THR I 136 104.22 9.57 -8.74
CA THR I 136 103.29 10.55 -9.31
C THR I 136 101.99 9.85 -9.66
N GLY I 137 100.99 10.63 -10.02
CA GLY I 137 99.67 10.10 -10.29
C GLY I 137 98.73 10.24 -9.11
N PHE I 138 97.44 10.17 -9.40
CA PHE I 138 96.45 10.41 -8.36
C PHE I 138 96.48 9.33 -7.29
N ALA I 139 96.76 8.08 -7.67
CA ALA I 139 96.83 7.01 -6.69
C ALA I 139 98.01 7.22 -5.74
N SER I 140 99.19 7.55 -6.28
CA SER I 140 100.34 7.81 -5.43
C SER I 140 100.11 9.02 -4.54
N GLU I 141 99.47 10.07 -5.06
CA GLU I 141 99.23 11.25 -4.24
C GLU I 141 98.30 10.91 -3.08
N LEU I 142 97.33 10.03 -3.31
CA LEU I 142 96.39 9.69 -2.24
C LEU I 142 97.02 8.73 -1.23
N ILE I 143 97.59 7.63 -1.70
CA ILE I 143 98.08 6.59 -0.80
C ILE I 143 99.39 7.02 -0.14
N ASP I 144 100.34 7.50 -0.94
CA ASP I 144 101.65 7.85 -0.37
C ASP I 144 101.57 9.11 0.48
N SER I 145 100.86 10.14 -0.01
CA SER I 145 100.97 11.47 0.57
C SER I 145 99.66 12.01 1.16
N GLY I 146 98.57 11.26 1.10
CA GLY I 146 97.32 11.74 1.68
C GLY I 146 96.69 12.90 0.94
N ILE I 147 96.91 13.01 -0.37
CA ILE I 147 96.44 14.12 -1.18
C ILE I 147 95.19 13.69 -1.94
N THR I 148 94.17 14.55 -1.95
CA THR I 148 92.98 14.37 -2.76
C THR I 148 93.03 15.34 -3.94
N ALA I 149 92.44 14.92 -5.06
CA ALA I 149 92.48 15.73 -6.26
C ALA I 149 91.66 17.02 -6.07
N SER I 150 91.80 17.94 -7.02
CA SER I 150 91.12 19.23 -6.95
C SER I 150 90.71 19.76 -8.35
N SER J 1 123.47 -44.15 37.90
CA SER J 1 122.08 -43.90 38.29
C SER J 1 121.96 -42.93 39.47
N SER J 2 123.09 -42.44 39.98
CA SER J 2 123.09 -41.34 40.93
C SER J 2 123.52 -40.06 40.22
N GLN J 3 123.25 -38.92 40.86
CA GLN J 3 123.44 -37.64 40.20
C GLN J 3 124.93 -37.36 39.97
N ALA J 4 125.23 -36.83 38.79
CA ALA J 4 126.58 -36.41 38.43
C ALA J 4 126.50 -35.19 37.54
N ASN J 5 127.66 -34.59 37.27
CA ASN J 5 127.71 -33.42 36.41
C ASN J 5 127.22 -33.76 35.01
N ILE J 6 126.67 -32.74 34.33
CA ILE J 6 126.20 -32.85 32.96
C ILE J 6 126.89 -31.77 32.15
N THR J 7 127.53 -32.16 31.05
CA THR J 7 128.15 -31.23 30.11
C THR J 7 127.39 -31.26 28.81
N VAL J 8 126.81 -30.12 28.42
CA VAL J 8 125.97 -30.02 27.23
C VAL J 8 126.29 -28.71 26.51
N PHE J 9 126.38 -28.79 25.19
CA PHE J 9 126.48 -27.60 24.35
C PHE J 9 125.07 -27.14 23.97
N ASP J 10 124.88 -25.82 23.90
CA ASP J 10 123.58 -25.27 23.58
C ASP J 10 123.43 -25.11 22.07
N GLY J 11 122.42 -24.38 21.63
CA GLY J 11 122.14 -24.21 20.22
C GLY J 11 122.37 -22.80 19.72
N ALA J 12 123.31 -22.09 20.32
CA ALA J 12 123.71 -20.79 19.81
C ALA J 12 124.34 -20.95 18.43
N ALA J 13 124.47 -19.82 17.72
CA ALA J 13 125.09 -19.85 16.40
C ALA J 13 126.48 -20.46 16.47
N THR J 14 127.29 -20.01 17.43
CA THR J 14 128.47 -20.75 17.86
C THR J 14 128.14 -21.39 19.21
N PRO J 15 127.89 -22.70 19.25
CA PRO J 15 127.37 -23.32 20.48
C PRO J 15 128.36 -23.23 21.64
N VAL J 16 127.79 -23.07 22.83
CA VAL J 16 128.51 -22.83 24.07
C VAL J 16 128.28 -24.01 25.01
N SER J 17 129.36 -24.51 25.64
CA SER J 17 129.23 -25.60 26.59
C SER J 17 128.73 -25.09 27.93
N HIS J 18 127.92 -25.91 28.59
CA HIS J 18 127.42 -25.63 29.93
C HIS J 18 127.66 -26.84 30.81
N VAL J 19 128.11 -26.59 32.04
CA VAL J 19 128.29 -27.65 33.02
C VAL J 19 127.21 -27.48 34.08
N LEU J 20 126.31 -28.46 34.15
CA LEU J 20 125.21 -28.46 35.10
C LEU J 20 125.59 -29.36 36.28
N VAL J 21 125.63 -28.77 37.48
CA VAL J 21 126.01 -29.47 38.71
C VAL J 21 124.73 -30.04 39.33
N PRO J 22 124.79 -31.19 40.00
CA PRO J 22 123.60 -31.67 40.71
C PRO J 22 123.15 -30.67 41.77
N LEU J 23 121.84 -30.48 41.87
CA LEU J 23 121.26 -29.50 42.76
C LEU J 23 120.42 -30.10 43.87
N GLY J 24 119.85 -31.27 43.66
CA GLY J 24 119.09 -31.93 44.70
C GLY J 24 118.10 -32.92 44.13
N VAL J 25 117.56 -33.74 45.02
CA VAL J 25 116.51 -34.70 44.69
C VAL J 25 115.41 -34.56 45.73
N GLY J 26 114.17 -34.79 45.31
CA GLY J 26 113.06 -34.72 46.23
C GLY J 26 111.82 -35.39 45.68
N ILE J 27 110.78 -35.41 46.51
CA ILE J 27 109.45 -35.86 46.11
C ILE J 27 108.50 -34.68 46.23
N ASP J 28 107.65 -34.51 45.22
CA ASP J 28 106.68 -33.43 45.18
C ASP J 28 105.27 -34.00 45.18
N GLU J 29 104.36 -33.28 45.84
CA GLU J 29 102.97 -33.70 45.88
C GLU J 29 102.38 -33.82 44.48
N ASN J 30 102.62 -32.81 43.63
CA ASN J 30 102.00 -32.72 42.31
C ASN J 30 102.92 -33.10 41.17
N LEU J 31 104.24 -33.14 41.38
CA LEU J 31 105.18 -33.38 40.30
C LEU J 31 105.75 -34.80 40.30
N GLY J 32 105.85 -35.44 41.47
CA GLY J 32 106.39 -36.79 41.55
C GLY J 32 107.85 -36.81 41.96
N SER J 33 108.62 -37.78 41.46
CA SER J 33 110.04 -37.83 41.75
C SER J 33 110.76 -36.77 40.92
N VAL J 34 111.49 -35.87 41.60
CA VAL J 34 112.13 -34.73 40.96
C VAL J 34 113.64 -34.81 41.20
N ALA J 35 114.42 -34.53 40.16
CA ALA J 35 115.86 -34.36 40.25
C ALA J 35 116.25 -33.08 39.54
N LYS J 36 117.16 -32.32 40.14
CA LYS J 36 117.48 -30.97 39.67
C LYS J 36 118.98 -30.85 39.41
N TRP J 37 119.31 -30.20 38.30
CA TRP J 37 120.67 -29.78 37.97
C TRP J 37 120.66 -28.28 37.71
N ARG J 38 121.85 -27.69 37.66
CA ARG J 38 121.96 -26.24 37.51
C ARG J 38 123.40 -25.87 37.22
N GLU J 39 123.56 -24.88 36.35
CA GLU J 39 124.87 -24.29 36.09
C GLU J 39 125.32 -23.45 37.29
N ASN J 40 126.61 -23.12 37.32
CA ASN J 40 127.18 -22.36 38.42
C ASN J 40 127.98 -21.18 37.93
N LEU J 41 127.47 -20.51 36.89
CA LEU J 41 128.21 -19.39 36.33
C LEU J 41 128.27 -18.25 37.33
N ALA J 42 129.43 -17.59 37.39
CA ALA J 42 129.57 -16.34 38.14
C ALA J 42 128.94 -15.16 37.44
N THR J 43 128.41 -15.35 36.22
CA THR J 43 127.93 -14.20 35.45
C THR J 43 126.58 -13.71 35.97
N VAL J 44 125.74 -14.63 36.42
CA VAL J 44 124.37 -14.35 36.83
C VAL J 44 124.24 -14.77 38.29
N PRO J 45 123.19 -14.33 38.98
CA PRO J 45 122.93 -14.84 40.33
C PRO J 45 122.51 -16.30 40.28
N LEU J 46 122.44 -16.92 41.45
CA LEU J 46 122.23 -18.37 41.52
C LEU J 46 120.92 -18.77 40.84
N TYR J 47 119.84 -18.05 41.12
CA TYR J 47 118.53 -18.44 40.58
C TYR J 47 118.45 -18.30 39.06
N ALA J 48 119.33 -17.52 38.45
CA ALA J 48 119.24 -17.20 37.03
C ALA J 48 120.06 -18.13 36.13
N ASN J 49 120.59 -19.22 36.68
CA ASN J 49 121.41 -20.14 35.91
C ASN J 49 120.56 -21.08 35.06
N VAL J 50 121.14 -21.54 33.96
CA VAL J 50 120.53 -22.60 33.16
C VAL J 50 120.31 -23.82 34.04
N ARG J 51 119.11 -24.40 33.98
CA ARG J 51 118.77 -25.52 34.83
C ARG J 51 118.14 -26.64 34.04
N VAL J 52 118.28 -27.85 34.56
CA VAL J 52 117.68 -29.05 34.00
C VAL J 52 116.99 -29.79 35.14
N THR J 53 115.78 -30.29 34.87
CA THR J 53 114.98 -30.95 35.89
C THR J 53 114.25 -32.13 35.26
N THR J 54 114.21 -33.24 35.98
CA THR J 54 113.44 -34.42 35.57
C THR J 54 112.29 -34.65 36.54
N MET J 55 111.16 -35.08 35.99
CA MET J 55 109.97 -35.42 36.76
C MET J 55 109.47 -36.80 36.35
N GLN J 56 109.09 -37.60 37.34
CA GLN J 56 108.51 -38.92 37.13
C GLN J 56 107.28 -39.04 38.03
N LYS J 57 106.11 -39.15 37.42
CA LYS J 57 104.85 -39.15 38.15
C LYS J 57 103.96 -40.26 37.62
N LYS J 58 103.49 -41.12 38.53
CA LYS J 58 102.55 -42.17 38.16
C LYS J 58 101.15 -41.59 38.08
N LEU J 59 100.47 -41.84 36.97
CA LEU J 59 99.10 -41.39 36.79
C LEU J 59 98.14 -42.55 36.96
N LYS J 60 96.86 -42.27 36.74
CA LYS J 60 95.83 -43.29 36.79
C LYS J 60 95.90 -44.16 35.54
N SER J 61 95.33 -45.37 35.66
CA SER J 61 95.28 -46.34 34.56
C SER J 61 96.67 -46.80 34.15
N GLY J 62 97.60 -46.84 35.10
CA GLY J 62 98.91 -47.45 34.85
C GLY J 62 99.71 -46.76 33.77
N ILE J 63 99.73 -45.43 33.77
CA ILE J 63 100.50 -44.64 32.83
C ILE J 63 101.39 -43.72 33.66
N GLU J 64 102.67 -43.66 33.33
CA GLU J 64 103.58 -42.75 34.01
C GLU J 64 103.96 -41.64 33.06
N ARG J 65 104.07 -40.44 33.61
CA ARG J 65 104.49 -39.26 32.86
C ARG J 65 105.94 -38.96 33.23
N VAL J 66 106.77 -38.71 32.21
CA VAL J 66 108.19 -38.52 32.38
C VAL J 66 108.57 -37.23 31.66
N GLU J 67 109.31 -36.36 32.35
CA GLU J 67 109.70 -35.09 31.75
C GLU J 67 111.18 -34.79 32.03
N ILE J 68 111.86 -34.26 31.02
CA ILE J 68 113.16 -33.63 31.17
C ILE J 68 112.99 -32.19 30.73
N ARG J 69 113.00 -31.26 31.69
CA ARG J 69 112.72 -29.85 31.42
C ARG J 69 113.99 -29.03 31.46
N VAL J 70 114.33 -28.40 30.33
CA VAL J 70 115.45 -27.49 30.21
C VAL J 70 114.91 -26.07 30.22
N GLU J 71 115.35 -25.26 31.20
CA GLU J 71 114.94 -23.88 31.30
C GLU J 71 116.16 -22.98 31.21
N VAL J 72 116.13 -22.04 30.27
CA VAL J 72 117.22 -21.09 30.08
C VAL J 72 116.73 -19.69 30.40
N PRO J 73 117.10 -19.11 31.54
CA PRO J 73 116.76 -17.71 31.80
C PRO J 73 117.62 -16.78 30.95
N VAL J 74 116.96 -15.90 30.21
CA VAL J 74 117.62 -14.89 29.40
C VAL J 74 117.57 -13.58 30.18
N MET J 75 118.73 -13.00 30.44
CA MET J 75 118.81 -11.83 31.31
C MET J 75 118.58 -10.55 30.54
N GLU J 76 118.02 -9.55 31.23
CA GLU J 76 118.00 -8.20 30.70
C GLU J 76 119.42 -7.67 30.58
N ALA J 77 119.64 -6.80 29.60
CA ALA J 77 120.94 -6.19 29.38
C ALA J 77 121.07 -4.97 30.28
N VAL J 78 121.97 -5.03 31.25
CA VAL J 78 122.22 -3.87 32.10
C VAL J 78 123.02 -2.85 31.33
N SER J 79 122.48 -1.64 31.20
CA SER J 79 123.13 -0.55 30.50
C SER J 79 122.91 0.73 31.28
N GLY J 80 123.97 1.51 31.46
CA GLY J 80 123.88 2.76 32.20
C GLY J 80 123.34 2.57 33.60
N GLN J 81 122.75 3.66 34.11
CA GLN J 81 122.19 3.70 35.45
C GLN J 81 120.67 3.82 35.39
N ASN J 82 120.04 3.45 36.49
CA ASN J 82 118.60 3.59 36.61
C ASN J 82 118.26 5.00 37.10
N ALA J 83 116.97 5.25 37.31
CA ALA J 83 116.51 6.57 37.72
C ALA J 83 117.02 6.98 39.10
N PHE J 84 117.63 6.07 39.85
CA PHE J 84 118.16 6.39 41.17
C PHE J 84 119.66 6.64 41.17
N GLY J 85 120.33 6.48 40.03
CA GLY J 85 121.76 6.73 39.94
C GLY J 85 122.63 5.53 40.22
N TYR J 86 122.07 4.34 40.28
CA TYR J 86 122.81 3.11 40.53
C TYR J 86 122.78 2.22 39.29
N THR J 87 123.79 1.37 39.15
CA THR J 87 123.77 0.33 38.14
C THR J 87 122.67 -0.68 38.50
N ALA J 88 121.87 -1.06 37.50
CA ALA J 88 120.71 -1.91 37.75
C ALA J 88 121.14 -3.29 38.22
N ALA J 89 120.32 -3.87 39.10
CA ALA J 89 120.54 -5.25 39.52
C ALA J 89 120.20 -6.19 38.37
N PRO J 90 120.83 -7.35 38.30
CA PRO J 90 120.48 -8.32 37.26
C PRO J 90 119.03 -8.74 37.38
N LYS J 91 118.35 -8.83 36.24
CA LYS J 91 116.94 -9.18 36.20
C LYS J 91 116.69 -10.11 35.03
N VAL J 92 115.86 -11.13 35.27
CA VAL J 92 115.51 -12.09 34.22
C VAL J 92 114.50 -11.44 33.28
N ALA J 93 114.82 -11.43 31.98
CA ALA J 93 113.92 -10.86 31.00
C ALA J 93 112.78 -11.84 30.68
N PHE J 94 113.14 -13.08 30.35
CA PHE J 94 112.18 -14.15 30.12
C PHE J 94 112.92 -15.46 30.27
N THR J 95 112.16 -16.53 30.45
CA THR J 95 112.72 -17.86 30.60
C THR J 95 112.16 -18.76 29.50
N ASP J 96 113.05 -19.29 28.66
CA ASP J 96 112.66 -20.24 27.63
C ASP J 96 112.69 -21.66 28.20
N SER J 97 111.69 -22.46 27.82
CA SER J 97 111.52 -23.80 28.36
C SER J 97 111.34 -24.78 27.20
N GLY J 98 112.26 -25.73 27.09
CA GLY J 98 112.12 -26.83 26.16
C GLY J 98 112.27 -28.14 26.90
N SER J 99 111.33 -29.05 26.72
CA SER J 99 111.34 -30.27 27.53
C SER J 99 110.96 -31.47 26.69
N PHE J 100 111.43 -32.64 27.13
CA PHE J 100 110.90 -33.92 26.66
C PHE J 100 109.78 -34.34 27.61
N VAL J 101 108.66 -34.80 27.04
CA VAL J 101 107.54 -35.27 27.84
C VAL J 101 107.12 -36.62 27.29
N GLY J 102 107.24 -37.66 28.12
CA GLY J 102 106.86 -39.00 27.74
C GLY J 102 105.69 -39.50 28.56
N TYR J 103 104.75 -40.16 27.89
CA TYR J 103 103.66 -40.89 28.56
C TYR J 103 103.81 -42.35 28.15
N PHE J 104 104.09 -43.21 29.11
CA PHE J 104 104.35 -44.61 28.84
C PHE J 104 103.46 -45.49 29.72
N SER J 105 102.90 -46.53 29.12
CA SER J 105 102.17 -47.53 29.89
C SER J 105 103.13 -48.37 30.72
N GLU J 106 102.62 -48.88 31.85
CA GLU J 106 103.40 -49.81 32.66
C GLU J 106 103.76 -51.06 31.88
N ARG J 107 103.04 -51.35 30.79
CA ARG J 107 103.27 -52.53 29.97
C ARG J 107 104.42 -52.36 28.98
N SER J 108 104.86 -51.13 28.70
CA SER J 108 105.93 -50.94 27.74
C SER J 108 107.26 -51.36 28.35
N ALA J 109 108.13 -51.90 27.50
CA ALA J 109 109.43 -52.38 27.90
C ALA J 109 110.50 -51.34 27.62
N GLN J 110 111.70 -51.57 28.15
CA GLN J 110 112.82 -50.69 27.90
C GLN J 110 113.01 -50.47 26.40
N SER J 111 112.89 -51.54 25.61
CA SER J 111 113.08 -51.45 24.17
C SER J 111 112.05 -50.55 23.52
N ASN J 112 110.77 -50.69 23.92
CA ASN J 112 109.71 -49.86 23.34
C ASN J 112 109.97 -48.38 23.59
N ARG J 113 110.33 -48.03 24.83
CA ARG J 113 110.53 -46.63 25.18
C ARG J 113 111.76 -46.06 24.49
N ARG J 114 112.85 -46.82 24.48
CA ARG J 114 114.06 -46.38 23.78
C ARG J 114 113.79 -46.17 22.29
N LEU J 115 112.91 -46.97 21.70
CA LEU J 115 112.62 -46.84 20.28
C LEU J 115 111.93 -45.52 19.97
N VAL J 116 110.92 -45.16 20.77
CA VAL J 116 110.24 -43.88 20.56
C VAL J 116 111.18 -42.72 20.79
N LYS J 117 111.99 -42.80 21.85
CA LYS J 117 112.90 -41.71 22.21
C LYS J 117 113.71 -41.25 21.01
N GLN J 118 114.36 -42.17 20.31
CA GLN J 118 115.29 -41.78 19.26
C GLN J 118 114.57 -41.18 18.05
N ILE J 119 113.34 -41.59 17.78
CA ILE J 119 112.58 -40.97 16.69
C ILE J 119 112.50 -39.47 16.92
N LEU J 120 112.02 -39.07 18.11
CA LEU J 120 111.93 -37.65 18.44
C LEU J 120 113.29 -36.98 18.36
N THR J 121 114.31 -37.61 18.94
CA THR J 121 115.65 -37.03 18.92
C THR J 121 116.12 -36.77 17.49
N ASN J 122 115.94 -37.76 16.61
CA ASN J 122 116.35 -37.58 15.23
C ASN J 122 115.53 -36.50 14.54
N LEU J 123 114.23 -36.42 14.86
CA LEU J 123 113.39 -35.36 14.30
C LEU J 123 113.91 -33.98 14.71
N LEU J 124 114.26 -33.82 15.99
CA LEU J 124 114.74 -32.53 16.48
C LEU J 124 116.09 -32.17 15.86
N GLY J 125 116.89 -33.18 15.51
CA GLY J 125 118.19 -32.94 14.91
C GLY J 125 118.17 -32.85 13.40
N ASN J 126 116.99 -32.95 12.79
CA ASN J 126 116.83 -32.95 11.33
C ASN J 126 117.68 -34.05 10.69
N VAL J 127 117.64 -35.23 11.28
CA VAL J 127 118.47 -36.36 10.88
C VAL J 127 117.57 -37.44 10.28
N SER J 128 117.82 -37.78 9.02
CA SER J 128 117.08 -38.81 8.32
C SER J 128 117.86 -40.10 8.16
N THR J 129 119.07 -40.18 8.71
CA THR J 129 119.88 -41.39 8.61
C THR J 129 119.81 -42.17 9.93
N SER J 130 120.52 -43.29 9.96
CA SER J 130 120.50 -44.17 11.12
C SER J 130 121.42 -43.63 12.22
N VAL J 131 120.89 -43.56 13.43
CA VAL J 131 121.63 -43.11 14.60
C VAL J 131 121.33 -44.08 15.74
N ALA J 132 122.37 -44.51 16.44
CA ALA J 132 122.21 -45.47 17.53
C ALA J 132 121.63 -44.80 18.76
N ALA J 133 120.62 -45.43 19.34
CA ALA J 133 119.98 -44.87 20.52
C ALA J 133 120.85 -45.08 21.75
N PRO J 134 121.09 -44.04 22.54
CA PRO J 134 121.92 -44.21 23.74
C PRO J 134 121.28 -45.15 24.74
N THR J 135 122.13 -45.92 25.43
CA THR J 135 121.68 -46.83 26.47
C THR J 135 122.20 -46.43 27.85
N THR J 136 122.92 -45.32 27.96
CA THR J 136 123.40 -44.80 29.24
C THR J 136 123.14 -43.30 29.29
N GLY J 137 123.40 -42.71 30.45
CA GLY J 137 123.11 -41.32 30.69
C GLY J 137 121.79 -41.12 31.41
N PHE J 138 121.66 -39.95 32.04
CA PHE J 138 120.48 -39.71 32.87
C PHE J 138 119.20 -39.67 32.02
N ALA J 139 119.30 -39.21 30.78
CA ALA J 139 118.13 -39.19 29.90
C ALA J 139 117.68 -40.60 29.56
N SER J 140 118.63 -41.49 29.21
CA SER J 140 118.26 -42.87 28.92
C SER J 140 117.70 -43.56 30.15
N GLU J 141 118.33 -43.36 31.31
CA GLU J 141 117.84 -44.00 32.53
C GLU J 141 116.42 -43.58 32.81
N LEU J 142 116.09 -42.32 32.56
CA LEU J 142 114.74 -41.83 32.84
C LEU J 142 113.75 -42.28 31.77
N ILE J 143 114.03 -41.99 30.51
CA ILE J 143 113.06 -42.26 29.44
C ILE J 143 112.97 -43.74 29.15
N ASP J 144 114.11 -44.41 28.98
CA ASP J 144 114.08 -45.82 28.59
C ASP J 144 113.64 -46.70 29.75
N SER J 145 114.07 -46.39 30.96
CA SER J 145 113.98 -47.33 32.07
C SER J 145 113.23 -46.79 33.30
N GLY J 146 112.67 -45.59 33.23
CA GLY J 146 111.92 -45.08 34.37
C GLY J 146 112.75 -44.92 35.63
N ILE J 147 114.00 -44.49 35.48
CA ILE J 147 114.93 -44.34 36.59
C ILE J 147 115.16 -42.86 36.86
N THR J 148 114.91 -42.43 38.09
CA THR J 148 115.28 -41.10 38.54
C THR J 148 116.57 -41.16 39.34
N ALA J 149 117.43 -40.16 39.14
CA ALA J 149 118.70 -40.12 39.84
C ALA J 149 118.49 -40.11 41.36
N SER J 150 119.51 -40.55 42.09
CA SER J 150 119.41 -40.64 43.54
C SER J 150 120.77 -40.55 44.23
N SER K 1 125.56 -47.70 51.70
CA SER K 1 125.04 -46.36 51.90
C SER K 1 124.18 -45.91 50.72
N SER K 2 124.82 -45.52 49.62
CA SER K 2 124.10 -45.07 48.44
C SER K 2 123.74 -46.26 47.55
N GLN K 3 122.77 -46.04 46.67
CA GLN K 3 122.22 -47.14 45.88
C GLN K 3 123.23 -47.65 44.86
N ALA K 4 123.30 -48.97 44.74
CA ALA K 4 124.14 -49.63 43.76
C ALA K 4 123.42 -50.87 43.23
N ASN K 5 124.00 -51.48 42.20
CA ASN K 5 123.41 -52.66 41.60
C ASN K 5 123.44 -53.82 42.59
N ILE K 6 122.31 -54.51 42.71
CA ILE K 6 122.20 -55.71 43.51
C ILE K 6 122.24 -56.92 42.58
N THR K 7 123.07 -57.91 42.92
CA THR K 7 123.14 -59.16 42.18
C THR K 7 122.70 -60.29 43.11
N VAL K 8 121.60 -60.96 42.75
CA VAL K 8 120.97 -61.99 43.57
C VAL K 8 120.60 -63.16 42.69
N PHE K 9 120.77 -64.38 43.21
CA PHE K 9 120.22 -65.57 42.59
C PHE K 9 118.84 -65.86 43.17
N ASP K 10 117.96 -66.39 42.32
CA ASP K 10 116.59 -66.68 42.75
C ASP K 10 116.51 -68.12 43.27
N GLY K 11 115.30 -68.61 43.45
CA GLY K 11 115.10 -69.95 43.98
C GLY K 11 114.51 -70.92 42.99
N ALA K 12 114.81 -70.72 41.71
CA ALA K 12 114.40 -71.69 40.71
C ALA K 12 115.13 -73.02 40.93
N ALA K 13 114.61 -74.08 40.31
CA ALA K 13 115.23 -75.39 40.48
C ALA K 13 116.69 -75.36 40.08
N THR K 14 117.00 -74.63 39.00
CA THR K 14 118.37 -74.22 38.69
C THR K 14 118.45 -72.71 38.88
N PRO K 15 119.01 -72.23 39.99
CA PRO K 15 118.92 -70.80 40.31
C PRO K 15 119.56 -69.91 39.24
N VAL K 16 118.93 -68.75 39.02
CA VAL K 16 119.30 -67.80 37.99
C VAL K 16 119.65 -66.48 38.65
N SER K 17 120.69 -65.82 38.15
CA SER K 17 121.11 -64.54 38.70
C SER K 17 120.28 -63.40 38.11
N HIS K 18 119.96 -62.43 38.96
CA HIS K 18 119.27 -61.21 38.56
C HIS K 18 120.10 -60.00 38.96
N VAL K 19 120.17 -59.01 38.09
CA VAL K 19 120.84 -57.75 38.38
C VAL K 19 119.77 -56.68 38.53
N LEU K 20 119.62 -56.16 39.75
CA LEU K 20 118.63 -55.13 40.05
C LEU K 20 119.32 -53.78 40.11
N VAL K 21 118.93 -52.87 39.23
CA VAL K 21 119.55 -51.55 39.17
C VAL K 21 118.73 -50.57 40.00
N PRO K 22 119.33 -49.49 40.50
CA PRO K 22 118.57 -48.52 41.31
C PRO K 22 117.53 -47.80 40.48
N LEU K 23 116.41 -47.48 41.15
CA LEU K 23 115.32 -46.70 40.57
C LEU K 23 115.11 -45.36 41.24
N GLY K 24 115.56 -45.21 42.49
CA GLY K 24 115.42 -43.94 43.18
C GLY K 24 115.11 -44.08 44.65
N VAL K 25 115.20 -42.97 45.38
CA VAL K 25 114.89 -42.92 46.80
C VAL K 25 114.02 -41.70 47.04
N GLY K 26 113.12 -41.80 48.00
CA GLY K 26 112.30 -40.67 48.39
C GLY K 26 111.60 -40.93 49.69
N ILE K 27 110.87 -39.92 50.16
CA ILE K 27 110.14 -39.99 51.41
C ILE K 27 108.65 -39.86 51.12
N ASP K 28 107.93 -40.98 51.23
CA ASP K 28 106.48 -40.99 51.19
C ASP K 28 105.94 -40.78 52.59
N GLU K 29 104.85 -40.02 52.70
CA GLU K 29 104.29 -39.71 54.02
C GLU K 29 103.71 -40.96 54.67
N ASN K 30 103.10 -41.85 53.89
CA ASN K 30 102.54 -43.08 54.42
C ASN K 30 103.59 -44.18 54.55
N LEU K 31 104.40 -44.41 53.52
CA LEU K 31 105.32 -45.54 53.55
C LEU K 31 106.58 -45.25 54.36
N GLY K 32 107.01 -43.99 54.42
CA GLY K 32 108.25 -43.64 55.08
C GLY K 32 109.37 -43.39 54.09
N SER K 33 110.60 -43.78 54.45
CA SER K 33 111.72 -43.68 53.53
C SER K 33 111.74 -44.91 52.63
N VAL K 34 111.63 -44.69 51.32
CA VAL K 34 111.49 -45.76 50.34
C VAL K 34 112.68 -45.71 49.39
N ALA K 35 113.26 -46.88 49.13
CA ALA K 35 114.30 -47.06 48.12
C ALA K 35 113.90 -48.20 47.20
N LYS K 36 114.07 -48.00 45.90
CA LYS K 36 113.57 -48.94 44.90
C LYS K 36 114.69 -49.46 44.01
N TRP K 37 114.63 -50.74 43.69
CA TRP K 37 115.50 -51.38 42.71
C TRP K 37 114.64 -52.17 41.75
N ARG K 38 115.16 -52.41 40.54
CA ARG K 38 114.42 -53.23 39.58
C ARG K 38 115.38 -53.81 38.55
N GLU K 39 115.13 -55.06 38.16
CA GLU K 39 115.85 -55.66 37.05
C GLU K 39 115.43 -55.02 35.73
N ASN K 40 116.34 -54.98 34.78
CA ASN K 40 116.14 -54.24 33.53
C ASN K 40 116.34 -55.18 32.34
N LEU K 41 115.50 -56.22 32.25
CA LEU K 41 115.47 -57.03 31.05
C LEU K 41 114.95 -56.19 29.88
N ALA K 42 115.65 -56.28 28.76
CA ALA K 42 115.43 -55.35 27.66
C ALA K 42 114.03 -55.45 27.07
N THR K 43 113.52 -56.68 26.90
CA THR K 43 112.23 -56.91 26.26
C THR K 43 111.07 -57.03 27.25
N VAL K 44 111.36 -57.27 28.53
CA VAL K 44 110.28 -57.52 29.49
C VAL K 44 109.61 -56.20 29.86
N PRO K 45 108.29 -56.14 29.91
CA PRO K 45 107.62 -54.92 30.38
C PRO K 45 108.18 -54.47 31.72
N LEU K 46 108.24 -53.15 31.91
CA LEU K 46 108.86 -52.62 33.12
C LEU K 46 108.15 -53.10 34.37
N TYR K 47 106.82 -53.13 34.34
CA TYR K 47 106.09 -53.57 35.53
C TYR K 47 106.07 -55.09 35.68
N ALA K 48 106.70 -55.82 34.76
CA ALA K 48 106.80 -57.27 34.86
C ALA K 48 108.18 -57.73 35.32
N ASN K 49 109.10 -56.79 35.58
CA ASN K 49 110.46 -57.12 35.99
C ASN K 49 110.56 -57.26 37.51
N VAL K 50 111.47 -58.16 37.93
CA VAL K 50 111.72 -58.35 39.36
C VAL K 50 112.14 -57.03 39.99
N ARG K 51 111.54 -56.70 41.13
CA ARG K 51 111.85 -55.46 41.82
C ARG K 51 112.05 -55.72 43.31
N VAL K 52 112.83 -54.84 43.94
CA VAL K 52 113.11 -54.89 45.36
C VAL K 52 112.92 -53.49 45.93
N THR K 53 112.28 -53.40 47.10
CA THR K 53 111.95 -52.13 47.71
C THR K 53 112.18 -52.22 49.22
N THR K 54 112.66 -51.12 49.80
CA THR K 54 112.79 -51.01 51.26
C THR K 54 111.95 -49.87 51.77
N MET K 55 111.24 -50.11 52.86
CA MET K 55 110.49 -49.08 53.57
C MET K 55 111.02 -48.95 54.99
N GLN K 56 111.09 -47.71 55.48
CA GLN K 56 111.43 -47.45 56.88
C GLN K 56 110.50 -46.36 57.40
N LYS K 57 109.81 -46.65 58.50
CA LYS K 57 108.83 -45.72 59.05
C LYS K 57 108.81 -45.85 60.56
N LYS K 58 108.82 -44.72 61.25
CA LYS K 58 108.60 -44.68 62.68
C LYS K 58 107.09 -44.54 62.92
N LEU K 59 106.52 -45.51 63.64
CA LEU K 59 105.09 -45.50 63.88
C LEU K 59 104.75 -44.54 65.04
N LYS K 60 103.46 -44.42 65.32
CA LYS K 60 103.03 -43.58 66.44
C LYS K 60 103.49 -44.14 67.78
N SER K 61 103.58 -45.47 67.89
CA SER K 61 104.04 -46.12 69.11
C SER K 61 105.48 -45.76 69.46
N GLY K 62 106.26 -45.25 68.50
CA GLY K 62 107.69 -45.17 68.63
C GLY K 62 108.41 -46.38 68.08
N ILE K 63 107.69 -47.46 67.78
CA ILE K 63 108.28 -48.64 67.16
C ILE K 63 108.69 -48.30 65.75
N GLU K 64 109.94 -48.62 65.40
CA GLU K 64 110.38 -48.46 64.02
C GLU K 64 109.99 -49.70 63.23
N ARG K 65 109.40 -49.50 62.06
CA ARG K 65 109.04 -50.58 61.16
C ARG K 65 109.99 -50.58 59.97
N VAL K 66 110.40 -51.77 59.55
CA VAL K 66 111.40 -51.96 58.51
C VAL K 66 110.94 -53.07 57.59
N GLU K 67 111.03 -52.84 56.28
CA GLU K 67 110.59 -53.83 55.32
C GLU K 67 111.54 -53.89 54.12
N ILE K 68 111.83 -55.11 53.67
CA ILE K 68 112.52 -55.37 52.41
C ILE K 68 111.58 -56.23 51.58
N ARG K 69 110.97 -55.66 50.55
CA ARG K 69 109.92 -56.32 49.78
C ARG K 69 110.43 -56.74 48.41
N VAL K 70 110.44 -58.05 48.15
CA VAL K 70 110.81 -58.62 46.86
C VAL K 70 109.53 -58.98 46.12
N GLU K 71 109.35 -58.44 44.92
CA GLU K 71 108.18 -58.70 44.09
C GLU K 71 108.63 -59.29 42.76
N VAL K 72 108.03 -60.43 42.39
CA VAL K 72 108.32 -61.10 41.13
C VAL K 72 107.03 -61.18 40.32
N PRO K 73 106.85 -60.33 39.33
CA PRO K 73 105.65 -60.42 38.50
C PRO K 73 105.73 -61.57 37.52
N VAL K 74 104.57 -62.18 37.25
CA VAL K 74 104.44 -63.28 36.31
C VAL K 74 103.41 -62.88 35.27
N MET K 75 103.78 -63.02 34.00
CA MET K 75 102.92 -62.63 32.90
C MET K 75 102.07 -63.80 32.43
N GLU K 76 101.02 -63.47 31.68
CA GLU K 76 100.26 -64.50 30.99
C GLU K 76 101.07 -65.04 29.82
N ALA K 77 100.47 -65.97 29.09
CA ALA K 77 101.16 -66.60 27.98
C ALA K 77 101.03 -65.78 26.71
N VAL K 78 102.03 -65.91 25.80
CA VAL K 78 102.06 -65.22 24.52
C VAL K 78 101.37 -66.08 23.47
N SER K 79 100.65 -65.43 22.55
CA SER K 79 99.97 -66.15 21.49
C SER K 79 100.67 -66.07 20.14
N GLY K 80 101.65 -65.19 19.97
CA GLY K 80 102.23 -65.00 18.66
C GLY K 80 103.00 -63.70 18.57
N GLN K 81 103.36 -63.34 17.34
CA GLN K 81 104.14 -62.15 17.03
C GLN K 81 103.64 -61.58 15.72
N ASN K 82 103.32 -60.29 15.71
CA ASN K 82 102.79 -59.67 14.50
C ASN K 82 103.87 -59.58 13.44
N ALA K 83 103.46 -59.81 12.18
CA ALA K 83 104.42 -59.85 11.10
C ALA K 83 105.02 -58.48 10.79
N PHE K 84 104.27 -57.40 11.05
CA PHE K 84 104.74 -56.12 10.53
C PHE K 84 104.71 -54.97 11.52
N GLY K 85 103.81 -55.02 12.50
CA GLY K 85 103.75 -54.01 13.53
C GLY K 85 104.73 -54.25 14.66
N TYR K 86 104.43 -53.65 15.82
CA TYR K 86 105.11 -53.95 17.06
C TYR K 86 104.18 -54.78 17.95
N THR K 87 104.74 -55.73 18.67
CA THR K 87 103.96 -56.70 19.43
C THR K 87 104.26 -56.58 20.91
N ALA K 88 103.20 -56.49 21.71
CA ALA K 88 103.32 -56.31 23.15
C ALA K 88 103.43 -57.64 23.87
N ALA K 89 104.13 -57.62 24.97
CA ALA K 89 104.13 -58.75 25.86
C ALA K 89 102.83 -58.79 26.67
N PRO K 90 102.34 -59.96 27.04
CA PRO K 90 101.04 -60.06 27.70
C PRO K 90 101.05 -59.38 29.07
N LYS K 91 99.84 -59.22 29.61
CA LYS K 91 99.67 -58.55 30.89
C LYS K 91 100.17 -59.43 32.03
N VAL K 92 100.46 -58.78 33.16
CA VAL K 92 100.89 -59.49 34.36
C VAL K 92 99.70 -60.27 34.92
N ALA K 93 99.87 -61.57 35.11
CA ALA K 93 98.79 -62.38 35.65
C ALA K 93 98.69 -62.23 37.16
N PHE K 94 99.84 -62.23 37.84
CA PHE K 94 99.89 -62.03 39.28
C PHE K 94 101.30 -61.61 39.65
N THR K 95 101.45 -61.15 40.88
CA THR K 95 102.75 -60.75 41.40
C THR K 95 102.97 -61.42 42.74
N ASP K 96 104.08 -62.16 42.85
CA ASP K 96 104.43 -62.82 44.10
C ASP K 96 105.27 -61.87 44.94
N SER K 97 104.89 -61.72 46.21
CA SER K 97 105.54 -60.78 47.12
C SER K 97 106.05 -61.54 48.33
N GLY K 98 107.36 -61.52 48.53
CA GLY K 98 107.97 -62.04 49.74
C GLY K 98 108.84 -60.99 50.38
N SER K 99 108.62 -60.70 51.66
CA SER K 99 109.32 -59.58 52.27
C SER K 99 109.76 -59.94 53.68
N PHE K 100 110.82 -59.28 54.14
CA PHE K 100 111.18 -59.22 55.54
C PHE K 100 110.50 -58.00 56.16
N VAL K 101 109.93 -58.17 57.34
CA VAL K 101 109.30 -57.08 58.07
C VAL K 101 109.79 -57.12 59.51
N GLY K 102 110.39 -56.03 59.97
CA GLY K 102 110.91 -55.93 61.32
C GLY K 102 110.23 -54.83 62.11
N TYR K 103 109.88 -55.14 63.35
CA TYR K 103 109.34 -54.17 64.29
C TYR K 103 110.28 -54.11 65.49
N PHE K 104 110.91 -52.96 65.68
CA PHE K 104 111.93 -52.80 66.71
C PHE K 104 111.61 -51.61 67.61
N SER K 105 111.89 -51.75 68.90
CA SER K 105 111.80 -50.64 69.82
C SER K 105 113.02 -49.73 69.68
N GLU K 106 112.87 -48.50 70.19
CA GLU K 106 114.01 -47.57 70.18
C GLU K 106 115.17 -48.09 71.01
N ARG K 107 114.89 -48.86 72.07
CA ARG K 107 115.96 -49.36 72.94
C ARG K 107 116.83 -50.40 72.25
N SER K 108 116.28 -51.13 71.27
CA SER K 108 117.01 -52.24 70.67
C SER K 108 118.21 -51.72 69.90
N ALA K 109 119.36 -52.37 70.11
CA ALA K 109 120.61 -51.94 69.53
C ALA K 109 120.87 -52.67 68.21
N GLN K 110 121.97 -52.28 67.54
CA GLN K 110 122.44 -53.04 66.39
C GLN K 110 122.40 -54.54 66.65
N SER K 111 123.03 -54.96 67.76
CA SER K 111 123.17 -56.40 68.03
C SER K 111 121.82 -57.06 68.25
N ASN K 112 120.89 -56.37 68.90
CA ASN K 112 119.55 -56.92 69.11
C ASN K 112 118.85 -57.16 67.77
N ARG K 113 118.80 -56.14 66.91
CA ARG K 113 118.15 -56.29 65.62
C ARG K 113 118.84 -57.34 64.76
N ARG K 114 120.18 -57.33 64.75
CA ARG K 114 120.92 -58.32 63.96
C ARG K 114 120.67 -59.74 64.46
N LEU K 115 120.46 -59.90 65.77
CA LEU K 115 120.28 -61.23 66.32
C LEU K 115 118.99 -61.86 65.81
N VAL K 116 117.90 -61.10 65.81
CA VAL K 116 116.63 -61.64 65.33
C VAL K 116 116.67 -61.85 63.82
N LYS K 117 117.28 -60.90 63.10
CA LYS K 117 117.39 -61.01 61.65
C LYS K 117 117.90 -62.39 61.24
N GLN K 118 118.99 -62.84 61.84
CA GLN K 118 119.63 -64.06 61.37
C GLN K 118 118.82 -65.30 61.72
N ILE K 119 118.06 -65.27 62.82
CA ILE K 119 117.16 -66.38 63.12
C ILE K 119 116.24 -66.63 61.95
N LEU K 120 115.59 -65.56 61.47
CA LEU K 120 114.67 -65.69 60.35
C LEU K 120 115.39 -66.12 59.08
N THR K 121 116.57 -65.54 58.81
CA THR K 121 117.31 -65.93 57.62
C THR K 121 117.67 -67.41 57.65
N ASN K 122 118.10 -67.91 58.81
CA ASN K 122 118.45 -69.32 58.91
C ASN K 122 117.20 -70.19 58.79
N LEU K 123 116.08 -69.75 59.35
CA LEU K 123 114.83 -70.49 59.20
C LEU K 123 114.43 -70.59 57.73
N LEU K 124 114.54 -69.48 56.98
CA LEU K 124 114.17 -69.50 55.57
C LEU K 124 115.10 -70.39 54.75
N GLY K 125 116.34 -70.54 55.19
CA GLY K 125 117.30 -71.38 54.51
C GLY K 125 117.34 -72.80 54.99
N ASN K 126 116.49 -73.17 55.93
CA ASN K 126 116.46 -74.51 56.53
C ASN K 126 117.84 -74.88 57.09
N VAL K 127 118.44 -73.94 57.82
CA VAL K 127 119.79 -74.06 58.32
C VAL K 127 119.74 -74.23 59.82
N SER K 128 120.25 -75.37 60.31
CA SER K 128 120.32 -75.64 61.73
C SER K 128 121.72 -75.40 62.30
N THR K 129 122.69 -75.06 61.46
CA THR K 129 124.06 -74.84 61.91
C THR K 129 124.29 -73.35 62.19
N SER K 130 125.52 -73.02 62.60
CA SER K 130 125.87 -71.65 62.94
C SER K 130 126.27 -70.88 61.67
N VAL K 131 125.71 -69.69 61.50
CA VAL K 131 125.99 -68.82 60.37
C VAL K 131 126.25 -67.42 60.91
N ALA K 132 127.34 -66.81 60.44
CA ALA K 132 127.68 -65.46 60.87
C ALA K 132 126.71 -64.46 60.28
N ALA K 133 126.16 -63.60 61.14
CA ALA K 133 125.21 -62.60 60.68
C ALA K 133 125.94 -61.49 59.95
N PRO K 134 125.49 -61.11 58.74
CA PRO K 134 126.17 -60.05 57.99
C PRO K 134 126.12 -58.73 58.75
N THR K 135 127.21 -57.96 58.64
CA THR K 135 127.27 -56.62 59.22
C THR K 135 127.40 -55.53 58.16
N THR K 136 127.46 -55.90 56.89
CA THR K 136 127.48 -54.96 55.77
C THR K 136 126.40 -55.37 54.78
N GLY K 137 126.24 -54.56 53.74
CA GLY K 137 125.18 -54.78 52.76
C GLY K 137 123.94 -53.96 53.09
N PHE K 138 123.14 -53.72 52.05
CA PHE K 138 122.00 -52.82 52.21
C PHE K 138 120.98 -53.38 53.19
N ALA K 139 120.80 -54.70 53.21
CA ALA K 139 119.87 -55.30 54.16
C ALA K 139 120.36 -55.09 55.60
N SER K 140 121.66 -55.24 55.85
CA SER K 140 122.17 -55.01 57.19
C SER K 140 122.06 -53.54 57.58
N GLU K 141 122.38 -52.62 56.67
CA GLU K 141 122.23 -51.21 56.97
C GLU K 141 120.80 -50.89 57.39
N LEU K 142 119.82 -51.49 56.71
CA LEU K 142 118.42 -51.20 57.00
C LEU K 142 117.94 -51.90 58.27
N ILE K 143 118.14 -53.22 58.34
CA ILE K 143 117.57 -53.99 59.45
C ILE K 143 118.37 -53.79 60.73
N ASP K 144 119.70 -53.89 60.65
CA ASP K 144 120.49 -53.77 61.88
C ASP K 144 120.57 -52.32 62.35
N SER K 145 120.72 -51.37 61.43
CA SER K 145 121.06 -50.00 61.80
C SER K 145 120.01 -48.96 61.45
N GLY K 146 118.90 -49.34 60.80
CA GLY K 146 117.89 -48.36 60.46
C GLY K 146 118.34 -47.32 59.46
N ILE K 147 119.10 -47.73 58.43
CA ILE K 147 119.66 -46.82 57.44
C ILE K 147 119.13 -47.21 56.06
N THR K 148 118.45 -46.28 55.40
CA THR K 148 117.95 -46.48 54.04
C THR K 148 118.96 -45.95 53.03
N ALA K 149 118.97 -46.55 51.84
CA ALA K 149 119.88 -46.12 50.79
C ALA K 149 119.70 -44.64 50.47
N SER K 150 120.81 -44.00 50.10
CA SER K 150 120.84 -42.55 49.88
C SER K 150 121.04 -42.19 48.40
N SER L 1 128.16 -33.50 45.15
CA SER L 1 126.74 -33.24 45.40
C SER L 1 126.02 -34.52 45.82
N SER L 2 126.49 -35.65 45.32
CA SER L 2 125.98 -36.92 45.79
C SER L 2 126.47 -37.19 47.22
N GLN L 3 125.59 -37.77 48.04
CA GLN L 3 125.84 -37.89 49.47
C GLN L 3 126.82 -39.02 49.75
N ALA L 4 127.86 -38.74 50.54
CA ALA L 4 128.91 -39.71 50.81
C ALA L 4 129.29 -39.68 52.28
N ASN L 5 130.09 -40.66 52.69
CA ASN L 5 130.58 -40.73 54.06
C ASN L 5 131.43 -39.50 54.38
N ILE L 6 131.27 -38.99 55.59
CA ILE L 6 132.02 -37.84 56.08
C ILE L 6 132.94 -38.32 57.20
N THR L 7 134.24 -38.11 57.03
CA THR L 7 135.21 -38.37 58.08
C THR L 7 135.64 -37.02 58.66
N VAL L 8 135.44 -36.83 59.96
CA VAL L 8 135.68 -35.56 60.63
C VAL L 8 136.20 -35.81 62.04
N PHE L 9 137.23 -35.06 62.43
CA PHE L 9 137.73 -35.11 63.79
C PHE L 9 137.02 -34.08 64.65
N ASP L 10 136.84 -34.42 65.93
CA ASP L 10 136.14 -33.54 66.84
C ASP L 10 137.14 -32.63 67.55
N GLY L 11 136.69 -31.93 68.60
CA GLY L 11 137.54 -31.00 69.31
C GLY L 11 137.86 -31.43 70.72
N ALA L 12 137.99 -32.73 70.93
CA ALA L 12 138.49 -33.22 72.21
C ALA L 12 139.95 -32.82 72.38
N ALA L 13 140.45 -32.94 73.61
CA ALA L 13 141.84 -32.61 73.89
C ALA L 13 142.77 -33.42 72.98
N THR L 14 142.47 -34.69 72.78
CA THR L 14 143.03 -35.47 71.69
C THR L 14 141.91 -35.75 70.70
N PRO L 15 141.85 -35.05 69.57
CA PRO L 15 140.69 -35.17 68.68
C PRO L 15 140.48 -36.59 68.19
N VAL L 16 139.20 -36.95 68.06
CA VAL L 16 138.75 -38.30 67.71
C VAL L 16 138.04 -38.23 66.37
N SER L 17 138.38 -39.15 65.47
CA SER L 17 137.70 -39.19 64.17
C SER L 17 136.33 -39.83 64.29
N HIS L 18 135.37 -39.25 63.60
CA HIS L 18 134.01 -39.79 63.50
C HIS L 18 133.70 -40.02 62.04
N VAL L 19 133.07 -41.16 61.72
CA VAL L 19 132.64 -41.46 60.36
C VAL L 19 131.13 -41.33 60.32
N LEU L 20 130.65 -40.34 59.57
CA LEU L 20 129.22 -40.03 59.48
C LEU L 20 128.68 -40.60 58.19
N VAL L 21 127.76 -41.56 58.30
CA VAL L 21 127.17 -42.27 57.17
C VAL L 21 125.97 -41.49 56.68
N PRO L 22 125.67 -41.49 55.37
CA PRO L 22 124.47 -40.81 54.89
C PRO L 22 123.19 -41.51 55.31
N LEU L 23 122.19 -40.69 55.66
CA LEU L 23 120.86 -41.20 55.99
C LEU L 23 119.83 -40.93 54.90
N GLY L 24 120.09 -40.01 53.98
CA GLY L 24 119.17 -39.66 52.93
C GLY L 24 118.87 -38.18 52.93
N VAL L 25 118.11 -37.75 51.91
CA VAL L 25 117.73 -36.36 51.73
C VAL L 25 116.23 -36.30 51.46
N GLY L 26 115.66 -35.12 51.66
CA GLY L 26 114.23 -34.93 51.45
C GLY L 26 113.83 -33.50 51.70
N ILE L 27 112.53 -33.25 51.59
CA ILE L 27 111.97 -31.91 51.73
C ILE L 27 111.00 -31.89 52.90
N ASP L 28 111.19 -30.94 53.81
CA ASP L 28 110.31 -30.71 54.94
C ASP L 28 109.61 -29.38 54.76
N GLU L 29 108.35 -29.30 55.19
CA GLU L 29 107.59 -28.07 55.03
C GLU L 29 108.17 -26.93 55.85
N ASN L 30 108.57 -27.22 57.09
CA ASN L 30 109.13 -26.17 57.95
C ASN L 30 110.57 -25.85 57.58
N LEU L 31 111.38 -26.86 57.25
CA LEU L 31 112.82 -26.71 57.21
C LEU L 31 113.41 -26.52 55.82
N GLY L 32 112.71 -26.95 54.77
CA GLY L 32 113.23 -26.87 53.42
C GLY L 32 113.84 -28.16 52.96
N SER L 33 114.90 -28.09 52.16
CA SER L 33 115.64 -29.28 51.74
C SER L 33 116.57 -29.70 52.86
N VAL L 34 116.43 -30.94 53.31
CA VAL L 34 117.17 -31.45 54.46
C VAL L 34 117.99 -32.65 54.00
N ALA L 35 119.26 -32.68 54.42
CA ALA L 35 120.14 -33.82 54.21
C ALA L 35 120.70 -34.23 55.56
N LYS L 36 120.75 -35.54 55.81
CA LYS L 36 121.13 -36.06 57.12
C LYS L 36 122.28 -37.04 57.01
N TRP L 37 123.25 -36.88 57.92
CA TRP L 37 124.30 -37.85 58.15
C TRP L 37 124.27 -38.28 59.62
N ARG L 38 124.89 -39.42 59.89
CA ARG L 38 124.87 -39.96 61.24
C ARG L 38 126.03 -40.94 61.40
N GLU L 39 126.64 -40.95 62.58
CA GLU L 39 127.60 -41.98 62.91
C GLU L 39 126.85 -43.25 63.30
N ASN L 40 127.49 -44.42 63.10
CA ASN L 40 126.84 -45.70 63.40
C ASN L 40 127.67 -46.46 64.42
N LEU L 41 127.79 -45.91 65.63
CA LEU L 41 128.48 -46.58 66.73
C LEU L 41 127.53 -47.53 67.45
N ALA L 42 128.03 -48.74 67.73
CA ALA L 42 127.35 -49.68 68.62
C ALA L 42 127.47 -49.29 70.10
N THR L 43 128.30 -48.30 70.42
CA THR L 43 128.46 -47.88 71.82
C THR L 43 127.18 -47.24 72.37
N VAL L 44 126.41 -46.58 71.52
CA VAL L 44 125.27 -45.76 71.97
C VAL L 44 124.03 -46.17 71.19
N PRO L 45 122.84 -45.81 71.69
CA PRO L 45 121.62 -46.07 70.91
C PRO L 45 121.68 -45.43 69.54
N LEU L 46 120.87 -45.97 68.62
CA LEU L 46 120.90 -45.50 67.24
C LEU L 46 120.55 -44.01 67.14
N TYR L 47 119.52 -43.58 67.88
CA TYR L 47 119.11 -42.18 67.84
C TYR L 47 120.10 -41.25 68.53
N ALA L 48 121.07 -41.77 69.29
CA ALA L 48 121.94 -40.97 70.14
C ALA L 48 123.33 -40.80 69.56
N ASN L 49 123.48 -40.97 68.26
CA ASN L 49 124.77 -40.86 67.60
C ASN L 49 125.06 -39.41 67.20
N VAL L 50 126.35 -39.10 67.06
CA VAL L 50 126.75 -37.81 66.48
C VAL L 50 126.15 -37.69 65.09
N ARG L 51 125.56 -36.53 64.79
CA ARG L 51 124.87 -36.37 63.51
C ARG L 51 125.13 -34.99 62.94
N VAL L 52 124.98 -34.89 61.61
CA VAL L 52 125.10 -33.64 60.89
C VAL L 52 123.90 -33.51 59.96
N THR L 53 123.33 -32.31 59.90
CA THR L 53 122.14 -32.04 59.10
C THR L 53 122.31 -30.71 58.37
N THR L 54 121.84 -30.65 57.13
CA THR L 54 121.84 -29.40 56.36
C THR L 54 120.41 -29.04 55.99
N MET L 55 120.02 -27.81 56.29
CA MET L 55 118.74 -27.25 55.87
C MET L 55 118.98 -26.13 54.87
N GLN L 56 118.06 -26.00 53.91
CA GLN L 56 118.10 -24.94 52.91
C GLN L 56 116.68 -24.55 52.59
N LYS L 57 116.32 -23.30 52.90
CA LYS L 57 114.96 -22.81 52.73
C LYS L 57 114.98 -21.37 52.25
N LYS L 58 114.09 -21.07 51.31
CA LYS L 58 113.82 -19.69 50.93
C LYS L 58 112.73 -19.14 51.84
N LEU L 59 113.05 -18.07 52.57
CA LEU L 59 112.12 -17.51 53.53
C LEU L 59 111.06 -16.68 52.82
N LYS L 60 110.05 -16.25 53.60
CA LYS L 60 108.99 -15.42 53.05
C LYS L 60 109.55 -14.12 52.48
N SER L 61 110.55 -13.55 53.15
CA SER L 61 111.15 -12.31 52.68
C SER L 61 111.90 -12.46 51.37
N GLY L 62 112.14 -13.68 50.90
CA GLY L 62 112.96 -13.93 49.74
C GLY L 62 114.41 -14.22 50.06
N ILE L 63 114.82 -14.04 51.31
CA ILE L 63 116.18 -14.35 51.73
C ILE L 63 116.35 -15.85 51.84
N GLU L 64 117.41 -16.38 51.24
CA GLU L 64 117.71 -17.80 51.38
C GLU L 64 118.47 -18.05 52.67
N ARG L 65 118.06 -19.07 53.42
CA ARG L 65 118.69 -19.44 54.68
C ARG L 65 119.27 -20.84 54.56
N VAL L 66 120.53 -20.99 54.96
CA VAL L 66 121.21 -22.28 54.95
C VAL L 66 121.73 -22.58 56.34
N GLU L 67 121.74 -23.86 56.71
CA GLU L 67 122.23 -24.27 58.01
C GLU L 67 122.97 -25.59 57.90
N ILE L 68 124.07 -25.71 58.63
CA ILE L 68 124.76 -26.97 58.86
C ILE L 68 124.76 -27.19 60.36
N ARG L 69 123.98 -28.15 60.84
CA ARG L 69 123.77 -28.36 62.27
C ARG L 69 124.48 -29.63 62.72
N VAL L 70 125.42 -29.48 63.65
CA VAL L 70 126.13 -30.61 64.26
C VAL L 70 125.58 -30.83 65.65
N GLU L 71 125.14 -32.06 65.93
CA GLU L 71 124.57 -32.41 67.22
C GLU L 71 125.35 -33.57 67.81
N VAL L 72 125.79 -33.42 69.06
CA VAL L 72 126.56 -34.44 69.76
C VAL L 72 125.81 -34.80 71.04
N PRO L 73 125.09 -35.92 71.04
CA PRO L 73 124.45 -36.37 72.29
C PRO L 73 125.47 -36.90 73.28
N VAL L 74 125.23 -36.62 74.56
CA VAL L 74 126.05 -37.11 75.65
C VAL L 74 125.17 -37.96 76.56
N MET L 75 125.61 -39.17 76.84
CA MET L 75 124.79 -40.13 77.57
C MET L 75 124.93 -39.96 79.07
N GLU L 76 123.87 -40.32 79.80
CA GLU L 76 123.97 -40.49 81.23
C GLU L 76 124.85 -41.70 81.56
N ALA L 77 125.38 -41.69 82.78
CA ALA L 77 126.21 -42.80 83.25
C ALA L 77 125.32 -43.78 83.99
N VAL L 78 125.19 -44.99 83.45
CA VAL L 78 124.41 -46.03 84.12
C VAL L 78 125.25 -46.62 85.24
N SER L 79 124.70 -46.60 86.45
CA SER L 79 125.39 -47.11 87.63
C SER L 79 124.40 -47.85 88.50
N GLY L 80 124.82 -49.00 89.02
CA GLY L 80 123.99 -49.74 89.96
C GLY L 80 122.65 -50.14 89.36
N GLN L 81 121.58 -49.91 90.13
CA GLN L 81 120.24 -50.27 89.72
C GLN L 81 119.26 -49.20 90.17
N ASN L 82 118.11 -49.15 89.50
CA ASN L 82 117.06 -48.21 89.84
C ASN L 82 116.19 -48.76 90.96
N ALA L 83 115.16 -47.99 91.32
CA ALA L 83 114.29 -48.35 92.43
C ALA L 83 113.48 -49.62 92.15
N PHE L 84 113.43 -50.09 90.90
CA PHE L 84 112.71 -51.30 90.58
C PHE L 84 113.57 -52.55 90.61
N GLY L 85 114.88 -52.40 90.80
CA GLY L 85 115.78 -53.55 90.87
C GLY L 85 116.41 -53.96 89.56
N TYR L 86 116.36 -53.09 88.54
CA TYR L 86 116.91 -53.39 87.24
C TYR L 86 117.99 -52.38 86.87
N THR L 87 118.91 -52.82 86.00
CA THR L 87 119.85 -51.89 85.39
C THR L 87 119.10 -50.90 84.51
N ALA L 88 119.45 -49.62 84.62
CA ALA L 88 118.73 -48.59 83.88
C ALA L 88 119.03 -48.66 82.39
N ALA L 89 118.05 -48.25 81.59
CA ALA L 89 118.22 -48.17 80.15
C ALA L 89 119.07 -46.96 79.79
N PRO L 90 119.74 -46.99 78.64
CA PRO L 90 120.48 -45.80 78.18
C PRO L 90 119.56 -44.59 78.10
N LYS L 91 120.09 -43.45 78.51
CA LYS L 91 119.34 -42.19 78.47
C LYS L 91 120.27 -41.06 78.09
N VAL L 92 119.82 -40.19 77.21
CA VAL L 92 120.60 -39.04 76.77
C VAL L 92 120.55 -37.98 77.86
N ALA L 93 121.72 -37.56 78.34
CA ALA L 93 121.78 -36.50 79.35
C ALA L 93 121.47 -35.15 78.73
N PHE L 94 122.15 -34.81 77.63
CA PHE L 94 121.91 -33.57 76.91
C PHE L 94 122.53 -33.71 75.53
N THR L 95 122.13 -32.82 74.63
CA THR L 95 122.66 -32.79 73.28
C THR L 95 123.25 -31.42 73.00
N ASP L 96 124.56 -31.37 72.77
CA ASP L 96 125.19 -30.13 72.36
C ASP L 96 124.96 -29.92 70.88
N SER L 97 124.72 -28.67 70.50
CA SER L 97 124.41 -28.30 69.12
C SER L 97 125.26 -27.10 68.72
N GLY L 98 126.01 -27.27 67.63
CA GLY L 98 126.74 -26.17 67.02
C GLY L 98 126.49 -26.15 65.54
N SER L 99 126.10 -25.01 64.99
CA SER L 99 125.65 -24.93 63.61
C SER L 99 126.21 -23.67 62.95
N PHE L 100 126.37 -23.76 61.64
CA PHE L 100 126.57 -22.58 60.79
C PHE L 100 125.21 -22.17 60.24
N VAL L 101 124.93 -20.88 60.25
CA VAL L 101 123.67 -20.36 59.73
C VAL L 101 123.98 -19.20 58.81
N GLY L 102 123.57 -19.30 57.55
CA GLY L 102 123.78 -18.25 56.56
C GLY L 102 122.46 -17.65 56.11
N TYR L 103 122.44 -16.33 55.98
CA TYR L 103 121.33 -15.60 55.40
C TYR L 103 121.85 -14.80 54.22
N PHE L 104 121.33 -15.08 53.04
CA PHE L 104 121.83 -14.47 51.80
C PHE L 104 120.69 -13.94 50.95
N SER L 105 120.91 -12.78 50.35
CA SER L 105 119.96 -12.24 49.38
C SER L 105 120.03 -13.05 48.09
N GLU L 106 118.94 -12.97 47.30
CA GLU L 106 118.93 -13.60 45.99
C GLU L 106 120.07 -13.06 45.12
N ARG L 107 120.45 -11.80 45.30
CA ARG L 107 121.49 -11.17 44.49
C ARG L 107 122.89 -11.64 44.85
N SER L 108 123.08 -12.21 46.04
CA SER L 108 124.42 -12.65 46.44
C SER L 108 124.88 -13.79 45.54
N ALA L 109 126.16 -13.76 45.21
CA ALA L 109 126.76 -14.71 44.27
C ALA L 109 127.56 -15.76 45.02
N GLN L 110 127.99 -16.78 44.27
CA GLN L 110 128.83 -17.81 44.86
C GLN L 110 130.06 -17.19 45.52
N SER L 111 130.68 -16.20 44.87
CA SER L 111 131.86 -15.56 45.44
C SER L 111 131.51 -14.79 46.72
N ASN L 112 130.35 -14.13 46.74
CA ASN L 112 129.95 -13.37 47.93
C ASN L 112 129.75 -14.30 49.13
N ARG L 113 129.01 -15.39 48.92
CA ARG L 113 128.72 -16.30 50.02
C ARG L 113 129.98 -17.01 50.50
N ARG L 114 130.84 -17.43 49.57
CA ARG L 114 132.09 -18.07 49.95
C ARG L 114 132.97 -17.11 50.74
N LEU L 115 132.93 -15.82 50.40
CA LEU L 115 133.77 -14.83 51.08
C LEU L 115 133.41 -14.73 52.55
N VAL L 116 132.11 -14.64 52.85
CA VAL L 116 131.66 -14.56 54.24
C VAL L 116 131.96 -15.86 54.97
N LYS L 117 131.74 -16.99 54.31
CA LYS L 117 131.95 -18.29 54.94
C LYS L 117 133.33 -18.37 55.58
N GLN L 118 134.38 -18.06 54.82
CA GLN L 118 135.73 -18.28 55.31
C GLN L 118 136.10 -17.33 56.44
N ILE L 119 135.52 -16.13 56.48
CA ILE L 119 135.74 -15.25 57.64
C ILE L 119 135.34 -15.96 58.91
N LEU L 120 134.14 -16.56 58.91
CA LEU L 120 133.68 -17.27 60.10
C LEU L 120 134.56 -18.46 60.41
N THR L 121 134.88 -19.27 59.40
CA THR L 121 135.71 -20.45 59.62
C THR L 121 137.06 -20.07 60.23
N ASN L 122 137.68 -18.99 59.73
CA ASN L 122 138.96 -18.58 60.28
C ASN L 122 138.80 -18.07 61.72
N LEU L 123 137.73 -17.30 61.97
CA LEU L 123 137.47 -16.85 63.33
C LEU L 123 137.31 -18.03 64.28
N LEU L 124 136.58 -19.07 63.86
CA LEU L 124 136.36 -20.24 64.71
C LEU L 124 137.66 -21.00 64.95
N GLY L 125 138.59 -20.94 64.00
CA GLY L 125 139.85 -21.64 64.12
C GLY L 125 140.97 -20.81 64.69
N ASN L 126 140.68 -19.56 65.09
CA ASN L 126 141.68 -18.64 65.65
C ASN L 126 142.81 -18.41 64.64
N VAL L 127 142.45 -18.31 63.37
CA VAL L 127 143.41 -18.18 62.29
C VAL L 127 143.40 -16.75 61.79
N SER L 128 144.53 -16.07 61.95
CA SER L 128 144.69 -14.70 61.48
C SER L 128 145.46 -14.62 60.16
N THR L 129 145.86 -15.76 59.60
CA THR L 129 146.60 -15.78 58.34
C THR L 129 145.66 -16.08 57.18
N SER L 130 146.24 -16.18 55.99
CA SER L 130 145.47 -16.40 54.76
C SER L 130 145.19 -17.88 54.57
N VAL L 131 143.92 -18.21 54.33
CA VAL L 131 143.48 -19.58 54.12
C VAL L 131 142.54 -19.59 52.92
N ALA L 132 142.79 -20.53 51.99
CA ALA L 132 141.97 -20.61 50.80
C ALA L 132 140.61 -21.21 51.14
N ALA L 133 139.56 -20.57 50.65
CA ALA L 133 138.22 -21.04 50.93
C ALA L 133 137.91 -22.27 50.09
N PRO L 134 137.40 -23.34 50.69
CA PRO L 134 137.10 -24.55 49.92
C PRO L 134 136.05 -24.28 48.86
N THR L 135 136.26 -24.85 47.67
CA THR L 135 135.30 -24.77 46.59
C THR L 135 134.64 -26.10 46.29
N THR L 136 134.93 -27.14 47.08
CA THR L 136 134.31 -28.44 46.95
C THR L 136 133.91 -28.93 48.34
N GLY L 137 133.16 -30.02 48.38
CA GLY L 137 132.65 -30.55 49.62
C GLY L 137 131.22 -30.13 49.86
N PHE L 138 130.54 -30.89 50.74
CA PHE L 138 129.12 -30.65 50.94
C PHE L 138 128.85 -29.30 51.59
N ALA L 139 129.76 -28.85 52.47
CA ALA L 139 129.57 -27.55 53.11
C ALA L 139 129.68 -26.43 52.08
N SER L 140 130.71 -26.49 51.22
CA SER L 140 130.86 -25.47 50.18
C SER L 140 129.68 -25.49 49.22
N GLU L 141 129.20 -26.68 48.86
CA GLU L 141 128.08 -26.75 47.93
C GLU L 141 126.83 -26.12 48.54
N LEU L 142 126.63 -26.29 49.85
CA LEU L 142 125.46 -25.72 50.49
C LEU L 142 125.60 -24.21 50.69
N ILE L 143 126.69 -23.78 51.31
CA ILE L 143 126.82 -22.37 51.68
C ILE L 143 127.14 -21.51 50.46
N ASP L 144 128.12 -21.93 49.65
CA ASP L 144 128.52 -21.10 48.51
C ASP L 144 127.45 -21.13 47.41
N SER L 145 126.91 -22.31 47.10
CA SER L 145 126.11 -22.49 45.89
C SER L 145 124.66 -22.88 46.14
N GLY L 146 124.23 -23.04 47.39
CA GLY L 146 122.85 -23.38 47.65
C GLY L 146 122.45 -24.78 47.24
N ILE L 147 123.39 -25.72 47.24
CA ILE L 147 123.18 -27.08 46.78
C ILE L 147 122.98 -28.00 47.99
N THR L 148 121.97 -28.86 47.91
CA THR L 148 121.75 -29.91 48.90
C THR L 148 122.17 -31.25 48.32
N ALA L 149 122.65 -32.15 49.18
CA ALA L 149 123.13 -33.43 48.74
C ALA L 149 121.98 -34.28 48.17
N SER L 150 122.34 -35.39 47.52
CA SER L 150 121.36 -36.28 46.91
C SER L 150 121.77 -37.76 46.98
N SER M 1 12.39 -44.83 -35.80
CA SER M 1 11.99 -44.22 -34.54
C SER M 1 12.96 -44.54 -33.40
N SER M 2 14.01 -45.30 -33.69
CA SER M 2 15.12 -45.47 -32.76
C SER M 2 16.31 -44.63 -33.22
N GLN M 3 17.26 -44.42 -32.32
CA GLN M 3 18.34 -43.49 -32.59
C GLN M 3 19.27 -44.01 -33.68
N ALA M 4 19.66 -43.11 -34.58
CA ALA M 4 20.62 -43.43 -35.64
C ALA M 4 21.47 -42.20 -35.91
N ASN M 5 22.50 -42.39 -36.73
CA ASN M 5 23.39 -41.29 -37.08
C ASN M 5 22.63 -40.19 -37.80
N ILE M 6 23.11 -38.96 -37.65
CA ILE M 6 22.56 -37.78 -38.31
C ILE M 6 23.68 -37.10 -39.07
N THR M 7 23.46 -36.87 -40.37
CA THR M 7 24.41 -36.14 -41.21
C THR M 7 23.78 -34.81 -41.61
N VAL M 8 24.42 -33.71 -41.21
CA VAL M 8 23.91 -32.37 -41.44
C VAL M 8 25.05 -31.45 -41.83
N PHE M 9 24.81 -30.61 -42.84
CA PHE M 9 25.73 -29.53 -43.19
C PHE M 9 25.38 -28.29 -42.39
N ASP M 10 26.40 -27.54 -41.99
CA ASP M 10 26.19 -26.35 -41.19
C ASP M 10 26.00 -25.14 -42.11
N GLY M 11 26.07 -23.94 -41.54
CA GLY M 11 25.84 -22.72 -42.30
C GLY M 11 27.06 -21.86 -42.46
N ALA M 12 28.24 -22.49 -42.50
CA ALA M 12 29.45 -21.76 -42.81
C ALA M 12 29.40 -21.22 -44.23
N ALA M 13 30.31 -20.27 -44.53
CA ALA M 13 30.36 -19.71 -45.87
C ALA M 13 30.52 -20.81 -46.92
N THR M 14 31.46 -21.73 -46.68
CA THR M 14 31.48 -23.01 -47.37
C THR M 14 30.99 -24.06 -46.37
N PRO M 15 29.75 -24.54 -46.49
CA PRO M 15 29.18 -25.39 -45.44
C PRO M 15 29.93 -26.71 -45.27
N VAL M 16 29.99 -27.16 -44.02
CA VAL M 16 30.76 -28.32 -43.59
C VAL M 16 29.80 -29.39 -43.07
N SER M 17 30.01 -30.64 -43.49
CA SER M 17 29.17 -31.73 -43.01
C SER M 17 29.59 -32.17 -41.61
N HIS M 18 28.60 -32.54 -40.81
CA HIS M 18 28.83 -33.07 -39.46
C HIS M 18 28.06 -34.36 -39.32
N VAL M 19 28.69 -35.36 -38.70
CA VAL M 19 28.05 -36.63 -38.41
C VAL M 19 27.84 -36.69 -36.90
N LEU M 20 26.58 -36.69 -36.48
CA LEU M 20 26.20 -36.75 -35.08
C LEU M 20 25.82 -38.18 -34.73
N VAL M 21 26.54 -38.78 -33.79
CA VAL M 21 26.34 -40.16 -33.36
C VAL M 21 25.34 -40.15 -32.21
N PRO M 22 24.49 -41.17 -32.05
CA PRO M 22 23.62 -41.22 -30.88
C PRO M 22 24.45 -41.26 -29.60
N LEU M 23 23.99 -40.53 -28.60
CA LEU M 23 24.70 -40.38 -27.34
C LEU M 23 23.96 -40.96 -26.14
N GLY M 24 22.64 -41.02 -26.19
CA GLY M 24 21.88 -41.63 -25.12
C GLY M 24 20.46 -41.12 -25.09
N VAL M 25 19.64 -41.82 -24.30
CA VAL M 25 18.26 -41.44 -24.07
C VAL M 25 18.02 -41.51 -22.56
N GLY M 26 17.15 -40.62 -22.07
CA GLY M 26 16.83 -40.62 -20.66
C GLY M 26 15.56 -39.86 -20.37
N ILE M 27 15.17 -39.86 -19.10
CA ILE M 27 14.08 -39.05 -18.59
C ILE M 27 14.64 -38.08 -17.57
N ASP M 28 14.21 -36.82 -17.65
CA ASP M 28 14.66 -35.76 -16.75
C ASP M 28 13.49 -35.23 -15.95
N GLU M 29 13.77 -34.87 -14.70
CA GLU M 29 12.74 -34.32 -13.84
C GLU M 29 12.12 -33.07 -14.43
N ASN M 30 12.96 -32.15 -14.94
CA ASN M 30 12.51 -30.84 -15.41
C ASN M 30 12.44 -30.73 -16.93
N LEU M 31 13.08 -31.62 -17.67
CA LEU M 31 13.14 -31.51 -19.13
C LEU M 31 12.20 -32.46 -19.85
N GLY M 32 11.90 -33.62 -19.28
CA GLY M 32 11.02 -34.59 -19.91
C GLY M 32 11.78 -35.69 -20.62
N SER M 33 11.24 -36.20 -21.72
CA SER M 33 11.94 -37.22 -22.50
C SER M 33 13.06 -36.56 -23.31
N VAL M 34 14.29 -37.02 -23.10
CA VAL M 34 15.47 -36.43 -23.71
C VAL M 34 16.17 -37.47 -24.57
N ALA M 35 16.61 -37.04 -25.76
CA ALA M 35 17.47 -37.83 -26.62
C ALA M 35 18.64 -36.96 -27.07
N LYS M 36 19.84 -37.55 -27.08
CA LYS M 36 21.07 -36.79 -27.30
C LYS M 36 21.87 -37.37 -28.45
N TRP M 37 22.39 -36.50 -29.30
CA TRP M 37 23.36 -36.84 -30.34
C TRP M 37 24.59 -35.97 -30.15
N ARG M 38 25.67 -36.32 -30.83
CA ARG M 38 26.94 -35.63 -30.65
C ARG M 38 27.91 -36.04 -31.75
N GLU M 39 28.69 -35.08 -32.22
CA GLU M 39 29.78 -35.35 -33.13
C GLU M 39 30.93 -36.06 -32.40
N ASN M 40 31.83 -36.66 -33.18
CA ASN M 40 32.95 -37.40 -32.61
C ASN M 40 34.27 -36.96 -33.20
N LEU M 41 34.43 -35.65 -33.42
CA LEU M 41 35.65 -35.16 -34.03
C LEU M 41 36.83 -35.38 -33.09
N ALA M 42 37.97 -35.77 -33.67
CA ALA M 42 39.23 -35.81 -32.94
C ALA M 42 39.82 -34.43 -32.72
N THR M 43 39.20 -33.37 -33.25
CA THR M 43 39.81 -32.04 -33.18
C THR M 43 39.66 -31.43 -31.79
N VAL M 44 38.55 -31.70 -31.13
CA VAL M 44 38.20 -31.11 -29.84
C VAL M 44 38.01 -32.25 -28.85
N PRO M 45 38.01 -31.96 -27.55
CA PRO M 45 37.67 -32.99 -26.56
C PRO M 45 36.20 -33.37 -26.68
N LEU M 46 35.83 -34.44 -25.97
CA LEU M 46 34.51 -35.02 -26.14
C LEU M 46 33.41 -34.00 -25.82
N TYR M 47 33.54 -33.26 -24.72
CA TYR M 47 32.49 -32.35 -24.29
C TYR M 47 32.31 -31.18 -25.26
N ALA M 48 33.30 -30.88 -26.09
CA ALA M 48 33.30 -29.69 -26.94
C ALA M 48 32.74 -29.94 -28.34
N ASN M 49 32.16 -31.12 -28.59
CA ASN M 49 31.64 -31.44 -29.91
C ASN M 49 30.27 -30.81 -30.15
N VAL M 50 29.97 -30.56 -31.43
CA VAL M 50 28.63 -30.14 -31.82
C VAL M 50 27.63 -31.19 -31.37
N ARG M 51 26.53 -30.74 -30.74
CA ARG M 51 25.56 -31.66 -30.18
C ARG M 51 24.15 -31.25 -30.59
N VAL M 52 23.27 -32.25 -30.63
CA VAL M 52 21.85 -32.08 -30.90
C VAL M 52 21.08 -32.81 -29.82
N THR M 53 20.02 -32.18 -29.30
CA THR M 53 19.23 -32.74 -28.22
C THR M 53 17.76 -32.45 -28.46
N THR M 54 16.90 -33.42 -28.19
CA THR M 54 15.46 -33.25 -28.25
C THR M 54 14.86 -33.39 -26.86
N MET M 55 13.86 -32.57 -26.59
CA MET M 55 13.11 -32.61 -25.33
C MET M 55 11.62 -32.67 -25.61
N GLN M 56 10.92 -33.51 -24.86
CA GLN M 56 9.47 -33.64 -24.94
C GLN M 56 8.92 -33.65 -23.52
N LYS M 57 8.16 -32.62 -23.17
CA LYS M 57 7.67 -32.43 -21.81
C LYS M 57 6.20 -32.07 -21.85
N LYS M 58 5.39 -32.83 -21.11
CA LYS M 58 3.97 -32.52 -21.00
C LYS M 58 3.77 -31.43 -19.96
N LEU M 59 3.03 -30.39 -20.33
CA LEU M 59 2.72 -29.29 -19.42
C LEU M 59 1.29 -29.41 -18.93
N LYS M 60 0.88 -28.41 -18.16
CA LYS M 60 -0.49 -28.35 -17.68
C LYS M 60 -1.42 -27.90 -18.80
N SER M 61 -2.70 -28.22 -18.63
CA SER M 61 -3.75 -27.87 -19.59
C SER M 61 -3.55 -28.55 -20.94
N GLY M 62 -2.97 -29.75 -20.92
CA GLY M 62 -2.90 -30.57 -22.12
C GLY M 62 -2.09 -29.96 -23.25
N ILE M 63 -0.95 -29.37 -22.93
CA ILE M 63 -0.05 -28.79 -23.91
C ILE M 63 1.31 -29.43 -23.71
N GLU M 64 1.92 -29.89 -24.80
CA GLU M 64 3.26 -30.46 -24.71
C GLU M 64 4.24 -29.50 -25.36
N ARG M 65 5.42 -29.40 -24.76
CA ARG M 65 6.50 -28.58 -25.27
C ARG M 65 7.53 -29.50 -25.92
N VAL M 66 7.96 -29.13 -27.12
CA VAL M 66 8.85 -29.96 -27.93
C VAL M 66 10.02 -29.08 -28.36
N GLU M 67 11.25 -29.57 -28.18
CA GLU M 67 12.42 -28.81 -28.55
C GLU M 67 13.44 -29.68 -29.27
N ILE M 68 14.05 -29.11 -30.31
CA ILE M 68 15.25 -29.66 -30.94
C ILE M 68 16.34 -28.61 -30.76
N ARG M 69 17.30 -28.86 -29.88
CA ARG M 69 18.32 -27.88 -29.52
C ARG M 69 19.65 -28.25 -30.17
N VAL M 70 20.16 -27.35 -31.02
CA VAL M 70 21.48 -27.49 -31.64
C VAL M 70 22.44 -26.55 -30.92
N GLU M 71 23.49 -27.11 -30.33
CA GLU M 71 24.51 -26.32 -29.64
C GLU M 71 25.85 -26.53 -30.32
N VAL M 72 26.48 -25.43 -30.72
CA VAL M 72 27.80 -25.47 -31.36
C VAL M 72 28.81 -24.79 -30.47
N PRO M 73 29.68 -25.53 -29.77
CA PRO M 73 30.76 -24.89 -29.01
C PRO M 73 31.83 -24.36 -29.96
N VAL M 74 32.14 -23.07 -29.81
CA VAL M 74 33.19 -22.43 -30.58
C VAL M 74 34.42 -22.35 -29.68
N MET M 75 35.53 -22.91 -30.15
CA MET M 75 36.72 -23.04 -29.31
C MET M 75 37.57 -21.78 -29.37
N GLU M 76 38.27 -21.52 -28.27
CA GLU M 76 39.33 -20.52 -28.30
C GLU M 76 40.46 -20.98 -29.21
N ALA M 77 41.14 -20.02 -29.81
CA ALA M 77 42.26 -20.32 -30.70
C ALA M 77 43.53 -20.46 -29.87
N VAL M 78 44.08 -21.67 -29.82
CA VAL M 78 45.32 -21.88 -29.11
C VAL M 78 46.47 -21.32 -29.95
N SER M 79 47.22 -20.38 -29.37
CA SER M 79 48.35 -19.76 -30.04
C SER M 79 49.47 -19.60 -29.02
N GLY M 80 50.69 -19.96 -29.43
CA GLY M 80 51.84 -19.86 -28.55
C GLY M 80 51.65 -20.63 -27.25
N GLN M 81 52.38 -20.16 -26.23
CA GLN M 81 52.38 -20.77 -24.92
C GLN M 81 51.74 -19.84 -23.90
N ASN M 82 51.30 -20.42 -22.79
CA ASN M 82 50.75 -19.64 -21.69
C ASN M 82 51.87 -19.17 -20.78
N ALA M 83 51.50 -18.48 -19.70
CA ALA M 83 52.47 -17.92 -18.79
C ALA M 83 53.31 -18.98 -18.07
N PHE M 84 52.94 -20.26 -18.19
CA PHE M 84 53.70 -21.32 -17.55
C PHE M 84 54.65 -22.04 -18.50
N GLY M 85 54.64 -21.69 -19.79
CA GLY M 85 55.53 -22.30 -20.75
C GLY M 85 54.98 -23.53 -21.45
N TYR M 86 53.68 -23.80 -21.31
CA TYR M 86 53.04 -24.93 -21.95
C TYR M 86 52.04 -24.46 -23.00
N THR M 87 51.79 -25.31 -23.99
CA THR M 87 50.70 -25.06 -24.92
C THR M 87 49.37 -25.15 -24.19
N ALA M 88 48.49 -24.19 -24.43
CA ALA M 88 47.25 -24.10 -23.69
C ALA M 88 46.34 -25.30 -23.98
N ALA M 89 45.59 -25.71 -22.97
CA ALA M 89 44.60 -26.75 -23.16
C ALA M 89 43.42 -26.19 -23.95
N PRO M 90 42.72 -27.02 -24.72
CA PRO M 90 41.55 -26.53 -25.44
C PRO M 90 40.49 -26.01 -24.48
N LYS M 91 39.90 -24.86 -24.84
CA LYS M 91 38.91 -24.21 -23.99
C LYS M 91 37.78 -23.68 -24.86
N VAL M 92 36.55 -23.85 -24.39
CA VAL M 92 35.39 -23.35 -25.12
C VAL M 92 35.28 -21.84 -24.94
N ALA M 93 35.24 -21.12 -26.04
CA ALA M 93 35.11 -19.66 -25.97
C ALA M 93 33.68 -19.26 -25.68
N PHE M 94 32.74 -19.79 -26.44
CA PHE M 94 31.32 -19.57 -26.22
C PHE M 94 30.57 -20.69 -26.93
N THR M 95 29.31 -20.86 -26.56
CA THR M 95 28.46 -21.89 -27.16
C THR M 95 27.24 -21.22 -27.77
N ASP M 96 27.07 -21.36 -29.08
CA ASP M 96 25.89 -20.86 -29.77
C ASP M 96 24.79 -21.91 -29.75
N SER M 97 23.56 -21.45 -29.52
CA SER M 97 22.41 -22.34 -29.36
C SER M 97 21.29 -21.88 -30.27
N GLY M 98 20.90 -22.73 -31.22
CA GLY M 98 19.73 -22.50 -32.04
C GLY M 98 18.81 -23.69 -31.95
N SER M 99 17.53 -23.46 -31.66
CA SER M 99 16.63 -24.58 -31.40
C SER M 99 15.27 -24.33 -32.02
N PHE M 100 14.57 -25.43 -32.33
CA PHE M 100 13.15 -25.39 -32.60
C PHE M 100 12.40 -25.62 -31.29
N VAL M 101 11.37 -24.81 -31.04
CA VAL M 101 10.55 -24.95 -29.85
C VAL M 101 9.09 -24.95 -30.27
N GLY M 102 8.41 -26.06 -30.03
CA GLY M 102 7.01 -26.19 -30.37
C GLY M 102 6.15 -26.35 -29.12
N TYR M 103 5.01 -25.66 -29.12
CA TYR M 103 3.98 -25.84 -28.11
C TYR M 103 2.72 -26.29 -28.83
N PHE M 104 2.28 -27.52 -28.58
CA PHE M 104 1.17 -28.11 -29.28
C PHE M 104 0.13 -28.63 -28.28
N SER M 105 -1.13 -28.37 -28.58
CA SER M 105 -2.22 -28.95 -27.80
C SER M 105 -2.34 -30.45 -28.07
N GLU M 106 -2.82 -31.18 -27.07
CA GLU M 106 -3.11 -32.59 -27.25
C GLU M 106 -4.14 -32.82 -28.35
N ARG M 107 -4.92 -31.79 -28.68
CA ARG M 107 -5.96 -31.88 -29.71
C ARG M 107 -5.43 -31.74 -31.13
N SER M 108 -4.21 -31.24 -31.32
CA SER M 108 -3.69 -31.08 -32.67
C SER M 108 -3.30 -32.43 -33.24
N ALA M 109 -3.49 -32.56 -34.55
CA ALA M 109 -3.20 -33.78 -35.28
C ALA M 109 -1.82 -33.70 -35.94
N GLN M 110 -1.36 -34.85 -36.42
CA GLN M 110 -0.10 -34.90 -37.16
C GLN M 110 -0.08 -33.85 -38.27
N SER M 111 -1.19 -33.71 -39.00
CA SER M 111 -1.25 -32.78 -40.10
C SER M 111 -1.10 -31.34 -39.64
N ASN M 112 -1.77 -30.97 -38.52
CA ASN M 112 -1.67 -29.61 -38.01
C ASN M 112 -0.23 -29.26 -37.65
N ARG M 113 0.45 -30.16 -36.95
CA ARG M 113 1.81 -29.88 -36.49
C ARG M 113 2.77 -29.83 -37.67
N ARG M 114 2.66 -30.78 -38.61
CA ARG M 114 3.50 -30.75 -39.79
C ARG M 114 3.30 -29.47 -40.60
N LEU M 115 2.09 -28.93 -40.61
CA LEU M 115 1.81 -27.72 -41.37
C LEU M 115 2.56 -26.53 -40.79
N VAL M 116 2.52 -26.36 -39.47
CA VAL M 116 3.24 -25.25 -38.83
C VAL M 116 4.73 -25.42 -39.02
N LYS M 117 5.24 -26.64 -38.87
CA LYS M 117 6.67 -26.90 -38.95
C LYS M 117 7.27 -26.31 -40.22
N GLN M 118 6.66 -26.59 -41.37
CA GLN M 118 7.28 -26.19 -42.64
C GLN M 118 7.24 -24.69 -42.84
N ILE M 119 6.23 -23.99 -42.30
CA ILE M 119 6.22 -22.54 -42.39
C ILE M 119 7.51 -21.97 -41.81
N LEU M 120 7.81 -22.35 -40.57
CA LEU M 120 9.04 -21.90 -39.92
C LEU M 120 10.27 -22.29 -40.73
N THR M 121 10.32 -23.55 -41.18
CA THR M 121 11.47 -24.01 -41.95
C THR M 121 11.67 -23.15 -43.20
N ASN M 122 10.59 -22.89 -43.93
CA ASN M 122 10.71 -22.07 -45.13
C ASN M 122 11.11 -20.64 -44.79
N LEU M 123 10.62 -20.11 -43.67
CA LEU M 123 11.02 -18.79 -43.23
C LEU M 123 12.51 -18.73 -42.96
N LEU M 124 13.05 -19.74 -42.26
CA LEU M 124 14.47 -19.77 -41.94
C LEU M 124 15.33 -19.92 -43.19
N GLY M 125 14.81 -20.57 -44.23
CA GLY M 125 15.53 -20.76 -45.45
C GLY M 125 15.34 -19.66 -46.47
N ASN M 126 14.57 -18.63 -46.12
CA ASN M 126 14.26 -17.52 -47.02
C ASN M 126 13.61 -18.03 -48.31
N VAL M 127 12.67 -18.97 -48.17
CA VAL M 127 12.04 -19.65 -49.28
C VAL M 127 10.58 -19.23 -49.35
N SER M 128 10.20 -18.63 -50.49
CA SER M 128 8.84 -18.20 -50.72
C SER M 128 8.08 -19.10 -51.68
N THR M 129 8.68 -20.19 -52.14
CA THR M 129 8.04 -21.13 -53.04
C THR M 129 7.56 -22.35 -52.28
N SER M 130 6.94 -23.28 -53.01
CA SER M 130 6.37 -24.47 -52.41
C SER M 130 7.46 -25.51 -52.14
N VAL M 131 7.48 -26.02 -50.91
CA VAL M 131 8.42 -27.06 -50.49
C VAL M 131 7.64 -28.12 -49.73
N ALA M 132 7.89 -29.39 -50.05
CA ALA M 132 7.18 -30.49 -49.43
C ALA M 132 7.68 -30.73 -48.01
N ALA M 133 6.75 -30.85 -47.08
CA ALA M 133 7.10 -31.07 -45.69
C ALA M 133 7.56 -32.51 -45.49
N PRO M 134 8.71 -32.73 -44.84
CA PRO M 134 9.17 -34.10 -44.61
C PRO M 134 8.22 -34.88 -43.71
N THR M 135 8.09 -36.17 -43.99
CA THR M 135 7.27 -37.06 -43.18
C THR M 135 8.09 -38.14 -42.49
N THR M 136 9.43 -38.11 -42.62
CA THR M 136 10.33 -39.03 -41.94
C THR M 136 11.48 -38.24 -41.35
N GLY M 137 12.31 -38.93 -40.57
CA GLY M 137 13.41 -38.31 -39.88
C GLY M 137 13.06 -37.99 -38.44
N PHE M 138 14.11 -37.83 -37.62
CA PHE M 138 13.88 -37.64 -36.19
C PHE M 138 13.16 -36.33 -35.90
N ALA M 139 13.38 -35.31 -36.72
CA ALA M 139 12.69 -34.04 -36.54
C ALA M 139 11.20 -34.19 -36.82
N SER M 140 10.84 -34.87 -37.92
CA SER M 140 9.43 -35.08 -38.21
C SER M 140 8.76 -35.95 -37.15
N GLU M 141 9.45 -37.02 -36.72
CA GLU M 141 8.87 -37.89 -35.70
C GLU M 141 8.58 -37.11 -34.42
N LEU M 142 9.46 -36.18 -34.07
CA LEU M 142 9.27 -35.41 -32.85
C LEU M 142 8.22 -34.32 -33.03
N ILE M 143 8.39 -33.46 -34.03
CA ILE M 143 7.52 -32.30 -34.17
C ILE M 143 6.14 -32.71 -34.68
N ASP M 144 6.10 -33.52 -35.74
CA ASP M 144 4.81 -33.87 -36.34
C ASP M 144 4.03 -34.84 -35.44
N SER M 145 4.72 -35.79 -34.81
CA SER M 145 4.05 -36.93 -34.21
C SER M 145 4.36 -37.12 -32.73
N GLY M 146 5.11 -36.23 -32.10
CA GLY M 146 5.37 -36.38 -30.68
C GLY M 146 6.13 -37.65 -30.33
N ILE M 147 7.08 -38.04 -31.16
CA ILE M 147 7.84 -39.27 -30.99
C ILE M 147 9.27 -38.91 -30.59
N THR M 148 9.72 -39.45 -29.47
CA THR M 148 11.12 -39.35 -29.07
C THR M 148 11.84 -40.66 -29.41
N ALA M 149 13.07 -40.54 -29.88
CA ALA M 149 13.85 -41.72 -30.25
C ALA M 149 14.01 -42.65 -29.04
N SER M 150 14.25 -43.93 -29.33
CA SER M 150 14.38 -44.93 -28.29
C SER M 150 15.23 -46.13 -28.70
N SER N 1 12.68 -57.24 -28.50
CA SER N 1 13.63 -56.49 -27.68
C SER N 1 13.39 -54.98 -27.80
N SER N 2 13.85 -54.38 -28.90
CA SER N 2 13.68 -52.96 -29.13
C SER N 2 12.34 -52.68 -29.80
N GLN N 3 11.90 -51.42 -29.70
CA GLN N 3 10.56 -51.06 -30.15
C GLN N 3 10.44 -51.15 -31.67
N ALA N 4 9.31 -51.69 -32.12
CA ALA N 4 9.00 -51.78 -33.53
C ALA N 4 7.50 -51.56 -33.71
N ASN N 5 7.09 -51.44 -34.98
CA ASN N 5 5.68 -51.23 -35.27
C ASN N 5 4.87 -52.46 -34.90
N ILE N 6 3.74 -52.23 -34.22
CA ILE N 6 2.79 -53.28 -33.88
C ILE N 6 1.63 -53.19 -34.85
N THR N 7 1.24 -54.33 -35.42
CA THR N 7 0.07 -54.43 -36.29
C THR N 7 -0.95 -55.33 -35.62
N VAL N 8 -2.13 -54.77 -35.29
CA VAL N 8 -3.16 -55.47 -34.55
C VAL N 8 -4.52 -55.17 -35.20
N PHE N 9 -5.38 -56.19 -35.24
CA PHE N 9 -6.77 -55.99 -35.59
C PHE N 9 -7.60 -55.75 -34.34
N ASP N 10 -8.63 -54.92 -34.45
CA ASP N 10 -9.46 -54.59 -33.31
C ASP N 10 -10.64 -55.56 -33.25
N GLY N 11 -11.64 -55.24 -32.42
CA GLY N 11 -12.77 -56.10 -32.24
C GLY N 11 -14.07 -55.52 -32.78
N ALA N 12 -13.97 -54.70 -33.81
CA ALA N 12 -15.17 -54.22 -34.48
C ALA N 12 -15.91 -55.38 -35.14
N ALA N 13 -17.18 -55.14 -35.47
CA ALA N 13 -17.99 -56.19 -36.09
C ALA N 13 -17.31 -56.70 -37.36
N THR N 14 -16.72 -55.79 -38.14
CA THR N 14 -15.76 -56.15 -39.18
C THR N 14 -14.39 -55.65 -38.73
N PRO N 15 -13.52 -56.51 -38.22
CA PRO N 15 -12.27 -56.03 -37.58
C PRO N 15 -11.38 -55.24 -38.54
N VAL N 16 -10.74 -54.22 -38.00
CA VAL N 16 -9.92 -53.26 -38.72
C VAL N 16 -8.50 -53.33 -38.18
N SER N 17 -7.51 -53.26 -39.07
CA SER N 17 -6.12 -53.30 -38.65
C SER N 17 -5.64 -51.91 -38.22
N HIS N 18 -4.82 -51.88 -37.18
CA HIS N 18 -4.19 -50.67 -36.69
C HIS N 18 -2.68 -50.87 -36.67
N VAL N 19 -1.93 -49.85 -37.08
CA VAL N 19 -0.47 -49.86 -37.02
C VAL N 19 -0.06 -48.88 -35.93
N LEU N 20 0.52 -49.41 -34.86
CA LEU N 20 0.97 -48.61 -33.72
C LEU N 20 2.48 -48.43 -33.82
N VAL N 21 2.92 -47.18 -33.95
CA VAL N 21 4.36 -46.89 -34.08
C VAL N 21 4.93 -46.57 -32.71
N PRO N 22 6.23 -46.76 -32.51
CA PRO N 22 6.82 -46.48 -31.20
C PRO N 22 6.80 -44.98 -30.88
N LEU N 23 6.64 -44.70 -29.59
CA LEU N 23 6.69 -43.33 -29.07
C LEU N 23 7.85 -43.08 -28.12
N GLY N 24 8.42 -44.12 -27.52
CA GLY N 24 9.55 -43.96 -26.64
C GLY N 24 9.52 -44.88 -25.43
N VAL N 25 10.64 -44.94 -24.73
CA VAL N 25 10.77 -45.73 -23.51
C VAL N 25 11.45 -44.87 -22.47
N GLY N 26 11.08 -45.09 -21.21
CA GLY N 26 11.72 -44.40 -20.11
C GLY N 26 11.37 -45.04 -18.79
N ILE N 27 11.97 -44.50 -17.73
CA ILE N 27 11.78 -45.00 -16.38
C ILE N 27 11.10 -43.92 -15.55
N ASP N 28 9.82 -44.10 -15.26
CA ASP N 28 9.10 -43.27 -14.31
C ASP N 28 9.25 -43.86 -12.90
N GLU N 29 9.40 -42.98 -11.91
CA GLU N 29 9.60 -43.46 -10.55
C GLU N 29 8.37 -44.16 -10.01
N ASN N 30 7.18 -43.67 -10.36
CA ASN N 30 5.94 -44.30 -9.92
C ASN N 30 5.52 -45.47 -10.80
N LEU N 31 5.55 -45.29 -12.12
CA LEU N 31 5.03 -46.34 -13.00
C LEU N 31 6.03 -47.46 -13.21
N GLY N 32 7.33 -47.18 -13.15
CA GLY N 32 8.34 -48.17 -13.45
C GLY N 32 8.92 -47.98 -14.84
N SER N 33 9.26 -49.09 -15.51
CA SER N 33 9.73 -49.03 -16.89
C SER N 33 8.53 -48.96 -17.82
N VAL N 34 8.45 -47.89 -18.60
CA VAL N 34 7.30 -47.60 -19.45
C VAL N 34 7.74 -47.59 -20.91
N ALA N 35 6.98 -48.26 -21.77
CA ALA N 35 7.17 -48.20 -23.21
C ALA N 35 5.84 -47.86 -23.86
N LYS N 36 5.86 -46.95 -24.84
CA LYS N 36 4.64 -46.40 -25.42
C LYS N 36 4.61 -46.63 -26.93
N TRP N 37 3.42 -46.96 -27.43
CA TRP N 37 3.13 -47.05 -28.85
C TRP N 37 1.87 -46.25 -29.12
N ARG N 38 1.70 -45.80 -30.37
CA ARG N 38 0.49 -45.09 -30.74
C ARG N 38 0.28 -45.16 -32.25
N GLU N 39 -0.97 -45.32 -32.65
CA GLU N 39 -1.35 -45.22 -34.06
C GLU N 39 -1.22 -43.77 -34.53
N ASN N 40 -0.90 -43.59 -35.81
CA ASN N 40 -0.58 -42.28 -36.36
C ASN N 40 -1.49 -41.98 -37.55
N LEU N 41 -2.79 -41.92 -37.30
CA LEU N 41 -3.71 -41.42 -38.30
C LEU N 41 -3.45 -39.94 -38.56
N ALA N 42 -3.38 -39.59 -39.84
CA ALA N 42 -2.87 -38.28 -40.22
C ALA N 42 -3.75 -37.13 -39.72
N THR N 43 -5.06 -37.29 -39.79
CA THR N 43 -6.00 -36.23 -39.42
C THR N 43 -6.49 -36.35 -37.98
N VAL N 44 -6.35 -37.50 -37.34
CA VAL N 44 -6.92 -37.68 -36.01
C VAL N 44 -6.04 -36.98 -34.97
N PRO N 45 -6.62 -36.25 -34.02
CA PRO N 45 -5.83 -35.65 -32.95
C PRO N 45 -4.95 -36.70 -32.28
N LEU N 46 -3.75 -36.27 -31.86
CA LEU N 46 -2.79 -37.22 -31.33
C LEU N 46 -3.33 -37.92 -30.08
N TYR N 47 -4.01 -37.18 -29.21
CA TYR N 47 -4.54 -37.80 -28.00
C TYR N 47 -5.83 -38.58 -28.26
N ALA N 48 -6.31 -38.62 -29.50
CA ALA N 48 -7.48 -39.40 -29.86
C ALA N 48 -7.12 -40.69 -30.59
N ASN N 49 -5.83 -40.97 -30.80
CA ASN N 49 -5.39 -42.15 -31.51
C ASN N 49 -5.20 -43.33 -30.57
N VAL N 50 -5.45 -44.53 -31.09
CA VAL N 50 -5.25 -45.76 -30.33
C VAL N 50 -3.81 -45.83 -29.85
N ARG N 51 -3.63 -46.15 -28.57
CA ARG N 51 -2.29 -46.24 -28.00
C ARG N 51 -2.16 -47.51 -27.16
N VAL N 52 -0.93 -47.98 -27.04
CA VAL N 52 -0.59 -49.16 -26.24
C VAL N 52 0.61 -48.82 -25.38
N THR N 53 0.57 -49.24 -24.12
CA THR N 53 1.61 -48.91 -23.15
C THR N 53 1.90 -50.13 -22.28
N THR N 54 3.17 -50.31 -21.93
CA THR N 54 3.58 -51.35 -20.99
C THR N 54 4.24 -50.72 -19.78
N MET N 55 3.88 -51.19 -18.60
CA MET N 55 4.51 -50.82 -17.34
C MET N 55 5.12 -52.05 -16.69
N GLN N 56 6.29 -51.87 -16.09
CA GLN N 56 6.92 -52.91 -15.28
C GLN N 56 7.49 -52.27 -14.03
N LYS N 57 7.09 -52.78 -12.86
CA LYS N 57 7.52 -52.21 -11.60
C LYS N 57 7.64 -53.32 -10.56
N LYS N 58 8.74 -53.29 -9.82
CA LYS N 58 8.92 -54.15 -8.66
C LYS N 58 8.34 -53.42 -7.44
N LEU N 59 7.36 -54.03 -6.79
CA LEU N 59 6.71 -53.42 -5.65
C LEU N 59 7.56 -53.60 -4.39
N LYS N 60 7.08 -53.03 -3.28
CA LYS N 60 7.79 -53.19 -2.01
C LYS N 60 7.76 -54.64 -1.54
N SER N 61 6.68 -55.36 -1.84
CA SER N 61 6.56 -56.76 -1.46
C SER N 61 7.63 -57.65 -2.11
N GLY N 62 8.27 -57.17 -3.17
CA GLY N 62 9.06 -58.02 -4.04
C GLY N 62 8.29 -58.58 -5.20
N ILE N 63 6.96 -58.46 -5.18
CA ILE N 63 6.12 -58.89 -6.30
C ILE N 63 6.37 -57.97 -7.49
N GLU N 64 6.65 -58.56 -8.65
CA GLU N 64 6.77 -57.77 -9.86
C GLU N 64 5.37 -57.57 -10.45
N ARG N 65 5.06 -56.33 -10.81
CA ARG N 65 3.80 -56.00 -11.46
C ARG N 65 4.06 -55.69 -12.92
N VAL N 66 3.17 -56.16 -13.78
CA VAL N 66 3.33 -56.08 -15.23
C VAL N 66 1.99 -55.69 -15.84
N GLU N 67 2.00 -54.71 -16.75
CA GLU N 67 0.77 -54.25 -17.38
C GLU N 67 0.99 -53.96 -18.86
N ILE N 68 0.00 -54.35 -19.66
CA ILE N 68 -0.10 -53.97 -21.07
C ILE N 68 -1.43 -53.27 -21.22
N ARG N 69 -1.42 -51.94 -21.39
CA ARG N 69 -2.62 -51.12 -21.37
C ARG N 69 -2.97 -50.64 -22.78
N VAL N 70 -4.12 -51.06 -23.27
CA VAL N 70 -4.66 -50.61 -24.57
C VAL N 70 -5.72 -49.54 -24.31
N GLU N 71 -5.54 -48.36 -24.88
CA GLU N 71 -6.48 -47.27 -24.73
C GLU N 71 -6.99 -46.84 -26.10
N VAL N 72 -8.31 -46.77 -26.24
CA VAL N 72 -8.96 -46.35 -27.48
C VAL N 72 -9.80 -45.11 -27.18
N PRO N 73 -9.33 -43.93 -27.55
CA PRO N 73 -10.12 -42.72 -27.33
C PRO N 73 -11.25 -42.61 -28.34
N VAL N 74 -12.37 -42.05 -27.89
CA VAL N 74 -13.53 -41.82 -28.73
C VAL N 74 -13.88 -40.33 -28.66
N MET N 75 -14.03 -39.72 -29.83
CA MET N 75 -14.29 -38.30 -29.90
C MET N 75 -15.79 -38.03 -29.94
N GLU N 76 -16.15 -36.77 -29.69
CA GLU N 76 -17.52 -36.34 -29.90
C GLU N 76 -17.78 -36.20 -31.40
N ALA N 77 -19.00 -35.78 -31.72
CA ALA N 77 -19.39 -35.68 -33.11
C ALA N 77 -18.96 -34.34 -33.72
N VAL N 78 -18.75 -34.33 -35.04
CA VAL N 78 -18.36 -33.13 -35.79
C VAL N 78 -19.60 -32.41 -36.26
N SER N 79 -19.56 -31.08 -36.26
CA SER N 79 -20.69 -30.29 -36.71
C SER N 79 -20.50 -29.69 -38.10
N GLY N 80 -19.31 -29.72 -38.66
CA GLY N 80 -19.09 -29.04 -39.92
C GLY N 80 -17.60 -28.81 -40.19
N GLN N 81 -17.34 -27.99 -41.20
CA GLN N 81 -15.99 -27.66 -41.64
C GLN N 81 -15.96 -26.22 -42.08
N ASN N 82 -15.01 -25.45 -41.55
CA ASN N 82 -14.94 -24.03 -41.88
C ASN N 82 -14.52 -23.84 -43.33
N ALA N 83 -15.14 -22.84 -43.98
CA ALA N 83 -14.88 -22.64 -45.40
C ALA N 83 -13.47 -22.13 -45.66
N PHE N 84 -12.86 -21.41 -44.73
CA PHE N 84 -11.63 -20.72 -45.09
C PHE N 84 -10.49 -20.89 -44.09
N GLY N 85 -10.81 -21.09 -42.83
CA GLY N 85 -9.79 -21.33 -41.82
C GLY N 85 -9.32 -22.77 -41.75
N TYR N 86 -8.76 -23.14 -40.60
CA TYR N 86 -8.48 -24.53 -40.27
C TYR N 86 -9.49 -25.00 -39.23
N THR N 87 -9.91 -26.25 -39.34
CA THR N 87 -11.00 -26.78 -38.52
C THR N 87 -10.50 -27.93 -37.65
N ALA N 88 -10.80 -27.86 -36.36
CA ALA N 88 -10.33 -28.85 -35.40
C ALA N 88 -11.31 -30.02 -35.31
N ALA N 89 -10.76 -31.17 -35.01
CA ALA N 89 -11.59 -32.30 -34.66
C ALA N 89 -12.11 -32.15 -33.23
N PRO N 90 -13.29 -32.68 -32.94
CA PRO N 90 -13.88 -32.46 -31.62
C PRO N 90 -13.07 -33.12 -30.52
N LYS N 91 -13.43 -32.76 -29.28
CA LYS N 91 -12.71 -33.25 -28.11
C LYS N 91 -13.03 -34.72 -27.87
N VAL N 92 -12.14 -35.38 -27.13
CA VAL N 92 -12.34 -36.78 -26.75
C VAL N 92 -13.49 -36.86 -25.75
N ALA N 93 -14.50 -37.67 -26.06
CA ALA N 93 -15.62 -37.81 -25.15
C ALA N 93 -15.29 -38.76 -24.00
N PHE N 94 -14.61 -39.87 -24.30
CA PHE N 94 -14.18 -40.80 -23.28
C PHE N 94 -13.07 -41.65 -23.88
N THR N 95 -12.38 -42.39 -23.01
CA THR N 95 -11.32 -43.29 -23.44
C THR N 95 -11.56 -44.66 -22.81
N ASP N 96 -11.64 -45.68 -23.66
CA ASP N 96 -11.82 -47.05 -23.21
C ASP N 96 -10.46 -47.67 -22.95
N SER N 97 -10.29 -48.28 -21.78
CA SER N 97 -9.02 -48.86 -21.36
C SER N 97 -9.22 -50.33 -21.04
N GLY N 98 -8.53 -51.18 -21.78
CA GLY N 98 -8.49 -52.60 -21.47
C GLY N 98 -7.05 -53.05 -21.37
N SER N 99 -6.69 -53.70 -20.27
CA SER N 99 -5.29 -54.00 -20.03
C SER N 99 -5.14 -55.40 -19.43
N PHE N 100 -3.98 -56.00 -19.68
CA PHE N 100 -3.52 -57.16 -18.92
C PHE N 100 -2.70 -56.67 -17.74
N VAL N 101 -2.92 -57.25 -16.57
CA VAL N 101 -2.16 -56.92 -15.37
C VAL N 101 -1.72 -58.22 -14.71
N GLY N 102 -0.41 -58.36 -14.54
CA GLY N 102 0.15 -59.56 -13.93
C GLY N 102 0.90 -59.24 -12.65
N TYR N 103 0.67 -60.06 -11.62
CA TYR N 103 1.40 -59.98 -10.36
C TYR N 103 2.12 -61.30 -10.15
N PHE N 104 3.44 -61.27 -10.17
CA PHE N 104 4.25 -62.48 -10.10
C PHE N 104 5.28 -62.39 -8.98
N SER N 105 5.50 -63.51 -8.30
CA SER N 105 6.56 -63.62 -7.33
C SER N 105 7.91 -63.77 -8.02
N GLU N 106 8.98 -63.49 -7.28
CA GLU N 106 10.32 -63.69 -7.81
C GLU N 106 10.59 -65.16 -8.16
N ARG N 107 9.97 -66.09 -7.42
CA ARG N 107 10.22 -67.51 -7.66
C ARG N 107 9.63 -67.98 -8.98
N SER N 108 8.57 -67.33 -9.47
CA SER N 108 7.87 -67.82 -10.65
C SER N 108 8.76 -67.71 -11.87
N ALA N 109 8.80 -68.77 -12.66
CA ALA N 109 9.68 -68.87 -13.81
C ALA N 109 8.96 -68.43 -15.08
N GLN N 110 9.70 -68.39 -16.19
CA GLN N 110 9.09 -68.18 -17.50
C GLN N 110 7.83 -69.04 -17.65
N SER N 111 7.95 -70.35 -17.40
CA SER N 111 6.85 -71.25 -17.67
C SER N 111 5.65 -70.96 -16.77
N ASN N 112 5.91 -70.59 -15.52
CA ASN N 112 4.82 -70.24 -14.61
C ASN N 112 4.04 -69.03 -15.11
N ARG N 113 4.75 -67.94 -15.42
CA ARG N 113 4.09 -66.74 -15.92
C ARG N 113 3.38 -67.00 -17.25
N ARG N 114 4.03 -67.73 -18.15
CA ARG N 114 3.42 -68.03 -19.44
C ARG N 114 2.17 -68.89 -19.28
N LEU N 115 2.14 -69.76 -18.28
CA LEU N 115 1.01 -70.65 -18.08
C LEU N 115 -0.25 -69.86 -17.73
N VAL N 116 -0.13 -68.91 -16.80
CA VAL N 116 -1.29 -68.11 -16.41
C VAL N 116 -1.70 -67.18 -17.54
N LYS N 117 -0.72 -66.59 -18.21
CA LYS N 117 -1.00 -65.68 -19.33
C LYS N 117 -2.01 -66.30 -20.29
N GLN N 118 -1.76 -67.53 -20.73
CA GLN N 118 -2.58 -68.09 -21.79
C GLN N 118 -3.98 -68.47 -21.30
N ILE N 119 -4.13 -68.79 -20.01
CA ILE N 119 -5.47 -69.01 -19.47
C ILE N 119 -6.33 -67.78 -19.71
N LEU N 120 -5.82 -66.61 -19.35
CA LEU N 120 -6.56 -65.38 -19.54
C LEU N 120 -6.80 -65.09 -21.01
N THR N 121 -5.77 -65.29 -21.85
CA THR N 121 -5.94 -65.04 -23.28
C THR N 121 -7.03 -65.93 -23.86
N ASN N 122 -7.06 -67.21 -23.47
CA ASN N 122 -8.08 -68.11 -23.97
C ASN N 122 -9.46 -67.73 -23.44
N LEU N 123 -9.53 -67.30 -22.17
CA LEU N 123 -10.79 -66.83 -21.62
C LEU N 123 -11.32 -65.63 -22.40
N LEU N 124 -10.45 -64.67 -22.72
CA LEU N 124 -10.88 -63.48 -23.46
C LEU N 124 -11.33 -63.82 -24.87
N GLY N 125 -10.77 -64.89 -25.44
CA GLY N 125 -11.15 -65.32 -26.77
C GLY N 125 -12.26 -66.33 -26.81
N ASN N 126 -12.84 -66.68 -25.66
CA ASN N 126 -13.90 -67.69 -25.56
C ASN N 126 -13.45 -69.01 -26.20
N VAL N 127 -12.23 -69.42 -25.86
CA VAL N 127 -11.59 -70.58 -26.47
C VAL N 127 -11.51 -71.69 -25.42
N SER N 128 -12.16 -72.82 -25.71
CA SER N 128 -12.11 -73.98 -24.84
C SER N 128 -11.13 -75.04 -25.33
N THR N 129 -10.50 -74.83 -26.49
CA THR N 129 -9.58 -75.81 -27.04
C THR N 129 -8.14 -75.46 -26.65
N SER N 130 -7.19 -76.27 -27.11
CA SER N 130 -5.79 -76.08 -26.77
C SER N 130 -5.16 -75.09 -27.73
N VAL N 131 -4.42 -74.11 -27.18
CA VAL N 131 -3.74 -73.09 -27.95
C VAL N 131 -2.32 -72.97 -27.41
N ALA N 132 -1.35 -72.97 -28.32
CA ALA N 132 0.05 -72.86 -27.92
C ALA N 132 0.33 -71.45 -27.42
N ALA N 133 0.95 -71.36 -26.25
CA ALA N 133 1.26 -70.06 -25.68
C ALA N 133 2.45 -69.45 -26.41
N PRO N 134 2.35 -68.19 -26.85
CA PRO N 134 3.46 -67.56 -27.56
C PRO N 134 4.70 -67.46 -26.69
N THR N 135 5.87 -67.64 -27.31
CA THR N 135 7.14 -67.47 -26.63
C THR N 135 7.96 -66.32 -27.18
N THR N 136 7.46 -65.62 -28.20
CA THR N 136 8.09 -64.43 -28.76
C THR N 136 7.04 -63.32 -28.82
N GLY N 137 7.48 -62.13 -29.22
CA GLY N 137 6.62 -60.98 -29.23
C GLY N 137 6.77 -60.14 -27.98
N PHE N 138 6.41 -58.86 -28.10
CA PHE N 138 6.66 -57.93 -26.99
C PHE N 138 5.84 -58.30 -25.76
N ALA N 139 4.63 -58.82 -25.95
CA ALA N 139 3.83 -59.25 -24.81
C ALA N 139 4.48 -60.41 -24.08
N SER N 140 5.03 -61.38 -24.83
CA SER N 140 5.71 -62.51 -24.18
C SER N 140 6.98 -62.06 -23.47
N GLU N 141 7.76 -61.18 -24.11
CA GLU N 141 8.96 -60.66 -23.44
C GLU N 141 8.60 -60.02 -22.11
N LEU N 142 7.50 -59.27 -22.07
CA LEU N 142 7.12 -58.57 -20.85
C LEU N 142 6.50 -59.51 -19.82
N ILE N 143 5.48 -60.27 -20.22
CA ILE N 143 4.73 -61.07 -19.26
C ILE N 143 5.50 -62.31 -18.86
N ASP N 144 6.06 -63.04 -19.82
CA ASP N 144 6.76 -64.29 -19.49
C ASP N 144 8.11 -64.01 -18.85
N SER N 145 8.84 -63.02 -19.36
CA SER N 145 10.25 -62.85 -19.00
C SER N 145 10.57 -61.54 -18.27
N GLY N 146 9.60 -60.66 -18.08
CA GLY N 146 9.89 -59.41 -17.40
C GLY N 146 10.84 -58.49 -18.14
N ILE N 147 10.68 -58.37 -19.46
CA ILE N 147 11.56 -57.58 -20.30
C ILE N 147 10.73 -56.51 -21.00
N THR N 148 11.08 -55.25 -20.77
CA THR N 148 10.44 -54.11 -21.43
C THR N 148 11.21 -53.72 -22.69
N ALA N 149 10.50 -53.16 -23.66
CA ALA N 149 11.13 -52.73 -24.90
C ALA N 149 12.26 -51.75 -24.64
N SER N 150 13.29 -51.81 -25.49
CA SER N 150 14.51 -51.02 -25.32
C SER N 150 14.65 -49.94 -26.38
N SER O 1 25.02 -47.68 -31.31
CA SER O 1 24.60 -46.95 -30.12
C SER O 1 23.23 -47.42 -29.67
N SER O 2 22.39 -47.84 -30.61
CA SER O 2 21.13 -48.47 -30.24
C SER O 2 21.38 -49.86 -29.65
N GLN O 3 20.61 -50.20 -28.63
CA GLN O 3 20.86 -51.40 -27.83
C GLN O 3 20.40 -52.65 -28.57
N ALA O 4 21.29 -53.64 -28.66
CA ALA O 4 21.02 -54.85 -29.42
C ALA O 4 21.48 -56.09 -28.65
N ASN O 5 21.09 -57.26 -29.16
CA ASN O 5 21.51 -58.51 -28.54
C ASN O 5 23.03 -58.65 -28.59
N ILE O 6 23.59 -59.18 -27.52
CA ILE O 6 25.03 -59.42 -27.40
C ILE O 6 25.25 -60.92 -27.37
N THR O 7 26.03 -61.44 -28.31
CA THR O 7 26.46 -62.83 -28.30
C THR O 7 27.92 -62.86 -27.87
N VAL O 8 28.20 -63.57 -26.78
CA VAL O 8 29.53 -63.60 -26.17
C VAL O 8 29.81 -64.98 -25.60
N PHE O 9 31.01 -65.49 -25.84
CA PHE O 9 31.45 -66.74 -25.25
C PHE O 9 32.13 -66.48 -23.91
N ASP O 10 31.97 -67.43 -22.99
CA ASP O 10 32.55 -67.28 -21.66
C ASP O 10 33.93 -67.92 -21.62
N GLY O 11 34.49 -68.08 -20.43
CA GLY O 11 35.82 -68.63 -20.27
C GLY O 11 35.85 -70.00 -19.61
N ALA O 12 34.83 -70.81 -19.88
CA ALA O 12 34.87 -72.19 -19.43
C ALA O 12 35.94 -72.94 -20.22
N ALA O 13 36.30 -74.13 -19.72
CA ALA O 13 37.31 -74.94 -20.40
C ALA O 13 36.91 -75.19 -21.86
N THR O 14 35.64 -75.46 -22.09
CA THR O 14 35.06 -75.36 -23.43
C THR O 14 34.09 -74.18 -23.43
N PRO O 15 34.48 -73.04 -24.00
CA PRO O 15 33.67 -71.82 -23.87
C PRO O 15 32.25 -72.01 -24.41
N VAL O 16 31.31 -71.38 -23.72
CA VAL O 16 29.88 -71.49 -23.99
C VAL O 16 29.36 -70.12 -24.42
N SER O 17 28.59 -70.09 -25.50
CA SER O 17 28.01 -68.84 -25.96
C SER O 17 26.81 -68.45 -25.10
N HIS O 18 26.71 -67.17 -24.78
CA HIS O 18 25.58 -66.60 -24.08
C HIS O 18 24.98 -65.49 -24.94
N VAL O 19 23.65 -65.45 -25.01
CA VAL O 19 22.95 -64.40 -25.73
C VAL O 19 22.32 -63.47 -24.71
N LEU O 20 22.80 -62.23 -24.67
CA LEU O 20 22.37 -61.24 -23.68
C LEU O 20 21.40 -60.28 -24.36
N VAL O 21 20.15 -60.30 -23.89
CA VAL O 21 19.06 -59.50 -24.46
C VAL O 21 19.06 -58.13 -23.79
N PRO O 22 18.69 -57.06 -24.50
CA PRO O 22 18.62 -55.75 -23.85
C PRO O 22 17.47 -55.64 -22.87
N LEU O 23 17.74 -54.98 -21.75
CA LEU O 23 16.72 -54.69 -20.75
C LEU O 23 16.25 -53.24 -20.74
N GLY O 24 17.01 -52.33 -21.33
CA GLY O 24 16.68 -50.92 -21.34
C GLY O 24 17.82 -50.07 -20.79
N VAL O 25 17.64 -48.76 -20.88
CA VAL O 25 18.61 -47.79 -20.40
C VAL O 25 17.90 -46.74 -19.56
N GLY O 26 18.67 -46.03 -18.75
CA GLY O 26 18.10 -45.01 -17.88
C GLY O 26 19.18 -44.33 -17.08
N ILE O 27 18.74 -43.40 -16.23
CA ILE O 27 19.64 -42.59 -15.42
C ILE O 27 19.38 -42.86 -13.94
N ASP O 28 20.45 -43.18 -13.21
CA ASP O 28 20.41 -43.38 -11.76
C ASP O 28 21.19 -42.26 -11.09
N GLU O 29 20.71 -41.83 -9.92
CA GLU O 29 21.37 -40.72 -9.23
C GLU O 29 22.77 -41.11 -8.77
N ASN O 30 22.93 -42.33 -8.25
CA ASN O 30 24.24 -42.77 -7.78
C ASN O 30 25.16 -43.16 -8.92
N LEU O 31 24.62 -43.83 -9.95
CA LEU O 31 25.45 -44.54 -10.92
C LEU O 31 25.65 -43.80 -12.23
N GLY O 32 24.76 -42.88 -12.58
CA GLY O 32 24.87 -42.19 -13.85
C GLY O 32 23.97 -42.79 -14.92
N SER O 33 24.41 -42.78 -16.17
CA SER O 33 23.68 -43.44 -17.25
C SER O 33 23.97 -44.93 -17.21
N VAL O 34 22.91 -45.73 -17.09
CA VAL O 34 23.02 -47.17 -16.93
C VAL O 34 22.32 -47.85 -18.09
N ALA O 35 22.98 -48.85 -18.67
CA ALA O 35 22.39 -49.72 -19.69
C ALA O 35 22.54 -51.16 -19.23
N LYS O 36 21.48 -51.95 -19.42
CA LYS O 36 21.44 -53.30 -18.87
C LYS O 36 21.14 -54.32 -19.98
N TRP O 37 21.90 -55.41 -19.96
CA TRP O 37 21.62 -56.60 -20.75
C TRP O 37 21.48 -57.79 -19.81
N ARG O 38 20.85 -58.85 -20.32
CA ARG O 38 20.61 -60.02 -19.50
C ARG O 38 20.37 -61.22 -20.43
N GLU O 39 20.85 -62.39 -20.01
CA GLU O 39 20.49 -63.61 -20.69
C GLU O 39 19.10 -64.05 -20.23
N ASN O 40 18.38 -64.79 -21.08
CA ASN O 40 17.02 -65.22 -20.75
C ASN O 40 16.93 -66.74 -20.79
N LEU O 41 17.67 -67.40 -19.89
CA LEU O 41 17.62 -68.85 -19.76
C LEU O 41 16.47 -69.25 -18.86
N ALA O 42 15.72 -70.28 -19.28
CA ALA O 42 14.74 -70.95 -18.45
C ALA O 42 15.37 -71.87 -17.40
N THR O 43 16.69 -72.12 -17.50
CA THR O 43 17.36 -72.98 -16.53
C THR O 43 17.38 -72.37 -15.12
N VAL O 44 17.42 -71.05 -15.03
CA VAL O 44 17.66 -70.38 -13.75
C VAL O 44 16.57 -69.32 -13.55
N PRO O 45 16.38 -68.85 -12.31
CA PRO O 45 15.44 -67.75 -12.09
C PRO O 45 15.78 -66.53 -12.93
N LEU O 46 14.78 -65.68 -13.15
CA LEU O 46 14.96 -64.52 -14.01
C LEU O 46 16.04 -63.58 -13.48
N TYR O 47 16.04 -63.34 -12.17
CA TYR O 47 17.03 -62.45 -11.57
C TYR O 47 18.43 -63.06 -11.53
N ALA O 48 18.58 -64.37 -11.79
CA ALA O 48 19.83 -65.07 -11.59
C ALA O 48 20.57 -65.36 -12.89
N ASN O 49 20.26 -64.62 -13.95
CA ASN O 49 20.88 -64.81 -15.25
C ASN O 49 22.19 -64.04 -15.36
N VAL O 50 23.06 -64.51 -16.25
CA VAL O 50 24.26 -63.76 -16.61
C VAL O 50 23.83 -62.40 -17.15
N ARG O 51 24.49 -61.34 -16.67
CA ARG O 51 24.07 -59.99 -17.05
C ARG O 51 25.30 -59.11 -17.29
N VAL O 52 25.09 -58.05 -18.08
CA VAL O 52 26.10 -57.05 -18.37
C VAL O 52 25.46 -55.68 -18.16
N THR O 53 26.20 -54.77 -17.53
CA THR O 53 25.72 -53.44 -17.21
C THR O 53 26.81 -52.42 -17.50
N THR O 54 26.43 -51.25 -18.03
CA THR O 54 27.37 -50.16 -18.27
C THR O 54 26.93 -48.94 -17.46
N MET O 55 27.84 -48.38 -16.68
CA MET O 55 27.62 -47.13 -15.98
C MET O 55 28.54 -46.05 -16.55
N GLN O 56 28.03 -44.82 -16.57
CA GLN O 56 28.80 -43.66 -17.03
C GLN O 56 28.39 -42.46 -16.20
N LYS O 57 29.34 -41.93 -15.44
CA LYS O 57 29.06 -40.84 -14.51
C LYS O 57 30.22 -39.86 -14.50
N LYS O 58 29.90 -38.57 -14.48
CA LYS O 58 30.88 -37.53 -14.23
C LYS O 58 30.98 -37.31 -12.73
N LEU O 59 32.17 -37.53 -12.17
CA LEU O 59 32.37 -37.42 -10.74
C LEU O 59 32.45 -35.96 -10.31
N LYS O 60 32.45 -35.76 -8.98
CA LYS O 60 32.55 -34.40 -8.45
C LYS O 60 33.85 -33.73 -8.90
N SER O 61 34.94 -34.49 -8.96
CA SER O 61 36.22 -33.93 -9.40
C SER O 61 36.23 -33.50 -10.85
N GLY O 62 35.21 -33.87 -11.63
CA GLY O 62 35.20 -33.62 -13.07
C GLY O 62 35.71 -34.79 -13.90
N ILE O 63 36.28 -35.80 -13.25
CA ILE O 63 36.75 -36.99 -13.96
C ILE O 63 35.55 -37.83 -14.36
N GLU O 64 35.51 -38.24 -15.63
CA GLU O 64 34.46 -39.14 -16.09
C GLU O 64 34.85 -40.58 -15.76
N ARG O 65 33.89 -41.34 -15.21
CA ARG O 65 34.10 -42.74 -14.85
C ARG O 65 33.16 -43.61 -15.68
N VAL O 66 33.71 -44.65 -16.29
CA VAL O 66 32.93 -45.60 -17.08
C VAL O 66 33.17 -47.00 -16.52
N GLU O 67 32.13 -47.84 -16.59
CA GLU O 67 32.23 -49.21 -16.11
C GLU O 67 31.45 -50.14 -17.02
N ILE O 68 32.00 -51.32 -17.28
CA ILE O 68 31.29 -52.43 -17.90
C ILE O 68 31.37 -53.57 -16.91
N ARG O 69 30.24 -53.91 -16.29
CA ARG O 69 30.20 -54.89 -15.20
C ARG O 69 29.53 -56.17 -15.69
N VAL O 70 30.27 -57.28 -15.64
CA VAL O 70 29.75 -58.60 -15.97
C VAL O 70 29.54 -59.37 -14.69
N GLU O 71 28.32 -59.87 -14.49
CA GLU O 71 27.96 -60.63 -13.29
C GLU O 71 27.44 -62.00 -13.71
N VAL O 72 28.00 -63.04 -13.10
CA VAL O 72 27.61 -64.42 -13.38
C VAL O 72 27.16 -65.06 -12.07
N PRO O 73 25.85 -65.17 -11.85
CA PRO O 73 25.36 -65.89 -10.66
C PRO O 73 25.57 -67.39 -10.79
N VAL O 74 25.92 -68.02 -9.68
CA VAL O 74 26.08 -69.47 -9.59
C VAL O 74 25.07 -69.99 -8.58
N MET O 75 24.30 -70.99 -8.98
CA MET O 75 23.20 -71.47 -8.16
C MET O 75 23.66 -72.52 -7.16
N GLU O 76 22.97 -72.60 -6.03
CA GLU O 76 23.12 -73.73 -5.14
C GLU O 76 22.57 -74.99 -5.80
N ALA O 77 23.03 -76.15 -5.32
CA ALA O 77 22.57 -77.43 -5.83
C ALA O 77 21.41 -77.91 -4.94
N VAL O 78 20.22 -77.99 -5.52
CA VAL O 78 19.06 -78.50 -4.79
C VAL O 78 19.17 -80.02 -4.72
N SER O 79 19.12 -80.56 -3.50
CA SER O 79 19.22 -81.98 -3.28
C SER O 79 18.24 -82.38 -2.19
N GLY O 80 17.55 -83.50 -2.38
CA GLY O 80 16.66 -84.03 -1.36
C GLY O 80 15.58 -83.05 -0.96
N GLN O 81 15.38 -82.90 0.35
CA GLN O 81 14.36 -82.02 0.89
C GLN O 81 14.88 -81.31 2.12
N ASN O 82 14.25 -80.18 2.44
CA ASN O 82 14.60 -79.41 3.62
C ASN O 82 13.90 -79.96 4.85
N ALA O 83 14.12 -79.30 5.99
CA ALA O 83 13.57 -79.75 7.25
C ALA O 83 12.05 -79.69 7.30
N PHE O 84 11.42 -79.01 6.35
CA PHE O 84 9.96 -78.92 6.33
C PHE O 84 9.32 -79.99 5.45
N GLY O 85 10.11 -80.78 4.73
CA GLY O 85 9.58 -81.83 3.90
C GLY O 85 9.30 -81.45 2.46
N TYR O 86 9.85 -80.33 2.00
CA TYR O 86 9.65 -79.85 0.64
C TYR O 86 10.97 -79.74 -0.10
N THR O 87 10.89 -79.83 -1.43
CA THR O 87 12.06 -79.51 -2.27
C THR O 87 12.39 -78.04 -2.12
N ALA O 88 13.67 -77.72 -1.96
CA ALA O 88 14.07 -76.35 -1.74
C ALA O 88 13.90 -75.51 -2.99
N ALA O 89 13.65 -74.21 -2.79
CA ALA O 89 13.55 -73.26 -3.89
C ALA O 89 14.94 -72.94 -4.42
N PRO O 90 15.04 -72.51 -5.67
CA PRO O 90 16.34 -72.06 -6.20
C PRO O 90 16.92 -70.96 -5.34
N LYS O 91 18.23 -71.01 -5.12
CA LYS O 91 18.94 -70.01 -4.34
C LYS O 91 20.31 -69.76 -4.97
N VAL O 92 20.67 -68.49 -5.05
CA VAL O 92 21.97 -68.10 -5.61
C VAL O 92 23.04 -68.35 -4.55
N ALA O 93 24.05 -69.14 -4.91
CA ALA O 93 25.15 -69.40 -4.00
C ALA O 93 26.05 -68.18 -3.88
N PHE O 94 26.49 -67.64 -5.01
CA PHE O 94 27.32 -66.45 -5.05
C PHE O 94 27.27 -65.89 -6.46
N THR O 95 27.68 -64.63 -6.60
CA THR O 95 27.73 -63.97 -7.89
C THR O 95 29.15 -63.48 -8.15
N ASP O 96 29.79 -64.03 -9.17
CA ASP O 96 31.10 -63.53 -9.58
C ASP O 96 30.90 -62.27 -10.41
N SER O 97 31.80 -61.31 -10.20
CA SER O 97 31.74 -60.01 -10.86
C SER O 97 33.10 -59.65 -11.42
N GLY O 98 33.15 -59.38 -12.73
CA GLY O 98 34.34 -58.87 -13.38
C GLY O 98 33.97 -57.68 -14.23
N SER O 99 34.66 -56.57 -14.06
CA SER O 99 34.29 -55.32 -14.70
C SER O 99 35.52 -54.60 -15.23
N PHE O 100 35.30 -53.80 -16.27
CA PHE O 100 36.26 -52.79 -16.71
C PHE O 100 35.86 -51.47 -16.08
N VAL O 101 36.83 -50.73 -15.56
CA VAL O 101 36.58 -49.44 -14.94
C VAL O 101 37.58 -48.44 -15.50
N GLY O 102 37.06 -47.39 -16.12
CA GLY O 102 37.91 -46.34 -16.69
C GLY O 102 37.70 -45.02 -15.98
N TYR O 103 38.81 -44.32 -15.72
CA TYR O 103 38.79 -42.97 -15.19
C TYR O 103 39.53 -42.08 -16.18
N PHE O 104 38.84 -41.07 -16.71
CA PHE O 104 39.39 -40.22 -17.75
C PHE O 104 39.16 -38.75 -17.44
N SER O 105 40.15 -37.93 -17.73
CA SER O 105 39.99 -36.49 -17.63
C SER O 105 39.10 -35.97 -18.77
N GLU O 106 38.52 -34.79 -18.56
CA GLU O 106 37.75 -34.16 -19.63
C GLU O 106 38.62 -33.93 -20.87
N ARG O 107 39.92 -33.71 -20.68
CA ARG O 107 40.82 -33.43 -21.80
C ARG O 107 41.16 -34.67 -22.61
N SER O 108 40.97 -35.87 -22.06
CA SER O 108 41.31 -37.08 -22.79
C SER O 108 40.40 -37.23 -24.00
N ALA O 109 40.98 -37.69 -25.09
CA ALA O 109 40.31 -37.79 -26.37
C ALA O 109 39.92 -39.23 -26.66
N GLN O 110 39.13 -39.41 -27.72
CA GLN O 110 38.75 -40.76 -28.14
C GLN O 110 39.98 -41.62 -28.35
N SER O 111 41.03 -41.06 -28.97
CA SER O 111 42.25 -41.82 -29.22
C SER O 111 42.95 -42.18 -27.92
N ASN O 112 42.97 -41.25 -26.96
CA ASN O 112 43.62 -41.52 -25.67
C ASN O 112 42.94 -42.66 -24.93
N ARG O 113 41.61 -42.60 -24.84
CA ARG O 113 40.87 -43.62 -24.10
C ARG O 113 40.95 -44.98 -24.79
N ARG O 114 40.84 -44.99 -26.13
CA ARG O 114 40.98 -46.24 -26.87
C ARG O 114 42.36 -46.84 -26.67
N LEU O 115 43.39 -46.00 -26.57
CA LEU O 115 44.76 -46.49 -26.42
C LEU O 115 44.92 -47.28 -25.13
N VAL O 116 44.42 -46.72 -24.02
CA VAL O 116 44.51 -47.41 -22.74
C VAL O 116 43.67 -48.68 -22.75
N LYS O 117 42.47 -48.60 -23.33
CA LYS O 117 41.57 -49.75 -23.36
C LYS O 117 42.28 -50.99 -23.86
N GLN O 118 42.93 -50.90 -25.03
CA GLN O 118 43.47 -52.09 -25.66
C GLN O 118 44.66 -52.67 -24.89
N ILE O 119 45.41 -51.83 -24.17
CA ILE O 119 46.46 -52.36 -23.30
C ILE O 119 45.88 -53.35 -22.32
N LEU O 120 44.78 -52.96 -21.66
CA LEU O 120 44.16 -53.85 -20.68
C LEU O 120 43.62 -55.10 -21.36
N THR O 121 42.90 -54.93 -22.49
CA THR O 121 42.33 -56.08 -23.18
C THR O 121 43.42 -57.08 -23.56
N ASN O 122 44.55 -56.59 -24.07
CA ASN O 122 45.63 -57.49 -24.45
C ASN O 122 46.23 -58.17 -23.23
N LEU O 123 46.41 -57.42 -22.13
CA LEU O 123 46.90 -58.02 -20.90
C LEU O 123 45.97 -59.14 -20.43
N LEU O 124 44.66 -58.90 -20.48
CA LEU O 124 43.70 -59.91 -20.03
C LEU O 124 43.71 -61.13 -20.93
N GLY O 125 44.05 -60.95 -22.20
CA GLY O 125 44.09 -62.05 -23.14
C GLY O 125 45.45 -62.70 -23.30
N ASN O 126 46.44 -62.26 -22.52
CA ASN O 126 47.80 -62.78 -22.59
C ASN O 126 48.38 -62.60 -23.99
N VAL O 127 48.08 -61.47 -24.61
CA VAL O 127 48.47 -61.19 -25.98
C VAL O 127 49.61 -60.19 -25.97
N SER O 128 50.77 -60.62 -26.46
CA SER O 128 51.94 -59.76 -26.55
C SER O 128 52.16 -59.23 -27.97
N THR O 129 51.28 -59.56 -28.91
CA THR O 129 51.42 -59.10 -30.28
C THR O 129 50.50 -57.92 -30.53
N SER O 130 50.49 -57.45 -31.79
CA SER O 130 49.73 -56.26 -32.16
C SER O 130 48.29 -56.64 -32.47
N VAL O 131 47.34 -55.93 -31.86
CA VAL O 131 45.92 -56.15 -32.05
C VAL O 131 45.24 -54.81 -32.25
N ALA O 132 44.42 -54.70 -33.28
CA ALA O 132 43.73 -53.45 -33.58
C ALA O 132 42.62 -53.20 -32.57
N ALA O 133 42.58 -52.00 -32.05
CA ALA O 133 41.57 -51.67 -31.05
C ALA O 133 40.22 -51.47 -31.74
N PRO O 134 39.16 -52.09 -31.23
CA PRO O 134 37.84 -51.93 -31.87
C PRO O 134 37.39 -50.48 -31.83
N THR O 135 36.80 -50.02 -32.93
CA THR O 135 36.22 -48.69 -33.01
C THR O 135 34.71 -48.73 -33.11
N THR O 136 34.10 -49.90 -33.01
CA THR O 136 32.65 -50.07 -32.99
C THR O 136 32.28 -51.04 -31.88
N GLY O 137 30.98 -51.14 -31.62
CA GLY O 137 30.49 -51.96 -30.54
C GLY O 137 30.19 -51.15 -29.29
N PHE O 138 29.36 -51.72 -28.41
CA PHE O 138 28.91 -50.97 -27.25
C PHE O 138 30.05 -50.67 -26.30
N ALA O 139 31.02 -51.57 -26.17
CA ALA O 139 32.16 -51.33 -25.29
C ALA O 139 33.01 -50.17 -25.81
N SER O 140 33.31 -50.17 -27.11
CA SER O 140 34.06 -49.06 -27.68
C SER O 140 33.32 -47.74 -27.56
N GLU O 141 32.00 -47.76 -27.79
CA GLU O 141 31.23 -46.53 -27.68
C GLU O 141 31.28 -45.98 -26.26
N LEU O 142 31.27 -46.86 -25.27
CA LEU O 142 31.29 -46.40 -23.88
C LEU O 142 32.68 -45.94 -23.46
N ILE O 143 33.69 -46.78 -23.67
CA ILE O 143 35.03 -46.48 -23.15
C ILE O 143 35.71 -45.41 -24.01
N ASP O 144 35.69 -45.57 -25.34
CA ASP O 144 36.38 -44.62 -26.19
C ASP O 144 35.67 -43.27 -26.25
N SER O 145 34.34 -43.29 -26.38
CA SER O 145 33.60 -42.09 -26.72
C SER O 145 32.59 -41.62 -25.68
N GLY O 146 32.47 -42.33 -24.55
CA GLY O 146 31.55 -41.90 -23.52
C GLY O 146 30.08 -42.03 -23.87
N ILE O 147 29.73 -42.98 -24.74
CA ILE O 147 28.38 -43.16 -25.24
C ILE O 147 27.71 -44.30 -24.49
N THR O 148 26.47 -44.08 -24.09
CA THR O 148 25.63 -45.12 -23.50
C THR O 148 24.58 -45.56 -24.53
N ALA O 149 24.19 -46.83 -24.46
CA ALA O 149 23.24 -47.37 -25.41
C ALA O 149 21.86 -46.72 -25.24
N SER O 150 20.98 -46.97 -26.21
CA SER O 150 19.63 -46.39 -26.19
C SER O 150 18.57 -47.34 -26.78
N SER P 1 1.46 -0.17 -45.28
CA SER P 1 1.34 -0.42 -43.85
C SER P 1 2.42 0.27 -43.03
N SER P 2 3.30 1.00 -43.69
CA SER P 2 4.23 1.90 -43.00
C SER P 2 3.76 3.35 -43.18
N GLN P 3 4.30 4.23 -42.34
CA GLN P 3 3.80 5.59 -42.29
C GLN P 3 4.12 6.35 -43.58
N ALA P 4 3.13 7.11 -44.05
CA ALA P 4 3.30 7.97 -45.22
C ALA P 4 2.47 9.23 -45.03
N ASN P 5 2.65 10.19 -45.93
CA ASN P 5 1.91 11.43 -45.85
C ASN P 5 0.41 11.18 -46.01
N ILE P 6 -0.38 12.04 -45.39
CA ILE P 6 -1.84 12.01 -45.47
C ILE P 6 -2.32 13.36 -45.97
N THR P 7 -3.13 13.34 -47.03
CA THR P 7 -3.75 14.55 -47.57
C THR P 7 -5.25 14.48 -47.33
N VAL P 8 -5.78 15.43 -46.57
CA VAL P 8 -7.18 15.45 -46.18
C VAL P 8 -7.71 16.87 -46.26
N PHE P 9 -8.91 17.03 -46.80
CA PHE P 9 -9.63 18.30 -46.76
C PHE P 9 -10.47 18.35 -45.49
N ASP P 10 -10.56 19.54 -44.89
CA ASP P 10 -11.32 19.71 -43.66
C ASP P 10 -12.77 20.04 -43.97
N GLY P 11 -13.52 20.48 -42.98
CA GLY P 11 -14.93 20.76 -43.14
C GLY P 11 -15.28 22.23 -43.03
N ALA P 12 -14.36 23.10 -43.42
CA ALA P 12 -14.65 24.51 -43.49
C ALA P 12 -15.73 24.77 -44.56
N ALA P 13 -16.30 25.97 -44.52
CA ALA P 13 -17.32 26.33 -45.51
C ALA P 13 -16.77 26.17 -46.92
N THR P 14 -15.57 26.70 -47.16
CA THR P 14 -14.76 26.31 -48.32
C THR P 14 -13.65 25.39 -47.80
N PRO P 15 -13.74 24.09 -48.02
CA PRO P 15 -12.80 23.17 -47.36
C PRO P 15 -11.36 23.39 -47.81
N VAL P 16 -10.43 23.18 -46.87
CA VAL P 16 -9.01 23.44 -47.02
C VAL P 16 -8.25 22.12 -46.91
N SER P 17 -7.29 21.90 -47.82
CA SER P 17 -6.48 20.70 -47.77
C SER P 17 -5.40 20.83 -46.72
N HIS P 18 -5.09 19.70 -46.06
CA HIS P 18 -4.03 19.62 -45.08
C HIS P 18 -3.15 18.43 -45.42
N VAL P 19 -1.83 18.62 -45.32
CA VAL P 19 -0.88 17.53 -45.52
C VAL P 19 -0.28 17.20 -44.17
N LEU P 20 -0.56 15.99 -43.69
CA LEU P 20 -0.06 15.51 -42.41
C LEU P 20 1.14 14.61 -42.65
N VAL P 21 2.29 15.00 -42.11
CA VAL P 21 3.54 14.28 -42.27
C VAL P 21 3.66 13.27 -41.13
N PRO P 22 4.27 12.11 -41.35
CA PRO P 22 4.49 11.17 -40.23
C PRO P 22 5.35 11.83 -39.16
N LEU P 23 4.98 11.58 -37.91
CA LEU P 23 5.62 12.20 -36.76
C LEU P 23 6.34 11.21 -35.85
N GLY P 24 5.91 9.96 -35.81
CA GLY P 24 6.60 8.95 -35.03
C GLY P 24 5.68 7.81 -34.69
N VAL P 25 6.28 6.74 -34.19
CA VAL P 25 5.57 5.57 -33.71
C VAL P 25 6.16 5.20 -32.35
N GLY P 26 5.32 4.67 -31.47
CA GLY P 26 5.78 4.26 -30.16
C GLY P 26 4.80 3.33 -29.49
N ILE P 27 5.20 2.86 -28.30
CA ILE P 27 4.33 2.09 -27.42
C ILE P 27 4.14 2.89 -26.14
N ASP P 28 2.90 2.93 -25.66
CA ASP P 28 2.54 3.67 -24.45
C ASP P 28 2.02 2.70 -23.40
N GLU P 29 2.33 2.99 -22.14
CA GLU P 29 1.86 2.16 -21.04
C GLU P 29 0.34 2.08 -21.02
N ASN P 30 -0.35 3.22 -21.17
CA ASN P 30 -1.78 3.31 -21.03
C ASN P 30 -2.54 3.41 -22.34
N LEU P 31 -1.87 3.75 -23.44
CA LEU P 31 -2.54 3.96 -24.72
C LEU P 31 -2.38 2.80 -25.69
N GLY P 32 -1.28 2.06 -25.62
CA GLY P 32 -1.05 0.95 -26.53
C GLY P 32 -0.14 1.32 -27.69
N SER P 33 -0.35 0.71 -28.86
CA SER P 33 0.43 1.07 -30.03
C SER P 33 -0.06 2.41 -30.58
N VAL P 34 0.85 3.37 -30.69
CA VAL P 34 0.52 4.73 -31.09
C VAL P 34 1.29 5.08 -32.36
N ALA P 35 0.60 5.75 -33.29
CA ALA P 35 1.21 6.32 -34.48
C ALA P 35 0.71 7.77 -34.62
N LYS P 36 1.62 8.67 -34.97
CA LYS P 36 1.35 10.10 -34.95
C LYS P 36 1.65 10.73 -36.30
N TRP P 37 0.75 11.59 -36.75
CA TRP P 37 0.95 12.46 -37.91
C TRP P 37 0.73 13.90 -37.48
N ARG P 38 1.14 14.84 -38.34
CA ARG P 38 1.08 16.25 -37.99
C ARG P 38 1.33 17.08 -39.23
N GLU P 39 0.60 18.19 -39.32
CA GLU P 39 0.85 19.19 -40.36
C GLU P 39 2.15 19.94 -40.07
N ASN P 40 2.65 20.63 -41.09
CA ASN P 40 3.91 21.36 -40.97
C ASN P 40 3.76 22.79 -41.45
N LEU P 41 2.64 23.43 -41.11
CA LEU P 41 2.41 24.79 -41.56
C LEU P 41 3.40 25.73 -40.89
N ALA P 42 3.89 26.70 -41.68
CA ALA P 42 4.68 27.80 -41.13
C ALA P 42 3.83 28.82 -40.40
N THR P 43 2.50 28.66 -40.39
CA THR P 43 1.64 29.71 -39.84
C THR P 43 1.65 29.68 -38.32
N VAL P 44 1.75 28.49 -37.74
CA VAL P 44 1.65 28.27 -36.30
C VAL P 44 2.95 27.61 -35.85
N PRO P 45 3.24 27.61 -34.55
CA PRO P 45 4.39 26.85 -34.05
C PRO P 45 4.14 25.35 -34.20
N LEU P 46 5.19 24.57 -33.96
CA LEU P 46 5.13 23.15 -34.24
C LEU P 46 4.03 22.45 -33.45
N TYR P 47 3.92 22.76 -32.15
CA TYR P 47 2.94 22.08 -31.32
C TYR P 47 1.49 22.41 -31.69
N ALA P 48 1.26 23.51 -32.41
CA ALA P 48 -0.09 23.98 -32.68
C ALA P 48 -0.65 23.49 -34.01
N ASN P 49 0.01 22.55 -34.67
CA ASN P 49 -0.44 22.06 -35.97
C ASN P 49 -1.55 21.03 -35.80
N VAL P 50 -2.41 20.94 -36.84
CA VAL P 50 -3.39 19.87 -36.92
C VAL P 50 -2.69 18.53 -36.86
N ARG P 51 -3.19 17.63 -36.02
CA ARG P 51 -2.55 16.34 -35.81
C ARG P 51 -3.55 15.21 -35.90
N VAL P 52 -3.05 14.03 -36.28
CA VAL P 52 -3.81 12.80 -36.33
C VAL P 52 -3.02 11.73 -35.60
N THR P 53 -3.72 10.94 -34.78
CA THR P 53 -3.09 9.92 -33.97
C THR P 53 -3.96 8.67 -33.94
N THR P 54 -3.33 7.50 -34.04
CA THR P 54 -4.03 6.23 -33.90
C THR P 54 -3.55 5.50 -32.65
N MET P 55 -4.47 4.84 -31.99
CA MET P 55 -4.19 4.04 -30.80
C MET P 55 -4.79 2.65 -30.96
N GLN P 56 -4.02 1.64 -30.57
CA GLN P 56 -4.46 0.25 -30.58
C GLN P 56 -4.07 -0.38 -29.24
N LYS P 57 -5.07 -0.75 -28.43
CA LYS P 57 -4.84 -1.24 -27.09
C LYS P 57 -5.67 -2.48 -26.86
N LYS P 58 -5.02 -3.57 -26.44
CA LYS P 58 -5.73 -4.79 -26.09
C LYS P 58 -6.29 -4.67 -24.68
N LEU P 59 -7.59 -4.95 -24.53
CA LEU P 59 -8.24 -4.92 -23.23
C LEU P 59 -8.46 -6.33 -22.71
N LYS P 60 -9.11 -6.43 -21.58
CA LYS P 60 -9.47 -7.72 -21.00
C LYS P 60 -10.63 -8.33 -21.76
N SER P 61 -10.75 -9.65 -21.63
CA SER P 61 -11.82 -10.42 -22.28
C SER P 61 -11.73 -10.37 -23.80
N GLY P 62 -10.50 -10.25 -24.32
CA GLY P 62 -10.30 -10.39 -25.75
C GLY P 62 -10.99 -9.34 -26.59
N ILE P 63 -10.94 -8.09 -26.14
CA ILE P 63 -11.51 -6.96 -26.87
C ILE P 63 -10.40 -5.94 -27.06
N GLU P 64 -10.24 -5.45 -28.28
CA GLU P 64 -9.26 -4.42 -28.55
C GLU P 64 -9.97 -3.11 -28.82
N ARG P 65 -9.39 -2.03 -28.33
CA ARG P 65 -9.90 -0.68 -28.55
C ARG P 65 -9.04 0.00 -29.60
N VAL P 66 -9.68 0.63 -30.57
CA VAL P 66 -9.01 1.23 -31.71
C VAL P 66 -9.50 2.67 -31.84
N GLU P 67 -8.57 3.61 -31.98
CA GLU P 67 -8.94 5.02 -32.09
C GLU P 67 -8.15 5.70 -33.19
N ILE P 68 -8.84 6.56 -33.94
CA ILE P 68 -8.21 7.53 -34.84
C ILE P 68 -8.64 8.90 -34.34
N ARG P 69 -7.71 9.64 -33.71
CA ARG P 69 -8.03 10.91 -33.07
C ARG P 69 -7.51 12.07 -33.91
N VAL P 70 -8.43 12.92 -34.36
CA VAL P 70 -8.10 14.15 -35.08
C VAL P 70 -8.24 15.31 -34.12
N GLU P 71 -7.16 16.06 -33.90
CA GLU P 71 -7.17 17.22 -33.03
C GLU P 71 -6.79 18.46 -33.84
N VAL P 72 -7.65 19.47 -33.81
CA VAL P 72 -7.41 20.73 -34.52
C VAL P 72 -7.25 21.85 -33.49
N PRO P 73 -6.04 22.33 -33.25
CA PRO P 73 -5.87 23.51 -32.38
C PRO P 73 -6.33 24.77 -33.10
N VAL P 74 -7.23 25.51 -32.47
CA VAL P 74 -7.72 26.78 -32.98
C VAL P 74 -6.97 27.88 -32.22
N MET P 75 -6.30 28.75 -32.96
CA MET P 75 -5.42 29.73 -32.36
C MET P 75 -6.18 30.99 -31.97
N GLU P 76 -5.71 31.65 -30.91
CA GLU P 76 -6.18 32.99 -30.61
C GLU P 76 -5.77 33.95 -31.73
N ALA P 77 -6.58 34.98 -31.93
CA ALA P 77 -6.30 35.98 -32.96
C ALA P 77 -5.39 37.04 -32.36
N VAL P 78 -4.16 37.11 -32.85
CA VAL P 78 -3.23 38.15 -32.39
C VAL P 78 -3.64 39.48 -33.02
N SER P 79 -3.92 40.46 -32.16
CA SER P 79 -4.31 41.80 -32.61
C SER P 79 -3.62 42.81 -31.71
N GLY P 80 -3.05 43.85 -32.33
CA GLY P 80 -2.36 44.88 -31.58
C GLY P 80 -1.25 44.34 -30.69
N GLN P 81 -0.96 45.10 -29.64
CA GLN P 81 0.10 44.78 -28.70
C GLN P 81 -0.50 44.43 -27.35
N ASN P 82 0.29 43.72 -26.54
CA ASN P 82 -0.12 43.40 -25.18
C ASN P 82 0.27 44.55 -24.25
N ALA P 83 0.01 44.35 -22.96
CA ALA P 83 0.26 45.39 -21.97
C ALA P 83 1.74 45.73 -21.83
N PHE P 84 2.64 44.95 -22.43
CA PHE P 84 4.07 45.22 -22.36
C PHE P 84 4.61 45.91 -23.59
N GLY P 85 3.78 46.13 -24.61
CA GLY P 85 4.22 46.82 -25.81
C GLY P 85 4.77 45.93 -26.90
N TYR P 86 4.58 44.61 -26.79
CA TYR P 86 5.04 43.66 -27.78
C TYR P 86 3.85 42.99 -28.45
N THR P 87 4.06 42.53 -29.69
CA THR P 87 3.08 41.68 -30.34
C THR P 87 2.98 40.35 -29.61
N ALA P 88 1.76 39.90 -29.36
CA ALA P 88 1.55 38.70 -28.55
C ALA P 88 2.10 37.46 -29.23
N ALA P 89 2.62 36.54 -28.43
CA ALA P 89 3.05 35.25 -28.95
C ALA P 89 1.82 34.42 -29.34
N PRO P 90 1.96 33.54 -30.33
CA PRO P 90 0.82 32.68 -30.69
C PRO P 90 0.41 31.81 -29.51
N LYS P 91 -0.90 31.69 -29.32
CA LYS P 91 -1.46 30.93 -28.20
C LYS P 91 -2.67 30.15 -28.67
N VAL P 92 -2.76 28.91 -28.22
CA VAL P 92 -3.90 28.05 -28.59
C VAL P 92 -5.12 28.49 -27.78
N ALA P 93 -6.21 28.80 -28.49
CA ALA P 93 -7.45 29.18 -27.81
C ALA P 93 -8.17 27.97 -27.26
N PHE P 94 -8.38 26.97 -28.10
CA PHE P 94 -8.98 25.70 -27.69
C PHE P 94 -8.61 24.67 -28.74
N THR P 95 -8.75 23.41 -28.37
CA THR P 95 -8.45 22.30 -29.27
C THR P 95 -9.70 21.44 -29.45
N ASP P 96 -10.18 21.34 -30.69
CA ASP P 96 -11.30 20.48 -31.01
C ASP P 96 -10.81 19.08 -31.33
N SER P 97 -11.53 18.08 -30.84
CA SER P 97 -11.14 16.68 -30.97
C SER P 97 -12.30 15.88 -31.51
N GLY P 98 -12.11 15.29 -32.69
CA GLY P 98 -13.06 14.35 -33.25
C GLY P 98 -12.36 13.05 -33.58
N SER P 99 -12.89 11.92 -33.12
CA SER P 99 -12.17 10.67 -33.28
C SER P 99 -13.12 9.53 -33.63
N PHE P 100 -12.57 8.52 -34.30
CA PHE P 100 -13.22 7.22 -34.43
C PHE P 100 -12.77 6.35 -33.27
N VAL P 101 -13.70 5.66 -32.62
CA VAL P 101 -13.38 4.75 -31.52
C VAL P 101 -14.08 3.43 -31.80
N GLY P 102 -13.30 2.38 -31.99
CA GLY P 102 -13.84 1.05 -32.23
C GLY P 102 -13.49 0.09 -31.10
N TYR P 103 -14.47 -0.72 -30.71
CA TYR P 103 -14.27 -1.83 -29.79
C TYR P 103 -14.64 -3.10 -30.54
N PHE P 104 -13.66 -3.96 -30.76
CA PHE P 104 -13.85 -5.16 -31.56
C PHE P 104 -13.38 -6.38 -30.79
N SER P 105 -14.17 -7.45 -30.86
CA SER P 105 -13.75 -8.73 -30.29
C SER P 105 -12.65 -9.35 -31.15
N GLU P 106 -11.79 -10.14 -30.49
CA GLU P 106 -10.78 -10.90 -31.22
C GLU P 106 -11.42 -11.86 -32.23
N ARG P 107 -12.71 -12.18 -32.05
CA ARG P 107 -13.42 -13.11 -32.93
C ARG P 107 -13.93 -12.44 -34.21
N SER P 108 -14.00 -11.11 -34.26
CA SER P 108 -14.50 -10.46 -35.47
C SER P 108 -13.47 -10.54 -36.58
N ALA P 109 -13.97 -10.66 -37.80
CA ALA P 109 -13.14 -10.77 -38.99
C ALA P 109 -12.99 -9.41 -39.66
N GLN P 110 -12.06 -9.35 -40.62
CA GLN P 110 -11.88 -8.13 -41.40
C GLN P 110 -13.20 -7.64 -41.98
N SER P 111 -14.02 -8.58 -42.50
CA SER P 111 -15.28 -8.22 -43.11
C SER P 111 -16.25 -7.60 -42.10
N ASN P 112 -16.32 -8.17 -40.90
CA ASN P 112 -17.21 -7.64 -39.88
C ASN P 112 -16.85 -6.20 -39.52
N ARG P 113 -15.56 -5.95 -39.30
CA ARG P 113 -15.12 -4.62 -38.88
C ARG P 113 -15.30 -3.60 -40.01
N ARG P 114 -14.94 -3.98 -41.24
CA ARG P 114 -15.15 -3.10 -42.38
C ARG P 114 -16.62 -2.75 -42.56
N LEU P 115 -17.52 -3.70 -42.25
CA LEU P 115 -18.94 -3.45 -42.42
C LEU P 115 -19.45 -2.38 -41.47
N VAL P 116 -19.04 -2.46 -40.19
CA VAL P 116 -19.45 -1.45 -39.23
C VAL P 116 -18.86 -0.10 -39.58
N LYS P 117 -17.59 -0.08 -39.98
CA LYS P 117 -16.90 1.17 -40.29
C LYS P 117 -17.71 2.04 -41.24
N GLN P 118 -18.15 1.46 -42.35
CA GLN P 118 -18.80 2.28 -43.39
C GLN P 118 -20.16 2.79 -42.94
N ILE P 119 -20.87 2.06 -42.09
CA ILE P 119 -22.14 2.59 -41.57
C ILE P 119 -21.91 3.94 -40.90
N LEU P 120 -20.97 3.99 -39.96
CA LEU P 120 -20.64 5.24 -39.30
C LEU P 120 -20.21 6.31 -40.29
N THR P 121 -19.32 5.94 -41.21
CA THR P 121 -18.84 6.91 -42.20
C THR P 121 -20.00 7.51 -43.00
N ASN P 122 -20.92 6.65 -43.46
CA ASN P 122 -22.06 7.15 -44.22
C ASN P 122 -22.96 8.01 -43.35
N LEU P 123 -23.12 7.64 -42.08
CA LEU P 123 -23.91 8.46 -41.16
C LEU P 123 -23.31 9.85 -41.02
N LEU P 124 -21.98 9.92 -40.85
CA LEU P 124 -21.32 11.21 -40.68
C LEU P 124 -21.40 12.06 -41.94
N GLY P 125 -21.47 11.42 -43.11
CA GLY P 125 -21.55 12.12 -44.36
C GLY P 125 -22.96 12.42 -44.81
N ASN P 126 -23.97 12.05 -44.01
CA ASN P 126 -25.38 12.22 -44.35
C ASN P 126 -25.71 11.54 -45.68
N VAL P 127 -25.20 10.32 -45.85
CA VAL P 127 -25.32 9.58 -47.10
C VAL P 127 -26.22 8.39 -46.87
N SER P 128 -27.32 8.33 -47.62
CA SER P 128 -28.27 7.23 -47.54
C SER P 128 -28.18 6.28 -48.72
N THR P 129 -27.24 6.49 -49.64
CA THR P 129 -27.06 5.64 -50.80
C THR P 129 -25.89 4.68 -50.57
N SER P 130 -25.64 3.84 -51.57
CA SER P 130 -24.59 2.83 -51.47
C SER P 130 -23.22 3.46 -51.74
N VAL P 131 -22.28 3.19 -50.84
CA VAL P 131 -20.91 3.66 -50.96
C VAL P 131 -19.99 2.49 -50.64
N ALA P 132 -18.96 2.30 -51.48
CA ALA P 132 -18.04 1.19 -51.32
C ALA P 132 -17.07 1.46 -50.17
N ALA P 133 -16.92 0.48 -49.29
CA ALA P 133 -16.03 0.63 -48.15
C ALA P 133 -14.58 0.52 -48.59
N PRO P 134 -13.71 1.45 -48.19
CA PRO P 134 -12.30 1.38 -48.59
C PRO P 134 -11.62 0.15 -48.02
N THR P 135 -10.71 -0.42 -48.79
CA THR P 135 -9.91 -1.56 -48.37
C THR P 135 -8.43 -1.25 -48.24
N THR P 136 -8.04 0.02 -48.46
CA THR P 136 -6.67 0.47 -48.29
C THR P 136 -6.66 1.79 -47.53
N GLY P 137 -5.46 2.24 -47.17
CA GLY P 137 -5.31 3.44 -46.38
C GLY P 137 -5.11 3.11 -44.91
N PHE P 138 -4.53 4.08 -44.19
CA PHE P 138 -4.18 3.81 -42.79
C PHE P 138 -5.41 3.58 -41.93
N ALA P 139 -6.53 4.23 -42.27
CA ALA P 139 -7.77 4.03 -41.52
C ALA P 139 -8.30 2.60 -41.72
N SER P 140 -8.30 2.12 -42.96
CA SER P 140 -8.75 0.75 -43.20
C SER P 140 -7.82 -0.26 -42.55
N GLU P 141 -6.51 -0.05 -42.65
CA GLU P 141 -5.56 -0.98 -42.04
C GLU P 141 -5.79 -1.06 -40.54
N LEU P 142 -6.11 0.06 -39.90
CA LEU P 142 -6.33 0.06 -38.46
C LEU P 142 -7.69 -0.51 -38.09
N ILE P 143 -8.75 0.04 -38.65
CA ILE P 143 -10.10 -0.35 -38.23
C ILE P 143 -10.45 -1.74 -38.76
N ASP P 144 -10.22 -1.98 -40.05
CA ASP P 144 -10.63 -3.27 -40.63
C ASP P 144 -9.74 -4.40 -40.16
N SER P 145 -8.44 -4.15 -40.04
CA SER P 145 -7.47 -5.23 -39.91
C SER P 145 -6.58 -5.14 -38.66
N GLY P 146 -6.81 -4.17 -37.78
CA GLY P 146 -6.00 -4.09 -36.58
C GLY P 146 -4.52 -3.87 -36.84
N ILE P 147 -4.19 -3.05 -37.85
CA ILE P 147 -2.83 -2.80 -38.25
C ILE P 147 -2.46 -1.37 -37.86
N THR P 148 -1.37 -1.23 -37.09
CA THR P 148 -0.79 0.07 -36.81
C THR P 148 0.42 0.30 -37.72
N ALA P 149 0.57 1.53 -38.20
CA ALA P 149 1.68 1.85 -39.07
C ALA P 149 3.02 1.58 -38.38
N SER P 150 4.05 1.37 -39.19
CA SER P 150 5.37 1.04 -38.66
C SER P 150 6.51 1.44 -39.60
N SER Q 1 14.99 -4.91 -43.80
CA SER Q 1 15.03 -3.83 -42.83
C SER Q 1 13.64 -3.51 -42.29
N SER Q 2 12.85 -2.78 -43.08
CA SER Q 2 11.50 -2.41 -42.69
C SER Q 2 10.51 -3.50 -43.06
N GLN Q 3 9.34 -3.47 -42.42
CA GLN Q 3 8.37 -4.55 -42.57
C GLN Q 3 7.78 -4.57 -43.97
N ALA Q 4 7.64 -5.78 -44.52
CA ALA Q 4 7.01 -6.00 -45.81
C ALA Q 4 6.23 -7.30 -45.77
N ASN Q 5 5.46 -7.53 -46.82
CA ASN Q 5 4.66 -8.74 -46.90
C ASN Q 5 5.55 -9.97 -47.00
N ILE Q 6 5.23 -10.98 -46.20
CA ILE Q 6 5.91 -12.28 -46.25
C ILE Q 6 5.02 -13.25 -47.00
N THR Q 7 5.60 -13.98 -47.96
CA THR Q 7 4.91 -15.03 -48.69
C THR Q 7 5.57 -16.36 -48.38
N VAL Q 8 4.83 -17.27 -47.76
CA VAL Q 8 5.34 -18.55 -47.28
C VAL Q 8 4.36 -19.64 -47.64
N PHE Q 9 4.87 -20.81 -48.03
CA PHE Q 9 4.06 -22.00 -48.15
C PHE Q 9 4.09 -22.79 -46.85
N ASP Q 10 2.98 -23.44 -46.53
CA ASP Q 10 2.86 -24.18 -45.29
C ASP Q 10 3.28 -25.64 -45.53
N GLY Q 11 2.99 -26.51 -44.57
CA GLY Q 11 3.40 -27.90 -44.67
C GLY Q 11 2.23 -28.85 -44.81
N ALA Q 12 1.14 -28.39 -45.42
CA ALA Q 12 0.03 -29.28 -45.72
C ALA Q 12 0.47 -30.33 -46.74
N ALA Q 13 -0.32 -31.40 -46.85
CA ALA Q 13 0.01 -32.47 -47.78
C ALA Q 13 0.16 -31.93 -49.20
N THR Q 14 -0.71 -31.00 -49.58
CA THR Q 14 -0.49 -30.14 -50.75
C THR Q 14 -0.25 -28.72 -50.24
N PRO Q 15 1.00 -28.26 -50.19
CA PRO Q 15 1.30 -26.98 -49.53
C PRO Q 15 0.58 -25.79 -50.15
N VAL Q 16 0.17 -24.87 -49.27
CA VAL Q 16 -0.63 -23.71 -49.61
C VAL Q 16 0.15 -22.46 -49.27
N SER Q 17 0.07 -21.44 -50.13
CA SER Q 17 0.77 -20.19 -49.86
C SER Q 17 -0.04 -19.29 -48.94
N HIS Q 18 0.66 -18.60 -48.05
CA HIS Q 18 0.07 -17.61 -47.16
C HIS Q 18 0.79 -16.28 -47.35
N VAL Q 19 0.02 -15.19 -47.36
CA VAL Q 19 0.59 -13.85 -47.43
C VAL Q 19 0.36 -13.19 -46.07
N LEU Q 20 1.46 -12.93 -45.36
CA LEU Q 20 1.42 -12.31 -44.04
C LEU Q 20 1.76 -10.83 -44.18
N VAL Q 21 0.82 -9.97 -43.81
CA VAL Q 21 1.03 -8.53 -43.93
C VAL Q 21 1.54 -7.98 -42.60
N PRO Q 22 2.25 -6.85 -42.60
CA PRO Q 22 2.76 -6.30 -41.34
C PRO Q 22 1.64 -5.82 -40.43
N LEU Q 23 1.86 -5.96 -39.12
CA LEU Q 23 0.96 -5.47 -38.10
C LEU Q 23 1.56 -4.38 -37.23
N GLY Q 24 2.87 -4.28 -37.16
CA GLY Q 24 3.50 -3.23 -36.38
C GLY Q 24 4.76 -3.68 -35.66
N VAL Q 25 5.50 -2.72 -35.13
CA VAL Q 25 6.72 -2.98 -34.38
C VAL Q 25 6.67 -2.13 -33.13
N GLY Q 26 7.24 -2.65 -32.04
CA GLY Q 26 7.34 -1.88 -30.81
C GLY Q 26 8.30 -2.55 -29.86
N ILE Q 27 8.50 -1.89 -28.72
CA ILE Q 27 9.41 -2.35 -27.68
C ILE Q 27 8.61 -2.65 -26.43
N ASP Q 28 8.43 -3.93 -26.13
CA ASP Q 28 7.86 -4.40 -24.87
C ASP Q 28 8.98 -4.57 -23.85
N GLU Q 29 8.71 -4.20 -22.60
CA GLU Q 29 9.75 -4.28 -21.57
C GLU Q 29 10.12 -5.74 -21.28
N ASN Q 30 9.14 -6.63 -21.30
CA ASN Q 30 9.40 -8.05 -21.06
C ASN Q 30 9.87 -8.79 -22.31
N LEU Q 31 9.18 -8.60 -23.44
CA LEU Q 31 9.52 -9.38 -24.62
C LEU Q 31 10.73 -8.83 -25.36
N GLY Q 32 10.97 -7.53 -25.29
CA GLY Q 32 12.05 -6.91 -26.05
C GLY Q 32 11.53 -6.20 -27.29
N SER Q 33 12.30 -6.23 -28.37
CA SER Q 33 11.84 -5.65 -29.63
C SER Q 33 10.98 -6.67 -30.36
N VAL Q 34 9.73 -6.30 -30.63
CA VAL Q 34 8.73 -7.21 -31.18
C VAL Q 34 8.27 -6.66 -32.53
N ALA Q 35 8.20 -7.54 -33.52
CA ALA Q 35 7.63 -7.24 -34.83
C ALA Q 35 6.60 -8.30 -35.17
N LYS Q 36 5.44 -7.87 -35.68
CA LYS Q 36 4.31 -8.76 -35.89
C LYS Q 36 3.86 -8.77 -37.34
N TRP Q 37 3.51 -9.95 -37.83
CA TRP Q 37 2.89 -10.13 -39.14
C TRP Q 37 1.66 -11.00 -38.96
N ARG Q 38 0.71 -10.89 -39.90
CA ARG Q 38 -0.47 -11.75 -39.84
C ARG Q 38 -1.10 -11.84 -41.22
N GLU Q 39 -1.60 -13.03 -41.55
CA GLU Q 39 -2.39 -13.22 -42.75
C GLU Q 39 -3.76 -12.55 -42.59
N ASN Q 40 -4.32 -12.10 -43.71
CA ASN Q 40 -5.53 -11.29 -43.68
C ASN Q 40 -6.59 -11.92 -44.56
N LEU Q 41 -7.01 -13.14 -44.22
CA LEU Q 41 -8.18 -13.74 -44.85
C LEU Q 41 -9.42 -12.95 -44.50
N ALA Q 42 -10.23 -12.65 -45.52
CA ALA Q 42 -11.30 -11.67 -45.36
C ALA Q 42 -12.36 -12.12 -44.35
N THR Q 43 -12.73 -13.40 -44.39
CA THR Q 43 -13.79 -13.92 -43.54
C THR Q 43 -13.29 -14.53 -42.23
N VAL Q 44 -12.00 -14.86 -42.15
CA VAL Q 44 -11.50 -15.56 -40.96
C VAL Q 44 -11.35 -14.58 -39.81
N PRO Q 45 -11.78 -14.95 -38.59
CA PRO Q 45 -11.55 -14.06 -37.43
C PRO Q 45 -10.08 -13.68 -37.34
N LEU Q 46 -9.84 -12.44 -36.88
CA LEU Q 46 -8.48 -11.93 -36.86
C LEU Q 46 -7.57 -12.78 -35.97
N TYR Q 47 -8.09 -13.22 -34.82
CA TYR Q 47 -7.26 -14.03 -33.95
C TYR Q 47 -7.17 -15.49 -34.39
N ALA Q 48 -7.82 -15.85 -35.50
CA ALA Q 48 -7.73 -17.19 -36.05
C ALA Q 48 -6.82 -17.27 -37.27
N ASN Q 49 -6.22 -16.15 -37.68
CA ASN Q 49 -5.36 -16.10 -38.85
C ASN Q 49 -3.91 -16.42 -38.49
N VAL Q 50 -3.21 -17.04 -39.45
CA VAL Q 50 -1.80 -17.36 -39.27
C VAL Q 50 -1.02 -16.08 -38.98
N ARG Q 51 -0.16 -16.12 -37.96
CA ARG Q 51 0.63 -14.96 -37.60
C ARG Q 51 2.08 -15.36 -37.38
N VAL Q 52 2.97 -14.39 -37.56
CA VAL Q 52 4.40 -14.56 -37.35
C VAL Q 52 4.91 -13.39 -36.53
N THR Q 53 5.76 -13.68 -35.55
CA THR Q 53 6.26 -12.67 -34.61
C THR Q 53 7.74 -12.90 -34.36
N THR Q 54 8.50 -11.81 -34.22
CA THR Q 54 9.89 -11.88 -33.82
C THR Q 54 10.11 -11.13 -32.51
N MET Q 55 10.86 -11.74 -31.60
CA MET Q 55 11.29 -11.11 -30.36
C MET Q 55 12.81 -11.04 -30.33
N GLN Q 56 13.33 -9.93 -29.80
CA GLN Q 56 14.76 -9.79 -29.56
C GLN Q 56 14.95 -9.12 -28.21
N LYS Q 57 15.71 -9.77 -27.32
CA LYS Q 57 15.90 -9.27 -25.96
C LYS Q 57 17.30 -9.63 -25.50
N LYS Q 58 17.98 -8.65 -24.90
CA LYS Q 58 19.24 -8.90 -24.22
C LYS Q 58 18.92 -9.27 -22.77
N LEU Q 59 19.36 -10.46 -22.35
CA LEU Q 59 19.08 -10.92 -21.00
C LEU Q 59 20.05 -10.30 -20.01
N LYS Q 60 19.87 -10.63 -18.73
CA LYS Q 60 20.78 -10.13 -17.70
C LYS Q 60 22.17 -10.72 -17.86
N SER Q 61 22.26 -11.95 -18.35
CA SER Q 61 23.56 -12.60 -18.58
C SER Q 61 24.41 -11.88 -19.62
N GLY Q 62 23.80 -11.02 -20.44
CA GLY Q 62 24.45 -10.52 -21.63
C GLY Q 62 24.15 -11.35 -22.86
N ILE Q 63 23.59 -12.54 -22.68
CA ILE Q 63 23.18 -13.38 -23.81
C ILE Q 63 22.01 -12.73 -24.53
N GLU Q 64 22.13 -12.59 -25.85
CA GLU Q 64 21.01 -12.11 -26.63
C GLU Q 64 20.10 -13.28 -26.97
N ARG Q 65 18.81 -13.09 -26.76
CA ARG Q 65 17.81 -14.09 -27.11
C ARG Q 65 17.04 -13.63 -28.34
N VAL Q 66 16.75 -14.56 -29.24
CA VAL Q 66 16.14 -14.26 -30.53
C VAL Q 66 15.09 -15.32 -30.81
N GLU Q 67 13.90 -14.88 -31.23
CA GLU Q 67 12.82 -15.81 -31.52
C GLU Q 67 12.04 -15.39 -32.75
N ILE Q 68 11.69 -16.39 -33.57
CA ILE Q 68 10.75 -16.24 -34.68
C ILE Q 68 9.62 -17.22 -34.42
N ARG Q 69 8.45 -16.71 -34.02
CA ARG Q 69 7.34 -17.55 -33.57
C ARG Q 69 6.23 -17.57 -34.62
N VAL Q 70 5.95 -18.77 -35.16
CA VAL Q 70 4.86 -19.00 -36.09
C VAL Q 70 3.70 -19.62 -35.33
N GLU Q 71 2.53 -18.98 -35.39
CA GLU Q 71 1.34 -19.47 -34.72
C GLU Q 71 0.24 -19.70 -35.75
N VAL Q 72 -0.35 -20.89 -35.73
CA VAL Q 72 -1.45 -21.25 -36.63
C VAL Q 72 -2.66 -21.61 -35.78
N PRO Q 73 -3.63 -20.71 -35.67
CA PRO Q 73 -4.84 -21.04 -34.91
C PRO Q 73 -5.76 -21.96 -35.69
N VAL Q 74 -6.43 -22.84 -34.97
CA VAL Q 74 -7.40 -23.78 -35.54
C VAL Q 74 -8.73 -23.57 -34.83
N MET Q 75 -9.78 -23.41 -35.62
CA MET Q 75 -11.10 -23.14 -35.09
C MET Q 75 -11.88 -24.43 -34.89
N GLU Q 76 -12.95 -24.34 -34.11
CA GLU Q 76 -13.89 -25.44 -34.01
C GLU Q 76 -14.72 -25.51 -35.29
N ALA Q 77 -15.64 -26.47 -35.32
CA ALA Q 77 -16.44 -26.70 -36.51
C ALA Q 77 -17.66 -25.77 -36.53
N VAL Q 78 -18.14 -25.45 -37.75
CA VAL Q 78 -19.31 -24.60 -37.96
C VAL Q 78 -20.56 -25.47 -38.00
N SER Q 79 -21.66 -24.95 -37.44
CA SER Q 79 -22.91 -25.68 -37.44
C SER Q 79 -23.92 -25.18 -38.46
N GLY Q 80 -23.69 -24.03 -39.09
CA GLY Q 80 -24.71 -23.48 -39.97
C GLY Q 80 -24.47 -22.00 -40.23
N GLN Q 81 -25.49 -21.39 -40.83
CA GLN Q 81 -25.46 -19.98 -41.22
C GLN Q 81 -26.84 -19.39 -41.02
N ASN Q 82 -26.93 -18.28 -40.29
CA ASN Q 82 -28.23 -17.68 -40.02
C ASN Q 82 -28.84 -17.11 -41.28
N ALA Q 83 -30.15 -17.27 -41.41
CA ALA Q 83 -30.82 -16.85 -42.64
C ALA Q 83 -30.86 -15.34 -42.79
N PHE Q 84 -30.86 -14.58 -41.68
CA PHE Q 84 -31.14 -13.16 -41.84
C PHE Q 84 -30.18 -12.24 -41.08
N GLY Q 85 -29.60 -12.71 -39.99
CA GLY Q 85 -28.63 -11.93 -39.25
C GLY Q 85 -27.23 -12.01 -39.83
N TYR Q 86 -26.25 -11.72 -38.98
CA TYR Q 86 -24.84 -11.97 -39.28
C TYR Q 86 -24.38 -13.16 -38.44
N THR Q 87 -23.53 -14.00 -39.04
CA THR Q 87 -23.13 -15.26 -38.42
C THR Q 87 -21.63 -15.28 -38.15
N ALA Q 88 -21.26 -15.63 -36.92
CA ALA Q 88 -19.88 -15.64 -36.50
C ALA Q 88 -19.20 -16.96 -36.82
N ALA Q 89 -17.92 -16.89 -37.07
CA ALA Q 89 -17.12 -18.09 -37.15
C ALA Q 89 -16.85 -18.63 -35.75
N PRO Q 90 -16.70 -19.94 -35.60
CA PRO Q 90 -16.56 -20.53 -34.26
C PRO Q 90 -15.26 -20.10 -33.60
N LYS Q 91 -15.19 -20.40 -32.30
CA LYS Q 91 -14.03 -20.01 -31.50
C LYS Q 91 -12.80 -20.84 -31.86
N VAL Q 92 -11.63 -20.31 -31.53
CA VAL Q 92 -10.38 -21.03 -31.76
C VAL Q 92 -10.31 -22.20 -30.79
N ALA Q 93 -10.11 -23.40 -31.32
CA ALA Q 93 -10.02 -24.58 -30.47
C ALA Q 93 -8.63 -24.69 -29.84
N PHE Q 94 -7.58 -24.44 -30.61
CA PHE Q 94 -6.22 -24.45 -30.12
C PHE Q 94 -5.36 -23.67 -31.10
N THR Q 95 -4.14 -23.37 -30.68
CA THR Q 95 -3.19 -22.67 -31.51
C THR Q 95 -1.87 -23.43 -31.49
N ASP Q 96 -1.39 -23.80 -32.68
CA ASP Q 96 -0.12 -24.49 -32.82
C ASP Q 96 1.00 -23.47 -32.95
N SER Q 97 2.04 -23.63 -32.15
CA SER Q 97 3.16 -22.68 -32.11
C SER Q 97 4.45 -23.42 -32.41
N GLY Q 98 5.11 -23.02 -33.50
CA GLY Q 98 6.44 -23.52 -33.81
C GLY Q 98 7.37 -22.35 -34.01
N SER Q 99 8.50 -22.33 -33.30
CA SER Q 99 9.35 -21.15 -33.34
C SER Q 99 10.82 -21.56 -33.38
N PHE Q 100 11.64 -20.68 -33.94
CA PHE Q 100 13.08 -20.73 -33.77
C PHE Q 100 13.45 -19.88 -32.56
N VAL Q 101 14.34 -20.39 -31.73
CA VAL Q 101 14.83 -19.66 -30.56
C VAL Q 101 16.35 -19.76 -30.53
N GLY Q 102 17.02 -18.62 -30.54
CA GLY Q 102 18.47 -18.57 -30.53
C GLY Q 102 18.99 -17.86 -29.29
N TYR Q 103 20.02 -18.44 -28.69
CA TYR Q 103 20.73 -17.83 -27.56
C TYR Q 103 22.18 -17.67 -27.98
N PHE Q 104 22.63 -16.41 -28.09
CA PHE Q 104 23.96 -16.11 -28.59
C PHE Q 104 24.71 -15.22 -27.62
N SER Q 105 26.01 -15.46 -27.49
CA SER Q 105 26.87 -14.58 -26.72
C SER Q 105 27.20 -13.32 -27.53
N GLU Q 106 27.66 -12.29 -26.82
CA GLU Q 106 28.09 -11.07 -27.51
C GLU Q 106 29.27 -11.32 -28.44
N ARG Q 107 30.14 -12.28 -28.10
CA ARG Q 107 31.31 -12.55 -28.92
C ARG Q 107 30.95 -13.17 -30.27
N SER Q 108 29.82 -13.87 -30.36
CA SER Q 108 29.49 -14.60 -31.58
C SER Q 108 29.22 -13.63 -32.72
N ALA Q 109 29.80 -13.92 -33.88
CA ALA Q 109 29.72 -13.03 -35.03
C ALA Q 109 28.57 -13.44 -35.94
N GLN Q 110 28.35 -12.65 -36.99
CA GLN Q 110 27.41 -13.04 -38.04
C GLN Q 110 27.61 -14.51 -38.43
N SER Q 111 28.86 -14.88 -38.76
CA SER Q 111 29.12 -16.22 -39.29
C SER Q 111 28.81 -17.29 -38.26
N ASN Q 112 29.11 -17.03 -36.98
CA ASN Q 112 28.81 -17.98 -35.92
C ASN Q 112 27.30 -18.24 -35.82
N ARG Q 113 26.51 -17.17 -35.71
CA ARG Q 113 25.06 -17.31 -35.62
C ARG Q 113 24.49 -17.96 -36.87
N ARG Q 114 24.96 -17.55 -38.05
CA ARG Q 114 24.45 -18.12 -39.29
C ARG Q 114 24.79 -19.60 -39.40
N LEU Q 115 25.93 -20.02 -38.83
CA LEU Q 115 26.34 -21.40 -38.94
C LEU Q 115 25.39 -22.33 -38.19
N VAL Q 116 25.02 -21.95 -36.96
CA VAL Q 116 24.10 -22.77 -36.19
C VAL Q 116 22.70 -22.73 -36.79
N LYS Q 117 22.27 -21.55 -37.24
CA LYS Q 117 20.96 -21.40 -37.86
C LYS Q 117 20.71 -22.48 -38.90
N GLN Q 118 21.66 -22.65 -39.83
CA GLN Q 118 21.40 -23.53 -40.96
C GLN Q 118 21.41 -25.01 -40.55
N ILE Q 119 22.16 -25.37 -39.51
CA ILE Q 119 22.09 -26.73 -39.00
C ILE Q 119 20.65 -27.08 -38.65
N LEU Q 120 20.00 -26.20 -37.87
CA LEU Q 120 18.63 -26.44 -37.48
C LEU Q 120 17.70 -26.45 -38.68
N THR Q 121 17.88 -25.49 -39.60
CA THR Q 121 17.03 -25.45 -40.78
C THR Q 121 17.14 -26.74 -41.59
N ASN Q 122 18.36 -27.24 -41.76
CA ASN Q 122 18.55 -28.48 -42.50
C ASN Q 122 17.95 -29.66 -41.75
N LEU Q 123 18.09 -29.68 -40.42
CA LEU Q 123 17.47 -30.73 -39.62
C LEU Q 123 15.96 -30.74 -39.79
N LEU Q 124 15.33 -29.56 -39.75
CA LEU Q 124 13.87 -29.48 -39.90
C LEU Q 124 13.43 -29.90 -41.29
N GLY Q 125 14.28 -29.72 -42.29
CA GLY Q 125 13.96 -30.12 -43.64
C GLY Q 125 14.39 -31.52 -44.01
N ASN Q 126 14.95 -32.27 -43.06
CA ASN Q 126 15.46 -33.62 -43.30
C ASN Q 126 16.46 -33.62 -44.46
N VAL Q 127 17.38 -32.67 -44.43
CA VAL Q 127 18.33 -32.44 -45.50
C VAL Q 127 19.72 -32.84 -45.02
N SER Q 128 20.31 -33.82 -45.68
CA SER Q 128 21.67 -34.26 -45.39
C SER Q 128 22.71 -33.68 -46.34
N THR Q 129 22.27 -32.93 -47.36
CA THR Q 129 23.20 -32.38 -48.34
C THR Q 129 23.58 -30.96 -47.95
N SER Q 130 24.41 -30.33 -48.78
CA SER Q 130 24.89 -28.98 -48.52
C SER Q 130 23.88 -27.95 -49.03
N VAL Q 131 23.56 -26.98 -48.18
CA VAL Q 131 22.63 -25.91 -48.51
C VAL Q 131 23.25 -24.59 -48.09
N ALA Q 132 23.23 -23.61 -48.99
CA ALA Q 132 23.80 -22.30 -48.69
C ALA Q 132 22.92 -21.57 -47.69
N ALA Q 133 23.55 -21.05 -46.64
CA ALA Q 133 22.80 -20.35 -45.61
C ALA Q 133 22.41 -18.97 -46.11
N PRO Q 134 21.15 -18.57 -45.98
CA PRO Q 134 20.73 -17.25 -46.47
C PRO Q 134 21.45 -16.14 -45.73
N THR Q 135 21.76 -15.07 -46.46
CA THR Q 135 22.36 -13.88 -45.88
C THR Q 135 21.45 -12.66 -45.97
N THR Q 136 20.28 -12.80 -46.57
CA THR Q 136 19.27 -11.75 -46.63
C THR Q 136 17.93 -12.31 -46.13
N GLY Q 137 16.93 -11.44 -46.05
CA GLY Q 137 15.65 -11.84 -45.52
C GLY Q 137 15.52 -11.50 -44.04
N PHE Q 138 14.26 -11.36 -43.59
CA PHE Q 138 14.05 -10.89 -42.24
C PHE Q 138 14.56 -11.88 -41.20
N ALA Q 139 14.49 -13.18 -41.50
CA ALA Q 139 15.03 -14.16 -40.56
C ALA Q 139 16.54 -14.04 -40.44
N SER Q 140 17.24 -13.81 -41.56
CA SER Q 140 18.68 -13.62 -41.49
C SER Q 140 19.06 -12.34 -40.77
N GLU Q 141 18.34 -11.25 -41.04
CA GLU Q 141 18.60 -10.01 -40.32
C GLU Q 141 18.49 -10.21 -38.82
N LEU Q 142 17.49 -10.99 -38.39
CA LEU Q 142 17.27 -11.18 -36.96
C LEU Q 142 18.27 -12.17 -36.36
N ILE Q 143 18.37 -13.36 -36.95
CA ILE Q 143 19.16 -14.42 -36.35
C ILE Q 143 20.65 -14.17 -36.57
N ASP Q 144 21.06 -13.85 -37.79
CA ASP Q 144 22.48 -13.66 -38.06
C ASP Q 144 23.00 -12.36 -37.48
N SER Q 145 22.22 -11.28 -37.59
CA SER Q 145 22.73 -9.95 -37.30
C SER Q 145 22.05 -9.24 -36.13
N GLY Q 146 21.05 -9.84 -35.51
CA GLY Q 146 20.38 -9.18 -34.39
C GLY Q 146 19.65 -7.91 -34.77
N ILE Q 147 18.95 -7.91 -35.90
CA ILE Q 147 18.25 -6.74 -36.41
C ILE Q 147 16.77 -7.07 -36.53
N THR Q 148 15.93 -6.31 -35.84
CA THR Q 148 14.48 -6.45 -35.90
C THR Q 148 13.92 -5.49 -36.96
N ALA Q 149 12.79 -5.88 -37.55
CA ALA Q 149 12.14 -5.04 -38.55
C ALA Q 149 11.82 -3.65 -38.00
N SER Q 150 11.89 -2.66 -38.88
CA SER Q 150 11.75 -1.25 -38.49
C SER Q 150 10.44 -0.64 -39.02
N SER R 1 10.22 10.20 -43.41
CA SER R 1 9.95 9.98 -41.99
C SER R 1 10.05 8.50 -41.66
N SER R 2 9.71 7.65 -42.62
CA SER R 2 9.94 6.22 -42.44
C SER R 2 11.43 5.91 -42.51
N GLN R 3 11.87 4.98 -41.67
CA GLN R 3 13.28 4.73 -41.44
C GLN R 3 13.87 3.91 -42.59
N ALA R 4 14.99 4.39 -43.15
CA ALA R 4 15.59 3.76 -44.33
C ALA R 4 17.11 3.70 -44.17
N ASN R 5 17.73 2.95 -45.08
CA ASN R 5 19.19 2.84 -45.08
C ASN R 5 19.82 4.21 -45.29
N ILE R 6 20.91 4.47 -44.59
CA ILE R 6 21.68 5.70 -44.70
C ILE R 6 23.03 5.36 -45.31
N THR R 7 23.34 5.99 -46.44
CA THR R 7 24.67 5.90 -47.04
C THR R 7 25.41 7.21 -46.78
N VAL R 8 26.55 7.13 -46.10
CA VAL R 8 27.29 8.31 -45.67
C VAL R 8 28.78 8.02 -45.74
N PHE R 9 29.54 8.98 -46.27
CA PHE R 9 31.00 8.90 -46.28
C PHE R 9 31.57 9.51 -45.02
N ASP R 10 32.69 8.95 -44.56
CA ASP R 10 33.32 9.43 -43.34
C ASP R 10 34.37 10.49 -43.68
N GLY R 11 35.19 10.85 -42.70
CA GLY R 11 36.20 11.88 -42.90
C GLY R 11 37.62 11.37 -42.86
N ALA R 12 37.83 10.16 -43.36
CA ALA R 12 39.18 9.66 -43.54
C ALA R 12 39.87 10.46 -44.64
N ALA R 13 41.20 10.32 -44.71
CA ALA R 13 41.96 11.02 -45.74
C ALA R 13 41.43 10.68 -47.12
N THR R 14 41.10 9.41 -47.36
CA THR R 14 40.26 9.02 -48.48
C THR R 14 38.92 8.55 -47.91
N PRO R 15 37.87 9.37 -47.99
CA PRO R 15 36.61 9.03 -47.31
C PRO R 15 36.04 7.69 -47.77
N VAL R 16 35.46 6.98 -46.80
CA VAL R 16 34.93 5.63 -46.98
C VAL R 16 33.42 5.67 -46.77
N SER R 17 32.67 5.05 -47.67
CA SER R 17 31.23 5.00 -47.52
C SER R 17 30.83 3.95 -46.48
N HIS R 18 29.85 4.30 -45.65
CA HIS R 18 29.26 3.39 -44.69
C HIS R 18 27.77 3.29 -44.97
N VAL R 19 27.22 2.08 -44.91
CA VAL R 19 25.79 1.86 -45.07
C VAL R 19 25.20 1.51 -43.71
N LEU R 20 24.37 2.41 -43.19
CA LEU R 20 23.79 2.29 -41.87
C LEU R 20 22.36 1.77 -42.00
N VAL R 21 22.11 0.57 -41.48
CA VAL R 21 20.83 -0.12 -41.58
C VAL R 21 19.96 0.32 -40.41
N PRO R 22 18.63 0.42 -40.59
CA PRO R 22 17.77 0.77 -39.45
C PRO R 22 17.68 -0.34 -38.42
N LEU R 23 17.67 0.06 -37.15
CA LEU R 23 17.49 -0.87 -36.05
C LEU R 23 16.12 -0.78 -35.40
N GLY R 24 15.38 0.30 -35.61
CA GLY R 24 14.07 0.50 -35.02
C GLY R 24 14.00 1.80 -34.25
N VAL R 25 12.79 2.12 -33.78
CA VAL R 25 12.53 3.34 -33.03
C VAL R 25 11.74 2.97 -31.78
N GLY R 26 11.76 3.88 -30.81
CA GLY R 26 11.06 3.65 -29.57
C GLY R 26 11.20 4.83 -28.63
N ILE R 27 10.63 4.69 -27.45
CA ILE R 27 10.59 5.75 -26.45
C ILE R 27 11.33 5.30 -25.20
N ASP R 28 12.28 6.12 -24.75
CA ASP R 28 13.04 5.90 -23.53
C ASP R 28 12.65 6.97 -22.51
N GLU R 29 12.61 6.58 -21.23
CA GLU R 29 12.20 7.53 -20.20
C GLU R 29 13.22 8.66 -20.06
N ASN R 30 14.52 8.34 -20.10
CA ASN R 30 15.55 9.36 -19.96
C ASN R 30 15.73 10.16 -21.24
N LEU R 31 15.67 9.50 -22.40
CA LEU R 31 16.17 10.10 -23.64
C LEU R 31 15.08 10.66 -24.54
N GLY R 32 13.85 10.19 -24.41
CA GLY R 32 12.77 10.63 -25.29
C GLY R 32 12.52 9.67 -26.42
N SER R 33 12.15 10.18 -27.59
CA SER R 33 11.99 9.36 -28.78
C SER R 33 13.37 9.07 -29.38
N VAL R 34 13.69 7.80 -29.53
CA VAL R 34 15.02 7.37 -29.98
C VAL R 34 14.86 6.57 -31.26
N ALA R 35 15.69 6.88 -32.25
CA ALA R 35 15.79 6.10 -33.48
C ALA R 35 17.23 5.68 -33.67
N LYS R 36 17.44 4.43 -34.08
CA LYS R 36 18.79 3.87 -34.16
C LYS R 36 19.08 3.33 -35.54
N TRP R 37 20.26 3.63 -36.04
CA TRP R 37 20.84 3.01 -37.22
C TRP R 37 22.18 2.38 -36.85
N ARG R 38 22.64 1.46 -37.71
CA ARG R 38 23.87 0.75 -37.43
C ARG R 38 24.40 0.17 -38.73
N GLU R 39 25.72 0.16 -38.88
CA GLU R 39 26.34 -0.55 -39.98
C GLU R 39 26.40 -2.04 -39.62
N ASN R 40 26.41 -2.90 -40.64
CA ASN R 40 26.42 -4.34 -40.41
C ASN R 40 27.65 -4.97 -41.07
N LEU R 41 28.83 -4.60 -40.57
CA LEU R 41 30.10 -5.16 -41.06
C LEU R 41 30.39 -6.46 -40.32
N ALA R 42 30.81 -7.48 -41.07
CA ALA R 42 31.36 -8.70 -40.50
C ALA R 42 32.79 -8.53 -39.98
N THR R 43 33.42 -7.39 -40.28
CA THR R 43 34.79 -7.14 -39.81
C THR R 43 34.86 -7.02 -38.29
N VAL R 44 33.81 -6.51 -37.66
CA VAL R 44 33.85 -6.16 -36.24
C VAL R 44 32.67 -6.81 -35.53
N PRO R 45 32.71 -6.91 -34.20
CA PRO R 45 31.55 -7.42 -33.47
C PRO R 45 30.30 -6.59 -33.76
N LEU R 46 29.14 -7.20 -33.52
CA LEU R 46 27.88 -6.56 -33.84
C LEU R 46 27.70 -5.26 -33.06
N TYR R 47 28.03 -5.27 -31.77
CA TYR R 47 27.89 -4.08 -30.94
C TYR R 47 28.92 -2.99 -31.27
N ALA R 48 29.96 -3.31 -32.05
CA ALA R 48 31.08 -2.42 -32.26
C ALA R 48 31.05 -1.73 -33.63
N ASN R 49 29.88 -1.67 -34.25
CA ASN R 49 29.73 -1.06 -35.56
C ASN R 49 29.50 0.45 -35.45
N VAL R 50 29.85 1.16 -36.53
CA VAL R 50 29.49 2.58 -36.64
C VAL R 50 27.98 2.71 -36.52
N ARG R 51 27.51 3.66 -35.71
CA ARG R 51 26.09 3.79 -35.47
C ARG R 51 25.68 5.25 -35.41
N VAL R 52 24.40 5.50 -35.69
CA VAL R 52 23.80 6.82 -35.61
C VAL R 52 22.52 6.70 -34.80
N THR R 53 22.28 7.67 -33.91
CA THR R 53 21.12 7.67 -33.04
C THR R 53 20.54 9.07 -32.97
N THR R 54 19.21 9.18 -32.94
CA THR R 54 18.53 10.46 -32.77
C THR R 54 17.68 10.42 -31.51
N MET R 55 17.86 11.41 -30.65
CA MET R 55 17.03 11.60 -29.47
C MET R 55 16.21 12.88 -29.63
N GLN R 56 14.98 12.85 -29.09
CA GLN R 56 14.11 14.02 -29.09
C GLN R 56 13.30 14.00 -27.82
N LYS R 57 13.50 15.02 -26.97
CA LYS R 57 12.87 15.07 -25.66
C LYS R 57 12.47 16.50 -25.34
N LYS R 58 11.27 16.66 -24.77
CA LYS R 58 10.86 17.93 -24.20
C LYS R 58 11.34 17.97 -22.74
N LEU R 59 12.16 18.97 -22.42
CA LEU R 59 12.75 19.07 -21.10
C LEU R 59 11.73 19.63 -20.10
N LYS R 60 12.10 19.60 -18.83
CA LYS R 60 11.22 20.14 -17.78
C LYS R 60 10.93 21.62 -18.01
N SER R 61 11.94 22.37 -18.48
CA SER R 61 11.76 23.79 -18.75
C SER R 61 10.79 24.08 -19.90
N GLY R 62 10.41 23.06 -20.67
CA GLY R 62 9.62 23.25 -21.86
C GLY R 62 10.42 23.37 -23.14
N ILE R 63 11.75 23.49 -23.02
CA ILE R 63 12.62 23.55 -24.19
C ILE R 63 12.73 22.17 -24.82
N GLU R 64 12.54 22.09 -26.13
CA GLU R 64 12.73 20.83 -26.83
C GLU R 64 14.21 20.65 -27.15
N ARG R 65 14.73 19.45 -26.89
CA ARG R 65 16.11 19.10 -27.16
C ARG R 65 16.17 17.99 -28.19
N VAL R 66 16.99 18.18 -29.23
CA VAL R 66 17.18 17.17 -30.26
C VAL R 66 18.67 16.85 -30.36
N GLU R 67 18.97 15.60 -30.68
CA GLU R 67 20.36 15.16 -30.83
C GLU R 67 20.48 14.17 -31.97
N ILE R 68 21.55 14.29 -32.73
CA ILE R 68 21.97 13.27 -33.70
C ILE R 68 23.37 12.85 -33.28
N ARG R 69 23.51 11.64 -32.75
CA ARG R 69 24.76 11.16 -32.17
C ARG R 69 25.39 10.12 -33.09
N VAL R 70 26.61 10.41 -33.57
CA VAL R 70 27.39 9.48 -34.38
C VAL R 70 28.49 8.90 -33.51
N GLU R 71 28.56 7.57 -33.44
CA GLU R 71 29.56 6.88 -32.64
C GLU R 71 30.35 5.93 -33.53
N VAL R 72 31.68 6.02 -33.46
CA VAL R 72 32.58 5.20 -34.24
C VAL R 72 33.49 4.44 -33.28
N PRO R 73 33.20 3.17 -33.03
CA PRO R 73 34.12 2.37 -32.21
C PRO R 73 35.40 2.04 -32.96
N VAL R 74 36.52 2.05 -32.24
CA VAL R 74 37.82 1.67 -32.77
C VAL R 74 38.32 0.46 -31.98
N MET R 75 38.71 -0.58 -32.69
CA MET R 75 39.06 -1.84 -32.06
C MET R 75 40.52 -1.86 -31.63
N GLU R 76 40.80 -2.63 -30.57
CA GLU R 76 42.18 -2.97 -30.25
C GLU R 76 42.76 -3.88 -31.33
N ALA R 77 44.09 -3.89 -31.40
CA ALA R 77 44.80 -4.75 -32.36
C ALA R 77 45.15 -6.06 -31.66
N VAL R 78 44.56 -7.15 -32.12
CA VAL R 78 44.86 -8.47 -31.58
C VAL R 78 46.20 -8.92 -32.15
N SER R 79 47.14 -9.25 -31.26
CA SER R 79 48.46 -9.69 -31.65
C SER R 79 48.90 -10.84 -30.75
N GLY R 80 49.51 -11.86 -31.33
CA GLY R 80 50.06 -12.95 -30.54
C GLY R 80 49.01 -13.65 -29.70
N GLN R 81 49.35 -13.87 -28.43
CA GLN R 81 48.48 -14.57 -27.50
C GLN R 81 48.58 -13.92 -26.13
N ASN R 82 47.54 -14.13 -25.32
CA ASN R 82 47.51 -13.61 -23.95
C ASN R 82 48.23 -14.56 -23.00
N ALA R 83 48.22 -14.22 -21.72
CA ALA R 83 48.93 -14.99 -20.72
C ALA R 83 48.34 -16.38 -20.53
N PHE R 84 47.15 -16.65 -21.05
CA PHE R 84 46.55 -17.97 -20.93
C PHE R 84 46.85 -18.89 -22.11
N GLY R 85 47.50 -18.37 -23.16
CA GLY R 85 47.85 -19.18 -24.30
C GLY R 85 46.84 -19.18 -25.42
N TYR R 86 45.91 -18.24 -25.43
CA TYR R 86 44.87 -18.15 -26.45
C TYR R 86 44.95 -16.82 -27.18
N THR R 87 44.46 -16.81 -28.42
CA THR R 87 44.26 -15.56 -29.14
C THR R 87 43.18 -14.73 -28.43
N ALA R 88 43.46 -13.44 -28.25
CA ALA R 88 42.54 -12.59 -27.51
C ALA R 88 41.26 -12.35 -28.29
N ALA R 89 40.17 -12.13 -27.55
CA ALA R 89 38.89 -11.80 -28.15
C ALA R 89 38.88 -10.34 -28.61
N PRO R 90 38.05 -10.00 -29.58
CA PRO R 90 37.92 -8.59 -29.97
C PRO R 90 37.55 -7.72 -28.78
N LYS R 91 38.16 -6.54 -28.72
CA LYS R 91 37.89 -5.59 -27.65
C LYS R 91 37.91 -4.18 -28.23
N VAL R 92 36.94 -3.37 -27.81
CA VAL R 92 36.86 -1.98 -28.26
C VAL R 92 37.88 -1.16 -27.49
N ALA R 93 38.76 -0.48 -28.23
CA ALA R 93 39.75 0.38 -27.58
C ALA R 93 39.10 1.65 -27.05
N PHE R 94 38.33 2.34 -27.90
CA PHE R 94 37.61 3.55 -27.50
C PHE R 94 36.54 3.81 -28.55
N THR R 95 35.58 4.65 -28.19
CA THR R 95 34.51 5.03 -29.10
C THR R 95 34.50 6.54 -29.24
N ASP R 96 34.76 7.03 -30.45
CA ASP R 96 34.64 8.46 -30.71
C ASP R 96 33.18 8.80 -30.94
N SER R 97 32.78 9.96 -30.42
CA SER R 97 31.39 10.41 -30.47
C SER R 97 31.35 11.86 -30.94
N GLY R 98 30.60 12.10 -32.02
CA GLY R 98 30.33 13.44 -32.49
C GLY R 98 28.85 13.59 -32.75
N SER R 99 28.23 14.62 -32.20
CA SER R 99 26.78 14.77 -32.24
C SER R 99 26.41 16.22 -32.52
N PHE R 100 25.24 16.39 -33.11
CA PHE R 100 24.55 17.68 -33.17
C PHE R 100 23.56 17.71 -32.02
N VAL R 101 23.51 18.85 -31.32
CA VAL R 101 22.58 19.03 -30.20
C VAL R 101 21.87 20.36 -30.38
N GLY R 102 20.54 20.31 -30.47
CA GLY R 102 19.74 21.50 -30.62
C GLY R 102 18.86 21.73 -29.41
N TYR R 103 18.77 22.99 -28.99
CA TYR R 103 17.84 23.42 -27.94
C TYR R 103 16.96 24.50 -28.54
N PHE R 104 15.65 24.26 -28.54
CA PHE R 104 14.70 25.17 -29.19
C PHE R 104 13.52 25.44 -28.28
N SER R 105 13.06 26.69 -28.28
CA SER R 105 11.83 27.04 -27.58
C SER R 105 10.63 26.50 -28.33
N GLU R 106 9.51 26.36 -27.61
CA GLU R 106 8.26 25.96 -28.25
C GLU R 106 7.87 26.93 -29.35
N ARG R 107 8.22 28.22 -29.19
CA ARG R 107 7.85 29.24 -30.17
C ARG R 107 8.67 29.18 -31.45
N SER R 108 9.84 28.53 -31.41
CA SER R 108 10.68 28.46 -32.61
C SER R 108 9.98 27.67 -33.71
N ALA R 109 10.13 28.14 -34.93
CA ALA R 109 9.43 27.56 -36.08
C ALA R 109 10.39 26.72 -36.90
N GLN R 110 9.82 26.00 -37.87
CA GLN R 110 10.64 25.21 -38.77
C GLN R 110 11.72 26.06 -39.43
N SER R 111 11.36 27.28 -39.85
CA SER R 111 12.33 28.16 -40.48
C SER R 111 13.42 28.59 -39.50
N ASN R 112 13.05 28.86 -38.24
CA ASN R 112 14.03 29.26 -37.25
C ASN R 112 15.05 28.16 -36.99
N ARG R 113 14.57 26.93 -36.77
CA ARG R 113 15.46 25.82 -36.47
C ARG R 113 16.34 25.48 -37.66
N ARG R 114 15.77 25.48 -38.86
CA ARG R 114 16.55 25.21 -40.06
C ARG R 114 17.63 26.27 -40.25
N LEU R 115 17.34 27.52 -39.88
CA LEU R 115 18.29 28.61 -40.07
C LEU R 115 19.54 28.38 -39.23
N VAL R 116 19.37 28.01 -37.96
CA VAL R 116 20.50 27.75 -37.08
C VAL R 116 21.25 26.51 -37.54
N LYS R 117 20.52 25.47 -37.94
CA LYS R 117 21.15 24.23 -38.38
C LYS R 117 22.25 24.48 -39.41
N GLN R 118 21.91 25.21 -40.47
CA GLN R 118 22.84 25.34 -41.58
C GLN R 118 24.07 26.18 -41.22
N ILE R 119 23.94 27.12 -40.28
CA ILE R 119 25.11 27.85 -39.80
C ILE R 119 26.14 26.87 -39.26
N LEU R 120 25.69 25.94 -38.41
CA LEU R 120 26.61 24.96 -37.85
C LEU R 120 27.19 24.06 -38.93
N THR R 121 26.33 23.55 -39.83
CA THR R 121 26.80 22.66 -40.89
C THR R 121 27.87 23.35 -41.74
N ASN R 122 27.66 24.62 -42.09
CA ASN R 122 28.64 25.32 -42.89
C ASN R 122 29.93 25.55 -42.11
N LEU R 123 29.82 25.90 -40.83
CA LEU R 123 31.00 26.04 -39.99
C LEU R 123 31.79 24.75 -39.95
N LEU R 124 31.11 23.60 -39.79
CA LEU R 124 31.80 22.32 -39.72
C LEU R 124 32.46 21.96 -41.04
N GLY R 125 31.90 22.44 -42.15
CA GLY R 125 32.46 22.16 -43.46
C GLY R 125 33.40 23.21 -43.97
N ASN R 126 33.72 24.22 -43.17
CA ASN R 126 34.62 25.31 -43.55
C ASN R 126 34.10 26.03 -44.79
N VAL R 127 32.78 26.20 -44.87
CA VAL R 127 32.11 26.77 -46.03
C VAL R 127 31.70 28.19 -45.69
N SER R 128 32.27 29.15 -46.41
CA SER R 128 31.91 30.55 -46.23
C SER R 128 30.97 31.06 -47.32
N THR R 129 30.55 30.21 -48.25
CA THR R 129 29.65 30.60 -49.32
C THR R 129 28.22 30.19 -48.98
N SER R 130 27.31 30.46 -49.91
CA SER R 130 25.90 30.20 -49.70
C SER R 130 25.56 28.74 -50.03
N VAL R 131 24.88 28.08 -49.10
CA VAL R 131 24.48 26.69 -49.24
C VAL R 131 23.03 26.56 -48.82
N ALA R 132 22.22 25.90 -49.65
CA ALA R 132 20.81 25.73 -49.36
C ALA R 132 20.62 24.70 -48.25
N ALA R 133 19.80 25.06 -47.27
CA ALA R 133 19.58 24.16 -46.14
C ALA R 133 18.65 23.03 -46.58
N PRO R 134 19.00 21.77 -46.29
CA PRO R 134 18.13 20.67 -46.69
C PRO R 134 16.78 20.75 -46.01
N THR R 135 15.73 20.46 -46.79
CA THR R 135 14.37 20.40 -46.26
C THR R 135 13.82 18.98 -46.24
N THR R 136 14.63 17.99 -46.59
CA THR R 136 14.26 16.59 -46.53
C THR R 136 15.39 15.80 -45.89
N GLY R 137 15.12 14.54 -45.58
CA GLY R 137 16.08 13.70 -44.91
C GLY R 137 15.81 13.62 -43.42
N PHE R 138 16.35 12.57 -42.79
CA PHE R 138 16.04 12.33 -41.39
C PHE R 138 16.59 13.42 -40.49
N ALA R 139 17.76 13.99 -40.84
CA ALA R 139 18.32 15.06 -40.02
C ALA R 139 17.44 16.30 -40.08
N SER R 140 16.99 16.68 -41.29
CA SER R 140 16.11 17.84 -41.41
C SER R 140 14.79 17.61 -40.70
N GLU R 141 14.24 16.39 -40.80
CA GLU R 141 12.98 16.11 -40.14
C GLU R 141 13.11 16.23 -38.62
N LEU R 142 14.26 15.83 -38.07
CA LEU R 142 14.46 15.91 -36.64
C LEU R 142 14.74 17.33 -36.17
N ILE R 143 15.72 17.99 -36.79
CA ILE R 143 16.15 19.30 -36.31
C ILE R 143 15.15 20.38 -36.70
N ASP R 144 14.74 20.41 -37.97
CA ASP R 144 13.83 21.47 -38.41
C ASP R 144 12.43 21.28 -37.85
N SER R 145 11.91 20.05 -37.86
CA SER R 145 10.49 19.82 -37.63
C SER R 145 10.18 18.97 -36.40
N GLY R 146 11.19 18.51 -35.66
CA GLY R 146 10.93 17.72 -34.47
C GLY R 146 10.37 16.34 -34.74
N ILE R 147 10.68 15.75 -35.89
CA ILE R 147 10.14 14.46 -36.31
C ILE R 147 11.17 13.37 -36.04
N THR R 148 10.71 12.26 -35.48
CA THR R 148 11.52 11.06 -35.31
C THR R 148 11.09 10.01 -36.34
N ALA R 149 12.05 9.19 -36.77
CA ALA R 149 11.77 8.19 -37.78
C ALA R 149 10.80 7.12 -37.24
N SER R 150 10.29 6.29 -38.15
CA SER R 150 9.34 5.25 -37.79
C SER R 150 9.50 3.97 -38.64
N SER S 1 -117.42 17.00 50.41
CA SER S 1 -116.14 16.54 50.91
C SER S 1 -114.96 17.41 50.45
N SER S 2 -115.24 18.46 49.67
CA SER S 2 -114.26 19.49 49.38
C SER S 2 -114.56 20.73 50.20
N GLN S 3 -113.57 21.62 50.29
CA GLN S 3 -113.69 22.76 51.20
C GLN S 3 -114.76 23.74 50.74
N ALA S 4 -115.54 24.24 51.70
CA ALA S 4 -116.55 25.25 51.44
C ALA S 4 -116.65 26.16 52.66
N ASN S 5 -117.41 27.24 52.50
CA ASN S 5 -117.59 28.19 53.59
C ASN S 5 -118.26 27.53 54.78
N ILE S 6 -117.96 28.03 55.97
CA ILE S 6 -118.54 27.57 57.22
C ILE S 6 -119.17 28.77 57.91
N THR S 7 -120.44 28.65 58.28
CA THR S 7 -121.15 29.68 59.03
C THR S 7 -121.46 29.14 60.42
N VAL S 8 -120.92 29.79 61.46
CA VAL S 8 -121.05 29.33 62.83
C VAL S 8 -121.28 30.53 63.73
N PHE S 9 -122.22 30.39 64.68
CA PHE S 9 -122.40 31.38 65.73
C PHE S 9 -121.52 31.02 66.92
N ASP S 10 -120.98 32.04 67.59
CA ASP S 10 -120.09 31.81 68.71
C ASP S 10 -120.91 31.72 70.01
N GLY S 11 -120.22 31.79 71.14
CA GLY S 11 -120.88 31.65 72.42
C GLY S 11 -120.86 32.93 73.25
N ALA S 12 -120.89 34.08 72.59
CA ALA S 12 -121.04 35.33 73.29
C ALA S 12 -122.41 35.39 73.96
N ALA S 13 -122.56 36.35 74.88
CA ALA S 13 -123.84 36.52 75.56
C ALA S 13 -124.96 36.72 74.57
N THR S 14 -124.75 37.61 73.58
CA THR S 14 -125.55 37.64 72.37
C THR S 14 -124.69 37.04 71.26
N PRO S 15 -124.94 35.80 70.84
CA PRO S 15 -124.01 35.13 69.91
C PRO S 15 -123.92 35.82 68.56
N VAL S 16 -122.72 35.76 67.99
CA VAL S 16 -122.34 36.47 66.77
C VAL S 16 -122.00 35.43 65.71
N SER S 17 -122.51 35.62 64.49
CA SER S 17 -122.20 34.72 63.39
C SER S 17 -120.81 35.02 62.82
N HIS S 18 -120.12 33.96 62.41
CA HIS S 18 -118.82 34.07 61.76
C HIS S 18 -118.85 33.25 60.48
N VAL S 19 -118.28 33.81 59.41
CA VAL S 19 -118.15 33.09 58.14
C VAL S 19 -116.68 32.77 57.95
N LEU S 20 -116.35 31.48 57.97
CA LEU S 20 -114.99 31.01 57.80
C LEU S 20 -114.80 30.55 56.36
N VAL S 21 -113.88 31.18 55.65
CA VAL S 21 -113.59 30.90 54.25
C VAL S 21 -112.51 29.82 54.20
N PRO S 22 -112.52 28.94 53.21
CA PRO S 22 -111.42 27.97 53.08
C PRO S 22 -110.09 28.70 52.89
N LEU S 23 -109.05 28.19 53.55
CA LEU S 23 -107.74 28.82 53.56
C LEU S 23 -106.66 27.98 52.89
N GLY S 24 -106.81 26.67 52.89
CA GLY S 24 -105.85 25.81 52.22
C GLY S 24 -105.87 24.41 52.78
N VAL S 25 -105.21 23.51 52.06
CA VAL S 25 -105.04 22.13 52.46
C VAL S 25 -103.57 21.78 52.28
N GLY S 26 -103.06 20.90 53.14
CA GLY S 26 -101.68 20.48 53.04
C GLY S 26 -101.42 19.22 53.82
N ILE S 27 -100.17 18.74 53.72
CA ILE S 27 -99.66 17.64 54.53
C ILE S 27 -98.52 18.17 55.38
N ASP S 28 -98.51 17.79 56.65
CA ASP S 28 -97.50 18.21 57.60
C ASP S 28 -96.73 17.00 58.10
N GLU S 29 -95.43 17.20 58.34
CA GLU S 29 -94.59 16.12 58.85
C GLU S 29 -95.11 15.60 60.18
N ASN S 30 -95.47 16.49 61.10
CA ASN S 30 -95.85 16.13 62.46
C ASN S 30 -97.36 16.17 62.72
N LEU S 31 -98.13 16.85 61.87
CA LEU S 31 -99.56 17.02 62.11
C LEU S 31 -100.44 16.10 61.27
N GLY S 32 -99.99 15.71 60.08
CA GLY S 32 -100.77 14.84 59.20
C GLY S 32 -101.53 15.62 58.15
N SER S 33 -102.70 15.14 57.75
CA SER S 33 -103.52 15.86 56.79
C SER S 33 -104.19 17.06 57.46
N VAL S 34 -103.95 18.25 56.94
CA VAL S 34 -104.41 19.49 57.54
C VAL S 34 -105.32 20.21 56.55
N ALA S 35 -106.42 20.77 57.07
CA ALA S 35 -107.30 21.66 56.33
C ALA S 35 -107.58 22.88 57.18
N LYS S 36 -107.56 24.06 56.55
CA LYS S 36 -107.62 25.33 57.27
C LYS S 36 -108.76 26.18 56.76
N TRP S 37 -109.49 26.80 57.68
CA TRP S 37 -110.49 27.82 57.41
C TRP S 37 -110.12 29.07 58.20
N ARG S 38 -110.77 30.18 57.86
CA ARG S 38 -110.43 31.46 58.49
C ARG S 38 -111.49 32.49 58.13
N GLU S 39 -111.82 33.34 59.10
CA GLU S 39 -112.68 34.48 58.87
C GLU S 39 -111.94 35.54 58.05
N ASN S 40 -112.70 36.48 57.49
CA ASN S 40 -112.13 37.53 56.65
C ASN S 40 -112.59 38.90 57.09
N LEU S 41 -112.67 39.12 58.41
CA LEU S 41 -113.14 40.40 58.90
C LEU S 41 -112.15 41.50 58.55
N ALA S 42 -112.68 42.67 58.17
CA ALA S 42 -111.87 43.87 58.00
C ALA S 42 -111.49 44.49 59.33
N THR S 43 -111.96 43.94 60.46
CA THR S 43 -111.72 44.60 61.75
C THR S 43 -110.29 44.38 62.24
N VAL S 44 -109.74 43.21 61.95
CA VAL S 44 -108.43 42.78 62.45
C VAL S 44 -107.57 42.49 61.24
N PRO S 45 -106.25 42.39 61.40
CA PRO S 45 -105.39 41.94 60.30
C PRO S 45 -105.64 40.48 59.99
N LEU S 46 -105.05 40.03 58.88
CA LEU S 46 -105.37 38.69 58.38
C LEU S 46 -105.04 37.60 59.40
N TYR S 47 -103.86 37.69 60.02
CA TYR S 47 -103.44 36.65 60.95
C TYR S 47 -104.29 36.57 62.21
N ALA S 48 -105.03 37.64 62.54
CA ALA S 48 -105.75 37.73 63.79
C ALA S 48 -107.21 37.26 63.70
N ASN S 49 -107.61 36.67 62.58
CA ASN S 49 -108.99 36.23 62.40
C ASN S 49 -109.26 34.91 63.10
N VAL S 50 -110.52 34.71 63.48
CA VAL S 50 -110.96 33.42 63.98
C VAL S 50 -110.69 32.34 62.94
N ARG S 51 -110.10 31.23 63.38
CA ARG S 51 -109.70 30.18 62.46
C ARG S 51 -110.16 28.82 62.94
N VAL S 52 -110.35 27.92 61.99
CA VAL S 52 -110.71 26.53 62.26
C VAL S 52 -109.75 25.65 61.45
N THR S 53 -109.26 24.59 62.09
CA THR S 53 -108.29 23.70 61.45
C THR S 53 -108.59 22.26 61.84
N THR S 54 -108.48 21.36 60.87
CA THR S 54 -108.63 19.92 61.12
C THR S 54 -107.30 19.22 60.87
N MET S 55 -107.01 18.23 61.70
CA MET S 55 -105.82 17.41 61.59
C MET S 55 -106.21 15.94 61.60
N GLN S 56 -105.59 15.15 60.73
CA GLN S 56 -105.78 13.70 60.67
C GLN S 56 -104.41 13.06 60.56
N LYS S 57 -104.02 12.30 61.58
CA LYS S 57 -102.69 11.72 61.67
C LYS S 57 -102.80 10.27 62.09
N LYS S 58 -102.20 9.38 61.30
CA LYS S 58 -102.14 7.97 61.65
C LYS S 58 -101.02 7.74 62.65
N LEU S 59 -101.35 7.07 63.76
CA LEU S 59 -100.37 6.73 64.77
C LEU S 59 -100.00 5.25 64.67
N LYS S 60 -99.16 4.83 65.61
CA LYS S 60 -98.77 3.43 65.69
C LYS S 60 -99.91 2.60 66.27
N SER S 61 -99.86 1.30 65.99
CA SER S 61 -100.86 0.34 66.47
C SER S 61 -102.24 0.61 65.91
N GLY S 62 -102.29 1.15 64.69
CA GLY S 62 -103.56 1.28 63.98
C GLY S 62 -104.57 2.18 64.66
N ILE S 63 -104.11 3.31 65.17
CA ILE S 63 -104.97 4.30 65.80
C ILE S 63 -104.73 5.62 65.08
N GLU S 64 -105.81 6.30 64.70
CA GLU S 64 -105.69 7.60 64.07
C GLU S 64 -106.18 8.67 65.04
N ARG S 65 -105.49 9.80 65.04
CA ARG S 65 -105.86 10.95 65.85
C ARG S 65 -106.51 11.98 64.96
N VAL S 66 -107.64 12.51 65.41
CA VAL S 66 -108.45 13.44 64.63
C VAL S 66 -108.73 14.66 65.49
N GLU S 67 -108.50 15.85 64.93
CA GLU S 67 -108.72 17.08 65.68
C GLU S 67 -109.45 18.11 64.84
N ILE S 68 -110.37 18.82 65.47
CA ILE S 68 -110.97 20.04 64.94
C ILE S 68 -110.62 21.14 65.92
N ARG S 69 -109.70 22.03 65.54
CA ARG S 69 -109.19 23.06 66.45
C ARG S 69 -109.77 24.42 66.10
N VAL S 70 -110.50 25.02 67.03
CA VAL S 70 -111.03 26.37 66.91
C VAL S 70 -110.17 27.30 67.73
N GLU S 71 -109.56 28.30 67.08
CA GLU S 71 -108.73 29.28 67.76
C GLU S 71 -109.34 30.66 67.56
N VAL S 72 -109.59 31.36 68.66
CA VAL S 72 -110.14 32.71 68.61
C VAL S 72 -109.11 33.69 69.18
N PRO S 73 -108.44 34.49 68.34
CA PRO S 73 -107.54 35.52 68.86
C PRO S 73 -108.36 36.67 69.43
N VAL S 74 -108.07 37.01 70.69
CA VAL S 74 -108.69 38.15 71.36
C VAL S 74 -107.71 39.31 71.30
N MET S 75 -108.15 40.42 70.75
CA MET S 75 -107.25 41.54 70.50
C MET S 75 -107.14 42.45 71.70
N GLU S 76 -105.97 43.07 71.85
CA GLU S 76 -105.82 44.16 72.81
C GLU S 76 -106.71 45.33 72.38
N ALA S 77 -107.17 46.10 73.35
CA ALA S 77 -108.00 47.26 73.09
C ALA S 77 -107.10 48.46 72.83
N VAL S 78 -107.13 48.97 71.60
CA VAL S 78 -106.35 50.16 71.27
C VAL S 78 -107.05 51.37 71.86
N SER S 79 -106.33 52.11 72.70
CA SER S 79 -106.86 53.31 73.34
C SER S 79 -105.76 54.36 73.36
N GLY S 80 -106.11 55.59 72.99
CA GLY S 80 -105.15 56.68 72.95
C GLY S 80 -103.93 56.37 72.09
N GLN S 81 -102.85 57.04 72.42
CA GLN S 81 -101.59 56.92 71.70
C GLN S 81 -100.53 56.24 72.57
N ASN S 82 -99.53 55.69 71.90
CA ASN S 82 -98.40 55.09 72.60
C ASN S 82 -97.37 56.17 72.95
N ALA S 83 -96.26 55.73 73.54
CA ALA S 83 -95.23 56.67 73.98
C ALA S 83 -94.56 57.41 72.83
N PHE S 84 -94.82 57.01 71.58
CA PHE S 84 -94.24 57.68 70.42
C PHE S 84 -95.18 58.66 69.76
N GLY S 85 -96.42 58.76 70.22
CA GLY S 85 -97.37 59.69 69.67
C GLY S 85 -98.22 59.15 68.54
N TYR S 86 -98.20 57.84 68.31
CA TYR S 86 -98.99 57.21 67.27
C TYR S 86 -100.05 56.31 67.87
N THR S 87 -101.13 56.10 67.13
CA THR S 87 -102.12 55.09 67.51
C THR S 87 -101.48 53.71 67.40
N ALA S 88 -101.71 52.88 68.42
CA ALA S 88 -101.04 51.59 68.49
C ALA S 88 -101.51 50.67 67.37
N ALA S 89 -100.59 49.84 66.88
CA ALA S 89 -100.95 48.83 65.91
C ALA S 89 -101.76 47.73 66.59
N PRO S 90 -102.65 47.07 65.86
CA PRO S 90 -103.41 45.96 66.47
C PRO S 90 -102.47 44.86 66.95
N LYS S 91 -102.76 44.33 68.14
CA LYS S 91 -101.93 43.30 68.75
C LYS S 91 -102.82 42.27 69.41
N VAL S 92 -102.45 40.99 69.24
CA VAL S 92 -103.21 39.90 69.85
C VAL S 92 -102.89 39.84 71.34
N ALA S 93 -103.93 39.91 72.17
CA ALA S 93 -103.74 39.82 73.61
C ALA S 93 -103.50 38.39 74.05
N PHE S 94 -104.37 37.48 73.63
CA PHE S 94 -104.23 36.06 73.88
C PHE S 94 -105.11 35.33 72.87
N THR S 95 -104.83 34.04 72.70
CA THR S 95 -105.59 33.21 71.79
C THR S 95 -106.21 32.04 72.56
N ASP S 96 -107.53 31.97 72.54
CA ASP S 96 -108.26 30.86 73.15
C ASP S 96 -108.40 29.73 72.14
N SER S 97 -108.22 28.50 72.63
CA SER S 97 -108.23 27.31 71.78
C SER S 97 -109.18 26.27 72.37
N GLY S 98 -110.21 25.93 71.62
CA GLY S 98 -111.08 24.83 71.97
C GLY S 98 -111.18 23.86 70.82
N SER S 99 -110.96 22.58 71.07
CA SER S 99 -110.87 21.62 69.98
C SER S 99 -111.55 20.31 70.34
N PHE S 100 -112.01 19.61 69.30
CA PHE S 100 -112.37 18.20 69.42
C PHE S 100 -111.14 17.36 69.11
N VAL S 101 -110.89 16.36 69.93
CA VAL S 101 -109.77 15.44 69.71
C VAL S 101 -110.29 14.02 69.82
N GLY S 102 -110.21 13.27 68.72
CA GLY S 102 -110.66 11.89 68.68
C GLY S 102 -109.49 10.94 68.44
N TYR S 103 -109.50 9.84 69.18
CA TYR S 103 -108.59 8.72 68.94
C TYR S 103 -109.44 7.51 68.60
N PHE S 104 -109.32 7.02 67.38
CA PHE S 104 -110.15 5.93 66.90
C PHE S 104 -109.29 4.81 66.35
N SER S 105 -109.65 3.57 66.68
CA SER S 105 -109.00 2.42 66.08
C SER S 105 -109.41 2.27 64.62
N GLU S 106 -108.52 1.69 63.82
CA GLU S 106 -108.86 1.37 62.44
C GLU S 106 -110.04 0.41 62.36
N ARG S 107 -110.33 -0.31 63.45
CA ARG S 107 -111.42 -1.26 63.48
C ARG S 107 -112.80 -0.63 63.74
N SER S 108 -112.85 0.61 64.20
CA SER S 108 -114.14 1.25 64.46
C SER S 108 -114.80 1.62 63.15
N ALA S 109 -116.14 1.53 63.15
CA ALA S 109 -116.95 1.83 61.99
C ALA S 109 -117.50 3.23 62.07
N GLN S 110 -118.06 3.70 60.95
CA GLN S 110 -118.71 5.01 60.93
C GLN S 110 -119.70 5.15 62.05
N SER S 111 -120.49 4.10 62.31
CA SER S 111 -121.51 4.15 63.35
C SER S 111 -120.90 4.31 64.73
N ASN S 112 -119.81 3.58 65.02
CA ASN S 112 -119.17 3.69 66.32
C ASN S 112 -118.67 5.11 66.58
N ARG S 113 -118.01 5.71 65.59
CA ARG S 113 -117.44 7.04 65.77
C ARG S 113 -118.53 8.09 65.89
N ARG S 114 -119.56 8.00 65.05
CA ARG S 114 -120.68 8.93 65.14
C ARG S 114 -121.38 8.83 66.50
N LEU S 115 -121.42 7.64 67.09
CA LEU S 115 -122.09 7.47 68.37
C LEU S 115 -121.35 8.21 69.47
N VAL S 116 -120.02 8.08 69.52
CA VAL S 116 -119.24 8.79 70.53
C VAL S 116 -119.34 10.29 70.32
N LYS S 117 -119.25 10.74 69.06
CA LYS S 117 -119.28 12.16 68.76
C LYS S 117 -120.43 12.88 69.44
N GLN S 118 -121.65 12.34 69.28
CA GLN S 118 -122.82 13.06 69.78
C GLN S 118 -122.90 13.09 71.29
N ILE S 119 -122.35 12.07 71.97
CA ILE S 119 -122.31 12.12 73.44
C ILE S 119 -121.59 13.38 73.89
N LEU S 120 -120.37 13.58 73.39
CA LEU S 120 -119.61 14.77 73.73
C LEU S 120 -120.37 16.04 73.36
N THR S 121 -120.91 16.08 72.14
CA THR S 121 -121.65 17.27 71.71
C THR S 121 -122.79 17.59 72.67
N ASN S 122 -123.56 16.57 73.05
CA ASN S 122 -124.68 16.80 73.96
C ASN S 122 -124.17 17.24 75.34
N LEU S 123 -123.05 16.67 75.78
CA LEU S 123 -122.46 17.09 77.05
C LEU S 123 -122.08 18.57 77.01
N LEU S 124 -121.45 19.01 75.92
CA LEU S 124 -121.03 20.40 75.81
C LEU S 124 -122.22 21.34 75.74
N GLY S 125 -123.35 20.88 75.20
CA GLY S 125 -124.55 21.68 75.09
C GLY S 125 -125.46 21.60 76.29
N ASN S 126 -125.07 20.85 77.31
CA ASN S 126 -125.89 20.63 78.51
C ASN S 126 -127.26 20.07 78.15
N VAL S 127 -127.27 19.10 77.25
CA VAL S 127 -128.49 18.52 76.69
C VAL S 127 -128.62 17.09 77.18
N SER S 128 -129.71 16.81 77.89
CA SER S 128 -129.99 15.49 78.40
C SER S 128 -131.08 14.76 77.61
N THR S 129 -131.59 15.36 76.55
CA THR S 129 -132.63 14.75 75.73
C THR S 129 -132.02 14.18 74.46
N SER S 130 -132.87 13.58 73.63
CA SER S 130 -132.44 12.93 72.40
C SER S 130 -132.18 13.97 71.31
N VAL S 131 -131.01 13.87 70.68
CA VAL S 131 -130.62 14.74 69.57
C VAL S 131 -130.02 13.87 68.49
N ALA S 132 -130.45 14.11 67.24
CA ALA S 132 -129.98 13.30 66.12
C ALA S 132 -128.56 13.69 65.73
N ALA S 133 -127.71 12.70 65.57
CA ALA S 133 -126.32 12.94 65.21
C ALA S 133 -126.22 13.34 63.74
N PRO S 134 -125.52 14.42 63.41
CA PRO S 134 -125.39 14.83 62.00
C PRO S 134 -124.63 13.78 61.19
N THR S 135 -125.04 13.62 59.93
CA THR S 135 -124.38 12.72 59.01
C THR S 135 -123.73 13.45 57.84
N THR S 136 -123.77 14.79 57.83
CA THR S 136 -123.12 15.59 56.82
C THR S 136 -122.37 16.75 57.50
N GLY S 137 -121.61 17.49 56.70
CA GLY S 137 -120.79 18.56 57.22
C GLY S 137 -119.35 18.12 57.42
N PHE S 138 -118.45 19.10 57.46
CA PHE S 138 -117.02 18.78 57.53
C PHE S 138 -116.67 18.08 58.83
N ALA S 139 -117.37 18.40 59.92
CA ALA S 139 -117.12 17.73 61.19
C ALA S 139 -117.52 16.26 61.13
N SER S 140 -118.69 15.97 60.57
CA SER S 140 -119.11 14.57 60.43
C SER S 140 -118.17 13.80 59.50
N GLU S 141 -117.80 14.42 58.38
CA GLU S 141 -116.91 13.73 57.44
C GLU S 141 -115.59 13.38 58.12
N LEU S 142 -115.10 14.27 58.97
CA LEU S 142 -113.83 14.02 59.64
C LEU S 142 -113.97 13.02 60.79
N ILE S 143 -114.87 13.30 61.73
CA ILE S 143 -114.96 12.47 62.93
C ILE S 143 -115.61 11.12 62.61
N ASP S 144 -116.74 11.13 61.90
CA ASP S 144 -117.45 9.88 61.67
C ASP S 144 -116.71 9.00 60.66
N SER S 145 -116.13 9.60 59.62
CA SER S 145 -115.68 8.86 58.46
C SER S 145 -114.20 9.05 58.11
N GLY S 146 -113.44 9.78 58.92
CA GLY S 146 -112.03 9.94 58.63
C GLY S 146 -111.75 10.62 57.31
N ILE S 147 -112.54 11.62 56.96
CA ILE S 147 -112.43 12.32 55.68
C ILE S 147 -111.90 13.73 55.94
N THR S 148 -110.80 14.09 55.29
CA THR S 148 -110.30 15.45 55.29
C THR S 148 -110.72 16.13 53.99
N ALA S 149 -111.09 17.41 54.09
CA ALA S 149 -111.50 18.17 52.93
C ALA S 149 -110.39 18.21 51.89
N SER S 150 -110.78 18.43 50.63
CA SER S 150 -109.82 18.45 49.53
C SER S 150 -110.28 19.29 48.34
N SER T 1 -111.30 16.34 37.38
CA SER T 1 -110.36 17.25 38.01
C SER T 1 -110.35 17.08 39.53
N SER T 2 -111.36 17.63 40.20
CA SER T 2 -111.46 17.54 41.65
C SER T 2 -112.19 16.25 42.05
N GLN T 3 -112.00 15.85 43.30
CA GLN T 3 -112.51 14.57 43.77
C GLN T 3 -114.03 14.55 43.81
N ALA T 4 -114.61 13.44 43.36
CA ALA T 4 -116.04 13.22 43.42
C ALA T 4 -116.31 11.75 43.71
N ASN T 5 -117.57 11.44 43.97
CA ASN T 5 -117.95 10.07 44.26
C ASN T 5 -117.75 9.19 43.03
N ILE T 6 -117.13 8.02 43.24
CA ILE T 6 -116.96 7.01 42.21
C ILE T 6 -118.00 5.93 42.44
N THR T 7 -118.69 5.54 41.37
CA THR T 7 -119.65 4.43 41.41
C THR T 7 -119.14 3.34 40.48
N VAL T 8 -118.85 2.17 41.06
CA VAL T 8 -118.24 1.04 40.34
C VAL T 8 -118.95 -0.23 40.75
N PHE T 9 -119.16 -1.12 39.78
CA PHE T 9 -119.57 -2.49 40.07
C PHE T 9 -118.37 -3.40 40.22
N ASP T 10 -118.48 -4.38 41.10
CA ASP T 10 -117.37 -5.29 41.37
C ASP T 10 -117.47 -6.50 40.45
N GLY T 11 -116.70 -7.54 40.74
CA GLY T 11 -116.68 -8.72 39.90
C GLY T 11 -117.24 -9.95 40.58
N ALA T 12 -118.19 -9.76 41.48
CA ALA T 12 -118.88 -10.88 42.08
C ALA T 12 -119.69 -11.61 41.01
N ALA T 13 -120.11 -12.85 41.33
CA ALA T 13 -120.88 -13.63 40.38
C ALA T 13 -122.13 -12.88 39.96
N THR T 14 -122.78 -12.21 40.90
CA THR T 14 -123.78 -11.19 40.60
C THR T 14 -123.18 -9.84 41.01
N PRO T 15 -122.70 -9.04 40.07
CA PRO T 15 -121.95 -7.83 40.43
C PRO T 15 -122.75 -6.85 41.26
N VAL T 16 -122.07 -6.20 42.21
CA VAL T 16 -122.65 -5.30 43.19
C VAL T 16 -122.02 -3.93 43.02
N SER T 17 -122.83 -2.88 43.13
CA SER T 17 -122.32 -1.52 42.99
C SER T 17 -121.73 -1.03 44.31
N HIS T 18 -120.63 -0.29 44.22
CA HIS T 18 -119.99 0.36 45.35
C HIS T 18 -119.90 1.85 45.09
N VAL T 19 -120.15 2.65 46.12
CA VAL T 19 -119.99 4.10 46.04
C VAL T 19 -118.79 4.48 46.90
N LEU T 20 -117.73 4.96 46.24
CA LEU T 20 -116.49 5.35 46.92
C LEU T 20 -116.47 6.87 47.05
N VAL T 21 -116.45 7.36 48.28
CA VAL T 21 -116.46 8.81 48.53
C VAL T 21 -115.03 9.29 48.70
N PRO T 22 -114.76 10.57 48.43
CA PRO T 22 -113.39 11.07 48.58
C PRO T 22 -112.93 11.08 50.03
N LEU T 23 -111.63 10.84 50.21
CA LEU T 23 -110.98 10.89 51.51
C LEU T 23 -109.93 11.99 51.63
N GLY T 24 -109.41 12.47 50.51
CA GLY T 24 -108.44 13.55 50.55
C GLY T 24 -107.33 13.39 49.53
N VAL T 25 -106.55 14.46 49.37
CA VAL T 25 -105.41 14.48 48.46
C VAL T 25 -104.24 15.10 49.19
N GLY T 26 -103.04 14.64 48.88
CA GLY T 26 -101.84 15.22 49.44
C GLY T 26 -100.61 14.75 48.69
N ILE T 27 -99.46 15.29 49.11
CA ILE T 27 -98.19 14.98 48.49
C ILE T 27 -97.31 14.29 49.52
N ASP T 28 -97.12 12.98 49.37
CA ASP T 28 -96.15 12.22 50.14
C ASP T 28 -94.80 12.25 49.43
N GLU T 29 -93.72 12.35 50.20
CA GLU T 29 -92.39 12.45 49.60
C GLU T 29 -92.01 11.15 48.89
N ASN T 30 -92.40 10.01 49.46
CA ASN T 30 -92.10 8.71 48.85
C ASN T 30 -93.12 8.33 47.78
N LEU T 31 -94.41 8.45 48.08
CA LEU T 31 -95.42 7.97 47.14
C LEU T 31 -95.66 8.93 45.99
N GLY T 32 -95.49 10.25 46.22
CA GLY T 32 -95.81 11.24 45.22
C GLY T 32 -97.14 11.93 45.50
N SER T 33 -97.87 12.27 44.45
CA SER T 33 -99.20 12.84 44.62
C SER T 33 -100.22 11.72 44.81
N VAL T 34 -100.89 11.72 45.95
CA VAL T 34 -101.79 10.65 46.37
C VAL T 34 -103.20 11.21 46.50
N ALA T 35 -104.18 10.49 45.95
CA ALA T 35 -105.59 10.78 46.11
C ALA T 35 -106.30 9.50 46.57
N LYS T 36 -107.18 9.63 47.56
CA LYS T 36 -107.79 8.48 48.21
C LYS T 36 -109.30 8.55 48.12
N TRP T 37 -109.91 7.39 47.89
CA TRP T 37 -111.36 7.20 47.95
C TRP T 37 -111.65 5.99 48.81
N ARG T 38 -112.85 5.94 49.38
CA ARG T 38 -113.24 4.77 50.17
C ARG T 38 -114.76 4.67 50.24
N GLU T 39 -115.27 3.45 50.18
CA GLU T 39 -116.68 3.18 50.43
C GLU T 39 -117.00 3.40 51.90
N ASN T 40 -118.23 3.80 52.18
CA ASN T 40 -118.63 4.21 53.53
C ASN T 40 -119.85 3.41 53.97
N LEU T 41 -119.68 2.09 54.05
CA LEU T 41 -120.70 1.26 54.68
C LEU T 41 -120.80 1.60 56.16
N ALA T 42 -122.03 1.77 56.63
CA ALA T 42 -122.26 2.35 57.95
C ALA T 42 -121.70 1.48 59.08
N THR T 43 -121.89 0.17 58.98
CA THR T 43 -121.48 -0.75 60.04
C THR T 43 -120.10 -1.36 59.82
N VAL T 44 -119.57 -1.30 58.61
CA VAL T 44 -118.29 -1.97 58.33
C VAL T 44 -117.15 -1.15 58.89
N PRO T 45 -116.17 -1.77 59.57
CA PRO T 45 -114.99 -1.03 60.02
C PRO T 45 -114.37 -0.24 58.89
N LEU T 46 -113.84 0.94 59.22
CA LEU T 46 -113.32 1.82 58.18
C LEU T 46 -112.18 1.17 57.41
N TYR T 47 -111.30 0.45 58.10
CA TYR T 47 -110.19 -0.18 57.39
C TYR T 47 -110.61 -1.48 56.69
N ALA T 48 -111.87 -1.88 56.79
CA ALA T 48 -112.39 -3.04 56.08
C ALA T 48 -113.21 -2.68 54.85
N ASN T 49 -113.35 -1.38 54.55
CA ASN T 49 -114.13 -0.93 53.42
C ASN T 49 -113.30 -0.85 52.14
N VAL T 50 -113.94 -1.10 51.01
CA VAL T 50 -113.29 -1.01 49.71
C VAL T 50 -112.71 0.40 49.53
N ARG T 51 -111.47 0.47 49.10
CA ARG T 51 -110.81 1.76 48.89
C ARG T 51 -110.09 1.79 47.55
N VAL T 52 -109.93 2.99 47.02
CA VAL T 52 -109.23 3.22 45.76
C VAL T 52 -108.25 4.37 45.97
N THR T 53 -107.05 4.23 45.44
CA THR T 53 -105.97 5.20 45.64
C THR T 53 -105.21 5.39 44.34
N THR T 54 -104.79 6.62 44.06
CA THR T 54 -103.92 6.93 42.93
C THR T 54 -102.61 7.52 43.43
N MET T 55 -101.51 7.05 42.85
CA MET T 55 -100.19 7.61 43.10
C MET T 55 -99.61 8.12 41.78
N GLN T 56 -98.92 9.26 41.86
CA GLN T 56 -98.18 9.79 40.72
C GLN T 56 -96.83 10.29 41.22
N LYS T 57 -95.74 9.79 40.63
CA LYS T 57 -94.40 10.14 41.07
C LYS T 57 -93.47 10.15 39.87
N LYS T 58 -92.65 11.20 39.78
CA LYS T 58 -91.57 11.25 38.81
C LYS T 58 -90.34 10.61 39.45
N LEU T 59 -89.82 9.57 38.82
CA LEU T 59 -88.66 8.86 39.35
C LEU T 59 -87.37 9.61 39.03
N LYS T 60 -86.25 9.08 39.51
CA LYS T 60 -84.96 9.68 39.21
C LYS T 60 -84.62 9.57 37.73
N SER T 61 -85.07 8.49 37.08
CA SER T 61 -84.84 8.29 35.66
C SER T 61 -85.48 9.37 34.79
N GLY T 62 -86.45 10.11 35.34
CA GLY T 62 -87.32 10.92 34.53
C GLY T 62 -88.59 10.22 34.11
N ILE T 63 -88.65 8.89 34.28
CA ILE T 63 -89.86 8.13 34.00
C ILE T 63 -90.94 8.50 35.00
N GLU T 64 -92.13 8.84 34.51
CA GLU T 64 -93.25 9.07 35.40
C GLU T 64 -93.92 7.73 35.71
N ARG T 65 -94.18 7.49 36.99
CA ARG T 65 -94.87 6.30 37.43
C ARG T 65 -96.29 6.67 37.87
N VAL T 66 -97.25 5.83 37.51
CA VAL T 66 -98.67 6.09 37.71
C VAL T 66 -99.32 4.82 38.22
N GLU T 67 -100.14 4.94 39.27
CA GLU T 67 -100.80 3.77 39.84
C GLU T 67 -102.23 4.10 40.25
N ILE T 68 -103.13 3.17 39.98
CA ILE T 68 -104.50 3.17 40.48
C ILE T 68 -104.68 1.88 41.25
N ARG T 69 -104.73 1.96 42.58
CA ARG T 69 -104.72 0.78 43.45
C ARG T 69 -106.09 0.56 44.07
N VAL T 70 -106.70 -0.57 43.75
CA VAL T 70 -107.98 -1.00 44.34
C VAL T 70 -107.69 -2.03 45.41
N GLU T 71 -108.15 -1.77 46.63
CA GLU T 71 -107.96 -2.68 47.76
C GLU T 71 -109.32 -3.08 48.32
N VAL T 72 -109.53 -4.38 48.46
CA VAL T 72 -110.77 -4.93 49.01
C VAL T 72 -110.42 -5.74 50.25
N PRO T 73 -110.63 -5.20 51.44
CA PRO T 73 -110.36 -5.97 52.66
C PRO T 73 -111.44 -7.01 52.91
N VAL T 74 -111.02 -8.14 53.46
CA VAL T 74 -111.91 -9.23 53.82
C VAL T 74 -111.73 -9.53 55.30
N MET T 75 -112.83 -9.58 56.03
CA MET T 75 -112.80 -9.78 57.46
C MET T 75 -112.92 -11.27 57.80
N GLU T 76 -112.57 -11.60 59.03
CA GLU T 76 -112.83 -12.93 59.55
C GLU T 76 -114.33 -13.09 59.82
N ALA T 77 -114.70 -14.26 60.33
CA ALA T 77 -116.09 -14.55 60.57
C ALA T 77 -116.54 -14.03 61.94
N VAL T 78 -117.85 -13.72 62.06
CA VAL T 78 -118.44 -13.23 63.31
C VAL T 78 -118.93 -14.42 64.12
N SER T 79 -118.80 -14.32 65.44
CA SER T 79 -119.26 -15.39 66.32
C SER T 79 -120.56 -15.08 67.03
N GLY T 80 -121.05 -13.85 67.00
CA GLY T 80 -122.22 -13.51 67.78
C GLY T 80 -122.36 -12.01 67.98
N GLN T 81 -123.26 -11.65 68.88
CA GLN T 81 -123.58 -10.25 69.18
C GLN T 81 -123.88 -10.14 70.66
N ASN T 82 -123.22 -9.21 71.34
CA ASN T 82 -123.40 -9.06 72.77
C ASN T 82 -124.80 -8.54 73.08
N ALA T 83 -125.39 -9.06 74.14
CA ALA T 83 -126.76 -8.71 74.47
C ALA T 83 -126.89 -7.26 74.95
N PHE T 84 -125.85 -6.70 75.55
CA PHE T 84 -126.06 -5.42 76.21
C PHE T 84 -125.01 -4.35 75.91
N GLY T 85 -123.78 -4.77 75.61
CA GLY T 85 -122.74 -3.84 75.25
C GLY T 85 -122.77 -3.43 73.79
N TYR T 86 -121.62 -2.97 73.30
CA TYR T 86 -121.40 -2.76 71.87
C TYR T 86 -120.49 -3.86 71.35
N THR T 87 -120.74 -4.31 70.13
CA THR T 87 -120.06 -5.47 69.58
C THR T 87 -119.27 -5.08 68.33
N ALA T 88 -118.00 -5.46 68.30
CA ALA T 88 -117.11 -5.11 67.19
C ALA T 88 -117.19 -6.13 66.07
N ALA T 89 -116.97 -5.65 64.88
CA ALA T 89 -116.78 -6.53 63.76
C ALA T 89 -115.38 -7.14 63.80
N PRO T 90 -115.22 -8.37 63.29
CA PRO T 90 -113.92 -9.06 63.42
C PRO T 90 -112.83 -8.35 62.63
N LYS T 91 -111.60 -8.77 62.89
CA LYS T 91 -110.43 -8.17 62.26
C LYS T 91 -110.36 -8.54 60.79
N VAL T 92 -109.62 -7.74 60.03
CA VAL T 92 -109.39 -8.02 58.61
C VAL T 92 -108.48 -9.22 58.49
N ALA T 93 -108.94 -10.24 57.75
CA ALA T 93 -108.12 -11.44 57.56
C ALA T 93 -107.05 -11.22 56.51
N PHE T 94 -107.40 -10.57 55.41
CA PHE T 94 -106.44 -10.23 54.36
C PHE T 94 -107.04 -9.12 53.53
N THR T 95 -106.20 -8.52 52.68
CA THR T 95 -106.64 -7.46 51.78
C THR T 95 -106.16 -7.79 50.38
N ASP T 96 -107.10 -7.86 49.44
CA ASP T 96 -106.79 -8.11 48.05
C ASP T 96 -106.50 -6.79 47.35
N SER T 97 -105.38 -6.73 46.63
CA SER T 97 -104.93 -5.52 45.97
C SER T 97 -104.77 -5.79 44.48
N GLY T 98 -105.54 -5.08 43.66
CA GLY T 98 -105.36 -5.11 42.23
C GLY T 98 -105.20 -3.69 41.71
N SER T 99 -104.14 -3.44 40.96
CA SER T 99 -103.83 -2.07 40.57
C SER T 99 -103.36 -2.02 39.12
N PHE T 100 -103.58 -0.87 38.50
CA PHE T 100 -102.90 -0.50 37.27
C PHE T 100 -101.63 0.25 37.61
N VAL T 101 -100.54 -0.08 36.93
CA VAL T 101 -99.26 0.60 37.12
C VAL T 101 -98.70 0.95 35.75
N GLY T 102 -98.45 2.24 35.53
CA GLY T 102 -97.91 2.71 34.26
C GLY T 102 -96.57 3.38 34.44
N TYR T 103 -95.64 3.05 33.55
CA TYR T 103 -94.32 3.69 33.48
C TYR T 103 -94.20 4.33 32.11
N PHE T 104 -94.11 5.66 32.08
CA PHE T 104 -94.11 6.41 30.84
C PHE T 104 -92.91 7.35 30.78
N SER T 105 -92.33 7.49 29.60
CA SER T 105 -91.29 8.48 29.37
C SER T 105 -91.91 9.88 29.22
N GLU T 106 -91.06 10.89 29.39
CA GLU T 106 -91.52 12.26 29.18
C GLU T 106 -91.98 12.49 27.74
N ARG T 107 -91.38 11.80 26.78
CA ARG T 107 -91.73 12.01 25.37
C ARG T 107 -93.13 11.50 25.05
N SER T 108 -93.62 10.50 25.79
CA SER T 108 -94.89 9.88 25.44
C SER T 108 -96.04 10.87 25.62
N ALA T 109 -96.92 10.92 24.62
CA ALA T 109 -98.01 11.87 24.60
C ALA T 109 -99.28 11.27 25.19
N GLN T 110 -100.32 12.10 25.29
CA GLN T 110 -101.65 11.58 25.64
C GLN T 110 -101.96 10.32 24.86
N SER T 111 -101.84 10.37 23.53
CA SER T 111 -102.26 9.25 22.69
C SER T 111 -101.43 8.00 22.95
N ASN T 112 -100.13 8.18 23.19
CA ASN T 112 -99.26 7.04 23.51
C ASN T 112 -99.71 6.35 24.79
N ARG T 113 -99.86 7.11 25.88
CA ARG T 113 -100.30 6.53 27.14
C ARG T 113 -101.68 5.91 27.03
N ARG T 114 -102.61 6.60 26.36
CA ARG T 114 -103.96 6.08 26.19
C ARG T 114 -103.96 4.79 25.39
N LEU T 115 -103.04 4.66 24.43
CA LEU T 115 -103.02 3.47 23.57
C LEU T 115 -102.68 2.23 24.38
N VAL T 116 -101.66 2.31 25.23
CA VAL T 116 -101.28 1.15 26.04
C VAL T 116 -102.34 0.86 27.08
N LYS T 117 -102.88 1.91 27.70
CA LYS T 117 -103.92 1.75 28.71
C LYS T 117 -105.01 0.79 28.23
N GLN T 118 -105.54 1.02 27.03
CA GLN T 118 -106.70 0.26 26.59
C GLN T 118 -106.35 -1.17 26.24
N ILE T 119 -105.11 -1.43 25.80
CA ILE T 119 -104.69 -2.81 25.59
C ILE T 119 -104.88 -3.61 26.87
N LEU T 120 -104.37 -3.08 27.99
CA LEU T 120 -104.50 -3.77 29.26
C LEU T 120 -105.95 -3.89 29.69
N THR T 121 -106.73 -2.81 29.53
CA THR T 121 -108.14 -2.87 29.91
C THR T 121 -108.88 -3.94 29.13
N ASN T 122 -108.60 -4.04 27.82
CA ASN T 122 -109.25 -5.06 27.00
C ASN T 122 -108.79 -6.45 27.40
N LEU T 123 -107.49 -6.60 27.72
CA LEU T 123 -106.99 -7.88 28.18
C LEU T 123 -107.69 -8.32 29.47
N LEU T 124 -107.86 -7.39 30.42
CA LEU T 124 -108.51 -7.74 31.68
C LEU T 124 -109.97 -8.08 31.49
N GLY T 125 -110.60 -7.53 30.46
CA GLY T 125 -111.99 -7.82 30.16
C GLY T 125 -112.21 -8.97 29.21
N ASN T 126 -111.13 -9.63 28.77
CA ASN T 126 -111.20 -10.73 27.81
C ASN T 126 -111.92 -10.28 26.53
N VAL T 127 -111.55 -9.11 26.04
CA VAL T 127 -112.21 -8.46 24.92
C VAL T 127 -111.27 -8.50 23.73
N SER T 128 -111.70 -9.16 22.66
CA SER T 128 -110.95 -9.21 21.42
C SER T 128 -111.47 -8.23 20.37
N THR T 129 -112.55 -7.52 20.65
CA THR T 129 -113.12 -6.60 19.68
C THR T 129 -112.61 -5.19 19.94
N SER T 130 -113.08 -4.24 19.13
CA SER T 130 -112.63 -2.84 19.23
C SER T 130 -113.44 -2.11 20.28
N VAL T 131 -112.75 -1.40 21.17
CA VAL T 131 -113.37 -0.62 22.24
C VAL T 131 -112.72 0.76 22.24
N ALA T 132 -113.56 1.80 22.29
CA ALA T 132 -113.06 3.17 22.31
C ALA T 132 -112.41 3.46 23.65
N ALA T 133 -111.20 4.00 23.61
CA ALA T 133 -110.49 4.31 24.84
C ALA T 133 -111.07 5.56 25.47
N PRO T 134 -111.40 5.54 26.77
CA PRO T 134 -111.98 6.73 27.40
C PRO T 134 -111.01 7.90 27.37
N THR T 135 -111.56 9.10 27.20
CA THR T 135 -110.78 10.33 27.25
C THR T 135 -111.17 11.23 28.42
N THR T 136 -112.14 10.82 29.22
CA THR T 136 -112.54 11.53 30.43
C THR T 136 -112.57 10.53 31.59
N GLY T 137 -112.84 11.04 32.79
CA GLY T 137 -112.80 10.21 33.98
C GLY T 137 -111.46 10.31 34.70
N PHE T 138 -111.48 10.01 35.99
CA PHE T 138 -110.29 10.21 36.79
C PHE T 138 -109.16 9.29 36.36
N ALA T 139 -109.47 8.07 35.90
CA ALA T 139 -108.44 7.18 35.41
C ALA T 139 -107.78 7.73 34.16
N SER T 140 -108.58 8.31 33.25
CA SER T 140 -107.99 8.89 32.04
C SER T 140 -107.16 10.13 32.36
N GLU T 141 -107.65 10.99 33.27
CA GLU T 141 -106.86 12.14 33.67
C GLU T 141 -105.50 11.72 34.21
N LEU T 142 -105.46 10.64 34.98
CA LEU T 142 -104.22 10.20 35.59
C LEU T 142 -103.32 9.47 34.59
N ILE T 143 -103.86 8.46 33.91
CA ILE T 143 -103.03 7.61 33.06
C ILE T 143 -102.69 8.31 31.75
N ASP T 144 -103.69 8.91 31.09
CA ASP T 144 -103.42 9.54 29.80
C ASP T 144 -102.68 10.85 29.96
N SER T 145 -103.03 11.65 30.97
CA SER T 145 -102.56 13.03 31.04
C SER T 145 -101.70 13.34 32.26
N GLY T 146 -101.49 12.39 33.16
CA GLY T 146 -100.67 12.67 34.33
C GLY T 146 -101.26 13.70 35.27
N ILE T 147 -102.56 13.64 35.52
CA ILE T 147 -103.27 14.62 36.34
C ILE T 147 -103.92 13.88 37.51
N THR T 148 -103.55 14.26 38.73
CA THR T 148 -104.14 13.70 39.94
C THR T 148 -105.30 14.58 40.41
N ALA T 149 -106.27 13.95 41.09
CA ALA T 149 -107.41 14.69 41.60
C ALA T 149 -106.99 15.84 42.51
N SER T 150 -107.76 16.91 42.48
CA SER T 150 -107.43 18.15 43.20
C SER T 150 -108.37 18.41 44.37
N SER U 1 -112.36 29.18 46.64
CA SER U 1 -111.13 28.69 47.27
C SER U 1 -110.82 27.28 46.81
N SER U 2 -111.85 26.51 46.52
CA SER U 2 -111.64 25.20 45.91
C SER U 2 -111.17 25.35 44.47
N GLN U 3 -110.24 24.50 44.07
CA GLN U 3 -109.53 24.65 42.79
C GLN U 3 -110.41 24.20 41.63
N ALA U 4 -110.53 25.06 40.61
CA ALA U 4 -111.42 24.80 39.49
C ALA U 4 -110.73 25.16 38.17
N ASN U 5 -111.37 24.77 37.08
CA ASN U 5 -110.86 25.10 35.75
C ASN U 5 -110.81 26.61 35.56
N ILE U 6 -109.76 27.08 34.91
CA ILE U 6 -109.56 28.49 34.60
C ILE U 6 -109.66 28.66 33.08
N THR U 7 -110.59 29.49 32.64
CA THR U 7 -110.67 29.87 31.23
C THR U 7 -110.14 31.29 31.09
N VAL U 8 -109.11 31.47 30.27
CA VAL U 8 -108.42 32.75 30.14
C VAL U 8 -107.96 32.93 28.71
N PHE U 9 -108.17 34.13 28.17
CA PHE U 9 -107.67 34.48 26.85
C PHE U 9 -106.26 35.08 26.96
N ASP U 10 -105.44 34.82 25.94
CA ASP U 10 -104.07 35.30 25.95
C ASP U 10 -104.00 36.65 25.24
N GLY U 11 -102.78 37.11 24.96
CA GLY U 11 -102.59 38.41 24.34
C GLY U 11 -102.07 38.34 22.92
N ALA U 12 -102.47 37.32 22.17
CA ALA U 12 -102.16 37.27 20.76
C ALA U 12 -102.93 38.38 20.04
N ALA U 13 -102.52 38.66 18.80
CA ALA U 13 -103.20 39.69 18.01
C ALA U 13 -104.70 39.38 17.91
N THR U 14 -105.05 38.12 17.72
CA THR U 14 -106.41 37.65 17.96
C THR U 14 -106.37 36.73 19.18
N PRO U 15 -106.79 37.20 20.36
CA PRO U 15 -106.61 36.41 21.58
C PRO U 15 -107.26 35.04 21.50
N VAL U 16 -106.59 34.07 22.11
CA VAL U 16 -106.96 32.66 22.08
C VAL U 16 -107.31 32.22 23.50
N SER U 17 -108.43 31.53 23.66
CA SER U 17 -108.80 31.02 24.98
C SER U 17 -107.99 29.79 25.34
N HIS U 18 -107.56 29.72 26.58
CA HIS U 18 -106.90 28.55 27.14
C HIS U 18 -107.69 28.05 28.33
N VAL U 19 -107.84 26.73 28.44
CA VAL U 19 -108.52 26.12 29.58
C VAL U 19 -107.45 25.45 30.44
N LEU U 20 -107.26 25.98 31.64
CA LEU U 20 -106.23 25.51 32.56
C LEU U 20 -106.87 24.62 33.61
N VAL U 21 -106.49 23.35 33.61
CA VAL U 21 -107.05 22.32 34.50
C VAL U 21 -106.27 22.32 35.80
N PRO U 22 -106.90 22.04 36.94
CA PRO U 22 -106.14 21.98 38.20
C PRO U 22 -105.23 20.76 38.25
N LEU U 23 -104.04 20.96 38.82
CA LEU U 23 -103.09 19.89 39.05
C LEU U 23 -102.97 19.47 40.50
N GLY U 24 -103.42 20.31 41.43
CA GLY U 24 -103.33 20.03 42.85
C GLY U 24 -102.62 21.15 43.60
N VAL U 25 -102.60 21.02 44.92
CA VAL U 25 -101.97 22.00 45.80
C VAL U 25 -101.08 21.26 46.80
N GLY U 26 -100.16 21.99 47.40
CA GLY U 26 -99.25 21.39 48.36
C GLY U 26 -98.31 22.43 48.92
N ILE U 27 -97.40 21.97 49.78
CA ILE U 27 -96.46 22.84 50.49
C ILE U 27 -95.04 22.46 50.10
N ASP U 28 -94.26 23.45 49.67
CA ASP U 28 -92.85 23.31 49.34
C ASP U 28 -92.02 24.07 50.36
N GLU U 29 -90.86 23.52 50.70
CA GLU U 29 -90.01 24.17 51.71
C GLU U 29 -89.50 25.52 51.23
N ASN U 30 -89.08 25.60 49.96
CA ASN U 30 -88.57 26.85 49.42
C ASN U 30 -89.69 27.84 49.10
N LEU U 31 -90.80 27.36 48.55
CA LEU U 31 -91.77 28.23 47.89
C LEU U 31 -92.99 28.56 48.73
N GLY U 32 -93.32 27.72 49.72
CA GLY U 32 -94.50 27.95 50.52
C GLY U 32 -95.68 27.11 50.05
N SER U 33 -96.89 27.64 50.17
CA SER U 33 -98.08 26.97 49.64
C SER U 33 -98.15 27.19 48.13
N VAL U 34 -98.20 26.10 47.38
CA VAL U 34 -98.15 26.15 45.92
C VAL U 34 -99.42 25.51 45.38
N ALA U 35 -100.04 26.18 44.41
CA ALA U 35 -101.18 25.64 43.66
C ALA U 35 -100.84 25.70 42.18
N LYS U 36 -101.18 24.63 41.46
CA LYS U 36 -100.78 24.51 40.07
C LYS U 36 -101.98 24.26 39.16
N TRP U 37 -102.02 24.97 38.04
CA TRP U 37 -102.92 24.71 36.94
C TRP U 37 -102.12 24.46 35.68
N ARG U 38 -102.77 23.84 34.70
CA ARG U 38 -102.07 23.50 33.46
C ARG U 38 -103.12 23.28 32.38
N GLU U 39 -102.79 23.69 31.15
CA GLU U 39 -103.60 23.33 30.00
C GLU U 39 -103.28 21.90 29.58
N ASN U 40 -104.24 21.22 28.96
CA ASN U 40 -104.05 19.82 28.56
C ASN U 40 -104.23 19.70 27.05
N LEU U 41 -103.35 20.33 26.28
CA LEU U 41 -103.35 20.23 24.82
C LEU U 41 -102.58 18.99 24.39
N ALA U 42 -103.15 18.25 23.44
CA ALA U 42 -102.45 17.18 22.74
C ALA U 42 -101.45 17.71 21.70
N THR U 43 -101.49 19.01 21.41
CA THR U 43 -100.56 19.58 20.44
C THR U 43 -99.10 19.53 20.92
N VAL U 44 -98.88 19.61 22.22
CA VAL U 44 -97.54 19.77 22.77
C VAL U 44 -97.31 18.70 23.84
N PRO U 45 -96.05 18.46 24.21
CA PRO U 45 -95.80 17.53 25.32
C PRO U 45 -96.49 17.98 26.59
N LEU U 46 -96.69 17.02 27.49
CA LEU U 46 -97.43 17.30 28.72
C LEU U 46 -96.74 18.38 29.57
N TYR U 47 -95.41 18.29 29.70
CA TYR U 47 -94.67 19.27 30.48
C TYR U 47 -94.60 20.64 29.81
N ALA U 48 -94.96 20.75 28.53
CA ALA U 48 -94.74 21.96 27.75
C ALA U 48 -96.01 22.78 27.56
N ASN U 49 -97.01 22.58 28.40
CA ASN U 49 -98.28 23.28 28.29
C ASN U 49 -98.23 24.63 29.02
N VAL U 50 -99.11 25.54 28.60
CA VAL U 50 -99.30 26.79 29.34
C VAL U 50 -99.73 26.46 30.75
N ARG U 51 -99.12 27.10 31.74
CA ARG U 51 -99.40 26.77 33.13
C ARG U 51 -99.47 28.03 33.99
N VAL U 52 -100.17 27.92 35.11
CA VAL U 52 -100.29 28.97 36.09
C VAL U 52 -100.00 28.38 37.47
N THR U 53 -99.23 29.10 38.28
CA THR U 53 -98.83 28.65 39.59
C THR U 53 -98.95 29.80 40.59
N THR U 54 -99.39 29.49 41.81
CA THR U 54 -99.45 30.48 42.89
C THR U 54 -98.58 30.02 44.05
N MET U 55 -97.69 30.90 44.49
CA MET U 55 -96.89 30.68 45.69
C MET U 55 -97.30 31.66 46.77
N GLN U 56 -97.24 31.21 48.02
CA GLN U 56 -97.53 32.04 49.18
C GLN U 56 -96.62 31.62 50.32
N LYS U 57 -95.74 32.52 50.74
CA LYS U 57 -94.74 32.22 51.75
C LYS U 57 -94.56 33.41 52.68
N LYS U 58 -94.45 33.14 53.98
CA LYS U 58 -94.04 34.13 54.95
C LYS U 58 -92.51 34.13 55.02
N LEU U 59 -91.90 35.27 54.71
CA LEU U 59 -90.45 35.36 54.67
C LEU U 59 -89.88 35.46 56.09
N LYS U 60 -88.55 35.37 56.18
CA LYS U 60 -87.88 35.48 57.46
C LYS U 60 -88.17 36.82 58.13
N SER U 61 -88.23 37.90 57.33
CA SER U 61 -88.52 39.23 57.86
C SER U 61 -89.94 39.35 58.43
N GLY U 62 -90.81 38.39 58.18
CA GLY U 62 -92.21 38.48 58.54
C GLY U 62 -93.11 39.01 57.45
N ILE U 63 -92.53 39.50 56.35
CA ILE U 63 -93.30 39.98 55.22
C ILE U 63 -93.87 38.79 54.45
N GLU U 64 -95.17 38.82 54.17
CA GLU U 64 -95.77 37.78 53.35
C GLU U 64 -95.56 38.09 51.88
N ARG U 65 -95.15 37.07 51.12
CA ARG U 65 -94.91 37.20 49.69
C ARG U 65 -95.88 36.29 48.93
N VAL U 66 -96.55 36.85 47.93
CA VAL U 66 -97.47 36.09 47.08
C VAL U 66 -97.03 36.24 45.64
N GLU U 67 -97.25 35.20 44.85
CA GLU U 67 -96.89 35.21 43.44
C GLU U 67 -97.94 34.46 42.63
N ILE U 68 -98.26 34.99 41.46
CA ILE U 68 -99.04 34.29 40.44
C ILE U 68 -98.16 34.25 39.20
N ARG U 69 -97.65 33.07 38.86
CA ARG U 69 -96.67 32.92 37.79
C ARG U 69 -97.31 32.23 36.59
N VAL U 70 -97.31 32.94 35.45
CA VAL U 70 -97.81 32.41 34.18
C VAL U 70 -96.61 32.06 33.31
N GLU U 71 -96.55 30.82 32.84
CA GLU U 71 -95.45 30.34 32.00
C GLU U 71 -96.03 29.81 30.69
N VAL U 72 -95.49 30.28 29.57
CA VAL U 72 -95.92 29.87 28.25
C VAL U 72 -94.71 29.30 27.50
N PRO U 73 -94.59 27.98 27.43
CA PRO U 73 -93.52 27.38 26.63
C PRO U 73 -93.78 27.56 25.15
N VAL U 74 -92.70 27.79 24.39
CA VAL U 74 -92.74 27.89 22.94
C VAL U 74 -91.85 26.81 22.37
N MET U 75 -92.39 26.02 21.45
CA MET U 75 -91.69 24.84 20.94
C MET U 75 -90.77 25.21 19.78
N GLU U 76 -89.70 24.43 19.63
CA GLU U 76 -88.92 24.47 18.42
C GLU U 76 -89.73 23.93 17.24
N ALA U 77 -89.32 24.31 16.03
CA ALA U 77 -89.99 23.84 14.83
C ALA U 77 -89.23 22.62 14.32
N VAL U 78 -89.89 21.47 14.34
CA VAL U 78 -89.30 20.24 13.81
C VAL U 78 -89.36 20.29 12.29
N SER U 79 -88.21 20.14 11.64
CA SER U 79 -88.11 20.16 10.20
C SER U 79 -87.13 19.09 9.75
N GLY U 80 -87.48 18.38 8.68
CA GLY U 80 -86.57 17.41 8.10
C GLY U 80 -86.16 16.33 9.08
N GLN U 81 -84.86 16.05 9.13
CA GLN U 81 -84.31 15.01 9.99
C GLN U 81 -82.98 15.47 10.56
N ASN U 82 -82.60 14.85 11.68
CA ASN U 82 -81.33 15.16 12.33
C ASN U 82 -80.21 14.35 11.70
N ALA U 83 -79.01 14.51 12.25
CA ALA U 83 -77.83 13.84 11.70
C ALA U 83 -77.88 12.33 11.82
N PHE U 84 -78.81 11.79 12.61
CA PHE U 84 -78.92 10.34 12.77
C PHE U 84 -79.94 9.73 11.80
N GLY U 85 -80.68 10.55 11.06
CA GLY U 85 -81.63 10.04 10.10
C GLY U 85 -83.04 9.89 10.62
N TYR U 86 -83.37 10.51 11.76
CA TYR U 86 -84.69 10.41 12.36
C TYR U 86 -85.32 11.79 12.48
N THR U 87 -86.65 11.81 12.52
CA THR U 87 -87.37 13.03 12.86
C THR U 87 -87.06 13.40 14.31
N ALA U 88 -86.79 14.68 14.55
CA ALA U 88 -86.41 15.12 15.89
C ALA U 88 -87.59 15.07 16.84
N ALA U 89 -87.28 14.84 18.12
CA ALA U 89 -88.29 14.86 19.17
C ALA U 89 -88.69 16.30 19.49
N PRO U 90 -89.90 16.51 20.02
CA PRO U 90 -90.28 17.85 20.45
C PRO U 90 -89.29 18.41 21.45
N LYS U 91 -88.98 19.70 21.32
CA LYS U 91 -88.07 20.38 22.23
C LYS U 91 -88.57 21.79 22.48
N VAL U 92 -88.52 22.21 23.73
CA VAL U 92 -88.93 23.55 24.11
C VAL U 92 -87.84 24.53 23.72
N ALA U 93 -88.20 25.54 22.92
CA ALA U 93 -87.23 26.57 22.54
C ALA U 93 -86.94 27.50 23.71
N PHE U 94 -87.99 28.04 24.33
CA PHE U 94 -87.86 28.90 25.49
C PHE U 94 -89.21 28.98 26.17
N THR U 95 -89.20 29.44 27.41
CA THR U 95 -90.43 29.61 28.19
C THR U 95 -90.53 31.05 28.64
N ASP U 96 -91.56 31.75 28.17
CA ASP U 96 -91.82 33.09 28.65
C ASP U 96 -92.55 33.02 29.99
N SER U 97 -92.19 33.92 30.88
CA SER U 97 -92.72 33.95 32.24
C SER U 97 -93.15 35.37 32.59
N GLY U 98 -94.42 35.52 32.97
CA GLY U 98 -94.93 36.77 33.49
C GLY U 98 -95.71 36.51 34.76
N SER U 99 -95.38 37.23 35.83
CA SER U 99 -95.92 36.94 37.14
C SER U 99 -96.30 38.24 37.86
N PHE U 100 -97.27 38.12 38.76
CA PHE U 100 -97.55 39.14 39.76
C PHE U 100 -96.82 38.74 41.04
N VAL U 101 -96.17 39.70 41.68
CA VAL U 101 -95.45 39.45 42.93
C VAL U 101 -95.85 40.51 43.93
N GLY U 102 -96.40 40.09 45.06
CA GLY U 102 -96.81 41.00 46.11
C GLY U 102 -95.99 40.79 47.37
N TYR U 103 -95.60 41.90 47.99
CA TYR U 103 -94.94 41.89 49.30
C TYR U 103 -95.79 42.74 50.24
N PHE U 104 -96.27 42.12 51.31
CA PHE U 104 -97.20 42.77 52.23
C PHE U 104 -96.76 42.57 53.67
N SER U 105 -96.91 43.61 54.48
CA SER U 105 -96.68 43.49 55.91
C SER U 105 -97.83 42.71 56.56
N GLU U 106 -97.54 42.16 57.74
CA GLU U 106 -98.60 41.50 58.51
C GLU U 106 -99.75 42.44 58.81
N ARG U 107 -99.45 43.73 58.97
CA ARG U 107 -100.47 44.72 59.30
C ARG U 107 -101.38 45.08 58.12
N SER U 108 -100.95 44.81 56.89
CA SER U 108 -101.76 45.15 55.74
C SER U 108 -103.05 44.34 55.74
N ALA U 109 -104.15 44.98 55.36
CA ALA U 109 -105.47 44.39 55.39
C ALA U 109 -105.91 43.98 54.00
N GLN U 110 -107.03 43.27 53.95
CA GLN U 110 -107.60 42.87 52.67
C GLN U 110 -107.81 44.09 51.77
N SER U 111 -108.31 45.19 52.35
CA SER U 111 -108.54 46.40 51.56
C SER U 111 -107.23 46.99 51.06
N ASN U 112 -106.17 46.97 51.90
CA ASN U 112 -104.88 47.51 51.49
C ASN U 112 -104.30 46.74 50.31
N ARG U 113 -104.29 45.41 50.41
CA ARG U 113 -103.71 44.59 49.36
C ARG U 113 -104.52 44.68 48.08
N ARG U 114 -105.85 44.66 48.19
CA ARG U 114 -106.70 44.81 47.01
C ARG U 114 -106.47 46.16 46.33
N LEU U 115 -106.20 47.20 47.12
CA LEU U 115 -106.02 48.54 46.56
C LEU U 115 -104.80 48.58 45.65
N VAL U 116 -103.68 48.01 46.12
CA VAL U 116 -102.46 47.99 45.33
C VAL U 116 -102.64 47.10 44.10
N LYS U 117 -103.30 45.95 44.28
CA LYS U 117 -103.50 45.02 43.17
C LYS U 117 -104.06 45.72 41.94
N GLN U 118 -105.17 46.45 42.12
CA GLN U 118 -105.87 47.00 40.97
C GLN U 118 -105.08 48.10 40.28
N ILE U 119 -104.23 48.83 41.02
CA ILE U 119 -103.35 49.81 40.37
C ILE U 119 -102.49 49.12 39.32
N LEU U 120 -101.89 47.99 39.69
CA LEU U 120 -101.05 47.26 38.74
C LEU U 120 -101.87 46.73 37.58
N THR U 121 -103.01 46.10 37.88
CA THR U 121 -103.86 45.55 36.82
C THR U 121 -104.26 46.62 35.82
N ASN U 122 -104.64 47.80 36.31
CA ASN U 122 -105.03 48.88 35.40
C ASN U 122 -103.83 49.37 34.59
N LEU U 123 -102.67 49.49 35.23
CA LEU U 123 -101.46 49.87 34.50
C LEU U 123 -101.16 48.87 33.38
N LEU U 124 -101.27 47.57 33.68
CA LEU U 124 -100.99 46.55 32.67
C LEU U 124 -102.01 46.58 31.54
N GLY U 125 -103.22 47.02 31.81
CA GLY U 125 -104.26 47.09 30.80
C GLY U 125 -104.38 48.43 30.12
N ASN U 126 -103.49 49.38 30.45
CA ASN U 126 -103.52 50.72 29.88
C ASN U 126 -104.85 51.41 30.16
N VAL U 127 -105.38 51.20 31.35
CA VAL U 127 -106.69 51.68 31.75
C VAL U 127 -106.50 52.87 32.69
N SER U 128 -106.95 54.04 32.26
CA SER U 128 -106.88 55.24 33.08
C SER U 128 -108.23 55.58 33.73
N THR U 129 -109.26 54.77 33.51
CA THR U 129 -110.57 55.01 34.08
C THR U 129 -110.77 54.16 35.33
N SER U 130 -111.96 54.26 35.91
CA SER U 130 -112.28 53.56 37.14
C SER U 130 -112.73 52.13 36.86
N VAL U 131 -112.12 51.18 37.56
CA VAL U 131 -112.42 49.77 37.42
C VAL U 131 -112.54 49.16 38.80
N ALA U 132 -113.62 48.40 39.03
CA ALA U 132 -113.85 47.78 40.32
C ALA U 132 -112.90 46.62 40.53
N ALA U 133 -112.27 46.58 41.68
CA ALA U 133 -111.32 45.52 41.96
C ALA U 133 -112.06 44.23 42.28
N PRO U 134 -111.71 43.10 41.66
CA PRO U 134 -112.41 41.85 41.93
C PRO U 134 -112.27 41.45 43.39
N THR U 135 -113.37 40.95 43.97
CA THR U 135 -113.36 40.43 45.32
C THR U 135 -113.55 38.92 45.37
N THR U 136 -113.61 38.26 44.20
CA THR U 136 -113.71 36.82 44.10
C THR U 136 -112.72 36.33 43.05
N GLY U 137 -112.57 35.02 42.97
CA GLY U 137 -111.60 34.42 42.08
C GLY U 137 -110.31 34.06 42.80
N PHE U 138 -109.55 33.16 42.18
CA PHE U 138 -108.35 32.64 42.83
C PHE U 138 -107.29 33.72 42.99
N ALA U 139 -107.19 34.65 42.04
CA ALA U 139 -106.21 35.73 42.16
C ALA U 139 -106.57 36.65 43.32
N SER U 140 -107.84 37.04 43.44
CA SER U 140 -108.25 37.88 44.56
C SER U 140 -108.07 37.17 45.89
N GLU U 141 -108.37 35.88 45.94
CA GLU U 141 -108.21 35.14 47.20
C GLU U 141 -106.74 35.11 47.61
N LEU U 142 -105.83 34.99 46.64
CA LEU U 142 -104.42 34.93 46.98
C LEU U 142 -103.85 36.30 47.35
N ILE U 143 -104.07 37.30 46.49
CA ILE U 143 -103.45 38.60 46.68
C ILE U 143 -104.14 39.38 47.79
N ASP U 144 -105.48 39.45 47.75
CA ASP U 144 -106.19 40.24 48.75
C ASP U 144 -106.16 39.57 50.12
N SER U 145 -106.39 38.25 50.17
CA SER U 145 -106.68 37.58 51.43
C SER U 145 -105.66 36.53 51.83
N GLY U 146 -104.62 36.30 51.04
CA GLY U 146 -103.62 35.31 51.41
C GLY U 146 -104.09 33.88 51.37
N ILE U 147 -105.06 33.56 50.52
CA ILE U 147 -105.67 32.24 50.45
C ILE U 147 -105.08 31.48 49.26
N THR U 148 -104.73 30.21 49.50
CA THR U 148 -104.31 29.30 48.44
C THR U 148 -105.45 28.32 48.15
N ALA U 149 -105.52 27.88 46.89
CA ALA U 149 -106.58 26.98 46.48
C ALA U 149 -106.44 25.62 47.18
N SER U 150 -107.49 24.81 47.05
CA SER U 150 -107.51 23.48 47.67
C SER U 150 -108.27 22.43 46.84
N SER V 1 -105.87 -23.16 29.34
CA SER V 1 -104.80 -22.90 30.30
C SER V 1 -103.40 -23.09 29.70
N SER V 2 -103.33 -23.45 28.43
CA SER V 2 -102.08 -23.43 27.68
C SER V 2 -102.06 -22.21 26.76
N GLN V 3 -100.86 -21.87 26.28
CA GLN V 3 -100.69 -20.63 25.54
C GLN V 3 -101.40 -20.69 24.19
N ALA V 4 -102.07 -19.59 23.84
CA ALA V 4 -102.72 -19.44 22.56
C ALA V 4 -102.63 -17.99 22.12
N ASN V 5 -103.04 -17.73 20.87
CA ASN V 5 -103.00 -16.38 20.33
C ASN V 5 -103.91 -15.45 21.14
N ILE V 6 -103.54 -14.17 21.17
CA ILE V 6 -104.31 -13.14 21.83
C ILE V 6 -104.60 -12.04 20.82
N THR V 7 -105.87 -11.69 20.67
CA THR V 7 -106.29 -10.59 19.79
C THR V 7 -106.83 -9.47 20.66
N VAL V 8 -106.19 -8.30 20.58
CA VAL V 8 -106.54 -7.15 21.42
C VAL V 8 -106.47 -5.89 20.58
N PHE V 9 -107.46 -5.02 20.74
CA PHE V 9 -107.42 -3.68 20.16
C PHE V 9 -106.75 -2.72 21.15
N ASP V 10 -105.97 -1.77 20.62
CA ASP V 10 -105.26 -0.83 21.46
C ASP V 10 -106.15 0.39 21.73
N GLY V 11 -105.54 1.45 22.25
CA GLY V 11 -106.28 2.64 22.62
C GLY V 11 -105.96 3.85 21.75
N ALA V 12 -105.61 3.61 20.49
CA ALA V 12 -105.43 4.70 19.56
C ALA V 12 -106.76 5.42 19.33
N ALA V 13 -106.68 6.61 18.74
CA ALA V 13 -107.90 7.37 18.44
C ALA V 13 -108.86 6.54 17.60
N THR V 14 -108.34 5.91 16.54
CA THR V 14 -109.01 4.80 15.87
C THR V 14 -108.30 3.53 16.29
N PRO V 15 -108.87 2.72 17.18
CA PRO V 15 -108.13 1.60 17.74
C PRO V 15 -107.76 0.55 16.70
N VAL V 16 -106.58 -0.05 16.90
CA VAL V 16 -105.95 -0.98 15.98
C VAL V 16 -105.86 -2.34 16.64
N SER V 17 -106.22 -3.41 15.91
CA SER V 17 -106.11 -4.75 16.45
C SER V 17 -104.67 -5.25 16.39
N HIS V 18 -104.29 -6.02 17.40
CA HIS V 18 -102.98 -6.66 17.46
C HIS V 18 -103.17 -8.13 17.75
N VAL V 19 -102.40 -8.98 17.07
CA VAL V 19 -102.40 -10.41 17.32
C VAL V 19 -101.07 -10.76 17.97
N LEU V 20 -101.13 -11.19 19.22
CA LEU V 20 -99.97 -11.58 19.99
C LEU V 20 -99.83 -13.10 19.96
N VAL V 21 -98.72 -13.58 19.43
CA VAL V 21 -98.44 -15.01 19.30
C VAL V 21 -97.71 -15.47 20.55
N PRO V 22 -97.92 -16.71 21.03
CA PRO V 22 -97.13 -17.19 22.16
C PRO V 22 -95.64 -17.19 21.83
N LEU V 23 -94.84 -16.78 22.80
CA LEU V 23 -93.41 -16.62 22.63
C LEU V 23 -92.58 -17.57 23.47
N GLY V 24 -93.09 -18.01 24.62
CA GLY V 24 -92.38 -18.97 25.43
C GLY V 24 -92.85 -18.92 26.87
N VAL V 25 -92.43 -19.93 27.62
CA VAL V 25 -92.69 -20.03 29.05
C VAL V 25 -91.37 -20.38 29.73
N GLY V 26 -91.19 -19.89 30.95
CA GLY V 26 -89.98 -20.19 31.68
C GLY V 26 -90.13 -19.89 33.16
N ILE V 27 -89.08 -20.20 33.91
CA ILE V 27 -88.97 -19.84 35.32
C ILE V 27 -87.78 -18.90 35.46
N ASP V 28 -87.95 -17.84 36.24
CA ASP V 28 -86.92 -16.85 36.47
C ASP V 28 -86.56 -16.83 37.95
N GLU V 29 -85.28 -16.59 38.23
CA GLU V 29 -84.81 -16.50 39.61
C GLU V 29 -85.54 -15.40 40.38
N ASN V 30 -85.69 -14.23 39.77
CA ASN V 30 -86.24 -13.06 40.45
C ASN V 30 -87.67 -12.73 40.06
N LEU V 31 -88.17 -13.28 38.95
CA LEU V 31 -89.51 -12.92 38.47
C LEU V 31 -90.56 -13.99 38.75
N GLY V 32 -90.17 -15.26 38.81
CA GLY V 32 -91.11 -16.34 39.08
C GLY V 32 -91.55 -17.04 37.81
N SER V 33 -92.78 -17.53 37.76
CA SER V 33 -93.30 -18.16 36.55
C SER V 33 -93.64 -17.08 35.51
N VAL V 34 -93.02 -17.19 34.34
CA VAL V 34 -93.15 -16.18 33.29
C VAL V 34 -93.74 -16.82 32.05
N ALA V 35 -94.67 -16.10 31.41
CA ALA V 35 -95.21 -16.46 30.11
C ALA V 35 -95.17 -15.23 29.21
N LYS V 36 -94.79 -15.43 27.96
CA LYS V 36 -94.52 -14.32 27.05
C LYS V 36 -95.34 -14.45 25.77
N TRP V 37 -95.91 -13.34 25.32
CA TRP V 37 -96.55 -13.22 24.02
C TRP V 37 -95.89 -12.06 23.28
N ARG V 38 -96.17 -11.97 21.97
CA ARG V 38 -95.52 -10.97 21.14
C ARG V 38 -96.21 -10.91 19.79
N GLU V 39 -96.34 -9.70 19.26
CA GLU V 39 -96.81 -9.50 17.91
C GLU V 39 -95.76 -9.94 16.90
N ASN V 40 -96.18 -10.10 15.65
CA ASN V 40 -95.27 -10.56 14.59
C ASN V 40 -95.35 -9.68 13.38
N LEU V 41 -95.44 -8.36 13.60
CA LEU V 41 -95.56 -7.44 12.48
C LEU V 41 -94.26 -7.44 11.67
N ALA V 42 -94.42 -7.37 10.34
CA ALA V 42 -93.29 -7.16 9.44
C ALA V 42 -92.82 -5.72 9.45
N THR V 43 -93.50 -4.82 10.18
CA THR V 43 -93.16 -3.40 10.10
C THR V 43 -91.89 -3.08 10.88
N VAL V 44 -91.68 -3.77 11.99
CA VAL V 44 -90.58 -3.50 12.92
C VAL V 44 -89.76 -4.78 13.02
N PRO V 45 -88.54 -4.71 13.55
CA PRO V 45 -87.79 -5.92 13.83
C PRO V 45 -88.42 -6.70 14.96
N LEU V 46 -87.93 -7.93 15.17
CA LEU V 46 -88.59 -8.84 16.10
C LEU V 46 -88.64 -8.26 17.50
N TYR V 47 -87.53 -7.69 17.99
CA TYR V 47 -87.48 -7.20 19.36
C TYR V 47 -88.40 -6.00 19.60
N ALA V 48 -88.81 -5.30 18.54
CA ALA V 48 -89.56 -4.06 18.67
C ALA V 48 -91.07 -4.25 18.63
N ASN V 49 -91.56 -5.48 18.67
CA ASN V 49 -92.99 -5.75 18.60
C ASN V 49 -93.67 -5.52 19.94
N VAL V 50 -94.96 -5.17 19.88
CA VAL V 50 -95.79 -5.12 21.08
C VAL V 50 -95.77 -6.47 21.77
N ARG V 51 -95.55 -6.47 23.09
CA ARG V 51 -95.42 -7.70 23.84
C ARG V 51 -96.27 -7.68 25.08
N VAL V 52 -96.67 -8.87 25.52
CA VAL V 52 -97.42 -9.09 26.75
C VAL V 52 -96.72 -10.17 27.54
N THR V 53 -96.59 -9.98 28.84
CA THR V 53 -95.87 -10.90 29.72
C THR V 53 -96.61 -11.02 31.05
N THR V 54 -96.70 -12.23 31.56
CA THR V 54 -97.26 -12.48 32.88
C THR V 54 -96.19 -13.01 33.81
N MET V 55 -96.26 -12.59 35.07
CA MET V 55 -95.35 -13.02 36.11
C MET V 55 -96.14 -13.48 37.33
N GLN V 56 -95.72 -14.60 37.91
CA GLN V 56 -96.32 -15.14 39.13
C GLN V 56 -95.19 -15.52 40.08
N LYS V 57 -95.09 -14.83 41.20
CA LYS V 57 -93.99 -15.00 42.14
C LYS V 57 -94.54 -15.08 43.55
N LYS V 58 -94.17 -16.16 44.26
CA LYS V 58 -94.55 -16.32 45.65
C LYS V 58 -93.61 -15.50 46.53
N LEU V 59 -94.18 -14.68 47.41
CA LEU V 59 -93.40 -13.87 48.33
C LEU V 59 -93.46 -14.48 49.73
N LYS V 60 -92.84 -13.78 50.67
CA LYS V 60 -92.88 -14.19 52.07
C LYS V 60 -94.24 -13.89 52.67
N SER V 61 -94.54 -14.59 53.76
CA SER V 61 -95.81 -14.42 54.49
C SER V 61 -97.02 -14.80 53.65
N GLY V 62 -96.84 -15.76 52.74
CA GLY V 62 -97.97 -16.33 52.02
C GLY V 62 -98.71 -15.35 51.16
N ILE V 63 -97.98 -14.50 50.44
CA ILE V 63 -98.55 -13.53 49.51
C ILE V 63 -97.91 -13.77 48.15
N GLU V 64 -98.72 -13.85 47.11
CA GLU V 64 -98.20 -14.01 45.76
C GLU V 64 -98.41 -12.71 45.00
N ARG V 65 -97.43 -12.37 44.18
CA ARG V 65 -97.50 -11.19 43.32
C ARG V 65 -97.76 -11.66 41.91
N VAL V 66 -98.72 -11.01 41.26
CA VAL V 66 -99.19 -11.39 39.93
C VAL V 66 -99.15 -10.16 39.04
N GLU V 67 -98.55 -10.29 37.85
CA GLU V 67 -98.45 -9.16 36.94
C GLU V 67 -98.80 -9.56 35.52
N ILE V 68 -99.52 -8.68 34.83
CA ILE V 68 -99.70 -8.75 33.38
C ILE V 68 -99.12 -7.47 32.83
N ARG V 69 -97.96 -7.56 32.17
CA ARG V 69 -97.23 -6.39 31.70
C ARG V 69 -97.37 -6.24 30.20
N VAL V 70 -97.95 -5.12 29.76
CA VAL V 70 -98.07 -4.77 28.36
C VAL V 70 -97.02 -3.70 28.05
N GLU V 71 -96.12 -4.00 27.12
CA GLU V 71 -95.07 -3.07 26.70
C GLU V 71 -95.24 -2.77 25.22
N VAL V 72 -95.35 -1.48 24.89
CA VAL V 72 -95.48 -1.04 23.50
C VAL V 72 -94.25 -0.23 23.12
N PRO V 73 -93.33 -0.77 22.33
CA PRO V 73 -92.21 0.03 21.83
C PRO V 73 -92.69 0.99 20.75
N VAL V 74 -92.40 2.27 20.95
CA VAL V 74 -92.71 3.32 19.98
C VAL V 74 -91.43 3.62 19.21
N MET V 75 -91.49 3.49 17.89
CA MET V 75 -90.30 3.59 17.07
C MET V 75 -89.99 5.04 16.70
N GLU V 76 -88.71 5.33 16.53
CA GLU V 76 -88.31 6.59 15.91
C GLU V 76 -88.80 6.62 14.47
N ALA V 77 -89.08 7.83 13.97
CA ALA V 77 -89.52 8.00 12.60
C ALA V 77 -88.30 8.13 11.71
N VAL V 78 -88.11 7.14 10.83
CA VAL V 78 -87.00 7.20 9.88
C VAL V 78 -87.35 8.20 8.79
N SER V 79 -86.51 9.21 8.62
CA SER V 79 -86.70 10.24 7.61
C SER V 79 -85.36 10.57 6.99
N GLY V 80 -85.31 10.65 5.66
CA GLY V 80 -84.07 10.94 4.96
C GLY V 80 -82.95 9.97 5.30
N GLN V 81 -81.73 10.46 5.13
CA GLN V 81 -80.52 9.70 5.35
C GLN V 81 -79.77 10.23 6.56
N ASN V 82 -78.92 9.37 7.12
CA ASN V 82 -78.06 9.78 8.21
C ASN V 82 -76.79 10.43 7.68
N ALA V 83 -75.89 10.79 8.58
CA ALA V 83 -74.66 11.48 8.20
C ALA V 83 -73.73 10.62 7.34
N PHE V 84 -74.03 9.32 7.20
CA PHE V 84 -73.21 8.43 6.38
C PHE V 84 -73.78 8.19 5.00
N GLY V 85 -74.97 8.71 4.71
CA GLY V 85 -75.58 8.55 3.41
C GLY V 85 -76.47 7.33 3.26
N TYR V 86 -76.82 6.68 4.37
CA TYR V 86 -77.69 5.51 4.35
C TYR V 86 -79.00 5.82 5.05
N THR V 87 -80.05 5.10 4.68
CA THR V 87 -81.31 5.15 5.43
C THR V 87 -81.09 4.56 6.81
N ALA V 88 -81.59 5.26 7.84
CA ALA V 88 -81.34 4.85 9.20
C ALA V 88 -81.99 3.50 9.52
N ALA V 89 -81.32 2.72 10.36
CA ALA V 89 -81.90 1.48 10.85
C ALA V 89 -83.02 1.79 11.82
N PRO V 90 -84.03 0.92 11.91
CA PRO V 90 -85.10 1.14 12.88
C PRO V 90 -84.56 1.18 14.30
N LYS V 91 -85.06 2.12 15.09
CA LYS V 91 -84.60 2.32 16.45
C LYS V 91 -85.79 2.63 17.35
N VAL V 92 -85.79 2.03 18.54
CA VAL V 92 -86.86 2.25 19.50
C VAL V 92 -86.67 3.63 20.14
N ALA V 93 -87.70 4.47 20.07
CA ALA V 93 -87.62 5.79 20.69
C ALA V 93 -87.84 5.71 22.19
N PHE V 94 -88.91 5.04 22.60
CA PHE V 94 -89.19 4.79 24.01
C PHE V 94 -90.18 3.63 24.07
N THR V 95 -90.27 3.02 25.24
CA THR V 95 -91.18 1.91 25.46
C THR V 95 -92.16 2.27 26.57
N ASP V 96 -93.45 2.28 26.25
CA ASP V 96 -94.49 2.51 27.24
C ASP V 96 -94.90 1.19 27.88
N SER V 97 -95.11 1.23 29.19
CA SER V 97 -95.40 0.02 29.96
C SER V 97 -96.64 0.27 30.82
N GLY V 98 -97.69 -0.51 30.56
CA GLY V 98 -98.86 -0.51 31.42
C GLY V 98 -99.16 -1.93 31.88
N SER V 99 -99.33 -2.13 33.18
CA SER V 99 -99.45 -3.48 33.68
C SER V 99 -100.52 -3.56 34.77
N PHE V 100 -101.08 -4.75 34.93
CA PHE V 100 -101.85 -5.10 36.13
C PHE V 100 -100.90 -5.74 37.13
N VAL V 101 -100.99 -5.32 38.39
CA VAL V 101 -100.18 -5.88 39.45
C VAL V 101 -101.09 -6.25 40.61
N GLY V 102 -101.15 -7.52 40.93
CA GLY V 102 -101.98 -8.01 42.03
C GLY V 102 -101.13 -8.60 43.13
N TYR V 103 -101.49 -8.29 44.38
CA TYR V 103 -100.93 -8.93 45.56
C TYR V 103 -102.07 -9.61 46.28
N PHE V 104 -102.03 -10.94 46.35
CA PHE V 104 -103.11 -11.73 46.92
C PHE V 104 -102.57 -12.66 47.99
N SER V 105 -103.29 -12.76 49.10
CA SER V 105 -102.96 -13.73 50.12
C SER V 105 -103.32 -15.15 49.64
N GLU V 106 -102.57 -16.13 50.16
CA GLU V 106 -102.91 -17.52 49.88
C GLU V 106 -104.31 -17.87 50.37
N ARG V 107 -104.87 -17.08 51.29
CA ARG V 107 -106.19 -17.32 51.85
C ARG V 107 -107.33 -16.81 50.96
N SER V 108 -107.06 -15.94 49.99
CA SER V 108 -108.12 -15.43 49.13
C SER V 108 -108.57 -16.51 48.16
N ALA V 109 -109.86 -16.49 47.86
CA ALA V 109 -110.49 -17.45 46.97
C ALA V 109 -110.61 -16.86 45.57
N GLN V 110 -110.95 -17.74 44.62
CA GLN V 110 -111.19 -17.29 43.25
C GLN V 110 -112.17 -16.13 43.20
N SER V 111 -113.24 -16.22 44.01
CA SER V 111 -114.27 -15.18 44.01
C SER V 111 -113.72 -13.85 44.51
N ASN V 112 -112.90 -13.88 45.57
CA ASN V 112 -112.33 -12.65 46.11
C ASN V 112 -111.47 -11.94 45.07
N ARG V 113 -110.61 -12.70 44.39
CA ARG V 113 -109.69 -12.10 43.43
C ARG V 113 -110.43 -11.58 42.20
N ARG V 114 -111.39 -12.37 41.70
CA ARG V 114 -112.20 -11.91 40.58
C ARG V 114 -112.97 -10.65 40.91
N LEU V 115 -113.40 -10.50 42.17
CA LEU V 115 -114.15 -9.31 42.57
C LEU V 115 -113.30 -8.05 42.48
N VAL V 116 -112.07 -8.11 43.00
CA VAL V 116 -111.18 -6.96 42.93
C VAL V 116 -110.84 -6.64 41.48
N LYS V 117 -110.55 -7.67 40.69
CA LYS V 117 -110.14 -7.47 39.30
C LYS V 117 -111.08 -6.54 38.56
N GLN V 118 -112.39 -6.82 38.63
CA GLN V 118 -113.34 -6.07 37.81
C GLN V 118 -113.49 -4.62 38.28
N ILE V 119 -113.31 -4.35 39.57
CA ILE V 119 -113.34 -2.96 40.03
C ILE V 119 -112.32 -2.14 39.28
N LEU V 120 -111.06 -2.60 39.27
CA LEU V 120 -110.01 -1.91 38.54
C LEU V 120 -110.34 -1.79 37.07
N THR V 121 -110.79 -2.89 36.45
CA THR V 121 -111.11 -2.87 35.03
C THR V 121 -112.18 -1.81 34.73
N ASN V 122 -113.23 -1.77 35.54
CA ASN V 122 -114.28 -0.78 35.32
C ASN V 122 -113.76 0.64 35.55
N LEU V 123 -112.87 0.81 36.53
CA LEU V 123 -112.27 2.12 36.75
C LEU V 123 -111.48 2.57 35.53
N LEU V 124 -110.68 1.67 34.95
CA LEU V 124 -109.88 2.02 33.78
C LEU V 124 -110.74 2.31 32.57
N GLY V 125 -111.92 1.70 32.48
CA GLY V 125 -112.82 1.92 31.38
C GLY V 125 -113.79 3.06 31.58
N ASN V 126 -113.69 3.76 32.71
CA ASN V 126 -114.61 4.84 33.07
C ASN V 126 -116.07 4.37 33.05
N VAL V 127 -116.30 3.19 33.63
CA VAL V 127 -117.59 2.53 33.59
C VAL V 127 -118.16 2.51 35.01
N SER V 128 -119.33 3.13 35.17
CA SER V 128 -120.00 3.17 36.45
C SER V 128 -121.21 2.24 36.52
N THR V 129 -121.46 1.45 35.47
CA THR V 129 -122.58 0.53 35.44
C THR V 129 -122.09 -0.89 35.71
N SER V 130 -123.03 -1.84 35.71
CA SER V 130 -122.71 -3.23 36.02
C SER V 130 -122.11 -3.93 34.79
N VAL V 131 -120.98 -4.58 35.00
CA VAL V 131 -120.30 -5.34 33.97
C VAL V 131 -119.91 -6.70 34.55
N ALA V 132 -120.17 -7.76 33.81
CA ALA V 132 -119.89 -9.11 34.28
C ALA V 132 -118.39 -9.40 34.21
N ALA V 133 -117.86 -9.94 35.30
CA ALA V 133 -116.43 -10.25 35.36
C ALA V 133 -116.14 -11.50 34.55
N PRO V 134 -115.14 -11.47 33.67
CA PRO V 134 -114.81 -12.66 32.87
C PRO V 134 -114.34 -13.81 33.75
N THR V 135 -114.70 -15.03 33.35
CA THR V 135 -114.28 -16.24 34.04
C THR V 135 -113.37 -17.11 33.19
N THR V 136 -113.03 -16.67 31.97
CA THR V 136 -112.10 -17.37 31.09
C THR V 136 -111.10 -16.38 30.51
N GLY V 137 -110.12 -16.91 29.81
CA GLY V 137 -109.06 -16.09 29.26
C GLY V 137 -107.81 -16.12 30.14
N PHE V 138 -106.67 -15.79 29.54
CA PHE V 138 -105.41 -15.90 30.26
C PHE V 138 -105.35 -14.92 31.43
N ALA V 139 -105.99 -13.76 31.30
CA ALA V 139 -106.03 -12.80 32.40
C ALA V 139 -106.82 -13.33 33.58
N SER V 140 -108.00 -13.92 33.32
CA SER V 140 -108.79 -14.49 34.40
C SER V 140 -108.06 -15.67 35.04
N GLU V 141 -107.46 -16.54 34.23
CA GLU V 141 -106.74 -17.68 34.78
C GLU V 141 -105.62 -17.23 35.70
N LEU V 142 -104.95 -16.14 35.34
CA LEU V 142 -103.85 -15.66 36.16
C LEU V 142 -104.35 -14.91 37.40
N ILE V 143 -105.18 -13.89 37.20
CA ILE V 143 -105.58 -13.03 38.32
C ILE V 143 -106.56 -13.76 39.24
N ASP V 144 -107.60 -14.38 38.67
CA ASP V 144 -108.62 -15.00 39.49
C ASP V 144 -108.12 -16.27 40.15
N SER V 145 -107.32 -17.06 39.43
CA SER V 145 -107.03 -18.43 39.84
C SER V 145 -105.55 -18.75 39.99
N GLY V 146 -104.66 -17.79 39.83
CA GLY V 146 -103.24 -18.06 40.00
C GLY V 146 -102.70 -19.08 39.04
N ILE V 147 -103.15 -19.05 37.78
CA ILE V 147 -102.76 -20.00 36.75
C ILE V 147 -101.88 -19.31 35.74
N THR V 148 -100.68 -19.85 35.52
CA THR V 148 -99.81 -19.41 34.44
C THR V 148 -99.93 -20.38 33.27
N ALA V 149 -99.93 -19.83 32.06
CA ALA V 149 -100.03 -20.65 30.86
C ALA V 149 -98.89 -21.66 30.80
N SER V 150 -99.12 -22.75 30.07
CA SER V 150 -98.14 -23.82 29.96
C SER V 150 -98.27 -24.64 28.68
N SER W 1 -99.43 -35.90 27.33
CA SER W 1 -98.30 -35.03 27.01
C SER W 1 -98.44 -33.66 27.67
N SER W 2 -99.28 -32.80 27.11
CA SER W 2 -99.49 -31.47 27.66
C SER W 2 -100.59 -31.49 28.72
N GLN W 3 -100.60 -30.47 29.56
CA GLN W 3 -101.48 -30.44 30.72
C GLN W 3 -102.95 -30.33 30.31
N ALA W 4 -103.79 -31.11 30.98
CA ALA W 4 -105.23 -31.07 30.78
C ALA W 4 -105.92 -31.28 32.12
N ASN W 5 -107.23 -31.09 32.12
CA ASN W 5 -108.00 -31.26 33.34
C ASN W 5 -108.00 -32.73 33.77
N ILE W 6 -107.75 -32.95 35.06
CA ILE W 6 -107.82 -34.27 35.67
C ILE W 6 -109.14 -34.38 36.41
N THR W 7 -109.85 -35.49 36.20
CA THR W 7 -111.08 -35.79 36.92
C THR W 7 -110.86 -37.05 37.74
N VAL W 8 -110.94 -36.91 39.07
CA VAL W 8 -110.64 -38.00 40.01
C VAL W 8 -111.72 -38.02 41.09
N PHE W 9 -112.10 -39.22 41.51
CA PHE W 9 -112.92 -39.39 42.70
C PHE W 9 -112.03 -39.61 43.91
N ASP W 10 -112.48 -39.11 45.06
CA ASP W 10 -111.69 -39.22 46.27
C ASP W 10 -112.09 -40.49 47.02
N GLY W 11 -111.66 -40.59 48.28
CA GLY W 11 -111.94 -41.79 49.06
C GLY W 11 -112.87 -41.54 50.23
N ALA W 12 -113.77 -40.58 50.08
CA ALA W 12 -114.79 -40.37 51.09
C ALA W 12 -115.72 -41.59 51.15
N ALA W 13 -116.48 -41.68 52.25
CA ALA W 13 -117.39 -42.82 52.41
C ALA W 13 -118.36 -42.92 51.23
N THR W 14 -118.84 -41.77 50.75
CA THR W 14 -119.47 -41.66 49.44
C THR W 14 -118.54 -40.85 48.55
N PRO W 15 -117.79 -41.48 47.66
CA PRO W 15 -116.74 -40.75 46.91
C PRO W 15 -117.29 -39.61 46.08
N VAL W 16 -116.51 -38.53 46.02
CA VAL W 16 -116.86 -37.28 45.37
C VAL W 16 -115.84 -37.00 44.26
N SER W 17 -116.33 -36.51 43.13
CA SER W 17 -115.44 -36.20 42.01
C SER W 17 -114.82 -34.82 42.19
N HIS W 18 -113.54 -34.70 41.81
CA HIS W 18 -112.81 -33.44 41.81
C HIS W 18 -112.27 -33.19 40.40
N VAL W 19 -112.35 -31.94 39.96
CA VAL W 19 -111.78 -31.53 38.68
C VAL W 19 -110.57 -30.65 38.98
N LEU W 20 -109.38 -31.14 38.64
CA LEU W 20 -108.14 -30.44 38.87
C LEU W 20 -107.68 -29.80 37.56
N VAL W 21 -107.60 -28.47 37.54
CA VAL W 21 -107.20 -27.75 36.34
C VAL W 21 -105.71 -27.50 36.37
N PRO W 22 -105.05 -27.32 35.21
CA PRO W 22 -103.61 -27.07 35.21
C PRO W 22 -103.26 -25.72 35.82
N LEU W 23 -102.10 -25.69 36.48
CA LEU W 23 -101.55 -24.47 37.06
C LEU W 23 -100.24 -24.04 36.42
N GLY W 24 -99.52 -24.94 35.76
CA GLY W 24 -98.29 -24.59 35.10
C GLY W 24 -97.21 -25.64 35.21
N VAL W 25 -96.15 -25.47 34.43
CA VAL W 25 -95.00 -26.37 34.43
C VAL W 25 -93.75 -25.52 34.47
N GLY W 26 -92.72 -26.03 35.13
CA GLY W 26 -91.43 -25.34 35.15
C GLY W 26 -90.35 -26.26 35.67
N ILE W 27 -89.13 -25.74 35.66
CA ILE W 27 -87.96 -26.48 36.10
C ILE W 27 -87.37 -25.77 37.33
N ASP W 28 -87.56 -26.37 38.49
CA ASP W 28 -86.91 -25.95 39.73
C ASP W 28 -85.57 -26.67 39.85
N GLU W 29 -84.54 -25.95 40.33
CA GLU W 29 -83.21 -26.55 40.43
C GLU W 29 -83.18 -27.66 41.47
N ASN W 30 -83.91 -27.50 42.57
CA ASN W 30 -83.97 -28.52 43.61
C ASN W 30 -84.99 -29.61 43.30
N LEU W 31 -86.20 -29.23 42.91
CA LEU W 31 -87.25 -30.24 42.73
C LEU W 31 -87.14 -30.98 41.40
N GLY W 32 -86.60 -30.33 40.37
CA GLY W 32 -86.56 -30.92 39.05
C GLY W 32 -87.65 -30.36 38.14
N SER W 33 -88.20 -31.20 37.26
CA SER W 33 -89.31 -30.80 36.42
C SER W 33 -90.61 -30.95 37.20
N VAL W 34 -91.33 -29.84 37.38
CA VAL W 34 -92.52 -29.79 38.22
C VAL W 34 -93.72 -29.41 37.36
N ALA W 35 -94.82 -30.14 37.53
CA ALA W 35 -96.10 -29.81 36.92
C ALA W 35 -97.17 -29.78 38.00
N LYS W 36 -98.03 -28.77 37.96
CA LYS W 36 -98.98 -28.52 39.04
C LYS W 36 -100.42 -28.53 38.51
N TRP W 37 -101.32 -29.12 39.29
CA TRP W 37 -102.75 -29.06 39.05
C TRP W 37 -103.43 -28.64 40.35
N ARG W 38 -104.63 -28.08 40.23
CA ARG W 38 -105.38 -27.71 41.43
C ARG W 38 -106.86 -27.61 41.10
N GLU W 39 -107.70 -28.06 42.03
CA GLU W 39 -109.14 -27.86 41.94
C GLU W 39 -109.48 -26.39 42.15
N ASN W 40 -110.55 -25.93 41.52
CA ASN W 40 -110.90 -24.51 41.49
C ASN W 40 -112.32 -24.33 42.01
N LEU W 41 -112.55 -24.69 43.27
CA LEU W 41 -113.80 -24.35 43.92
C LEU W 41 -113.88 -22.84 44.10
N ALA W 42 -115.04 -22.28 43.73
CA ALA W 42 -115.16 -20.83 43.59
C ALA W 42 -114.95 -20.09 44.91
N THR W 43 -115.50 -20.62 46.00
CA THR W 43 -115.45 -19.95 47.29
C THR W 43 -114.29 -20.42 48.17
N VAL W 44 -113.68 -21.56 47.86
CA VAL W 44 -112.65 -22.12 48.74
C VAL W 44 -111.34 -21.34 48.53
N PRO W 45 -110.63 -20.98 49.60
CA PRO W 45 -109.32 -20.34 49.43
C PRO W 45 -108.43 -21.17 48.53
N LEU W 46 -107.60 -20.48 47.74
CA LEU W 46 -106.79 -21.17 46.75
C LEU W 46 -105.85 -22.18 47.40
N TYR W 47 -105.24 -21.80 48.53
CA TYR W 47 -104.33 -22.73 49.19
C TYR W 47 -105.06 -23.81 49.99
N ALA W 48 -106.39 -23.80 50.00
CA ALA W 48 -107.18 -24.83 50.66
C ALA W 48 -107.78 -25.83 49.68
N ASN W 49 -107.52 -25.68 48.39
CA ASN W 49 -108.07 -26.55 47.36
C ASN W 49 -107.17 -27.75 47.12
N VAL W 50 -107.80 -28.89 46.77
CA VAL W 50 -107.06 -30.09 46.44
C VAL W 50 -106.10 -29.82 45.29
N ARG W 51 -104.86 -30.25 45.44
CA ARG W 51 -103.86 -30.03 44.41
C ARG W 51 -103.08 -31.32 44.15
N VAL W 52 -102.54 -31.42 42.93
CA VAL W 52 -101.73 -32.54 42.50
C VAL W 52 -100.47 -32.00 41.82
N THR W 53 -99.33 -32.61 42.13
CA THR W 53 -98.05 -32.14 41.64
C THR W 53 -97.18 -33.33 41.25
N THR W 54 -96.41 -33.18 40.17
CA THR W 54 -95.43 -34.18 39.78
C THR W 54 -94.03 -33.58 39.79
N MET W 55 -93.07 -34.31 40.35
CA MET W 55 -91.66 -33.96 40.32
C MET W 55 -90.89 -35.04 39.58
N GLN W 56 -89.90 -34.62 38.78
CA GLN W 56 -88.96 -35.54 38.15
C GLN W 56 -87.57 -34.96 38.26
N LYS W 57 -86.64 -35.73 38.82
CA LYS W 57 -85.28 -35.25 39.05
C LYS W 57 -84.32 -36.42 38.90
N LYS W 58 -83.23 -36.18 38.18
CA LYS W 58 -82.12 -37.12 38.13
C LYS W 58 -81.17 -36.78 39.26
N LEU W 59 -80.93 -37.75 40.14
CA LEU W 59 -80.07 -37.54 41.29
C LEU W 59 -78.60 -37.66 40.88
N LYS W 60 -77.70 -37.42 41.85
CA LYS W 60 -76.27 -37.56 41.58
C LYS W 60 -75.89 -39.00 41.29
N SER W 61 -76.60 -39.96 41.91
CA SER W 61 -76.35 -41.38 41.67
C SER W 61 -76.60 -41.80 40.23
N GLY W 62 -77.34 -41.00 39.46
CA GLY W 62 -77.90 -41.43 38.21
C GLY W 62 -79.29 -42.01 38.33
N ILE W 63 -79.74 -42.30 39.56
CA ILE W 63 -81.09 -42.78 39.79
C ILE W 63 -82.09 -41.66 39.48
N GLU W 64 -83.09 -41.96 38.68
CA GLU W 64 -84.15 -40.99 38.43
C GLU W 64 -85.19 -41.12 39.54
N ARG W 65 -85.59 -39.99 40.12
CA ARG W 65 -86.62 -39.95 41.13
C ARG W 65 -87.89 -39.36 40.53
N VAL W 66 -89.03 -39.94 40.89
CA VAL W 66 -90.32 -39.60 40.30
C VAL W 66 -91.35 -39.53 41.43
N GLU W 67 -92.16 -38.46 41.44
CA GLU W 67 -93.16 -38.29 42.48
C GLU W 67 -94.46 -37.74 41.91
N ILE W 68 -95.57 -38.27 42.38
CA ILE W 68 -96.90 -37.73 42.14
C ILE W 68 -97.49 -37.44 43.51
N ARG W 69 -97.59 -36.16 43.88
CA ARG W 69 -97.98 -35.75 45.23
C ARG W 69 -99.39 -35.17 45.24
N VAL W 70 -100.28 -35.83 45.97
CA VAL W 70 -101.66 -35.37 46.17
C VAL W 70 -101.75 -34.73 47.55
N GLU W 71 -102.19 -33.46 47.59
CA GLU W 71 -102.33 -32.73 48.83
C GLU W 71 -103.78 -32.28 48.98
N VAL W 72 -104.37 -32.58 50.14
CA VAL W 72 -105.74 -32.19 50.44
C VAL W 72 -105.71 -31.32 51.70
N PRO W 73 -105.85 -30.01 51.55
CA PRO W 73 -105.88 -29.13 52.72
C PRO W 73 -107.22 -29.20 53.43
N VAL W 74 -107.18 -29.08 54.75
CA VAL W 74 -108.37 -29.07 55.59
C VAL W 74 -108.37 -27.79 56.41
N MET W 75 -109.48 -27.08 56.37
CA MET W 75 -109.59 -25.80 57.05
C MET W 75 -110.16 -25.99 58.46
N GLU W 76 -109.99 -24.96 59.27
CA GLU W 76 -110.65 -24.90 60.56
C GLU W 76 -112.14 -24.64 60.36
N ALA W 77 -112.87 -24.54 61.46
CA ALA W 77 -114.31 -24.36 61.40
C ALA W 77 -114.65 -22.88 61.27
N VAL W 78 -115.82 -22.60 60.66
CA VAL W 78 -116.33 -21.24 60.46
C VAL W 78 -117.19 -20.85 61.65
N SER W 79 -117.12 -19.58 62.05
CA SER W 79 -117.91 -19.11 63.17
C SER W 79 -119.12 -18.28 62.75
N GLY W 80 -119.22 -17.86 61.50
CA GLY W 80 -120.29 -16.97 61.11
C GLY W 80 -119.99 -16.28 59.80
N GLN W 81 -120.82 -15.26 59.51
CA GLN W 81 -120.74 -14.49 58.27
C GLN W 81 -121.08 -13.04 58.58
N ASN W 82 -120.22 -12.12 58.16
CA ASN W 82 -120.45 -10.71 58.46
C ASN W 82 -121.65 -10.19 57.69
N ALA W 83 -122.43 -9.34 58.35
CA ALA W 83 -123.65 -8.85 57.74
C ALA W 83 -123.39 -7.92 56.56
N PHE W 84 -122.26 -7.20 56.57
CA PHE W 84 -122.14 -6.13 55.57
C PHE W 84 -120.80 -6.10 54.84
N GLY W 85 -119.74 -6.57 55.46
CA GLY W 85 -118.44 -6.65 54.81
C GLY W 85 -118.28 -7.88 53.95
N TYR W 86 -117.02 -8.24 53.70
CA TYR W 86 -116.66 -9.52 53.10
C TYR W 86 -116.07 -10.42 54.16
N THR W 87 -116.37 -11.71 54.10
CA THR W 87 -116.01 -12.65 55.14
C THR W 87 -115.07 -13.72 54.60
N ALA W 88 -113.97 -13.94 55.31
CA ALA W 88 -112.95 -14.89 54.88
C ALA W 88 -113.25 -16.29 55.39
N ALA W 89 -112.83 -17.26 54.62
CA ALA W 89 -112.84 -18.62 55.09
C ALA W 89 -111.68 -18.84 56.06
N PRO W 90 -111.84 -19.74 57.04
CA PRO W 90 -110.82 -19.91 58.07
C PRO W 90 -109.52 -20.46 57.49
N LYS W 91 -108.48 -20.41 58.32
CA LYS W 91 -107.15 -20.85 57.90
C LYS W 91 -107.10 -22.37 57.78
N VAL W 92 -106.11 -22.83 57.01
CA VAL W 92 -105.90 -24.27 56.85
C VAL W 92 -105.37 -24.84 58.15
N ALA W 93 -106.05 -25.85 58.68
CA ALA W 93 -105.61 -26.47 59.93
C ALA W 93 -104.45 -27.44 59.69
N PHE W 94 -104.53 -28.23 58.64
CA PHE W 94 -103.47 -29.14 58.26
C PHE W 94 -103.66 -29.52 56.81
N THR W 95 -102.64 -30.14 56.24
CA THR W 95 -102.69 -30.62 54.86
C THR W 95 -102.25 -32.07 54.82
N ASP W 96 -103.11 -32.93 54.28
CA ASP W 96 -102.80 -34.35 54.13
C ASP W 96 -102.10 -34.57 52.81
N SER W 97 -100.98 -35.28 52.84
CA SER W 97 -100.15 -35.50 51.66
C SER W 97 -99.98 -37.00 51.44
N GLY W 98 -100.47 -37.49 50.31
CA GLY W 98 -100.22 -38.86 49.90
C GLY W 98 -99.63 -38.87 48.51
N SER W 99 -98.49 -39.54 48.34
CA SER W 99 -97.79 -39.45 47.07
C SER W 99 -97.23 -40.82 46.68
N PHE W 100 -97.08 -41.00 45.37
CA PHE W 100 -96.24 -42.08 44.83
C PHE W 100 -94.83 -41.54 44.64
N VAL W 101 -93.84 -42.35 45.02
CA VAL W 101 -92.44 -41.98 44.85
C VAL W 101 -91.72 -43.18 44.24
N GLY W 102 -91.10 -42.96 43.09
CA GLY W 102 -90.37 -44.02 42.39
C GLY W 102 -88.90 -43.68 42.25
N TYR W 103 -88.05 -44.67 42.51
CA TYR W 103 -86.61 -44.58 42.31
C TYR W 103 -86.22 -45.65 41.29
N PHE W 104 -85.76 -45.23 40.13
CA PHE W 104 -85.46 -46.14 39.04
C PHE W 104 -84.04 -45.92 38.52
N SER W 105 -83.37 -47.01 38.16
CA SER W 105 -82.08 -46.94 37.51
C SER W 105 -82.26 -46.59 36.03
N GLU W 106 -81.17 -46.12 35.42
CA GLU W 106 -81.21 -45.83 33.99
C GLU W 106 -81.49 -47.08 33.16
N ARG W 107 -81.06 -48.26 33.63
CA ARG W 107 -81.24 -49.49 32.87
C ARG W 107 -82.72 -49.91 32.81
N SER W 108 -83.51 -49.53 33.81
CA SER W 108 -84.89 -50.01 33.89
C SER W 108 -85.70 -49.46 32.73
N ALA W 109 -86.47 -50.34 32.09
CA ALA W 109 -87.24 -50.00 30.90
C ALA W 109 -88.66 -49.59 31.28
N GLN W 110 -89.42 -49.17 30.27
CA GLN W 110 -90.86 -48.96 30.46
C GLN W 110 -91.49 -50.11 31.25
N SER W 111 -91.26 -51.34 30.78
CA SER W 111 -91.94 -52.49 31.38
C SER W 111 -91.52 -52.70 32.83
N ASN W 112 -90.24 -52.47 33.13
CA ASN W 112 -89.77 -52.60 34.50
C ASN W 112 -90.47 -51.61 35.43
N ARG W 113 -90.46 -50.32 35.07
CA ARG W 113 -91.12 -49.31 35.88
C ARG W 113 -92.62 -49.57 35.99
N ARG W 114 -93.26 -49.93 34.89
CA ARG W 114 -94.69 -50.20 34.91
C ARG W 114 -95.02 -51.40 35.79
N LEU W 115 -94.11 -52.38 35.85
CA LEU W 115 -94.38 -53.58 36.63
C LEU W 115 -94.47 -53.27 38.11
N VAL W 116 -93.52 -52.48 38.63
CA VAL W 116 -93.54 -52.13 40.04
C VAL W 116 -94.70 -51.20 40.34
N LYS W 117 -94.96 -50.24 39.45
CA LYS W 117 -96.06 -49.30 39.64
C LYS W 117 -97.34 -50.04 40.02
N GLN W 118 -97.71 -51.06 39.25
CA GLN W 118 -99.01 -51.67 39.45
C GLN W 118 -99.07 -52.51 40.72
N ILE W 119 -97.93 -53.07 41.16
CA ILE W 119 -97.91 -53.75 42.46
C ILE W 119 -98.40 -52.81 43.54
N LEU W 120 -97.83 -51.59 43.59
CA LEU W 120 -98.22 -50.63 44.60
C LEU W 120 -99.68 -50.21 44.43
N THR W 121 -100.10 -49.96 43.19
CA THR W 121 -101.49 -49.56 42.95
C THR W 121 -102.46 -50.63 43.44
N ASN W 122 -102.15 -51.90 43.16
CA ASN W 122 -103.01 -52.98 43.61
C ASN W 122 -102.99 -53.11 45.13
N LEU W 123 -101.81 -52.91 45.74
CA LEU W 123 -101.73 -52.94 47.20
C LEU W 123 -102.60 -51.84 47.81
N LEU W 124 -102.55 -50.63 47.26
CA LEU W 124 -103.34 -49.53 47.79
C LEU W 124 -104.84 -49.76 47.62
N GLY W 125 -105.22 -50.52 46.60
CA GLY W 125 -106.61 -50.84 46.35
C GLY W 125 -107.08 -52.11 47.00
N ASN W 126 -106.23 -52.79 47.76
CA ASN W 126 -106.55 -54.07 48.40
C ASN W 126 -107.04 -55.07 47.36
N VAL W 127 -106.31 -55.16 46.25
CA VAL W 127 -106.69 -55.97 45.10
C VAL W 127 -105.73 -57.14 45.00
N SER W 128 -106.27 -58.36 45.11
CA SER W 128 -105.49 -59.58 44.96
C SER W 128 -105.64 -60.21 43.59
N THR W 129 -106.48 -59.65 42.72
CA THR W 129 -106.72 -60.21 41.40
C THR W 129 -105.82 -59.52 40.37
N SER W 130 -105.95 -59.94 39.11
CA SER W 130 -105.13 -59.39 38.04
C SER W 130 -105.75 -58.11 37.49
N VAL W 131 -104.95 -57.08 37.35
CA VAL W 131 -105.37 -55.78 36.83
C VAL W 131 -104.37 -55.34 35.79
N ALA W 132 -104.87 -54.92 34.63
CA ALA W 132 -103.99 -54.45 33.57
C ALA W 132 -103.36 -53.12 33.94
N ALA W 133 -102.05 -53.02 33.80
CA ALA W 133 -101.36 -51.79 34.14
C ALA W 133 -101.60 -50.75 33.05
N PRO W 134 -101.99 -49.52 33.41
CA PRO W 134 -102.23 -48.50 32.40
C PRO W 134 -100.97 -48.17 31.62
N THR W 135 -101.15 -47.90 30.32
CA THR W 135 -100.05 -47.47 29.46
C THR W 135 -100.23 -46.06 28.94
N THR W 136 -101.33 -45.40 29.28
CA THR W 136 -101.58 -44.00 28.95
C THR W 136 -101.97 -43.25 30.22
N GLY W 137 -102.14 -41.94 30.09
CA GLY W 137 -102.43 -41.11 31.24
C GLY W 137 -101.15 -40.47 31.79
N PHE W 138 -101.35 -39.34 32.49
CA PHE W 138 -100.19 -38.57 32.93
C PHE W 138 -99.34 -39.34 33.93
N ALA W 139 -99.97 -40.17 34.77
CA ALA W 139 -99.21 -40.97 35.71
C ALA W 139 -98.34 -41.99 34.98
N SER W 140 -98.88 -42.62 33.94
CA SER W 140 -98.08 -43.58 33.17
C SER W 140 -96.95 -42.89 32.43
N GLU W 141 -97.23 -41.74 31.81
CA GLU W 141 -96.17 -40.99 31.14
C GLU W 141 -95.02 -40.70 32.10
N LEU W 142 -95.35 -40.33 33.34
CA LEU W 142 -94.31 -39.97 34.30
C LEU W 142 -93.61 -41.19 34.87
N ILE W 143 -94.38 -42.15 35.39
CA ILE W 143 -93.78 -43.27 36.11
C ILE W 143 -93.18 -44.27 35.13
N ASP W 144 -93.92 -44.65 34.09
CA ASP W 144 -93.40 -45.67 33.17
C ASP W 144 -92.31 -45.10 32.27
N SER W 145 -92.49 -43.86 31.78
CA SER W 145 -91.65 -43.34 30.71
C SER W 145 -90.81 -42.14 31.09
N GLY W 146 -90.93 -41.62 32.31
CA GLY W 146 -90.14 -40.46 32.69
C GLY W 146 -90.46 -39.20 31.91
N ILE W 147 -91.74 -38.94 31.67
CA ILE W 147 -92.19 -37.80 30.87
C ILE W 147 -93.09 -36.93 31.74
N THR W 148 -92.70 -35.67 31.91
CA THR W 148 -93.49 -34.69 32.65
C THR W 148 -94.38 -33.90 31.68
N ALA W 149 -95.53 -33.43 32.19
CA ALA W 149 -96.45 -32.66 31.36
C ALA W 149 -95.76 -31.43 30.77
N SER W 150 -96.19 -31.05 29.56
CA SER W 150 -95.56 -29.98 28.81
C SER W 150 -96.46 -28.75 28.69
N SER X 1 -97.29 -22.80 18.65
CA SER X 1 -96.31 -22.41 19.65
C SER X 1 -96.38 -23.34 20.85
N SER X 2 -97.57 -23.84 21.14
CA SER X 2 -97.71 -24.86 22.18
C SER X 2 -97.13 -26.19 21.68
N GLN X 3 -96.46 -26.89 22.58
CA GLN X 3 -95.67 -28.07 22.23
C GLN X 3 -96.57 -29.27 21.98
N ALA X 4 -96.38 -29.94 20.84
CA ALA X 4 -97.23 -31.04 20.44
C ALA X 4 -96.39 -32.18 19.87
N ASN X 5 -97.05 -33.33 19.66
CA ASN X 5 -96.38 -34.48 19.07
C ASN X 5 -95.89 -34.15 17.66
N ILE X 6 -94.71 -34.65 17.34
CA ILE X 6 -94.10 -34.47 16.02
C ILE X 6 -94.05 -35.83 15.34
N THR X 7 -94.67 -35.93 14.18
CA THR X 7 -94.56 -37.12 13.33
C THR X 7 -93.63 -36.78 12.17
N VAL X 8 -92.55 -37.54 12.03
CA VAL X 8 -91.51 -37.26 11.05
C VAL X 8 -90.93 -38.57 10.53
N PHE X 9 -90.75 -38.65 9.22
CA PHE X 9 -90.09 -39.80 8.60
C PHE X 9 -88.59 -39.56 8.51
N ASP X 10 -87.82 -40.64 8.65
CA ASP X 10 -86.37 -40.53 8.61
C ASP X 10 -85.87 -40.74 7.19
N GLY X 11 -84.55 -40.90 7.03
CA GLY X 11 -83.96 -41.04 5.72
C GLY X 11 -83.39 -42.43 5.46
N ALA X 12 -84.03 -43.46 6.01
CA ALA X 12 -83.66 -44.81 5.65
C ALA X 12 -84.04 -45.08 4.20
N ALA X 13 -83.50 -46.17 3.66
CA ALA X 13 -83.80 -46.54 2.28
C ALA X 13 -85.30 -46.67 2.07
N THR X 14 -86.00 -47.26 3.04
CA THR X 14 -87.45 -47.14 3.15
C THR X 14 -87.74 -46.31 4.39
N PRO X 15 -88.09 -45.02 4.23
CA PRO X 15 -88.21 -44.14 5.41
C PRO X 15 -89.23 -44.65 6.43
N VAL X 16 -88.90 -44.45 7.69
CA VAL X 16 -89.66 -44.93 8.84
C VAL X 16 -90.20 -43.73 9.60
N SER X 17 -91.48 -43.76 9.95
CA SER X 17 -92.06 -42.68 10.74
C SER X 17 -91.67 -42.80 12.21
N HIS X 18 -91.36 -41.67 12.82
CA HIS X 18 -91.09 -41.58 14.24
C HIS X 18 -92.06 -40.59 14.86
N VAL X 19 -92.59 -40.93 16.03
CA VAL X 19 -93.48 -40.03 16.76
C VAL X 19 -92.71 -39.50 17.96
N LEU X 20 -92.44 -38.20 17.95
CA LEU X 20 -91.64 -37.53 18.97
C LEU X 20 -92.59 -36.82 19.95
N VAL X 21 -92.59 -37.27 21.20
CA VAL X 21 -93.48 -36.77 22.24
C VAL X 21 -92.81 -35.57 22.91
N PRO X 22 -93.55 -34.57 23.36
CA PRO X 22 -92.93 -33.44 24.07
C PRO X 22 -92.41 -33.84 25.44
N LEU X 23 -91.24 -33.29 25.79
CA LEU X 23 -90.66 -33.48 27.10
C LEU X 23 -90.76 -32.25 28.00
N GLY X 24 -91.01 -31.08 27.44
CA GLY X 24 -91.07 -29.84 28.19
C GLY X 24 -90.11 -28.80 27.66
N VAL X 25 -90.21 -27.59 28.22
CA VAL X 25 -89.38 -26.47 27.82
C VAL X 25 -88.81 -25.82 29.07
N GLY X 26 -87.75 -25.05 28.89
CA GLY X 26 -87.11 -24.39 30.01
C GLY X 26 -85.95 -23.53 29.55
N ILE X 27 -85.27 -22.93 30.51
CA ILE X 27 -84.16 -22.01 30.25
C ILE X 27 -82.89 -22.57 30.86
N ASP X 28 -81.84 -22.66 30.05
CA ASP X 28 -80.51 -23.09 30.48
C ASP X 28 -79.57 -21.90 30.38
N GLU X 29 -78.62 -21.82 31.32
CA GLU X 29 -77.70 -20.68 31.33
C GLU X 29 -76.78 -20.71 30.11
N ASN X 30 -76.28 -21.89 29.74
CA ASN X 30 -75.40 -21.99 28.58
C ASN X 30 -76.16 -21.91 27.27
N LEU X 31 -77.33 -22.55 27.19
CA LEU X 31 -77.97 -22.83 25.91
C LEU X 31 -79.09 -21.86 25.55
N GLY X 32 -79.70 -21.21 26.52
CA GLY X 32 -80.83 -20.33 26.25
C GLY X 32 -82.16 -21.00 26.51
N SER X 33 -83.17 -20.67 25.70
CA SER X 33 -84.46 -21.34 25.80
C SER X 33 -84.38 -22.68 25.06
N VAL X 34 -84.70 -23.75 25.77
CA VAL X 34 -84.55 -25.10 25.26
C VAL X 34 -85.91 -25.78 25.26
N ALA X 35 -86.26 -26.44 24.16
CA ALA X 35 -87.45 -27.27 24.07
C ALA X 35 -87.03 -28.66 23.61
N LYS X 36 -87.61 -29.69 24.22
CA LYS X 36 -87.17 -31.06 23.99
C LYS X 36 -88.35 -31.93 23.56
N TRP X 37 -88.11 -32.75 22.53
CA TRP X 37 -88.99 -33.83 22.13
C TRP X 37 -88.21 -35.14 22.16
N ARG X 38 -88.95 -36.25 22.20
CA ARG X 38 -88.32 -37.55 22.30
C ARG X 38 -89.30 -38.60 21.81
N GLU X 39 -88.79 -39.63 21.14
CA GLU X 39 -89.61 -40.79 20.84
C GLU X 39 -89.69 -41.68 22.07
N ASN X 40 -90.77 -42.46 22.18
CA ASN X 40 -90.96 -43.32 23.36
C ASN X 40 -91.09 -44.77 22.91
N LEU X 41 -90.01 -45.32 22.35
CA LEU X 41 -89.96 -46.72 21.94
C LEU X 41 -89.55 -47.59 23.13
N ALA X 42 -90.25 -48.70 23.31
CA ALA X 42 -89.84 -49.75 24.23
C ALA X 42 -88.68 -50.59 23.70
N THR X 43 -88.32 -50.42 22.44
CA THR X 43 -87.20 -51.19 21.86
C THR X 43 -85.87 -50.81 22.50
N VAL X 44 -85.71 -49.56 22.93
CA VAL X 44 -84.40 -49.06 23.36
C VAL X 44 -84.56 -48.41 24.74
N PRO X 45 -83.45 -48.21 25.46
CA PRO X 45 -83.53 -47.50 26.73
C PRO X 45 -84.15 -46.11 26.56
N LEU X 46 -84.67 -45.58 27.65
CA LEU X 46 -85.38 -44.29 27.60
C LEU X 46 -84.46 -43.18 27.13
N TYR X 47 -83.22 -43.13 27.63
CA TYR X 47 -82.27 -42.10 27.24
C TYR X 47 -81.76 -42.27 25.80
N ALA X 48 -82.01 -43.42 25.16
CA ALA X 48 -81.40 -43.74 23.88
C ALA X 48 -82.37 -43.60 22.71
N ASN X 49 -83.43 -42.83 22.89
CA ASN X 49 -84.44 -42.63 21.85
C ASN X 49 -84.04 -41.50 20.91
N VAL X 50 -84.59 -41.55 19.69
CA VAL X 50 -84.47 -40.42 18.76
C VAL X 50 -85.06 -39.19 19.42
N ARG X 51 -84.34 -38.07 19.34
CA ARG X 51 -84.79 -36.87 20.03
C ARG X 51 -84.55 -35.64 19.16
N VAL X 52 -85.32 -34.59 19.45
CA VAL X 52 -85.19 -33.29 18.79
C VAL X 52 -85.17 -32.22 19.87
N THR X 53 -84.27 -31.24 19.72
CA THR X 53 -84.10 -30.17 20.69
C THR X 53 -83.94 -28.85 19.96
N THR X 54 -84.53 -27.78 20.50
CA THR X 54 -84.36 -26.44 19.97
C THR X 54 -83.73 -25.54 21.03
N MET X 55 -82.65 -24.86 20.64
CA MET X 55 -82.02 -23.85 21.48
C MET X 55 -82.19 -22.47 20.84
N GLN X 56 -82.34 -21.46 21.69
CA GLN X 56 -82.46 -20.08 21.24
C GLN X 56 -81.78 -19.19 22.27
N LYS X 57 -80.70 -18.52 21.87
CA LYS X 57 -79.90 -17.71 22.76
C LYS X 57 -79.43 -16.45 22.06
N LYS X 58 -79.49 -15.32 22.78
CA LYS X 58 -78.86 -14.10 22.33
C LYS X 58 -77.41 -14.10 22.80
N LEU X 59 -76.48 -14.02 21.86
CA LEU X 59 -75.07 -14.08 22.17
C LEU X 59 -74.57 -12.75 22.74
N LYS X 60 -73.33 -12.76 23.22
CA LYS X 60 -72.74 -11.54 23.76
C LYS X 60 -72.67 -10.45 22.69
N SER X 61 -72.38 -10.83 21.45
CA SER X 61 -72.30 -9.87 20.36
C SER X 61 -73.65 -9.23 20.02
N GLY X 62 -74.75 -9.76 20.54
CA GLY X 62 -76.08 -9.32 20.17
C GLY X 62 -76.72 -10.13 19.07
N ILE X 63 -75.95 -11.02 18.44
CA ILE X 63 -76.49 -11.89 17.40
C ILE X 63 -77.33 -12.98 18.04
N GLU X 64 -78.54 -13.19 17.54
CA GLU X 64 -79.38 -14.28 18.02
C GLU X 64 -78.99 -15.57 17.31
N ARG X 65 -78.86 -16.65 18.09
CA ARG X 65 -78.50 -17.96 17.56
C ARG X 65 -79.63 -18.94 17.83
N VAL X 66 -80.05 -19.66 16.81
CA VAL X 66 -81.10 -20.67 16.94
C VAL X 66 -80.55 -22.00 16.44
N GLU X 67 -81.02 -23.09 17.05
CA GLU X 67 -80.60 -24.43 16.66
C GLU X 67 -81.76 -25.39 16.76
N ILE X 68 -81.84 -26.30 15.80
CA ILE X 68 -82.72 -27.46 15.86
C ILE X 68 -81.82 -28.67 15.73
N ARG X 69 -81.65 -29.42 16.82
CA ARG X 69 -80.69 -30.52 16.89
C ARG X 69 -81.43 -31.85 16.90
N VAL X 70 -81.16 -32.69 15.90
CA VAL X 70 -81.72 -34.04 15.80
C VAL X 70 -80.62 -35.03 16.16
N GLU X 71 -80.89 -35.89 17.14
CA GLU X 71 -79.93 -36.89 17.60
C GLU X 71 -80.55 -38.27 17.47
N VAL X 72 -79.83 -39.18 16.83
CA VAL X 72 -80.28 -40.55 16.62
C VAL X 72 -79.24 -41.49 17.24
N PRO X 73 -79.51 -42.01 18.44
CA PRO X 73 -78.61 -43.02 19.01
C PRO X 73 -78.71 -44.34 18.28
N VAL X 74 -77.57 -45.01 18.13
CA VAL X 74 -77.49 -46.35 17.54
C VAL X 74 -76.91 -47.29 18.59
N MET X 75 -77.61 -48.39 18.82
CA MET X 75 -77.25 -49.29 19.90
C MET X 75 -76.19 -50.30 19.45
N GLU X 76 -75.39 -50.76 20.41
CA GLU X 76 -74.55 -51.92 20.19
C GLU X 76 -75.41 -53.17 20.05
N ALA X 77 -74.84 -54.19 19.41
CA ALA X 77 -75.53 -55.47 19.24
C ALA X 77 -75.14 -56.39 20.38
N VAL X 78 -76.11 -56.74 21.23
CA VAL X 78 -75.86 -57.67 22.32
C VAL X 78 -75.81 -59.08 21.76
N SER X 79 -74.71 -59.78 22.01
CA SER X 79 -74.53 -61.14 21.53
C SER X 79 -73.87 -61.97 22.62
N GLY X 80 -74.34 -63.20 22.79
CA GLY X 80 -73.71 -64.12 23.73
C GLY X 80 -73.70 -63.57 25.15
N GLN X 81 -72.54 -63.69 25.80
CA GLN X 81 -72.36 -63.25 27.17
C GLN X 81 -70.99 -62.61 27.34
N ASN X 82 -70.87 -61.79 28.39
CA ASN X 82 -69.62 -61.13 28.69
C ASN X 82 -68.74 -62.05 29.54
N ALA X 83 -67.58 -61.52 29.93
CA ALA X 83 -66.61 -62.31 30.68
C ALA X 83 -67.11 -62.71 32.07
N PHE X 84 -68.19 -62.10 32.55
CA PHE X 84 -68.73 -62.45 33.86
C PHE X 84 -69.82 -63.51 33.79
N GLY X 85 -70.24 -63.92 32.59
CA GLY X 85 -71.25 -64.94 32.45
C GLY X 85 -72.67 -64.44 32.35
N TYR X 86 -72.87 -63.15 32.08
CA TYR X 86 -74.19 -62.56 31.99
C TYR X 86 -74.40 -61.96 30.61
N THR X 87 -75.67 -61.86 30.21
CA THR X 87 -76.03 -61.09 29.02
C THR X 87 -75.72 -59.61 29.27
N ALA X 88 -75.10 -58.97 28.28
CA ALA X 88 -74.70 -57.59 28.45
C ALA X 88 -75.89 -56.65 28.48
N ALA X 89 -75.74 -55.54 29.19
CA ALA X 89 -76.76 -54.50 29.23
C ALA X 89 -76.75 -53.69 27.93
N PRO X 90 -77.87 -53.08 27.58
CA PRO X 90 -77.88 -52.20 26.41
C PRO X 90 -76.83 -51.10 26.54
N LYS X 91 -76.17 -50.80 25.42
CA LYS X 91 -75.15 -49.76 25.39
C LYS X 91 -75.23 -49.03 24.06
N VAL X 92 -75.14 -47.71 24.12
CA VAL X 92 -75.17 -46.88 22.93
C VAL X 92 -73.82 -46.96 22.23
N ALA X 93 -73.83 -47.36 20.96
CA ALA X 93 -72.59 -47.41 20.20
C ALA X 93 -72.11 -46.01 19.83
N PHE X 94 -73.00 -45.20 19.25
CA PHE X 94 -72.69 -43.82 18.90
C PHE X 94 -74.01 -43.09 18.68
N THR X 95 -73.93 -41.77 18.69
CA THR X 95 -75.10 -40.94 18.44
C THR X 95 -74.82 -40.02 17.27
N ASP X 96 -75.56 -40.18 16.19
CA ASP X 96 -75.46 -39.27 15.06
C ASP X 96 -76.25 -38.00 15.37
N SER X 97 -75.71 -36.86 14.97
CA SER X 97 -76.29 -35.56 15.24
C SER X 97 -76.31 -34.72 13.96
N GLY X 98 -77.50 -34.27 13.60
CA GLY X 98 -77.66 -33.34 12.50
C GLY X 98 -78.55 -32.20 12.94
N SER X 99 -78.11 -30.96 12.74
CA SER X 99 -78.78 -29.79 13.28
C SER X 99 -78.81 -28.67 12.25
N PHE X 100 -79.83 -27.83 12.38
CA PHE X 100 -79.86 -26.52 11.72
C PHE X 100 -79.36 -25.49 12.72
N VAL X 101 -78.50 -24.59 12.27
CA VAL X 101 -77.96 -23.53 13.12
C VAL X 101 -78.09 -22.21 12.38
N GLY X 102 -78.81 -21.28 12.98
CA GLY X 102 -79.00 -19.95 12.40
C GLY X 102 -78.35 -18.88 13.25
N TYR X 103 -77.70 -17.93 12.58
CA TYR X 103 -77.16 -16.74 13.21
C TYR X 103 -77.78 -15.53 12.54
N PHE X 104 -78.48 -14.71 13.31
CA PHE X 104 -79.23 -13.58 12.76
C PHE X 104 -78.96 -12.32 13.55
N SER X 105 -78.85 -11.20 12.84
CA SER X 105 -78.76 -9.90 13.50
C SER X 105 -80.12 -9.51 14.09
N GLU X 106 -80.07 -8.60 15.06
CA GLU X 106 -81.32 -8.06 15.61
C GLU X 106 -82.16 -7.41 14.52
N ARG X 107 -81.52 -6.84 13.50
CA ARG X 107 -82.23 -6.14 12.43
C ARG X 107 -82.92 -7.08 11.45
N SER X 108 -82.51 -8.36 11.41
CA SER X 108 -83.12 -9.29 10.47
C SER X 108 -84.59 -9.51 10.83
N ALA X 109 -85.42 -9.60 9.80
CA ALA X 109 -86.86 -9.71 9.96
C ALA X 109 -87.31 -11.14 9.72
N GLN X 110 -88.59 -11.39 10.03
CA GLN X 110 -89.18 -12.69 9.78
C GLN X 110 -88.97 -13.12 8.33
N SER X 111 -89.16 -12.18 7.40
CA SER X 111 -88.99 -12.51 5.99
C SER X 111 -87.52 -12.82 5.66
N ASN X 112 -86.59 -12.09 6.27
CA ASN X 112 -85.17 -12.35 6.03
C ASN X 112 -84.76 -13.74 6.49
N ARG X 113 -85.14 -14.09 7.71
CA ARG X 113 -84.76 -15.39 8.28
C ARG X 113 -85.43 -16.54 7.53
N ARG X 114 -86.71 -16.37 7.18
CA ARG X 114 -87.41 -17.40 6.41
C ARG X 114 -86.75 -17.59 5.05
N LEU X 115 -86.26 -16.50 4.45
CA LEU X 115 -85.66 -16.59 3.12
C LEU X 115 -84.42 -17.47 3.14
N VAL X 116 -83.55 -17.28 4.12
CA VAL X 116 -82.34 -18.09 4.23
C VAL X 116 -82.70 -19.53 4.56
N LYS X 117 -83.68 -19.73 5.46
CA LYS X 117 -84.06 -21.07 5.87
C LYS X 117 -84.32 -21.96 4.66
N GLN X 118 -85.18 -21.50 3.75
CA GLN X 118 -85.62 -22.37 2.66
C GLN X 118 -84.51 -22.68 1.66
N ILE X 119 -83.53 -21.77 1.51
CA ILE X 119 -82.37 -22.08 0.68
C ILE X 119 -81.69 -23.34 1.19
N LEU X 120 -81.45 -23.41 2.50
CA LEU X 120 -80.80 -24.57 3.08
C LEU X 120 -81.68 -25.82 2.93
N THR X 121 -82.97 -25.70 3.25
CA THR X 121 -83.87 -26.84 3.15
C THR X 121 -83.87 -27.40 1.73
N ASN X 122 -83.94 -26.53 0.73
CA ASN X 122 -83.94 -27.01 -0.65
C ASN X 122 -82.61 -27.65 -1.00
N LEU X 123 -81.50 -27.05 -0.57
CA LEU X 123 -80.19 -27.66 -0.80
C LEU X 123 -80.13 -29.06 -0.20
N LEU X 124 -80.63 -29.22 1.03
CA LEU X 124 -80.59 -30.52 1.69
C LEU X 124 -81.48 -31.54 0.99
N GLY X 125 -82.54 -31.08 0.33
CA GLY X 125 -83.44 -31.96 -0.37
C GLY X 125 -83.13 -32.14 -1.83
N ASN X 126 -82.03 -31.56 -2.31
CA ASN X 126 -81.63 -31.64 -3.72
C ASN X 126 -82.73 -31.08 -4.63
N VAL X 127 -83.37 -30.01 -4.18
CA VAL X 127 -84.50 -29.41 -4.88
C VAL X 127 -84.04 -28.13 -5.56
N SER X 128 -84.10 -28.12 -6.88
CA SER X 128 -83.75 -26.95 -7.67
C SER X 128 -84.96 -26.17 -8.14
N THR X 129 -86.17 -26.60 -7.79
CA THR X 129 -87.39 -25.92 -8.20
C THR X 129 -87.91 -25.03 -7.08
N SER X 130 -89.05 -24.40 -7.32
CA SER X 130 -89.63 -23.46 -6.36
C SER X 130 -90.45 -24.19 -5.31
N VAL X 131 -90.18 -23.88 -4.05
CA VAL X 131 -90.87 -24.49 -2.91
C VAL X 131 -91.25 -23.39 -1.94
N ALA X 132 -92.51 -23.38 -1.51
CA ALA X 132 -92.97 -22.37 -0.58
C ALA X 132 -92.43 -22.61 0.81
N ALA X 133 -91.91 -21.56 1.42
CA ALA X 133 -91.32 -21.70 2.74
C ALA X 133 -92.42 -21.81 3.78
N PRO X 134 -92.37 -22.79 4.68
CA PRO X 134 -93.42 -22.92 5.69
C PRO X 134 -93.48 -21.70 6.59
N THR X 135 -94.71 -21.27 6.90
CA THR X 135 -94.94 -20.18 7.83
C THR X 135 -95.56 -20.65 9.14
N THR X 136 -95.73 -21.95 9.31
CA THR X 136 -96.24 -22.54 10.55
C THR X 136 -95.37 -23.73 10.93
N GLY X 137 -95.59 -24.25 12.12
CA GLY X 137 -94.79 -25.34 12.63
C GLY X 137 -93.70 -24.84 13.56
N PHE X 138 -93.20 -25.77 14.40
CA PHE X 138 -92.25 -25.38 15.42
C PHE X 138 -90.94 -24.89 14.82
N ALA X 139 -90.51 -25.48 13.69
CA ALA X 139 -89.27 -25.05 13.06
C ALA X 139 -89.41 -23.63 12.53
N SER X 140 -90.52 -23.33 11.84
CA SER X 140 -90.74 -21.98 11.34
C SER X 140 -90.85 -20.98 12.48
N GLU X 141 -91.52 -21.35 13.57
CA GLU X 141 -91.64 -20.43 14.69
C GLU X 141 -90.29 -20.11 15.30
N LEU X 142 -89.38 -21.10 15.34
CA LEU X 142 -88.07 -20.87 15.92
C LEU X 142 -87.16 -20.09 14.97
N ILE X 143 -87.03 -20.54 13.73
CA ILE X 143 -86.06 -19.95 12.82
C ILE X 143 -86.58 -18.62 12.29
N ASP X 144 -87.83 -18.56 11.82
CA ASP X 144 -88.35 -17.34 11.24
C ASP X 144 -88.60 -16.27 12.30
N SER X 145 -89.19 -16.66 13.43
CA SER X 145 -89.74 -15.69 14.37
C SER X 145 -89.09 -15.71 15.76
N GLY X 146 -88.12 -16.59 16.00
CA GLY X 146 -87.47 -16.61 17.30
C GLY X 146 -88.33 -17.11 18.43
N ILE X 147 -89.30 -17.98 18.15
CA ILE X 147 -90.25 -18.47 19.12
C ILE X 147 -89.84 -19.87 19.58
N THR X 148 -89.88 -20.09 20.89
CA THR X 148 -89.68 -21.40 21.48
C THR X 148 -91.03 -21.97 21.93
N ALA X 149 -91.15 -23.29 21.88
CA ALA X 149 -92.41 -23.94 22.24
C ALA X 149 -92.71 -23.76 23.73
N SER X 150 -93.93 -24.11 24.11
CA SER X 150 -94.38 -23.97 25.50
C SER X 150 -95.35 -25.08 25.94
N SER Y 1 -43.79 6.31 -34.46
CA SER Y 1 -43.03 5.99 -33.26
C SER Y 1 -42.87 7.19 -32.32
N SER Y 2 -43.44 8.33 -32.70
CA SER Y 2 -43.58 9.45 -31.78
C SER Y 2 -45.02 9.55 -31.30
N GLN Y 3 -45.22 10.30 -30.22
CA GLN Y 3 -46.53 10.32 -29.56
C GLN Y 3 -47.58 10.98 -30.43
N ALA Y 4 -48.77 10.38 -30.47
CA ALA Y 4 -49.91 10.93 -31.18
C ALA Y 4 -51.18 10.58 -30.41
N ASN Y 5 -52.30 11.17 -30.84
CA ASN Y 5 -53.57 10.91 -30.20
C ASN Y 5 -53.96 9.44 -30.31
N ILE Y 6 -54.71 8.97 -29.32
CA ILE Y 6 -55.22 7.60 -29.28
C ILE Y 6 -56.73 7.68 -29.14
N THR Y 7 -57.45 6.99 -30.03
CA THR Y 7 -58.90 6.90 -29.97
C THR Y 7 -59.27 5.45 -29.65
N VAL Y 8 -59.95 5.24 -28.51
CA VAL Y 8 -60.30 3.91 -28.04
C VAL Y 8 -61.70 3.93 -27.47
N PHE Y 9 -62.49 2.91 -27.80
CA PHE Y 9 -63.79 2.70 -27.16
C PHE Y 9 -63.60 1.84 -25.92
N ASP Y 10 -64.38 2.13 -24.88
CA ASP Y 10 -64.27 1.40 -23.62
C ASP Y 10 -65.19 0.18 -23.65
N GLY Y 11 -65.41 -0.43 -22.50
CA GLY Y 11 -66.21 -1.63 -22.41
C GLY Y 11 -67.52 -1.44 -21.67
N ALA Y 12 -68.08 -0.24 -21.74
CA ALA Y 12 -69.41 -0.02 -21.19
C ALA Y 12 -70.44 -0.83 -21.96
N ALA Y 13 -71.63 -0.95 -21.37
CA ALA Y 13 -72.71 -1.69 -22.03
C ALA Y 13 -72.97 -1.12 -23.42
N THR Y 14 -73.09 0.20 -23.53
CA THR Y 14 -72.96 0.91 -24.80
C THR Y 14 -71.59 1.57 -24.81
N PRO Y 15 -70.61 1.03 -25.54
CA PRO Y 15 -69.23 1.54 -25.41
C PRO Y 15 -69.10 2.99 -25.85
N VAL Y 16 -68.20 3.69 -25.16
CA VAL Y 16 -67.97 5.13 -25.31
C VAL Y 16 -66.57 5.36 -25.83
N SER Y 17 -66.42 6.24 -26.82
CA SER Y 17 -65.10 6.56 -27.35
C SER Y 17 -64.37 7.54 -26.44
N HIS Y 18 -63.06 7.37 -26.34
CA HIS Y 18 -62.20 8.25 -25.57
C HIS Y 18 -61.03 8.67 -26.46
N VAL Y 19 -60.68 9.96 -26.41
CA VAL Y 19 -59.52 10.47 -27.12
C VAL Y 19 -58.47 10.80 -26.08
N LEU Y 20 -57.35 10.07 -26.12
CA LEU Y 20 -56.24 10.27 -25.21
C LEU Y 20 -55.17 11.09 -25.91
N VAL Y 21 -54.85 12.25 -25.34
CA VAL Y 21 -53.87 13.18 -25.90
C VAL Y 21 -52.50 12.84 -25.31
N PRO Y 22 -51.41 13.01 -26.04
CA PRO Y 22 -50.09 12.80 -25.43
C PRO Y 22 -49.88 13.74 -24.26
N LEU Y 23 -49.28 13.22 -23.20
CA LEU Y 23 -49.08 13.95 -21.95
C LEU Y 23 -47.62 14.20 -21.62
N GLY Y 24 -46.72 13.34 -22.06
CA GLY Y 24 -45.31 13.57 -21.83
C GLY Y 24 -44.54 12.27 -21.92
N VAL Y 25 -43.21 12.41 -21.97
CA VAL Y 25 -42.28 11.31 -21.95
C VAL Y 25 -41.20 11.61 -20.93
N GLY Y 26 -40.69 10.57 -20.28
CA GLY Y 26 -39.64 10.75 -19.31
C GLY Y 26 -38.91 9.46 -19.00
N ILE Y 27 -37.90 9.57 -18.15
CA ILE Y 27 -37.18 8.43 -17.60
C ILE Y 27 -37.39 8.43 -16.09
N ASP Y 28 -37.67 7.26 -15.53
CA ASP Y 28 -37.90 7.09 -14.10
C ASP Y 28 -36.83 6.18 -13.52
N GLU Y 29 -36.45 6.48 -12.28
CA GLU Y 29 -35.46 5.66 -11.59
C GLU Y 29 -35.93 4.21 -11.47
N ASN Y 30 -37.19 4.00 -11.08
CA ASN Y 30 -37.71 2.68 -10.78
C ASN Y 30 -38.61 2.11 -11.87
N LEU Y 31 -39.12 2.94 -12.78
CA LEU Y 31 -40.06 2.49 -13.79
C LEU Y 31 -39.45 2.30 -15.17
N GLY Y 32 -38.41 3.06 -15.51
CA GLY Y 32 -37.77 2.95 -16.81
C GLY Y 32 -38.25 4.01 -17.78
N SER Y 33 -38.30 3.68 -19.07
CA SER Y 33 -38.82 4.62 -20.06
C SER Y 33 -40.34 4.69 -19.97
N VAL Y 34 -40.86 5.89 -19.74
CA VAL Y 34 -42.28 6.10 -19.50
C VAL Y 34 -42.84 7.04 -20.56
N ALA Y 35 -44.02 6.70 -21.08
CA ALA Y 35 -44.80 7.57 -21.96
C ALA Y 35 -46.23 7.63 -21.44
N LYS Y 36 -46.81 8.83 -21.46
CA LYS Y 36 -48.10 9.08 -20.83
C LYS Y 36 -49.08 9.69 -21.82
N TRP Y 37 -50.31 9.20 -21.79
CA TRP Y 37 -51.44 9.77 -22.49
C TRP Y 37 -52.55 10.06 -21.48
N ARG Y 38 -53.55 10.84 -21.90
CA ARG Y 38 -54.60 11.26 -21.00
C ARG Y 38 -55.73 11.89 -21.79
N GLU Y 39 -56.96 11.61 -21.35
CA GLU Y 39 -58.13 12.28 -21.90
C GLU Y 39 -58.18 13.73 -21.44
N ASN Y 40 -59.00 14.53 -22.12
CA ASN Y 40 -59.12 15.95 -21.81
C ASN Y 40 -60.56 16.37 -21.63
N LEU Y 41 -61.35 15.51 -20.97
CA LEU Y 41 -62.76 15.83 -20.79
C LEU Y 41 -62.92 17.04 -19.88
N ALA Y 42 -63.88 17.89 -20.22
CA ALA Y 42 -64.29 18.98 -19.34
C ALA Y 42 -65.15 18.51 -18.18
N THR Y 43 -65.48 17.20 -18.12
CA THR Y 43 -66.43 16.73 -17.11
C THR Y 43 -65.77 16.62 -15.74
N VAL Y 44 -64.49 16.24 -15.73
CA VAL Y 44 -63.74 15.96 -14.51
C VAL Y 44 -62.55 16.90 -14.48
N PRO Y 45 -61.89 17.08 -13.34
CA PRO Y 45 -60.64 17.83 -13.31
C PRO Y 45 -59.54 17.08 -14.04
N LEU Y 46 -58.41 17.77 -14.23
CA LEU Y 46 -57.36 17.22 -15.08
C LEU Y 46 -56.84 15.87 -14.56
N TYR Y 47 -56.60 15.79 -13.25
CA TYR Y 47 -56.03 14.57 -12.69
C TYR Y 47 -56.96 13.38 -12.77
N ALA Y 48 -58.27 13.59 -12.94
CA ALA Y 48 -59.26 12.53 -12.87
C ALA Y 48 -59.61 11.93 -14.23
N ASN Y 49 -58.87 12.28 -15.28
CA ASN Y 49 -59.15 11.77 -16.62
C ASN Y 49 -58.62 10.35 -16.80
N VAL Y 50 -59.28 9.61 -17.71
CA VAL Y 50 -58.77 8.31 -18.14
C VAL Y 50 -57.37 8.48 -18.70
N ARG Y 51 -56.45 7.62 -18.27
CA ARG Y 51 -55.06 7.75 -18.67
C ARG Y 51 -54.50 6.42 -19.15
N VAL Y 52 -53.50 6.50 -20.02
CA VAL Y 52 -52.76 5.34 -20.52
C VAL Y 52 -51.28 5.64 -20.36
N THR Y 53 -50.52 4.65 -19.89
CA THR Y 53 -49.11 4.81 -19.64
C THR Y 53 -48.36 3.56 -20.06
N THR Y 54 -47.20 3.72 -20.69
CA THR Y 54 -46.33 2.62 -21.03
C THR Y 54 -45.02 2.71 -20.24
N MET Y 55 -44.52 1.56 -19.83
CA MET Y 55 -43.26 1.45 -19.12
C MET Y 55 -42.38 0.40 -19.79
N GLN Y 56 -41.09 0.73 -19.92
CA GLN Y 56 -40.09 -0.18 -20.47
C GLN Y 56 -38.88 -0.14 -19.56
N LYS Y 57 -38.58 -1.26 -18.91
CA LYS Y 57 -37.52 -1.32 -17.91
C LYS Y 57 -36.69 -2.57 -18.14
N LYS Y 58 -35.37 -2.38 -18.27
CA LYS Y 58 -34.46 -3.51 -18.40
C LYS Y 58 -34.18 -4.10 -17.02
N LEU Y 59 -34.33 -5.41 -16.90
CA LEU Y 59 -34.05 -6.10 -15.65
C LEU Y 59 -32.73 -6.85 -15.76
N LYS Y 60 -32.41 -7.58 -14.71
CA LYS Y 60 -31.21 -8.41 -14.69
C LYS Y 60 -31.43 -9.66 -15.54
N SER Y 61 -30.31 -10.26 -15.96
CA SER Y 61 -30.32 -11.47 -16.77
C SER Y 61 -30.97 -11.25 -18.13
N GLY Y 62 -30.85 -10.04 -18.67
CA GLY Y 62 -31.25 -9.77 -20.04
C GLY Y 62 -32.73 -9.98 -20.30
N ILE Y 63 -33.58 -9.53 -19.38
CA ILE Y 63 -35.02 -9.60 -19.52
C ILE Y 63 -35.56 -8.18 -19.36
N GLU Y 64 -36.43 -7.77 -20.28
CA GLU Y 64 -37.05 -6.46 -20.17
C GLU Y 64 -38.52 -6.64 -19.81
N ARG Y 65 -39.01 -5.75 -18.96
CA ARG Y 65 -40.40 -5.73 -18.56
C ARG Y 65 -41.10 -4.60 -19.30
N VAL Y 66 -42.26 -4.89 -19.87
CA VAL Y 66 -43.01 -3.97 -20.71
C VAL Y 66 -44.43 -3.91 -20.19
N GLU Y 67 -44.95 -2.69 -19.99
CA GLU Y 67 -46.31 -2.53 -19.47
C GLU Y 67 -47.06 -1.46 -20.26
N ILE Y 68 -48.33 -1.74 -20.52
CA ILE Y 68 -49.29 -0.74 -20.98
C ILE Y 68 -50.38 -0.68 -19.91
N ARG Y 69 -50.41 0.39 -19.13
CA ARG Y 69 -51.31 0.51 -17.99
C ARG Y 69 -52.46 1.46 -18.31
N VAL Y 70 -53.68 0.95 -18.28
CA VAL Y 70 -54.89 1.75 -18.45
C VAL Y 70 -55.52 1.95 -17.09
N GLU Y 71 -55.66 3.21 -16.68
CA GLU Y 71 -56.28 3.55 -15.40
C GLU Y 71 -57.51 4.41 -15.65
N VAL Y 72 -58.65 3.97 -15.12
CA VAL Y 72 -59.90 4.70 -15.26
C VAL Y 72 -60.36 5.16 -13.89
N PRO Y 73 -60.23 6.46 -13.56
CA PRO Y 73 -60.79 6.96 -12.30
C PRO Y 73 -62.31 7.04 -12.40
N VAL Y 74 -62.98 6.42 -11.44
CA VAL Y 74 -64.44 6.46 -11.32
C VAL Y 74 -64.78 7.48 -10.25
N MET Y 75 -65.57 8.49 -10.62
CA MET Y 75 -65.84 9.60 -9.73
C MET Y 75 -66.99 9.30 -8.79
N GLU Y 76 -66.93 9.91 -7.60
CA GLU Y 76 -68.09 9.92 -6.73
C GLU Y 76 -69.21 10.73 -7.37
N ALA Y 77 -70.44 10.37 -7.07
CA ALA Y 77 -71.61 11.07 -7.59
C ALA Y 77 -71.92 12.25 -6.69
N VAL Y 78 -71.77 13.46 -7.21
CA VAL Y 78 -72.10 14.65 -6.45
C VAL Y 78 -73.62 14.79 -6.41
N SER Y 79 -74.19 14.82 -5.22
CA SER Y 79 -75.63 14.96 -5.03
C SER Y 79 -75.86 15.90 -3.85
N GLY Y 80 -76.78 16.85 -4.02
CA GLY Y 80 -77.09 17.81 -2.98
C GLY Y 80 -75.86 18.57 -2.50
N GLN Y 81 -75.95 19.04 -1.27
CA GLN Y 81 -74.92 19.83 -0.62
C GLN Y 81 -74.27 19.05 0.51
N ASN Y 82 -73.06 19.47 0.86
CA ASN Y 82 -72.36 18.88 2.00
C ASN Y 82 -72.81 19.57 3.29
N ALA Y 83 -72.19 19.16 4.40
CA ALA Y 83 -72.56 19.70 5.71
C ALA Y 83 -72.25 21.18 5.85
N PHE Y 84 -71.54 21.78 4.90
CA PHE Y 84 -71.21 23.20 4.96
C PHE Y 84 -72.13 24.05 4.08
N GLY Y 85 -73.04 23.44 3.33
CA GLY Y 85 -73.95 24.18 2.49
C GLY Y 85 -73.47 24.45 1.09
N TYR Y 86 -72.39 23.80 0.66
CA TYR Y 86 -71.84 23.97 -0.69
C TYR Y 86 -71.99 22.67 -1.48
N THR Y 87 -72.04 22.80 -2.80
CA THR Y 87 -71.96 21.63 -3.66
C THR Y 87 -70.57 21.00 -3.55
N ALA Y 88 -70.52 19.69 -3.40
CA ALA Y 88 -69.26 19.01 -3.15
C ALA Y 88 -68.31 19.13 -4.33
N ALA Y 89 -67.02 19.21 -4.02
CA ALA Y 89 -66.01 19.19 -5.07
C ALA Y 89 -65.92 17.79 -5.66
N PRO Y 90 -65.55 17.67 -6.94
CA PRO Y 90 -65.37 16.34 -7.53
C PRO Y 90 -64.30 15.55 -6.79
N LYS Y 91 -64.59 14.27 -6.54
CA LYS Y 91 -63.69 13.40 -5.80
C LYS Y 91 -63.66 12.02 -6.46
N VAL Y 92 -62.46 11.46 -6.56
CA VAL Y 92 -62.30 10.13 -7.14
C VAL Y 92 -62.77 9.09 -6.13
N ALA Y 93 -63.71 8.23 -6.55
CA ALA Y 93 -64.19 7.17 -5.67
C ALA Y 93 -63.20 6.03 -5.61
N PHE Y 94 -62.79 5.53 -6.77
CA PHE Y 94 -61.77 4.50 -6.88
C PHE Y 94 -61.22 4.55 -8.29
N THR Y 95 -60.05 3.94 -8.47
CA THR Y 95 -59.40 3.89 -9.78
C THR Y 95 -59.21 2.43 -10.18
N ASP Y 96 -59.80 2.05 -11.31
CA ASP Y 96 -59.62 0.71 -11.86
C ASP Y 96 -58.40 0.69 -12.77
N SER Y 97 -57.62 -0.38 -12.68
CA SER Y 97 -56.36 -0.49 -13.41
C SER Y 97 -56.33 -1.82 -14.15
N GLY Y 98 -56.27 -1.76 -15.47
CA GLY Y 98 -56.04 -2.94 -16.29
C GLY Y 98 -54.86 -2.73 -17.19
N SER Y 99 -53.91 -3.66 -17.20
CA SER Y 99 -52.67 -3.42 -17.93
C SER Y 99 -52.21 -4.68 -18.63
N PHE Y 100 -51.44 -4.49 -19.71
CA PHE Y 100 -50.64 -5.55 -20.30
C PHE Y 100 -49.27 -5.52 -19.65
N VAL Y 101 -48.75 -6.69 -19.28
CA VAL Y 101 -47.42 -6.80 -18.70
C VAL Y 101 -46.68 -7.90 -19.43
N GLY Y 102 -45.59 -7.54 -20.11
CA GLY Y 102 -44.78 -8.50 -20.84
C GLY Y 102 -43.39 -8.60 -20.24
N TYR Y 103 -42.90 -9.83 -20.14
CA TYR Y 103 -41.51 -10.12 -19.79
C TYR Y 103 -40.89 -10.85 -20.96
N PHE Y 104 -39.92 -10.23 -21.61
CA PHE Y 104 -39.31 -10.78 -22.81
C PHE Y 104 -37.80 -10.84 -22.66
N SER Y 105 -37.22 -11.95 -23.10
CA SER Y 105 -35.77 -12.06 -23.16
C SER Y 105 -35.21 -11.19 -24.28
N GLU Y 106 -33.98 -10.72 -24.10
CA GLU Y 106 -33.30 -10.00 -25.17
C GLU Y 106 -33.14 -10.86 -26.42
N ARG Y 107 -33.24 -12.18 -26.29
CA ARG Y 107 -33.10 -13.11 -27.40
C ARG Y 107 -34.37 -13.26 -28.23
N SER Y 108 -35.53 -12.84 -27.73
CA SER Y 108 -36.75 -12.98 -28.50
C SER Y 108 -36.78 -11.96 -29.63
N ALA Y 109 -37.38 -12.37 -30.75
CA ALA Y 109 -37.49 -11.55 -31.94
C ALA Y 109 -38.85 -10.88 -31.99
N GLN Y 110 -38.97 -9.91 -32.91
CA GLN Y 110 -40.25 -9.25 -33.14
C GLN Y 110 -41.36 -10.26 -33.34
N SER Y 111 -41.09 -11.31 -34.12
CA SER Y 111 -42.10 -12.32 -34.42
C SER Y 111 -42.54 -13.07 -33.17
N ASN Y 112 -41.59 -13.43 -32.31
CA ASN Y 112 -41.92 -14.16 -31.08
C ASN Y 112 -42.84 -13.33 -30.20
N ARG Y 113 -42.50 -12.05 -30.01
CA ARG Y 113 -43.29 -11.20 -29.12
C ARG Y 113 -44.66 -10.93 -29.69
N ARG Y 114 -44.74 -10.64 -30.99
CA ARG Y 114 -46.04 -10.42 -31.64
C ARG Y 114 -46.92 -11.66 -31.53
N LEU Y 115 -46.32 -12.85 -31.57
CA LEU Y 115 -47.09 -14.08 -31.50
C LEU Y 115 -47.77 -14.22 -30.14
N VAL Y 116 -47.03 -13.99 -29.06
CA VAL Y 116 -47.61 -14.08 -27.72
C VAL Y 116 -48.69 -13.02 -27.54
N LYS Y 117 -48.41 -11.80 -28.01
CA LYS Y 117 -49.34 -10.68 -27.81
C LYS Y 117 -50.76 -11.05 -28.24
N GLN Y 118 -50.90 -11.59 -29.46
CA GLN Y 118 -52.23 -11.81 -30.00
C GLN Y 118 -52.97 -12.93 -29.27
N ILE Y 119 -52.26 -13.93 -28.73
CA ILE Y 119 -52.92 -14.96 -27.93
C ILE Y 119 -53.69 -14.32 -26.80
N LEU Y 120 -53.00 -13.49 -26.00
CA LEU Y 120 -53.66 -12.80 -24.90
C LEU Y 120 -54.81 -11.94 -25.40
N THR Y 121 -54.58 -11.16 -26.46
CA THR Y 121 -55.64 -10.30 -26.99
C THR Y 121 -56.87 -11.10 -27.37
N ASN Y 122 -56.68 -12.22 -28.06
CA ASN Y 122 -57.81 -13.05 -28.44
C ASN Y 122 -58.49 -13.65 -27.22
N LEU Y 123 -57.71 -14.02 -26.21
CA LEU Y 123 -58.30 -14.54 -24.98
C LEU Y 123 -59.18 -13.49 -24.31
N LEU Y 124 -58.70 -12.25 -24.24
CA LEU Y 124 -59.48 -11.19 -23.61
C LEU Y 124 -60.74 -10.86 -24.40
N GLY Y 125 -60.71 -11.06 -25.71
CA GLY Y 125 -61.86 -10.79 -26.55
C GLY Y 125 -62.80 -11.97 -26.72
N ASN Y 126 -62.51 -13.09 -26.05
CA ASN Y 126 -63.29 -14.32 -26.16
C ASN Y 126 -63.40 -14.77 -27.62
N VAL Y 127 -62.27 -14.72 -28.33
CA VAL Y 127 -62.21 -14.99 -29.76
C VAL Y 127 -61.44 -16.29 -29.98
N SER Y 128 -62.10 -17.27 -30.58
CA SER Y 128 -61.48 -18.54 -30.88
C SER Y 128 -61.14 -18.72 -32.36
N THR Y 129 -61.37 -17.69 -33.19
CA THR Y 129 -61.08 -17.75 -34.60
C THR Y 129 -59.77 -17.02 -34.89
N SER Y 130 -59.39 -17.00 -36.17
CA SER Y 130 -58.13 -16.39 -36.59
C SER Y 130 -58.29 -14.88 -36.69
N VAL Y 131 -57.35 -14.17 -36.07
CA VAL Y 131 -57.31 -12.71 -36.10
C VAL Y 131 -55.87 -12.29 -36.37
N ALA Y 132 -55.70 -11.34 -37.30
CA ALA Y 132 -54.38 -10.90 -37.70
C ALA Y 132 -53.78 -9.99 -36.63
N ALA Y 133 -52.54 -10.26 -36.25
CA ALA Y 133 -51.86 -9.46 -35.23
C ALA Y 133 -51.45 -8.12 -35.80
N PRO Y 134 -51.75 -7.01 -35.13
CA PRO Y 134 -51.35 -5.69 -35.64
C PRO Y 134 -49.84 -5.55 -35.69
N THR Y 135 -49.36 -4.84 -36.71
CA THR Y 135 -47.95 -4.55 -36.87
C THR Y 135 -47.64 -3.06 -36.74
N THR Y 136 -48.64 -2.23 -36.45
CA THR Y 136 -48.47 -0.80 -36.22
C THR Y 136 -49.25 -0.39 -34.98
N GLY Y 137 -49.06 0.86 -34.58
CA GLY Y 137 -49.67 1.37 -33.38
C GLY Y 137 -48.71 1.34 -32.20
N PHE Y 138 -49.01 2.17 -31.19
CA PHE Y 138 -48.09 2.29 -30.07
C PHE Y 138 -47.97 0.99 -29.29
N ALA Y 139 -49.04 0.21 -29.22
CA ALA Y 139 -49.00 -1.08 -28.53
C ALA Y 139 -48.08 -2.06 -29.25
N SER Y 140 -48.20 -2.13 -30.58
CA SER Y 140 -47.32 -3.02 -31.33
C SER Y 140 -45.86 -2.58 -31.24
N GLU Y 141 -45.63 -1.26 -31.35
CA GLU Y 141 -44.25 -0.76 -31.26
C GLU Y 141 -43.63 -1.12 -29.92
N LEU Y 142 -44.42 -1.07 -28.85
CA LEU Y 142 -43.90 -1.37 -27.53
C LEU Y 142 -43.74 -2.88 -27.31
N ILE Y 143 -44.82 -3.64 -27.51
CA ILE Y 143 -44.80 -5.06 -27.18
C ILE Y 143 -43.98 -5.84 -28.20
N ASP Y 144 -44.24 -5.61 -29.49
CA ASP Y 144 -43.56 -6.41 -30.51
C ASP Y 144 -42.09 -6.02 -30.64
N SER Y 145 -41.78 -4.73 -30.53
CA SER Y 145 -40.48 -4.22 -30.94
C SER Y 145 -39.73 -3.46 -29.86
N GLY Y 146 -40.25 -3.39 -28.64
CA GLY Y 146 -39.52 -2.70 -27.58
C GLY Y 146 -39.29 -1.23 -27.86
N ILE Y 147 -40.28 -0.57 -28.45
CA ILE Y 147 -40.17 0.84 -28.82
C ILE Y 147 -41.07 1.66 -27.92
N THR Y 148 -40.48 2.67 -27.26
CA THR Y 148 -41.25 3.66 -26.51
C THR Y 148 -41.39 4.93 -27.34
N ALA Y 149 -42.56 5.54 -27.27
CA ALA Y 149 -42.81 6.76 -28.02
C ALA Y 149 -41.81 7.85 -27.62
N SER Y 150 -41.61 8.80 -28.53
CA SER Y 150 -40.64 9.88 -28.31
C SER Y 150 -40.97 11.15 -29.08
N SER Z 1 -34.40 17.10 -36.26
CA SER Z 1 -34.87 17.44 -34.93
C SER Z 1 -35.43 16.22 -34.19
N SER Z 2 -36.64 15.81 -34.54
CA SER Z 2 -37.27 14.65 -33.91
C SER Z 2 -36.87 13.37 -34.63
N GLN Z 3 -37.04 12.25 -33.92
CA GLN Z 3 -36.54 10.97 -34.43
C GLN Z 3 -37.32 10.51 -35.66
N ALA Z 4 -36.58 10.00 -36.64
CA ALA Z 4 -37.17 9.44 -37.85
C ALA Z 4 -36.34 8.24 -38.29
N ASN Z 5 -36.86 7.52 -39.27
CA ASN Z 5 -36.17 6.34 -39.77
C ASN Z 5 -34.86 6.74 -40.46
N ILE Z 6 -33.79 6.03 -40.12
CA ILE Z 6 -32.49 6.20 -40.76
C ILE Z 6 -32.30 5.08 -41.77
N THR Z 7 -31.90 5.44 -42.98
CA THR Z 7 -31.57 4.46 -44.03
C THR Z 7 -30.09 4.59 -44.36
N VAL Z 8 -29.33 3.52 -44.10
CA VAL Z 8 -27.88 3.51 -44.26
C VAL Z 8 -27.46 2.22 -44.96
N PHE Z 9 -26.48 2.32 -45.83
CA PHE Z 9 -25.82 1.14 -46.38
C PHE Z 9 -24.60 0.79 -45.52
N ASP Z 10 -24.32 -0.51 -45.41
CA ASP Z 10 -23.21 -0.96 -44.60
C ASP Z 10 -21.95 -1.07 -45.45
N GLY Z 11 -20.92 -1.73 -44.93
CA GLY Z 11 -19.66 -1.85 -45.63
C GLY Z 11 -19.34 -3.27 -46.04
N ALA Z 12 -20.37 -4.06 -46.32
CA ALA Z 12 -20.15 -5.39 -46.86
C ALA Z 12 -19.54 -5.28 -48.26
N ALA Z 13 -18.97 -6.39 -48.73
CA ALA Z 13 -18.35 -6.39 -50.05
C ALA Z 13 -19.34 -5.95 -51.12
N THR Z 14 -20.59 -6.40 -51.01
CA THR Z 14 -21.72 -5.80 -51.72
C THR Z 14 -22.60 -5.11 -50.70
N PRO Z 15 -22.53 -3.78 -50.58
CA PRO Z 15 -23.21 -3.09 -49.46
C PRO Z 15 -24.71 -3.30 -49.47
N VAL Z 16 -25.27 -3.42 -48.26
CA VAL Z 16 -26.67 -3.73 -48.01
C VAL Z 16 -27.29 -2.57 -47.24
N SER Z 17 -28.53 -2.21 -47.58
CA SER Z 17 -29.21 -1.14 -46.90
C SER Z 17 -29.87 -1.64 -45.62
N HIS Z 18 -29.82 -0.81 -44.57
CA HIS Z 18 -30.49 -1.07 -43.30
C HIS Z 18 -31.42 0.08 -42.99
N VAL Z 19 -32.61 -0.23 -42.48
CA VAL Z 19 -33.56 0.77 -42.02
C VAL Z 19 -33.63 0.70 -40.51
N LEU Z 20 -33.16 1.76 -39.85
CA LEU Z 20 -33.13 1.84 -38.40
C LEU Z 20 -34.30 2.70 -37.93
N VAL Z 21 -35.21 2.10 -37.16
CA VAL Z 21 -36.40 2.82 -36.68
C VAL Z 21 -36.10 3.39 -35.29
N PRO Z 22 -36.80 4.45 -34.88
CA PRO Z 22 -36.55 5.02 -33.56
C PRO Z 22 -36.98 4.08 -32.45
N LEU Z 23 -36.23 4.14 -31.34
CA LEU Z 23 -36.52 3.39 -30.13
C LEU Z 23 -36.87 4.27 -28.94
N GLY Z 24 -36.45 5.54 -28.95
CA GLY Z 24 -36.78 6.44 -27.86
C GLY Z 24 -35.67 7.39 -27.51
N VAL Z 25 -35.98 8.39 -26.69
CA VAL Z 25 -35.01 9.37 -26.21
C VAL Z 25 -35.22 9.53 -24.72
N GLY Z 26 -34.13 9.80 -24.01
CA GLY Z 26 -34.21 10.06 -22.59
C GLY Z 26 -32.92 10.65 -22.08
N ILE Z 27 -32.93 10.98 -20.79
CA ILE Z 27 -31.78 11.58 -20.13
C ILE Z 27 -31.30 10.63 -19.05
N ASP Z 28 -30.16 9.98 -19.29
CA ASP Z 28 -29.45 9.20 -18.30
C ASP Z 28 -28.48 10.10 -17.54
N GLU Z 29 -28.36 9.88 -16.24
CA GLU Z 29 -27.49 10.74 -15.44
C GLU Z 29 -26.02 10.55 -15.79
N ASN Z 30 -25.63 9.31 -16.11
CA ASN Z 30 -24.25 9.03 -16.49
C ASN Z 30 -23.99 9.30 -17.98
N LEU Z 31 -24.87 8.82 -18.86
CA LEU Z 31 -24.59 8.94 -20.29
C LEU Z 31 -24.93 10.32 -20.83
N GLY Z 32 -25.90 11.01 -20.25
CA GLY Z 32 -26.36 12.29 -20.78
C GLY Z 32 -27.65 12.15 -21.55
N SER Z 33 -27.81 12.94 -22.61
CA SER Z 33 -28.98 12.82 -23.47
C SER Z 33 -28.74 11.70 -24.48
N VAL Z 34 -29.59 10.69 -24.46
CA VAL Z 34 -29.43 9.48 -25.26
C VAL Z 34 -30.61 9.35 -26.21
N ALA Z 35 -30.32 9.05 -27.47
CA ALA Z 35 -31.32 8.73 -28.48
C ALA Z 35 -30.94 7.41 -29.14
N LYS Z 36 -31.92 6.52 -29.33
CA LYS Z 36 -31.66 5.17 -29.78
C LYS Z 36 -32.43 4.87 -31.07
N TRP Z 37 -31.77 4.15 -31.97
CA TRP Z 37 -32.39 3.61 -33.18
C TRP Z 37 -32.03 2.14 -33.28
N ARG Z 38 -32.84 1.37 -34.00
CA ARG Z 38 -32.53 -0.04 -34.20
C ARG Z 38 -33.25 -0.57 -35.43
N GLU Z 39 -32.56 -1.42 -36.18
CA GLU Z 39 -33.19 -2.13 -37.28
C GLU Z 39 -34.16 -3.18 -36.75
N ASN Z 40 -35.21 -3.45 -37.51
CA ASN Z 40 -36.32 -4.30 -37.05
C ASN Z 40 -36.52 -5.45 -38.03
N LEU Z 41 -35.50 -6.29 -38.18
CA LEU Z 41 -35.68 -7.54 -38.90
C LEU Z 41 -36.64 -8.45 -38.14
N ALA Z 42 -37.60 -9.01 -38.87
CA ALA Z 42 -38.73 -9.67 -38.23
C ALA Z 42 -38.32 -10.89 -37.42
N THR Z 43 -37.39 -11.70 -37.95
CA THR Z 43 -36.98 -12.94 -37.30
C THR Z 43 -35.74 -12.79 -36.43
N VAL Z 44 -34.98 -11.72 -36.59
CA VAL Z 44 -33.71 -11.58 -35.86
C VAL Z 44 -33.99 -11.18 -34.41
N PRO Z 45 -33.35 -11.81 -33.43
CA PRO Z 45 -33.51 -11.36 -32.03
C PRO Z 45 -33.28 -9.87 -31.91
N LEU Z 46 -34.03 -9.24 -31.01
CA LEU Z 46 -33.96 -7.79 -30.89
C LEU Z 46 -32.56 -7.33 -30.52
N TYR Z 47 -31.90 -8.04 -29.61
CA TYR Z 47 -30.55 -7.63 -29.23
C TYR Z 47 -29.49 -8.03 -30.25
N ALA Z 48 -29.88 -8.68 -31.34
CA ALA Z 48 -28.96 -9.03 -32.42
C ALA Z 48 -29.09 -8.12 -33.62
N ASN Z 49 -29.98 -7.13 -33.58
CA ASN Z 49 -30.21 -6.22 -34.69
C ASN Z 49 -29.27 -5.02 -34.63
N VAL Z 50 -28.90 -4.52 -35.81
CA VAL Z 50 -28.07 -3.32 -35.90
C VAL Z 50 -28.74 -2.17 -35.17
N ARG Z 51 -27.97 -1.46 -34.35
CA ARG Z 51 -28.50 -0.33 -33.60
C ARG Z 51 -27.57 0.85 -33.69
N VAL Z 52 -28.14 2.05 -33.52
CA VAL Z 52 -27.40 3.30 -33.53
C VAL Z 52 -27.85 4.12 -32.33
N THR Z 53 -26.90 4.75 -31.65
CA THR Z 53 -27.17 5.49 -30.43
C THR Z 53 -26.35 6.77 -30.41
N THR Z 54 -26.93 7.85 -29.90
CA THR Z 54 -26.20 9.10 -29.69
C THR Z 54 -26.21 9.46 -28.21
N MET Z 55 -25.05 9.88 -27.71
CA MET Z 55 -24.91 10.41 -26.36
C MET Z 55 -24.41 11.85 -26.43
N GLN Z 56 -24.94 12.69 -25.54
CA GLN Z 56 -24.45 14.05 -25.38
C GLN Z 56 -24.37 14.36 -23.89
N LYS Z 57 -23.19 14.77 -23.43
CA LYS Z 57 -22.97 15.02 -22.01
C LYS Z 57 -21.99 16.16 -21.86
N LYS Z 58 -22.30 17.09 -20.97
CA LYS Z 58 -21.37 18.12 -20.55
C LYS Z 58 -20.57 17.60 -19.38
N LEU Z 59 -19.25 17.54 -19.53
CA LEU Z 59 -18.38 17.01 -18.48
C LEU Z 59 -18.14 18.07 -17.40
N LYS Z 60 -17.40 17.68 -16.36
CA LYS Z 60 -17.06 18.61 -15.30
C LYS Z 60 -16.15 19.72 -15.82
N SER Z 61 -15.29 19.41 -16.78
CA SER Z 61 -14.38 20.39 -17.37
C SER Z 61 -15.12 21.53 -18.07
N GLY Z 62 -16.39 21.34 -18.41
CA GLY Z 62 -17.08 22.20 -19.33
C GLY Z 62 -17.01 21.73 -20.77
N ILE Z 63 -16.13 20.76 -21.06
CA ILE Z 63 -16.05 20.17 -22.39
C ILE Z 63 -17.31 19.38 -22.67
N GLU Z 64 -17.94 19.63 -23.81
CA GLU Z 64 -19.07 18.83 -24.23
C GLU Z 64 -18.55 17.58 -24.94
N ARG Z 65 -19.08 16.43 -24.57
CA ARG Z 65 -18.74 15.17 -25.21
C ARG Z 65 -19.92 14.70 -26.06
N VAL Z 66 -19.62 14.18 -27.25
CA VAL Z 66 -20.62 13.82 -28.24
C VAL Z 66 -20.23 12.47 -28.84
N GLU Z 67 -21.20 11.56 -28.95
CA GLU Z 67 -20.92 10.23 -29.49
C GLU Z 67 -22.06 9.76 -30.38
N ILE Z 68 -21.70 9.13 -31.49
CA ILE Z 68 -22.62 8.41 -32.35
C ILE Z 68 -22.10 6.99 -32.43
N ARG Z 69 -22.78 6.04 -31.76
CA ARG Z 69 -22.28 4.68 -31.61
C ARG Z 69 -23.09 3.72 -32.47
N VAL Z 70 -22.41 3.08 -33.43
CA VAL Z 70 -23.00 2.04 -34.27
C VAL Z 70 -22.57 0.69 -33.75
N GLU Z 71 -23.54 -0.17 -33.44
CA GLU Z 71 -23.27 -1.52 -32.94
C GLU Z 71 -23.91 -2.54 -33.87
N VAL Z 72 -23.12 -3.51 -34.29
CA VAL Z 72 -23.59 -4.59 -35.17
C VAL Z 72 -23.36 -5.91 -34.44
N PRO Z 73 -24.41 -6.51 -33.89
CA PRO Z 73 -24.24 -7.81 -33.23
C PRO Z 73 -24.12 -8.93 -34.24
N VAL Z 74 -23.32 -9.93 -33.89
CA VAL Z 74 -23.12 -11.12 -34.72
C VAL Z 74 -23.47 -12.34 -33.89
N MET Z 75 -24.31 -13.20 -34.43
CA MET Z 75 -24.79 -14.37 -33.73
C MET Z 75 -23.90 -15.57 -34.02
N GLU Z 76 -24.03 -16.59 -33.19
CA GLU Z 76 -23.41 -17.87 -33.47
C GLU Z 76 -24.17 -18.57 -34.59
N ALA Z 77 -23.71 -19.77 -34.93
CA ALA Z 77 -24.31 -20.50 -36.03
C ALA Z 77 -25.52 -21.31 -35.57
N VAL Z 78 -26.46 -21.55 -36.50
CA VAL Z 78 -27.68 -22.31 -36.24
C VAL Z 78 -27.41 -23.78 -36.52
N SER Z 79 -28.00 -24.66 -35.71
CA SER Z 79 -27.84 -26.09 -35.90
C SER Z 79 -29.05 -26.77 -36.53
N GLY Z 80 -30.18 -26.11 -36.64
CA GLY Z 80 -31.38 -26.78 -37.13
C GLY Z 80 -32.64 -26.02 -36.77
N GLN Z 81 -33.77 -26.71 -36.96
CA GLN Z 81 -35.09 -26.14 -36.72
C GLN Z 81 -35.99 -27.24 -36.19
N ASN Z 82 -36.65 -26.97 -35.06
CA ASN Z 82 -37.48 -27.99 -34.45
C ASN Z 82 -38.72 -28.26 -35.30
N ALA Z 83 -39.10 -29.52 -35.38
CA ALA Z 83 -40.20 -29.91 -36.25
C ALA Z 83 -41.55 -29.39 -35.76
N PHE Z 84 -41.72 -29.20 -34.45
CA PHE Z 84 -43.06 -28.95 -33.96
C PHE Z 84 -43.18 -27.77 -32.99
N GLY Z 85 -42.13 -27.49 -32.24
CA GLY Z 85 -42.13 -26.36 -31.33
C GLY Z 85 -41.80 -25.05 -32.00
N TYR Z 86 -41.34 -24.09 -31.20
CA TYR Z 86 -40.75 -22.85 -31.69
C TYR Z 86 -39.24 -22.91 -31.48
N THR Z 87 -38.49 -22.37 -32.42
CA THR Z 87 -37.04 -22.50 -32.44
C THR Z 87 -36.38 -21.13 -32.32
N ALA Z 88 -35.44 -21.00 -31.39
CA ALA Z 88 -34.77 -19.74 -31.13
C ALA Z 88 -33.55 -19.57 -32.02
N ALA Z 89 -33.25 -18.34 -32.33
CA ALA Z 89 -32.01 -18.02 -32.98
C ALA Z 89 -30.87 -18.05 -31.95
N PRO Z 90 -29.66 -18.41 -32.38
CA PRO Z 90 -28.56 -18.58 -31.43
C PRO Z 90 -28.17 -17.27 -30.76
N LYS Z 91 -27.36 -17.40 -29.71
CA LYS Z 91 -26.95 -16.26 -28.92
C LYS Z 91 -25.96 -15.38 -29.71
N VAL Z 92 -25.85 -14.13 -29.28
CA VAL Z 92 -24.90 -13.20 -29.89
C VAL Z 92 -23.49 -13.62 -29.52
N ALA Z 93 -22.64 -13.83 -30.51
CA ALA Z 93 -21.26 -14.23 -30.24
C ALA Z 93 -20.41 -13.03 -29.83
N PHE Z 94 -20.59 -11.91 -30.52
CA PHE Z 94 -19.88 -10.68 -30.20
C PHE Z 94 -20.64 -9.53 -30.83
N THR Z 95 -20.27 -8.31 -30.43
CA THR Z 95 -20.88 -7.11 -30.97
C THR Z 95 -19.76 -6.15 -31.39
N ASP Z 96 -19.77 -5.76 -32.65
CA ASP Z 96 -18.80 -4.81 -33.17
C ASP Z 96 -19.32 -3.39 -32.97
N SER Z 97 -18.47 -2.53 -32.40
CA SER Z 97 -18.85 -1.17 -32.06
C SER Z 97 -17.91 -0.20 -32.76
N GLY Z 98 -18.46 0.64 -33.63
CA GLY Z 98 -17.71 1.72 -34.22
C GLY Z 98 -18.44 3.03 -34.01
N SER Z 99 -17.76 4.03 -33.46
CA SER Z 99 -18.44 5.24 -33.06
C SER Z 99 -17.60 6.46 -33.40
N PHE Z 100 -18.28 7.58 -33.62
CA PHE Z 100 -17.66 8.90 -33.60
C PHE Z 100 -17.73 9.45 -32.19
N VAL Z 101 -16.64 10.04 -31.72
CA VAL Z 101 -16.59 10.66 -30.40
C VAL Z 101 -15.95 12.04 -30.56
N GLY Z 102 -16.68 13.07 -30.13
CA GLY Z 102 -16.19 14.44 -30.22
C GLY Z 102 -16.09 15.08 -28.86
N TYR Z 103 -14.99 15.79 -28.64
CA TYR Z 103 -14.76 16.58 -27.43
C TYR Z 103 -14.56 18.03 -27.86
N PHE Z 104 -15.50 18.90 -27.47
CA PHE Z 104 -15.50 20.28 -27.92
C PHE Z 104 -15.57 21.23 -26.73
N SER Z 105 -14.85 22.34 -26.83
CA SER Z 105 -14.96 23.41 -25.84
C SER Z 105 -16.23 24.21 -26.08
N GLU Z 106 -16.63 24.96 -25.04
CA GLU Z 106 -17.79 25.85 -25.19
C GLU Z 106 -17.55 26.93 -26.24
N ARG Z 107 -16.29 27.36 -26.42
CA ARG Z 107 -16.00 28.42 -27.37
C ARG Z 107 -16.18 27.98 -28.82
N SER Z 108 -16.03 26.68 -29.09
CA SER Z 108 -16.03 26.20 -30.47
C SER Z 108 -17.42 26.38 -31.07
N ALA Z 109 -17.46 26.90 -32.30
CA ALA Z 109 -18.70 27.24 -32.96
C ALA Z 109 -19.15 26.08 -33.86
N GLN Z 110 -20.33 26.24 -34.46
CA GLN Z 110 -20.78 25.31 -35.50
C GLN Z 110 -19.65 25.00 -36.47
N SER Z 111 -19.03 26.05 -37.04
CA SER Z 111 -18.04 25.86 -38.09
C SER Z 111 -16.82 25.11 -37.58
N ASN Z 112 -16.40 25.38 -36.34
CA ASN Z 112 -15.27 24.67 -35.75
C ASN Z 112 -15.56 23.18 -35.64
N ARG Z 113 -16.68 22.82 -35.02
CA ARG Z 113 -17.03 21.42 -34.88
C ARG Z 113 -17.22 20.74 -36.23
N ARG Z 114 -17.89 21.42 -37.16
CA ARG Z 114 -18.11 20.84 -38.48
C ARG Z 114 -16.80 20.63 -39.22
N LEU Z 115 -15.81 21.50 -38.98
CA LEU Z 115 -14.54 21.40 -39.69
C LEU Z 115 -13.80 20.12 -39.32
N VAL Z 116 -13.74 19.81 -38.02
CA VAL Z 116 -13.05 18.61 -37.58
C VAL Z 116 -13.83 17.37 -37.99
N LYS Z 117 -15.16 17.43 -37.87
CA LYS Z 117 -16.02 16.30 -38.26
C LYS Z 117 -15.63 15.77 -39.63
N GLN Z 118 -15.54 16.66 -40.62
CA GLN Z 118 -15.37 16.19 -41.99
C GLN Z 118 -13.96 15.65 -42.24
N ILE Z 119 -12.95 16.14 -41.50
CA ILE Z 119 -11.63 15.54 -41.61
C ILE Z 119 -11.70 14.05 -41.30
N LEU Z 120 -12.34 13.71 -40.19
CA LEU Z 120 -12.46 12.30 -39.81
C LEU Z 120 -13.29 11.52 -40.81
N THR Z 121 -14.41 12.11 -41.27
CA THR Z 121 -15.24 11.42 -42.25
C THR Z 121 -14.46 11.13 -43.53
N ASN Z 122 -13.68 12.10 -43.99
CA ASN Z 122 -12.89 11.89 -45.20
C ASN Z 122 -11.80 10.85 -44.97
N LEU Z 123 -11.18 10.87 -43.77
CA LEU Z 123 -10.18 9.86 -43.44
C LEU Z 123 -10.78 8.46 -43.46
N LEU Z 124 -11.98 8.30 -42.88
CA LEU Z 124 -12.62 6.98 -42.86
C LEU Z 124 -13.02 6.51 -44.25
N GLY Z 125 -13.28 7.45 -45.16
CA GLY Z 125 -13.63 7.12 -46.52
C GLY Z 125 -12.46 7.04 -47.47
N ASN Z 126 -11.24 7.22 -46.98
CA ASN Z 126 -10.02 7.24 -47.81
C ASN Z 126 -10.14 8.25 -48.94
N VAL Z 127 -10.61 9.45 -48.59
CA VAL Z 127 -10.91 10.50 -49.55
C VAL Z 127 -9.88 11.61 -49.38
N SER Z 128 -9.13 11.86 -50.46
CA SER Z 128 -8.16 12.94 -50.49
C SER Z 128 -8.67 14.18 -51.20
N THR Z 129 -9.87 14.13 -51.78
CA THR Z 129 -10.42 15.26 -52.51
C THR Z 129 -11.31 16.10 -51.60
N SER Z 130 -11.89 17.16 -52.16
CA SER Z 130 -12.73 18.06 -51.40
C SER Z 130 -14.16 17.54 -51.35
N VAL Z 131 -14.74 17.52 -50.14
CA VAL Z 131 -16.11 17.06 -49.92
C VAL Z 131 -16.81 18.09 -49.05
N ALA Z 132 -18.01 18.48 -49.45
CA ALA Z 132 -18.78 19.45 -48.68
C ALA Z 132 -19.27 18.82 -47.39
N ALA Z 133 -19.05 19.52 -46.28
CA ALA Z 133 -19.47 19.00 -44.99
C ALA Z 133 -20.98 19.16 -44.84
N PRO Z 134 -21.70 18.11 -44.45
CA PRO Z 134 -23.15 18.23 -44.30
C PRO Z 134 -23.53 19.24 -43.23
N THR Z 135 -24.62 19.97 -43.48
CA THR Z 135 -25.16 20.91 -42.50
C THR Z 135 -26.54 20.51 -42.00
N THR Z 136 -27.09 19.41 -42.50
CA THR Z 136 -28.35 18.84 -42.03
C THR Z 136 -28.14 17.37 -41.70
N GLY Z 137 -29.19 16.74 -41.18
CA GLY Z 137 -29.09 15.36 -40.75
C GLY Z 137 -28.80 15.25 -39.27
N PHE Z 138 -29.18 14.10 -38.69
CA PHE Z 138 -29.09 13.96 -37.25
C PHE Z 138 -27.64 14.01 -36.76
N ALA Z 139 -26.70 13.50 -37.57
CA ALA Z 139 -25.30 13.58 -37.19
C ALA Z 139 -24.82 15.02 -37.15
N SER Z 140 -25.23 15.83 -38.12
CA SER Z 140 -24.83 17.24 -38.12
C SER Z 140 -25.47 17.99 -36.95
N GLU Z 141 -26.75 17.74 -36.68
CA GLU Z 141 -27.40 18.37 -35.54
C GLU Z 141 -26.63 18.08 -34.25
N LEU Z 142 -26.17 16.84 -34.09
CA LEU Z 142 -25.49 16.46 -32.87
C LEU Z 142 -24.05 16.98 -32.83
N ILE Z 143 -23.27 16.70 -33.87
CA ILE Z 143 -21.85 17.02 -33.83
C ILE Z 143 -21.62 18.51 -34.05
N ASP Z 144 -22.26 19.10 -35.05
CA ASP Z 144 -22.01 20.50 -35.35
C ASP Z 144 -22.68 21.41 -34.32
N SER Z 145 -23.91 21.08 -33.90
CA SER Z 145 -24.72 22.00 -33.14
C SER Z 145 -25.06 21.54 -31.73
N GLY Z 146 -24.66 20.34 -31.32
CA GLY Z 146 -24.98 19.87 -29.99
C GLY Z 146 -26.46 19.67 -29.73
N ILE Z 147 -27.18 19.11 -30.69
CA ILE Z 147 -28.62 18.92 -30.61
C ILE Z 147 -28.92 17.42 -30.73
N THR Z 148 -29.58 16.86 -29.71
CA THR Z 148 -29.99 15.47 -29.72
C THR Z 148 -31.43 15.36 -30.22
N ALA Z 149 -31.76 14.23 -30.81
CA ALA Z 149 -33.11 13.99 -31.32
C ALA Z 149 -34.15 14.16 -30.21
N SER Z 150 -35.33 14.64 -30.60
CA SER Z 150 -36.39 14.97 -29.64
C SER Z 150 -37.59 14.02 -29.76
N SER AA 1 -48.56 18.03 -29.20
CA SER AA 1 -47.88 17.58 -27.99
C SER AA 1 -46.47 17.12 -28.31
N SER AA 2 -46.28 16.57 -29.51
CA SER AA 2 -44.94 16.27 -29.97
C SER AA 2 -44.17 17.55 -30.28
N GLN AA 3 -42.88 17.56 -29.94
CA GLN AA 3 -42.08 18.76 -29.97
C GLN AA 3 -41.68 19.11 -31.40
N ALA AA 4 -41.91 20.37 -31.80
CA ALA AA 4 -41.66 20.79 -33.17
C ALA AA 4 -41.00 22.16 -33.19
N ASN AA 5 -40.53 22.56 -34.38
CA ASN AA 5 -39.93 23.87 -34.55
C ASN AA 5 -40.94 24.97 -34.23
N ILE AA 6 -40.46 26.02 -33.58
CA ILE AA 6 -41.27 27.18 -33.23
C ILE AA 6 -40.77 28.37 -34.03
N THR AA 7 -41.65 28.97 -34.82
CA THR AA 7 -41.35 30.21 -35.52
C THR AA 7 -42.08 31.34 -34.80
N VAL AA 8 -41.32 32.33 -34.32
CA VAL AA 8 -41.87 33.41 -33.50
C VAL AA 8 -41.12 34.70 -33.81
N PHE AA 9 -41.88 35.79 -33.95
CA PHE AA 9 -41.30 37.11 -34.13
C PHE AA 9 -41.08 37.77 -32.77
N ASP AA 10 -40.02 38.58 -32.68
CA ASP AA 10 -39.68 39.25 -31.43
C ASP AA 10 -40.34 40.63 -31.39
N GLY AA 11 -39.94 41.45 -30.44
CA GLY AA 11 -40.53 42.77 -30.26
C GLY AA 11 -39.59 43.90 -30.58
N ALA AA 12 -38.70 43.69 -31.54
CA ALA AA 12 -37.88 44.80 -32.02
C ALA AA 12 -38.76 45.80 -32.75
N ALA AA 13 -38.21 47.00 -32.98
CA ALA AA 13 -38.96 48.04 -33.68
C ALA AA 13 -39.44 47.53 -35.04
N THR AA 14 -38.59 46.78 -35.75
CA THR AA 14 -39.03 45.94 -36.86
C THR AA 14 -38.87 44.50 -36.43
N PRO AA 15 -39.96 43.82 -36.07
CA PRO AA 15 -39.84 42.47 -35.48
C PRO AA 15 -39.12 41.50 -36.40
N VAL AA 16 -38.33 40.62 -35.78
CA VAL AA 16 -37.46 39.66 -36.45
C VAL AA 16 -37.95 38.26 -36.11
N SER AA 17 -38.07 37.40 -37.12
CA SER AA 17 -38.47 36.03 -36.89
C SER AA 17 -37.31 35.21 -36.35
N HIS AA 18 -37.60 34.35 -35.37
CA HIS AA 18 -36.64 33.41 -34.83
C HIS AA 18 -37.21 32.01 -34.99
N VAL AA 19 -36.35 31.07 -35.39
CA VAL AA 19 -36.76 29.66 -35.52
C VAL AA 19 -36.11 28.89 -34.37
N LEU AA 20 -36.94 28.39 -33.47
CA LEU AA 20 -36.49 27.70 -32.26
C LEU AA 20 -36.62 26.20 -32.49
N VAL AA 21 -35.48 25.51 -32.48
CA VAL AA 21 -35.41 24.07 -32.75
C VAL AA 21 -35.59 23.32 -31.44
N PRO AA 22 -36.22 22.15 -31.43
CA PRO AA 22 -36.34 21.38 -30.19
C PRO AA 22 -35.02 20.83 -29.72
N LEU AA 23 -34.82 20.86 -28.40
CA LEU AA 23 -33.64 20.27 -27.76
C LEU AA 23 -33.93 18.98 -27.03
N GLY AA 24 -35.20 18.69 -26.71
CA GLY AA 24 -35.58 17.50 -25.98
C GLY AA 24 -36.37 17.85 -24.73
N VAL AA 25 -36.87 16.80 -24.08
CA VAL AA 25 -37.66 16.92 -22.87
C VAL AA 25 -37.12 15.97 -21.82
N GLY AA 26 -37.46 16.24 -20.56
CA GLY AA 26 -37.00 15.40 -19.47
C GLY AA 26 -37.56 15.89 -18.15
N ILE AA 27 -37.14 15.21 -17.08
CA ILE AA 27 -37.62 15.49 -15.73
C ILE AA 27 -36.45 15.92 -14.86
N ASP AA 28 -36.61 17.06 -14.19
CA ASP AA 28 -35.64 17.59 -13.24
C ASP AA 28 -36.26 17.53 -11.84
N GLU AA 29 -35.42 17.26 -10.84
CA GLU AA 29 -35.92 17.14 -9.47
C GLU AA 29 -36.45 18.48 -8.97
N ASN AA 30 -35.72 19.57 -9.25
CA ASN AA 30 -36.16 20.89 -8.78
C ASN AA 30 -37.30 21.43 -9.62
N LEU AA 31 -37.26 21.25 -10.94
CA LEU AA 31 -38.09 22.01 -11.86
C LEU AA 31 -39.33 21.26 -12.34
N GLY AA 32 -39.32 19.94 -12.33
CA GLY AA 32 -40.44 19.17 -12.84
C GLY AA 32 -40.19 18.68 -14.25
N SER AA 33 -41.25 18.60 -15.06
CA SER AA 33 -41.11 18.25 -16.46
C SER AA 33 -40.64 19.48 -17.24
N VAL AA 34 -39.52 19.35 -17.94
CA VAL AA 34 -38.88 20.45 -18.63
C VAL AA 34 -38.81 20.12 -20.11
N ALA AA 35 -39.18 21.08 -20.95
CA ALA AA 35 -39.00 20.98 -22.39
C ALA AA 35 -38.23 22.19 -22.87
N LYS AA 36 -37.28 21.98 -23.78
CA LYS AA 36 -36.36 23.03 -24.20
C LYS AA 36 -36.37 23.21 -25.71
N TRP AA 37 -36.42 24.47 -26.12
CA TRP AA 37 -36.19 24.87 -27.51
C TRP AA 37 -35.04 25.87 -27.55
N ARG AA 38 -34.46 26.02 -28.74
CA ARG AA 38 -33.32 26.90 -28.89
C ARG AA 38 -33.19 27.28 -30.37
N GLU AA 39 -32.78 28.53 -30.61
CA GLU AA 39 -32.41 28.93 -31.95
C GLU AA 39 -31.00 28.42 -32.25
N ASN AA 40 -30.70 28.20 -33.55
CA ASN AA 40 -29.39 27.67 -33.93
C ASN AA 40 -28.71 28.65 -34.90
N LEU AA 41 -28.40 29.85 -34.39
CA LEU AA 41 -27.68 30.85 -35.17
C LEU AA 41 -26.18 30.60 -35.06
N ALA AA 42 -25.48 30.69 -36.21
CA ALA AA 42 -24.04 30.72 -36.25
C ALA AA 42 -23.46 32.08 -35.82
N THR AA 43 -24.31 33.10 -35.67
CA THR AA 43 -23.82 34.42 -35.27
C THR AA 43 -23.28 34.42 -33.85
N VAL AA 44 -23.81 33.57 -32.97
CA VAL AA 44 -23.50 33.63 -31.54
C VAL AA 44 -23.07 32.24 -31.08
N PRO AA 45 -22.42 32.15 -29.92
CA PRO AA 45 -22.10 30.82 -29.37
C PRO AA 45 -23.36 29.98 -29.17
N LEU AA 46 -23.15 28.67 -29.12
CA LEU AA 46 -24.28 27.74 -29.04
C LEU AA 46 -25.10 27.98 -27.77
N TYR AA 47 -24.43 28.19 -26.64
CA TYR AA 47 -25.13 28.42 -25.38
C TYR AA 47 -25.81 29.79 -25.31
N ALA AA 48 -25.51 30.70 -26.24
CA ALA AA 48 -25.94 32.09 -26.15
C ALA AA 48 -27.10 32.41 -27.10
N ASN AA 49 -27.83 31.38 -27.54
CA ASN AA 49 -28.94 31.57 -28.46
C ASN AA 49 -30.23 31.89 -27.71
N VAL AA 50 -31.16 32.54 -28.42
CA VAL AA 50 -32.52 32.72 -27.90
C VAL AA 50 -33.12 31.35 -27.61
N ARG AA 51 -33.74 31.20 -26.44
CA ARG AA 51 -34.25 29.90 -26.04
C ARG AA 51 -35.60 30.04 -25.36
N VAL AA 52 -36.37 28.95 -25.38
CA VAL AA 52 -37.66 28.86 -24.71
C VAL AA 52 -37.67 27.56 -23.93
N THR AA 53 -38.19 27.62 -22.70
CA THR AA 53 -38.24 26.47 -21.80
C THR AA 53 -39.60 26.43 -21.11
N THR AA 54 -40.14 25.23 -20.92
CA THR AA 54 -41.38 25.04 -20.17
C THR AA 54 -41.13 24.14 -18.98
N MET AA 55 -41.52 24.60 -17.80
CA MET AA 55 -41.49 23.80 -16.59
C MET AA 55 -42.91 23.50 -16.12
N GLN AA 56 -43.11 22.32 -15.55
CA GLN AA 56 -44.39 21.91 -15.00
C GLN AA 56 -44.12 21.05 -13.76
N LYS AA 57 -44.55 21.54 -12.60
CA LYS AA 57 -44.27 20.87 -11.33
C LYS AA 57 -45.49 20.99 -10.42
N LYS AA 58 -45.80 19.89 -9.74
CA LYS AA 58 -46.77 19.91 -8.64
C LYS AA 58 -46.03 20.27 -7.36
N LEU AA 59 -46.43 21.37 -6.73
CA LEU AA 59 -45.76 21.84 -5.53
C LEU AA 59 -46.17 21.02 -4.31
N LYS AA 60 -45.47 21.25 -3.19
CA LYS AA 60 -45.80 20.55 -1.95
C LYS AA 60 -47.24 20.83 -1.53
N SER AA 61 -47.70 22.07 -1.72
CA SER AA 61 -49.07 22.43 -1.35
C SER AA 61 -50.12 21.71 -2.20
N GLY AA 62 -49.74 21.06 -3.28
CA GLY AA 62 -50.67 20.48 -4.22
C GLY AA 62 -51.02 21.37 -5.39
N ILE AA 63 -50.61 22.64 -5.35
CA ILE AA 63 -50.84 23.56 -6.45
C ILE AA 63 -49.91 23.22 -7.60
N GLU AA 64 -50.46 23.11 -8.81
CA GLU AA 64 -49.63 22.89 -9.98
C GLU AA 64 -49.08 24.23 -10.48
N ARG AA 65 -47.79 24.26 -10.79
CA ARG AA 65 -47.12 25.45 -11.29
C ARG AA 65 -46.59 25.18 -12.70
N VAL AA 66 -46.90 26.09 -13.62
CA VAL AA 66 -46.42 25.99 -15.00
C VAL AA 66 -45.66 27.27 -15.34
N GLU AA 67 -44.64 27.13 -16.19
CA GLU AA 67 -43.85 28.28 -16.61
C GLU AA 67 -43.46 28.11 -18.08
N ILE AA 68 -43.49 29.22 -18.81
CA ILE AA 68 -42.90 29.32 -20.14
C ILE AA 68 -41.88 30.44 -20.05
N ARG AA 69 -40.60 30.09 -20.11
CA ARG AA 69 -39.51 31.04 -19.88
C ARG AA 69 -38.79 31.33 -21.19
N VAL AA 70 -38.80 32.60 -21.61
CA VAL AA 70 -38.09 33.07 -22.80
C VAL AA 70 -36.84 33.82 -22.34
N GLU AA 71 -35.69 33.40 -22.84
CA GLU AA 71 -34.41 34.01 -22.49
C GLU AA 71 -33.71 34.49 -23.76
N VAL AA 72 -33.29 35.74 -23.77
CA VAL AA 72 -32.61 36.35 -24.91
C VAL AA 72 -31.25 36.85 -24.43
N PRO AA 73 -30.18 36.11 -24.70
CA PRO AA 73 -28.84 36.62 -24.37
C PRO AA 73 -28.43 37.75 -25.30
N VAL AA 74 -27.74 38.73 -24.74
CA VAL AA 74 -27.18 39.85 -25.49
C VAL AA 74 -25.67 39.83 -25.32
N MET AA 75 -24.94 39.88 -26.43
CA MET AA 75 -23.50 39.70 -26.41
C MET AA 75 -22.79 41.02 -26.16
N GLU AA 76 -21.61 40.93 -25.55
CA GLU AA 76 -20.71 42.06 -25.51
C GLU AA 76 -20.18 42.37 -26.91
N ALA AA 77 -19.73 43.60 -27.10
CA ALA AA 77 -19.16 44.02 -28.38
C ALA AA 77 -17.66 43.83 -28.32
N VAL AA 78 -17.14 42.92 -29.15
CA VAL AA 78 -15.70 42.69 -29.24
C VAL AA 78 -15.08 43.83 -30.05
N SER AA 79 -14.11 44.51 -29.47
CA SER AA 79 -13.43 45.62 -30.12
C SER AA 79 -11.94 45.54 -29.80
N GLY AA 80 -11.11 45.79 -30.82
CA GLY AA 80 -9.68 45.86 -30.61
C GLY AA 80 -9.12 44.57 -30.04
N GLN AA 81 -8.27 44.70 -29.02
CA GLN AA 81 -7.62 43.57 -28.39
C GLN AA 81 -7.54 43.79 -26.88
N ASN AA 82 -7.40 42.69 -26.15
CA ASN AA 82 -7.28 42.74 -24.70
C ASN AA 82 -5.83 43.00 -24.30
N ALA AA 83 -5.59 43.01 -22.99
CA ALA AA 83 -4.26 43.32 -22.46
C ALA AA 83 -3.22 42.26 -22.83
N PHE AA 84 -3.65 41.10 -23.31
CA PHE AA 84 -2.70 40.06 -23.69
C PHE AA 84 -2.33 40.11 -25.17
N GLY AA 85 -2.97 40.98 -25.96
CA GLY AA 85 -2.64 41.10 -27.36
C GLY AA 85 -3.47 40.25 -28.29
N TYR AA 86 -4.59 39.71 -27.82
CA TYR AA 86 -5.45 38.85 -28.62
C TYR AA 86 -6.85 39.46 -28.73
N THR AA 87 -7.55 39.09 -29.81
CA THR AA 87 -8.97 39.41 -29.92
C THR AA 87 -9.74 38.66 -28.84
N ALA AA 88 -10.65 39.36 -28.17
CA ALA AA 88 -11.38 38.75 -27.06
C ALA AA 88 -12.37 37.70 -27.56
N ALA AA 89 -12.63 36.71 -26.71
CA ALA AA 89 -13.61 35.69 -27.00
C ALA AA 89 -15.02 36.24 -26.81
N PRO AA 90 -16.01 35.65 -27.48
CA PRO AA 90 -17.39 36.07 -27.24
C PRO AA 90 -17.76 35.95 -25.77
N LYS AA 91 -18.50 36.93 -25.27
CA LYS AA 91 -18.95 36.94 -23.88
C LYS AA 91 -20.35 37.50 -23.81
N VAL AA 92 -21.20 36.85 -23.02
CA VAL AA 92 -22.58 37.31 -22.84
C VAL AA 92 -22.58 38.50 -21.89
N ALA AA 93 -23.15 39.62 -22.35
CA ALA AA 93 -23.25 40.79 -21.50
C ALA AA 93 -24.32 40.59 -20.43
N PHE AA 94 -25.52 40.20 -20.84
CA PHE AA 94 -26.61 39.93 -19.92
C PHE AA 94 -27.65 39.11 -20.67
N THR AA 95 -28.55 38.49 -19.91
CA THR AA 95 -29.63 37.69 -20.48
C THR AA 95 -30.96 38.24 -19.98
N ASP AA 96 -31.78 38.75 -20.89
CA ASP AA 96 -33.11 39.17 -20.53
C ASP AA 96 -34.02 37.94 -20.46
N SER AA 97 -34.91 37.93 -19.48
CA SER AA 97 -35.81 36.82 -19.22
C SER AA 97 -37.23 37.33 -19.04
N GLY AA 98 -38.15 36.80 -19.86
CA GLY AA 98 -39.56 37.07 -19.70
C GLY AA 98 -40.33 35.76 -19.74
N SER AA 99 -41.18 35.52 -18.75
CA SER AA 99 -41.83 34.22 -18.60
C SER AA 99 -43.29 34.41 -18.22
N PHE AA 100 -44.10 33.43 -18.60
CA PHE AA 100 -45.44 33.25 -18.05
C PHE AA 100 -45.34 32.26 -16.90
N VAL AA 101 -46.02 32.55 -15.80
CA VAL AA 101 -46.03 31.68 -14.63
C VAL AA 101 -47.47 31.50 -14.19
N GLY AA 102 -47.94 30.26 -14.17
CA GLY AA 102 -49.29 29.94 -13.73
C GLY AA 102 -49.29 29.11 -12.47
N TYR AA 103 -50.19 29.45 -11.56
CA TYR AA 103 -50.44 28.67 -10.35
C TYR AA 103 -51.91 28.27 -10.35
N PHE AA 104 -52.18 26.97 -10.36
CA PHE AA 104 -53.54 26.46 -10.48
C PHE AA 104 -53.80 25.38 -9.44
N SER AA 105 -55.02 25.41 -8.89
CA SER AA 105 -55.45 24.34 -8.01
C SER AA 105 -55.74 23.07 -8.80
N GLU AA 106 -55.72 21.94 -8.11
CA GLU AA 106 -56.09 20.68 -8.75
C GLU AA 106 -57.51 20.74 -9.31
N ARG AA 107 -58.40 21.52 -8.67
CA ARG AA 107 -59.79 21.61 -9.09
C ARG AA 107 -59.98 22.46 -10.34
N SER AA 108 -59.00 23.31 -10.68
CA SER AA 108 -59.15 24.15 -11.86
C SER AA 108 -59.20 23.29 -13.12
N ALA AA 109 -60.05 23.70 -14.05
CA ALA AA 109 -60.30 22.95 -15.27
C ALA AA 109 -59.59 23.59 -16.45
N GLN AA 110 -59.60 22.88 -17.58
CA GLN AA 110 -59.02 23.42 -18.80
C GLN AA 110 -59.63 24.78 -19.13
N SER AA 111 -60.95 24.91 -18.97
CA SER AA 111 -61.60 26.19 -19.26
C SER AA 111 -61.16 27.28 -18.28
N ASN AA 112 -61.00 26.93 -17.01
CA ASN AA 112 -60.57 27.91 -16.01
C ASN AA 112 -59.18 28.45 -16.32
N ARG AA 113 -58.23 27.54 -16.60
CA ARG AA 113 -56.86 27.96 -16.86
C ARG AA 113 -56.75 28.74 -18.16
N ARG AA 114 -57.47 28.30 -19.20
CA ARG AA 114 -57.48 29.03 -20.46
C ARG AA 114 -58.05 30.42 -20.29
N LEU AA 115 -59.04 30.57 -19.41
CA LEU AA 115 -59.69 31.87 -19.21
C LEU AA 115 -58.70 32.88 -18.65
N VAL AA 116 -57.94 32.49 -17.63
CA VAL AA 116 -56.94 33.38 -17.05
C VAL AA 116 -55.83 33.67 -18.05
N LYS AA 117 -55.39 32.65 -18.79
CA LYS AA 117 -54.31 32.82 -19.74
C LYS AA 117 -54.57 34.01 -20.66
N GLN AA 118 -55.73 34.05 -21.29
CA GLN AA 118 -55.97 35.05 -22.32
C GLN AA 118 -56.09 36.46 -21.75
N ILE AA 119 -56.54 36.60 -20.49
CA ILE AA 119 -56.53 37.91 -19.86
C ILE AA 119 -55.12 38.48 -19.87
N LEU AA 120 -54.14 37.67 -19.45
CA LEU AA 120 -52.76 38.12 -19.43
C LEU AA 120 -52.25 38.43 -20.83
N THR AA 121 -52.50 37.51 -21.78
CA THR AA 121 -52.04 37.73 -23.16
C THR AA 121 -52.58 39.02 -23.73
N ASN AA 122 -53.87 39.30 -23.49
CA ASN AA 122 -54.45 40.53 -24.02
C ASN AA 122 -53.85 41.75 -23.32
N LEU AA 123 -53.65 41.67 -22.01
CA LEU AA 123 -53.00 42.77 -21.29
C LEU AA 123 -51.61 43.04 -21.86
N LEU AA 124 -50.84 41.98 -22.13
CA LEU AA 124 -49.49 42.16 -22.66
C LEU AA 124 -49.50 42.74 -24.07
N GLY AA 125 -50.57 42.48 -24.83
CA GLY AA 125 -50.68 43.00 -26.17
C GLY AA 125 -51.44 44.30 -26.28
N ASN AA 126 -51.84 44.89 -25.15
CA ASN AA 126 -52.60 46.15 -25.13
C ASN AA 126 -53.90 46.01 -25.91
N VAL AA 127 -54.54 44.85 -25.79
CA VAL AA 127 -55.73 44.52 -26.55
C VAL AA 127 -56.94 44.61 -25.62
N SER AA 128 -57.83 45.54 -25.92
CA SER AA 128 -59.05 45.71 -25.14
C SER AA 128 -60.27 45.09 -25.83
N THR AA 129 -60.08 44.47 -26.99
CA THR AA 129 -61.19 43.86 -27.72
C THR AA 129 -61.21 42.35 -27.46
N SER AA 130 -62.15 41.67 -28.12
CA SER AA 130 -62.35 40.24 -27.91
C SER AA 130 -61.38 39.44 -28.79
N VAL AA 131 -60.69 38.49 -28.16
CA VAL AA 131 -59.72 37.63 -28.85
C VAL AA 131 -59.95 36.21 -28.39
N ALA AA 132 -60.03 35.28 -29.34
CA ALA AA 132 -60.28 33.88 -29.03
C ALA AA 132 -59.02 33.26 -28.43
N ALA AA 133 -59.19 32.55 -27.34
CA ALA AA 133 -58.06 31.94 -26.67
C ALA AA 133 -57.62 30.69 -27.44
N PRO AA 134 -56.33 30.55 -27.74
CA PRO AA 134 -55.87 29.38 -28.50
C PRO AA 134 -56.15 28.09 -27.74
N THR AA 135 -56.60 27.08 -28.47
CA THR AA 135 -56.81 25.75 -27.90
C THR AA 135 -55.81 24.73 -28.41
N THR AA 136 -54.84 25.15 -29.22
CA THR AA 136 -53.77 24.30 -29.72
C THR AA 136 -52.45 25.02 -29.55
N GLY AA 137 -51.36 24.30 -29.79
CA GLY AA 137 -50.03 24.85 -29.60
C GLY AA 137 -49.44 24.45 -28.26
N PHE AA 138 -48.11 24.54 -28.18
CA PHE AA 138 -47.42 24.05 -26.99
C PHE AA 138 -47.77 24.89 -25.76
N ALA AA 139 -47.97 26.19 -25.94
CA ALA AA 139 -48.34 27.04 -24.81
C ALA AA 139 -49.72 26.67 -24.27
N SER AA 140 -50.70 26.48 -25.16
CA SER AA 140 -52.02 26.09 -24.72
C SER AA 140 -52.00 24.72 -24.06
N GLU AA 141 -51.22 23.78 -24.61
CA GLU AA 141 -51.16 22.45 -24.01
C GLU AA 141 -50.58 22.51 -22.61
N LEU AA 142 -49.60 23.39 -22.38
CA LEU AA 142 -49.00 23.50 -21.06
C LEU AA 142 -49.90 24.22 -20.07
N ILE AA 143 -50.35 25.42 -20.44
CA ILE AA 143 -51.09 26.25 -19.50
C ILE AA 143 -52.51 25.74 -19.31
N ASP AA 144 -53.21 25.45 -20.42
CA ASP AA 144 -54.61 25.03 -20.30
C ASP AA 144 -54.72 23.62 -19.75
N SER AA 145 -53.88 22.69 -20.22
CA SER AA 145 -54.09 21.28 -19.99
C SER AA 145 -52.97 20.59 -19.21
N GLY AA 146 -51.93 21.30 -18.82
CA GLY AA 146 -50.87 20.68 -18.05
C GLY AA 146 -50.02 19.69 -18.81
N ILE AA 147 -49.90 19.87 -20.12
CA ILE AA 147 -49.19 18.94 -20.99
C ILE AA 147 -47.80 19.48 -21.30
N THR AA 148 -46.79 18.61 -21.21
CA THR AA 148 -45.44 18.92 -21.62
C THR AA 148 -45.15 18.23 -22.95
N ALA AA 149 -44.30 18.85 -23.76
CA ALA AA 149 -43.98 18.31 -25.08
C ALA AA 149 -43.21 16.99 -24.94
N SER AA 150 -43.07 16.29 -26.07
CA SER AA 150 -42.39 15.00 -26.11
C SER AA 150 -41.61 14.77 -27.42
N SER BA 1 99.66 -35.77 -1.70
CA SER BA 1 98.78 -35.64 -0.55
C SER BA 1 98.35 -34.20 -0.28
N SER BA 2 98.82 -33.26 -1.10
CA SER BA 2 98.30 -31.91 -1.10
C SER BA 2 97.39 -31.70 -2.30
N GLN BA 3 96.59 -30.64 -2.25
CA GLN BA 3 95.55 -30.45 -3.25
C GLN BA 3 96.16 -30.14 -4.62
N ALA BA 4 95.57 -30.76 -5.65
CA ALA BA 4 95.96 -30.51 -7.03
C ALA BA 4 94.74 -30.63 -7.91
N ASN BA 5 94.90 -30.25 -9.19
CA ASN BA 5 93.80 -30.31 -10.13
C ASN BA 5 93.32 -31.75 -10.31
N ILE BA 6 92.04 -31.89 -10.63
CA ILE BA 6 91.41 -33.18 -10.89
C ILE BA 6 90.77 -33.11 -12.27
N THR BA 7 91.10 -34.07 -13.13
CA THR BA 7 90.50 -34.19 -14.46
C THR BA 7 89.65 -35.45 -14.49
N VAL BA 8 88.34 -35.30 -14.71
CA VAL BA 8 87.40 -36.41 -14.69
C VAL BA 8 86.40 -36.23 -15.83
N PHE BA 9 86.10 -37.33 -16.51
CA PHE BA 9 85.01 -37.36 -17.49
C PHE BA 9 83.72 -37.76 -16.79
N ASP BA 10 82.61 -37.16 -17.22
CA ASP BA 10 81.33 -37.43 -16.60
C ASP BA 10 80.66 -38.61 -17.30
N GLY BA 11 79.38 -38.82 -17.04
CA GLY BA 11 78.65 -39.94 -17.59
C GLY BA 11 77.59 -39.55 -18.60
N ALA BA 12 77.81 -38.47 -19.32
CA ALA BA 12 76.93 -38.11 -20.41
C ALA BA 12 76.99 -39.17 -21.51
N ALA BA 13 76.02 -39.12 -22.42
CA ALA BA 13 75.99 -40.06 -23.53
C ALA BA 13 77.30 -40.01 -24.31
N THR BA 14 77.76 -38.80 -24.64
CA THR BA 14 79.13 -38.56 -25.03
C THR BA 14 79.83 -37.89 -23.86
N PRO BA 15 80.66 -38.60 -23.10
CA PRO BA 15 81.19 -38.05 -21.86
C PRO BA 15 82.07 -36.82 -22.07
N VAL BA 16 81.98 -35.90 -21.11
CA VAL BA 16 82.63 -34.59 -21.16
C VAL BA 16 83.66 -34.49 -20.04
N SER BA 17 84.85 -34.00 -20.35
CA SER BA 17 85.88 -33.83 -19.34
C SER BA 17 85.62 -32.58 -18.51
N HIS BA 18 85.95 -32.67 -17.23
CA HIS BA 18 85.84 -31.54 -16.31
C HIS BA 18 87.17 -31.41 -15.57
N VAL BA 19 87.63 -30.17 -15.40
CA VAL BA 19 88.82 -29.89 -14.62
C VAL BA 19 88.38 -29.19 -13.35
N LEU BA 20 88.60 -29.87 -12.22
CA LEU BA 20 88.24 -29.34 -10.91
C LEU BA 20 89.49 -28.77 -10.25
N VAL BA 21 89.45 -27.48 -9.94
CA VAL BA 21 90.57 -26.75 -9.35
C VAL BA 21 90.42 -26.83 -7.83
N PRO BA 22 91.52 -26.89 -7.06
CA PRO BA 22 91.38 -26.84 -5.60
C PRO BA 22 90.70 -25.55 -5.16
N LEU BA 23 89.82 -25.68 -4.17
CA LEU BA 23 89.01 -24.57 -3.70
C LEU BA 23 89.31 -24.17 -2.26
N GLY BA 24 89.76 -25.11 -1.44
CA GLY BA 24 90.12 -24.78 -0.08
C GLY BA 24 90.08 -26.00 0.81
N VAL BA 25 90.64 -25.83 2.01
CA VAL BA 25 90.63 -26.85 3.04
C VAL BA 25 90.19 -26.19 4.34
N GLY BA 26 89.49 -26.94 5.18
CA GLY BA 26 89.05 -26.41 6.45
C GLY BA 26 88.65 -27.50 7.41
N ILE BA 27 88.29 -27.08 8.63
CA ILE BA 27 87.71 -27.96 9.63
C ILE BA 27 86.31 -27.47 9.94
N ASP BA 28 85.36 -28.39 10.03
CA ASP BA 28 83.96 -28.07 10.30
C ASP BA 28 83.55 -28.71 11.62
N GLU BA 29 82.67 -28.01 12.34
CA GLU BA 29 82.17 -28.51 13.61
C GLU BA 29 81.47 -29.85 13.43
N ASN BA 30 80.60 -29.97 12.41
CA ASN BA 30 79.76 -31.13 12.20
C ASN BA 30 80.23 -32.05 11.08
N LEU BA 31 81.11 -31.59 10.20
CA LEU BA 31 81.54 -32.38 9.05
C LEU BA 31 82.92 -33.00 9.21
N GLY BA 32 83.82 -32.36 9.96
CA GLY BA 32 85.16 -32.88 10.14
C GLY BA 32 86.16 -32.21 9.23
N SER BA 33 87.19 -32.96 8.80
CA SER BA 33 88.16 -32.42 7.86
C SER BA 33 87.56 -32.36 6.47
N VAL BA 34 87.53 -31.18 5.87
CA VAL BA 34 86.88 -30.95 4.59
C VAL BA 34 87.92 -30.43 3.59
N ALA BA 35 87.84 -30.95 2.37
CA ALA BA 35 88.61 -30.46 1.23
C ALA BA 35 87.68 -30.26 0.06
N LYS BA 36 87.84 -29.16 -0.67
CA LYS BA 36 86.89 -28.75 -1.70
C LYS BA 36 87.61 -28.54 -3.03
N TRP BA 37 86.99 -29.03 -4.10
CA TRP BA 37 87.39 -28.75 -5.47
C TRP BA 37 86.19 -28.18 -6.22
N ARG BA 38 86.45 -27.63 -7.40
CA ARG BA 38 85.39 -26.95 -8.15
C ARG BA 38 85.88 -26.67 -9.56
N GLU BA 39 84.98 -26.81 -10.52
CA GLU BA 39 85.24 -26.41 -11.89
C GLU BA 39 85.26 -24.88 -12.00
N ASN BA 40 85.81 -24.39 -13.10
CA ASN BA 40 85.93 -22.95 -13.33
C ASN BA 40 85.37 -22.54 -14.67
N LEU BA 41 84.26 -23.15 -15.07
CA LEU BA 41 83.68 -22.83 -16.37
C LEU BA 41 83.19 -21.40 -16.40
N ALA BA 42 83.41 -20.74 -17.53
CA ALA BA 42 82.81 -19.43 -17.79
C ALA BA 42 81.34 -19.53 -18.15
N THR BA 43 80.78 -20.74 -18.25
CA THR BA 43 79.41 -20.88 -18.74
C THR BA 43 78.40 -20.51 -17.66
N VAL BA 44 78.72 -20.82 -16.41
CA VAL BA 44 77.82 -20.65 -15.27
C VAL BA 44 78.51 -19.72 -14.28
N PRO BA 45 77.77 -19.16 -13.32
CA PRO BA 45 78.42 -18.39 -12.25
C PRO BA 45 79.23 -19.32 -11.36
N LEU BA 46 80.00 -18.70 -10.46
CA LEU BA 46 80.97 -19.47 -9.68
C LEU BA 46 80.28 -20.53 -8.83
N TYR BA 47 79.19 -20.18 -8.16
CA TYR BA 47 78.52 -21.12 -7.26
C TYR BA 47 77.90 -22.31 -7.99
N ALA BA 48 77.66 -22.19 -9.30
CA ALA BA 48 76.93 -23.20 -10.05
C ALA BA 48 77.83 -24.23 -10.74
N ASN BA 49 79.12 -24.24 -10.42
CA ASN BA 49 80.06 -25.17 -11.05
C ASN BA 49 79.98 -26.54 -10.41
N VAL BA 50 80.33 -27.56 -11.22
CA VAL BA 50 80.50 -28.91 -10.69
C VAL BA 50 81.54 -28.90 -9.60
N ARG BA 51 81.23 -29.54 -8.46
CA ARG BA 51 82.12 -29.51 -7.32
C ARG BA 51 82.33 -30.91 -6.75
N VAL BA 52 83.49 -31.09 -6.11
CA VAL BA 52 83.84 -32.32 -5.41
C VAL BA 52 84.32 -31.93 -4.03
N THR BA 53 83.88 -32.69 -3.03
CA THR BA 53 84.20 -32.41 -1.64
C THR BA 53 84.46 -33.71 -0.90
N THR BA 54 85.48 -33.73 -0.04
CA THR BA 54 85.76 -34.85 0.83
C THR BA 54 85.55 -34.47 2.28
N MET BA 55 85.02 -35.41 3.05
CA MET BA 55 84.80 -35.23 4.49
C MET BA 55 85.40 -36.41 5.24
N GLN BA 56 86.07 -36.11 6.35
CA GLN BA 56 86.64 -37.11 7.24
C GLN BA 56 86.27 -36.73 8.67
N LYS BA 57 85.47 -37.56 9.33
CA LYS BA 57 84.94 -37.27 10.64
C LYS BA 57 85.07 -38.49 11.53
N LYS BA 58 85.70 -38.31 12.68
CA LYS BA 58 85.80 -39.39 13.66
C LYS BA 58 84.50 -39.48 14.46
N LEU BA 59 83.94 -40.67 14.55
CA LEU BA 59 82.73 -40.91 15.32
C LEU BA 59 83.08 -41.61 16.63
N LYS BA 60 82.03 -41.94 17.38
CA LYS BA 60 82.20 -42.67 18.62
C LYS BA 60 82.49 -44.14 18.32
N SER BA 61 83.08 -44.81 19.31
CA SER BA 61 83.43 -46.22 19.22
C SER BA 61 84.48 -46.49 18.13
N GLY BA 62 85.35 -45.52 17.90
CA GLY BA 62 86.51 -45.74 17.04
C GLY BA 62 86.15 -46.06 15.60
N ILE BA 63 85.17 -45.36 15.04
CA ILE BA 63 84.76 -45.51 13.66
C ILE BA 63 84.85 -44.15 13.00
N GLU BA 64 85.49 -44.10 11.84
CA GLU BA 64 85.56 -42.85 11.09
C GLU BA 64 84.67 -42.94 9.87
N ARG BA 65 84.01 -41.83 9.55
CA ARG BA 65 83.17 -41.73 8.37
C ARG BA 65 83.91 -40.93 7.32
N VAL BA 66 83.91 -41.43 6.09
CA VAL BA 66 84.68 -40.85 4.99
C VAL BA 66 83.72 -40.67 3.82
N GLU BA 67 83.73 -39.48 3.22
CA GLU BA 67 82.84 -39.20 2.10
C GLU BA 67 83.59 -38.47 0.99
N ILE BA 68 83.29 -38.85 -0.25
CA ILE BA 68 83.65 -38.10 -1.44
C ILE BA 68 82.34 -37.73 -2.12
N ARG BA 69 81.96 -36.45 -2.05
CA ARG BA 69 80.66 -35.99 -2.54
C ARG BA 69 80.83 -35.23 -3.85
N VAL BA 70 80.22 -35.74 -4.91
CA VAL BA 70 80.18 -35.08 -6.21
C VAL BA 70 78.80 -34.46 -6.38
N GLU BA 71 78.77 -33.14 -6.57
CA GLU BA 71 77.52 -32.41 -6.78
C GLU BA 71 77.57 -31.73 -8.13
N VAL BA 72 76.56 -32.00 -8.96
CA VAL BA 72 76.46 -31.40 -10.29
C VAL BA 72 75.22 -30.52 -10.34
N PRO BA 73 75.37 -29.20 -10.30
CA PRO BA 73 74.21 -28.31 -10.49
C PRO BA 73 73.77 -28.32 -11.94
N VAL BA 74 72.50 -28.61 -12.17
CA VAL BA 74 71.90 -28.57 -13.50
C VAL BA 74 71.13 -27.26 -13.62
N MET BA 75 71.48 -26.47 -14.63
CA MET BA 75 70.93 -25.12 -14.75
C MET BA 75 69.60 -25.13 -15.48
N GLU BA 76 68.75 -24.17 -15.11
CA GLU BA 76 67.58 -23.90 -15.93
C GLU BA 76 68.00 -23.38 -17.30
N ALA BA 77 67.16 -23.66 -18.30
CA ALA BA 77 67.43 -23.21 -19.66
C ALA BA 77 66.88 -21.81 -19.84
N VAL BA 78 67.76 -20.84 -20.03
CA VAL BA 78 67.33 -19.47 -20.27
C VAL BA 78 66.80 -19.38 -21.70
N SER BA 79 65.54 -18.96 -21.84
CA SER BA 79 64.91 -18.81 -23.14
C SER BA 79 64.07 -17.54 -23.12
N GLY BA 80 64.18 -16.74 -24.17
CA GLY BA 80 63.44 -15.49 -24.25
C GLY BA 80 63.68 -14.58 -23.07
N GLN BA 81 62.69 -13.73 -22.82
CA GLN BA 81 62.73 -12.73 -21.76
C GLN BA 81 61.72 -13.07 -20.68
N ASN BA 82 61.95 -12.53 -19.49
CA ASN BA 82 61.02 -12.68 -18.39
C ASN BA 82 59.94 -11.61 -18.48
N ALA BA 83 59.04 -11.61 -17.48
CA ALA BA 83 57.92 -10.69 -17.48
C ALA BA 83 58.35 -9.23 -17.36
N PHE BA 84 59.62 -8.95 -17.10
CA PHE BA 84 60.12 -7.59 -16.98
C PHE BA 84 60.82 -7.10 -18.24
N GLY BA 85 60.98 -7.97 -19.24
CA GLY BA 85 61.62 -7.57 -20.48
C GLY BA 85 63.12 -7.77 -20.52
N TYR BA 86 63.69 -8.49 -19.56
CA TYR BA 86 65.11 -8.76 -19.51
C TYR BA 86 65.37 -10.26 -19.71
N THR BA 87 66.57 -10.57 -20.21
CA THR BA 87 67.00 -11.96 -20.25
C THR BA 87 67.21 -12.46 -18.81
N ALA BA 88 66.70 -13.66 -18.54
CA ALA BA 88 66.71 -14.18 -17.17
C ALA BA 88 68.14 -14.43 -16.69
N ALA BA 89 68.36 -14.21 -15.40
CA ALA BA 89 69.63 -14.54 -14.80
C ALA BA 89 69.77 -16.05 -14.69
N PRO BA 90 71.00 -16.58 -14.74
CA PRO BA 90 71.17 -18.03 -14.58
C PRO BA 90 70.66 -18.49 -13.22
N LYS BA 91 69.97 -19.63 -13.23
CA LYS BA 91 69.37 -20.17 -12.02
C LYS BA 91 69.54 -21.68 -12.00
N VAL BA 92 69.88 -22.22 -10.83
CA VAL BA 92 70.05 -23.65 -10.69
C VAL BA 92 68.68 -24.32 -10.63
N ALA BA 93 68.46 -25.29 -11.52
CA ALA BA 93 67.19 -26.01 -11.54
C ALA BA 93 67.14 -27.05 -10.43
N PHE BA 94 68.17 -27.88 -10.35
CA PHE BA 94 68.31 -28.86 -9.28
C PHE BA 94 69.78 -29.27 -9.23
N THR BA 95 70.17 -29.87 -8.11
CA THR BA 95 71.54 -30.33 -7.92
C THR BA 95 71.54 -31.82 -7.66
N ASP BA 96 72.19 -32.58 -8.52
CA ASP BA 96 72.35 -34.02 -8.34
C ASP BA 96 73.59 -34.30 -7.49
N SER BA 97 73.46 -35.26 -6.58
CA SER BA 97 74.53 -35.57 -5.63
C SER BA 97 74.79 -37.06 -5.65
N GLY BA 98 76.00 -37.46 -6.02
CA GLY BA 98 76.44 -38.83 -5.91
C GLY BA 98 77.73 -38.89 -5.12
N SER BA 99 77.80 -39.74 -4.10
CA SER BA 99 78.95 -39.72 -3.22
C SER BA 99 79.35 -41.13 -2.83
N PHE BA 100 80.64 -41.28 -2.50
CA PHE BA 100 81.12 -42.45 -1.79
C PHE BA 100 81.05 -42.17 -0.30
N VAL BA 101 80.55 -43.12 0.48
CA VAL BA 101 80.48 -42.99 1.93
C VAL BA 101 81.06 -44.26 2.54
N GLY BA 102 82.15 -44.10 3.29
CA GLY BA 102 82.80 -45.22 3.95
C GLY BA 102 82.72 -45.08 5.46
N TYR BA 103 82.44 -46.19 6.13
CA TYR BA 103 82.55 -46.30 7.59
C TYR BA 103 83.58 -47.36 7.88
N PHE BA 104 84.68 -46.96 8.49
CA PHE BA 104 85.80 -47.86 8.75
C PHE BA 104 86.19 -47.82 10.21
N SER BA 105 86.45 -48.99 10.78
CA SER BA 105 86.97 -49.07 12.13
C SER BA 105 88.43 -48.61 12.16
N GLU BA 106 88.84 -48.07 13.31
CA GLU BA 106 90.25 -47.72 13.49
C GLU BA 106 91.16 -48.94 13.35
N ARG BA 107 90.60 -50.15 13.49
CA ARG BA 107 91.37 -51.38 13.40
C ARG BA 107 91.61 -51.84 11.97
N SER BA 108 90.88 -51.32 10.99
CA SER BA 108 91.09 -51.75 9.61
C SER BA 108 92.38 -51.16 9.07
N ALA BA 109 93.03 -51.94 8.21
CA ALA BA 109 94.30 -51.56 7.60
C ALA BA 109 94.07 -50.99 6.21
N GLN BA 110 95.12 -50.39 5.66
CA GLN BA 110 95.06 -49.88 4.30
C GLN BA 110 94.55 -50.94 3.34
N SER BA 111 95.02 -52.18 3.49
CA SER BA 111 94.62 -53.26 2.59
C SER BA 111 93.14 -53.56 2.70
N ASN BA 112 92.60 -53.60 3.93
CA ASN BA 112 91.18 -53.88 4.11
C ASN BA 112 90.31 -52.83 3.42
N ARG BA 113 90.65 -51.55 3.62
CA ARG BA 113 89.84 -50.48 3.04
C ARG BA 113 89.94 -50.45 1.53
N ARG BA 114 91.16 -50.62 1.00
CA ARG BA 114 91.33 -50.67 -0.45
C ARG BA 114 90.56 -51.82 -1.06
N LEU BA 115 90.44 -52.94 -0.34
CA LEU BA 115 89.74 -54.10 -0.86
C LEU BA 115 88.25 -53.81 -1.04
N VAL BA 116 87.62 -53.20 -0.03
CA VAL BA 116 86.21 -52.86 -0.12
C VAL BA 116 85.98 -51.83 -1.22
N LYS BA 117 86.86 -50.83 -1.29
CA LYS BA 117 86.71 -49.75 -2.27
C LYS BA 117 86.47 -50.29 -3.67
N GLN BA 118 87.33 -51.20 -4.12
CA GLN BA 118 87.26 -51.63 -5.51
C GLN BA 118 86.02 -52.47 -5.80
N ILE BA 119 85.50 -53.20 -4.81
CA ILE BA 119 84.25 -53.92 -5.03
C ILE BA 119 83.16 -52.96 -5.47
N LEU BA 120 82.95 -51.90 -4.69
CA LEU BA 120 81.95 -50.90 -5.04
C LEU BA 120 82.24 -50.29 -6.40
N THR BA 121 83.50 -49.90 -6.65
CA THR BA 121 83.85 -49.30 -7.92
C THR BA 121 83.50 -50.22 -9.09
N ASN BA 122 83.85 -51.51 -8.97
CA ASN BA 122 83.54 -52.44 -10.04
C ASN BA 122 82.03 -52.63 -10.19
N LEU BA 123 81.31 -52.63 -9.08
CA LEU BA 123 79.86 -52.72 -9.15
C LEU BA 123 79.26 -51.53 -9.91
N LEU BA 124 79.75 -50.32 -9.62
CA LEU BA 124 79.24 -49.13 -10.29
C LEU BA 124 79.58 -49.13 -11.78
N GLY BA 125 80.69 -49.75 -12.16
CA GLY BA 125 81.11 -49.83 -13.53
C GLY BA 125 80.57 -51.01 -14.29
N ASN BA 126 79.74 -51.83 -13.64
CA ASN BA 126 79.20 -53.06 -14.23
C ASN BA 126 80.31 -53.97 -14.74
N VAL BA 127 81.36 -54.12 -13.93
CA VAL BA 127 82.56 -54.86 -14.30
C VAL BA 127 82.64 -56.12 -13.45
N SER BA 128 82.64 -57.27 -14.13
CA SER BA 128 82.74 -58.56 -13.47
C SER BA 128 84.12 -59.20 -13.60
N THR BA 129 85.07 -58.51 -14.22
CA THR BA 129 86.42 -59.03 -14.40
C THR BA 129 87.36 -58.39 -13.39
N SER BA 130 88.63 -58.79 -13.45
CA SER BA 130 89.63 -58.31 -12.50
C SER BA 130 90.12 -56.92 -12.89
N VAL BA 131 90.12 -56.02 -11.92
CA VAL BA 131 90.60 -54.65 -12.10
C VAL BA 131 91.48 -54.31 -10.92
N ALA BA 132 92.64 -53.72 -11.19
CA ALA BA 132 93.60 -53.39 -10.15
C ALA BA 132 93.14 -52.16 -9.37
N ALA BA 133 93.17 -52.25 -8.05
CA ALA BA 133 92.73 -51.15 -7.21
C ALA BA 133 93.79 -50.06 -7.20
N PRO BA 134 93.42 -48.79 -7.43
CA PRO BA 134 94.41 -47.71 -7.41
C PRO BA 134 95.03 -47.54 -6.04
N THR BA 135 96.32 -47.19 -6.03
CA THR BA 135 97.06 -46.92 -4.80
C THR BA 135 97.50 -45.47 -4.69
N THR BA 136 97.13 -44.62 -5.65
CA THR BA 136 97.42 -43.20 -5.62
C THR BA 136 96.18 -42.42 -6.00
N GLY BA 137 96.26 -41.10 -5.88
CA GLY BA 137 95.12 -40.24 -6.12
C GLY BA 137 94.42 -39.85 -4.84
N PHE BA 138 93.67 -38.75 -4.91
CA PHE BA 138 93.05 -38.22 -3.70
C PHE BA 138 92.00 -39.19 -3.16
N ALA BA 139 91.32 -39.94 -4.03
CA ALA BA 139 90.34 -40.91 -3.58
C ALA BA 139 91.01 -42.05 -2.81
N SER BA 140 92.12 -42.57 -3.34
CA SER BA 140 92.83 -43.63 -2.62
C SER BA 140 93.40 -43.13 -1.30
N GLU BA 141 93.98 -41.93 -1.31
CA GLU BA 141 94.54 -41.39 -0.08
C GLU BA 141 93.46 -41.26 0.99
N LEU BA 142 92.25 -40.88 0.60
CA LEU BA 142 91.19 -40.71 1.56
C LEU BA 142 90.59 -42.04 1.99
N ILE BA 143 90.15 -42.86 1.04
CA ILE BA 143 89.43 -44.09 1.37
C ILE BA 143 90.40 -45.14 1.92
N ASP BA 144 91.52 -45.37 1.23
CA ASP BA 144 92.42 -46.44 1.65
C ASP BA 144 93.18 -46.07 2.92
N SER BA 145 93.57 -44.81 3.06
CA SER BA 145 94.56 -44.42 4.06
C SER BA 145 94.09 -43.32 5.01
N GLY BA 146 92.85 -42.86 4.91
CA GLY BA 146 92.38 -41.84 5.83
C GLY BA 146 93.14 -40.54 5.74
N ILE BA 147 93.52 -40.13 4.53
CA ILE BA 147 94.31 -38.93 4.30
C ILE BA 147 93.43 -37.88 3.65
N THR BA 148 93.36 -36.70 4.26
CA THR BA 148 92.72 -35.54 3.65
C THR BA 148 93.79 -34.63 3.06
N ALA BA 149 93.50 -34.06 1.89
CA ALA BA 149 94.45 -33.17 1.24
C ALA BA 149 94.77 -31.97 2.14
N SER BA 150 95.93 -31.37 1.89
CA SER BA 150 96.40 -30.26 2.72
C SER BA 150 97.35 -29.33 1.98
N SER CA 1 107.82 -25.91 4.92
CA SER CA 1 106.58 -25.15 4.85
C SER CA 1 105.37 -26.08 4.75
N SER CA 2 105.12 -26.62 3.57
CA SER CA 2 103.99 -27.51 3.36
C SER CA 2 104.38 -28.95 3.69
N GLN CA 3 103.37 -29.79 3.91
CA GLN CA 3 103.60 -31.14 4.40
C GLN CA 3 104.28 -32.00 3.34
N ALA CA 4 105.25 -32.79 3.79
CA ALA CA 4 105.95 -33.73 2.93
C ALA CA 4 106.27 -34.99 3.73
N ASN CA 5 106.74 -36.02 3.03
CA ASN CA 5 107.08 -37.27 3.69
C ASN CA 5 108.26 -37.07 4.62
N ILE CA 6 108.14 -37.60 5.84
CA ILE CA 6 109.22 -37.61 6.82
C ILE CA 6 109.84 -38.99 6.83
N THR CA 7 111.17 -39.05 6.76
CA THR CA 7 111.91 -40.30 6.87
C THR CA 7 112.77 -40.26 8.13
N VAL CA 8 112.50 -41.15 9.08
CA VAL CA 8 113.14 -41.17 10.38
C VAL CA 8 113.51 -42.60 10.73
N PHE CA 9 114.67 -42.77 11.35
CA PHE CA 9 115.04 -44.04 11.98
C PHE CA 9 114.61 -44.04 13.43
N ASP CA 10 114.22 -45.22 13.92
CA ASP CA 10 113.75 -45.35 15.29
C ASP CA 10 114.92 -45.70 16.20
N GLY CA 11 114.61 -46.11 17.43
CA GLY CA 11 115.65 -46.42 18.39
C GLY CA 11 115.72 -47.88 18.77
N ALA CA 12 115.35 -48.76 17.84
CA ALA CA 12 115.52 -50.18 18.05
C ALA CA 12 117.00 -50.52 18.16
N ALA CA 13 117.28 -51.71 18.69
CA ALA CA 13 118.68 -52.14 18.85
C ALA CA 13 119.40 -52.10 17.51
N THR CA 14 118.72 -52.52 16.45
CA THR CA 14 119.13 -52.24 15.08
C THR CA 14 118.12 -51.26 14.48
N PRO CA 15 118.44 -49.97 14.39
CA PRO CA 15 117.42 -48.98 14.02
C PRO CA 15 116.83 -49.23 12.64
N VAL CA 16 115.52 -48.95 12.53
CA VAL CA 16 114.71 -49.20 11.35
C VAL CA 16 114.15 -47.87 10.86
N SER CA 17 114.13 -47.69 9.54
CA SER CA 17 113.61 -46.47 8.96
C SER CA 17 112.09 -46.53 8.84
N HIS CA 18 111.42 -45.41 9.09
CA HIS CA 18 109.99 -45.25 8.93
C HIS CA 18 109.73 -44.09 7.98
N VAL CA 19 108.75 -44.25 7.09
CA VAL CA 19 108.33 -43.18 6.20
C VAL CA 19 106.93 -42.75 6.64
N LEU CA 20 106.84 -41.52 7.14
CA LEU CA 20 105.58 -40.96 7.63
C LEU CA 20 105.01 -40.04 6.56
N VAL CA 21 103.83 -40.36 6.05
CA VAL CA 21 103.20 -39.57 4.99
C VAL CA 21 102.24 -38.56 5.63
N PRO CA 22 101.96 -37.45 4.96
CA PRO CA 22 101.04 -36.45 5.54
C PRO CA 22 99.62 -36.98 5.64
N LEU CA 23 98.93 -36.54 6.69
CA LEU CA 23 97.53 -36.84 6.92
C LEU CA 23 96.61 -35.63 6.86
N GLY CA 24 97.15 -34.44 7.05
CA GLY CA 24 96.35 -33.24 6.97
C GLY CA 24 96.71 -32.18 7.99
N VAL CA 25 96.18 -30.98 7.81
CA VAL CA 25 96.39 -29.86 8.73
C VAL CA 25 95.04 -29.23 9.00
N GLY CA 26 94.89 -28.71 10.21
CA GLY CA 26 93.67 -27.99 10.56
C GLY CA 26 93.86 -27.22 11.84
N ILE CA 27 92.81 -26.48 12.21
CA ILE CA 27 92.82 -25.66 13.42
C ILE CA 27 91.75 -26.18 14.35
N ASP CA 28 92.17 -26.84 15.43
CA ASP CA 28 91.30 -27.23 16.53
C ASP CA 28 91.26 -26.10 17.55
N GLU CA 29 90.07 -25.86 18.12
CA GLU CA 29 89.92 -24.76 19.06
C GLU CA 29 90.72 -25.01 20.35
N ASN CA 30 90.76 -26.27 20.80
CA ASN CA 30 91.50 -26.62 22.00
C ASN CA 30 92.99 -26.85 21.71
N LEU CA 31 93.31 -27.63 20.68
CA LEU CA 31 94.71 -27.98 20.46
C LEU CA 31 95.49 -26.87 19.77
N GLY CA 32 94.83 -26.05 18.94
CA GLY CA 32 95.52 -25.04 18.17
C GLY CA 32 95.70 -25.46 16.72
N SER CA 33 96.83 -25.07 16.12
CA SER CA 33 97.15 -25.51 14.77
C SER CA 33 97.79 -26.90 14.82
N VAL CA 34 97.16 -27.87 14.17
CA VAL CA 34 97.56 -29.27 14.24
C VAL CA 34 97.94 -29.74 12.85
N ALA CA 35 99.08 -30.44 12.75
CA ALA CA 35 99.52 -31.11 11.54
C ALA CA 35 99.84 -32.56 11.87
N LYS CA 36 99.39 -33.49 11.03
CA LYS CA 36 99.47 -34.91 11.31
C LYS CA 36 100.26 -35.64 10.23
N TRP CA 37 101.08 -36.60 10.64
CA TRP CA 37 101.75 -37.53 9.76
C TRP CA 37 101.53 -38.94 10.28
N ARG CA 38 101.65 -39.93 9.40
CA ARG CA 38 101.51 -41.32 9.83
C ARG CA 38 102.19 -42.24 8.84
N GLU CA 39 102.84 -43.27 9.36
CA GLU CA 39 103.38 -44.33 8.51
C GLU CA 39 102.24 -45.17 7.92
N ASN CA 40 102.47 -45.72 6.74
CA ASN CA 40 101.42 -46.40 5.98
C ASN CA 40 101.86 -47.81 5.63
N LEU CA 41 102.10 -48.62 6.67
CA LEU CA 41 102.30 -50.04 6.44
C LEU CA 41 101.02 -50.68 5.92
N ALA CA 42 101.16 -51.48 4.86
CA ALA CA 42 99.98 -51.92 4.11
C ALA CA 42 99.05 -52.80 4.95
N THR CA 43 99.60 -53.70 5.76
CA THR CA 43 98.81 -54.64 6.53
C THR CA 43 98.52 -54.17 7.95
N VAL CA 44 99.25 -53.20 8.46
CA VAL CA 44 99.09 -52.78 9.86
C VAL CA 44 97.84 -51.94 10.00
N PRO CA 45 97.01 -52.17 11.02
CA PRO CA 45 95.85 -51.30 11.26
C PRO CA 45 96.27 -49.84 11.30
N LEU CA 46 95.39 -48.97 10.79
CA LEU CA 46 95.74 -47.56 10.68
C LEU CA 46 96.06 -46.96 12.05
N TYR CA 47 95.28 -47.31 13.07
CA TYR CA 47 95.53 -46.74 14.39
C TYR CA 47 96.69 -47.44 15.11
N ALA CA 48 97.33 -48.43 14.48
CA ALA CA 48 98.50 -49.09 15.05
C ALA CA 48 99.80 -48.64 14.40
N ASN CA 49 99.73 -47.72 13.44
CA ASN CA 49 100.92 -47.23 12.73
C ASN CA 49 101.55 -46.05 13.46
N VAL CA 50 102.88 -45.96 13.33
CA VAL CA 50 103.62 -44.84 13.92
C VAL CA 50 103.09 -43.53 13.36
N ARG CA 51 102.84 -42.56 14.24
CA ARG CA 51 102.33 -41.27 13.83
C ARG CA 51 103.09 -40.15 14.50
N VAL CA 52 103.10 -38.99 13.85
CA VAL CA 52 103.74 -37.79 14.36
C VAL CA 52 102.77 -36.62 14.19
N THR CA 53 102.69 -35.78 15.22
CA THR CA 53 101.74 -34.68 15.25
C THR CA 53 102.40 -33.45 15.85
N THR CA 54 102.07 -32.28 15.31
CA THR CA 54 102.52 -31.01 15.87
C THR CA 54 101.31 -30.17 16.29
N MET CA 55 101.41 -29.58 17.47
CA MET CA 55 100.42 -28.63 17.98
C MET CA 55 101.09 -27.28 18.20
N GLN CA 56 100.36 -26.21 17.88
CA GLN CA 56 100.81 -24.85 18.19
C GLN CA 56 99.61 -24.06 18.70
N LYS CA 57 99.74 -23.48 19.90
CA LYS CA 57 98.64 -22.77 20.53
C LYS CA 57 99.20 -21.61 21.34
N LYS CA 58 98.58 -20.44 21.19
CA LYS CA 58 98.86 -19.31 22.05
C LYS CA 58 97.93 -19.40 23.26
N LEU CA 59 98.52 -19.46 24.45
CA LEU CA 59 97.74 -19.58 25.68
C LEU CA 59 97.19 -18.22 26.09
N LYS CA 60 96.42 -18.22 27.18
CA LYS CA 60 95.88 -16.96 27.70
C LYS CA 60 96.98 -16.06 28.23
N SER CA 61 98.06 -16.65 28.77
CA SER CA 61 99.19 -15.89 29.29
C SER CA 61 99.90 -15.08 28.20
N GLY CA 62 99.67 -15.41 26.93
CA GLY CA 62 100.52 -14.93 25.85
C GLY CA 62 101.67 -15.86 25.53
N ILE CA 63 101.94 -16.83 26.39
CA ILE CA 63 102.98 -17.82 26.13
C ILE CA 63 102.54 -18.71 24.97
N GLU CA 64 103.41 -18.86 23.98
CA GLU CA 64 103.13 -19.81 22.90
C GLU CA 64 103.57 -21.19 23.33
N ARG CA 65 102.71 -22.18 23.14
CA ARG CA 65 103.01 -23.57 23.42
C ARG CA 65 103.22 -24.32 22.11
N VAL CA 66 104.22 -25.20 22.08
CA VAL CA 66 104.63 -25.91 20.87
C VAL CA 66 104.89 -27.35 21.24
N GLU CA 67 104.37 -28.28 20.44
CA GLU CA 67 104.55 -29.70 20.71
C GLU CA 67 104.79 -30.48 19.42
N ILE CA 68 105.72 -31.43 19.48
CA ILE CA 68 105.93 -32.43 18.45
C ILE CA 68 105.76 -33.78 19.13
N ARG CA 69 104.65 -34.46 18.85
CA ARG CA 69 104.27 -35.68 19.55
C ARG CA 69 104.46 -36.91 18.66
N VAL CA 70 105.35 -37.81 19.07
CA VAL CA 70 105.58 -39.08 18.40
C VAL CA 70 104.87 -40.18 19.17
N GLU CA 71 103.99 -40.91 18.49
CA GLU CA 71 103.23 -41.99 19.10
C GLU CA 71 103.53 -43.29 18.35
N VAL CA 72 103.90 -44.32 19.09
CA VAL CA 72 104.18 -45.64 18.54
C VAL CA 72 103.22 -46.65 19.17
N PRO CA 73 102.17 -47.05 18.46
CA PRO CA 73 101.26 -48.05 19.01
C PRO CA 73 101.86 -49.45 18.96
N VAL CA 74 101.53 -50.25 19.96
CA VAL CA 74 101.98 -51.64 20.06
C VAL CA 74 100.74 -52.52 20.18
N MET CA 75 100.67 -53.54 19.34
CA MET CA 75 99.53 -54.42 19.30
C MET CA 75 99.75 -55.62 20.20
N GLU CA 76 98.65 -56.32 20.50
CA GLU CA 76 98.74 -57.60 21.18
C GLU CA 76 99.26 -58.65 20.21
N ALA CA 77 99.36 -59.88 20.70
CA ALA CA 77 99.90 -60.96 19.89
C ALA CA 77 98.82 -61.59 19.02
N VAL CA 78 99.24 -62.17 17.87
CA VAL CA 78 98.34 -62.84 16.93
C VAL CA 78 98.24 -64.31 17.30
N SER CA 79 97.06 -64.88 17.14
CA SER CA 79 96.85 -66.29 17.45
C SER CA 79 96.79 -67.18 16.21
N GLY CA 80 96.68 -66.63 15.02
CA GLY CA 80 96.47 -67.46 13.84
C GLY CA 80 95.94 -66.66 12.67
N GLN CA 81 95.50 -67.40 11.65
CA GLN CA 81 95.00 -66.84 10.41
C GLN CA 81 93.87 -67.72 9.90
N ASN CA 82 92.72 -67.11 9.61
CA ASN CA 82 91.58 -67.89 9.17
C ASN CA 82 91.82 -68.47 7.79
N ALA CA 83 91.36 -69.70 7.59
CA ALA CA 83 91.63 -70.38 6.33
C ALA CA 83 90.88 -69.77 5.16
N PHE CA 84 89.71 -69.16 5.41
CA PHE CA 84 88.88 -68.81 4.26
C PHE CA 84 88.32 -67.39 4.29
N GLY CA 85 88.12 -66.83 5.48
CA GLY CA 85 87.66 -65.47 5.62
C GLY CA 85 88.77 -64.44 5.52
N TYR CA 86 88.50 -63.26 6.06
CA TYR CA 86 89.52 -62.24 6.27
C TYR CA 86 89.85 -62.18 7.76
N THR CA 87 91.12 -61.96 8.08
CA THR CA 87 91.60 -62.03 9.45
C THR CA 87 92.15 -60.69 9.90
N ALA CA 88 91.69 -60.24 11.07
CA ALA CA 88 92.08 -58.94 11.59
C ALA CA 88 93.36 -59.03 12.41
N ALA CA 89 94.10 -57.96 12.41
CA ALA CA 89 95.21 -57.84 13.32
C ALA CA 89 94.69 -57.50 14.73
N PRO CA 90 95.40 -57.93 15.77
CA PRO CA 90 94.90 -57.75 17.13
C PRO CA 90 94.83 -56.28 17.52
N LYS CA 91 94.15 -56.03 18.64
CA LYS CA 91 93.95 -54.66 19.11
C LYS CA 91 95.26 -54.08 19.65
N VAL CA 92 95.30 -52.75 19.71
CA VAL CA 92 96.46 -52.06 20.27
C VAL CA 92 96.49 -52.28 21.78
N ALA CA 93 97.61 -52.78 22.28
CA ALA CA 93 97.74 -53.02 23.70
C ALA CA 93 98.04 -51.73 24.46
N PHE CA 94 98.93 -50.90 23.91
CA PHE CA 94 99.26 -49.62 24.49
C PHE CA 94 99.90 -48.76 23.42
N THR CA 95 100.04 -47.47 23.71
CA THR CA 95 100.67 -46.55 22.79
C THR CA 95 101.72 -45.75 23.56
N ASP CA 96 102.95 -45.79 23.08
CA ASP CA 96 104.04 -45.04 23.68
C ASP CA 96 104.10 -43.66 23.05
N SER CA 97 104.15 -42.63 23.91
CA SER CA 97 104.13 -41.24 23.46
C SER CA 97 105.37 -40.53 23.98
N GLY CA 98 106.21 -40.05 23.07
CA GLY CA 98 107.33 -39.21 23.41
C GLY CA 98 107.26 -37.92 22.61
N SER CA 99 107.31 -36.78 23.28
CA SER CA 99 107.10 -35.52 22.59
C SER CA 99 108.06 -34.46 23.09
N PHE CA 100 108.33 -33.49 22.22
CA PHE CA 100 108.94 -32.23 22.62
C PHE CA 100 107.83 -31.24 22.93
N VAL CA 101 107.98 -30.50 24.01
CA VAL CA 101 107.02 -29.47 24.40
C VAL CA 101 107.79 -28.20 24.74
N GLY CA 102 107.48 -27.12 24.05
CA GLY CA 102 108.15 -25.84 24.27
C GLY CA 102 107.17 -24.78 24.73
N TYR CA 103 107.57 -24.00 25.73
CA TYR CA 103 106.82 -22.85 26.20
C TYR CA 103 107.71 -21.62 26.05
N PHE CA 104 107.29 -20.70 25.18
CA PHE CA 104 108.10 -19.54 24.83
C PHE CA 104 107.30 -18.26 25.01
N SER CA 105 107.98 -17.22 25.49
CA SER CA 105 107.39 -15.89 25.56
C SER CA 105 107.40 -15.24 24.17
N GLU CA 106 106.57 -14.21 24.02
CA GLU CA 106 106.55 -13.46 22.76
C GLU CA 106 107.89 -12.78 22.49
N ARG CA 107 108.61 -12.39 23.55
CA ARG CA 107 109.89 -11.70 23.35
C ARG CA 107 110.97 -12.62 22.79
N SER CA 108 110.88 -13.92 23.03
CA SER CA 108 111.95 -14.83 22.64
C SER CA 108 112.04 -14.91 21.12
N ALA CA 109 113.28 -14.81 20.61
CA ALA CA 109 113.52 -14.76 19.18
C ALA CA 109 113.81 -16.16 18.63
N GLN CA 110 113.97 -16.25 17.32
CA GLN CA 110 114.45 -17.48 16.70
C GLN CA 110 115.63 -18.06 17.48
N SER CA 111 116.66 -17.24 17.73
CA SER CA 111 117.88 -17.74 18.34
C SER CA 111 117.64 -18.24 19.75
N ASN CA 112 116.77 -17.56 20.50
CA ASN CA 112 116.44 -17.99 21.85
C ASN CA 112 115.79 -19.37 21.85
N ARG CA 113 114.73 -19.54 21.04
CA ARG CA 113 114.06 -20.84 20.96
C ARG CA 113 114.99 -21.92 20.45
N ARG CA 114 115.78 -21.62 19.42
CA ARG CA 114 116.70 -22.61 18.87
C ARG CA 114 117.76 -23.01 19.89
N LEU CA 115 118.16 -22.08 20.76
CA LEU CA 115 119.21 -22.38 21.73
C LEU CA 115 118.75 -23.43 22.72
N VAL CA 116 117.53 -23.29 23.25
CA VAL CA 116 117.02 -24.26 24.21
C VAL CA 116 116.74 -25.58 23.53
N LYS CA 117 116.18 -25.52 22.32
CA LYS CA 117 115.88 -26.75 21.56
C LYS CA 117 117.07 -27.69 21.55
N GLN CA 118 118.25 -27.19 21.19
CA GLN CA 118 119.38 -28.07 20.97
C GLN CA 118 119.92 -28.62 22.29
N ILE CA 119 119.79 -27.89 23.39
CA ILE CA 119 120.17 -28.44 24.68
C ILE CA 119 119.43 -29.75 24.93
N LEU CA 120 118.11 -29.73 24.75
CA LEU CA 120 117.31 -30.92 24.96
C LEU CA 120 117.67 -32.02 23.97
N THR CA 121 117.86 -31.65 22.70
CA THR CA 121 118.22 -32.65 21.69
C THR CA 121 119.53 -33.33 22.04
N ASN CA 122 120.52 -32.55 22.49
CA ASN CA 122 121.80 -33.12 22.87
C ASN CA 122 121.67 -33.98 24.12
N LEU CA 123 120.85 -33.55 25.08
CA LEU CA 123 120.59 -34.36 26.27
C LEU CA 123 119.98 -35.71 25.90
N LEU CA 124 119.00 -35.71 24.99
CA LEU CA 124 118.35 -36.96 24.59
C LEU CA 124 119.30 -37.87 23.84
N GLY CA 125 120.29 -37.30 23.16
CA GLY CA 125 121.28 -38.07 22.44
C GLY CA 125 122.51 -38.43 23.23
N ASN CA 126 122.56 -38.05 24.51
CA ASN CA 126 123.72 -38.28 25.38
C ASN CA 126 124.99 -37.70 24.75
N VAL CA 127 124.88 -36.47 24.26
CA VAL CA 127 125.93 -35.81 23.51
C VAL CA 127 126.50 -34.69 24.36
N SER CA 128 127.79 -34.77 24.68
CA SER CA 128 128.48 -33.73 25.42
C SER CA 128 129.31 -32.82 24.52
N THR CA 129 129.37 -33.09 23.23
CA THR CA 129 130.17 -32.29 22.31
C THR CA 129 129.29 -31.23 21.65
N SER CA 130 129.91 -30.43 20.77
CA SER CA 130 129.20 -29.35 20.09
C SER CA 130 128.49 -29.88 18.85
N VAL CA 131 127.22 -29.51 18.71
CA VAL CA 131 126.40 -29.91 17.58
C VAL CA 131 125.68 -28.68 17.05
N ALA CA 132 125.73 -28.48 15.74
CA ALA CA 132 125.08 -27.33 15.13
C ALA CA 132 123.56 -27.50 15.18
N ALA CA 133 122.87 -26.49 15.66
CA ALA CA 133 121.42 -26.57 15.75
C ALA CA 133 120.80 -26.39 14.37
N PRO CA 134 119.89 -27.28 13.98
CA PRO CA 134 119.27 -27.17 12.64
C PRO CA 134 118.49 -25.86 12.50
N THR CA 135 118.55 -25.30 11.30
CA THR CA 135 117.77 -24.10 10.97
C THR CA 135 116.72 -24.35 9.91
N THR CA 136 116.63 -25.57 9.39
CA THR CA 136 115.60 -25.98 8.44
C THR CA 136 114.94 -27.26 8.95
N GLY CA 137 113.93 -27.72 8.24
CA GLY CA 137 113.17 -28.87 8.66
C GLY CA 137 111.92 -28.47 9.43
N PHE CA 138 110.94 -29.38 9.45
CA PHE CA 138 109.64 -29.02 10.01
C PHE CA 138 109.74 -28.77 11.51
N ALA CA 139 110.63 -29.49 12.20
CA ALA CA 139 110.82 -29.25 13.63
C ALA CA 139 111.39 -27.86 13.88
N SER CA 140 112.35 -27.42 13.07
CA SER CA 140 112.91 -26.09 13.23
C SER CA 140 111.88 -25.02 12.90
N GLU CA 141 111.11 -25.20 11.82
CA GLU CA 141 110.05 -24.25 11.50
C GLU CA 141 109.10 -24.07 12.68
N LEU CA 142 108.75 -25.17 13.35
CA LEU CA 142 107.80 -25.10 14.44
C LEU CA 142 108.42 -24.56 15.72
N ILE CA 143 109.54 -25.14 16.15
CA ILE CA 143 110.11 -24.78 17.44
C ILE CA 143 110.82 -23.44 17.37
N ASP CA 144 111.67 -23.24 16.35
CA ASP CA 144 112.44 -22.00 16.29
C ASP CA 144 111.56 -20.82 15.87
N SER CA 145 110.66 -21.04 14.91
CA SER CA 145 109.96 -19.93 14.26
C SER CA 145 108.45 -19.92 14.47
N GLY CA 146 107.88 -20.90 15.15
CA GLY CA 146 106.44 -20.91 15.35
C GLY CA 146 105.63 -21.06 14.09
N ILE CA 147 106.06 -21.94 13.18
CA ILE CA 147 105.42 -22.13 11.88
C ILE CA 147 104.97 -23.59 11.78
N THR CA 148 103.67 -23.79 11.59
CA THR CA 148 103.10 -25.13 11.39
C THR CA 148 103.00 -25.43 9.91
N ALA CA 149 103.08 -26.72 9.57
CA ALA CA 149 102.98 -27.15 8.18
C ALA CA 149 101.68 -26.65 7.54
N SER CA 150 101.75 -26.36 6.25
CA SER CA 150 100.62 -25.78 5.52
C SER CA 150 100.02 -26.73 4.50
N SER DA 1 96.83 -23.12 -6.16
CA SER DA 1 95.87 -23.11 -5.07
C SER DA 1 96.51 -23.61 -3.78
N SER DA 2 97.48 -24.52 -3.91
CA SER DA 2 98.26 -24.92 -2.76
C SER DA 2 99.20 -23.79 -2.34
N GLN DA 3 99.36 -23.63 -1.02
CA GLN DA 3 100.04 -22.47 -0.45
C GLN DA 3 101.55 -22.61 -0.59
N ALA DA 4 102.20 -21.57 -1.13
CA ALA DA 4 103.62 -21.62 -1.41
C ALA DA 4 104.29 -20.31 -0.99
N ASN DA 5 105.63 -20.33 -1.00
CA ASN DA 5 106.38 -19.12 -0.68
C ASN DA 5 106.07 -18.01 -1.68
N ILE DA 6 105.98 -16.78 -1.17
CA ILE DA 6 105.73 -15.61 -1.99
C ILE DA 6 106.98 -14.74 -1.95
N THR DA 7 107.55 -14.46 -3.12
CA THR DA 7 108.65 -13.51 -3.25
C THR DA 7 108.09 -12.23 -3.86
N VAL DA 8 108.23 -11.11 -3.14
CA VAL DA 8 107.63 -9.83 -3.53
C VAL DA 8 108.57 -8.70 -3.13
N PHE DA 9 108.75 -7.75 -4.04
CA PHE DA 9 109.51 -6.54 -3.75
C PHE DA 9 108.59 -5.45 -3.20
N ASP DA 10 109.13 -4.64 -2.30
CA ASP DA 10 108.34 -3.59 -1.68
C ASP DA 10 108.48 -2.29 -2.48
N GLY DA 11 108.02 -1.18 -1.91
CA GLY DA 11 108.05 0.09 -2.60
C GLY DA 11 109.01 1.10 -1.98
N ALA DA 12 110.12 0.61 -1.44
CA ALA DA 12 111.17 1.50 -0.98
C ALA DA 12 111.80 2.20 -2.19
N ALA DA 13 112.57 3.26 -1.92
CA ALA DA 13 113.23 3.98 -3.00
C ALA DA 13 114.11 3.03 -3.82
N THR DA 14 114.81 2.12 -3.15
CA THR DA 14 115.38 0.95 -3.80
C THR DA 14 114.62 -0.27 -3.30
N PRO DA 15 113.70 -0.83 -4.10
CA PRO DA 15 112.83 -1.89 -3.60
C PRO DA 15 113.61 -3.10 -3.09
N VAL DA 16 113.08 -3.69 -2.01
CA VAL DA 16 113.69 -4.79 -1.29
C VAL DA 16 112.80 -6.01 -1.42
N SER DA 17 113.39 -7.16 -1.74
CA SER DA 17 112.63 -8.39 -1.85
C SER DA 17 112.32 -8.95 -0.46
N HIS DA 18 111.09 -9.44 -0.30
CA HIS DA 18 110.67 -10.13 0.92
C HIS DA 18 110.20 -11.52 0.54
N VAL DA 19 110.56 -12.51 1.34
CA VAL DA 19 110.11 -13.89 1.13
C VAL DA 19 109.10 -14.21 2.22
N LEU DA 20 107.84 -14.41 1.81
CA LEU DA 20 106.74 -14.64 2.72
C LEU DA 20 106.43 -16.14 2.74
N VAL DA 21 106.63 -16.75 3.91
CA VAL DA 21 106.46 -18.20 4.10
C VAL DA 21 105.01 -18.47 4.47
N PRO DA 22 104.44 -19.60 4.05
CA PRO DA 22 103.05 -19.91 4.45
C PRO DA 22 102.93 -20.23 5.92
N LEU DA 23 101.85 -19.76 6.53
CA LEU DA 23 101.52 -20.06 7.92
C LEU DA 23 100.38 -21.06 8.07
N GLY DA 24 99.57 -21.25 7.04
CA GLY DA 24 98.42 -22.14 7.10
C GLY DA 24 97.15 -21.43 6.71
N VAL DA 25 96.07 -22.21 6.61
CA VAL DA 25 94.75 -21.72 6.24
C VAL DA 25 93.73 -22.25 7.23
N GLY DA 26 92.58 -21.59 7.28
CA GLY DA 26 91.53 -22.00 8.19
C GLY DA 26 90.31 -21.13 8.03
N ILE DA 27 89.31 -21.39 8.86
CA ILE DA 27 88.03 -20.70 8.81
C ILE DA 27 87.79 -19.96 10.12
N ASP DA 28 87.49 -18.67 10.03
CA ASP DA 28 87.14 -17.83 11.16
C ASP DA 28 85.68 -17.43 11.06
N GLU DA 29 85.01 -17.33 12.20
CA GLU DA 29 83.58 -17.00 12.19
C GLU DA 29 83.35 -15.59 11.67
N ASN DA 30 84.18 -14.64 12.10
CA ASN DA 30 84.01 -13.26 11.65
C ASN DA 30 84.51 -13.05 10.23
N LEU DA 31 85.64 -13.66 9.87
CA LEU DA 31 86.39 -13.27 8.68
C LEU DA 31 86.16 -14.17 7.48
N GLY DA 32 85.75 -15.42 7.69
CA GLY DA 32 85.56 -16.35 6.58
C GLY DA 32 86.76 -17.28 6.43
N SER DA 33 87.07 -17.64 5.18
CA SER DA 33 88.27 -18.43 4.91
C SER DA 33 89.49 -17.53 4.92
N VAL DA 34 90.46 -17.85 5.76
CA VAL DA 34 91.63 -17.02 5.97
C VAL DA 34 92.88 -17.83 5.61
N ALA DA 35 93.78 -17.21 4.85
CA ALA DA 35 95.09 -17.77 4.55
C ALA DA 35 96.15 -16.76 4.95
N LYS DA 36 97.22 -17.25 5.57
CA LYS DA 36 98.23 -16.36 6.14
C LYS DA 36 99.62 -16.69 5.61
N TRP DA 37 100.36 -15.65 5.24
CA TRP DA 37 101.78 -15.72 4.96
C TRP DA 37 102.52 -14.77 5.87
N ARG DA 38 103.83 -15.00 6.00
CA ARG DA 38 104.64 -14.19 6.90
C ARG DA 38 106.09 -14.31 6.49
N GLU DA 39 106.84 -13.21 6.61
CA GLU DA 39 108.28 -13.26 6.46
C GLU DA 39 108.89 -13.79 7.74
N ASN DA 40 110.07 -14.41 7.64
CA ASN DA 40 110.72 -15.00 8.81
C ASN DA 40 112.10 -14.39 8.99
N LEU DA 41 112.14 -13.08 9.28
CA LEU DA 41 113.39 -12.37 9.55
C LEU DA 41 113.74 -12.52 11.02
N ALA DA 42 115.02 -12.80 11.28
CA ALA DA 42 115.59 -12.73 12.63
C ALA DA 42 115.83 -11.30 13.11
N THR DA 43 115.70 -10.31 12.21
CA THR DA 43 115.91 -8.93 12.60
C THR DA 43 114.85 -8.43 13.58
N VAL DA 44 113.63 -8.96 13.49
CA VAL DA 44 112.50 -8.41 14.24
C VAL DA 44 111.81 -9.56 14.98
N PRO DA 45 110.98 -9.24 15.98
CA PRO DA 45 110.20 -10.29 16.65
C PRO DA 45 109.34 -11.06 15.67
N LEU DA 46 108.97 -12.27 16.07
CA LEU DA 46 108.21 -13.15 15.17
C LEU DA 46 106.88 -12.53 14.79
N TYR DA 47 106.17 -11.94 15.74
CA TYR DA 47 104.88 -11.32 15.47
C TYR DA 47 105.00 -10.03 14.66
N ALA DA 48 106.20 -9.48 14.50
CA ALA DA 48 106.38 -8.15 13.92
C ALA DA 48 106.90 -8.21 12.49
N ASN DA 49 106.73 -9.33 11.81
CA ASN DA 49 107.20 -9.50 10.45
C ASN DA 49 106.18 -8.99 9.44
N VAL DA 50 106.68 -8.64 8.24
CA VAL DA 50 105.78 -8.34 7.13
C VAL DA 50 104.91 -9.55 6.85
N ARG DA 51 103.60 -9.33 6.68
CA ARG DA 51 102.69 -10.43 6.52
C ARG DA 51 101.63 -10.11 5.46
N VAL DA 52 101.06 -11.17 4.89
CA VAL DA 52 99.98 -11.08 3.92
C VAL DA 52 98.89 -12.04 4.35
N THR DA 53 97.64 -11.60 4.25
CA THR DA 53 96.48 -12.38 4.66
C THR DA 53 95.38 -12.22 3.62
N THR DA 54 94.65 -13.31 3.35
CA THR DA 54 93.50 -13.29 2.46
C THR DA 54 92.26 -13.73 3.23
N MET DA 55 91.21 -12.91 3.16
CA MET DA 55 89.90 -13.27 3.71
C MET DA 55 88.90 -13.43 2.58
N GLN DA 56 87.97 -14.36 2.75
CA GLN DA 56 86.90 -14.61 1.79
C GLN DA 56 85.65 -14.99 2.56
N LYS DA 57 84.62 -14.17 2.48
CA LYS DA 57 83.40 -14.36 3.24
C LYS DA 57 82.19 -13.99 2.40
N LYS DA 58 81.14 -14.80 2.48
CA LYS DA 58 79.83 -14.45 1.93
C LYS DA 58 79.07 -13.67 2.99
N LEU DA 59 78.69 -12.43 2.65
CA LEU DA 59 78.02 -11.57 3.61
C LEU DA 59 76.55 -11.96 3.73
N LYS DA 60 75.88 -11.33 4.71
CA LYS DA 60 74.45 -11.59 4.91
C LYS DA 60 73.65 -11.24 3.66
N SER DA 61 74.02 -10.15 2.99
CA SER DA 61 73.32 -9.73 1.78
C SER DA 61 73.48 -10.71 0.62
N GLY DA 62 74.38 -11.68 0.73
CA GLY DA 62 74.71 -12.57 -0.37
C GLY DA 62 75.89 -12.13 -1.21
N ILE DA 63 76.37 -10.90 -0.99
CA ILE DA 63 77.55 -10.41 -1.71
C ILE DA 63 78.79 -11.08 -1.15
N GLU DA 64 79.63 -11.60 -2.04
CA GLU DA 64 80.91 -12.18 -1.61
C GLU DA 64 81.94 -11.07 -1.46
N ARG DA 65 82.68 -11.10 -0.37
CA ARG DA 65 83.72 -10.12 -0.07
C ARG DA 65 85.07 -10.83 0.00
N VAL DA 66 86.05 -10.29 -0.71
CA VAL DA 66 87.41 -10.82 -0.70
C VAL DA 66 88.37 -9.72 -0.29
N GLU DA 67 89.43 -10.09 0.41
CA GLU DA 67 90.44 -9.14 0.85
C GLU DA 67 91.83 -9.76 0.76
N ILE DA 68 92.79 -8.96 0.33
CA ILE DA 68 94.22 -9.29 0.44
C ILE DA 68 94.84 -8.17 1.25
N ARG DA 69 95.23 -8.47 2.49
CA ARG DA 69 95.71 -7.46 3.44
C ARG DA 69 97.21 -7.61 3.63
N VAL DA 70 97.95 -6.55 3.31
CA VAL DA 70 99.39 -6.49 3.52
C VAL DA 70 99.66 -5.59 4.72
N GLU DA 71 100.39 -6.12 5.71
CA GLU DA 71 100.72 -5.38 6.92
C GLU DA 71 102.23 -5.34 7.09
N VAL DA 72 102.77 -4.14 7.29
CA VAL DA 72 104.19 -3.92 7.48
C VAL DA 72 104.41 -3.24 8.83
N PRO DA 73 104.80 -4.01 9.85
CA PRO DA 73 105.14 -3.37 11.13
C PRO DA 73 106.45 -2.61 11.05
N VAL DA 74 106.49 -1.47 11.75
CA VAL DA 74 107.69 -0.65 11.86
C VAL DA 74 108.07 -0.57 13.32
N MET DA 75 109.32 -0.88 13.63
CA MET DA 75 109.76 -0.98 15.01
C MET DA 75 110.19 0.37 15.57
N GLU DA 76 110.05 0.51 16.89
CA GLU DA 76 110.67 1.63 17.58
C GLU DA 76 112.19 1.46 17.57
N ALA DA 77 112.89 2.58 17.75
CA ALA DA 77 114.35 2.57 17.80
C ALA DA 77 114.78 2.45 19.26
N VAL DA 78 115.41 1.33 19.60
CA VAL DA 78 115.93 1.15 20.95
C VAL DA 78 117.21 1.96 21.10
N SER DA 79 117.25 2.83 22.10
CA SER DA 79 118.40 3.67 22.36
C SER DA 79 118.63 3.75 23.86
N GLY DA 80 119.89 3.68 24.27
CA GLY DA 80 120.24 3.85 25.67
C GLY DA 80 119.55 2.84 26.57
N GLN DA 81 118.98 3.34 27.67
CA GLN DA 81 118.31 2.49 28.65
C GLN DA 81 117.07 3.21 29.18
N ASN DA 82 116.14 2.42 29.72
CA ASN DA 82 114.92 2.96 30.29
C ASN DA 82 115.16 3.38 31.73
N ALA DA 83 114.08 3.83 32.38
CA ALA DA 83 114.19 4.33 33.75
C ALA DA 83 114.55 3.25 34.75
N PHE DA 84 114.48 1.98 34.37
CA PHE DA 84 114.84 0.90 35.28
C PHE DA 84 116.29 0.47 35.14
N GLY DA 85 117.02 1.00 34.17
CA GLY DA 85 118.43 0.66 33.99
C GLY DA 85 118.70 -0.47 33.04
N TYR DA 86 117.73 -0.87 32.22
CA TYR DA 86 117.86 -1.96 31.28
C TYR DA 86 117.66 -1.47 29.85
N THR DA 87 118.25 -2.19 28.90
CA THR DA 87 117.94 -1.98 27.50
C THR DA 87 116.48 -2.35 27.24
N ALA DA 88 115.77 -1.49 26.50
CA ALA DA 88 114.36 -1.72 26.27
C ALA DA 88 114.14 -2.91 25.33
N ALA DA 89 112.99 -3.57 25.52
CA ALA DA 89 112.59 -4.66 24.65
C ALA DA 89 112.08 -4.12 23.32
N PRO DA 90 112.15 -4.92 22.25
CA PRO DA 90 111.58 -4.49 20.97
C PRO DA 90 110.10 -4.13 21.14
N LYS DA 91 109.70 -3.06 20.46
CA LYS DA 91 108.31 -2.60 20.49
C LYS DA 91 107.93 -2.09 19.12
N VAL DA 92 106.73 -2.47 18.67
CA VAL DA 92 106.21 -2.03 17.38
C VAL DA 92 105.74 -0.59 17.52
N ALA DA 93 106.27 0.30 16.68
CA ALA DA 93 105.83 1.69 16.69
C ALA DA 93 104.45 1.82 16.07
N PHE DA 94 104.27 1.27 14.87
CA PHE DA 94 102.99 1.29 14.18
C PHE DA 94 103.03 0.23 13.09
N THR DA 95 101.86 -0.13 12.59
CA THR DA 95 101.74 -1.10 11.51
C THR DA 95 100.98 -0.46 10.35
N ASP DA 96 101.66 -0.30 9.22
CA ASP DA 96 100.98 0.17 8.01
C ASP DA 96 100.23 -0.99 7.38
N SER DA 97 99.04 -0.69 6.85
CA SER DA 97 98.16 -1.69 6.27
C SER DA 97 97.65 -1.19 4.92
N GLY DA 98 97.89 -1.99 3.87
CA GLY DA 98 97.34 -1.73 2.57
C GLY DA 98 96.71 -3.00 2.03
N SER DA 99 95.46 -2.93 1.59
CA SER DA 99 94.71 -4.12 1.22
C SER DA 99 93.90 -3.86 -0.05
N PHE DA 100 93.66 -4.94 -0.78
CA PHE DA 100 92.65 -4.97 -1.83
C PHE DA 100 91.36 -5.51 -1.23
N VAL DA 101 90.23 -4.89 -1.54
CA VAL DA 101 88.94 -5.33 -1.05
C VAL DA 101 87.97 -5.39 -2.22
N GLY DA 102 87.42 -6.57 -2.46
CA GLY DA 102 86.46 -6.77 -3.55
C GLY DA 102 85.10 -7.13 -3.01
N TYR DA 103 84.07 -6.54 -3.60
CA TYR DA 103 82.68 -6.89 -3.33
C TYR DA 103 82.04 -7.31 -4.65
N PHE DA 104 81.56 -8.54 -4.71
CA PHE DA 104 81.04 -9.10 -5.95
C PHE DA 104 79.70 -9.78 -5.71
N SER DA 105 78.77 -9.61 -6.67
CA SER DA 105 77.52 -10.34 -6.64
C SER DA 105 77.75 -11.81 -6.97
N GLU DA 106 76.80 -12.65 -6.56
CA GLU DA 106 76.85 -14.05 -6.94
C GLU DA 106 76.86 -14.23 -8.45
N ARG DA 107 76.22 -13.31 -9.18
CA ARG DA 107 76.12 -13.40 -10.63
C ARG DA 107 77.42 -13.04 -11.34
N SER DA 108 78.32 -12.31 -10.67
CA SER DA 108 79.56 -11.91 -11.31
C SER DA 108 80.40 -13.13 -11.64
N ALA DA 109 81.05 -13.10 -12.80
CA ALA DA 109 81.82 -14.22 -13.31
C ALA DA 109 83.31 -13.97 -13.13
N GLN DA 110 84.09 -15.03 -13.40
CA GLN DA 110 85.53 -14.91 -13.34
C GLN DA 110 86.01 -13.75 -14.20
N SER DA 111 85.45 -13.61 -15.40
CA SER DA 111 85.85 -12.52 -16.30
C SER DA 111 85.48 -11.16 -15.73
N ASN DA 112 84.30 -11.06 -15.11
CA ASN DA 112 83.87 -9.78 -14.53
C ASN DA 112 84.79 -9.35 -13.41
N ARG DA 113 85.11 -10.26 -12.49
CA ARG DA 113 85.95 -9.91 -11.35
C ARG DA 113 87.37 -9.60 -11.79
N ARG DA 114 87.91 -10.39 -12.73
CA ARG DA 114 89.24 -10.12 -13.24
C ARG DA 114 89.30 -8.77 -13.93
N LEU DA 115 88.21 -8.37 -14.60
CA LEU DA 115 88.19 -7.10 -15.32
C LEU DA 115 88.36 -5.93 -14.37
N VAL DA 116 87.62 -5.94 -13.25
CA VAL DA 116 87.72 -4.87 -12.28
C VAL DA 116 89.08 -4.89 -11.61
N LYS DA 117 89.58 -6.09 -11.28
CA LYS DA 117 90.87 -6.20 -10.60
C LYS DA 117 91.94 -5.39 -11.31
N GLN DA 118 92.11 -5.61 -12.62
CA GLN DA 118 93.23 -5.02 -13.32
C GLN DA 118 93.10 -3.51 -13.45
N ILE DA 119 91.88 -2.97 -13.48
CA ILE DA 119 91.72 -1.52 -13.46
C ILE DA 119 92.40 -0.94 -12.23
N LEU DA 120 92.13 -1.54 -11.06
CA LEU DA 120 92.74 -1.05 -9.83
C LEU DA 120 94.25 -1.22 -9.86
N THR DA 121 94.73 -2.40 -10.27
CA THR DA 121 96.17 -2.65 -10.30
C THR DA 121 96.87 -1.63 -11.19
N ASN DA 122 96.29 -1.34 -12.36
CA ASN DA 122 96.91 -0.36 -13.25
C ASN DA 122 96.88 1.04 -12.64
N LEU DA 123 95.77 1.40 -12.01
CA LEU DA 123 95.69 2.69 -11.33
C LEU DA 123 96.78 2.80 -10.26
N LEU DA 124 96.97 1.74 -9.47
CA LEU DA 124 97.97 1.77 -8.41
C LEU DA 124 99.38 1.85 -8.97
N GLY DA 125 99.60 1.33 -10.16
CA GLY DA 125 100.90 1.36 -10.79
C GLY DA 125 101.13 2.52 -11.72
N ASN DA 126 100.16 3.44 -11.81
CA ASN DA 126 100.25 4.61 -12.69
C ASN DA 126 100.44 4.18 -14.15
N VAL DA 127 99.76 3.12 -14.53
CA VAL DA 127 99.91 2.51 -15.85
C VAL DA 127 98.68 2.88 -16.69
N SER DA 128 98.90 3.62 -17.75
CA SER DA 128 97.84 4.00 -18.67
C SER DA 128 97.83 3.15 -19.94
N THR DA 129 98.74 2.18 -20.06
CA THR DA 129 98.80 1.32 -21.23
C THR DA 129 98.11 -0.01 -20.95
N SER DA 130 98.16 -0.90 -21.94
CA SER DA 130 97.48 -2.18 -21.85
C SER DA 130 98.35 -3.20 -21.12
N VAL DA 131 97.77 -3.86 -20.12
CA VAL DA 131 98.46 -4.86 -19.32
C VAL DA 131 97.54 -6.06 -19.18
N ALA DA 132 98.08 -7.25 -19.43
CA ALA DA 132 97.28 -8.48 -19.36
C ALA DA 132 97.02 -8.84 -17.90
N ALA DA 133 95.78 -9.14 -17.60
CA ALA DA 133 95.40 -9.46 -16.23
C ALA DA 133 95.87 -10.87 -15.89
N PRO DA 134 96.55 -11.07 -14.77
CA PRO DA 134 97.03 -12.41 -14.42
C PRO DA 134 95.87 -13.38 -14.23
N THR DA 135 96.05 -14.60 -14.74
CA THR DA 135 95.08 -15.67 -14.57
C THR DA 135 95.57 -16.77 -13.65
N THR DA 136 96.77 -16.60 -13.07
CA THR DA 136 97.32 -17.54 -12.11
C THR DA 136 97.87 -16.76 -10.92
N GLY DA 137 98.25 -17.48 -9.88
CA GLY DA 137 98.71 -16.87 -8.65
C GLY DA 137 97.63 -16.79 -7.61
N PHE DA 138 98.05 -16.64 -6.35
CA PHE DA 138 97.09 -16.67 -5.25
C PHE DA 138 96.13 -15.49 -5.30
N ALA DA 139 96.60 -14.31 -5.74
CA ALA DA 139 95.73 -13.16 -5.83
C ALA DA 139 94.66 -13.37 -6.89
N SER DA 140 95.04 -13.87 -8.07
CA SER DA 140 94.05 -14.14 -9.11
C SER DA 140 93.07 -15.22 -8.67
N GLU DA 141 93.56 -16.25 -7.99
CA GLU DA 141 92.65 -17.31 -7.54
C GLU DA 141 91.63 -16.77 -6.56
N LEU DA 142 92.03 -15.82 -5.69
CA LEU DA 142 91.11 -15.28 -4.71
C LEU DA 142 90.14 -14.29 -5.34
N ILE DA 143 90.66 -13.29 -6.06
CA ILE DA 143 89.82 -12.22 -6.57
C ILE DA 143 88.99 -12.69 -7.76
N ASP DA 144 89.64 -13.34 -8.74
CA ASP DA 144 88.91 -13.75 -9.94
C ASP DA 144 87.95 -14.90 -9.65
N SER DA 145 88.41 -15.90 -8.89
CA SER DA 145 87.69 -17.17 -8.80
C SER DA 145 87.19 -17.52 -7.41
N GLY DA 146 87.43 -16.68 -6.40
CA GLY DA 146 86.94 -16.97 -5.07
C GLY DA 146 87.62 -18.14 -4.39
N ILE DA 147 88.88 -18.41 -4.72
CA ILE DA 147 89.62 -19.56 -4.20
C ILE DA 147 90.55 -19.10 -3.08
N THR DA 148 90.56 -19.85 -1.99
CA THR DA 148 91.51 -19.65 -0.90
C THR DA 148 92.58 -20.75 -0.96
N ALA DA 149 93.79 -20.40 -0.53
CA ALA DA 149 94.89 -21.34 -0.58
C ALA DA 149 94.66 -22.52 0.37
N SER DA 150 95.49 -23.55 0.24
CA SER DA 150 95.37 -24.75 1.06
C SER DA 150 96.73 -25.39 1.39
N SER EA 1 67.03 -69.13 -6.61
CA SER EA 1 66.74 -68.33 -5.42
C SER EA 1 65.50 -67.45 -5.59
N SER EA 2 64.85 -67.52 -6.75
CA SER EA 2 63.53 -66.92 -6.94
C SER EA 2 62.47 -68.01 -6.91
N GLN EA 3 61.22 -67.60 -6.74
CA GLN EA 3 60.15 -68.56 -6.53
C GLN EA 3 59.88 -69.39 -7.78
N ALA EA 4 59.68 -70.68 -7.59
CA ALA EA 4 59.32 -71.60 -8.67
C ALA EA 4 58.39 -72.67 -8.11
N ASN EA 5 57.84 -73.46 -9.02
CA ASN EA 5 56.93 -74.54 -8.62
C ASN EA 5 57.65 -75.54 -7.73
N ILE EA 6 56.87 -76.18 -6.86
CA ILE EA 6 57.36 -77.22 -5.95
C ILE EA 6 56.51 -78.46 -6.17
N THR EA 7 57.16 -79.59 -6.44
CA THR EA 7 56.49 -80.88 -6.58
C THR EA 7 56.89 -81.76 -5.41
N VAL EA 8 55.91 -82.17 -4.60
CA VAL EA 8 56.16 -82.96 -3.39
C VAL EA 8 55.09 -84.03 -3.27
N PHE EA 9 55.52 -85.24 -2.91
CA PHE EA 9 54.58 -86.31 -2.55
C PHE EA 9 54.30 -86.24 -1.05
N ASP EA 10 53.05 -86.54 -0.69
CA ASP EA 10 52.66 -86.48 0.72
C ASP EA 10 52.91 -87.83 1.38
N GLY EA 11 52.36 -88.02 2.58
CA GLY EA 11 52.59 -89.23 3.34
C GLY EA 11 51.35 -90.10 3.49
N ALA EA 12 50.47 -90.07 2.49
CA ALA EA 12 49.34 -90.97 2.48
C ALA EA 12 49.84 -92.41 2.34
N ALA EA 13 48.93 -93.36 2.61
CA ALA EA 13 49.29 -94.77 2.50
C ALA EA 13 49.80 -95.08 1.09
N THR EA 14 49.10 -94.61 0.08
CA THR EA 14 49.63 -94.48 -1.27
C THR EA 14 49.91 -93.00 -1.51
N PRO EA 15 51.17 -92.57 -1.46
CA PRO EA 15 51.46 -91.13 -1.49
C PRO EA 15 51.03 -90.46 -2.79
N VAL EA 16 50.58 -89.21 -2.65
CA VAL EA 16 50.00 -88.41 -3.73
C VAL EA 16 50.89 -87.22 -3.99
N SER EA 17 51.15 -86.93 -5.28
CA SER EA 17 51.96 -85.77 -5.62
C SER EA 17 51.12 -84.49 -5.56
N HIS EA 18 51.78 -83.42 -5.14
CA HIS EA 18 51.16 -82.09 -5.08
C HIS EA 18 52.09 -81.10 -5.78
N VAL EA 19 51.50 -80.21 -6.58
CA VAL EA 19 52.25 -79.15 -7.24
C VAL EA 19 51.85 -77.84 -6.57
N LEU EA 20 52.81 -77.22 -5.89
CA LEU EA 20 52.61 -75.96 -5.20
C LEU EA 20 53.14 -74.83 -6.07
N VAL EA 21 52.26 -73.91 -6.45
CA VAL EA 21 52.58 -72.78 -7.31
C VAL EA 21 53.00 -71.62 -6.42
N PRO EA 22 53.94 -70.76 -6.84
CA PRO EA 22 54.26 -69.57 -6.05
C PRO EA 22 53.03 -68.69 -5.87
N LEU EA 23 52.88 -68.16 -4.66
CA LEU EA 23 51.71 -67.38 -4.29
C LEU EA 23 52.03 -65.92 -3.98
N GLY EA 24 53.23 -65.62 -3.52
CA GLY EA 24 53.62 -64.25 -3.27
C GLY EA 24 54.76 -64.19 -2.28
N VAL EA 25 55.33 -62.99 -2.19
CA VAL EA 25 56.39 -62.68 -1.23
C VAL EA 25 56.02 -61.37 -0.55
N GLY EA 26 56.40 -61.24 0.72
CA GLY EA 26 56.13 -60.02 1.44
C GLY EA 26 56.97 -59.91 2.70
N ILE EA 27 56.81 -58.77 3.38
CA ILE EA 27 57.40 -58.53 4.69
C ILE EA 27 56.27 -58.36 5.69
N ASP EA 28 56.39 -58.99 6.85
CA ASP EA 28 55.40 -58.92 7.91
C ASP EA 28 56.02 -58.28 9.14
N GLU EA 29 55.18 -57.52 9.86
CA GLU EA 29 55.62 -56.87 11.08
C GLU EA 29 56.13 -57.89 12.10
N ASN EA 30 55.38 -58.97 12.30
CA ASN EA 30 55.66 -59.96 13.34
C ASN EA 30 56.30 -61.24 12.82
N LEU EA 31 56.22 -61.52 11.53
CA LEU EA 31 56.73 -62.78 10.97
C LEU EA 31 58.06 -62.65 10.27
N GLY EA 32 58.37 -61.49 9.69
CA GLY EA 32 59.62 -61.30 8.98
C GLY EA 32 59.48 -61.47 7.48
N SER EA 33 60.51 -61.96 6.81
CA SER EA 33 60.42 -62.22 5.37
C SER EA 33 59.61 -63.47 5.13
N VAL EA 34 58.54 -63.35 4.35
CA VAL EA 34 57.59 -64.43 4.12
C VAL EA 34 57.54 -64.73 2.62
N ALA EA 35 57.51 -66.03 2.30
CA ALA EA 35 57.27 -66.51 0.95
C ALA EA 35 56.22 -67.60 1.00
N LYS EA 36 55.28 -67.57 0.05
CA LYS EA 36 54.11 -68.43 0.08
C LYS EA 36 53.98 -69.24 -1.20
N TRP EA 37 53.65 -70.51 -1.05
CA TRP EA 37 53.28 -71.40 -2.14
C TRP EA 37 51.91 -71.98 -1.84
N ARG EA 38 51.30 -72.60 -2.85
CA ARG EA 38 49.94 -73.12 -2.71
C ARG EA 38 49.61 -74.00 -3.90
N GLU EA 39 48.88 -75.08 -3.62
CA GLU EA 39 48.33 -75.92 -4.66
C GLU EA 39 47.19 -75.21 -5.39
N ASN EA 40 46.83 -75.73 -6.55
CA ASN EA 40 45.78 -75.12 -7.36
C ASN EA 40 44.74 -76.14 -7.78
N LEU EA 41 44.38 -77.04 -6.87
CA LEU EA 41 43.42 -78.08 -7.21
C LEU EA 41 42.05 -77.46 -7.45
N ALA EA 42 41.35 -77.99 -8.47
CA ALA EA 42 39.95 -77.66 -8.70
C ALA EA 42 39.02 -78.34 -7.72
N THR EA 43 39.55 -79.19 -6.82
CA THR EA 43 38.67 -79.98 -5.96
C THR EA 43 38.11 -79.15 -4.82
N VAL EA 44 38.90 -78.20 -4.32
CA VAL EA 44 38.57 -77.40 -3.15
C VAL EA 44 38.61 -75.94 -3.59
N PRO EA 45 38.03 -75.03 -2.80
CA PRO EA 45 38.17 -73.60 -3.09
C PRO EA 45 39.61 -73.17 -2.87
N LEU EA 46 39.90 -71.93 -3.29
CA LEU EA 46 41.28 -71.47 -3.30
C LEU EA 46 41.90 -71.49 -1.92
N TYR EA 47 41.18 -71.01 -0.90
CA TYR EA 47 41.74 -70.92 0.45
C TYR EA 47 42.01 -72.29 1.07
N ALA EA 48 41.40 -73.36 0.56
CA ALA EA 48 41.47 -74.67 1.17
C ALA EA 48 42.57 -75.56 0.60
N ASN EA 49 43.46 -75.01 -0.22
CA ASN EA 49 44.51 -75.80 -0.85
C ASN EA 49 45.68 -76.01 0.12
N VAL EA 50 46.39 -77.12 -0.11
CA VAL EA 50 47.64 -77.36 0.60
C VAL EA 50 48.60 -76.21 0.34
N ARG EA 51 49.22 -75.70 1.40
CA ARG EA 51 50.08 -74.52 1.28
C ARG EA 51 51.40 -74.76 1.99
N VAL EA 52 52.43 -74.06 1.51
CA VAL EA 52 53.75 -74.05 2.11
C VAL EA 52 54.18 -72.60 2.26
N THR EA 53 54.77 -72.29 3.41
CA THR EA 53 55.18 -70.92 3.73
C THR EA 53 56.52 -70.93 4.46
N THR EA 54 57.40 -70.01 4.11
CA THR EA 54 58.66 -69.82 4.80
C THR EA 54 58.68 -68.48 5.51
N MET EA 55 59.28 -68.45 6.68
CA MET EA 55 59.44 -67.25 7.49
C MET EA 55 60.90 -67.10 7.90
N GLN EA 56 61.42 -65.89 7.81
CA GLN EA 56 62.78 -65.55 8.24
C GLN EA 56 62.69 -64.27 9.06
N LYS EA 57 63.00 -64.36 10.35
CA LYS EA 57 62.86 -63.24 11.27
C LYS EA 57 64.10 -63.13 12.13
N LYS EA 58 64.71 -61.94 12.14
CA LYS EA 58 65.85 -61.69 13.00
C LYS EA 58 65.37 -61.38 14.41
N LEU EA 59 65.94 -62.06 15.40
CA LEU EA 59 65.60 -61.84 16.79
C LEU EA 59 66.71 -61.05 17.48
N LYS EA 60 66.54 -60.86 18.78
CA LYS EA 60 67.56 -60.20 19.58
C LYS EA 60 68.73 -61.15 19.83
N SER EA 61 69.87 -60.54 20.15
CA SER EA 61 71.11 -61.27 20.45
C SER EA 61 71.61 -62.05 19.24
N GLY EA 62 71.36 -61.53 18.05
CA GLY EA 62 71.96 -62.09 16.85
C GLY EA 62 71.55 -63.52 16.55
N ILE EA 63 70.28 -63.83 16.72
CA ILE EA 63 69.72 -65.14 16.41
C ILE EA 63 68.58 -64.95 15.44
N GLU EA 64 68.57 -65.72 14.36
CA GLU EA 64 67.48 -65.66 13.40
C GLU EA 64 66.64 -66.91 13.52
N ARG EA 65 65.33 -66.75 13.39
CA ARG EA 65 64.39 -67.85 13.41
C ARG EA 65 63.94 -68.12 11.98
N VAL EA 66 63.94 -69.39 11.59
CA VAL EA 66 63.66 -69.81 10.24
C VAL EA 66 62.60 -70.90 10.30
N GLU EA 67 61.54 -70.76 9.49
CA GLU EA 67 60.47 -71.74 9.49
C GLU EA 67 60.05 -72.10 8.08
N ILE EA 68 59.78 -73.38 7.86
CA ILE EA 68 59.08 -73.88 6.67
C ILE EA 68 57.81 -74.53 7.17
N ARG EA 69 56.66 -73.90 6.95
CA ARG EA 69 55.40 -74.36 7.50
C ARG EA 69 54.54 -75.00 6.41
N VAL EA 70 54.23 -76.28 6.57
CA VAL EA 70 53.34 -77.01 5.68
C VAL EA 70 51.99 -77.14 6.37
N GLU EA 71 50.94 -76.61 5.75
CA GLU EA 71 49.59 -76.68 6.27
C GLU EA 71 48.71 -77.43 5.28
N VAL EA 72 48.04 -78.48 5.76
CA VAL EA 72 47.15 -79.28 4.92
C VAL EA 72 45.72 -79.14 5.46
N PRO EA 73 44.85 -78.39 4.80
CA PRO EA 73 43.44 -78.34 5.22
C PRO EA 73 42.74 -79.64 4.83
N VAL EA 74 42.12 -80.27 5.82
CA VAL EA 74 41.33 -81.49 5.61
C VAL EA 74 39.87 -81.08 5.57
N MET EA 75 39.19 -81.41 4.47
CA MET EA 75 37.84 -80.92 4.25
C MET EA 75 36.81 -81.83 4.90
N GLU EA 76 35.70 -81.23 5.31
CA GLU EA 76 34.54 -82.02 5.69
C GLU EA 76 34.01 -82.79 4.48
N ALA EA 77 33.41 -83.94 4.74
CA ALA EA 77 32.83 -84.77 3.68
C ALA EA 77 31.42 -84.29 3.42
N VAL EA 78 31.17 -83.74 2.23
CA VAL EA 78 29.83 -83.32 1.85
C VAL EA 78 29.02 -84.57 1.52
N SER EA 79 27.91 -84.76 2.22
CA SER EA 79 27.02 -85.89 2.00
C SER EA 79 25.59 -85.40 2.11
N GLY EA 80 24.74 -85.81 1.17
CA GLY EA 80 23.36 -85.41 1.16
C GLY EA 80 23.18 -83.89 1.16
N GLN EA 81 22.02 -83.48 1.67
CA GLN EA 81 21.63 -82.08 1.73
C GLN EA 81 21.60 -81.61 3.18
N ASN EA 82 21.69 -80.29 3.35
CA ASN EA 82 21.57 -79.69 4.66
C ASN EA 82 20.10 -79.46 4.99
N ALA EA 83 19.85 -78.85 6.15
CA ALA EA 83 18.49 -78.63 6.61
C ALA EA 83 17.71 -77.66 5.72
N PHE EA 84 18.36 -77.00 4.76
CA PHE EA 84 17.69 -76.08 3.87
C PHE EA 84 17.38 -76.69 2.50
N GLY EA 85 17.82 -77.92 2.25
CA GLY EA 85 17.55 -78.57 0.99
C GLY EA 85 18.59 -78.37 -0.08
N TYR EA 86 19.75 -77.83 0.28
CA TYR EA 86 20.84 -77.60 -0.67
C TYR EA 86 22.03 -78.48 -0.33
N THR EA 87 22.85 -78.78 -1.34
CA THR EA 87 24.12 -79.43 -1.10
C THR EA 87 25.04 -78.48 -0.34
N ALA EA 88 25.70 -79.00 0.70
CA ALA EA 88 26.49 -78.15 1.57
C ALA EA 88 27.69 -77.56 0.84
N ALA EA 89 28.04 -76.33 1.21
CA ALA EA 89 29.24 -75.71 0.69
C ALA EA 89 30.47 -76.39 1.28
N PRO EA 90 31.59 -76.42 0.55
CA PRO EA 90 32.81 -77.00 1.11
C PRO EA 90 33.24 -76.26 2.36
N LYS EA 91 33.65 -77.02 3.38
CA LYS EA 91 34.06 -76.46 4.66
C LYS EA 91 35.28 -77.20 5.18
N VAL EA 92 36.23 -76.44 5.72
CA VAL EA 92 37.43 -77.03 6.28
C VAL EA 92 37.10 -77.66 7.63
N ALA EA 93 37.42 -78.95 7.77
CA ALA EA 93 37.17 -79.63 9.04
C ALA EA 93 38.24 -79.28 10.07
N PHE EA 94 39.50 -79.41 9.68
CA PHE EA 94 40.63 -79.02 10.52
C PHE EA 94 41.83 -78.85 9.60
N THR EA 95 42.85 -78.16 10.11
CA THR EA 95 44.07 -77.92 9.36
C THR EA 95 45.25 -78.49 10.14
N ASP EA 96 45.95 -79.44 9.53
CA ASP EA 96 47.16 -80.01 10.13
C ASP EA 96 48.37 -79.18 9.72
N SER EA 97 49.27 -78.96 10.68
CA SER EA 97 50.42 -78.11 10.47
C SER EA 97 51.68 -78.84 10.90
N GLY EA 98 52.59 -79.07 9.95
CA GLY EA 98 53.91 -79.60 10.27
C GLY EA 98 54.96 -78.68 9.70
N SER EA 99 55.94 -78.28 10.51
CA SER EA 99 56.88 -77.28 10.07
C SER EA 99 58.30 -77.61 10.55
N PHE EA 100 59.28 -77.11 9.80
CA PHE EA 100 60.65 -77.03 10.28
C PHE EA 100 60.84 -75.67 10.94
N VAL EA 101 61.47 -75.66 12.12
CA VAL EA 101 61.76 -74.42 12.83
C VAL EA 101 63.23 -74.44 13.24
N GLY EA 102 64.00 -73.50 12.70
CA GLY EA 102 65.42 -73.40 13.02
C GLY EA 102 65.72 -72.10 13.75
N TYR EA 103 66.57 -72.21 14.77
CA TYR EA 103 67.14 -71.05 15.45
C TYR EA 103 68.65 -71.12 15.27
N PHE EA 104 69.20 -70.15 14.56
CA PHE EA 104 70.61 -70.16 14.22
C PHE EA 104 71.26 -68.84 14.63
N SER EA 105 72.45 -68.93 15.22
CA SER EA 105 73.23 -67.74 15.51
C SER EA 105 73.78 -67.14 14.22
N GLU EA 106 73.99 -65.82 14.23
CA GLU EA 106 74.64 -65.16 13.11
C GLU EA 106 76.04 -65.70 12.87
N ARG EA 107 76.63 -66.34 13.88
CA ARG EA 107 77.98 -66.89 13.79
C ARG EA 107 78.05 -68.25 13.10
N SER EA 108 76.92 -68.95 12.94
CA SER EA 108 76.95 -70.25 12.29
C SER EA 108 77.14 -70.09 10.80
N ALA EA 109 77.85 -71.05 10.21
CA ALA EA 109 78.16 -71.05 8.79
C ALA EA 109 77.19 -71.94 8.05
N GLN EA 110 77.22 -71.84 6.72
CA GLN EA 110 76.41 -72.69 5.87
C GLN EA 110 76.58 -74.16 6.24
N SER EA 111 77.83 -74.58 6.48
CA SER EA 111 78.11 -75.97 6.81
C SER EA 111 77.46 -76.38 8.12
N ASN EA 112 77.53 -75.52 9.14
CA ASN EA 112 76.93 -75.85 10.44
C ASN EA 112 75.44 -76.06 10.30
N ARG EA 113 74.75 -75.16 9.59
CA ARG EA 113 73.29 -75.25 9.48
C ARG EA 113 72.89 -76.45 8.64
N ARG EA 114 73.58 -76.69 7.53
CA ARG EA 114 73.29 -77.86 6.71
C ARG EA 114 73.50 -79.16 7.49
N LEU EA 115 74.47 -79.17 8.41
CA LEU EA 115 74.74 -80.38 9.19
C LEU EA 115 73.57 -80.71 10.11
N VAL EA 116 73.04 -79.71 10.82
CA VAL EA 116 71.89 -79.95 11.69
C VAL EA 116 70.67 -80.35 10.90
N LYS EA 117 70.45 -79.68 9.76
CA LYS EA 117 69.27 -79.95 8.94
C LYS EA 117 69.10 -81.43 8.66
N GLN EA 118 70.16 -82.08 8.17
CA GLN EA 118 70.02 -83.47 7.73
C GLN EA 118 69.80 -84.43 8.88
N ILE EA 119 70.31 -84.12 10.08
CA ILE EA 119 70.03 -84.98 11.23
C ILE EA 119 68.53 -85.09 11.43
N LEU EA 120 67.85 -83.94 11.52
CA LEU EA 120 66.40 -83.94 11.67
C LEU EA 120 65.72 -84.67 10.52
N THR EA 121 66.13 -84.37 9.29
CA THR EA 121 65.52 -85.01 8.13
C THR EA 121 65.64 -86.53 8.22
N ASN EA 122 66.83 -87.03 8.57
CA ASN EA 122 67.01 -88.47 8.68
C ASN EA 122 66.19 -89.04 9.82
N LEU EA 123 66.07 -88.30 10.92
CA LEU EA 123 65.24 -88.74 12.04
C LEU EA 123 63.78 -88.88 11.59
N LEU EA 124 63.27 -87.89 10.86
CA LEU EA 124 61.88 -87.94 10.41
C LEU EA 124 61.64 -89.07 9.42
N GLY EA 125 62.67 -89.44 8.65
CA GLY EA 125 62.56 -90.52 7.69
C GLY EA 125 62.88 -91.88 8.24
N ASN EA 126 63.17 -91.98 9.53
CA ASN EA 126 63.57 -93.23 10.18
C ASN EA 126 64.77 -93.87 9.48
N VAL EA 127 65.75 -93.04 9.15
CA VAL EA 127 66.92 -93.45 8.37
C VAL EA 127 68.15 -93.40 9.26
N SER EA 128 68.80 -94.55 9.42
CA SER EA 128 70.00 -94.66 10.22
C SER EA 128 71.26 -94.79 9.38
N THR EA 129 71.15 -94.72 8.06
CA THR EA 129 72.30 -94.82 7.17
C THR EA 129 72.71 -93.44 6.69
N SER EA 130 73.76 -93.40 5.86
CA SER EA 130 74.30 -92.15 5.37
C SER EA 130 73.45 -91.62 4.20
N VAL EA 131 73.08 -90.35 4.30
CA VAL EA 131 72.31 -89.67 3.26
C VAL EA 131 72.94 -88.31 3.02
N ALA EA 132 73.13 -87.96 1.75
CA ALA EA 132 73.78 -86.71 1.40
C ALA EA 132 72.83 -85.54 1.60
N ALA EA 133 73.31 -84.50 2.27
CA ALA EA 133 72.49 -83.33 2.53
C ALA EA 133 72.33 -82.50 1.26
N PRO EA 134 71.11 -82.10 0.90
CA PRO EA 134 70.92 -81.29 -0.31
C PRO EA 134 71.58 -79.93 -0.19
N THR EA 135 72.12 -79.44 -1.31
CA THR EA 135 72.72 -78.13 -1.37
C THR EA 135 71.96 -77.17 -2.27
N THR EA 136 70.83 -77.60 -2.83
CA THR EA 136 69.97 -76.76 -3.65
C THR EA 136 68.51 -76.95 -3.23
N GLY EA 137 67.64 -76.14 -3.79
CA GLY EA 137 66.23 -76.16 -3.41
C GLY EA 137 65.90 -75.07 -2.41
N PHE EA 138 64.61 -74.72 -2.35
CA PHE EA 138 64.21 -73.60 -1.51
C PHE EA 138 64.44 -73.90 -0.04
N ALA EA 139 64.33 -75.17 0.37
CA ALA EA 139 64.59 -75.53 1.76
C ALA EA 139 66.06 -75.35 2.11
N SER EA 140 66.96 -75.80 1.23
CA SER EA 140 68.38 -75.60 1.49
C SER EA 140 68.75 -74.13 1.49
N GLU EA 141 68.22 -73.36 0.53
CA GLU EA 141 68.53 -71.94 0.49
C GLU EA 141 68.10 -71.25 1.77
N LEU EA 142 66.97 -71.65 2.33
CA LEU EA 142 66.48 -71.03 3.55
C LEU EA 142 67.23 -71.51 4.78
N ILE EA 143 67.28 -72.83 5.00
CA ILE EA 143 67.85 -73.36 6.22
C ILE EA 143 69.38 -73.24 6.22
N ASP EA 144 70.02 -73.67 5.12
CA ASP EA 144 71.48 -73.67 5.10
C ASP EA 144 72.04 -72.26 5.00
N SER EA 145 71.40 -71.40 4.22
CA SER EA 145 72.01 -70.14 3.80
C SER EA 145 71.20 -68.90 4.14
N GLY EA 146 70.08 -69.03 4.85
CA GLY EA 146 69.31 -67.85 5.22
C GLY EA 146 68.80 -67.06 4.03
N ILE EA 147 68.36 -67.75 2.98
CA ILE EA 147 67.90 -67.12 1.75
C ILE EA 147 66.38 -67.32 1.65
N THR EA 148 65.66 -66.21 1.50
CA THR EA 148 64.23 -66.25 1.19
C THR EA 148 64.04 -66.00 -0.30
N ALA EA 149 63.10 -66.73 -0.89
CA ALA EA 149 62.82 -66.57 -2.31
C ALA EA 149 62.41 -65.13 -2.63
N SER EA 150 62.60 -64.75 -3.89
CA SER EA 150 62.30 -63.39 -4.32
C SER EA 150 61.98 -63.28 -5.81
N SER FA 1 66.71 -56.63 -13.78
CA SER FA 1 65.37 -56.58 -13.18
C SER FA 1 65.29 -57.43 -11.92
N SER FA 2 65.18 -58.75 -12.08
CA SER FA 2 65.09 -59.66 -10.94
C SER FA 2 66.49 -60.04 -10.46
N GLN FA 3 66.55 -60.53 -9.23
CA GLN FA 3 67.83 -60.79 -8.58
C GLN FA 3 68.56 -61.95 -9.25
N ALA FA 4 69.86 -61.78 -9.43
CA ALA FA 4 70.73 -62.81 -9.98
C ALA FA 4 72.09 -62.73 -9.29
N ASN FA 5 72.92 -63.74 -9.55
CA ASN FA 5 74.24 -63.78 -8.95
C ASN FA 5 75.10 -62.62 -9.47
N ILE FA 6 75.78 -61.94 -8.56
CA ILE FA 6 76.73 -60.89 -8.89
C ILE FA 6 78.13 -61.47 -8.76
N THR FA 7 78.96 -61.24 -9.78
CA THR FA 7 80.36 -61.64 -9.76
C THR FA 7 81.22 -60.38 -9.81
N VAL FA 8 82.01 -60.14 -8.75
CA VAL FA 8 82.80 -58.93 -8.60
C VAL FA 8 84.19 -59.30 -8.09
N PHE FA 9 85.20 -58.62 -8.60
CA PHE FA 9 86.53 -58.69 -8.02
C PHE FA 9 86.72 -57.59 -6.98
N ASP FA 10 87.48 -57.91 -5.94
CA ASP FA 10 87.71 -56.96 -4.86
C ASP FA 10 88.95 -56.13 -5.15
N GLY FA 11 89.44 -55.40 -4.14
CA GLY FA 11 90.58 -54.53 -4.33
C GLY FA 11 91.80 -54.99 -3.57
N ALA FA 12 91.95 -56.29 -3.37
CA ALA FA 12 93.16 -56.82 -2.77
C ALA FA 12 94.35 -56.57 -3.70
N ALA FA 13 95.55 -56.68 -3.15
CA ALA FA 13 96.75 -56.46 -3.95
C ALA FA 13 96.77 -57.37 -5.17
N THR FA 14 96.35 -58.62 -5.00
CA THR FA 14 95.99 -59.50 -6.11
C THR FA 14 94.47 -59.70 -6.05
N PRO FA 15 93.70 -59.02 -6.89
CA PRO FA 15 92.22 -59.05 -6.72
C PRO FA 15 91.64 -60.44 -6.83
N VAL FA 16 90.61 -60.69 -6.02
CA VAL FA 16 89.95 -61.98 -5.88
C VAL FA 16 88.49 -61.82 -6.26
N SER FA 17 87.95 -62.81 -6.98
CA SER FA 17 86.55 -62.76 -7.38
C SER FA 17 85.64 -63.26 -6.26
N HIS FA 18 84.49 -62.61 -6.12
CA HIS FA 18 83.45 -62.99 -5.18
C HIS FA 18 82.15 -63.22 -5.93
N VAL FA 19 81.42 -64.27 -5.56
CA VAL FA 19 80.10 -64.53 -6.13
C VAL FA 19 79.07 -64.27 -5.05
N LEU FA 20 78.25 -63.24 -5.24
CA LEU FA 20 77.23 -62.84 -4.30
C LEU FA 20 75.88 -63.36 -4.79
N VAL FA 21 75.25 -64.23 -4.00
CA VAL FA 21 73.96 -64.82 -4.38
C VAL FA 21 72.84 -63.99 -3.78
N PRO FA 22 71.65 -64.02 -4.36
CA PRO FA 22 70.53 -63.24 -3.81
C PRO FA 22 70.08 -63.77 -2.45
N LEU FA 23 69.65 -62.83 -1.61
CA LEU FA 23 69.09 -63.14 -0.29
C LEU FA 23 67.63 -62.76 -0.15
N GLY FA 24 67.13 -61.84 -0.97
CA GLY FA 24 65.73 -61.48 -0.91
C GLY FA 24 65.48 -60.00 -1.15
N VAL FA 25 64.22 -59.64 -1.34
CA VAL FA 25 63.81 -58.25 -1.53
C VAL FA 25 62.60 -58.01 -0.65
N GLY FA 26 62.47 -56.78 -0.15
CA GLY FA 26 61.31 -56.40 0.62
C GLY FA 26 61.25 -54.91 0.79
N ILE FA 27 60.18 -54.46 1.44
CA ILE FA 27 59.93 -53.04 1.67
C ILE FA 27 59.95 -52.80 3.18
N ASP FA 28 61.01 -52.16 3.66
CA ASP FA 28 61.10 -51.67 5.03
C ASP FA 28 60.54 -50.26 5.08
N GLU FA 29 59.82 -49.94 6.16
CA GLU FA 29 59.20 -48.62 6.27
C GLU FA 29 60.25 -47.52 6.41
N ASN FA 30 61.34 -47.80 7.13
CA ASN FA 30 62.41 -46.82 7.30
C ASN FA 30 63.39 -46.83 6.13
N LEU FA 31 63.86 -48.02 5.71
CA LEU FA 31 64.90 -48.05 4.69
C LEU FA 31 64.35 -47.85 3.28
N GLY FA 32 63.11 -48.25 3.04
CA GLY FA 32 62.54 -48.19 1.70
C GLY FA 32 62.54 -49.55 1.02
N SER FA 33 62.76 -49.59 -0.30
CA SER FA 33 62.87 -50.86 -1.01
C SER FA 33 64.29 -51.38 -0.88
N VAL FA 34 64.43 -52.57 -0.30
CA VAL FA 34 65.72 -53.16 0.04
C VAL FA 34 65.89 -54.46 -0.74
N ALA FA 35 67.07 -54.63 -1.34
CA ALA FA 35 67.47 -55.87 -1.99
C ALA FA 35 68.83 -56.29 -1.45
N LYS FA 36 68.98 -57.58 -1.13
CA LYS FA 36 70.17 -58.07 -0.45
C LYS FA 36 70.85 -59.16 -1.26
N TRP FA 37 72.18 -59.13 -1.26
CA TRP FA 37 73.01 -60.18 -1.82
C TRP FA 37 74.08 -60.54 -0.78
N ARG FA 38 74.60 -61.76 -0.88
CA ARG FA 38 75.67 -62.16 0.02
C ARG FA 38 76.47 -63.31 -0.59
N GLU FA 39 77.78 -63.28 -0.39
CA GLU FA 39 78.64 -64.40 -0.74
C GLU FA 39 78.39 -65.57 0.18
N ASN FA 40 78.57 -66.78 -0.34
CA ASN FA 40 78.20 -68.00 0.38
C ASN FA 40 79.41 -68.93 0.48
N LEU FA 41 80.46 -68.46 1.14
CA LEU FA 41 81.57 -69.34 1.49
C LEU FA 41 81.09 -70.39 2.49
N ALA FA 42 81.46 -71.65 2.21
CA ALA FA 42 80.84 -72.77 2.92
C ALA FA 42 81.16 -72.77 4.41
N THR FA 43 82.41 -72.45 4.77
CA THR FA 43 82.84 -72.49 6.16
C THR FA 43 82.75 -71.15 6.88
N VAL FA 44 82.63 -70.05 6.14
CA VAL FA 44 82.66 -68.73 6.78
C VAL FA 44 81.31 -68.46 7.44
N PRO FA 45 81.28 -67.94 8.68
CA PRO FA 45 80.01 -67.56 9.30
C PRO FA 45 79.20 -66.66 8.37
N LEU FA 46 77.87 -66.82 8.43
CA LEU FA 46 77.02 -66.10 7.49
C LEU FA 46 77.18 -64.58 7.66
N TYR FA 47 77.26 -64.12 8.91
CA TYR FA 47 77.40 -62.68 9.12
C TYR FA 47 78.82 -62.18 8.89
N ALA FA 48 79.76 -63.06 8.53
CA ALA FA 48 81.12 -62.68 8.20
C ALA FA 48 81.38 -62.67 6.69
N ASN FA 49 80.38 -62.98 5.87
CA ASN FA 49 80.53 -63.03 4.43
C ASN FA 49 80.26 -61.68 3.80
N VAL FA 50 80.97 -61.41 2.69
CA VAL FA 50 80.76 -60.18 1.94
C VAL FA 50 79.31 -60.07 1.51
N ARG FA 51 78.71 -58.90 1.72
CA ARG FA 51 77.32 -58.69 1.35
C ARG FA 51 77.16 -57.36 0.61
N VAL FA 52 76.13 -57.28 -0.21
CA VAL FA 52 75.79 -56.09 -0.96
C VAL FA 52 74.29 -55.84 -0.80
N THR FA 53 73.93 -54.57 -0.60
CA THR FA 53 72.55 -54.19 -0.32
C THR FA 53 72.22 -52.90 -1.07
N THR FA 54 70.99 -52.81 -1.59
CA THR FA 54 70.50 -51.58 -2.19
C THR FA 54 69.28 -51.08 -1.43
N MET FA 55 69.25 -49.77 -1.17
CA MET FA 55 68.10 -49.10 -0.58
C MET FA 55 67.58 -48.05 -1.55
N GLN FA 56 66.26 -47.92 -1.63
CA GLN FA 56 65.62 -46.85 -2.39
C GLN FA 56 64.47 -46.30 -1.56
N LYS FA 57 64.48 -44.98 -1.33
CA LYS FA 57 63.47 -44.35 -0.49
C LYS FA 57 63.20 -42.95 -1.01
N LYS FA 58 61.93 -42.60 -1.11
CA LYS FA 58 61.51 -41.24 -1.39
C LYS FA 58 61.38 -40.51 -0.05
N LEU FA 59 62.14 -39.42 0.11
CA LEU FA 59 62.11 -38.67 1.35
C LEU FA 59 60.90 -37.74 1.40
N LYS FA 60 60.75 -37.03 2.52
CA LYS FA 60 59.67 -36.07 2.65
C LYS FA 60 59.83 -34.90 1.67
N SER FA 61 61.08 -34.52 1.38
CA SER FA 61 61.36 -33.45 0.44
C SER FA 61 60.87 -33.74 -0.96
N GLY FA 62 60.60 -35.00 -1.29
CA GLY FA 62 60.44 -35.44 -2.65
C GLY FA 62 61.72 -35.91 -3.30
N ILE FA 63 62.87 -35.66 -2.67
CA ILE FA 63 64.15 -36.16 -3.15
C ILE FA 63 64.19 -37.67 -3.01
N GLU FA 64 64.53 -38.36 -4.08
CA GLU FA 64 64.73 -39.80 -4.00
C GLU FA 64 66.15 -40.08 -3.53
N ARG FA 65 66.29 -40.96 -2.55
CA ARG FA 65 67.59 -41.38 -2.05
C ARG FA 65 67.87 -42.80 -2.52
N VAL FA 66 69.11 -43.05 -2.92
CA VAL FA 66 69.52 -44.31 -3.52
C VAL FA 66 70.86 -44.72 -2.92
N GLU FA 67 70.99 -45.98 -2.52
CA GLU FA 67 72.22 -46.45 -1.92
C GLU FA 67 72.55 -47.86 -2.39
N ILE FA 68 73.83 -48.09 -2.66
CA ILE FA 68 74.39 -49.41 -2.90
C ILE FA 68 75.48 -49.62 -1.86
N ARG FA 69 75.23 -50.45 -0.87
CA ARG FA 69 76.11 -50.61 0.29
C ARG FA 69 76.86 -51.94 0.22
N VAL FA 70 78.18 -51.86 0.14
CA VAL FA 70 79.06 -53.03 0.18
C VAL FA 70 79.66 -53.14 1.56
N GLU FA 71 79.46 -54.29 2.21
CA GLU FA 71 79.99 -54.54 3.55
C GLU FA 71 80.89 -55.76 3.52
N VAL FA 72 82.10 -55.62 4.04
CA VAL FA 72 83.08 -56.69 4.12
C VAL FA 72 83.42 -56.92 5.59
N PRO FA 73 82.88 -57.96 6.21
CA PRO FA 73 83.22 -58.24 7.61
C PRO FA 73 84.59 -58.88 7.72
N VAL FA 74 85.29 -58.55 8.80
CA VAL FA 74 86.60 -59.10 9.10
C VAL FA 74 86.55 -59.75 10.47
N MET FA 75 87.00 -60.99 10.54
CA MET FA 75 86.94 -61.76 11.78
C MET FA 75 88.23 -61.59 12.57
N GLU FA 76 88.16 -61.97 13.84
CA GLU FA 76 89.36 -62.07 14.66
C GLU FA 76 90.16 -63.30 14.25
N ALA FA 77 91.28 -63.51 14.93
CA ALA FA 77 92.15 -64.61 14.58
C ALA FA 77 91.71 -65.91 15.26
N VAL FA 78 92.04 -67.06 14.61
CA VAL FA 78 91.70 -68.38 15.12
C VAL FA 78 92.83 -68.87 16.01
N SER FA 79 92.49 -69.59 17.07
CA SER FA 79 93.49 -70.13 17.98
C SER FA 79 93.74 -71.62 17.81
N GLY FA 80 92.90 -72.33 17.07
CA GLY FA 80 93.05 -73.78 17.00
C GLY FA 80 91.79 -74.44 16.49
N GLN FA 81 91.76 -75.77 16.64
CA GLN FA 81 90.67 -76.61 16.17
C GLN FA 81 90.48 -77.75 17.15
N ASN FA 82 89.25 -77.93 17.63
CA ASN FA 82 88.99 -78.97 18.61
C ASN FA 82 89.15 -80.35 18.00
N ALA FA 83 89.72 -81.27 18.77
CA ALA FA 83 90.02 -82.59 18.25
C ALA FA 83 88.76 -83.40 17.98
N PHE FA 84 87.67 -83.16 18.73
CA PHE FA 84 86.56 -84.10 18.65
C PHE FA 84 85.19 -83.45 18.48
N GLY FA 85 85.01 -82.24 18.97
CA GLY FA 85 83.77 -81.52 18.81
C GLY FA 85 83.66 -80.81 17.48
N TYR FA 86 82.79 -79.81 17.44
CA TYR FA 86 82.72 -78.85 16.34
C TYR FA 86 83.31 -77.52 16.79
N THR FA 87 84.03 -76.86 15.89
CA THR FA 87 84.78 -75.66 16.23
C THR FA 87 84.26 -74.46 15.45
N ALA FA 88 84.00 -73.37 16.17
CA ALA FA 88 83.44 -72.17 15.59
C ALA FA 88 84.53 -71.25 15.06
N ALA FA 89 84.19 -70.52 14.04
CA ALA FA 89 85.05 -69.45 13.59
C ALA FA 89 84.90 -68.24 14.52
N PRO FA 90 85.96 -67.45 14.68
CA PRO FA 90 85.92 -66.35 15.66
C PRO FA 90 84.91 -65.28 15.27
N LYS FA 91 84.66 -64.40 16.23
CA LYS FA 91 83.68 -63.33 16.03
C LYS FA 91 84.19 -62.28 15.05
N VAL FA 92 83.26 -61.53 14.48
CA VAL FA 92 83.62 -60.44 13.58
C VAL FA 92 84.25 -59.32 14.39
N ALA FA 93 85.46 -58.91 14.00
CA ALA FA 93 86.14 -57.83 14.70
C ALA FA 93 85.60 -56.47 14.29
N PHE FA 94 85.36 -56.28 12.99
CA PHE FA 94 84.79 -55.04 12.47
C PHE FA 94 84.23 -55.33 11.10
N THR FA 95 83.45 -54.39 10.59
CA THR FA 95 82.88 -54.49 9.25
C THR FA 95 83.15 -53.21 8.50
N ASP FA 96 83.80 -53.33 7.35
CA ASP FA 96 84.09 -52.19 6.49
C ASP FA 96 82.92 -51.96 5.54
N SER FA 97 82.45 -50.72 5.48
CA SER FA 97 81.28 -50.36 4.68
C SER FA 97 81.66 -49.26 3.69
N GLY FA 98 81.55 -49.57 2.41
CA GLY FA 98 81.71 -48.58 1.36
C GLY FA 98 80.49 -48.58 0.48
N SER FA 99 79.87 -47.42 0.27
CA SER FA 99 78.61 -47.37 -0.44
C SER FA 99 78.57 -46.18 -1.38
N PHE FA 100 77.76 -46.33 -2.44
CA PHE FA 100 77.32 -45.20 -3.24
C PHE FA 100 76.01 -44.69 -2.66
N VAL FA 101 75.88 -43.37 -2.56
CA VAL FA 101 74.66 -42.73 -2.08
C VAL FA 101 74.29 -41.61 -3.04
N GLY FA 102 73.09 -41.68 -3.61
CA GLY FA 102 72.63 -40.67 -4.55
C GLY FA 102 71.38 -39.97 -4.04
N TYR FA 103 71.36 -38.65 -4.19
CA TYR FA 103 70.19 -37.82 -3.88
C TYR FA 103 69.79 -37.12 -5.16
N PHE FA 104 68.59 -37.44 -5.67
CA PHE FA 104 68.13 -36.92 -6.95
C PHE FA 104 66.76 -36.29 -6.80
N SER FA 105 66.55 -35.19 -7.52
CA SER FA 105 65.24 -34.59 -7.61
C SER FA 105 64.35 -35.37 -8.57
N GLU FA 106 63.04 -35.15 -8.45
CA GLU FA 106 62.11 -35.79 -9.38
C GLU FA 106 62.34 -35.35 -10.82
N ARG FA 107 62.81 -34.11 -11.03
CA ARG FA 107 63.01 -33.61 -12.38
C ARG FA 107 64.17 -34.30 -13.09
N SER FA 108 65.14 -34.80 -12.34
CA SER FA 108 66.34 -35.35 -12.96
C SER FA 108 66.01 -36.61 -13.74
N ALA FA 109 66.54 -36.69 -14.95
CA ALA FA 109 66.23 -37.78 -15.87
C ALA FA 109 67.26 -38.89 -15.75
N GLN FA 110 67.03 -39.98 -16.49
CA GLN FA 110 68.05 -41.02 -16.64
C GLN FA 110 69.43 -40.41 -16.89
N SER FA 111 69.51 -39.54 -17.90
CA SER FA 111 70.81 -39.02 -18.32
C SER FA 111 71.46 -38.17 -17.23
N ASN FA 112 70.66 -37.40 -16.50
CA ASN FA 112 71.18 -36.61 -15.39
C ASN FA 112 71.80 -37.49 -14.31
N ARG FA 113 71.03 -38.48 -13.84
CA ARG FA 113 71.55 -39.38 -12.80
C ARG FA 113 72.77 -40.15 -13.29
N ARG FA 114 72.71 -40.66 -14.54
CA ARG FA 114 73.83 -41.41 -15.08
C ARG FA 114 75.08 -40.53 -15.20
N LEU FA 115 74.90 -39.24 -15.48
CA LEU FA 115 76.04 -38.36 -15.68
C LEU FA 115 76.84 -38.21 -14.39
N VAL FA 116 76.15 -37.98 -13.28
CA VAL FA 116 76.84 -37.82 -12.00
C VAL FA 116 77.44 -39.15 -11.55
N LYS FA 117 76.70 -40.24 -11.74
CA LYS FA 117 77.19 -41.56 -11.36
C LYS FA 117 78.60 -41.79 -11.87
N GLN FA 118 78.83 -41.55 -13.16
CA GLN FA 118 80.11 -41.93 -13.74
C GLN FA 118 81.24 -41.02 -13.28
N ILE FA 119 80.94 -39.76 -12.94
CA ILE FA 119 81.97 -38.90 -12.36
C ILE FA 119 82.56 -39.56 -11.12
N LEU FA 120 81.68 -40.00 -10.22
CA LEU FA 120 82.14 -40.64 -9.00
C LEU FA 120 82.87 -41.95 -9.29
N THR FA 121 82.33 -42.76 -10.21
CA THR FA 121 82.99 -44.02 -10.55
C THR FA 121 84.39 -43.77 -11.09
N ASN FA 122 84.55 -42.77 -11.95
CA ASN FA 122 85.87 -42.46 -12.50
C ASN FA 122 86.79 -41.92 -11.41
N LEU FA 123 86.26 -41.10 -10.49
CA LEU FA 123 87.06 -40.61 -9.38
C LEU FA 123 87.57 -41.76 -8.52
N LEU FA 124 86.70 -42.73 -8.22
CA LEU FA 124 87.11 -43.87 -7.38
C LEU FA 124 88.14 -44.74 -8.09
N GLY FA 125 88.12 -44.76 -9.42
CA GLY FA 125 89.07 -45.53 -10.18
C GLY FA 125 90.32 -44.79 -10.58
N ASN FA 126 90.45 -43.52 -10.16
CA ASN FA 126 91.57 -42.67 -10.51
C ASN FA 126 91.74 -42.58 -12.03
N VAL FA 127 90.62 -42.36 -12.71
CA VAL FA 127 90.55 -42.39 -14.17
C VAL FA 127 90.31 -40.96 -14.66
N SER FA 128 91.25 -40.45 -15.44
CA SER FA 128 91.13 -39.14 -16.05
C SER FA 128 90.70 -39.20 -17.51
N THR FA 129 90.55 -40.39 -18.08
CA THR FA 129 90.17 -40.53 -19.47
C THR FA 129 88.67 -40.72 -19.59
N SER FA 130 88.19 -40.87 -20.82
CA SER FA 130 86.76 -41.02 -21.08
C SER FA 130 86.34 -42.49 -20.93
N VAL FA 131 85.26 -42.71 -20.19
CA VAL FA 131 84.72 -44.03 -19.95
C VAL FA 131 83.22 -43.98 -20.19
N ALA FA 132 82.71 -44.94 -20.96
CA ALA FA 132 81.28 -45.00 -21.24
C ALA FA 132 80.52 -45.40 -20.00
N ALA FA 133 79.48 -44.64 -19.68
CA ALA FA 133 78.68 -44.93 -18.50
C ALA FA 133 77.77 -46.12 -18.78
N PRO FA 134 77.75 -47.12 -17.90
CA PRO FA 134 76.89 -48.30 -18.14
C PRO FA 134 75.42 -47.91 -18.18
N THR FA 135 74.67 -48.58 -19.04
CA THR FA 135 73.23 -48.40 -19.13
C THR FA 135 72.46 -49.66 -18.74
N THR FA 136 73.15 -50.74 -18.41
CA THR FA 136 72.54 -51.97 -17.92
C THR FA 136 73.23 -52.38 -16.62
N GLY FA 137 72.74 -53.44 -16.00
CA GLY FA 137 73.25 -53.87 -14.73
C GLY FA 137 72.43 -53.32 -13.56
N PHE FA 138 72.50 -54.02 -12.43
CA PHE FA 138 71.63 -53.67 -11.32
C PHE FA 138 71.95 -52.29 -10.77
N ALA FA 139 73.22 -51.89 -10.80
CA ALA FA 139 73.59 -50.55 -10.34
C ALA FA 139 72.97 -49.49 -11.25
N SER FA 140 73.01 -49.71 -12.56
CA SER FA 140 72.41 -48.74 -13.48
C SER FA 140 70.89 -48.68 -13.31
N GLU FA 141 70.25 -49.84 -13.18
CA GLU FA 141 68.80 -49.85 -12.95
C GLU FA 141 68.44 -49.01 -11.72
N LEU FA 142 69.24 -49.13 -10.67
CA LEU FA 142 68.94 -48.42 -9.42
C LEU FA 142 69.29 -46.94 -9.51
N ILE FA 143 70.53 -46.63 -9.89
CA ILE FA 143 71.00 -45.25 -9.85
C ILE FA 143 70.44 -44.45 -10.99
N ASP FA 144 70.49 -44.97 -12.22
CA ASP FA 144 70.03 -44.19 -13.36
C ASP FA 144 68.50 -44.13 -13.41
N SER FA 145 67.83 -45.24 -13.10
CA SER FA 145 66.39 -45.36 -13.37
C SER FA 145 65.53 -45.52 -12.13
N GLY FA 146 66.11 -45.62 -10.94
CA GLY FA 146 65.30 -45.79 -9.74
C GLY FA 146 64.54 -47.10 -9.69
N ILE FA 147 65.18 -48.19 -10.08
CA ILE FA 147 64.55 -49.52 -10.14
C ILE FA 147 65.31 -50.46 -9.23
N THR FA 148 64.61 -51.03 -8.25
CA THR FA 148 65.19 -52.01 -7.34
C THR FA 148 64.91 -53.42 -7.87
N ALA FA 149 65.81 -54.35 -7.54
CA ALA FA 149 65.64 -55.74 -7.96
C ALA FA 149 64.30 -56.31 -7.50
N SER FA 150 63.74 -57.20 -8.31
CA SER FA 150 62.41 -57.75 -8.08
C SER FA 150 62.45 -59.23 -7.70
N SER GA 1 54.66 -66.81 -12.05
CA SER GA 1 54.40 -66.13 -10.78
C SER GA 1 55.55 -65.19 -10.44
N SER GA 2 56.76 -65.55 -10.85
CA SER GA 2 57.88 -64.63 -10.71
C SER GA 2 57.74 -63.47 -11.69
N GLN GA 3 58.10 -62.28 -11.23
CA GLN GA 3 57.84 -61.05 -11.97
C GLN GA 3 58.82 -60.88 -13.12
N ALA GA 4 58.29 -60.63 -14.32
CA ALA GA 4 59.11 -60.54 -15.52
C ALA GA 4 58.67 -59.36 -16.38
N ASN GA 5 59.49 -59.06 -17.39
CA ASN GA 5 59.16 -57.99 -18.34
C ASN GA 5 57.86 -58.30 -19.06
N ILE GA 6 57.05 -57.26 -19.27
CA ILE GA 6 55.78 -57.37 -19.99
C ILE GA 6 55.93 -56.59 -21.29
N THR GA 7 55.72 -57.27 -22.41
CA THR GA 7 55.64 -56.62 -23.71
C THR GA 7 54.18 -56.58 -24.13
N VAL GA 8 53.66 -55.37 -24.37
CA VAL GA 8 52.25 -55.16 -24.65
C VAL GA 8 52.09 -54.02 -25.65
N PHE GA 9 51.23 -54.22 -26.64
CA PHE GA 9 50.89 -53.17 -27.59
C PHE GA 9 49.70 -52.37 -27.08
N ASP GA 10 49.69 -51.07 -27.40
CA ASP GA 10 48.62 -50.20 -26.95
C ASP GA 10 47.52 -50.14 -28.02
N GLY GA 11 46.59 -49.20 -27.85
CA GLY GA 11 45.47 -49.09 -28.76
C GLY GA 11 45.50 -47.83 -29.61
N ALA GA 12 46.70 -47.39 -29.98
CA ALA GA 12 46.80 -46.30 -30.94
C ALA GA 12 46.32 -46.78 -32.30
N ALA GA 13 46.08 -45.82 -33.21
CA ALA GA 13 45.63 -46.17 -34.55
C ALA GA 13 46.62 -47.14 -35.21
N THR GA 14 47.91 -46.91 -35.03
CA THR GA 14 48.93 -47.91 -35.29
C THR GA 14 49.52 -48.33 -33.93
N PRO GA 15 49.14 -49.48 -33.40
CA PRO GA 15 49.53 -49.84 -32.03
C PRO GA 15 51.05 -49.87 -31.85
N VAL GA 16 51.48 -49.42 -30.67
CA VAL GA 16 52.88 -49.27 -30.31
C VAL GA 16 53.20 -50.22 -29.17
N SER GA 17 54.31 -50.95 -29.29
CA SER GA 17 54.71 -51.86 -28.23
C SER GA 17 55.35 -51.09 -27.08
N HIS GA 18 55.01 -51.49 -25.86
CA HIS GA 18 55.63 -50.97 -24.65
C HIS GA 18 56.25 -52.11 -23.88
N VAL GA 19 57.44 -51.90 -23.35
CA VAL GA 19 58.12 -52.89 -22.51
C VAL GA 19 58.07 -52.41 -21.07
N LEU GA 20 57.33 -53.13 -20.24
CA LEU GA 20 57.10 -52.76 -18.84
C LEU GA 20 58.02 -53.61 -17.96
N VAL GA 21 58.94 -52.94 -17.28
CA VAL GA 21 59.95 -53.56 -16.44
C VAL GA 21 59.38 -53.75 -15.04
N PRO GA 22 59.74 -54.82 -14.32
CA PRO GA 22 59.24 -54.98 -12.95
C PRO GA 22 59.86 -53.97 -12.00
N LEU GA 23 59.03 -53.48 -11.08
CA LEU GA 23 59.48 -52.58 -10.01
C LEU GA 23 59.55 -53.24 -8.65
N GLY GA 24 58.89 -54.38 -8.46
CA GLY GA 24 58.87 -55.06 -7.19
C GLY GA 24 57.45 -55.30 -6.71
N VAL GA 25 57.35 -56.04 -5.60
CA VAL GA 25 56.07 -56.39 -5.00
C VAL GA 25 56.14 -56.10 -3.51
N GLY GA 26 54.97 -55.99 -2.90
CA GLY GA 26 54.90 -55.70 -1.48
C GLY GA 26 53.47 -55.66 -1.00
N ILE GA 27 53.31 -55.35 0.28
CA ILE GA 27 52.00 -55.33 0.94
C ILE GA 27 51.71 -53.93 1.44
N ASP GA 28 50.55 -53.39 1.07
CA ASP GA 28 50.05 -52.10 1.52
C ASP GA 28 48.84 -52.33 2.42
N GLU GA 29 48.70 -51.49 3.45
CA GLU GA 29 47.59 -51.65 4.38
C GLU GA 29 46.25 -51.39 3.70
N ASN GA 30 46.18 -50.35 2.87
CA ASN GA 30 44.94 -50.03 2.19
C ASN GA 30 44.66 -50.97 1.01
N LEU GA 31 45.69 -51.32 0.25
CA LEU GA 31 45.50 -51.92 -1.06
C LEU GA 31 45.67 -53.44 -1.10
N GLY GA 32 46.39 -54.02 -0.14
CA GLY GA 32 46.64 -55.45 -0.15
C GLY GA 32 47.99 -55.79 -0.73
N SER GA 33 48.10 -56.92 -1.43
CA SER GA 33 49.32 -57.28 -2.13
C SER GA 33 49.39 -56.51 -3.44
N VAL GA 34 50.48 -55.77 -3.64
CA VAL GA 34 50.65 -54.88 -4.78
C VAL GA 34 51.88 -55.31 -5.54
N ALA GA 35 51.75 -55.39 -6.87
CA ALA GA 35 52.87 -55.64 -7.76
C ALA GA 35 52.89 -54.54 -8.81
N LYS GA 36 54.08 -54.03 -9.12
CA LYS GA 36 54.22 -52.86 -9.98
C LYS GA 36 55.15 -53.14 -11.15
N TRP GA 37 54.72 -52.72 -12.33
CA TRP GA 37 55.54 -52.67 -13.52
C TRP GA 37 55.57 -51.24 -14.05
N ARG GA 38 56.57 -50.96 -14.88
CA ARG GA 38 56.74 -49.60 -15.39
C ARG GA 38 57.58 -49.67 -16.66
N GLU GA 39 57.26 -48.81 -17.62
CA GLU GA 39 58.13 -48.64 -18.77
C GLU GA 39 59.28 -47.71 -18.38
N ASN GA 40 60.42 -47.85 -19.06
CA ASN GA 40 61.61 -47.05 -18.73
C ASN GA 40 62.04 -46.25 -19.95
N LEU GA 41 61.18 -45.33 -20.40
CA LEU GA 41 61.51 -44.44 -21.51
C LEU GA 41 62.27 -43.23 -21.00
N ALA GA 42 63.33 -42.86 -21.72
CA ALA GA 42 64.03 -41.60 -21.53
C ALA GA 42 63.27 -40.40 -22.09
N THR GA 43 62.19 -40.65 -22.85
CA THR GA 43 61.41 -39.54 -23.42
C THR GA 43 60.69 -38.73 -22.33
N VAL GA 44 60.31 -39.37 -21.23
CA VAL GA 44 59.45 -38.74 -20.23
C VAL GA 44 60.10 -38.88 -18.86
N PRO GA 45 59.66 -38.09 -17.88
CA PRO GA 45 60.16 -38.27 -16.52
C PRO GA 45 59.92 -39.68 -16.01
N LEU GA 46 60.70 -40.09 -15.01
CA LEU GA 46 60.61 -41.45 -14.50
C LEU GA 46 59.24 -41.75 -13.94
N TYR GA 47 58.66 -40.82 -13.18
CA TYR GA 47 57.33 -41.03 -12.61
C TYR GA 47 56.21 -40.99 -13.65
N ALA GA 48 56.48 -40.54 -14.87
CA ALA GA 48 55.45 -40.28 -15.86
C ALA GA 48 55.38 -41.36 -16.93
N ASN GA 49 55.90 -42.55 -16.65
CA ASN GA 49 55.90 -43.64 -17.61
C ASN GA 49 54.61 -44.43 -17.55
N VAL GA 50 54.29 -45.11 -18.66
CA VAL GA 50 53.20 -46.08 -18.66
C VAL GA 50 53.47 -47.14 -17.61
N ARG GA 51 52.47 -47.47 -16.81
CA ARG GA 51 52.67 -48.40 -15.71
C ARG GA 51 51.49 -49.34 -15.56
N VAL GA 52 51.75 -50.50 -14.96
CA VAL GA 52 50.72 -51.50 -14.66
C VAL GA 52 50.90 -51.91 -13.21
N THR GA 53 49.78 -52.05 -12.50
CA THR GA 53 49.78 -52.39 -11.08
C THR GA 53 48.69 -53.41 -10.81
N THR GA 54 48.97 -54.38 -9.93
CA THR GA 54 47.98 -55.36 -9.50
C THR GA 54 47.78 -55.26 -8.00
N MET GA 55 46.52 -55.13 -7.58
CA MET GA 55 46.15 -55.17 -6.17
C MET GA 55 45.32 -56.41 -5.89
N GLN GA 56 45.50 -56.98 -4.71
CA GLN GA 56 44.74 -58.14 -4.26
C GLN GA 56 44.50 -58.01 -2.76
N LYS GA 57 43.23 -57.88 -2.38
CA LYS GA 57 42.86 -57.64 -0.99
C LYS GA 57 41.60 -58.42 -0.65
N LYS GA 58 41.59 -59.02 0.54
CA LYS GA 58 40.37 -59.59 1.10
C LYS GA 58 39.65 -58.50 1.87
N LEU GA 59 38.41 -58.21 1.47
CA LEU GA 59 37.64 -57.14 2.07
C LEU GA 59 37.08 -57.58 3.42
N LYS GA 60 36.50 -56.61 4.14
CA LYS GA 60 35.88 -56.91 5.43
C LYS GA 60 34.77 -57.93 5.28
N SER GA 61 33.99 -57.82 4.19
CA SER GA 61 32.90 -58.76 3.96
C SER GA 61 33.37 -60.18 3.68
N GLY GA 62 34.67 -60.40 3.47
CA GLY GA 62 35.17 -61.69 3.07
C GLY GA 62 35.32 -61.87 1.57
N ILE GA 63 34.79 -60.93 0.79
CA ILE GA 63 34.92 -60.98 -0.67
C ILE GA 63 36.34 -60.59 -1.07
N GLU GA 64 36.97 -61.40 -1.91
CA GLU GA 64 38.29 -61.06 -2.42
C GLU GA 64 38.15 -60.11 -3.61
N ARG GA 65 38.95 -59.05 -3.62
CA ARG GA 65 38.95 -58.05 -4.67
C ARG GA 65 40.31 -58.05 -5.37
N VAL GA 66 40.30 -58.12 -6.70
CA VAL GA 66 41.52 -58.08 -7.49
C VAL GA 66 41.41 -56.93 -8.49
N GLU GA 67 42.54 -56.32 -8.80
CA GLU GA 67 42.58 -55.22 -9.75
C GLU GA 67 43.85 -55.29 -10.58
N ILE GA 68 43.73 -54.99 -11.87
CA ILE GA 68 44.86 -54.75 -12.75
C ILE GA 68 44.67 -53.35 -13.30
N ARG GA 69 45.50 -52.41 -12.87
CA ARG GA 69 45.33 -50.99 -13.20
C ARG GA 69 46.41 -50.56 -14.18
N VAL GA 70 45.98 -50.09 -15.35
CA VAL GA 70 46.87 -49.55 -16.37
C VAL GA 70 46.74 -48.03 -16.37
N GLU GA 71 47.86 -47.33 -16.21
CA GLU GA 71 47.88 -45.88 -16.17
C GLU GA 71 48.82 -45.36 -17.26
N VAL GA 72 48.32 -44.44 -18.08
CA VAL GA 72 49.08 -43.85 -19.17
C VAL GA 72 49.12 -42.33 -18.96
N PRO GA 73 50.22 -41.81 -18.43
CA PRO GA 73 50.35 -40.34 -18.33
C PRO GA 73 50.55 -39.71 -19.69
N VAL GA 74 49.96 -38.53 -19.87
CA VAL GA 74 50.10 -37.73 -21.07
C VAL GA 74 50.72 -36.39 -20.68
N MET GA 75 51.79 -36.01 -21.36
CA MET GA 75 52.55 -34.84 -20.96
C MET GA 75 51.99 -33.58 -21.59
N GLU GA 76 52.18 -32.45 -20.90
CA GLU GA 76 51.95 -31.15 -21.51
C GLU GA 76 53.00 -30.90 -22.59
N ALA GA 77 52.65 -30.00 -23.51
CA ALA GA 77 53.56 -29.62 -24.59
C ALA GA 77 54.34 -28.39 -24.16
N VAL GA 78 55.66 -28.55 -23.99
CA VAL GA 78 56.51 -27.42 -23.64
C VAL GA 78 56.74 -26.58 -24.88
N SER GA 79 56.41 -25.29 -24.80
CA SER GA 79 56.58 -24.36 -25.90
C SER GA 79 57.10 -23.04 -25.37
N GLY GA 80 58.04 -22.45 -26.10
CA GLY GA 80 58.54 -21.13 -25.75
C GLY GA 80 59.13 -21.08 -24.35
N GLN GA 81 58.76 -20.05 -23.60
CA GLN GA 81 59.26 -19.85 -22.25
C GLN GA 81 58.14 -19.33 -21.35
N ASN GA 82 58.32 -19.53 -20.05
CA ASN GA 82 57.36 -19.06 -19.07
C ASN GA 82 57.63 -17.60 -18.72
N ALA GA 83 56.82 -17.08 -17.79
CA ALA GA 83 56.93 -15.67 -17.40
C ALA GA 83 58.24 -15.34 -16.73
N PHE GA 84 59.02 -16.33 -16.32
CA PHE GA 84 60.31 -16.07 -15.69
C PHE GA 84 61.47 -16.07 -16.67
N GLY GA 85 61.22 -16.42 -17.93
CA GLY GA 85 62.28 -16.41 -18.93
C GLY GA 85 63.00 -17.72 -19.11
N TYR GA 86 62.44 -18.83 -18.62
CA TYR GA 86 63.05 -20.14 -18.72
C TYR GA 86 62.14 -21.09 -19.47
N THR GA 87 62.75 -22.12 -20.07
CA THR GA 87 61.98 -23.23 -20.62
C THR GA 87 61.30 -23.98 -19.49
N ALA GA 88 60.02 -24.30 -19.67
CA ALA GA 88 59.25 -24.94 -18.62
C ALA GA 88 59.71 -26.38 -18.39
N ALA GA 89 59.56 -26.84 -17.15
CA ALA GA 89 59.86 -28.22 -16.80
C ALA GA 89 58.75 -29.14 -17.31
N PRO GA 90 59.07 -30.42 -17.54
CA PRO GA 90 58.02 -31.37 -17.90
C PRO GA 90 56.91 -31.39 -16.87
N LYS GA 91 55.67 -31.49 -17.35
CA LYS GA 91 54.51 -31.54 -16.48
C LYS GA 91 53.48 -32.49 -17.07
N VAL GA 92 52.89 -33.33 -16.22
CA VAL GA 92 51.87 -34.27 -16.65
C VAL GA 92 50.57 -33.52 -16.84
N ALA GA 93 49.99 -33.62 -18.04
CA ALA GA 93 48.70 -32.98 -18.29
C ALA GA 93 47.57 -33.75 -17.61
N PHE GA 94 47.51 -35.05 -17.82
CA PHE GA 94 46.51 -35.90 -17.20
C PHE GA 94 47.00 -37.34 -17.31
N THR GA 95 46.39 -38.22 -16.52
CA THR GA 95 46.72 -39.64 -16.55
C THR GA 95 45.44 -40.42 -16.81
N ASP GA 96 45.40 -41.12 -17.93
CA ASP GA 96 44.29 -42.00 -18.22
C ASP GA 96 44.49 -43.32 -17.46
N SER GA 97 43.40 -43.86 -16.95
CA SER GA 97 43.41 -45.07 -16.14
C SER GA 97 42.34 -46.03 -16.63
N GLY GA 98 42.76 -47.25 -16.98
CA GLY GA 98 41.84 -48.32 -17.31
C GLY GA 98 42.23 -49.57 -16.56
N SER GA 99 41.29 -50.18 -15.85
CA SER GA 99 41.59 -51.28 -14.95
C SER GA 99 40.54 -52.37 -15.08
N PHE GA 100 40.96 -53.59 -14.79
CA PHE GA 100 40.05 -54.71 -14.52
C PHE GA 100 39.86 -54.81 -13.02
N VAL GA 101 38.62 -54.99 -12.59
CA VAL GA 101 38.30 -55.12 -11.17
C VAL GA 101 37.41 -56.34 -10.99
N GLY GA 102 37.87 -57.29 -10.18
CA GLY GA 102 37.11 -58.50 -9.90
C GLY GA 102 36.71 -58.57 -8.44
N TYR GA 103 35.47 -58.99 -8.21
CA TYR GA 103 34.96 -59.27 -6.87
C TYR GA 103 34.49 -60.72 -6.85
N PHE GA 104 35.09 -61.53 -5.99
CA PHE GA 104 34.82 -62.96 -5.96
C PHE GA 104 34.56 -63.43 -4.54
N SER GA 105 33.60 -64.34 -4.38
CA SER GA 105 33.38 -64.99 -3.10
C SER GA 105 34.49 -65.98 -2.81
N GLU GA 106 34.67 -66.30 -1.52
CA GLU GA 106 35.62 -67.34 -1.15
C GLU GA 106 35.30 -68.67 -1.83
N ARG GA 107 34.01 -68.93 -2.08
CA ARG GA 107 33.59 -70.20 -2.68
C ARG GA 107 33.89 -70.28 -4.17
N SER GA 108 34.12 -69.14 -4.84
CA SER GA 108 34.39 -69.16 -6.27
C SER GA 108 35.70 -69.88 -6.54
N ALA GA 109 35.72 -70.66 -7.62
CA ALA GA 109 36.85 -71.49 -7.97
C ALA GA 109 37.63 -70.87 -9.12
N GLN GA 110 38.80 -71.46 -9.40
CA GLN GA 110 39.61 -71.00 -10.52
C GLN GA 110 38.79 -70.99 -11.80
N SER GA 111 37.99 -72.04 -12.02
CA SER GA 111 37.17 -72.11 -13.24
C SER GA 111 36.11 -71.01 -13.25
N ASN GA 112 35.50 -70.72 -12.09
CA ASN GA 112 34.48 -69.69 -12.02
C ASN GA 112 35.05 -68.32 -12.37
N ARG GA 113 36.19 -67.97 -11.76
CA ARG GA 113 36.79 -66.66 -11.99
C ARG GA 113 37.29 -66.52 -13.42
N ARG GA 114 37.92 -67.58 -13.94
CA ARG GA 114 38.38 -67.55 -15.33
C ARG GA 114 37.20 -67.39 -16.29
N LEU GA 115 36.06 -67.99 -15.97
CA LEU GA 115 34.90 -67.91 -16.86
C LEU GA 115 34.42 -66.47 -17.01
N VAL GA 116 34.30 -65.75 -15.90
CA VAL GA 116 33.86 -64.36 -15.95
C VAL GA 116 34.92 -63.51 -16.65
N LYS GA 117 36.19 -63.75 -16.36
CA LYS GA 117 37.26 -62.95 -16.95
C LYS GA 117 37.12 -62.86 -18.47
N GLN GA 118 36.98 -64.01 -19.13
CA GLN GA 118 37.03 -64.01 -20.59
C GLN GA 118 35.79 -63.35 -21.19
N ILE GA 119 34.64 -63.38 -20.51
CA ILE GA 119 33.48 -62.63 -21.00
C ILE GA 119 33.84 -61.16 -21.15
N LEU GA 120 34.46 -60.58 -20.13
CA LEU GA 120 34.85 -59.18 -20.19
C LEU GA 120 35.87 -58.94 -21.28
N THR GA 121 36.91 -59.78 -21.34
CA THR GA 121 37.96 -59.62 -22.35
C THR GA 121 37.37 -59.64 -23.74
N ASN GA 122 36.46 -60.58 -24.01
CA ASN GA 122 35.85 -60.64 -25.34
C ASN GA 122 34.99 -59.42 -25.61
N LEU GA 123 34.23 -58.97 -24.61
CA LEU GA 123 33.43 -57.76 -24.77
C LEU GA 123 34.33 -56.56 -25.12
N LEU GA 124 35.47 -56.44 -24.42
CA LEU GA 124 36.37 -55.32 -24.67
C LEU GA 124 37.00 -55.40 -26.06
N GLY GA 125 37.16 -56.60 -26.59
CA GLY GA 125 37.74 -56.79 -27.89
C GLY GA 125 36.74 -56.89 -29.02
N ASN GA 126 35.46 -56.71 -28.72
CA ASN GA 126 34.39 -56.80 -29.72
C ASN GA 126 34.38 -58.17 -30.40
N VAL GA 127 34.64 -59.21 -29.62
CA VAL GA 127 34.77 -60.57 -30.11
C VAL GA 127 33.52 -61.34 -29.75
N SER GA 128 32.78 -61.78 -30.76
CA SER GA 128 31.59 -62.58 -30.57
C SER GA 128 31.82 -64.06 -30.81
N THR GA 129 33.06 -64.45 -31.15
CA THR GA 129 33.38 -65.85 -31.41
C THR GA 129 34.02 -66.49 -30.18
N SER GA 130 34.42 -67.75 -30.32
CA SER GA 130 34.97 -68.51 -29.21
C SER GA 130 36.47 -68.25 -29.08
N VAL GA 131 36.89 -67.91 -27.86
CA VAL GA 131 38.29 -67.62 -27.55
C VAL GA 131 38.66 -68.35 -26.28
N ALA GA 132 39.79 -69.05 -26.30
CA ALA GA 132 40.24 -69.81 -25.14
C ALA GA 132 40.76 -68.87 -24.08
N ALA GA 133 40.32 -69.07 -22.85
CA ALA GA 133 40.74 -68.22 -21.76
C ALA GA 133 42.17 -68.57 -21.34
N PRO GA 134 43.06 -67.59 -21.22
CA PRO GA 134 44.44 -67.90 -20.83
C PRO GA 134 44.50 -68.53 -19.45
N THR GA 135 45.35 -69.55 -19.32
CA THR GA 135 45.60 -70.19 -18.04
C THR GA 135 46.99 -69.90 -17.50
N THR GA 136 47.77 -69.06 -18.18
CA THR GA 136 49.08 -68.63 -17.74
C THR GA 136 49.20 -67.12 -17.90
N GLY GA 137 50.27 -66.56 -17.37
CA GLY GA 137 50.47 -65.13 -17.39
C GLY GA 137 50.05 -64.49 -16.08
N PHE GA 138 50.58 -63.27 -15.85
CA PHE GA 138 50.34 -62.61 -14.57
C PHE GA 138 48.87 -62.26 -14.37
N ALA GA 139 48.18 -61.90 -15.45
CA ALA GA 139 46.76 -61.56 -15.33
C ALA GA 139 45.95 -62.79 -14.94
N SER GA 140 46.20 -63.93 -15.59
CA SER GA 140 45.49 -65.15 -15.24
C SER GA 140 45.81 -65.60 -13.82
N GLU GA 141 47.07 -65.46 -13.41
CA GLU GA 141 47.43 -65.86 -12.04
C GLU GA 141 46.71 -65.00 -11.02
N LEU GA 142 46.52 -63.71 -11.31
CA LEU GA 142 45.85 -62.84 -10.36
C LEU GA 142 44.34 -63.06 -10.36
N ILE GA 143 43.72 -63.00 -11.52
CA ILE GA 143 42.25 -63.05 -11.60
C ILE GA 143 41.75 -64.47 -11.36
N ASP GA 144 42.33 -65.45 -12.04
CA ASP GA 144 41.82 -66.82 -11.90
C ASP GA 144 42.18 -67.42 -10.55
N SER GA 145 43.41 -67.22 -10.09
CA SER GA 145 43.94 -67.98 -8.96
C SER GA 145 44.31 -67.14 -7.75
N GLY GA 146 44.14 -65.81 -7.79
CA GLY GA 146 44.46 -64.99 -6.64
C GLY GA 146 45.93 -64.88 -6.32
N ILE GA 147 46.79 -65.01 -7.32
CA ILE GA 147 48.24 -65.02 -7.15
C ILE GA 147 48.81 -63.64 -7.49
N THR GA 148 49.69 -63.14 -6.65
CA THR GA 148 50.45 -61.92 -6.92
C THR GA 148 51.89 -62.30 -7.29
N ALA GA 149 52.49 -61.47 -8.14
CA ALA GA 149 53.85 -61.75 -8.61
C ALA GA 149 54.85 -61.64 -7.45
N SER GA 150 56.07 -62.10 -7.72
CA SER GA 150 57.14 -62.09 -6.71
C SER GA 150 58.53 -61.83 -7.31
N SER HA 1 53.50 39.46 -33.50
CA SER HA 1 53.24 39.39 -32.06
C SER HA 1 51.98 38.57 -31.73
N SER HA 2 51.33 38.03 -32.76
CA SER HA 2 50.29 37.03 -32.55
C SER HA 2 50.83 35.65 -32.91
N GLN HA 3 50.11 34.63 -32.46
CA GLN HA 3 50.61 33.26 -32.57
C GLN HA 3 50.67 32.81 -34.03
N ALA HA 4 51.77 32.14 -34.37
CA ALA HA 4 51.94 31.55 -35.70
C ALA HA 4 52.74 30.27 -35.56
N ASN HA 5 52.82 29.53 -36.67
CA ASN HA 5 53.56 28.28 -36.69
C ASN HA 5 55.03 28.51 -36.36
N ILE HA 6 55.65 27.50 -35.76
CA ILE HA 6 57.08 27.50 -35.43
C ILE HA 6 57.71 26.29 -36.06
N THR HA 7 58.78 26.50 -36.83
CA THR HA 7 59.55 25.42 -37.45
C THR HA 7 60.93 25.39 -36.80
N VAL HA 8 61.25 24.28 -36.15
CA VAL HA 8 62.51 24.13 -35.41
C VAL HA 8 63.07 22.74 -35.64
N PHE HA 9 64.38 22.67 -35.87
CA PHE HA 9 65.09 21.40 -35.90
C PHE HA 9 65.57 21.03 -34.50
N ASP HA 10 65.53 19.75 -34.18
CA ASP HA 10 65.92 19.29 -32.85
C ASP HA 10 67.42 19.00 -32.83
N GLY HA 11 67.88 18.32 -31.78
CA GLY HA 11 69.30 18.04 -31.62
C GLY HA 11 69.64 16.57 -31.75
N ALA HA 12 68.88 15.84 -32.55
CA ALA HA 12 69.23 14.46 -32.84
C ALA HA 12 70.55 14.41 -33.61
N ALA HA 13 71.14 13.21 -33.68
CA ALA HA 13 72.39 13.04 -34.41
C ALA HA 13 72.23 13.52 -35.85
N THR HA 14 71.15 13.10 -36.51
CA THR HA 14 70.67 13.75 -37.73
C THR HA 14 69.44 14.56 -37.35
N PRO HA 15 69.55 15.88 -37.24
CA PRO HA 15 68.44 16.67 -36.68
C PRO HA 15 67.19 16.61 -37.54
N VAL HA 16 66.04 16.64 -36.85
CA VAL HA 16 64.71 16.45 -37.44
C VAL HA 16 63.92 17.74 -37.25
N SER HA 17 63.24 18.18 -38.32
CA SER HA 17 62.41 19.38 -38.23
C SER HA 17 61.08 19.06 -37.56
N HIS HA 18 60.59 20.01 -36.78
CA HIS HA 18 59.29 19.93 -36.12
C HIS HA 18 58.50 21.19 -36.43
N VAL HA 19 57.22 21.03 -36.73
CA VAL HA 19 56.32 22.16 -36.93
C VAL HA 19 55.37 22.21 -35.76
N LEU HA 20 55.48 23.28 -34.96
CA LEU HA 20 54.64 23.48 -33.79
C LEU HA 20 53.52 24.45 -34.16
N VAL HA 21 52.28 23.99 -34.03
CA VAL HA 21 51.09 24.77 -34.37
C VAL HA 21 50.65 25.52 -33.11
N PRO HA 22 50.08 26.72 -33.23
CA PRO HA 22 49.55 27.39 -32.03
C PRO HA 22 48.44 26.55 -31.40
N LEU HA 23 48.46 26.50 -30.07
CA LEU HA 23 47.55 25.67 -29.30
C LEU HA 23 46.58 26.47 -28.44
N GLY HA 24 46.96 27.67 -28.02
CA GLY HA 24 46.06 28.50 -27.24
C GLY HA 24 46.82 29.52 -26.42
N VAL HA 25 46.07 30.47 -25.88
CA VAL HA 25 46.59 31.50 -24.99
C VAL HA 25 45.65 31.57 -23.80
N GLY HA 26 46.21 31.88 -22.62
CA GLY HA 26 45.40 32.01 -21.44
C GLY HA 26 46.14 32.74 -20.33
N ILE HA 27 45.42 32.95 -19.22
CA ILE HA 27 45.99 33.47 -18.00
C ILE HA 27 45.86 32.42 -16.91
N ASP HA 28 46.92 32.22 -16.14
CA ASP HA 28 46.96 31.24 -15.07
C ASP HA 28 47.16 31.95 -13.74
N GLU HA 29 46.53 31.40 -12.71
CA GLU HA 29 46.66 31.95 -11.37
C GLU HA 29 48.12 31.98 -10.91
N ASN HA 30 48.84 30.87 -11.12
CA ASN HA 30 50.20 30.71 -10.61
C ASN HA 30 51.29 30.87 -11.67
N LEU HA 31 50.94 30.81 -12.96
CA LEU HA 31 51.94 30.85 -14.03
C LEU HA 31 52.01 32.20 -14.73
N GLY HA 32 50.91 32.94 -14.80
CA GLY HA 32 50.89 34.23 -15.48
C GLY HA 32 50.35 34.14 -16.88
N SER HA 33 50.85 34.98 -17.78
CA SER HA 33 50.43 34.92 -19.18
C SER HA 33 51.09 33.72 -19.86
N VAL HA 34 50.26 32.83 -20.42
CA VAL HA 34 50.73 31.57 -20.99
C VAL HA 34 50.34 31.53 -22.46
N ALA HA 35 51.27 31.07 -23.30
CA ALA HA 35 51.03 30.77 -24.70
C ALA HA 35 51.57 29.39 -25.01
N LYS HA 36 50.82 28.60 -25.78
CA LYS HA 36 51.12 27.20 -26.00
C LYS HA 36 51.21 26.89 -27.49
N TRP HA 37 52.22 26.10 -27.86
CA TRP HA 37 52.37 25.53 -29.18
C TRP HA 37 52.49 24.02 -29.03
N ARG HA 38 52.36 23.30 -30.15
CA ARG HA 38 52.37 21.85 -30.11
C ARG HA 38 52.48 21.30 -31.52
N GLU HA 39 53.24 20.22 -31.66
CA GLU HA 39 53.31 19.48 -32.91
C GLU HA 39 52.00 18.73 -33.16
N ASN HA 40 51.81 18.29 -34.40
CA ASN HA 40 50.59 17.59 -34.79
C ASN HA 40 50.89 16.29 -35.50
N LEU HA 41 51.91 15.58 -35.02
CA LEU HA 41 52.28 14.34 -35.68
C LEU HA 41 51.18 13.30 -35.52
N ALA HA 42 50.95 12.53 -36.59
CA ALA HA 42 50.07 11.37 -36.53
C ALA HA 42 50.72 10.18 -35.85
N THR HA 43 52.00 10.30 -35.45
CA THR HA 43 52.70 9.13 -34.92
C THR HA 43 52.27 8.83 -33.48
N VAL HA 44 51.99 9.87 -32.72
CA VAL HA 44 51.69 9.77 -31.30
C VAL HA 44 50.31 10.35 -31.08
N PRO HA 45 49.68 10.09 -29.94
CA PRO HA 45 48.41 10.76 -29.61
C PRO HA 45 48.65 12.24 -29.35
N LEU HA 46 47.55 12.98 -29.24
CA LEU HA 46 47.65 14.44 -29.19
C LEU HA 46 48.48 14.90 -28.00
N TYR HA 47 48.25 14.33 -26.82
CA TYR HA 47 48.94 14.77 -25.61
C TYR HA 47 50.44 14.49 -25.65
N ALA HA 48 50.89 13.56 -26.50
CA ALA HA 48 52.28 13.11 -26.50
C ALA HA 48 53.17 13.87 -27.48
N ASN HA 49 52.67 14.95 -28.09
CA ASN HA 49 53.45 15.69 -29.07
C ASN HA 49 54.45 16.63 -28.39
N VAL HA 50 55.53 16.91 -29.12
CA VAL HA 50 56.48 17.93 -28.69
C VAL HA 50 55.75 19.26 -28.53
N ARG HA 51 55.99 19.94 -27.42
CA ARG HA 51 55.28 21.17 -27.11
C ARG HA 51 56.23 22.26 -26.68
N VAL HA 52 55.82 23.50 -26.92
CA VAL HA 52 56.54 24.69 -26.49
C VAL HA 52 55.55 25.60 -25.79
N THR HA 53 55.98 26.19 -24.67
CA THR HA 53 55.12 27.02 -23.84
C THR HA 53 55.91 28.21 -23.31
N THR HA 54 55.31 29.38 -23.32
CA THR HA 54 55.90 30.58 -22.73
C THR HA 54 55.08 31.03 -21.53
N MET HA 55 55.78 31.50 -20.51
CA MET HA 55 55.16 32.03 -19.30
C MET HA 55 55.74 33.41 -18.99
N GLN HA 56 54.87 34.33 -18.61
CA GLN HA 56 55.26 35.68 -18.19
C GLN HA 56 54.51 36.01 -16.91
N LYS HA 57 55.23 36.17 -15.81
CA LYS HA 57 54.64 36.37 -14.50
C LYS HA 57 55.35 37.50 -13.79
N LYS HA 58 54.58 38.49 -13.34
CA LYS HA 58 55.14 39.58 -12.56
C LYS HA 58 55.30 39.13 -11.10
N LEU HA 59 56.50 39.34 -10.55
CA LEU HA 59 56.77 39.00 -9.17
C LEU HA 59 56.80 40.27 -8.32
N LYS HA 60 57.13 40.09 -7.05
CA LYS HA 60 57.27 41.22 -6.14
C LYS HA 60 58.59 41.94 -6.40
N SER HA 61 58.63 43.20 -5.97
CA SER HA 61 59.81 44.06 -6.11
C SER HA 61 60.13 44.33 -7.58
N GLY HA 62 59.10 44.38 -8.42
CA GLY HA 62 59.27 44.82 -9.80
C GLY HA 62 60.20 43.96 -10.62
N ILE HA 63 60.07 42.64 -10.49
CA ILE HA 63 60.85 41.69 -11.26
C ILE HA 63 59.86 40.77 -11.96
N GLU HA 64 60.05 40.55 -13.26
CA GLU HA 64 59.20 39.64 -13.99
C GLU HA 64 60.00 38.39 -14.35
N ARG HA 65 59.33 37.24 -14.28
CA ARG HA 65 59.93 35.97 -14.63
C ARG HA 65 59.39 35.56 -16.00
N VAL HA 66 60.29 35.14 -16.87
CA VAL HA 66 59.97 34.82 -18.26
C VAL HA 66 60.52 33.43 -18.56
N GLU HA 67 59.68 32.57 -19.14
CA GLU HA 67 60.12 31.21 -19.45
C GLU HA 67 59.67 30.80 -20.85
N ILE HA 68 60.56 30.10 -21.55
CA ILE HA 68 60.22 29.38 -22.77
C ILE HA 68 60.52 27.91 -22.47
N ARG HA 69 59.49 27.10 -22.31
CA ARG HA 69 59.66 25.70 -21.89
C ARG HA 69 59.42 24.76 -23.07
N VAL HA 70 60.45 24.00 -23.42
CA VAL HA 70 60.36 22.96 -24.46
C VAL HA 70 60.27 21.61 -23.77
N GLU HA 71 59.19 20.88 -24.03
CA GLU HA 71 59.00 19.55 -23.46
C GLU HA 71 58.89 18.54 -24.59
N VAL HA 72 59.73 17.51 -24.54
CA VAL HA 72 59.72 16.44 -25.54
C VAL HA 72 59.33 15.14 -24.87
N PRO HA 73 58.11 14.65 -25.07
CA PRO HA 73 57.74 13.32 -24.56
C PRO HA 73 58.42 12.24 -25.39
N VAL HA 74 59.14 11.35 -24.71
CA VAL HA 74 59.77 10.20 -25.33
C VAL HA 74 58.89 8.99 -25.07
N MET HA 75 58.47 8.33 -26.14
CA MET HA 75 57.48 7.26 -26.01
C MET HA 75 58.15 5.92 -25.70
N GLU HA 76 57.43 5.07 -24.99
CA GLU HA 76 57.84 3.68 -24.87
C GLU HA 76 57.77 3.01 -26.23
N ALA HA 77 58.62 2.01 -26.44
CA ALA HA 77 58.66 1.26 -27.69
C ALA HA 77 57.65 0.14 -27.60
N VAL HA 78 56.60 0.20 -28.42
CA VAL HA 78 55.62 -0.87 -28.46
C VAL HA 78 56.22 -2.05 -29.21
N SER HA 79 56.29 -3.20 -28.56
CA SER HA 79 56.82 -4.42 -29.15
C SER HA 79 55.94 -5.59 -28.73
N GLY HA 80 55.58 -6.45 -29.68
CA GLY HA 80 54.75 -7.60 -29.40
C GLY HA 80 53.43 -7.21 -28.74
N GLN HA 81 52.88 -8.17 -28.00
CA GLN HA 81 51.60 -8.04 -27.32
C GLN HA 81 51.81 -8.00 -25.82
N ASN HA 82 50.81 -7.46 -25.12
CA ASN HA 82 50.82 -7.45 -23.67
C ASN HA 82 50.24 -8.76 -23.15
N ALA HA 83 50.13 -8.86 -21.82
CA ALA HA 83 49.65 -10.09 -21.19
C ALA HA 83 48.20 -10.40 -21.52
N PHE HA 84 47.47 -9.48 -22.17
CA PHE HA 84 46.08 -9.70 -22.54
C PHE HA 84 45.91 -10.10 -23.99
N GLY HA 85 46.99 -10.13 -24.77
CA GLY HA 85 46.92 -10.52 -26.16
C GLY HA 85 46.66 -9.39 -27.13
N TYR HA 86 46.77 -8.14 -26.70
CA TYR HA 86 46.57 -6.98 -27.55
C TYR HA 86 47.88 -6.22 -27.71
N THR HA 87 47.99 -5.50 -28.82
CA THR HA 87 49.09 -4.56 -29.00
C THR HA 87 48.95 -3.42 -27.99
N ALA HA 88 50.05 -3.07 -27.33
CA ALA HA 88 49.99 -2.09 -26.25
C ALA HA 88 49.61 -0.71 -26.78
N ALA HA 89 48.88 0.03 -25.96
CA ALA HA 89 48.57 1.41 -26.29
C ALA HA 89 49.83 2.27 -26.14
N PRO HA 90 49.94 3.34 -26.91
CA PRO HA 90 51.10 4.23 -26.76
C PRO HA 90 51.17 4.80 -25.35
N LYS HA 91 52.37 4.84 -24.80
CA LYS HA 91 52.58 5.31 -23.44
C LYS HA 91 53.85 6.15 -23.38
N VAL HA 92 53.79 7.26 -22.66
CA VAL HA 92 54.96 8.13 -22.51
C VAL HA 92 55.93 7.50 -21.52
N ALA HA 93 57.17 7.32 -21.96
CA ALA HA 93 58.19 6.74 -21.08
C ALA HA 93 58.71 7.79 -20.10
N PHE HA 94 59.11 8.94 -20.61
CA PHE HA 94 59.53 10.07 -19.80
C PHE HA 94 59.44 11.32 -20.66
N THR HA 95 59.44 12.47 -20.00
CA THR HA 95 59.36 13.75 -20.69
C THR HA 95 60.59 14.58 -20.33
N ASP HA 96 61.38 14.93 -21.34
CA ASP HA 96 62.52 15.81 -21.15
C ASP HA 96 62.10 17.27 -21.28
N SER HA 97 62.63 18.11 -20.41
CA SER HA 97 62.25 19.51 -20.33
C SER HA 97 63.49 20.38 -20.36
N GLY HA 98 63.61 21.22 -21.39
CA GLY HA 98 64.65 22.22 -21.44
C GLY HA 98 64.03 23.58 -21.67
N SER HA 99 64.38 24.57 -20.85
CA SER HA 99 63.70 25.85 -20.92
C SER HA 99 64.67 27.00 -20.74
N PHE HA 100 64.30 28.15 -21.30
CA PHE HA 100 64.93 29.42 -20.96
C PHE HA 100 64.15 30.04 -19.81
N VAL HA 101 64.85 30.54 -18.81
CA VAL HA 101 64.22 31.20 -17.67
C VAL HA 101 64.94 32.53 -17.44
N GLY HA 102 64.21 33.62 -17.60
CA GLY HA 102 64.75 34.95 -17.40
C GLY HA 102 64.09 35.64 -16.23
N TYR HA 103 64.90 36.32 -15.41
CA TYR HA 103 64.43 37.22 -14.37
C TYR HA 103 64.96 38.61 -14.69
N PHE HA 104 64.05 39.53 -14.99
CA PHE HA 104 64.42 40.86 -15.42
C PHE HA 104 63.72 41.91 -14.56
N SER HA 105 64.46 42.94 -14.17
CA SER HA 105 63.88 44.08 -13.48
C SER HA 105 63.03 44.89 -14.45
N GLU HA 106 62.00 45.56 -13.89
CA GLU HA 106 61.22 46.49 -14.69
C GLU HA 106 62.07 47.61 -15.25
N ARG HA 107 63.25 47.87 -14.67
CA ARG HA 107 64.14 48.92 -15.10
C ARG HA 107 65.00 48.54 -16.30
N SER HA 108 65.12 47.25 -16.63
CA SER HA 108 65.94 46.86 -17.77
C SER HA 108 65.24 47.22 -19.07
N ALA HA 109 66.06 47.58 -20.06
CA ALA HA 109 65.57 47.97 -21.38
C ALA HA 109 65.65 46.80 -22.34
N GLN HA 110 65.02 46.96 -23.50
CA GLN HA 110 65.08 45.96 -24.55
C GLN HA 110 66.53 45.57 -24.84
N SER HA 111 67.42 46.56 -24.90
CA SER HA 111 68.82 46.30 -25.21
C SER HA 111 69.49 45.45 -24.15
N ASN HA 112 69.22 45.74 -22.87
CA ASN HA 112 69.82 44.97 -21.79
C ASN HA 112 69.41 43.51 -21.86
N ARG HA 113 68.12 43.25 -22.06
CA ARG HA 113 67.62 41.88 -22.08
C ARG HA 113 68.13 41.12 -23.30
N ARG HA 114 68.11 41.77 -24.47
CA ARG HA 114 68.64 41.14 -25.68
C ARG HA 114 70.12 40.80 -25.52
N LEU HA 115 70.86 41.63 -24.79
CA LEU HA 115 72.29 41.38 -24.61
C LEU HA 115 72.53 40.11 -23.82
N VAL HA 116 71.82 39.93 -22.72
CA VAL HA 116 71.98 38.72 -21.91
C VAL HA 116 71.53 37.49 -22.70
N LYS HA 117 70.42 37.60 -23.42
CA LYS HA 117 69.87 36.48 -24.17
C LYS HA 117 70.93 35.81 -25.02
N GLN HA 118 71.65 36.59 -25.83
CA GLN HA 118 72.56 36.01 -26.80
C GLN HA 118 73.77 35.36 -26.14
N ILE HA 119 74.20 35.86 -24.98
CA ILE HA 119 75.30 35.20 -24.27
C ILE HA 119 74.94 33.75 -24.00
N LEU HA 120 73.78 33.53 -23.38
CA LEU HA 120 73.32 32.17 -23.10
C LEU HA 120 73.21 31.36 -24.38
N THR HA 121 72.58 31.94 -25.42
CA THR HA 121 72.42 31.22 -26.68
C THR HA 121 73.77 30.78 -27.24
N ASN HA 122 74.74 31.69 -27.25
CA ASN HA 122 76.07 31.32 -27.77
C ASN HA 122 76.73 30.27 -26.89
N LEU HA 123 76.52 30.35 -25.58
CA LEU HA 123 77.07 29.33 -24.69
C LEU HA 123 76.48 27.96 -25.01
N LEU HA 124 75.16 27.89 -25.22
CA LEU HA 124 74.51 26.62 -25.52
C LEU HA 124 74.95 26.07 -26.88
N GLY HA 125 75.31 26.94 -27.81
CA GLY HA 125 75.76 26.52 -29.12
C GLY HA 125 77.25 26.28 -29.22
N ASN HA 126 77.98 26.43 -28.12
CA ASN HA 126 79.44 26.30 -28.10
C ASN HA 126 80.10 27.24 -29.11
N VAL HA 127 79.63 28.48 -29.14
CA VAL HA 127 80.04 29.47 -30.11
C VAL HA 127 80.82 30.56 -29.41
N SER HA 128 82.08 30.74 -29.80
CA SER HA 128 82.94 31.76 -29.23
C SER HA 128 83.15 32.95 -30.16
N THR HA 129 82.49 32.97 -31.31
CA THR HA 129 82.61 34.07 -32.26
C THR HA 129 81.40 34.99 -32.15
N SER HA 130 81.40 36.03 -32.98
CA SER HA 130 80.33 37.02 -32.96
C SER HA 130 79.11 36.52 -33.70
N VAL HA 131 77.95 36.61 -33.06
CA VAL HA 131 76.68 36.23 -33.64
C VAL HA 131 75.66 37.33 -33.35
N ALA HA 132 74.91 37.72 -34.36
CA ALA HA 132 73.94 38.81 -34.21
C ALA HA 132 72.71 38.33 -33.46
N ALA HA 133 72.30 39.10 -32.47
CA ALA HA 133 71.14 38.73 -31.66
C ALA HA 133 69.86 38.98 -32.45
N PRO HA 134 68.95 38.02 -32.50
CA PRO HA 134 67.69 38.22 -33.24
C PRO HA 134 66.85 39.32 -32.62
N THR HA 135 66.16 40.07 -33.47
CA THR HA 135 65.25 41.12 -33.04
C THR HA 135 63.79 40.82 -33.39
N THR HA 136 63.51 39.66 -33.97
CA THR HA 136 62.16 39.22 -34.27
C THR HA 136 61.99 37.77 -33.84
N GLY HA 137 60.75 37.28 -33.93
CA GLY HA 137 60.43 35.95 -33.48
C GLY HA 137 59.82 35.96 -32.08
N PHE HA 138 59.09 34.88 -31.77
CA PHE HA 138 58.38 34.85 -30.50
C PHE HA 138 59.33 34.85 -29.32
N ALA HA 139 60.52 34.25 -29.48
CA ALA HA 139 61.50 34.25 -28.40
C ALA HA 139 62.02 35.66 -28.13
N SER HA 140 62.35 36.41 -29.19
CA SER HA 140 62.80 37.79 -29.00
C SER HA 140 61.70 38.66 -28.42
N GLU HA 141 60.47 38.50 -28.91
CA GLU HA 141 59.37 39.31 -28.39
C GLU HA 141 59.18 39.07 -26.91
N LEU HA 142 59.36 37.83 -26.47
CA LEU HA 142 59.17 37.50 -25.06
C LEU HA 142 60.36 37.94 -24.22
N ILE HA 143 61.56 37.49 -24.58
CA ILE HA 143 62.74 37.74 -23.74
C ILE HA 143 63.18 39.20 -23.84
N ASP HA 144 63.30 39.72 -25.05
CA ASP HA 144 63.82 41.08 -25.21
C ASP HA 144 62.80 42.12 -24.77
N SER HA 145 61.51 41.89 -25.05
CA SER HA 145 60.52 42.95 -24.95
C SER HA 145 59.33 42.61 -24.06
N GLY HA 146 59.33 41.47 -23.37
CA GLY HA 146 58.24 41.16 -22.47
C GLY HA 146 56.89 41.06 -23.17
N ILE HA 147 56.88 40.48 -24.37
CA ILE HA 147 55.67 40.36 -25.18
C ILE HA 147 55.24 38.90 -25.22
N THR HA 148 54.00 38.63 -24.83
CA THR HA 148 53.39 37.31 -24.99
C THR HA 148 52.49 37.34 -26.21
N ALA HA 149 52.51 36.24 -26.98
CA ALA HA 149 51.69 36.15 -28.17
C ALA HA 149 50.21 36.31 -27.82
N SER HA 150 49.41 36.72 -28.81
CA SER HA 150 48.00 36.97 -28.60
C SER HA 150 47.16 36.82 -29.88
N SER IA 1 39.96 44.20 -34.72
CA SER IA 1 39.68 42.94 -34.04
C SER IA 1 40.89 42.46 -33.24
N SER IA 2 41.88 41.90 -33.94
CA SER IA 2 43.08 41.40 -33.28
C SER IA 2 44.11 42.52 -33.13
N GLN IA 3 45.06 42.31 -32.22
CA GLN IA 3 46.01 43.36 -31.87
C GLN IA 3 46.96 43.68 -33.02
N ALA IA 4 47.20 44.97 -33.23
CA ALA IA 4 48.15 45.44 -34.23
C ALA IA 4 48.85 46.66 -33.69
N ASN IA 5 49.87 47.10 -34.43
CA ASN IA 5 50.63 48.28 -34.02
C ASN IA 5 49.76 49.53 -34.09
N ILE IA 6 49.82 50.33 -33.04
CA ILE IA 6 49.14 51.62 -32.97
C ILE IA 6 50.18 52.71 -33.23
N THR IA 7 49.85 53.64 -34.13
CA THR IA 7 50.70 54.79 -34.40
C THR IA 7 49.93 56.06 -34.00
N VAL IA 8 50.46 56.78 -33.01
CA VAL IA 8 49.80 57.94 -32.43
C VAL IA 8 50.82 59.06 -32.26
N PHE IA 9 50.39 60.29 -32.52
CA PHE IA 9 51.18 61.47 -32.15
C PHE IA 9 50.77 61.95 -30.77
N ASP IA 10 51.74 62.48 -30.03
CA ASP IA 10 51.49 62.94 -28.67
C ASP IA 10 51.11 64.42 -28.70
N GLY IA 11 51.10 65.05 -27.53
CA GLY IA 11 50.71 66.45 -27.43
C GLY IA 11 51.84 67.38 -27.04
N ALA IA 12 53.07 67.02 -27.43
CA ALA IA 12 54.19 67.91 -27.21
C ALA IA 12 54.01 69.17 -28.06
N ALA IA 13 54.77 70.21 -27.72
CA ALA IA 13 54.67 71.47 -28.46
C ALA IA 13 54.93 71.25 -29.94
N THR IA 14 55.90 70.39 -30.27
CA THR IA 14 56.03 69.82 -31.60
C THR IA 14 55.69 68.33 -31.49
N PRO IA 15 54.49 67.91 -31.90
CA PRO IA 15 54.05 66.54 -31.63
C PRO IA 15 54.96 65.49 -32.27
N VAL IA 16 55.14 64.38 -31.54
CA VAL IA 16 56.05 63.30 -31.89
C VAL IA 16 55.22 62.02 -32.04
N SER IA 17 55.56 61.21 -33.05
CA SER IA 17 54.85 59.97 -33.27
C SER IA 17 55.40 58.86 -32.39
N HIS IA 18 54.51 58.02 -31.88
CA HIS IA 18 54.86 56.84 -31.10
C HIS IA 18 54.27 55.60 -31.76
N VAL IA 19 55.03 54.52 -31.81
CA VAL IA 19 54.55 53.23 -32.31
C VAL IA 19 54.41 52.29 -31.12
N LEU IA 20 53.18 51.92 -30.80
CA LEU IA 20 52.88 51.03 -29.69
C LEU IA 20 52.62 49.63 -30.23
N VAL IA 21 53.45 48.67 -29.82
CA VAL IA 21 53.32 47.30 -30.30
C VAL IA 21 52.49 46.50 -29.31
N PRO IA 22 51.84 45.43 -29.74
CA PRO IA 22 51.03 44.64 -28.82
C PRO IA 22 51.88 43.92 -27.77
N LEU IA 23 51.29 43.79 -26.57
CA LEU IA 23 51.91 43.06 -25.46
C LEU IA 23 51.13 41.83 -25.05
N GLY IA 24 49.85 41.76 -25.37
CA GLY IA 24 49.05 40.58 -25.03
C GLY IA 24 47.64 40.91 -24.61
N VAL IA 25 46.81 39.88 -24.51
CA VAL IA 25 45.43 40.01 -24.07
C VAL IA 25 45.16 38.91 -23.06
N GLY IA 26 44.30 39.19 -22.09
CA GLY IA 26 43.90 38.20 -21.13
C GLY IA 26 42.70 38.66 -20.35
N ILE IA 27 42.22 37.78 -19.48
CA ILE IA 27 41.06 38.04 -18.65
C ILE IA 27 41.48 38.04 -17.19
N ASP IA 28 41.54 39.22 -16.58
CA ASP IA 28 41.74 39.36 -15.15
C ASP IA 28 40.37 39.36 -14.46
N GLU IA 29 40.31 38.71 -13.29
CA GLU IA 29 39.03 38.61 -12.59
C GLU IA 29 38.55 39.98 -12.09
N ASN IA 30 39.48 40.83 -11.66
CA ASN IA 30 39.12 42.16 -11.19
C ASN IA 30 38.98 43.16 -12.33
N LEU IA 31 39.96 43.20 -13.25
CA LEU IA 31 39.93 44.23 -14.28
C LEU IA 31 38.98 43.90 -15.42
N GLY IA 32 38.76 42.61 -15.70
CA GLY IA 32 37.95 42.22 -16.84
C GLY IA 32 38.80 41.77 -18.01
N SER IA 33 38.35 42.06 -19.24
CA SER IA 33 39.15 41.75 -20.42
C SER IA 33 40.15 42.89 -20.65
N VAL IA 34 41.43 42.54 -20.63
CA VAL IA 34 42.52 43.51 -20.70
C VAL IA 34 43.34 43.26 -21.96
N ALA IA 35 43.65 44.33 -22.68
CA ALA IA 35 44.56 44.30 -23.82
C ALA IA 35 45.61 45.37 -23.63
N LYS IA 36 46.87 45.03 -23.88
CA LYS IA 36 48.00 45.90 -23.58
C LYS IA 36 48.82 46.20 -24.83
N TRP IA 37 49.26 47.45 -24.95
CA TRP IA 37 50.20 47.90 -25.96
C TRP IA 37 51.32 48.67 -25.27
N ARG IA 38 52.48 48.73 -25.91
CA ARG IA 38 53.59 49.51 -25.36
C ARG IA 38 54.57 49.88 -26.46
N GLU IA 39 55.09 51.10 -26.38
CA GLU IA 39 56.18 51.52 -27.26
C GLU IA 39 57.46 50.79 -26.89
N ASN IA 40 58.32 50.57 -27.88
CA ASN IA 40 59.51 49.73 -27.71
C ASN IA 40 60.74 50.51 -28.12
N LEU IA 41 61.01 51.61 -27.41
CA LEU IA 41 62.29 52.29 -27.56
C LEU IA 41 63.42 51.40 -27.06
N ALA IA 42 64.47 51.31 -27.86
CA ALA IA 42 65.49 50.28 -27.65
C ALA IA 42 66.22 50.47 -26.32
N THR IA 43 66.55 51.71 -25.98
CA THR IA 43 67.34 52.00 -24.78
C THR IA 43 66.49 52.34 -23.56
N VAL IA 44 65.22 52.68 -23.75
CA VAL IA 44 64.39 53.13 -22.63
C VAL IA 44 63.96 51.93 -21.79
N PRO IA 45 64.04 51.99 -20.46
CA PRO IA 45 63.53 50.90 -19.63
C PRO IA 45 62.11 50.55 -20.01
N LEU IA 46 61.79 49.25 -19.92
CA LEU IA 46 60.48 48.79 -20.38
C LEU IA 46 59.35 49.46 -19.60
N TYR IA 47 59.52 49.62 -18.29
CA TYR IA 47 58.46 50.25 -17.51
C TYR IA 47 58.45 51.77 -17.64
N ALA IA 48 59.37 52.35 -18.42
CA ALA IA 48 59.39 53.78 -18.68
C ALA IA 48 58.84 54.13 -20.05
N ASN IA 49 58.41 53.15 -20.83
CA ASN IA 49 57.89 53.38 -22.18
C ASN IA 49 56.40 53.67 -22.16
N VAL IA 50 55.96 54.50 -23.11
CA VAL IA 50 54.55 54.82 -23.26
C VAL IA 50 53.76 53.54 -23.47
N ARG IA 51 52.65 53.39 -22.74
CA ARG IA 51 51.83 52.20 -22.86
C ARG IA 51 50.36 52.59 -22.95
N VAL IA 52 49.58 51.71 -23.57
CA VAL IA 52 48.14 51.88 -23.72
C VAL IA 52 47.47 50.57 -23.33
N THR IA 53 46.37 50.67 -22.59
CA THR IA 53 45.67 49.51 -22.07
C THR IA 53 44.16 49.72 -22.17
N THR IA 54 43.43 48.66 -22.48
CA THR IA 54 41.97 48.68 -22.47
C THR IA 54 41.44 47.68 -21.46
N MET IA 55 40.45 48.10 -20.69
CA MET IA 55 39.72 47.23 -19.77
C MET IA 55 38.26 47.19 -20.16
N GLN IA 56 37.64 46.02 -20.06
CA GLN IA 56 36.21 45.87 -20.23
C GLN IA 56 35.67 44.93 -19.16
N LYS IA 57 34.69 45.40 -18.39
CA LYS IA 57 34.15 44.63 -17.28
C LYS IA 57 32.67 44.92 -17.14
N LYS IA 58 31.88 43.86 -16.98
CA LYS IA 58 30.48 43.99 -16.62
C LYS IA 58 30.38 44.04 -15.10
N LEU IA 59 29.82 45.12 -14.56
CA LEU IA 59 29.71 45.27 -13.13
C LEU IA 59 28.51 44.48 -12.58
N LYS IA 60 28.34 44.51 -11.26
CA LYS IA 60 27.21 43.84 -10.65
C LYS IA 60 25.89 44.49 -11.05
N SER IA 61 25.89 45.80 -11.27
CA SER IA 61 24.70 46.52 -11.69
C SER IA 61 24.18 46.07 -13.05
N GLY IA 62 25.00 45.38 -13.83
CA GLY IA 62 24.73 45.19 -15.24
C GLY IA 62 25.32 46.25 -16.14
N ILE IA 63 25.78 47.36 -15.56
CA ILE IA 63 26.44 48.41 -16.32
C ILE IA 63 27.78 47.89 -16.83
N GLU IA 64 28.03 48.04 -18.13
CA GLU IA 64 29.33 47.70 -18.67
C GLU IA 64 30.26 48.89 -18.49
N ARG IA 65 31.46 48.63 -17.98
CA ARG IA 65 32.49 49.64 -17.82
C ARG IA 65 33.57 49.42 -18.86
N VAL IA 66 34.06 50.52 -19.44
CA VAL IA 66 35.00 50.49 -20.55
C VAL IA 66 36.07 51.55 -20.29
N GLU IA 67 37.34 51.17 -20.47
CA GLU IA 67 38.44 52.11 -20.24
C GLU IA 67 39.53 51.95 -21.29
N ILE IA 68 40.06 53.08 -21.74
CA ILE IA 68 41.26 53.14 -22.56
C ILE IA 68 42.26 54.00 -21.81
N ARG IA 69 43.29 53.39 -21.23
CA ARG IA 69 44.22 54.06 -20.33
C ARG IA 69 45.56 54.28 -21.00
N VAL IA 70 45.94 55.55 -21.17
CA VAL IA 70 47.24 55.95 -21.70
C VAL IA 70 48.14 56.36 -20.54
N GLU IA 71 49.29 55.72 -20.43
CA GLU IA 71 50.25 56.01 -19.37
C GLU IA 71 51.57 56.41 -19.99
N VAL IA 72 52.10 57.55 -19.56
CA VAL IA 72 53.39 58.06 -20.03
C VAL IA 72 54.32 58.19 -18.83
N PRO IA 73 55.25 57.26 -18.66
CA PRO IA 73 56.20 57.37 -17.54
C PRO IA 73 57.27 58.42 -17.83
N VAL IA 74 57.70 59.10 -16.78
CA VAL IA 74 58.76 60.10 -16.85
C VAL IA 74 59.85 59.71 -15.88
N MET IA 75 61.08 59.67 -16.37
CA MET IA 75 62.21 59.25 -15.57
C MET IA 75 62.88 60.45 -14.90
N GLU IA 76 63.69 60.15 -13.90
CA GLU IA 76 64.55 61.17 -13.31
C GLU IA 76 65.69 61.51 -14.28
N ALA IA 77 66.55 62.41 -13.84
CA ALA IA 77 67.64 62.86 -14.70
C ALA IA 77 68.85 61.92 -14.60
N VAL IA 78 69.65 61.86 -15.68
CA VAL IA 78 70.85 61.04 -15.74
C VAL IA 78 72.04 61.85 -15.25
N SER IA 79 72.96 61.19 -14.56
CA SER IA 79 74.14 61.87 -14.05
C SER IA 79 75.40 61.57 -14.85
N GLY IA 80 75.39 60.59 -15.75
CA GLY IA 80 76.62 60.20 -16.42
C GLY IA 80 76.51 58.83 -17.05
N GLN IA 81 77.66 58.32 -17.47
CA GLN IA 81 77.77 57.03 -18.14
C GLN IA 81 79.07 56.38 -17.71
N ASN IA 82 78.99 55.14 -17.25
CA ASN IA 82 80.18 54.44 -16.77
C ASN IA 82 81.12 54.15 -17.92
N ALA IA 83 82.42 54.29 -17.66
CA ALA IA 83 83.41 54.12 -18.71
C ALA IA 83 83.53 52.67 -19.17
N PHE IA 84 83.25 51.70 -18.31
CA PHE IA 84 83.60 50.33 -18.68
C PHE IA 84 82.50 49.31 -18.43
N GLY IA 85 81.63 49.55 -17.46
CA GLY IA 85 80.52 48.65 -17.19
C GLY IA 85 79.33 48.91 -18.10
N TYR IA 86 78.16 48.47 -17.64
CA TYR IA 86 76.88 48.82 -18.23
C TYR IA 86 76.18 49.82 -17.31
N THR IA 87 75.49 50.80 -17.91
CA THR IA 87 74.91 51.90 -17.17
C THR IA 87 73.39 51.91 -17.32
N ALA IA 88 72.70 52.00 -16.19
CA ALA IA 88 71.25 51.96 -16.17
C ALA IA 88 70.66 53.34 -16.36
N ALA IA 89 69.49 53.37 -16.94
CA ALA IA 89 68.71 54.58 -16.99
C ALA IA 89 68.05 54.82 -15.62
N PRO IA 90 67.83 56.07 -15.24
CA PRO IA 90 67.32 56.36 -13.90
C PRO IA 90 65.90 55.84 -13.71
N LYS IA 91 65.47 55.85 -12.45
CA LYS IA 91 64.16 55.33 -12.10
C LYS IA 91 63.05 56.26 -12.58
N VAL IA 92 61.85 55.72 -12.71
CA VAL IA 92 60.69 56.50 -13.09
C VAL IA 92 60.31 57.44 -11.95
N ALA IA 93 60.24 58.73 -12.25
CA ALA IA 93 59.88 59.70 -11.21
C ALA IA 93 58.37 59.72 -10.97
N PHE IA 94 57.60 59.67 -12.04
CA PHE IA 94 56.14 59.62 -11.94
C PHE IA 94 55.60 59.10 -13.26
N THR IA 95 54.32 58.76 -13.25
CA THR IA 95 53.64 58.28 -14.46
C THR IA 95 52.35 59.06 -14.62
N ASP IA 96 52.20 59.70 -15.77
CA ASP IA 96 50.99 60.45 -16.10
C ASP IA 96 49.98 59.51 -16.75
N SER IA 97 48.75 59.53 -16.25
CA SER IA 97 47.70 58.63 -16.71
C SER IA 97 46.51 59.46 -17.18
N GLY IA 98 46.19 59.33 -18.46
CA GLY IA 98 44.98 59.92 -19.01
C GLY IA 98 44.16 58.86 -19.70
N SER IA 99 42.89 58.72 -19.35
CA SER IA 99 42.10 57.61 -19.86
C SER IA 99 40.70 58.07 -20.20
N PHE IA 100 40.09 57.35 -21.14
CA PHE IA 100 38.65 57.41 -21.36
C PHE IA 100 38.00 56.32 -20.51
N VAL IA 101 36.90 56.67 -19.86
CA VAL IA 101 36.13 55.73 -19.05
C VAL IA 101 34.66 55.87 -19.41
N GLY IA 102 34.05 54.78 -19.85
CA GLY IA 102 32.64 54.77 -20.23
C GLY IA 102 31.84 53.83 -19.38
N TYR IA 103 30.66 54.30 -18.95
CA TYR IA 103 29.69 53.48 -18.22
C TYR IA 103 28.41 53.46 -19.05
N PHE IA 104 28.05 52.28 -19.53
CA PHE IA 104 26.91 52.13 -20.42
C PHE IA 104 25.95 51.06 -19.91
N SER IA 105 24.66 51.31 -20.08
CA SER IA 105 23.64 50.32 -19.80
C SER IA 105 23.58 49.28 -20.91
N GLU IA 106 22.98 48.13 -20.60
CA GLU IA 106 22.78 47.11 -21.61
C GLU IA 106 21.89 47.59 -22.75
N ARG IA 107 20.94 48.50 -22.46
CA ARG IA 107 20.03 48.96 -23.49
C ARG IA 107 20.72 49.84 -24.53
N SER IA 108 21.81 50.51 -24.15
CA SER IA 108 22.43 51.48 -25.05
C SER IA 108 23.03 50.77 -26.25
N ALA IA 109 22.77 51.32 -27.43
CA ALA IA 109 23.18 50.72 -28.69
C ALA IA 109 24.53 51.27 -29.14
N GLN IA 110 25.05 50.71 -30.24
CA GLN IA 110 26.22 51.29 -30.89
C GLN IA 110 26.09 52.81 -31.00
N SER IA 111 24.97 53.29 -31.55
CA SER IA 111 24.83 54.72 -31.83
C SER IA 111 24.82 55.54 -30.54
N ASN IA 112 24.19 55.01 -29.49
CA ASN IA 112 24.17 55.70 -28.20
C ASN IA 112 25.59 55.88 -27.65
N ARG IA 113 26.34 54.78 -27.57
CA ARG IA 113 27.72 54.86 -27.06
C ARG IA 113 28.58 55.74 -27.94
N ARG IA 114 28.46 55.61 -29.26
CA ARG IA 114 29.26 56.42 -30.17
C ARG IA 114 28.92 57.90 -30.03
N LEU IA 115 27.66 58.22 -29.73
CA LEU IA 115 27.25 59.62 -29.63
C LEU IA 115 27.95 60.31 -28.47
N VAL IA 116 27.98 59.67 -27.31
CA VAL IA 116 28.64 60.28 -26.15
C VAL IA 116 30.14 60.32 -26.35
N LYS IA 117 30.72 59.24 -26.92
CA LYS IA 117 32.15 59.19 -27.18
C LYS IA 117 32.63 60.47 -27.85
N GLN IA 118 31.97 60.86 -28.94
CA GLN IA 118 32.50 61.97 -29.74
C GLN IA 118 32.34 63.30 -29.04
N ILE IA 119 31.32 63.46 -28.18
CA ILE IA 119 31.22 64.68 -27.39
C ILE IA 119 32.49 64.90 -26.60
N LEU IA 120 32.93 63.85 -25.89
CA LEU IA 120 34.15 63.96 -25.09
C LEU IA 120 35.37 64.19 -25.97
N THR IA 121 35.47 63.47 -27.08
CA THR IA 121 36.61 63.65 -27.98
C THR IA 121 36.68 65.08 -28.49
N ASN IA 122 35.54 65.66 -28.86
CA ASN IA 122 35.52 67.04 -29.34
C ASN IA 122 35.86 68.01 -28.22
N LEU IA 123 35.37 67.74 -27.01
CA LEU IA 123 35.72 68.57 -25.87
C LEU IA 123 37.22 68.56 -25.61
N LEU IA 124 37.85 67.39 -25.66
CA LEU IA 124 39.29 67.29 -25.42
C LEU IA 124 40.09 67.99 -26.51
N GLY IA 125 39.55 68.07 -27.73
CA GLY IA 125 40.20 68.72 -28.82
C GLY IA 125 39.85 70.19 -28.98
N ASN IA 126 39.04 70.73 -28.08
CA ASN IA 126 38.56 72.12 -28.16
C ASN IA 126 37.92 72.41 -29.50
N VAL IA 127 37.04 71.50 -29.93
CA VAL IA 127 36.43 71.54 -31.24
C VAL IA 127 34.95 71.86 -31.07
N SER IA 128 34.53 72.99 -31.65
CA SER IA 128 33.14 73.40 -31.64
C SER IA 128 32.42 73.07 -32.94
N THR IA 129 33.12 72.55 -33.94
CA THR IA 129 32.51 72.25 -35.22
C THR IA 129 32.08 70.79 -35.28
N SER IA 130 31.52 70.38 -36.41
CA SER IA 130 31.03 69.03 -36.59
C SER IA 130 32.16 68.10 -37.02
N VAL IA 131 32.27 66.96 -36.34
CA VAL IA 131 33.28 65.95 -36.63
C VAL IA 131 32.60 64.59 -36.70
N ALA IA 132 32.90 63.84 -37.75
CA ALA IA 132 32.31 62.52 -37.91
C ALA IA 132 32.90 61.56 -36.88
N ALA IA 133 32.03 60.84 -36.18
CA ALA IA 133 32.48 59.91 -35.17
C ALA IA 133 33.03 58.66 -35.83
N PRO IA 134 34.24 58.21 -35.46
CA PRO IA 134 34.80 57.01 -36.08
C PRO IA 134 33.95 55.78 -35.82
N THR IA 135 33.87 54.90 -36.83
CA THR IA 135 33.17 53.64 -36.70
C THR IA 135 34.10 52.44 -36.81
N THR IA 136 35.39 52.67 -37.02
CA THR IA 136 36.41 51.62 -37.04
C THR IA 136 37.54 52.02 -36.10
N GLY IA 137 38.50 51.13 -35.94
CA GLY IA 137 39.59 51.35 -35.01
C GLY IA 137 39.33 50.70 -33.66
N PHE IA 138 40.41 50.43 -32.93
CA PHE IA 138 40.28 49.66 -31.70
C PHE IA 138 39.47 50.43 -30.65
N ALA IA 139 39.58 51.75 -30.63
CA ALA IA 139 38.79 52.53 -29.69
C ALA IA 139 37.30 52.43 -30.01
N SER IA 140 36.94 52.48 -31.30
CA SER IA 140 35.53 52.33 -31.65
C SER IA 140 35.02 50.92 -31.36
N GLU IA 141 35.81 49.90 -31.66
CA GLU IA 141 35.40 48.54 -31.33
C GLU IA 141 35.09 48.41 -29.84
N LEU IA 142 35.92 49.03 -29.00
CA LEU IA 142 35.74 48.91 -27.55
C LEU IA 142 34.60 49.78 -27.04
N ILE IA 143 34.62 51.07 -27.37
CA ILE IA 143 33.66 52.00 -26.79
C ILE IA 143 32.29 51.86 -27.44
N ASP IA 144 32.24 51.81 -28.78
CA ASP IA 144 30.95 51.75 -29.45
C ASP IA 144 30.33 50.35 -29.32
N SER IA 145 31.14 49.30 -29.45
CA SER IA 145 30.61 47.96 -29.61
C SER IA 145 30.96 46.99 -28.48
N GLY IA 146 31.75 47.41 -27.49
CA GLY IA 146 32.11 46.51 -26.41
C GLY IA 146 32.95 45.32 -26.84
N ILE IA 147 33.93 45.55 -27.72
CA ILE IA 147 34.78 44.49 -28.26
C ILE IA 147 36.22 44.79 -27.91
N THR IA 148 36.87 43.87 -27.20
CA THR IA 148 38.28 43.97 -26.84
C THR IA 148 39.13 43.25 -27.87
N ALA IA 149 40.36 43.72 -28.05
CA ALA IA 149 41.28 43.10 -29.00
C ALA IA 149 41.47 41.61 -28.69
N SER IA 150 41.67 40.84 -29.75
CA SER IA 150 41.75 39.38 -29.65
C SER IA 150 43.16 38.85 -29.93
N SER JA 1 44.86 29.21 -36.35
CA SER JA 1 44.73 29.12 -34.89
C SER JA 1 44.51 30.49 -34.29
N SER JA 2 45.07 31.52 -34.92
CA SER JA 2 44.77 32.89 -34.50
C SER JA 2 43.33 33.25 -34.90
N GLN JA 3 42.66 33.98 -34.02
CA GLN JA 3 41.23 34.23 -34.14
C GLN JA 3 40.96 35.29 -35.21
N ALA JA 4 40.05 34.98 -36.13
CA ALA JA 4 39.76 35.87 -37.25
C ALA JA 4 38.26 35.95 -37.49
N ASN JA 5 37.88 36.89 -38.37
CA ASN JA 5 36.47 37.04 -38.73
C ASN JA 5 35.96 35.77 -39.40
N ILE JA 6 34.72 35.42 -39.09
CA ILE JA 6 34.05 34.25 -39.67
C ILE JA 6 32.91 34.76 -40.52
N THR JA 7 32.93 34.41 -41.81
CA THR JA 7 31.81 34.67 -42.70
C THR JA 7 31.07 33.36 -42.94
N VAL JA 8 29.78 33.32 -42.60
CA VAL JA 8 28.98 32.10 -42.65
C VAL JA 8 27.56 32.45 -43.06
N PHE JA 9 27.00 31.66 -43.96
CA PHE JA 9 25.60 31.78 -44.35
C PHE JA 9 24.72 30.92 -43.46
N ASP JA 10 23.51 31.41 -43.19
CA ASP JA 10 22.58 30.70 -42.33
C ASP JA 10 21.69 29.78 -43.16
N GLY JA 11 20.64 29.23 -42.55
CA GLY JA 11 19.77 28.31 -43.22
C GLY JA 11 18.37 28.85 -43.46
N ALA JA 12 18.27 30.15 -43.71
CA ALA JA 12 17.01 30.71 -44.13
C ALA JA 12 16.65 30.19 -45.53
N ALA JA 13 15.40 30.38 -45.92
CA ALA JA 13 14.96 29.94 -47.25
C ALA JA 13 15.84 30.56 -48.34
N THR JA 14 16.19 31.83 -48.18
CA THR JA 14 17.28 32.44 -48.93
C THR JA 14 18.40 32.72 -47.93
N PRO JA 15 19.46 31.91 -47.90
CA PRO JA 15 20.47 32.06 -46.84
C PRO JA 15 21.11 33.44 -46.83
N VAL JA 16 21.39 33.90 -45.62
CA VAL JA 16 21.91 35.24 -45.35
C VAL JA 16 23.30 35.11 -44.76
N SER JA 17 24.25 35.89 -45.26
CA SER JA 17 25.61 35.86 -44.72
C SER JA 17 25.67 36.65 -43.42
N HIS JA 18 26.40 36.10 -42.46
CA HIS JA 18 26.69 36.76 -41.19
C HIS JA 18 28.20 36.87 -41.03
N VAL JA 19 28.67 38.02 -40.56
CA VAL JA 19 30.09 38.22 -40.29
C VAL JA 19 30.28 38.24 -38.77
N LEU JA 20 30.97 37.22 -38.26
CA LEU JA 20 31.17 37.04 -36.83
C LEU JA 20 32.56 37.53 -36.46
N VAL JA 21 32.62 38.58 -35.65
CA VAL JA 21 33.87 39.23 -35.24
C VAL JA 21 34.41 38.53 -34.01
N PRO JA 22 35.73 38.42 -33.83
CA PRO JA 22 36.26 37.80 -32.62
C PRO JA 22 36.03 38.66 -31.39
N LEU JA 23 35.71 38.00 -30.27
CA LEU JA 23 35.58 38.66 -28.99
C LEU JA 23 36.73 38.39 -28.03
N GLY JA 24 37.52 37.35 -28.27
CA GLY JA 24 38.63 36.99 -27.40
C GLY JA 24 38.52 35.56 -26.95
N VAL JA 25 39.57 35.11 -26.25
CA VAL JA 25 39.65 33.74 -25.74
C VAL JA 25 40.06 33.80 -24.28
N GLY JA 26 39.80 32.71 -23.57
CA GLY JA 26 40.15 32.64 -22.16
C GLY JA 26 39.79 31.29 -21.58
N ILE JA 27 40.02 31.16 -20.28
CA ILE JA 27 39.81 29.90 -19.57
C ILE JA 27 38.74 30.09 -18.49
N ASP JA 28 37.73 29.23 -18.51
CA ASP JA 28 36.68 29.21 -17.51
C ASP JA 28 36.80 27.93 -16.69
N GLU JA 29 36.48 28.03 -15.39
CA GLU JA 29 36.62 26.86 -14.52
C GLU JA 29 35.65 25.76 -14.91
N ASN JA 30 34.40 26.14 -15.22
CA ASN JA 30 33.39 25.14 -15.59
C ASN JA 30 33.59 24.63 -17.01
N LEU JA 31 33.93 25.53 -17.95
CA LEU JA 31 33.81 25.24 -19.37
C LEU JA 31 35.12 24.84 -20.04
N GLY JA 32 36.26 25.24 -19.49
CA GLY JA 32 37.54 24.96 -20.12
C GLY JA 32 38.06 26.14 -20.91
N SER JA 33 38.74 25.87 -22.02
CA SER JA 33 39.19 26.94 -22.91
C SER JA 33 38.02 27.38 -23.79
N VAL JA 34 37.70 28.67 -23.74
CA VAL JA 34 36.55 29.23 -24.42
C VAL JA 34 37.03 30.28 -25.41
N ALA JA 35 36.50 30.22 -26.63
CA ALA JA 35 36.72 31.25 -27.64
C ALA JA 35 35.36 31.74 -28.12
N LYS JA 36 35.23 33.06 -28.29
CA LYS JA 36 33.94 33.67 -28.59
C LYS JA 36 34.02 34.52 -29.86
N TRP JA 37 33.02 34.36 -30.70
CA TRP JA 37 32.77 35.24 -31.84
C TRP JA 37 31.37 35.82 -31.71
N ARG JA 38 31.14 36.91 -32.44
CA ARG JA 38 29.84 37.58 -32.35
C ARG JA 38 29.67 38.45 -33.60
N GLU JA 39 28.44 38.53 -34.09
CA GLU JA 39 28.12 39.49 -35.13
C GLU JA 39 27.92 40.85 -34.49
N ASN JA 40 28.16 41.93 -35.26
CA ASN JA 40 28.06 43.29 -34.73
C ASN JA 40 27.03 44.07 -35.55
N LEU JA 41 25.77 43.64 -35.49
CA LEU JA 41 24.67 44.34 -36.14
C LEU JA 41 24.16 45.46 -35.25
N ALA JA 42 23.92 46.63 -35.85
CA ALA JA 42 23.20 47.72 -35.19
C ALA JA 42 21.69 47.48 -35.13
N THR JA 43 21.19 46.46 -35.83
CA THR JA 43 19.76 46.16 -35.81
C THR JA 43 19.28 45.71 -34.44
N VAL JA 44 20.13 45.04 -33.66
CA VAL JA 44 19.72 44.39 -32.42
C VAL JA 44 20.66 44.84 -31.30
N PRO JA 45 20.24 44.65 -30.04
CA PRO JA 45 21.16 44.95 -28.93
C PRO JA 45 22.45 44.16 -29.05
N LEU JA 46 23.49 44.68 -28.38
CA LEU JA 46 24.82 44.07 -28.48
C LEU JA 46 24.82 42.63 -27.97
N TYR JA 47 24.15 42.37 -26.85
CA TYR JA 47 24.08 41.02 -26.30
C TYR JA 47 23.22 40.08 -27.12
N ALA JA 48 22.43 40.59 -28.06
CA ALA JA 48 21.42 39.78 -28.77
C ALA JA 48 21.84 39.41 -30.18
N ASN JA 49 23.14 39.45 -30.47
CA ASN JA 49 23.65 39.14 -31.79
C ASN JA 49 23.88 37.64 -31.95
N VAL JA 50 23.86 37.17 -33.21
CA VAL JA 50 24.28 35.81 -33.52
C VAL JA 50 25.70 35.61 -33.04
N ARG JA 51 25.95 34.50 -32.36
CA ARG JA 51 27.27 34.27 -31.77
C ARG JA 51 27.68 32.81 -31.93
N VAL JA 52 28.99 32.60 -31.89
CA VAL JA 52 29.60 31.26 -31.94
C VAL JA 52 30.62 31.17 -30.81
N THR JA 53 30.62 30.02 -30.13
CA THR JA 53 31.51 29.79 -29.00
C THR JA 53 32.09 28.39 -29.08
N THR JA 54 33.36 28.24 -28.72
CA THR JA 54 34.00 26.93 -28.66
C THR JA 54 34.48 26.66 -27.23
N MET JA 55 34.10 25.52 -26.69
CA MET JA 55 34.60 25.05 -25.40
C MET JA 55 35.45 23.81 -25.60
N GLN JA 56 36.49 23.68 -24.77
CA GLN JA 56 37.37 22.52 -24.79
C GLN JA 56 37.80 22.23 -23.36
N LYS JA 57 37.41 21.07 -22.84
CA LYS JA 57 37.67 20.71 -21.46
C LYS JA 57 38.01 19.23 -21.36
N LYS JA 58 39.00 18.92 -20.54
CA LYS JA 58 39.28 17.54 -20.16
C LYS JA 58 38.43 17.20 -18.95
N LEU JA 59 37.58 16.19 -19.08
CA LEU JA 59 36.67 15.82 -18.01
C LEU JA 59 37.40 15.03 -16.93
N LYS JA 60 36.69 14.78 -15.81
CA LYS JA 60 37.27 14.01 -14.73
C LYS JA 60 37.65 12.61 -15.19
N SER JA 61 36.83 12.00 -16.05
CA SER JA 61 37.12 10.67 -16.57
C SER JA 61 38.36 10.62 -17.45
N GLY JA 62 38.91 11.76 -17.85
CA GLY JA 62 40.00 11.81 -18.79
C GLY JA 62 39.57 11.99 -20.24
N ILE JA 63 38.27 11.89 -20.51
CA ILE JA 63 37.75 12.10 -21.86
C ILE JA 63 37.76 13.60 -22.17
N GLU JA 64 38.30 13.95 -23.33
CA GLU JA 64 38.27 15.33 -23.77
C GLU JA 64 36.94 15.64 -24.43
N ARG JA 65 36.33 16.77 -24.07
CA ARG JA 65 35.05 17.20 -24.62
C ARG JA 65 35.25 18.52 -25.36
N VAL JA 66 34.74 18.59 -26.58
CA VAL JA 66 34.80 19.80 -27.39
C VAL JA 66 33.40 20.18 -27.81
N GLU JA 67 33.16 21.49 -27.93
CA GLU JA 67 31.85 21.98 -28.35
C GLU JA 67 32.02 23.21 -29.23
N ILE JA 68 31.18 23.29 -30.26
CA ILE JA 68 31.02 24.50 -31.07
C ILE JA 68 29.55 24.86 -30.95
N ARG JA 69 29.24 25.94 -30.24
CA ARG JA 69 27.86 26.31 -29.93
C ARG JA 69 27.47 27.55 -30.73
N VAL JA 70 26.44 27.41 -31.56
CA VAL JA 70 25.87 28.51 -32.33
C VAL JA 70 24.57 28.93 -31.68
N GLU JA 71 24.44 30.21 -31.35
CA GLU JA 71 23.25 30.75 -30.71
C GLU JA 71 22.70 31.89 -31.57
N VAL JA 72 21.41 31.83 -31.87
CA VAL JA 72 20.73 32.83 -32.67
C VAL JA 72 19.57 33.40 -31.85
N PRO JA 73 19.74 34.58 -31.26
CA PRO JA 73 18.62 35.21 -30.57
C PRO JA 73 17.58 35.73 -31.55
N VAL JA 74 16.32 35.61 -31.16
CA VAL JA 74 15.19 36.13 -31.93
C VAL JA 74 14.47 37.14 -31.07
N MET JA 75 14.25 38.34 -31.61
CA MET JA 75 13.71 39.44 -30.83
C MET JA 75 12.18 39.42 -30.82
N GLU JA 76 11.60 39.95 -29.75
CA GLU JA 76 10.19 40.25 -29.73
C GLU JA 76 9.88 41.39 -30.71
N ALA JA 77 8.63 41.47 -31.13
CA ALA JA 77 8.18 42.53 -32.03
C ALA JA 77 7.62 43.66 -31.19
N VAL JA 78 8.28 44.81 -31.22
CA VAL JA 78 7.81 45.99 -30.51
C VAL JA 78 6.66 46.61 -31.30
N SER JA 79 5.51 46.76 -30.66
CA SER JA 79 4.32 47.33 -31.28
C SER JA 79 3.63 48.25 -30.30
N GLY JA 80 3.17 49.40 -30.80
CA GLY JA 80 2.40 50.31 -29.96
C GLY JA 80 3.17 50.77 -28.74
N GLN JA 81 2.48 50.73 -27.59
CA GLN JA 81 3.05 51.17 -26.33
C GLN JA 81 2.61 50.25 -25.21
N ASN JA 82 3.38 50.25 -24.13
CA ASN JA 82 3.07 49.44 -22.96
C ASN JA 82 2.09 50.20 -22.05
N ALA JA 83 1.76 49.58 -20.92
CA ALA JA 83 0.79 50.14 -20.00
C ALA JA 83 1.26 51.44 -19.35
N PHE JA 84 2.54 51.78 -19.47
CA PHE JA 84 3.04 53.02 -18.91
C PHE JA 84 3.04 54.18 -19.90
N GLY JA 85 2.72 53.91 -21.17
CA GLY JA 85 2.67 54.97 -22.15
C GLY JA 85 3.94 55.18 -22.94
N TYR JA 86 4.87 54.23 -22.90
CA TYR JA 86 6.14 54.34 -23.59
C TYR JA 86 6.31 53.20 -24.60
N THR JA 87 7.12 53.44 -25.62
CA THR JA 87 7.54 52.37 -26.51
C THR JA 87 8.40 51.37 -25.74
N ALA JA 88 8.13 50.08 -25.93
CA ALA JA 88 8.83 49.06 -25.18
C ALA JA 88 10.29 48.95 -25.61
N ALA JA 89 11.14 48.54 -24.68
CA ALA JA 89 12.54 48.30 -24.96
C ALA JA 89 12.71 46.98 -25.71
N PRO JA 90 13.79 46.83 -26.47
CA PRO JA 90 14.06 45.54 -27.11
C PRO JA 90 14.11 44.42 -26.09
N LYS JA 91 13.54 43.28 -26.45
CA LYS JA 91 13.54 42.11 -25.58
C LYS JA 91 13.71 40.86 -26.42
N VAL JA 92 14.56 39.95 -25.95
CA VAL JA 92 14.80 38.69 -26.64
C VAL JA 92 13.63 37.76 -26.38
N ALA JA 93 13.00 37.28 -27.46
CA ALA JA 93 11.90 36.32 -27.31
C ALA JA 93 12.42 34.95 -26.91
N PHE JA 94 13.40 34.44 -27.64
CA PHE JA 94 14.03 33.16 -27.35
C PHE JA 94 15.34 33.09 -28.09
N THR JA 95 16.19 32.16 -27.68
CA THR JA 95 17.48 31.95 -28.32
C THR JA 95 17.57 30.50 -28.78
N ASP JA 96 17.65 30.30 -30.10
CA ASP JA 96 17.88 28.96 -30.62
C ASP JA 96 19.36 28.62 -30.51
N SER JA 97 19.65 27.37 -30.17
CA SER JA 97 21.00 26.89 -29.95
C SER JA 97 21.21 25.58 -30.69
N GLY JA 98 22.22 25.56 -31.55
CA GLY JA 98 22.65 24.34 -32.22
C GLY JA 98 24.15 24.21 -32.10
N SER JA 99 24.63 23.05 -31.63
CA SER JA 99 26.03 22.87 -31.31
C SER JA 99 26.50 21.51 -31.78
N PHE JA 100 27.80 21.44 -32.06
CA PHE JA 100 28.51 20.17 -32.21
C PHE JA 100 29.16 19.85 -30.88
N VAL JA 101 29.05 18.59 -30.46
CA VAL JA 101 29.65 18.15 -29.20
C VAL JA 101 30.42 16.86 -29.46
N GLY JA 102 31.71 16.89 -29.18
CA GLY JA 102 32.57 15.72 -29.36
C GLY JA 102 33.10 15.22 -28.04
N TYR JA 103 33.11 13.89 -27.88
CA TYR JA 103 33.72 13.22 -26.75
C TYR JA 103 34.76 12.25 -27.30
N PHE JA 104 36.03 12.46 -26.91
CA PHE JA 104 37.13 11.68 -27.45
C PHE JA 104 38.04 11.18 -26.34
N SER JA 105 38.51 9.95 -26.50
CA SER JA 105 39.51 9.40 -25.59
C SER JA 105 40.86 10.07 -25.85
N GLU JA 106 41.73 10.01 -24.83
CA GLU JA 106 43.09 10.50 -25.00
C GLU JA 106 43.80 9.77 -26.15
N ARG JA 107 43.46 8.50 -26.38
CA ARG JA 107 44.10 7.70 -27.41
C ARG JA 107 43.65 8.06 -28.82
N SER JA 108 42.50 8.72 -28.97
CA SER JA 108 42.02 9.07 -30.29
C SER JA 108 42.97 10.06 -30.96
N ALA JA 109 43.17 9.88 -32.26
CA ALA JA 109 44.12 10.66 -33.03
C ALA JA 109 43.40 11.70 -33.87
N GLN JA 110 44.19 12.59 -34.47
CA GLN JA 110 43.63 13.58 -35.37
C GLN JA 110 42.79 12.93 -36.45
N SER JA 111 43.28 11.82 -37.01
CA SER JA 111 42.54 11.13 -38.06
C SER JA 111 41.24 10.54 -37.53
N ASN JA 112 41.27 9.99 -36.31
CA ASN JA 112 40.07 9.40 -35.72
C ASN JA 112 38.99 10.45 -35.51
N ARG JA 113 39.35 11.59 -34.91
CA ARG JA 113 38.38 12.64 -34.63
C ARG JA 113 37.84 13.26 -35.91
N ARG JA 114 38.72 13.51 -36.89
CA ARG JA 114 38.29 14.04 -38.17
C ARG JA 114 37.32 13.09 -38.86
N LEU JA 115 37.55 11.78 -38.71
CA LEU JA 115 36.70 10.79 -39.38
C LEU JA 115 35.27 10.87 -38.88
N VAL JA 116 35.09 10.95 -37.56
CA VAL JA 116 33.75 11.05 -36.98
C VAL JA 116 33.11 12.38 -37.35
N LYS JA 117 33.90 13.46 -37.30
CA LYS JA 117 33.37 14.79 -37.61
C LYS JA 117 32.61 14.80 -38.92
N GLN JA 118 33.23 14.31 -39.99
CA GLN JA 118 32.63 14.45 -41.31
C GLN JA 118 31.38 13.59 -41.48
N ILE JA 119 31.28 12.46 -40.77
CA ILE JA 119 30.05 11.69 -40.79
C ILE JA 119 28.88 12.56 -40.35
N LEU JA 120 29.06 13.28 -39.24
CA LEU JA 120 28.00 14.14 -38.74
C LEU JA 120 27.71 15.27 -39.72
N THR JA 121 28.76 15.94 -40.21
CA THR JA 121 28.57 17.04 -41.15
C THR JA 121 27.78 16.60 -42.37
N ASN JA 122 28.13 15.43 -42.93
CA ASN JA 122 27.42 14.94 -44.09
C ASN JA 122 25.96 14.60 -43.75
N LEU JA 123 25.74 13.97 -42.60
CA LEU JA 123 24.38 13.69 -42.16
C LEU JA 123 23.56 14.97 -42.06
N LEU JA 124 24.15 16.02 -41.48
CA LEU JA 124 23.44 17.29 -41.32
C LEU JA 124 23.15 17.95 -42.66
N GLY JA 125 23.99 17.70 -43.65
CA GLY JA 125 23.80 18.27 -44.97
C GLY JA 125 23.06 17.40 -45.93
N ASN JA 126 22.57 16.24 -45.47
CA ASN JA 126 21.84 15.29 -46.33
C ASN JA 126 22.70 14.84 -47.50
N VAL JA 127 23.99 14.65 -47.25
CA VAL JA 127 24.96 14.32 -48.28
C VAL JA 127 25.30 12.85 -48.16
N SER JA 128 24.98 12.08 -49.20
CA SER JA 128 25.30 10.67 -49.25
C SER JA 128 26.52 10.38 -50.12
N THR JA 129 27.15 11.40 -50.70
CA THR JA 129 28.31 11.21 -51.54
C THR JA 129 29.58 11.50 -50.75
N SER JA 130 30.73 11.41 -51.44
CA SER JA 130 32.02 11.58 -50.80
C SER JA 130 32.40 13.05 -50.71
N VAL JA 131 32.78 13.48 -49.51
CA VAL JA 131 33.17 14.86 -49.24
C VAL JA 131 34.44 14.84 -48.41
N ALA JA 132 35.43 15.63 -48.83
CA ALA JA 132 36.70 15.69 -48.14
C ALA JA 132 36.56 16.45 -46.83
N ALA JA 133 37.08 15.87 -45.77
CA ALA JA 133 36.97 16.49 -44.47
C ALA JA 133 37.95 17.65 -44.36
N PRO JA 134 37.51 18.83 -43.92
CA PRO JA 134 38.43 19.98 -43.83
C PRO JA 134 39.55 19.70 -42.85
N THR JA 135 40.76 20.11 -43.22
CA THR JA 135 41.92 20.02 -42.36
C THR JA 135 42.41 21.38 -41.88
N THR JA 136 41.69 22.44 -42.21
CA THR JA 136 42.00 23.79 -41.75
C THR JA 136 40.71 24.45 -41.28
N GLY JA 137 40.85 25.61 -40.65
CA GLY JA 137 39.72 26.31 -40.08
C GLY JA 137 39.58 26.06 -38.60
N PHE JA 138 38.85 26.97 -37.93
CA PHE JA 138 38.77 26.89 -36.48
C PHE JA 138 38.03 25.64 -36.02
N ALA JA 139 37.02 25.21 -36.78
CA ALA JA 139 36.29 24.00 -36.40
C ALA JA 139 37.19 22.77 -36.49
N SER JA 140 37.94 22.65 -37.59
CA SER JA 140 38.86 21.52 -37.71
C SER JA 140 39.94 21.56 -36.64
N GLU JA 141 40.46 22.74 -36.32
CA GLU JA 141 41.49 22.83 -35.30
C GLU JA 141 40.95 22.39 -33.94
N LEU JA 142 39.69 22.69 -33.65
CA LEU JA 142 39.11 22.31 -32.37
C LEU JA 142 38.76 20.83 -32.32
N ILE JA 143 38.00 20.36 -33.30
CA ILE JA 143 37.49 19.00 -33.25
C ILE JA 143 38.59 18.00 -33.58
N ASP JA 144 39.33 18.22 -34.67
CA ASP JA 144 40.35 17.26 -35.07
C ASP JA 144 41.55 17.27 -34.13
N SER JA 145 42.01 18.45 -33.73
CA SER JA 145 43.30 18.58 -33.08
C SER JA 145 43.25 19.15 -31.66
N GLY JA 146 42.07 19.47 -31.14
CA GLY JA 146 41.98 19.97 -29.78
C GLY JA 146 42.55 21.35 -29.58
N ILE JA 147 42.55 22.19 -30.62
CA ILE JA 147 43.14 23.52 -30.59
C ILE JA 147 42.05 24.56 -30.38
N THR JA 148 42.31 25.51 -29.48
CA THR JA 148 41.45 26.67 -29.29
C THR JA 148 42.11 27.89 -29.90
N ALA JA 149 41.29 28.82 -30.39
CA ALA JA 149 41.80 30.01 -31.04
C ALA JA 149 42.56 30.90 -30.04
N SER JA 150 43.27 31.89 -30.58
CA SER JA 150 44.06 32.81 -29.76
C SER JA 150 44.09 34.24 -30.32
N SER KA 1 39.13 81.11 -17.72
CA SER KA 1 39.21 80.21 -16.56
C SER KA 1 37.97 80.31 -15.66
N SER KA 2 37.01 81.13 -16.05
CA SER KA 2 35.69 81.12 -15.43
C SER KA 2 34.70 80.45 -16.36
N GLN KA 3 33.54 80.06 -15.79
CA GLN KA 3 32.60 79.24 -16.54
C GLN KA 3 31.97 80.02 -17.68
N ALA KA 4 31.85 79.36 -18.83
CA ALA KA 4 31.19 79.92 -20.00
C ALA KA 4 30.48 78.80 -20.76
N ASN KA 5 29.68 79.19 -21.75
CA ASN KA 5 28.95 78.22 -22.54
C ASN KA 5 29.91 77.29 -23.28
N ILE KA 6 29.44 76.07 -23.52
CA ILE KA 6 30.19 75.05 -24.26
C ILE KA 6 29.32 74.59 -25.43
N THR KA 7 29.87 74.64 -26.63
CA THR KA 7 29.20 74.15 -27.83
C THR KA 7 29.94 72.92 -28.33
N VAL KA 8 29.26 71.77 -28.36
CA VAL KA 8 29.86 70.50 -28.74
C VAL KA 8 28.89 69.73 -29.61
N PHE KA 9 29.41 69.12 -30.68
CA PHE KA 9 28.65 68.18 -31.48
C PHE KA 9 28.82 66.77 -30.93
N ASP KA 10 27.75 65.98 -30.97
CA ASP KA 10 27.79 64.63 -30.42
C ASP KA 10 28.25 63.65 -31.51
N GLY KA 11 28.08 62.36 -31.26
CA GLY KA 11 28.54 61.34 -32.17
C GLY KA 11 27.42 60.56 -32.83
N ALA KA 12 26.28 61.21 -33.04
CA ALA KA 12 25.21 60.60 -33.80
C ALA KA 12 25.64 60.38 -35.24
N ALA KA 13 24.88 59.57 -35.97
CA ALA KA 13 25.19 59.31 -37.38
C ALA KA 13 25.27 60.61 -38.15
N THR KA 14 24.27 61.49 -37.97
CA THR KA 14 24.38 62.89 -38.33
C THR KA 14 24.57 63.68 -37.04
N PRO KA 15 25.78 64.14 -36.73
CA PRO KA 15 26.03 64.73 -35.41
C PRO KA 15 25.22 65.99 -35.15
N VAL KA 16 24.83 66.16 -33.89
CA VAL KA 16 23.94 67.22 -33.43
C VAL KA 16 24.70 68.11 -32.46
N SER KA 17 24.56 69.43 -32.63
CA SER KA 17 25.21 70.37 -31.72
C SER KA 17 24.43 70.49 -30.41
N HIS KA 18 25.16 70.66 -29.32
CA HIS KA 18 24.58 70.88 -28.01
C HIS KA 18 25.24 72.09 -27.38
N VAL KA 19 24.44 72.95 -26.75
CA VAL KA 19 24.95 74.10 -26.02
C VAL KA 19 24.76 73.82 -24.54
N LEU KA 20 25.87 73.69 -23.82
CA LEU KA 20 25.87 73.43 -22.39
C LEU KA 20 26.11 74.75 -21.66
N VAL KA 21 25.14 75.13 -20.82
CA VAL KA 21 25.18 76.38 -20.06
C VAL KA 21 25.84 76.09 -18.72
N PRO KA 22 26.59 77.03 -18.14
CA PRO KA 22 27.13 76.79 -16.79
C PRO KA 22 26.00 76.57 -15.79
N LEU KA 23 26.22 75.62 -14.88
CA LEU KA 23 25.21 75.22 -13.92
C LEU KA 23 25.59 75.51 -12.48
N GLY KA 24 26.87 75.54 -12.17
CA GLY KA 24 27.31 75.88 -10.83
C GLY KA 24 28.70 75.35 -10.55
N VAL KA 25 29.26 75.82 -9.45
CA VAL KA 25 30.55 75.37 -8.94
C VAL KA 25 30.39 75.09 -7.46
N GLY KA 26 31.14 74.10 -6.96
CA GLY KA 26 31.07 73.78 -5.55
C GLY KA 26 32.26 72.93 -5.13
N ILE KA 27 32.30 72.65 -3.82
CA ILE KA 27 33.25 71.72 -3.24
C ILE KA 27 32.47 70.55 -2.64
N ASP KA 28 32.95 69.33 -2.88
CA ASP KA 28 32.32 68.12 -2.39
C ASP KA 28 33.26 67.40 -1.44
N GLU KA 29 32.68 66.77 -0.43
CA GLU KA 29 33.47 66.02 0.54
C GLU KA 29 34.26 64.91 -0.14
N ASN KA 30 33.62 64.15 -1.04
CA ASN KA 30 34.21 62.98 -1.65
C ASN KA 30 34.68 63.19 -3.09
N LEU KA 31 34.21 64.25 -3.76
CA LEU KA 31 34.53 64.45 -5.17
C LEU KA 31 35.60 65.52 -5.40
N GLY KA 32 35.70 66.52 -4.52
CA GLY KA 32 36.69 67.58 -4.67
C GLY KA 32 36.10 68.83 -5.30
N SER KA 33 36.89 69.55 -6.08
CA SER KA 33 36.38 70.73 -6.77
C SER KA 33 35.53 70.31 -7.96
N VAL KA 34 34.28 70.74 -7.99
CA VAL KA 34 33.31 70.33 -8.99
C VAL KA 34 32.82 71.55 -9.76
N ALA KA 35 32.71 71.40 -11.08
CA ALA KA 35 32.08 72.39 -11.94
C ALA KA 35 31.10 71.67 -12.86
N LYS KA 36 29.93 72.27 -13.05
CA LYS KA 36 28.82 71.62 -13.74
C LYS KA 36 28.32 72.47 -14.90
N TRP KA 37 28.06 71.81 -16.02
CA TRP KA 37 27.39 72.39 -17.18
C TRP KA 37 26.18 71.53 -17.50
N ARG KA 38 25.30 72.06 -18.36
CA ARG KA 38 24.06 71.38 -18.67
C ARG KA 38 23.38 72.05 -19.85
N GLU KA 39 22.79 71.24 -20.72
CA GLU KA 39 21.96 71.73 -21.79
C GLU KA 39 20.64 72.29 -21.24
N ASN KA 40 19.95 73.07 -22.08
CA ASN KA 40 18.69 73.69 -21.66
C ASN KA 40 17.59 73.43 -22.67
N LEU KA 41 17.54 72.22 -23.20
CA LEU KA 41 16.52 71.90 -24.20
C LEU KA 41 15.14 71.94 -23.56
N ALA KA 42 14.18 72.47 -24.32
CA ALA KA 42 12.77 72.38 -23.95
C ALA KA 42 12.18 71.00 -24.20
N THR KA 43 12.96 70.07 -24.77
CA THR KA 43 12.39 68.78 -25.15
C THR KA 43 12.19 67.88 -23.94
N VAL KA 44 13.09 67.97 -22.98
CA VAL KA 44 13.11 67.09 -21.81
C VAL KA 44 13.00 67.98 -20.58
N PRO KA 45 12.68 67.41 -19.42
CA PRO KA 45 12.72 68.18 -18.17
C PRO KA 45 14.16 68.54 -17.82
N LEU KA 46 14.29 69.42 -16.82
CA LEU KA 46 15.60 69.98 -16.51
C LEU KA 46 16.62 68.90 -16.14
N TYR KA 47 16.22 67.94 -15.30
CA TYR KA 47 17.16 66.92 -14.84
C TYR KA 47 17.62 65.98 -15.96
N ALA KA 48 16.88 65.91 -17.07
CA ALA KA 48 17.15 64.93 -18.12
C ALA KA 48 18.05 65.48 -19.24
N ASN KA 49 18.63 66.66 -19.07
CA ASN KA 49 19.46 67.26 -20.10
C ASN KA 49 20.86 66.65 -20.11
N VAL KA 50 21.49 66.69 -21.29
CA VAL KA 50 22.89 66.33 -21.40
C VAL KA 50 23.71 67.22 -20.49
N ARG KA 51 24.62 66.62 -19.72
CA ARG KA 51 25.39 67.36 -18.74
C ARG KA 51 26.87 67.02 -18.84
N VAL KA 52 27.70 67.98 -18.44
CA VAL KA 52 29.14 67.83 -18.36
C VAL KA 52 29.58 68.30 -16.98
N THR KA 53 30.49 67.54 -16.37
CA THR KA 53 30.95 67.82 -15.02
C THR KA 53 32.45 67.55 -14.93
N THR KA 54 33.18 68.42 -14.25
CA THR KA 54 34.60 68.22 -13.96
C THR KA 54 34.82 68.04 -12.47
N MET KA 55 35.73 67.16 -12.13
CA MET KA 55 36.12 66.89 -10.75
C MET KA 55 37.63 66.98 -10.61
N GLN KA 56 38.09 67.61 -9.54
CA GLN KA 56 39.51 67.72 -9.22
C GLN KA 56 39.67 67.40 -7.73
N LYS KA 57 40.35 66.30 -7.43
CA LYS KA 57 40.48 65.80 -6.07
C LYS KA 57 41.92 65.42 -5.81
N LYS KA 58 42.49 65.98 -4.74
CA LYS KA 58 43.84 65.62 -4.33
C LYS KA 58 43.81 64.32 -3.54
N LEU KA 59 44.64 63.36 -3.93
CA LEU KA 59 44.74 62.09 -3.24
C LEU KA 59 46.00 62.05 -2.38
N LYS KA 60 46.23 60.90 -1.77
CA LYS KA 60 47.43 60.70 -0.97
C LYS KA 60 48.63 60.49 -1.88
N SER KA 61 49.82 60.73 -1.32
CA SER KA 61 51.08 60.56 -2.04
C SER KA 61 51.22 61.54 -3.20
N GLY KA 62 50.60 62.72 -3.08
CA GLY KA 62 50.83 63.78 -4.04
C GLY KA 62 50.37 63.45 -5.44
N ILE KA 63 49.19 62.83 -5.57
CA ILE KA 63 48.60 62.51 -6.86
C ILE KA 63 47.21 63.13 -6.87
N GLU KA 64 46.89 63.83 -7.95
CA GLU KA 64 45.55 64.41 -8.09
C GLU KA 64 44.80 63.64 -9.16
N ARG KA 65 43.51 63.44 -8.93
CA ARG KA 65 42.62 62.79 -9.88
C ARG KA 65 41.77 63.85 -10.55
N VAL KA 66 41.68 63.77 -11.87
CA VAL KA 66 40.99 64.78 -12.67
C VAL KA 66 40.01 64.05 -13.58
N GLU KA 67 38.76 64.53 -13.61
CA GLU KA 67 37.74 63.88 -14.43
C GLU KA 67 36.92 64.92 -15.19
N ILE KA 68 36.61 64.61 -16.44
CA ILE KA 68 35.61 65.31 -17.22
C ILE KA 68 34.54 64.28 -17.57
N ARG KA 69 33.37 64.36 -16.94
CA ARG KA 69 32.33 63.35 -17.08
C ARG KA 69 31.20 63.88 -17.95
N VAL KA 70 30.96 63.21 -19.08
CA VAL KA 70 29.84 63.52 -19.96
C VAL KA 70 28.77 62.47 -19.74
N GLU KA 71 27.58 62.90 -19.36
CA GLU KA 71 26.44 62.02 -19.14
C GLU KA 71 25.32 62.40 -20.07
N VAL KA 72 24.83 61.44 -20.85
CA VAL KA 72 23.74 61.66 -21.79
C VAL KA 72 22.54 60.81 -21.36
N PRO KA 73 21.51 61.42 -20.77
CA PRO KA 73 20.29 60.65 -20.47
C PRO KA 73 19.51 60.37 -21.75
N VAL KA 74 19.22 59.09 -21.98
CA VAL KA 74 18.42 58.65 -23.11
C VAL KA 74 17.00 58.41 -22.61
N MET KA 75 16.04 59.09 -23.20
CA MET KA 75 14.67 59.07 -22.70
C MET KA 75 13.90 57.88 -23.26
N GLU KA 76 12.95 57.39 -22.45
CA GLU KA 76 11.96 56.45 -22.97
C GLU KA 76 11.10 57.13 -24.03
N ALA KA 77 10.63 56.35 -24.98
CA ALA KA 77 9.77 56.87 -26.04
C ALA KA 77 8.32 56.84 -25.56
N VAL KA 78 7.74 58.03 -25.39
CA VAL KA 78 6.34 58.11 -24.99
C VAL KA 78 5.48 57.78 -26.19
N SER KA 79 4.63 56.76 -26.05
CA SER KA 79 3.73 56.33 -27.11
C SER KA 79 2.39 55.98 -26.48
N GLY KA 80 1.31 56.45 -27.09
CA GLY KA 80 -0.03 56.20 -26.59
C GLY KA 80 -0.21 56.65 -25.14
N GLN KA 81 -1.15 56.00 -24.48
CA GLN KA 81 -1.52 56.29 -23.11
C GLN KA 81 -1.13 55.14 -22.19
N ASN KA 82 -1.00 55.46 -20.91
CA ASN KA 82 -0.72 54.44 -19.91
C ASN KA 82 -2.04 53.80 -19.44
N ALA KA 83 -1.93 52.89 -18.49
CA ALA KA 83 -3.09 52.16 -18.00
C ALA KA 83 -4.11 53.06 -17.31
N PHE KA 84 -3.79 54.32 -17.05
CA PHE KA 84 -4.70 55.25 -16.41
C PHE KA 84 -5.40 56.18 -17.38
N GLY KA 85 -5.05 56.11 -18.67
CA GLY KA 85 -5.68 56.95 -19.66
C GLY KA 85 -5.01 58.28 -19.91
N TYR KA 86 -3.80 58.49 -19.39
CA TYR KA 86 -3.05 59.72 -19.57
C TYR KA 86 -1.81 59.46 -20.42
N THR KA 87 -1.33 60.50 -21.09
CA THR KA 87 -0.03 60.44 -21.75
C THR KA 87 1.06 60.32 -20.69
N ALA KA 88 2.01 59.41 -20.90
CA ALA KA 88 3.02 59.14 -19.89
C ALA KA 88 3.93 60.34 -19.68
N ALA KA 89 4.37 60.51 -18.44
CA ALA KA 89 5.36 61.53 -18.14
C ALA KA 89 6.72 61.13 -18.70
N PRO KA 90 7.55 62.09 -19.06
CA PRO KA 90 8.90 61.74 -19.55
C PRO KA 90 9.68 60.99 -18.48
N LYS KA 91 10.38 59.94 -18.92
CA LYS KA 91 11.15 59.09 -18.01
C LYS KA 91 12.48 58.73 -18.65
N VAL KA 92 13.54 58.76 -17.85
CA VAL KA 92 14.86 58.41 -18.34
C VAL KA 92 14.97 56.90 -18.47
N ALA KA 93 15.31 56.43 -19.67
CA ALA KA 93 15.47 54.99 -19.89
C ALA KA 93 16.79 54.49 -19.32
N PHE KA 94 17.88 55.15 -19.69
CA PHE KA 94 19.20 54.85 -19.15
C PHE KA 94 20.07 56.08 -19.40
N THR KA 95 21.19 56.14 -18.67
CA THR KA 95 22.13 57.25 -18.80
C THR KA 95 23.49 56.69 -19.20
N ASP KA 96 23.99 57.12 -20.36
CA ASP KA 96 25.31 56.75 -20.81
C ASP KA 96 26.34 57.74 -20.27
N SER KA 97 27.48 57.22 -19.84
CA SER KA 97 28.52 58.02 -19.20
C SER KA 97 29.85 57.74 -19.88
N GLY KA 98 30.44 58.77 -20.47
CA GLY KA 98 31.79 58.70 -20.99
C GLY KA 98 32.63 59.82 -20.41
N SER KA 99 33.79 59.49 -19.86
CA SER KA 99 34.56 60.50 -19.14
C SER KA 99 36.04 60.36 -19.43
N PHE KA 100 36.75 61.48 -19.29
CA PHE KA 100 38.21 61.47 -19.19
C PHE KA 100 38.58 61.38 -17.71
N VAL KA 101 39.53 60.51 -17.38
CA VAL KA 101 40.01 60.37 -16.02
C VAL KA 101 41.52 60.41 -16.04
N GLY KA 102 42.10 61.42 -15.40
CA GLY KA 102 43.53 61.59 -15.32
C GLY KA 102 44.04 61.45 -13.90
N TYR KA 103 45.16 60.74 -13.75
CA TYR KA 103 45.88 60.67 -12.49
C TYR KA 103 47.27 61.24 -12.75
N PHE KA 104 47.58 62.37 -12.12
CA PHE KA 104 48.83 63.07 -12.36
C PHE KA 104 49.55 63.33 -11.05
N SER KA 105 50.87 63.11 -11.05
CA SER KA 105 51.69 63.47 -9.91
C SER KA 105 51.83 64.99 -9.80
N GLU KA 106 52.00 65.47 -8.57
CA GLU KA 106 52.29 66.88 -8.37
C GLU KA 106 53.56 67.31 -9.09
N ARG KA 107 54.44 66.37 -9.43
CA ARG KA 107 55.69 66.66 -10.09
C ARG KA 107 55.56 66.84 -11.61
N SER KA 108 54.44 66.43 -12.21
CA SER KA 108 54.29 66.58 -13.65
C SER KA 108 54.02 68.04 -13.99
N ALA KA 109 54.54 68.45 -15.14
CA ALA KA 109 54.40 69.82 -15.63
C ALA KA 109 53.25 69.91 -16.63
N GLN KA 110 52.89 71.15 -16.95
CA GLN KA 110 51.86 71.39 -17.96
C GLN KA 110 52.16 70.63 -19.23
N SER KA 111 53.42 70.61 -19.66
CA SER KA 111 53.81 69.94 -20.90
C SER KA 111 53.59 68.44 -20.81
N ASN KA 112 53.95 67.83 -19.68
CA ASN KA 112 53.77 66.39 -19.52
C ASN KA 112 52.30 66.01 -19.62
N ARG KA 113 51.43 66.74 -18.94
CA ARG KA 113 50.01 66.41 -18.93
C ARG KA 113 49.38 66.64 -20.29
N ARG KA 114 49.71 67.76 -20.93
CA ARG KA 114 49.20 68.02 -22.28
C ARG KA 114 49.64 66.94 -23.26
N LEU KA 115 50.84 66.39 -23.07
CA LEU KA 115 51.34 65.38 -23.99
C LEU KA 115 50.51 64.09 -23.90
N VAL KA 116 50.20 63.64 -22.68
CA VAL KA 116 49.39 62.45 -22.51
C VAL KA 116 47.99 62.69 -23.05
N LYS KA 117 47.42 63.86 -22.75
CA LYS KA 117 46.05 64.18 -23.16
C LYS KA 117 45.81 63.89 -24.64
N GLN KA 118 46.69 64.41 -25.50
CA GLN KA 118 46.43 64.31 -26.94
C GLN KA 118 46.58 62.89 -27.45
N ILE KA 119 47.43 62.06 -26.83
CA ILE KA 119 47.51 60.66 -27.23
C ILE KA 119 46.13 60.01 -27.13
N LEU KA 120 45.51 60.12 -25.97
CA LEU KA 120 44.17 59.57 -25.78
C LEU KA 120 43.18 60.16 -26.78
N THR KA 121 43.19 61.48 -26.93
CA THR KA 121 42.27 62.13 -27.85
C THR KA 121 42.43 61.59 -29.27
N ASN KA 122 43.67 61.45 -29.73
CA ASN KA 122 43.89 60.92 -31.07
C ASN KA 122 43.45 59.47 -31.17
N LEU KA 123 43.67 58.69 -30.10
CA LEU KA 123 43.21 57.31 -30.08
C LEU KA 123 41.69 57.24 -30.23
N LEU KA 124 40.98 58.09 -29.49
CA LEU KA 124 39.52 58.08 -29.54
C LEU KA 124 39.00 58.53 -30.91
N GLY KA 125 39.75 59.38 -31.60
CA GLY KA 125 39.37 59.86 -32.91
C GLY KA 125 39.85 59.00 -34.05
N ASN KA 126 40.53 57.89 -33.76
CA ASN KA 126 41.11 57.01 -34.77
C ASN KA 126 42.04 57.77 -35.71
N VAL KA 127 42.88 58.62 -35.12
CA VAL KA 127 43.76 59.52 -35.85
C VAL KA 127 45.20 59.08 -35.64
N SER KA 128 45.87 58.75 -36.73
CA SER KA 128 47.27 58.34 -36.69
C SER KA 128 48.22 59.41 -37.19
N THR KA 129 47.72 60.60 -37.54
CA THR KA 129 48.54 61.68 -38.04
C THR KA 129 48.78 62.70 -36.92
N SER KA 130 49.53 63.75 -37.24
CA SER KA 130 49.88 64.77 -36.27
C SER KA 130 48.73 65.75 -36.06
N VAL KA 131 48.37 65.98 -34.80
CA VAL KA 131 47.33 66.91 -34.42
C VAL KA 131 47.85 67.76 -33.28
N ALA KA 132 47.65 69.07 -33.36
CA ALA KA 132 48.15 69.99 -32.35
C ALA KA 132 47.29 69.93 -31.10
N ALA KA 133 47.94 69.82 -29.96
CA ALA KA 133 47.22 69.73 -28.68
C ALA KA 133 46.69 71.10 -28.29
N PRO KA 134 45.41 71.21 -27.93
CA PRO KA 134 44.85 72.51 -27.54
C PRO KA 134 45.51 73.03 -26.27
N THR KA 135 45.68 74.36 -26.22
CA THR KA 135 46.22 75.04 -25.05
C THR KA 135 45.22 75.95 -24.37
N THR KA 136 43.98 75.98 -24.85
CA THR KA 136 42.90 76.75 -24.24
C THR KA 136 41.64 75.88 -24.16
N GLY KA 137 40.63 76.41 -23.48
CA GLY KA 137 39.41 75.67 -23.25
C GLY KA 137 39.38 75.04 -21.88
N PHE KA 138 38.16 74.73 -21.41
CA PHE KA 138 38.02 74.22 -20.06
C PHE KA 138 38.69 72.87 -19.88
N ALA KA 139 38.72 72.05 -20.94
CA ALA KA 139 39.39 70.76 -20.87
C ALA KA 139 40.89 70.92 -20.71
N SER KA 140 41.49 71.82 -21.50
CA SER KA 140 42.93 72.06 -21.36
C SER KA 140 43.26 72.65 -20.00
N GLU KA 141 42.46 73.62 -19.54
CA GLU KA 141 42.73 74.22 -18.24
C GLU KA 141 42.71 73.17 -17.14
N LEU KA 142 41.79 72.21 -17.24
CA LEU KA 142 41.68 71.18 -16.21
C LEU KA 142 42.78 70.12 -16.35
N ILE KA 143 42.90 69.52 -17.53
CA ILE KA 143 43.82 68.40 -17.69
C ILE KA 143 45.26 68.88 -17.72
N ASP KA 144 45.56 69.91 -18.53
CA ASP KA 144 46.94 70.34 -18.67
C ASP KA 144 47.43 71.07 -17.43
N SER KA 145 46.58 71.87 -16.80
CA SER KA 145 47.03 72.84 -15.81
C SER KA 145 46.35 72.71 -14.45
N GLY KA 146 45.49 71.71 -14.25
CA GLY KA 146 44.86 71.55 -12.94
C GLY KA 146 44.01 72.74 -12.53
N ILE KA 147 43.28 73.32 -13.48
CA ILE KA 147 42.46 74.50 -13.24
C ILE KA 147 40.99 74.10 -13.32
N THR KA 148 40.24 74.39 -12.26
CA THR KA 148 38.79 74.25 -12.27
C THR KA 148 38.15 75.62 -12.48
N ALA KA 149 37.08 75.64 -13.27
CA ALA KA 149 36.40 76.88 -13.56
C ALA KA 149 35.89 77.53 -12.26
N SER KA 150 35.69 78.84 -12.32
CA SER KA 150 35.27 79.60 -11.14
C SER KA 150 34.51 80.88 -11.49
N SER LA 1 36.56 91.60 -8.20
CA SER LA 1 35.46 90.72 -7.84
C SER LA 1 35.77 89.27 -8.23
N SER LA 2 35.63 88.94 -9.51
CA SER LA 2 35.90 87.59 -9.99
C SER LA 2 37.38 87.43 -10.34
N GLN LA 3 37.81 86.18 -10.40
CA GLN LA 3 39.24 85.88 -10.57
C GLN LA 3 39.74 86.30 -11.94
N ALA LA 4 40.92 86.90 -11.95
CA ALA LA 4 41.60 87.29 -13.18
C ALA LA 4 43.10 87.08 -13.01
N ASN LA 5 43.82 87.22 -14.12
CA ASN LA 5 45.26 87.04 -14.08
C ASN LA 5 45.91 88.14 -13.25
N ILE LA 6 46.83 87.74 -12.37
CA ILE LA 6 47.63 88.66 -11.57
C ILE LA 6 49.01 88.77 -12.21
N THR LA 7 49.49 90.00 -12.40
CA THR LA 7 50.84 90.25 -12.88
C THR LA 7 51.63 90.95 -11.79
N VAL LA 8 52.69 90.31 -11.31
CA VAL LA 8 53.48 90.79 -10.19
C VAL LA 8 54.96 90.61 -10.51
N PHE LA 9 55.77 91.59 -10.11
CA PHE LA 9 57.22 91.43 -10.13
C PHE LA 9 57.70 90.92 -8.77
N ASP LA 10 58.75 90.09 -8.81
CA ASP LA 10 59.27 89.50 -7.59
C ASP LA 10 60.37 90.39 -7.00
N GLY LA 11 61.11 89.87 -6.05
CA GLY LA 11 62.15 90.65 -5.39
C GLY LA 11 63.56 90.17 -5.69
N ALA LA 12 63.76 89.60 -6.87
CA ALA LA 12 65.09 89.23 -7.28
C ALA LA 12 65.94 90.49 -7.46
N ALA LA 13 67.26 90.30 -7.51
CA ALA LA 13 68.17 91.45 -7.66
C ALA LA 13 67.83 92.25 -8.90
N THR LA 14 67.49 91.55 -9.99
CA THR LA 14 66.81 92.15 -11.14
C THR LA 14 65.40 91.59 -11.18
N PRO LA 15 64.39 92.35 -10.73
CA PRO LA 15 63.04 91.77 -10.56
C PRO LA 15 62.46 91.24 -11.87
N VAL LA 16 61.72 90.14 -11.74
CA VAL LA 16 61.15 89.39 -12.85
C VAL LA 16 59.64 89.37 -12.69
N SER LA 17 58.92 89.52 -13.80
CA SER LA 17 57.46 89.50 -13.75
C SER LA 17 56.94 88.07 -13.78
N HIS LA 18 55.88 87.84 -13.02
CA HIS LA 18 55.18 86.56 -12.99
C HIS LA 18 53.71 86.79 -13.33
N VAL LA 19 53.13 85.90 -14.12
CA VAL LA 19 51.70 85.94 -14.44
C VAL LA 19 51.05 84.76 -13.74
N LEU LA 20 50.20 85.05 -12.77
CA LEU LA 20 49.50 84.04 -11.99
C LEU LA 20 48.07 83.92 -12.51
N VAL LA 21 47.72 82.74 -13.01
CA VAL LA 21 46.38 82.52 -13.58
C VAL LA 21 45.48 81.92 -12.50
N PRO LA 22 44.17 82.10 -12.61
CA PRO LA 22 43.26 81.54 -11.60
C PRO LA 22 43.25 80.02 -11.62
N LEU LA 23 43.08 79.45 -10.42
CA LEU LA 23 42.94 78.00 -10.25
C LEU LA 23 41.59 77.58 -9.71
N GLY LA 24 40.86 78.48 -9.06
CA GLY LA 24 39.54 78.16 -8.56
C GLY LA 24 39.22 78.79 -7.23
N VAL LA 25 37.96 78.72 -6.83
CA VAL LA 25 37.50 79.23 -5.55
C VAL LA 25 36.60 78.18 -4.92
N GLY LA 26 36.63 78.11 -3.60
CA GLY LA 26 35.75 77.20 -2.88
C GLY LA 26 35.72 77.53 -1.42
N ILE LA 27 34.89 76.79 -0.69
CA ILE LA 27 34.71 76.97 0.74
C ILE LA 27 35.17 75.71 1.46
N ASP LA 28 36.34 75.79 2.10
CA ASP LA 28 36.82 74.75 3.01
C ASP LA 28 36.29 75.02 4.40
N GLU LA 29 35.92 73.95 5.12
CA GLU LA 29 35.35 74.12 6.45
C GLU LA 29 36.38 74.66 7.43
N ASN LA 30 37.64 74.23 7.30
CA ASN LA 30 38.70 74.69 8.18
C ASN LA 30 39.30 76.03 7.70
N LEU LA 31 39.62 76.15 6.42
CA LEU LA 31 40.31 77.35 5.96
C LEU LA 31 39.36 78.53 5.75
N GLY LA 32 38.10 78.26 5.41
CA GLY LA 32 37.16 79.32 5.09
C GLY LA 32 36.97 79.46 3.58
N SER LA 33 36.78 80.69 3.10
CA SER LA 33 36.68 80.95 1.68
C SER LA 33 38.08 81.07 1.10
N VAL LA 34 38.41 80.19 0.15
CA VAL LA 34 39.74 80.07 -0.41
C VAL LA 34 39.69 80.38 -1.91
N ALA LA 35 40.62 81.21 -2.38
CA ALA LA 35 40.82 81.48 -3.79
C ALA LA 35 42.28 81.25 -4.13
N LYS LA 36 42.54 80.58 -5.26
CA LYS LA 36 43.88 80.14 -5.61
C LYS LA 36 44.30 80.70 -6.97
N TRP LA 37 45.56 81.10 -7.05
CA TRP LA 37 46.21 81.49 -8.30
C TRP LA 37 47.52 80.74 -8.42
N ARG LA 38 48.02 80.58 -9.65
CA ARG LA 38 49.31 79.93 -9.83
C ARG LA 38 49.89 80.33 -11.18
N GLU LA 39 51.21 80.53 -11.20
CA GLU LA 39 51.93 80.73 -12.45
C GLU LA 39 51.98 79.43 -13.24
N ASN LA 40 52.01 79.55 -14.57
CA ASN LA 40 51.89 78.40 -15.46
C ASN LA 40 53.07 78.35 -16.41
N LEU LA 41 54.27 78.20 -15.85
CA LEU LA 41 55.44 77.91 -16.66
C LEU LA 41 55.30 76.54 -17.30
N ALA LA 42 55.58 76.47 -18.60
CA ALA LA 42 55.21 75.29 -19.38
C ALA LA 42 55.97 74.04 -18.93
N THR LA 43 57.26 74.18 -18.62
CA THR LA 43 58.09 73.04 -18.27
C THR LA 43 58.20 72.81 -16.76
N VAL LA 44 57.86 73.81 -15.95
CA VAL LA 44 58.06 73.68 -14.49
C VAL LA 44 56.98 72.78 -13.91
N PRO LA 45 57.32 71.84 -13.02
CA PRO LA 45 56.28 71.05 -12.35
C PRO LA 45 55.23 71.94 -11.72
N LEU LA 46 53.98 71.47 -11.73
CA LEU LA 46 52.88 72.30 -11.27
C LEU LA 46 53.06 72.69 -9.80
N TYR LA 47 53.51 71.76 -8.97
CA TYR LA 47 53.70 72.08 -7.56
C TYR LA 47 54.98 72.87 -7.30
N ALA LA 48 55.77 73.16 -8.33
CA ALA LA 48 56.96 73.98 -8.19
C ALA LA 48 56.76 75.40 -8.69
N ASN LA 49 55.57 75.75 -9.15
CA ASN LA 49 55.28 77.08 -9.69
C ASN LA 49 54.82 78.03 -8.58
N VAL LA 50 55.15 79.30 -8.75
CA VAL LA 50 54.72 80.34 -7.81
C VAL LA 50 53.20 80.34 -7.71
N ARG LA 51 52.69 80.37 -6.49
CA ARG LA 51 51.25 80.38 -6.28
C ARG LA 51 50.87 81.43 -5.24
N VAL LA 52 49.63 81.89 -5.34
CA VAL LA 52 49.06 82.88 -4.43
C VAL LA 52 47.69 82.39 -4.00
N THR LA 53 47.39 82.52 -2.71
CA THR LA 53 46.15 82.01 -2.13
C THR LA 53 45.60 83.00 -1.13
N THR LA 54 44.28 83.15 -1.09
CA THR LA 54 43.61 83.96 -0.08
C THR LA 54 42.68 83.10 0.75
N MET LA 55 42.71 83.29 2.06
CA MET LA 55 41.79 82.66 3.00
C MET LA 55 40.99 83.73 3.72
N GLN LA 56 39.71 83.46 3.94
CA GLN LA 56 38.85 84.32 4.77
C GLN LA 56 38.00 83.43 5.65
N LYS LA 57 38.07 83.65 6.97
CA LYS LA 57 37.36 82.83 7.93
C LYS LA 57 36.93 83.68 9.11
N LYS LA 58 35.68 83.52 9.52
CA LYS LA 58 35.19 84.10 10.76
C LYS LA 58 35.45 83.12 11.88
N LEU LA 59 36.21 83.54 12.89
CA LEU LA 59 36.56 82.67 14.00
C LEU LA 59 35.41 82.60 15.00
N LYS LA 60 35.60 81.78 16.04
CA LYS LA 60 34.59 81.68 17.09
C LYS LA 60 34.45 82.98 17.86
N SER LA 61 35.55 83.72 18.01
CA SER LA 61 35.52 85.01 18.70
C SER LA 61 34.63 86.04 18.02
N GLY LA 62 34.29 85.83 16.74
CA GLY LA 62 33.73 86.87 15.92
C GLY LA 62 34.76 87.65 15.15
N ILE LA 63 36.04 87.49 15.48
CA ILE LA 63 37.12 88.14 14.74
C ILE LA 63 37.21 87.51 13.36
N GLU LA 64 37.23 88.35 12.32
CA GLU LA 64 37.45 87.85 10.97
C GLU LA 64 38.96 87.74 10.74
N ARG LA 65 39.39 86.61 10.21
CA ARG LA 65 40.78 86.40 9.85
C ARG LA 65 40.92 86.43 8.33
N VAL LA 66 42.00 87.06 7.86
CA VAL LA 66 42.22 87.30 6.44
C VAL LA 66 43.68 87.00 6.13
N GLU LA 67 43.93 86.27 5.05
CA GLU LA 67 45.28 85.91 4.68
C GLU LA 67 45.47 85.97 3.17
N ILE LA 68 46.62 86.51 2.75
CA ILE LA 68 47.10 86.44 1.37
C ILE LA 68 48.45 85.75 1.42
N ARG LA 69 48.51 84.50 0.96
CA ARG LA 69 49.70 83.67 1.12
C ARG LA 69 50.41 83.49 -0.23
N VAL LA 70 51.65 83.98 -0.31
CA VAL LA 70 52.50 83.81 -1.47
C VAL LA 70 53.49 82.69 -1.19
N GLU LA 71 53.51 81.67 -2.04
CA GLU LA 71 54.41 80.54 -1.91
C GLU LA 71 55.28 80.42 -3.15
N VAL LA 72 56.59 80.35 -2.95
CA VAL LA 72 57.54 80.19 -4.04
C VAL LA 72 58.32 78.90 -3.81
N PRO LA 73 57.99 77.83 -4.54
CA PRO LA 73 58.75 76.58 -4.40
C PRO LA 73 60.11 76.67 -5.08
N VAL LA 74 61.08 76.00 -4.50
CA VAL LA 74 62.44 75.92 -5.04
C VAL LA 74 62.80 74.46 -5.21
N MET LA 75 63.27 74.12 -6.40
CA MET LA 75 63.59 72.73 -6.72
C MET LA 75 65.05 72.45 -6.42
N GLU LA 76 65.38 71.16 -6.36
CA GLU LA 76 66.76 70.74 -6.31
C GLU LA 76 67.41 70.93 -7.67
N ALA LA 77 68.68 70.57 -7.76
CA ALA LA 77 69.43 70.76 -8.99
C ALA LA 77 69.21 69.59 -9.96
N VAL LA 78 69.35 69.89 -11.27
CA VAL LA 78 69.20 68.89 -12.34
C VAL LA 78 70.55 68.26 -12.61
N SER LA 79 70.55 66.96 -12.92
CA SER LA 79 71.77 66.25 -13.23
C SER LA 79 71.97 65.99 -14.71
N GLY LA 80 70.96 66.17 -15.55
CA GLY LA 80 71.09 65.79 -16.93
C GLY LA 80 69.74 65.67 -17.61
N GLN LA 81 69.78 65.09 -18.81
CA GLN LA 81 68.59 64.91 -19.66
C GLN LA 81 68.72 63.60 -20.40
N ASN LA 82 67.69 62.76 -20.31
CA ASN LA 82 67.76 61.45 -20.95
C ASN LA 82 67.74 61.59 -22.46
N ALA LA 83 68.52 60.75 -23.13
CA ALA LA 83 68.66 60.88 -24.58
C ALA LA 83 67.38 60.48 -25.31
N PHE LA 84 66.57 59.58 -24.74
CA PHE LA 84 65.50 59.03 -25.55
C PHE LA 84 64.14 58.99 -24.88
N GLY LA 85 64.11 58.90 -23.55
CA GLY LA 85 62.86 58.94 -22.82
C GLY LA 85 62.34 60.34 -22.56
N TYR LA 86 61.50 60.45 -21.54
CA TYR LA 86 61.09 61.74 -20.99
C TYR LA 86 61.78 61.95 -19.65
N THR LA 87 62.18 63.19 -19.37
CA THR LA 87 63.00 63.50 -18.21
C THR LA 87 62.26 64.43 -17.27
N ALA LA 88 62.21 64.08 -16.00
CA ALA LA 88 61.49 64.84 -14.99
C ALA LA 88 62.36 65.93 -14.40
N ALA LA 89 61.72 67.00 -14.01
CA ALA LA 89 62.39 68.00 -13.21
C ALA LA 89 62.53 67.53 -11.77
N PRO LA 90 63.58 67.95 -11.07
CA PRO LA 90 63.83 67.43 -9.72
C PRO LA 90 62.74 67.85 -8.74
N LYS LA 91 62.77 67.21 -7.58
CA LYS LA 91 61.77 67.46 -6.55
C LYS LA 91 61.96 68.83 -5.92
N VAL LA 92 60.89 69.33 -5.30
CA VAL LA 92 60.94 70.60 -4.60
C VAL LA 92 61.78 70.43 -3.33
N ALA LA 93 62.81 71.26 -3.19
CA ALA LA 93 63.66 71.18 -2.00
C ALA LA 93 63.01 71.86 -0.81
N PHE LA 94 62.40 73.02 -1.02
CA PHE LA 94 61.68 73.72 0.04
C PHE LA 94 60.74 74.71 -0.62
N THR LA 95 59.83 75.26 0.17
CA THR LA 95 58.89 76.26 -0.30
C THR LA 95 58.92 77.44 0.64
N ASP LA 96 59.17 78.62 0.09
CA ASP LA 96 59.19 79.86 0.87
C ASP LA 96 57.78 80.44 0.89
N SER LA 97 57.30 80.78 2.09
CA SER LA 97 55.95 81.28 2.29
C SER LA 97 56.02 82.64 2.96
N GLY LA 98 55.52 83.66 2.26
CA GLY LA 98 55.35 84.97 2.86
C GLY LA 98 53.92 85.43 2.68
N SER LA 99 53.26 85.82 3.77
CA SER LA 99 51.84 86.10 3.70
C SER LA 99 51.49 87.34 4.53
N PHE LA 100 50.42 88.01 4.13
CA PHE LA 100 49.74 88.98 4.98
C PHE LA 100 48.66 88.26 5.76
N VAL LA 101 48.56 88.57 7.05
CA VAL LA 101 47.53 88.00 7.91
C VAL LA 101 46.89 89.13 8.70
N GLY LA 102 45.57 89.27 8.56
CA GLY LA 102 44.83 90.32 9.25
C GLY LA 102 43.80 89.74 10.19
N TYR LA 103 43.72 90.31 11.39
CA TYR LA 103 42.68 89.96 12.38
C TYR LA 103 41.91 91.23 12.68
N PHE LA 104 40.63 91.24 12.32
CA PHE LA 104 39.79 92.43 12.44
C PHE LA 104 38.53 92.12 13.21
N SER LA 105 38.09 93.07 14.03
CA SER LA 105 36.80 92.98 14.71
C SER LA 105 35.68 93.32 13.72
N GLU LA 106 34.46 92.92 14.09
CA GLU LA 106 33.30 93.27 13.28
C GLU LA 106 33.09 94.78 13.22
N ARG LA 107 33.46 95.50 14.28
CA ARG LA 107 33.23 96.95 14.30
C ARG LA 107 34.14 97.69 13.31
N SER LA 108 35.30 97.13 12.98
CA SER LA 108 36.27 97.84 12.15
C SER LA 108 35.72 98.03 10.75
N ALA LA 109 35.86 99.24 10.24
CA ALA LA 109 35.30 99.62 8.95
C ALA LA 109 36.33 99.44 7.84
N GLN LA 110 35.91 99.68 6.60
CA GLN LA 110 36.84 99.74 5.48
C GLN LA 110 38.06 100.58 5.85
N SER LA 111 37.84 101.81 6.34
CA SER LA 111 38.95 102.72 6.57
C SER LA 111 39.88 102.20 7.66
N ASN LA 112 39.32 101.57 8.70
CA ASN LA 112 40.15 101.00 9.76
C ASN LA 112 41.08 99.91 9.22
N ARG LA 113 40.51 98.93 8.51
CA ARG LA 113 41.31 97.86 7.94
C ARG LA 113 42.33 98.39 6.93
N ARG LA 114 41.91 99.32 6.07
CA ARG LA 114 42.82 99.89 5.08
C ARG LA 114 43.97 100.64 5.74
N LEU LA 115 43.70 101.27 6.89
CA LEU LA 115 44.72 102.07 7.56
C LEU LA 115 45.87 101.19 8.05
N VAL LA 116 45.54 100.06 8.68
CA VAL LA 116 46.59 99.17 9.17
C VAL LA 116 47.31 98.50 8.01
N LYS LA 117 46.55 98.09 6.99
CA LYS LA 117 47.14 97.45 5.82
C LYS LA 117 48.34 98.23 5.31
N GLN LA 118 48.17 99.54 5.11
CA GLN LA 118 49.22 100.30 4.45
C GLN LA 118 50.43 100.52 5.35
N ILE LA 119 50.24 100.55 6.67
CA ILE LA 119 51.38 100.60 7.57
C ILE LA 119 52.32 99.44 7.29
N LEU LA 120 51.76 98.24 7.25
CA LEU LA 120 52.57 97.05 6.99
C LEU LA 120 53.18 97.09 5.60
N THR LA 121 52.41 97.49 4.59
CA THR LA 121 52.94 97.57 3.24
C THR LA 121 54.12 98.53 3.16
N ASN LA 122 54.00 99.69 3.82
CA ASN LA 122 55.10 100.65 3.81
C ASN LA 122 56.30 100.13 4.59
N LEU LA 123 56.05 99.43 5.70
CA LEU LA 123 57.14 98.82 6.45
C LEU LA 123 57.90 97.80 5.59
N LEU LA 124 57.17 96.95 4.85
CA LEU LA 124 57.82 95.95 4.01
C LEU LA 124 58.59 96.59 2.87
N GLY LA 125 58.18 97.76 2.42
CA GLY LA 125 58.87 98.47 1.37
C GLY LA 125 59.93 99.43 1.83
N ASN LA 126 60.17 99.51 3.14
CA ASN LA 126 61.14 100.45 3.73
C ASN LA 126 60.83 101.88 3.31
N VAL LA 127 59.55 102.24 3.40
CA VAL LA 127 59.05 103.52 2.92
C VAL LA 127 58.66 104.37 4.12
N SER LA 128 59.32 105.52 4.27
CA SER LA 128 59.02 106.46 5.33
C SER LA 128 58.15 107.63 4.85
N THR LA 129 57.86 107.70 3.55
CA THR LA 129 57.08 108.79 3.01
C THR LA 129 55.60 108.41 2.93
N SER LA 130 54.78 109.33 2.43
CA SER LA 130 53.35 109.11 2.33
C SER LA 130 53.01 108.37 1.05
N VAL LA 131 52.20 107.32 1.17
CA VAL LA 131 51.77 106.50 0.05
C VAL LA 131 50.27 106.31 0.16
N ALA LA 132 49.56 106.53 -0.95
CA ALA LA 132 48.11 106.36 -0.96
C ALA LA 132 47.75 104.89 -0.86
N ALA LA 133 46.85 104.56 0.05
CA ALA LA 133 46.45 103.17 0.22
C ALA LA 133 45.51 102.77 -0.90
N PRO LA 134 45.77 101.63 -1.57
CA PRO LA 134 44.89 101.22 -2.67
C PRO LA 134 43.47 100.96 -2.19
N THR LA 135 42.50 101.30 -3.04
CA THR LA 135 41.09 101.02 -2.75
C THR LA 135 40.49 100.04 -3.74
N THR LA 136 41.26 99.57 -4.72
CA THR LA 136 40.84 98.55 -5.67
C THR LA 136 41.89 97.45 -5.70
N GLY LA 137 41.61 96.40 -6.45
CA GLY LA 137 42.49 95.25 -6.50
C GLY LA 137 42.05 94.15 -5.54
N PHE LA 138 42.46 92.92 -5.85
CA PHE LA 138 41.97 91.79 -5.08
C PHE LA 138 42.42 91.84 -3.62
N ALA LA 139 43.63 92.37 -3.37
CA ALA LA 139 44.10 92.51 -2.00
C ALA LA 139 43.23 93.50 -1.23
N SER LA 140 42.87 94.63 -1.86
CA SER LA 140 42.02 95.59 -1.19
C SER LA 140 40.62 95.03 -0.94
N GLU LA 141 40.06 94.34 -1.93
CA GLU LA 141 38.75 93.72 -1.73
C GLU LA 141 38.76 92.79 -0.53
N LEU LA 142 39.84 92.03 -0.37
CA LEU LA 142 39.91 91.06 0.72
C LEU LA 142 40.22 91.74 2.06
N ILE LA 143 41.29 92.54 2.12
CA ILE LA 143 41.73 93.09 3.39
C ILE LA 143 40.84 94.23 3.84
N ASP LA 144 40.53 95.17 2.94
CA ASP LA 144 39.74 96.33 3.35
C ASP LA 144 38.27 95.95 3.54
N SER LA 145 37.73 95.11 2.65
CA SER LA 145 36.28 94.90 2.59
C SER LA 145 35.82 93.48 2.91
N GLY LA 146 36.74 92.55 3.15
CA GLY LA 146 36.33 91.19 3.44
C GLY LA 146 35.63 90.48 2.30
N ILE LA 147 36.13 90.65 1.07
CA ILE LA 147 35.52 90.09 -0.13
C ILE LA 147 36.54 89.18 -0.80
N THR LA 148 36.18 87.91 -0.96
CA THR LA 148 37.00 86.93 -1.65
C THR LA 148 36.60 86.85 -3.12
N ALA LA 149 37.56 86.51 -3.98
CA ALA LA 149 37.29 86.38 -5.41
C ALA LA 149 36.15 85.38 -5.67
N SER LA 150 35.38 85.66 -6.72
CA SER LA 150 34.19 84.88 -7.04
C SER LA 150 34.35 84.06 -8.33
N SER MA 1 25.69 83.22 -16.15
CA SER MA 1 25.81 82.24 -15.08
C SER MA 1 27.00 82.56 -14.18
N SER MA 2 28.03 83.16 -14.76
CA SER MA 2 29.14 83.65 -13.96
C SER MA 2 28.70 84.88 -13.16
N GLN MA 3 29.18 84.98 -11.93
CA GLN MA 3 28.69 85.97 -10.97
C GLN MA 3 29.27 87.34 -11.28
N ALA MA 4 28.41 88.36 -11.37
CA ALA MA 4 28.83 89.70 -11.75
C ALA MA 4 28.14 90.74 -10.87
N ASN MA 5 28.61 91.98 -10.98
CA ASN MA 5 28.01 93.08 -10.25
C ASN MA 5 26.56 93.27 -10.65
N ILE MA 6 25.71 93.57 -9.67
CA ILE MA 6 24.29 93.81 -9.88
C ILE MA 6 24.02 95.27 -9.57
N THR MA 7 23.49 95.99 -10.56
CA THR MA 7 23.02 97.36 -10.35
C THR MA 7 21.50 97.34 -10.31
N VAL MA 8 20.92 97.81 -9.20
CA VAL MA 8 19.48 97.73 -8.97
C VAL MA 8 19.03 98.95 -8.19
N PHE MA 9 17.91 99.54 -8.62
CA PHE MA 9 17.29 100.65 -7.91
C PHE MA 9 16.30 100.11 -6.88
N ASP MA 10 16.19 100.82 -5.76
CA ASP MA 10 15.29 100.40 -4.69
C ASP MA 10 13.93 101.06 -4.88
N GLY MA 11 13.08 100.96 -3.86
CA GLY MA 11 11.73 101.49 -3.94
C GLY MA 11 11.49 102.68 -3.02
N ALA MA 12 12.52 103.51 -2.83
CA ALA MA 12 12.32 104.76 -2.13
C ALA MA 12 11.45 105.69 -2.97
N ALA MA 13 10.94 106.76 -2.33
CA ALA MA 13 10.12 107.72 -3.06
C ALA MA 13 10.87 108.27 -4.27
N THR MA 14 12.16 108.55 -4.10
CA THR MA 14 13.06 108.73 -5.23
C THR MA 14 14.02 107.55 -5.24
N PRO MA 15 13.84 106.58 -6.13
CA PRO MA 15 14.63 105.35 -6.06
C PRO MA 15 16.13 105.61 -6.16
N VAL MA 16 16.89 104.81 -5.41
CA VAL MA 16 18.34 104.96 -5.28
C VAL MA 16 18.98 103.70 -5.84
N SER MA 17 20.02 103.88 -6.67
CA SER MA 17 20.73 102.74 -7.23
C SER MA 17 21.68 102.15 -6.19
N HIS MA 18 21.73 100.83 -6.15
CA HIS MA 18 22.67 100.09 -5.32
C HIS MA 18 23.51 99.19 -6.22
N VAL MA 19 24.81 99.12 -5.95
CA VAL MA 19 25.70 98.24 -6.68
C VAL MA 19 26.09 97.09 -5.76
N LEU MA 20 25.64 95.89 -6.11
CA LEU MA 20 25.83 94.69 -5.30
C LEU MA 20 26.99 93.88 -5.90
N VAL MA 21 28.07 93.76 -5.12
CA VAL MA 21 29.29 93.09 -5.55
C VAL MA 21 29.17 91.60 -5.22
N PRO MA 22 29.74 90.71 -6.03
CA PRO MA 22 29.68 89.27 -5.70
C PRO MA 22 30.54 88.93 -4.49
N LEU MA 23 30.02 88.03 -3.66
CA LEU MA 23 30.75 87.51 -2.52
C LEU MA 23 31.25 86.09 -2.71
N GLY MA 24 30.69 85.34 -3.66
CA GLY MA 24 31.06 83.96 -3.90
C GLY MA 24 29.85 83.05 -3.84
N VAL MA 25 30.09 81.78 -4.18
CA VAL MA 25 29.05 80.75 -4.19
C VAL MA 25 29.57 79.53 -3.45
N GLY MA 26 28.63 78.68 -3.04
CA GLY MA 26 28.99 77.48 -2.31
C GLY MA 26 27.76 76.66 -1.98
N ILE MA 27 28.00 75.56 -1.27
CA ILE MA 27 26.94 74.61 -0.92
C ILE MA 27 26.81 74.54 0.59
N ASP MA 28 25.58 74.72 1.08
CA ASP MA 28 25.24 74.59 2.49
C ASP MA 28 24.35 73.38 2.68
N GLU MA 29 24.52 72.68 3.81
CA GLU MA 29 23.75 71.47 4.05
C GLU MA 29 22.26 71.78 4.20
N ASN MA 30 21.94 72.85 4.92
CA ASN MA 30 20.53 73.23 5.12
C ASN MA 30 19.92 73.88 3.89
N LEU MA 31 20.68 74.75 3.21
CA LEU MA 31 20.11 75.68 2.25
C LEU MA 31 20.28 75.24 0.80
N GLY MA 32 21.26 74.41 0.49
CA GLY MA 32 21.51 74.01 -0.88
C GLY MA 32 22.63 74.81 -1.52
N SER MA 33 22.52 75.08 -2.82
CA SER MA 33 23.49 75.95 -3.50
C SER MA 33 23.15 77.40 -3.20
N VAL MA 34 24.12 78.13 -2.65
CA VAL MA 34 23.93 79.50 -2.20
C VAL MA 34 24.88 80.40 -2.97
N ALA MA 35 24.36 81.52 -3.46
CA ALA MA 35 25.16 82.57 -4.07
C ALA MA 35 24.86 83.88 -3.37
N LYS MA 36 25.90 84.67 -3.10
CA LYS MA 36 25.75 85.87 -2.28
C LYS MA 36 26.28 87.09 -3.01
N TRP MA 37 25.52 88.17 -2.96
CA TRP MA 37 25.96 89.50 -3.36
C TRP MA 37 25.81 90.45 -2.19
N ARG MA 38 26.50 91.58 -2.27
CA ARG MA 38 26.50 92.54 -1.18
C ARG MA 38 26.92 93.89 -1.72
N GLU MA 39 26.32 94.96 -1.20
CA GLU MA 39 26.81 96.30 -1.47
C GLU MA 39 28.01 96.58 -0.58
N ASN MA 40 28.90 97.47 -1.04
CA ASN MA 40 30.12 97.78 -0.29
C ASN MA 40 30.16 99.27 0.04
N LEU MA 41 29.20 99.74 0.85
CA LEU MA 41 29.16 101.13 1.30
C LEU MA 41 30.04 101.29 2.54
N ALA MA 42 30.83 102.36 2.55
CA ALA MA 42 31.54 102.80 3.74
C ALA MA 42 30.63 103.48 4.76
N THR MA 43 29.38 103.78 4.39
CA THR MA 43 28.45 104.43 5.32
C THR MA 43 28.09 103.53 6.49
N VAL MA 44 28.07 102.21 6.29
CA VAL MA 44 27.53 101.28 7.27
C VAL MA 44 28.57 100.18 7.51
N PRO MA 45 28.44 99.45 8.62
CA PRO MA 45 29.33 98.30 8.84
C PRO MA 45 29.25 97.30 7.68
N LEU MA 46 30.31 96.50 7.56
CA LEU MA 46 30.40 95.56 6.44
C LEU MA 46 29.25 94.56 6.46
N TYR MA 47 28.91 94.02 7.64
CA TYR MA 47 27.82 93.05 7.75
C TYR MA 47 26.45 93.68 7.55
N ALA MA 48 26.34 95.01 7.56
CA ALA MA 48 25.04 95.69 7.58
C ALA MA 48 24.66 96.28 6.23
N ASN MA 49 25.25 95.78 5.16
CA ASN MA 49 24.99 96.27 3.81
C ASN MA 49 23.78 95.58 3.20
N VAL MA 50 23.15 96.27 2.23
CA VAL MA 50 22.11 95.64 1.42
C VAL MA 50 22.70 94.41 0.73
N ARG MA 51 21.99 93.29 0.77
CA ARG MA 51 22.52 92.06 0.23
C ARG MA 51 21.43 91.28 -0.51
N VAL MA 52 21.88 90.43 -1.42
CA VAL MA 52 21.01 89.53 -2.18
C VAL MA 52 21.61 88.14 -2.12
N THR MA 53 20.76 87.13 -1.91
CA THR MA 53 21.18 85.75 -1.79
C THR MA 53 20.23 84.85 -2.57
N THR MA 54 20.78 83.82 -3.23
CA THR MA 54 19.97 82.82 -3.92
C THR MA 54 20.23 81.44 -3.32
N MET MA 55 19.17 80.76 -2.95
CA MET MA 55 19.23 79.37 -2.51
C MET MA 55 18.54 78.47 -3.52
N GLN MA 56 19.06 77.26 -3.68
CA GLN MA 56 18.49 76.26 -4.57
C GLN MA 56 18.70 74.89 -3.94
N LYS MA 57 17.61 74.22 -3.58
CA LYS MA 57 17.67 72.95 -2.88
C LYS MA 57 16.58 72.03 -3.39
N LYS MA 58 16.93 70.76 -3.58
CA LYS MA 58 15.94 69.71 -3.82
C LYS MA 58 15.47 69.18 -2.48
N LEU MA 59 14.18 69.28 -2.22
CA LEU MA 59 13.61 68.88 -0.94
C LEU MA 59 13.48 67.35 -0.87
N LYS MA 60 13.14 66.86 0.32
CA LYS MA 60 12.94 65.43 0.51
C LYS MA 60 11.84 64.90 -0.41
N SER MA 61 10.76 65.69 -0.58
CA SER MA 61 9.66 65.29 -1.44
C SER MA 61 10.04 65.18 -2.91
N GLY MA 62 11.21 65.68 -3.30
CA GLY MA 62 11.60 65.76 -4.70
C GLY MA 62 11.29 67.09 -5.35
N ILE MA 63 10.53 67.95 -4.67
CA ILE MA 63 10.23 69.28 -5.20
C ILE MA 63 11.46 70.17 -5.08
N GLU MA 64 11.81 70.83 -6.18
CA GLU MA 64 12.91 71.79 -6.14
C GLU MA 64 12.41 73.13 -5.60
N ARG MA 65 13.17 73.72 -4.68
CA ARG MA 65 12.84 75.01 -4.10
C ARG MA 65 13.92 76.02 -4.43
N VAL MA 66 13.52 77.18 -4.92
CA VAL MA 66 14.45 78.26 -5.25
C VAL MA 66 14.02 79.51 -4.48
N GLU MA 67 15.01 80.32 -4.10
CA GLU MA 67 14.75 81.55 -3.37
C GLU MA 67 15.71 82.64 -3.82
N ILE MA 68 15.20 83.86 -3.95
CA ILE MA 68 16.02 85.06 -4.10
C ILE MA 68 15.65 85.96 -2.94
N ARG MA 69 16.56 86.12 -1.98
CA ARG MA 69 16.29 86.84 -0.74
C ARG MA 69 17.03 88.17 -0.74
N VAL MA 70 16.26 89.26 -0.65
CA VAL MA 70 16.80 90.61 -0.53
C VAL MA 70 16.66 91.08 0.91
N GLU MA 71 17.77 91.49 1.52
CA GLU MA 71 17.78 91.95 2.89
C GLU MA 71 18.35 93.36 2.95
N VAL MA 72 17.62 94.27 3.60
CA VAL MA 72 18.02 95.66 3.74
C VAL MA 72 18.10 95.98 5.23
N PRO MA 73 19.31 96.00 5.80
CA PRO MA 73 19.45 96.43 7.20
C PRO MA 73 19.22 97.92 7.35
N VAL MA 74 18.58 98.30 8.45
CA VAL MA 74 18.35 99.70 8.81
C VAL MA 74 19.05 99.96 10.14
N MET MA 75 19.87 101.00 10.19
CA MET MA 75 20.71 101.26 11.35
C MET MA 75 19.96 102.08 12.39
N GLU MA 76 20.34 101.89 13.65
CA GLU MA 76 19.93 102.80 14.70
C GLU MA 76 20.60 104.16 14.50
N ALA MA 77 19.98 105.18 15.09
CA ALA MA 77 20.52 106.54 15.01
C ALA MA 77 21.38 106.78 16.24
N VAL MA 78 22.69 106.96 16.03
CA VAL MA 78 23.60 107.26 17.12
C VAL MA 78 23.44 108.73 17.50
N SER MA 79 23.14 108.98 18.77
CA SER MA 79 22.95 110.33 19.27
C SER MA 79 23.60 110.45 20.65
N GLY MA 80 24.28 111.57 20.87
CA GLY MA 80 24.85 111.84 22.19
C GLY MA 80 25.84 110.77 22.63
N GLN MA 81 25.69 110.32 23.87
CA GLN MA 81 26.57 109.32 24.46
C GLN MA 81 25.77 108.37 25.32
N ASN MA 82 26.33 107.18 25.55
CA ASN MA 82 25.71 106.18 26.39
C ASN MA 82 26.05 106.42 27.86
N ALA MA 83 25.56 105.53 28.72
CA ALA MA 83 25.76 105.68 30.15
C ALA MA 83 27.22 105.57 30.57
N PHE MA 84 28.10 105.09 29.70
CA PHE MA 84 29.50 104.98 30.02
C PHE MA 84 30.32 106.19 29.60
N GLY MA 85 29.72 107.14 28.90
CA GLY MA 85 30.41 108.34 28.48
C GLY MA 85 31.06 108.29 27.12
N TYR MA 86 30.68 107.31 26.29
CA TYR MA 86 31.26 107.13 24.97
C TYR MA 86 30.17 107.22 23.90
N THR MA 87 30.58 107.61 22.69
CA THR MA 87 29.69 107.51 21.54
C THR MA 87 29.38 106.04 21.26
N ALA MA 88 28.11 105.74 21.01
CA ALA MA 88 27.70 104.36 20.81
C ALA MA 88 28.22 103.82 19.50
N ALA MA 89 28.45 102.50 19.47
CA ALA MA 89 28.85 101.82 18.25
C ALA MA 89 27.66 101.65 17.32
N PRO MA 90 27.90 101.52 16.01
CA PRO MA 90 26.80 101.23 15.09
C PRO MA 90 26.05 99.97 15.50
N LYS MA 91 24.73 100.02 15.38
CA LYS MA 91 23.88 98.89 15.71
C LYS MA 91 22.73 98.81 14.72
N VAL MA 92 22.44 97.60 14.26
CA VAL MA 92 21.34 97.38 13.33
C VAL MA 92 20.04 97.42 14.10
N ALA MA 93 19.12 98.30 13.67
CA ALA MA 93 17.82 98.38 14.30
C ALA MA 93 16.94 97.18 13.91
N PHE MA 94 16.84 96.93 12.61
CA PHE MA 94 16.09 95.79 12.10
C PHE MA 94 16.52 95.55 10.66
N THR MA 95 16.20 94.37 10.15
CA THR MA 95 16.50 94.01 8.77
C THR MA 95 15.22 93.63 8.06
N ASP MA 96 14.85 94.40 7.05
CA ASP MA 96 13.71 94.04 6.23
C ASP MA 96 14.13 92.98 5.21
N SER MA 97 13.26 92.03 4.97
CA SER MA 97 13.53 90.90 4.08
C SER MA 97 12.37 90.72 3.12
N GLY MA 98 12.67 90.75 1.82
CA GLY MA 98 11.70 90.42 0.79
C GLY MA 98 12.32 89.44 -0.18
N SER MA 99 11.64 88.34 -0.45
CA SER MA 99 12.20 87.25 -1.23
C SER MA 99 11.17 86.70 -2.21
N PHE MA 100 11.67 86.15 -3.30
CA PHE MA 100 10.89 85.28 -4.18
C PHE MA 100 11.17 83.85 -3.77
N VAL MA 101 10.11 83.03 -3.70
CA VAL MA 101 10.25 81.63 -3.34
C VAL MA 101 9.46 80.80 -4.35
N GLY MA 102 10.14 79.90 -5.03
CA GLY MA 102 9.51 79.03 -6.01
C GLY MA 102 9.57 77.58 -5.57
N TYR MA 103 8.46 76.87 -5.78
CA TYR MA 103 8.38 75.43 -5.57
C TYR MA 103 7.95 74.80 -6.89
N PHE MA 104 8.79 73.92 -7.43
CA PHE MA 104 8.55 73.34 -8.74
C PHE MA 104 8.75 71.83 -8.71
N SER MA 105 7.88 71.11 -9.42
CA SER MA 105 8.07 69.69 -9.60
C SER MA 105 9.22 69.41 -10.56
N GLU MA 106 9.77 68.20 -10.47
CA GLU MA 106 10.81 67.79 -11.41
C GLU MA 106 10.31 67.87 -12.85
N ARG MA 107 9.01 67.64 -13.07
CA ARG MA 107 8.44 67.65 -14.41
C ARG MA 107 8.28 69.04 -14.99
N SER MA 108 8.28 70.08 -14.16
CA SER MA 108 8.11 71.44 -14.65
C SER MA 108 9.28 71.82 -15.54
N ALA MA 109 8.98 72.54 -16.62
CA ALA MA 109 9.98 72.90 -17.62
C ALA MA 109 10.36 74.36 -17.47
N GLN MA 110 11.40 74.74 -18.23
CA GLN MA 110 11.83 76.14 -18.23
C GLN MA 110 10.66 77.07 -18.56
N SER MA 111 9.84 76.68 -19.54
CA SER MA 111 8.70 77.51 -19.91
C SER MA 111 7.67 77.59 -18.79
N ASN MA 112 7.43 76.47 -18.09
CA ASN MA 112 6.47 76.46 -17.00
C ASN MA 112 6.90 77.40 -15.87
N ARG MA 113 8.16 77.28 -15.45
CA ARG MA 113 8.66 78.09 -14.34
C ARG MA 113 8.71 79.57 -14.72
N ARG MA 114 9.15 79.87 -15.94
CA ARG MA 114 9.17 81.25 -16.40
C ARG MA 114 7.77 81.84 -16.45
N LEU MA 115 6.78 81.02 -16.80
CA LEU MA 115 5.40 81.50 -16.91
C LEU MA 115 4.88 81.99 -15.55
N VAL MA 116 5.10 81.20 -14.50
CA VAL MA 116 4.66 81.58 -13.17
C VAL MA 116 5.44 82.79 -12.68
N LYS MA 117 6.75 82.82 -12.94
CA LYS MA 117 7.59 83.92 -12.48
C LYS MA 117 6.99 85.26 -12.86
N GLN MA 118 6.67 85.45 -14.14
CA GLN MA 118 6.27 86.77 -14.62
C GLN MA 118 4.91 87.18 -14.07
N ILE MA 119 4.01 86.23 -13.78
CA ILE MA 119 2.76 86.58 -13.12
C ILE MA 119 3.04 87.31 -11.82
N LEU MA 120 3.94 86.76 -11.01
CA LEU MA 120 4.27 87.39 -9.74
C LEU MA 120 4.93 88.75 -9.95
N THR MA 121 5.91 88.81 -10.86
CA THR MA 121 6.60 90.08 -11.12
C THR MA 121 5.61 91.16 -11.54
N ASN MA 122 4.67 90.83 -12.43
CA ASN MA 122 3.70 91.82 -12.86
C ASN MA 122 2.78 92.23 -11.71
N LEU MA 123 2.34 91.26 -10.90
CA LEU MA 123 1.54 91.58 -9.74
C LEU MA 123 2.27 92.54 -8.81
N LEU MA 124 3.57 92.28 -8.56
CA LEU MA 124 4.34 93.14 -7.67
C LEU MA 124 4.53 94.54 -8.25
N GLY MA 125 4.53 94.66 -9.57
CA GLY MA 125 4.69 95.94 -10.22
C GLY MA 125 3.41 96.63 -10.58
N ASN MA 126 2.26 96.05 -10.20
CA ASN MA 126 0.95 96.62 -10.50
C ASN MA 126 0.75 96.77 -12.01
N VAL MA 127 1.25 95.79 -12.76
CA VAL MA 127 1.24 95.83 -14.21
C VAL MA 127 0.16 94.88 -14.71
N SER MA 128 -0.85 95.44 -15.38
CA SER MA 128 -1.93 94.66 -15.96
C SER MA 128 -1.76 94.45 -17.46
N THR MA 129 -0.68 94.96 -18.06
CA THR MA 129 -0.44 94.83 -19.48
C THR MA 129 0.55 93.70 -19.74
N SER MA 130 0.88 93.51 -21.02
CA SER MA 130 1.76 92.43 -21.43
C SER MA 130 3.23 92.83 -21.28
N VAL MA 131 4.00 91.97 -20.61
CA VAL MA 131 5.42 92.19 -20.37
C VAL MA 131 6.16 90.90 -20.68
N ALA MA 132 7.24 91.01 -21.46
CA ALA MA 132 8.02 89.84 -21.84
C ALA MA 132 8.83 89.36 -20.66
N ALA MA 133 8.78 88.06 -20.42
CA ALA MA 133 9.50 87.49 -19.30
C ALA MA 133 10.99 87.40 -19.63
N PRO MA 134 11.87 87.87 -18.75
CA PRO MA 134 13.30 87.82 -19.05
C PRO MA 134 13.79 86.39 -19.20
N THR MA 135 14.65 86.18 -20.20
CA THR MA 135 15.28 84.88 -20.42
C THR MA 135 16.77 84.90 -20.10
N THR MA 136 17.29 86.01 -19.59
CA THR MA 136 18.67 86.12 -19.16
C THR MA 136 18.72 86.81 -17.81
N GLY MA 137 19.90 86.82 -17.21
CA GLY MA 137 20.07 87.37 -15.89
C GLY MA 137 20.06 86.29 -14.81
N PHE MA 138 20.61 86.64 -13.64
CA PHE MA 138 20.77 85.63 -12.60
C PHE MA 138 19.44 85.16 -12.06
N ALA MA 139 18.44 86.04 -12.00
CA ALA MA 139 17.12 85.65 -11.52
C ALA MA 139 16.47 84.65 -12.48
N SER MA 140 16.53 84.94 -13.79
CA SER MA 140 15.97 84.00 -14.76
C SER MA 140 16.70 82.67 -14.75
N GLU MA 141 18.03 82.71 -14.60
CA GLU MA 141 18.79 81.46 -14.58
C GLU MA 141 18.40 80.61 -13.38
N LEU MA 142 18.12 81.25 -12.24
CA LEU MA 142 17.75 80.50 -11.05
C LEU MA 142 16.32 79.99 -11.12
N ILE MA 143 15.37 80.88 -11.39
CA ILE MA 143 13.96 80.51 -11.32
C ILE MA 143 13.55 79.68 -12.53
N ASP MA 144 13.91 80.13 -13.74
CA ASP MA 144 13.49 79.41 -14.93
C ASP MA 144 14.24 78.09 -15.09
N SER MA 145 15.56 78.10 -14.87
CA SER MA 145 16.40 76.98 -15.27
C SER MA 145 17.11 76.27 -14.13
N GLY MA 146 16.92 76.72 -12.88
CA GLY MA 146 17.56 76.04 -11.77
C GLY MA 146 19.07 76.20 -11.70
N ILE MA 147 19.59 77.32 -12.22
CA ILE MA 147 21.02 77.56 -12.30
C ILE MA 147 21.44 78.51 -11.17
N THR MA 148 22.54 78.16 -10.50
CA THR MA 148 23.16 79.02 -9.51
C THR MA 148 24.43 79.65 -10.11
N ALA MA 149 24.74 80.87 -9.67
CA ALA MA 149 25.90 81.57 -10.20
C ALA MA 149 27.20 80.86 -9.82
N SER MA 150 28.29 81.30 -10.44
CA SER MA 150 29.61 80.70 -10.21
C SER MA 150 30.75 81.72 -10.28
N SER NA 1 -87.20 68.44 21.08
CA SER NA 1 -85.95 68.10 21.77
C SER NA 1 -86.12 66.91 22.72
N SER NA 2 -87.31 66.34 22.78
CA SER NA 2 -87.54 65.07 23.45
C SER NA 2 -87.71 63.96 22.41
N GLN NA 3 -87.57 62.72 22.85
CA GLN NA 3 -87.54 61.61 21.92
C GLN NA 3 -88.89 61.40 21.23
N ALA NA 4 -88.84 61.14 19.93
CA ALA NA 4 -90.03 60.83 19.15
C ALA NA 4 -89.67 59.83 18.07
N ASN NA 5 -90.69 59.33 17.38
CA ASN NA 5 -90.47 58.35 16.32
C ASN NA 5 -89.64 58.97 15.19
N ILE NA 6 -88.89 58.12 14.51
CA ILE NA 6 -88.06 58.50 13.36
C ILE NA 6 -88.48 57.62 12.18
N THR NA 7 -88.81 58.26 11.06
CA THR NA 7 -89.13 57.55 9.82
C THR NA 7 -88.04 57.85 8.80
N VAL NA 8 -87.34 56.80 8.36
CA VAL NA 8 -86.21 56.93 7.45
C VAL NA 8 -86.27 55.81 6.41
N PHE NA 9 -86.01 56.17 5.16
CA PHE NA 9 -85.83 55.18 4.10
C PHE NA 9 -84.37 54.79 4.01
N ASP NA 10 -84.11 53.50 3.74
CA ASP NA 10 -82.74 53.01 3.67
C ASP NA 10 -82.20 53.18 2.25
N GLY NA 11 -81.08 52.52 1.97
CA GLY NA 11 -80.44 52.66 0.68
C GLY NA 11 -80.46 51.39 -0.15
N ALA NA 12 -81.51 50.58 0.02
CA ALA NA 12 -81.70 49.43 -0.84
C ALA NA 12 -81.94 49.89 -2.28
N ALA NA 13 -81.84 48.93 -3.21
CA ALA NA 13 -82.08 49.26 -4.62
C ALA NA 13 -83.47 49.86 -4.80
N THR NA 14 -84.48 49.24 -4.20
CA THR NA 14 -85.77 49.88 -3.97
C THR NA 14 -85.83 50.23 -2.47
N PRO NA 15 -85.64 51.50 -2.10
CA PRO NA 15 -85.50 51.83 -0.68
C PRO NA 15 -86.75 51.52 0.13
N VAL NA 16 -86.52 51.11 1.38
CA VAL NA 16 -87.54 50.62 2.30
C VAL NA 16 -87.62 51.57 3.49
N SER NA 17 -88.83 51.94 3.90
CA SER NA 17 -89.02 52.81 5.05
C SER NA 17 -88.87 52.02 6.34
N HIS NA 18 -88.29 52.66 7.35
CA HIS NA 18 -88.16 52.10 8.68
C HIS NA 18 -88.67 53.10 9.70
N VAL NA 19 -89.42 52.60 10.68
CA VAL NA 19 -89.90 53.43 11.78
C VAL NA 19 -89.13 53.04 13.03
N LEU NA 20 -88.33 53.96 13.54
CA LEU NA 20 -87.52 53.74 14.73
C LEU NA 20 -88.23 54.37 15.93
N VAL NA 21 -88.57 53.56 16.92
CA VAL NA 21 -89.29 53.98 18.11
C VAL NA 21 -88.25 54.38 19.16
N PRO NA 22 -88.53 55.36 20.02
CA PRO NA 22 -87.59 55.67 21.10
C PRO NA 22 -87.41 54.45 22.00
N LEU NA 23 -86.16 54.23 22.41
CA LEU NA 23 -85.79 53.06 23.21
C LEU NA 23 -85.31 53.40 24.61
N GLY NA 24 -84.74 54.59 24.80
CA GLY NA 24 -84.32 55.00 26.13
C GLY NA 24 -83.25 56.06 26.05
N VAL NA 25 -82.99 56.66 27.21
CA VAL NA 25 -81.94 57.66 27.37
C VAL NA 25 -81.16 57.28 28.63
N GLY NA 26 -79.86 57.57 28.62
CA GLY NA 26 -79.03 57.28 29.76
C GLY NA 26 -77.72 58.03 29.71
N ILE NA 27 -76.93 57.86 30.78
CA ILE NA 27 -75.56 58.36 30.86
C ILE NA 27 -74.63 57.16 30.97
N ASP NA 28 -73.54 57.19 30.22
CA ASP NA 28 -72.55 56.12 30.23
C ASP NA 28 -71.22 56.66 30.71
N GLU NA 29 -70.49 55.80 31.42
CA GLU NA 29 -69.17 56.17 31.94
C GLU NA 29 -68.23 56.57 30.80
N ASN NA 30 -68.21 55.77 29.73
CA ASN NA 30 -67.26 55.95 28.64
C ASN NA 30 -67.85 56.58 27.39
N LEU NA 31 -69.17 56.59 27.24
CA LEU NA 31 -69.81 57.08 26.03
C LEU NA 31 -70.40 58.47 26.17
N GLY NA 32 -70.85 58.85 27.37
CA GLY NA 32 -71.44 60.17 27.58
C GLY NA 32 -72.95 60.12 27.58
N SER NA 33 -73.59 61.19 27.11
CA SER NA 33 -75.05 61.20 27.01
C SER NA 33 -75.49 60.36 25.81
N VAL NA 34 -76.32 59.35 26.06
CA VAL NA 34 -76.73 58.39 25.05
C VAL NA 34 -78.24 58.45 24.90
N ALA NA 35 -78.70 58.40 23.65
CA ALA NA 35 -80.12 58.26 23.31
C ALA NA 35 -80.25 57.15 22.26
N LYS NA 36 -81.25 56.30 22.43
CA LYS NA 36 -81.39 55.09 21.62
C LYS NA 36 -82.76 55.04 20.96
N TRP NA 37 -82.77 54.65 19.68
CA TRP NA 37 -83.97 54.34 18.93
C TRP NA 37 -83.82 52.93 18.37
N ARG NA 38 -84.94 52.37 17.88
CA ARG NA 38 -84.93 51.00 17.42
C ARG NA 38 -86.24 50.72 16.67
N GLU NA 39 -86.13 49.94 15.60
CA GLU NA 39 -87.28 49.45 14.88
C GLU NA 39 -88.01 48.38 15.71
N ASN NA 40 -89.25 48.09 15.33
CA ASN NA 40 -90.06 47.12 16.06
C ASN NA 40 -90.66 46.09 15.13
N LEU NA 41 -89.87 45.64 14.15
CA LEU NA 41 -90.38 44.67 13.20
C LEU NA 41 -90.67 43.34 13.88
N ALA NA 42 -91.77 42.71 13.49
CA ALA NA 42 -92.06 41.34 13.90
C ALA NA 42 -91.22 40.31 13.16
N THR NA 43 -90.39 40.74 12.20
CA THR NA 43 -89.68 39.78 11.37
C THR NA 43 -88.50 39.16 12.11
N VAL NA 44 -87.85 39.95 12.96
CA VAL NA 44 -86.63 39.56 13.66
C VAL NA 44 -86.91 39.68 15.14
N PRO NA 45 -86.07 39.07 15.99
CA PRO NA 45 -86.19 39.28 17.44
C PRO NA 45 -85.83 40.72 17.79
N LEU NA 46 -86.10 41.07 19.05
CA LEU NA 46 -85.97 42.47 19.46
C LEU NA 46 -84.55 42.98 19.27
N TYR NA 47 -83.55 42.20 19.67
CA TYR NA 47 -82.16 42.66 19.60
C TYR NA 47 -81.67 42.85 18.17
N ALA NA 48 -82.33 42.23 17.18
CA ALA NA 48 -81.84 42.21 15.80
C ALA NA 48 -82.43 43.33 14.94
N ASN NA 49 -83.14 44.29 15.54
CA ASN NA 49 -83.76 45.36 14.78
C ASN NA 49 -82.75 46.44 14.42
N VAL NA 50 -83.03 47.14 13.30
CA VAL NA 50 -82.26 48.33 12.94
C VAL NA 50 -82.34 49.33 14.08
N ARG NA 51 -81.18 49.89 14.46
CA ARG NA 51 -81.13 50.79 15.60
C ARG NA 51 -80.35 52.05 15.24
N VAL NA 52 -80.68 53.13 15.95
CA VAL NA 52 -80.00 54.41 15.84
C VAL NA 52 -79.66 54.88 17.25
N THR NA 53 -78.45 55.39 17.43
CA THR NA 53 -77.96 55.81 18.74
C THR NA 53 -77.15 57.08 18.59
N THR NA 54 -77.33 58.02 19.51
CA THR NA 54 -76.54 59.24 19.58
C THR NA 54 -75.70 59.25 20.84
N MET NA 55 -74.48 59.76 20.72
CA MET NA 55 -73.55 59.91 21.83
C MET NA 55 -73.02 61.32 21.87
N GLN NA 56 -72.95 61.89 23.07
CA GLN NA 56 -72.39 63.23 23.31
C GLN NA 56 -71.45 63.13 24.50
N LYS NA 57 -70.16 63.33 24.27
CA LYS NA 57 -69.14 63.16 25.28
C LYS NA 57 -68.19 64.34 25.27
N LYS NA 58 -68.00 64.98 26.42
CA LYS NA 58 -67.06 66.06 26.54
C LYS NA 58 -65.65 65.48 26.72
N LEU NA 59 -64.71 65.96 25.92
CA LEU NA 59 -63.33 65.53 26.02
C LEU NA 59 -62.49 66.61 26.68
N LYS NA 60 -61.19 66.35 26.75
CA LYS NA 60 -60.25 67.33 27.29
C LYS NA 60 -60.01 68.44 26.28
N SER NA 61 -59.55 69.58 26.80
CA SER NA 61 -59.25 70.76 25.98
C SER NA 61 -60.49 71.33 25.31
N GLY NA 62 -61.64 71.18 25.96
CA GLY NA 62 -62.85 71.86 25.50
C GLY NA 62 -63.32 71.43 24.13
N ILE NA 63 -63.28 70.13 23.85
CA ILE NA 63 -63.75 69.57 22.61
C ILE NA 63 -64.78 68.50 22.95
N GLU NA 64 -65.93 68.55 22.28
CA GLU NA 64 -66.95 67.53 22.48
C GLU NA 64 -67.02 66.64 21.26
N ARG NA 65 -67.23 65.35 21.49
CA ARG NA 65 -67.40 64.37 20.43
C ARG NA 65 -68.86 64.02 20.33
N VAL NA 66 -69.38 64.02 19.11
CA VAL NA 66 -70.79 63.82 18.83
C VAL NA 66 -70.92 62.71 17.79
N GLU NA 67 -71.78 61.73 18.05
CA GLU NA 67 -71.95 60.62 17.12
C GLU NA 67 -73.43 60.30 16.93
N ILE NA 68 -73.80 60.01 15.68
CA ILE NA 68 -75.07 59.39 15.34
C ILE NA 68 -74.73 58.06 14.68
N ARG NA 69 -74.97 56.96 15.38
CA ARG NA 69 -74.56 55.64 14.92
C ARG NA 69 -75.77 54.85 14.44
N VAL NA 70 -75.76 54.48 13.15
CA VAL NA 70 -76.79 53.63 12.56
C VAL NA 70 -76.21 52.23 12.41
N GLU NA 71 -76.85 51.25 13.05
CA GLU NA 71 -76.42 49.86 12.97
C GLU NA 71 -77.55 49.03 12.36
N VAL NA 72 -77.24 48.30 11.29
CA VAL NA 72 -78.21 47.44 10.62
C VAL NA 72 -77.76 45.99 10.76
N PRO NA 73 -78.40 45.20 11.62
CA PRO NA 73 -78.08 43.76 11.67
C PRO NA 73 -78.65 43.06 10.45
N VAL NA 74 -77.78 42.34 9.74
CA VAL NA 74 -78.17 41.53 8.59
C VAL NA 74 -78.28 40.08 9.07
N MET NA 75 -79.44 39.48 8.87
CA MET NA 75 -79.70 38.16 9.43
C MET NA 75 -79.22 37.06 8.50
N GLU NA 76 -78.83 35.94 9.10
CA GLU NA 76 -78.61 34.73 8.31
C GLU NA 76 -79.93 34.26 7.71
N ALA NA 77 -79.85 33.62 6.56
CA ALA NA 77 -81.02 33.10 5.88
C ALA NA 77 -81.33 31.71 6.42
N VAL NA 78 -82.47 31.59 7.11
CA VAL NA 78 -82.89 30.28 7.61
C VAL NA 78 -83.42 29.46 6.45
N SER NA 79 -82.81 28.29 6.23
CA SER NA 79 -83.21 27.39 5.16
C SER NA 79 -83.16 25.97 5.69
N GLY NA 80 -84.19 25.19 5.41
CA GLY NA 80 -84.26 23.81 5.87
C GLY NA 80 -84.11 23.69 7.37
N GLN NA 81 -83.64 22.52 7.78
CA GLN NA 81 -83.46 22.17 9.18
C GLN NA 81 -81.98 22.04 9.51
N ASN NA 82 -81.67 22.16 10.80
CA ASN NA 82 -80.31 21.96 11.27
C ASN NA 82 -80.06 20.48 11.53
N ALA NA 83 -78.86 20.16 12.01
CA ALA NA 83 -78.48 18.78 12.25
C ALA NA 83 -79.32 18.09 13.33
N PHE NA 84 -80.15 18.84 14.06
CA PHE NA 84 -81.00 18.27 15.09
C PHE NA 84 -82.43 18.04 14.64
N GLY NA 85 -82.78 18.46 13.42
CA GLY NA 85 -84.11 18.25 12.91
C GLY NA 85 -85.09 19.38 13.18
N TYR NA 86 -84.60 20.53 13.64
CA TYR NA 86 -85.43 21.69 13.92
C TYR NA 86 -85.10 22.83 12.96
N THR NA 87 -86.08 23.70 12.73
CA THR NA 87 -85.82 24.94 12.00
C THR NA 87 -84.89 25.83 12.83
N ALA NA 88 -83.88 26.38 12.19
CA ALA NA 88 -82.86 27.14 12.91
C ALA NA 88 -83.46 28.41 13.53
N ALA NA 89 -82.92 28.78 14.70
CA ALA NA 89 -83.31 30.03 15.31
C ALA NA 89 -82.69 31.19 14.53
N PRO NA 90 -83.35 32.36 14.53
CA PRO NA 90 -82.76 33.51 13.84
C PRO NA 90 -81.41 33.87 14.44
N LYS NA 91 -80.46 34.18 13.56
CA LYS NA 91 -79.10 34.51 13.98
C LYS NA 91 -78.58 35.66 13.14
N VAL NA 92 -77.89 36.59 13.80
CA VAL NA 92 -77.31 37.74 13.10
C VAL NA 92 -76.06 37.29 12.36
N ALA NA 93 -76.02 37.55 11.06
CA ALA NA 93 -74.86 37.19 10.25
C ALA NA 93 -73.73 38.19 10.46
N PHE NA 94 -74.04 39.47 10.31
CA PHE NA 94 -73.09 40.54 10.58
C PHE NA 94 -73.89 41.81 10.78
N THR NA 95 -73.25 42.81 11.39
CA THR NA 95 -73.87 44.09 11.64
C THR NA 95 -73.09 45.20 10.95
N ASP NA 96 -73.74 45.91 10.04
CA ASP NA 96 -73.13 47.05 9.37
C ASP NA 96 -73.35 48.31 10.19
N SER NA 97 -72.33 49.14 10.27
CA SER NA 97 -72.35 50.34 11.10
C SER NA 97 -71.91 51.53 10.26
N GLY NA 98 -72.81 52.51 10.11
CA GLY NA 98 -72.46 53.77 9.50
C GLY NA 98 -72.85 54.91 10.42
N SER NA 99 -71.94 55.83 10.70
CA SER NA 99 -72.21 56.83 11.70
C SER NA 99 -71.66 58.19 11.28
N PHE NA 100 -72.28 59.24 11.80
CA PHE NA 100 -71.70 60.58 11.77
C PHE NA 100 -70.89 60.77 13.05
N VAL NA 101 -69.69 61.31 12.92
CA VAL NA 101 -68.83 61.59 14.06
C VAL NA 101 -68.33 63.02 13.94
N GLY NA 102 -68.71 63.86 14.89
CA GLY NA 102 -68.29 65.25 14.92
C GLY NA 102 -67.41 65.54 16.12
N TYR NA 103 -66.34 66.31 15.88
CA TYR NA 103 -65.50 66.85 16.94
C TYR NA 103 -65.59 68.37 16.82
N PHE NA 104 -66.15 69.02 17.84
CA PHE NA 104 -66.38 70.45 17.81
C PHE NA 104 -65.80 71.10 19.05
N SER NA 105 -65.15 72.24 18.85
CA SER NA 105 -64.68 73.04 19.97
C SER NA 105 -65.85 73.71 20.68
N GLU NA 106 -65.69 73.94 21.99
CA GLU NA 106 -66.68 74.70 22.73
C GLU NA 106 -66.87 76.10 22.16
N ARG NA 107 -65.90 76.60 21.40
CA ARG NA 107 -65.96 77.93 20.80
C ARG NA 107 -66.78 77.99 19.52
N SER NA 108 -67.09 76.86 18.89
CA SER NA 108 -67.87 76.90 17.65
C SER NA 108 -69.32 77.21 17.96
N ALA NA 109 -69.94 77.93 17.04
CA ALA NA 109 -71.33 78.34 17.17
C ALA NA 109 -72.24 77.40 16.39
N GLN NA 110 -73.55 77.54 16.63
CA GLN NA 110 -74.53 76.75 15.90
C GLN NA 110 -74.30 76.85 14.40
N SER NA 111 -74.01 78.06 13.91
CA SER NA 111 -73.81 78.28 12.48
C SER NA 111 -72.60 77.52 11.96
N ASN NA 112 -71.50 77.54 12.71
CA ASN NA 112 -70.28 76.84 12.28
C ASN NA 112 -70.54 75.35 12.14
N ARG NA 113 -71.20 74.75 13.14
CA ARG NA 113 -71.43 73.31 13.12
C ARG NA 113 -72.42 72.92 12.03
N ARG NA 114 -73.50 73.69 11.87
CA ARG NA 114 -74.45 73.42 10.80
C ARG NA 114 -73.79 73.52 9.43
N LEU NA 115 -72.82 74.42 9.28
CA LEU NA 115 -72.16 74.59 7.99
C LEU NA 115 -71.36 73.35 7.61
N VAL NA 116 -70.59 72.80 8.56
CA VAL NA 116 -69.82 71.59 8.28
C VAL NA 116 -70.74 70.42 8.01
N LYS NA 117 -71.82 70.30 8.79
CA LYS NA 117 -72.74 69.17 8.67
C LYS NA 117 -73.18 68.98 7.23
N GLN NA 118 -73.66 70.06 6.59
CA GLN NA 118 -74.25 69.91 5.26
C GLN NA 118 -73.22 69.56 4.20
N ILE NA 119 -71.97 70.00 4.36
CA ILE NA 119 -70.93 69.60 3.40
C ILE NA 119 -70.85 68.08 3.33
N LEU NA 120 -70.70 67.44 4.50
CA LEU NA 120 -70.65 65.98 4.53
C LEU NA 120 -71.90 65.37 3.96
N THR NA 121 -73.07 65.87 4.36
CA THR NA 121 -74.33 65.33 3.86
C THR NA 121 -74.39 65.39 2.33
N ASN NA 122 -74.02 66.54 1.77
CA ASN NA 122 -74.04 66.67 0.31
C ASN NA 122 -73.02 65.73 -0.34
N LEU NA 123 -71.85 65.57 0.30
CA LEU NA 123 -70.87 64.64 -0.23
C LEU NA 123 -71.42 63.22 -0.27
N LEU NA 124 -72.08 62.79 0.81
CA LEU NA 124 -72.63 61.44 0.87
C LEU NA 124 -73.75 61.25 -0.15
N GLY NA 125 -74.47 62.31 -0.49
CA GLY NA 125 -75.55 62.23 -1.45
C GLY NA 125 -75.13 62.46 -2.87
N ASN NA 126 -73.83 62.66 -3.11
CA ASN NA 126 -73.29 62.97 -4.44
C ASN NA 126 -73.97 64.19 -5.05
N VAL NA 127 -74.13 65.23 -4.23
CA VAL NA 127 -74.88 66.43 -4.60
C VAL NA 127 -73.90 67.60 -4.70
N SER NA 128 -73.81 68.19 -5.88
CA SER NA 128 -72.94 69.33 -6.12
C SER NA 128 -73.70 70.65 -6.21
N THR NA 129 -75.02 70.63 -6.01
CA THR NA 129 -75.82 71.84 -6.07
C THR NA 129 -76.14 72.33 -4.65
N SER NA 130 -76.88 73.43 -4.58
CA SER NA 130 -77.21 74.06 -3.30
C SER NA 130 -78.35 73.32 -2.63
N VAL NA 131 -78.16 72.97 -1.36
CA VAL NA 131 -79.18 72.30 -0.54
C VAL NA 131 -79.22 73.01 0.81
N ALA NA 132 -80.43 73.30 1.28
CA ALA NA 132 -80.60 74.01 2.53
C ALA NA 132 -80.35 73.09 3.71
N ALA NA 133 -79.55 73.55 4.66
CA ALA NA 133 -79.22 72.75 5.83
C ALA NA 133 -80.41 72.72 6.79
N PRO NA 134 -80.81 71.54 7.26
CA PRO NA 134 -81.93 71.46 8.20
C PRO NA 134 -81.63 72.16 9.51
N THR NA 135 -82.65 72.79 10.09
CA THR NA 135 -82.53 73.44 11.38
C THR NA 135 -83.39 72.77 12.45
N THR NA 136 -84.07 71.68 12.14
CA THR NA 136 -84.85 70.90 13.09
C THR NA 136 -84.55 69.42 12.90
N GLY NA 137 -85.08 68.61 13.81
CA GLY NA 137 -84.82 67.19 13.81
C GLY NA 137 -83.73 66.82 14.80
N PHE NA 138 -83.73 65.55 15.20
CA PHE NA 138 -82.80 65.12 16.23
C PHE NA 138 -81.35 65.23 15.78
N ALA NA 139 -81.09 65.04 14.48
CA ALA NA 139 -79.73 65.19 13.97
C ALA NA 139 -79.26 66.63 14.06
N SER NA 140 -80.12 67.59 13.67
CA SER NA 140 -79.73 68.99 13.78
C SER NA 140 -79.55 69.41 15.22
N GLU NA 141 -80.46 68.97 16.10
CA GLU NA 141 -80.35 69.32 17.51
C GLU NA 141 -79.02 68.83 18.09
N LEU NA 142 -78.59 67.64 17.67
CA LEU NA 142 -77.35 67.09 18.19
C LEU NA 142 -76.12 67.73 17.55
N ILE NA 143 -76.06 67.72 16.22
CA ILE NA 143 -74.85 68.18 15.54
C ILE NA 143 -74.74 69.69 15.60
N ASP NA 144 -75.82 70.41 15.27
CA ASP NA 144 -75.74 71.86 15.20
C ASP NA 144 -75.66 72.48 16.59
N SER NA 145 -76.38 71.93 17.56
CA SER NA 145 -76.62 72.61 18.82
C SER NA 145 -76.21 71.82 20.05
N GLY NA 146 -75.61 70.64 19.90
CA GLY NA 146 -75.17 69.89 21.06
C GLY NA 146 -76.29 69.49 21.99
N ILE NA 147 -77.45 69.11 21.43
CA ILE NA 147 -78.63 68.76 22.19
C ILE NA 147 -78.86 67.25 22.07
N THR NA 148 -78.94 66.58 23.22
CA THR NA 148 -79.35 65.18 23.26
C THR NA 148 -80.82 65.10 23.67
N ALA NA 149 -81.56 64.19 23.04
CA ALA NA 149 -82.96 64.02 23.35
C ALA NA 149 -83.15 63.68 24.84
N SER NA 150 -84.35 63.97 25.34
CA SER NA 150 -84.66 63.76 26.76
C SER NA 150 -86.14 63.55 27.02
N SER OA 1 -93.03 69.07 34.25
CA SER OA 1 -92.53 67.69 34.29
C SER OA 1 -91.36 67.49 33.33
N SER OA 2 -91.68 67.34 32.03
CA SER OA 2 -90.65 67.15 31.02
C SER OA 2 -90.11 68.49 30.53
N GLN OA 3 -88.93 68.45 29.92
CA GLN OA 3 -88.23 69.67 29.54
C GLN OA 3 -88.96 70.40 28.43
N ALA OA 4 -89.03 71.73 28.57
CA ALA OA 4 -89.62 72.60 27.56
C ALA OA 4 -88.83 73.89 27.51
N ASN OA 5 -89.13 74.71 26.51
CA ASN OA 5 -88.45 75.99 26.35
C ASN OA 5 -88.79 76.92 27.51
N ILE OA 6 -87.77 77.55 28.08
CA ILE OA 6 -87.92 78.56 29.11
C ILE OA 6 -87.76 79.93 28.48
N THR OA 7 -88.68 80.84 28.77
CA THR OA 7 -88.60 82.21 28.32
C THR OA 7 -88.46 83.12 29.54
N VAL OA 8 -87.34 83.82 29.63
CA VAL OA 8 -86.99 84.64 30.79
C VAL OA 8 -86.44 85.97 30.31
N PHE OA 9 -86.80 87.05 31.02
CA PHE OA 9 -86.15 88.33 30.83
C PHE OA 9 -84.98 88.48 31.80
N ASP OA 10 -83.93 89.15 31.35
CA ASP OA 10 -82.73 89.32 32.18
C ASP OA 10 -82.85 90.62 32.98
N GLY OA 11 -81.75 91.04 33.58
CA GLY OA 11 -81.76 92.23 34.41
C GLY OA 11 -80.96 93.38 33.84
N ALA OA 12 -80.89 93.46 32.52
CA ALA OA 12 -80.28 94.61 31.88
C ALA OA 12 -81.09 95.87 32.18
N ALA OA 13 -80.46 97.03 31.96
CA ALA OA 13 -81.15 98.29 32.22
C ALA OA 13 -82.46 98.38 31.43
N THR OA 14 -82.45 97.90 30.19
CA THR OA 14 -83.66 97.58 29.45
C THR OA 14 -83.73 96.07 29.29
N PRO OA 15 -84.54 95.37 30.09
CA PRO OA 15 -84.48 93.90 30.11
C PRO OA 15 -84.79 93.27 28.75
N VAL OA 16 -84.08 92.19 28.48
CA VAL OA 16 -84.12 91.48 27.20
C VAL OA 16 -84.59 90.05 27.46
N SER OA 17 -85.43 89.53 26.56
CA SER OA 17 -85.93 88.17 26.71
C SER OA 17 -84.93 87.16 26.14
N HIS OA 18 -84.80 86.02 26.82
CA HIS OA 18 -83.98 84.91 26.38
C HIS OA 18 -84.85 83.66 26.28
N VAL OA 19 -84.64 82.87 25.24
CA VAL OA 19 -85.32 81.59 25.07
C VAL OA 19 -84.29 80.49 25.28
N LEU OA 20 -84.45 79.73 26.36
CA LEU OA 20 -83.53 78.64 26.70
C LEU OA 20 -84.17 77.32 26.29
N VAL OA 21 -83.52 76.61 25.37
CA VAL OA 21 -84.05 75.34 24.87
C VAL OA 21 -83.45 74.19 25.67
N PRO OA 22 -84.11 73.04 25.75
CA PRO OA 22 -83.56 71.92 26.51
C PRO OA 22 -82.31 71.36 25.87
N LEU OA 23 -81.39 70.89 26.73
CA LEU OA 23 -80.16 70.23 26.31
C LEU OA 23 -80.08 68.77 26.73
N GLY OA 24 -80.84 68.37 27.75
CA GLY OA 24 -80.85 66.98 28.17
C GLY OA 24 -80.93 66.80 29.66
N VAL OA 25 -81.18 65.57 30.10
CA VAL OA 25 -81.26 65.22 31.51
C VAL OA 25 -80.44 63.96 31.71
N GLY OA 26 -79.83 63.84 32.89
CA GLY OA 26 -79.10 62.63 33.23
C GLY OA 26 -78.78 62.61 34.71
N ILE OA 27 -78.17 61.50 35.13
CA ILE OA 27 -77.80 61.29 36.52
C ILE OA 27 -76.28 61.20 36.61
N ASP OA 28 -75.66 62.25 37.15
CA ASP OA 28 -74.26 62.24 37.50
C ASP OA 28 -74.09 61.73 38.93
N GLU OA 29 -73.04 60.94 39.15
CA GLU OA 29 -72.85 60.36 40.47
C GLU OA 29 -72.52 61.43 41.52
N ASN OA 30 -71.75 62.45 41.11
CA ASN OA 30 -71.40 63.54 42.03
C ASN OA 30 -72.49 64.61 42.10
N LEU OA 31 -73.00 65.07 40.95
CA LEU OA 31 -73.95 66.18 40.97
C LEU OA 31 -75.36 65.74 41.34
N GLY OA 32 -75.74 64.51 41.02
CA GLY OA 32 -77.10 64.05 41.23
C GLY OA 32 -77.91 64.04 39.94
N SER OA 33 -79.19 64.36 40.04
CA SER OA 33 -80.03 64.48 38.85
C SER OA 33 -79.85 65.87 38.26
N VAL OA 34 -79.40 65.92 37.01
CA VAL OA 34 -79.03 67.17 36.34
C VAL OA 34 -79.92 67.36 35.12
N ALA OA 35 -80.47 68.56 34.96
CA ALA OA 35 -81.21 68.97 33.77
C ALA OA 35 -80.62 70.28 33.25
N LYS OA 36 -80.42 70.37 31.94
CA LYS OA 36 -79.71 71.48 31.32
C LYS OA 36 -80.59 72.19 30.29
N TRP OA 37 -80.49 73.51 30.28
CA TRP OA 37 -81.10 74.35 29.26
C TRP OA 37 -80.03 75.32 28.75
N ARG OA 38 -80.22 75.82 27.53
CA ARG OA 38 -79.28 76.79 26.99
C ARG OA 38 -79.96 77.60 25.88
N GLU OA 39 -79.65 78.89 25.84
CA GLU OA 39 -80.08 79.74 24.73
C GLU OA 39 -79.29 79.38 23.47
N ASN OA 40 -79.92 79.57 22.31
CA ASN OA 40 -79.36 79.11 21.04
C ASN OA 40 -79.28 80.27 20.07
N LEU OA 41 -78.49 81.28 20.43
CA LEU OA 41 -78.16 82.33 19.47
C LEU OA 41 -77.32 81.76 18.34
N ALA OA 42 -77.69 82.09 17.11
CA ALA OA 42 -77.16 81.40 15.95
C ALA OA 42 -75.65 81.60 15.79
N THR OA 43 -75.17 82.82 16.01
CA THR OA 43 -73.76 83.16 15.81
C THR OA 43 -72.92 83.05 17.08
N VAL OA 44 -73.54 83.03 18.25
CA VAL OA 44 -72.77 83.05 19.50
C VAL OA 44 -72.18 81.66 19.75
N PRO OA 45 -70.90 81.56 20.15
CA PRO OA 45 -70.34 80.25 20.51
C PRO OA 45 -71.22 79.55 21.53
N LEU OA 46 -71.28 78.23 21.42
CA LEU OA 46 -72.18 77.46 22.28
C LEU OA 46 -71.84 77.65 23.75
N TYR OA 47 -70.57 77.66 24.08
CA TYR OA 47 -70.19 77.84 25.48
C TYR OA 47 -70.27 79.28 25.94
N ALA OA 48 -70.66 80.20 25.07
CA ALA OA 48 -70.85 81.60 25.43
C ALA OA 48 -72.32 81.98 25.59
N ASN OA 49 -73.23 81.02 25.40
CA ASN OA 49 -74.66 81.28 25.48
C ASN OA 49 -75.17 81.11 26.91
N VAL OA 50 -76.18 81.90 27.26
CA VAL OA 50 -76.82 81.80 28.57
C VAL OA 50 -77.34 80.39 28.78
N ARG OA 51 -77.05 79.81 29.94
CA ARG OA 51 -77.50 78.46 30.24
C ARG OA 51 -78.09 78.40 31.65
N VAL OA 52 -78.97 77.43 31.84
CA VAL OA 52 -79.62 77.18 33.12
C VAL OA 52 -79.54 75.69 33.41
N THR OA 53 -79.23 75.35 34.67
CA THR OA 53 -79.02 73.97 35.08
C THR OA 53 -79.65 73.74 36.44
N THR OA 54 -80.24 72.55 36.64
CA THR OA 54 -80.74 72.15 37.95
C THR OA 54 -80.02 70.90 38.42
N MET OA 55 -79.63 70.89 39.69
CA MET OA 55 -79.06 69.73 40.35
C MET OA 55 -79.95 69.31 41.51
N GLN OA 56 -80.10 68.01 41.70
CA GLN OA 56 -80.78 67.46 42.86
C GLN OA 56 -79.99 66.26 43.37
N LYS OA 57 -79.63 66.30 44.65
CA LYS OA 57 -78.80 65.26 45.24
C LYS OA 57 -79.19 65.07 46.69
N LYS OA 58 -79.34 63.82 47.10
CA LYS OA 58 -79.50 63.47 48.50
C LYS OA 58 -78.11 63.26 49.10
N LEU OA 59 -77.78 64.04 50.13
CA LEU OA 59 -76.47 63.95 50.75
C LEU OA 59 -76.42 62.78 51.72
N LYS OA 60 -75.24 62.57 52.32
CA LYS OA 60 -75.10 61.50 53.30
C LYS OA 60 -75.93 61.78 54.56
N SER OA 61 -76.09 63.06 54.91
CA SER OA 61 -76.89 63.44 56.07
C SER OA 61 -78.35 63.04 55.94
N GLY OA 62 -78.82 62.76 54.72
CA GLY OA 62 -80.23 62.69 54.44
C GLY OA 62 -80.83 63.99 53.98
N ILE OA 63 -80.09 65.10 54.12
CA ILE OA 63 -80.54 66.39 53.62
C ILE OA 63 -80.55 66.37 52.10
N GLU OA 64 -81.67 66.77 51.51
CA GLU OA 64 -81.72 66.92 50.07
C GLU OA 64 -81.19 68.29 49.69
N ARG OA 65 -80.29 68.33 48.71
CA ARG OA 65 -79.75 69.57 48.18
C ARG OA 65 -80.34 69.84 46.81
N VAL OA 66 -80.67 71.10 46.56
CA VAL OA 66 -81.38 71.51 45.34
C VAL OA 66 -80.73 72.79 44.83
N GLU OA 67 -80.46 72.84 43.53
CA GLU OA 67 -79.81 74.01 42.94
C GLU OA 67 -80.41 74.33 41.57
N ILE OA 68 -80.62 75.62 41.33
CA ILE OA 68 -80.96 76.16 40.01
C ILE OA 68 -79.87 77.16 39.66
N ARG OA 69 -78.98 76.81 38.73
CA ARG OA 69 -77.79 77.59 38.43
C ARG OA 69 -77.94 78.30 37.09
N VAL OA 70 -77.92 79.63 37.12
CA VAL OA 70 -77.94 80.47 35.92
C VAL OA 70 -76.53 80.95 35.64
N GLU OA 71 -76.03 80.68 34.45
CA GLU OA 71 -74.69 81.08 34.04
C GLU OA 71 -74.79 81.95 32.79
N VAL OA 72 -74.16 83.13 32.84
CA VAL OA 72 -74.13 84.05 31.72
C VAL OA 72 -72.67 84.28 31.33
N PRO OA 73 -72.20 83.66 30.25
CA PRO OA 73 -70.82 83.89 29.81
C PRO OA 73 -70.68 85.23 29.12
N VAL OA 74 -69.52 85.86 29.31
CA VAL OA 74 -69.19 87.12 28.67
C VAL OA 74 -67.90 86.94 27.89
N MET OA 75 -67.92 87.35 26.63
CA MET OA 75 -66.79 87.17 25.75
C MET OA 75 -65.89 88.40 25.78
N GLU OA 76 -64.67 88.22 25.28
CA GLU OA 76 -63.79 89.36 25.06
C GLU OA 76 -64.27 90.15 23.84
N ALA OA 77 -63.54 91.20 23.51
CA ALA OA 77 -63.94 92.06 22.41
C ALA OA 77 -63.44 91.53 21.07
N VAL OA 78 -64.17 91.87 19.99
CA VAL OA 78 -63.82 91.45 18.63
C VAL OA 78 -62.92 92.51 18.01
N SER OA 79 -61.96 92.06 17.20
CA SER OA 79 -61.04 92.97 16.54
C SER OA 79 -61.35 93.17 15.06
N GLY OA 80 -62.22 92.38 14.46
CA GLY OA 80 -62.42 92.49 13.03
C GLY OA 80 -63.09 91.24 12.47
N GLN OA 81 -63.08 91.16 11.14
CA GLN OA 81 -63.71 90.07 10.39
C GLN OA 81 -62.87 89.78 9.17
N ASN OA 82 -62.51 88.51 8.98
CA ASN OA 82 -61.65 88.15 7.87
C ASN OA 82 -62.40 88.31 6.55
N ALA OA 83 -61.67 88.79 5.54
CA ALA OA 83 -62.31 89.08 4.26
C ALA OA 83 -62.75 87.82 3.52
N PHE OA 84 -62.06 86.68 3.74
CA PHE OA 84 -62.33 85.56 2.86
C PHE OA 84 -62.52 84.22 3.57
N GLY OA 85 -61.91 84.05 4.73
CA GLY OA 85 -62.09 82.85 5.51
C GLY OA 85 -63.35 82.86 6.36
N TYR OA 86 -63.34 82.03 7.40
CA TYR OA 86 -64.34 82.07 8.47
C TYR OA 86 -63.71 82.67 9.71
N THR OA 87 -64.49 83.47 10.44
CA THR OA 87 -63.97 84.24 11.56
C THR OA 87 -64.64 83.81 12.87
N ALA OA 88 -63.84 83.54 13.88
CA ALA OA 88 -64.33 83.06 15.16
C ALA OA 88 -64.69 84.21 16.08
N ALA OA 89 -65.65 83.98 16.92
CA ALA OA 89 -65.93 84.90 18.01
C ALA OA 89 -64.88 84.73 19.10
N PRO OA 90 -64.56 85.79 19.84
CA PRO OA 90 -63.48 85.73 20.83
C PRO OA 90 -63.83 84.78 21.97
N LYS OA 91 -62.81 84.48 22.78
CA LYS OA 91 -62.97 83.55 23.88
C LYS OA 91 -63.79 84.18 25.01
N VAL OA 92 -64.34 83.31 25.85
CA VAL OA 92 -65.10 83.77 27.01
C VAL OA 92 -64.13 84.37 28.03
N ALA OA 93 -64.40 85.62 28.42
CA ALA OA 93 -63.54 86.28 29.39
C ALA OA 93 -63.84 85.82 30.81
N PHE OA 94 -65.12 85.69 31.14
CA PHE OA 94 -65.54 85.20 32.44
C PHE OA 94 -66.99 84.73 32.32
N THR OA 95 -67.44 84.02 33.34
CA THR OA 95 -68.82 83.54 33.39
C THR OA 95 -69.42 83.93 34.73
N ASP OA 96 -70.53 84.64 34.70
CA ASP OA 96 -71.24 85.03 35.91
C ASP OA 96 -72.24 83.94 36.29
N SER OA 97 -72.20 83.52 37.54
CA SER OA 97 -73.04 82.43 38.03
C SER OA 97 -73.88 82.92 39.19
N GLY OA 98 -75.19 82.88 39.03
CA GLY OA 98 -76.11 83.16 40.11
C GLY OA 98 -77.08 82.01 40.25
N SER OA 99 -77.21 81.45 41.46
CA SER OA 99 -77.99 80.24 41.62
C SER OA 99 -78.81 80.30 42.90
N PHE OA 100 -79.92 79.58 42.90
CA PHE OA 100 -80.64 79.24 44.12
C PHE OA 100 -80.11 77.91 44.62
N VAL OA 101 -79.88 77.81 45.93
CA VAL OA 101 -79.43 76.57 46.56
C VAL OA 101 -80.28 76.33 47.79
N GLY OA 102 -80.94 75.18 47.82
CA GLY OA 102 -81.80 74.80 48.93
C GLY OA 102 -81.31 73.55 49.64
N TYR OA 103 -81.32 73.58 50.97
CA TYR OA 103 -81.01 72.42 51.79
C TYR OA 103 -82.24 72.13 52.65
N PHE OA 104 -82.85 70.98 52.43
CA PHE OA 104 -84.10 70.63 53.09
C PHE OA 104 -83.99 69.27 53.76
N SER OA 105 -84.60 69.15 54.93
CA SER OA 105 -84.72 67.86 55.60
C SER OA 105 -85.82 67.02 54.95
N GLU OA 106 -85.77 65.71 55.21
CA GLU OA 106 -86.82 64.83 54.70
C GLU OA 106 -88.19 65.19 55.28
N ARG OA 107 -88.23 65.70 56.51
CA ARG OA 107 -89.51 66.02 57.14
C ARG OA 107 -90.20 67.21 56.48
N SER OA 108 -89.44 68.11 55.86
CA SER OA 108 -90.03 69.34 55.33
C SER OA 108 -90.96 69.02 54.17
N ALA OA 109 -92.15 69.64 54.19
CA ALA OA 109 -93.18 69.36 53.22
C ALA OA 109 -93.11 70.35 52.06
N GLN OA 110 -93.96 70.13 51.05
CA GLN OA 110 -94.14 71.13 50.00
C GLN OA 110 -94.24 72.53 50.58
N SER OA 111 -95.15 72.73 51.54
CA SER OA 111 -95.41 74.07 52.05
C SER OA 111 -94.20 74.66 52.75
N ASN OA 112 -93.45 73.82 53.48
CA ASN OA 112 -92.24 74.30 54.14
C ASN OA 112 -91.22 74.80 53.13
N ARG OA 113 -90.89 73.98 52.12
CA ARG OA 113 -89.93 74.39 51.11
C ARG OA 113 -90.41 75.61 50.34
N ARG OA 114 -91.69 75.63 49.97
CA ARG OA 114 -92.24 76.77 49.23
C ARG OA 114 -92.19 78.04 50.06
N LEU OA 115 -92.34 77.93 51.38
CA LEU OA 115 -92.36 79.11 52.23
C LEU OA 115 -91.01 79.81 52.22
N VAL OA 116 -89.92 79.05 52.36
CA VAL OA 116 -88.60 79.66 52.35
C VAL OA 116 -88.25 80.17 50.98
N LYS OA 117 -88.60 79.40 49.93
CA LYS OA 117 -88.33 79.82 48.56
C LYS OA 117 -88.76 81.27 48.33
N GLN OA 118 -90.00 81.60 48.68
CA GLN OA 118 -90.52 82.90 48.32
C GLN OA 118 -89.89 84.02 49.14
N ILE OA 119 -89.45 83.74 50.36
CA ILE OA 119 -88.71 84.75 51.12
C ILE OA 119 -87.51 85.23 50.32
N LEU OA 120 -86.72 84.27 49.82
CA LEU OA 120 -85.54 84.61 49.04
C LEU OA 120 -85.92 85.32 47.74
N THR OA 121 -86.95 84.83 47.05
CA THR OA 121 -87.37 85.47 45.81
C THR OA 121 -87.78 86.91 46.05
N ASN OA 122 -88.52 87.17 47.13
CA ASN OA 122 -88.93 88.54 47.44
C ASN OA 122 -87.74 89.39 47.83
N LEU OA 123 -86.79 88.82 48.57
CA LEU OA 123 -85.57 89.55 48.91
C LEU OA 123 -84.80 89.96 47.66
N LEU OA 124 -84.66 89.03 46.70
CA LEU OA 124 -83.93 89.34 45.47
C LEU OA 124 -84.64 90.39 44.63
N GLY OA 125 -85.96 90.47 44.74
CA GLY OA 125 -86.73 91.45 44.02
C GLY OA 125 -86.97 92.74 44.76
N ASN OA 126 -86.40 92.89 45.96
CA ASN OA 126 -86.60 94.07 46.80
C ASN OA 126 -88.08 94.34 47.03
N VAL OA 127 -88.81 93.28 47.36
CA VAL OA 127 -90.26 93.33 47.50
C VAL OA 127 -90.62 93.17 48.96
N SER OA 128 -91.27 94.19 49.52
CA SER OA 128 -91.75 94.16 50.89
C SER OA 128 -93.23 93.82 50.99
N THR OA 129 -93.92 93.69 49.87
CA THR OA 129 -95.35 93.40 49.89
C THR OA 129 -95.59 91.90 49.77
N SER OA 130 -96.87 91.51 49.76
CA SER OA 130 -97.25 90.11 49.70
C SER OA 130 -97.27 89.63 48.25
N VAL OA 131 -96.64 88.49 48.00
CA VAL OA 131 -96.57 87.89 46.67
C VAL OA 131 -96.92 86.41 46.81
N ALA OA 132 -97.81 85.93 45.95
CA ALA OA 132 -98.21 84.53 45.99
C ALA OA 132 -97.06 83.65 45.49
N ALA OA 133 -96.74 82.62 46.26
CA ALA OA 133 -95.66 81.74 45.88
C ALA OA 133 -96.12 80.81 44.76
N PRO OA 134 -95.36 80.68 43.68
CA PRO OA 134 -95.78 79.81 42.57
C PRO OA 134 -95.88 78.36 43.01
N THR OA 135 -96.86 77.66 42.46
CA THR OA 135 -97.03 76.23 42.71
C THR OA 135 -96.83 75.39 41.45
N THR OA 136 -96.57 76.02 40.31
CA THR OA 136 -96.25 75.34 39.07
C THR OA 136 -94.96 75.92 38.50
N GLY OA 137 -94.49 75.35 37.40
CA GLY OA 137 -93.22 75.75 36.82
C GLY OA 137 -92.08 74.86 37.29
N PHE OA 138 -91.02 74.82 36.47
CA PHE OA 138 -89.93 73.88 36.74
C PHE OA 138 -89.23 74.21 38.05
N ALA OA 139 -89.12 75.49 38.39
CA ALA OA 139 -88.50 75.86 39.67
C ALA OA 139 -89.34 75.37 40.84
N SER OA 140 -90.66 75.49 40.76
CA SER OA 140 -91.51 74.98 41.84
C SER OA 140 -91.45 73.46 41.93
N GLU OA 141 -91.48 72.77 40.79
CA GLU OA 141 -91.36 71.31 40.82
C GLU OA 141 -90.08 70.89 41.54
N LEU OA 142 -88.98 71.61 41.29
CA LEU OA 142 -87.70 71.23 41.87
C LEU OA 142 -87.60 71.65 43.34
N ILE OA 143 -87.86 72.92 43.64
CA ILE OA 143 -87.64 73.43 44.99
C ILE OA 143 -88.74 72.97 45.93
N ASP OA 144 -90.00 73.11 45.52
CA ASP OA 144 -91.10 72.75 46.43
C ASP OA 144 -91.24 71.24 46.56
N SER OA 145 -91.10 70.51 45.46
CA SER OA 145 -91.47 69.10 45.43
C SER OA 145 -90.32 68.13 45.17
N GLY OA 146 -89.11 68.62 44.93
CA GLY OA 146 -88.00 67.72 44.68
C GLY OA 146 -88.13 66.92 43.40
N ILE OA 147 -88.60 67.54 42.32
CA ILE OA 147 -88.84 66.87 41.05
C ILE OA 147 -87.98 67.54 39.98
N THR OA 148 -87.11 66.75 39.34
CA THR OA 148 -86.28 67.23 38.24
C THR OA 148 -86.96 66.95 36.91
N ALA OA 149 -86.67 67.78 35.91
CA ALA OA 149 -87.25 67.60 34.59
C ALA OA 149 -86.94 66.21 34.03
N SER OA 150 -87.88 65.69 33.24
CA SER OA 150 -87.80 64.33 32.72
C SER OA 150 -87.58 64.29 31.21
N SER PA 1 -93.23 56.60 24.43
CA SER PA 1 -91.93 56.26 25.00
C SER PA 1 -91.39 57.42 25.84
N SER PA 2 -91.75 58.64 25.49
CA SER PA 2 -91.44 59.78 26.34
C SER PA 2 -92.30 59.75 27.59
N GLN PA 3 -91.69 60.12 28.72
CA GLN PA 3 -92.32 59.95 30.03
C GLN PA 3 -93.37 61.02 30.27
N ALA PA 4 -94.57 60.59 30.67
CA ALA PA 4 -95.70 61.50 30.85
C ALA PA 4 -96.46 61.17 32.12
N ASN PA 5 -97.38 62.06 32.49
CA ASN PA 5 -98.22 61.84 33.66
C ASN PA 5 -99.07 60.58 33.48
N ILE PA 6 -99.23 59.83 34.56
CA ILE PA 6 -100.04 58.62 34.59
C ILE PA 6 -101.23 58.88 35.48
N THR PA 7 -102.43 58.73 34.93
CA THR PA 7 -103.66 58.77 35.71
C THR PA 7 -104.19 57.35 35.86
N VAL PA 8 -104.32 56.89 37.10
CA VAL PA 8 -104.69 55.50 37.39
C VAL PA 8 -105.56 55.46 38.63
N PHE PA 9 -106.63 54.67 38.56
CA PHE PA 9 -107.48 54.44 39.72
C PHE PA 9 -106.99 53.24 40.52
N ASP PA 10 -107.17 53.29 41.83
CA ASP PA 10 -106.70 52.22 42.70
C ASP PA 10 -107.82 51.21 42.92
N GLY PA 11 -107.64 50.30 43.87
CA GLY PA 11 -108.61 49.25 44.12
C GLY PA 11 -109.31 49.39 45.45
N ALA PA 12 -109.55 50.62 45.88
CA ALA PA 12 -110.38 50.84 47.05
C ALA PA 12 -111.82 50.44 46.73
N ALA PA 13 -112.63 50.30 47.79
CA ALA PA 13 -114.04 49.95 47.59
C ALA PA 13 -114.72 50.94 46.65
N THR PA 14 -114.42 52.23 46.82
CA THR PA 14 -114.70 53.23 45.81
C THR PA 14 -113.38 53.69 45.24
N PRO PA 15 -112.99 53.24 44.04
CA PRO PA 15 -111.64 53.52 43.54
C PRO PA 15 -111.36 55.01 43.43
N VAL PA 16 -110.11 55.36 43.73
CA VAL PA 16 -109.64 56.75 43.80
C VAL PA 16 -108.59 56.95 42.72
N SER PA 17 -108.71 58.04 41.97
CA SER PA 17 -107.72 58.34 40.94
C SER PA 17 -106.46 58.91 41.56
N HIS PA 18 -105.31 58.48 41.04
CA HIS PA 18 -104.01 59.01 41.43
C HIS PA 18 -103.32 59.53 40.17
N VAL PA 19 -102.68 60.69 40.29
CA VAL PA 19 -101.91 61.27 39.20
C VAL PA 19 -100.44 61.13 39.53
N LEU PA 20 -99.73 60.31 38.75
CA LEU PA 20 -98.33 59.99 38.98
C LEU PA 20 -97.48 60.81 38.03
N VAL PA 21 -96.67 61.70 38.59
CA VAL PA 21 -95.83 62.63 37.84
C VAL PA 21 -94.50 61.96 37.53
N PRO PA 22 -93.87 62.22 36.38
CA PRO PA 22 -92.56 61.63 36.10
C PRO PA 22 -91.47 62.20 36.98
N LEU PA 23 -90.56 61.31 37.42
CA LEU PA 23 -89.39 61.71 38.18
C LEU PA 23 -88.10 61.67 37.39
N GLY PA 24 -88.07 60.96 36.27
CA GLY PA 24 -86.88 60.82 35.45
C GLY PA 24 -86.54 59.36 35.22
N VAL PA 25 -85.52 59.15 34.38
CA VAL PA 25 -85.05 57.83 34.02
C VAL PA 25 -83.53 57.79 34.15
N GLY PA 26 -82.99 56.58 34.25
CA GLY PA 26 -81.56 56.42 34.40
C GLY PA 26 -81.19 54.95 34.45
N ILE PA 27 -79.89 54.71 34.64
CA ILE PA 27 -79.33 53.36 34.64
C ILE PA 27 -78.70 53.08 36.00
N ASP PA 28 -79.10 51.96 36.61
CA ASP PA 28 -78.55 51.48 37.86
C ASP PA 28 -77.77 50.20 37.60
N GLU PA 29 -76.67 50.02 38.34
CA GLU PA 29 -75.84 48.83 38.12
C GLU PA 29 -76.59 47.55 38.50
N ASN PA 30 -77.31 47.57 39.62
CA ASN PA 30 -78.04 46.40 40.06
C ASN PA 30 -79.31 46.17 39.25
N LEU PA 31 -80.04 47.25 38.94
CA LEU PA 31 -81.42 47.14 38.49
C LEU PA 31 -81.59 47.26 36.99
N GLY PA 32 -80.66 47.89 36.28
CA GLY PA 32 -80.80 48.09 34.85
C GLY PA 32 -81.32 49.48 34.52
N SER PA 33 -82.12 49.59 33.45
CA SER PA 33 -82.76 50.85 33.12
C SER PA 33 -83.98 51.05 34.01
N VAL PA 34 -84.01 52.16 34.73
CA VAL PA 34 -85.05 52.44 35.72
C VAL PA 34 -85.77 53.72 35.32
N ALA PA 35 -87.10 53.69 35.37
CA ALA PA 35 -87.94 54.86 35.18
C ALA PA 35 -88.85 55.00 36.39
N LYS PA 36 -89.02 56.22 36.87
CA LYS PA 36 -89.75 56.46 38.11
C LYS PA 36 -90.87 57.46 37.91
N TRP PA 37 -92.03 57.14 38.47
CA TRP PA 37 -93.15 58.05 38.61
C TRP PA 37 -93.53 58.16 40.08
N ARG PA 38 -94.25 59.23 40.42
CA ARG PA 38 -94.60 59.48 41.80
C ARG PA 38 -95.81 60.41 41.84
N GLU PA 39 -96.70 60.19 42.79
CA GLU PA 39 -97.76 61.15 43.05
C GLU PA 39 -97.19 62.29 43.88
N ASN PA 40 -97.80 63.48 43.76
CA ASN PA 40 -97.30 64.66 44.48
C ASN PA 40 -98.41 65.21 45.38
N LEU PA 41 -98.81 64.43 46.38
CA LEU PA 41 -99.80 64.85 47.36
C LEU PA 41 -99.11 65.62 48.48
N ALA PA 42 -99.72 66.74 48.88
CA ALA PA 42 -99.34 67.47 50.08
C ALA PA 42 -99.83 66.78 51.37
N THR PA 43 -100.69 65.76 51.24
CA THR PA 43 -101.18 65.06 52.42
C THR PA 43 -100.08 64.29 53.14
N VAL PA 44 -99.08 63.81 52.42
CA VAL PA 44 -98.08 62.89 52.98
C VAL PA 44 -96.69 63.44 52.67
N PRO PA 45 -95.66 62.96 53.38
CA PRO PA 45 -94.29 63.35 53.03
C PRO PA 45 -93.96 63.01 51.58
N LEU PA 46 -92.96 63.71 51.07
CA LEU PA 46 -92.60 63.54 49.65
C LEU PA 46 -92.17 62.11 49.35
N TYR PA 47 -91.36 61.51 50.22
CA TYR PA 47 -90.91 60.14 50.01
C TYR PA 47 -92.01 59.11 50.21
N ALA PA 48 -93.16 59.48 50.76
CA ALA PA 48 -94.19 58.53 51.16
C ALA PA 48 -95.37 58.51 50.20
N ASN PA 49 -95.18 58.97 48.97
CA ASN PA 49 -96.24 59.01 47.98
C ASN PA 49 -96.35 57.69 47.24
N VAL PA 50 -97.55 57.43 46.68
CA VAL PA 50 -97.73 56.30 45.77
C VAL PA 50 -96.78 56.47 44.60
N ARG PA 51 -96.08 55.39 44.23
CA ARG PA 51 -95.08 55.49 43.18
C ARG PA 51 -95.12 54.26 42.28
N VAL PA 52 -94.62 54.44 41.06
CA VAL PA 52 -94.49 53.37 40.08
C VAL PA 52 -93.08 53.42 39.52
N THR PA 53 -92.48 52.25 39.36
CA THR PA 53 -91.11 52.13 38.86
C THR PA 53 -91.02 50.99 37.86
N THR PA 54 -90.23 51.18 36.81
CA THR PA 54 -89.97 50.12 35.82
C THR PA 54 -88.49 49.81 35.78
N MET PA 55 -88.15 48.54 35.92
CA MET PA 55 -86.78 48.07 35.75
C MET PA 55 -86.69 47.18 34.52
N GLN PA 56 -85.56 47.24 33.83
CA GLN PA 56 -85.29 46.42 32.66
C GLN PA 56 -83.81 46.07 32.65
N LYS PA 57 -83.50 44.77 32.79
CA LYS PA 57 -82.12 44.31 32.90
C LYS PA 57 -81.96 43.01 32.14
N LYS PA 58 -80.84 42.89 31.42
CA LYS PA 58 -80.43 41.62 30.85
C LYS PA 58 -79.60 40.87 31.89
N LEU PA 59 -80.07 39.68 32.27
CA LEU PA 59 -79.40 38.91 33.31
C LEU PA 59 -78.16 38.22 32.76
N LYS PA 60 -77.38 37.63 33.66
CA LYS PA 60 -76.17 36.91 33.26
C LYS PA 60 -76.51 35.78 32.30
N SER PA 61 -77.63 35.08 32.54
CA SER PA 61 -78.04 33.98 31.69
C SER PA 61 -78.42 34.42 30.28
N GLY PA 62 -78.57 35.73 30.04
CA GLY PA 62 -79.06 36.23 28.78
C GLY PA 62 -80.56 36.48 28.75
N ILE PA 63 -81.27 36.03 29.78
CA ILE PA 63 -82.71 36.27 29.87
C ILE PA 63 -82.97 37.73 30.24
N GLU PA 64 -83.84 38.39 29.50
CA GLU PA 64 -84.22 39.76 29.84
C GLU PA 64 -85.31 39.73 30.90
N ARG PA 65 -85.15 40.57 31.92
CA ARG PA 65 -86.10 40.68 33.02
C ARG PA 65 -86.70 42.09 33.04
N VAL PA 66 -88.01 42.18 33.11
CA VAL PA 66 -88.71 43.45 33.18
C VAL PA 66 -89.60 43.45 34.42
N GLU PA 67 -89.75 44.62 35.03
CA GLU PA 67 -90.59 44.77 36.21
C GLU PA 67 -91.33 46.10 36.17
N ILE PA 68 -92.58 46.08 36.60
CA ILE PA 68 -93.35 47.28 36.89
C ILE PA 68 -93.77 47.17 38.34
N ARG PA 69 -93.18 47.99 39.21
CA ARG PA 69 -93.37 47.90 40.64
C ARG PA 69 -94.22 49.06 41.14
N VAL PA 70 -95.37 48.75 41.73
CA VAL PA 70 -96.26 49.72 42.35
C VAL PA 70 -96.11 49.64 43.86
N GLU PA 71 -95.81 50.77 44.49
CA GLU PA 71 -95.62 50.83 45.94
C GLU PA 71 -96.58 51.87 46.52
N VAL PA 72 -97.32 51.45 47.54
CA VAL PA 72 -98.29 52.31 48.21
C VAL PA 72 -97.93 52.38 49.69
N PRO PA 73 -97.27 53.47 50.12
CA PRO PA 73 -97.01 53.63 51.55
C PRO PA 73 -98.28 53.96 52.32
N VAL PA 74 -98.37 53.41 53.53
CA VAL PA 74 -99.48 53.67 54.44
C VAL PA 74 -98.89 54.30 55.71
N MET PA 75 -99.45 55.43 56.11
CA MET PA 75 -98.88 56.20 57.20
C MET PA 75 -99.42 55.73 58.55
N GLU PA 76 -98.60 55.90 59.58
CA GLU PA 76 -99.09 55.76 60.95
C GLU PA 76 -100.07 56.89 61.27
N ALA PA 77 -100.91 56.65 62.27
CA ALA PA 77 -101.87 57.65 62.72
C ALA PA 77 -101.26 58.43 63.87
N VAL PA 78 -101.02 59.72 63.64
CA VAL PA 78 -100.49 60.59 64.69
C VAL PA 78 -101.62 60.93 65.65
N SER PA 79 -101.42 60.64 66.93
CA SER PA 79 -102.42 60.92 67.96
C SER PA 79 -101.72 61.44 69.20
N GLY PA 80 -102.31 62.46 69.82
CA GLY PA 80 -101.79 62.98 71.08
C GLY PA 80 -100.36 63.46 70.96
N GLN PA 81 -99.52 63.07 71.92
CA GLN PA 81 -98.13 63.47 71.97
C GLN PA 81 -97.27 62.31 72.43
N ASN PA 82 -95.98 62.39 72.10
CA ASN PA 82 -95.03 61.37 72.51
C ASN PA 82 -94.51 61.65 73.91
N ALA PA 83 -93.58 60.80 74.36
CA ALA PA 83 -93.06 60.92 75.71
C ALA PA 83 -92.25 62.20 75.93
N PHE PA 84 -91.89 62.91 74.88
CA PHE PA 84 -91.15 64.15 75.01
C PHE PA 84 -92.05 65.38 75.07
N GLY PA 85 -93.35 65.22 74.86
CA GLY PA 85 -94.27 66.34 74.93
C GLY PA 85 -94.54 67.03 73.61
N TYR PA 86 -94.19 66.40 72.49
CA TYR PA 86 -94.39 66.99 71.17
C TYR PA 86 -95.30 66.10 70.33
N THR PA 87 -95.96 66.71 69.35
CA THR PA 87 -96.68 65.95 68.33
C THR PA 87 -95.68 65.16 67.50
N ALA PA 88 -95.98 63.89 67.26
CA ALA PA 88 -95.06 63.03 66.54
C ALA PA 88 -94.96 63.42 65.07
N ALA PA 89 -93.78 63.16 64.48
CA ALA PA 89 -93.56 63.39 63.07
C ALA PA 89 -94.24 62.30 62.25
N PRO PA 90 -94.57 62.59 60.99
CA PRO PA 90 -95.12 61.53 60.12
C PRO PA 90 -94.16 60.36 60.04
N LYS PA 91 -94.74 59.15 60.05
CA LYS PA 91 -93.96 57.93 59.95
C LYS PA 91 -94.72 56.92 59.11
N VAL PA 92 -94.01 56.24 58.22
CA VAL PA 92 -94.60 55.23 57.36
C VAL PA 92 -94.80 53.96 58.17
N ALA PA 93 -96.04 53.47 58.23
CA ALA PA 93 -96.32 52.23 58.94
C ALA PA 93 -95.80 51.03 58.16
N PHE PA 94 -96.16 50.93 56.88
CA PHE PA 94 -95.69 49.87 56.01
C PHE PA 94 -95.92 50.31 54.57
N THR PA 95 -95.26 49.62 53.65
CA THR PA 95 -95.41 49.90 52.22
C THR PA 95 -95.84 48.62 51.51
N ASP PA 96 -97.05 48.64 50.94
CA ASP PA 96 -97.49 47.52 50.13
C ASP PA 96 -96.87 47.63 48.75
N SER PA 97 -96.49 46.48 48.20
CA SER PA 97 -95.81 46.40 46.91
C SER PA 97 -96.47 45.34 46.05
N GLY PA 98 -96.92 45.74 44.86
CA GLY PA 98 -97.42 44.81 43.87
C GLY PA 98 -96.78 45.11 42.54
N SER PA 99 -96.21 44.10 41.89
CA SER PA 99 -95.40 44.30 40.69
C SER PA 99 -95.72 43.21 39.66
N PHE PA 100 -95.53 43.58 38.40
CA PHE PA 100 -95.44 42.61 37.30
C PHE PA 100 -93.98 42.31 37.07
N VAL PA 101 -93.65 41.03 36.88
CA VAL PA 101 -92.28 40.61 36.62
C VAL PA 101 -92.29 39.67 35.43
N GLY PA 102 -91.57 40.03 34.38
CA GLY PA 102 -91.47 39.22 33.19
C GLY PA 102 -90.06 38.70 32.98
N TYR PA 103 -89.95 37.44 32.59
CA TYR PA 103 -88.69 36.83 32.19
C TYR PA 103 -88.85 36.31 30.78
N PHE PA 104 -88.04 36.81 29.86
CA PHE PA 104 -88.18 36.49 28.45
C PHE PA 104 -86.83 36.12 27.84
N SER PA 105 -86.84 35.12 26.97
CA SER PA 105 -85.65 34.78 26.19
C SER PA 105 -85.39 35.85 25.14
N GLU PA 106 -84.13 35.91 24.67
CA GLU PA 106 -83.80 36.79 23.57
C GLU PA 106 -84.64 36.48 22.33
N ARG PA 107 -85.00 35.21 22.14
CA ARG PA 107 -85.76 34.80 20.97
C ARG PA 107 -87.23 35.20 21.03
N SER PA 108 -87.76 35.51 22.21
CA SER PA 108 -89.16 35.89 22.32
C SER PA 108 -89.42 37.20 21.59
N ALA PA 109 -90.56 37.26 20.93
CA ALA PA 109 -90.92 38.40 20.09
C ALA PA 109 -91.94 39.28 20.79
N GLN PA 110 -92.19 40.44 20.19
CA GLN PA 110 -93.20 41.35 20.72
C GLN PA 110 -94.53 40.63 20.89
N SER PA 111 -94.91 39.81 19.90
CA SER PA 111 -96.17 39.08 19.99
C SER PA 111 -96.16 38.06 21.12
N ASN PA 112 -95.02 37.38 21.32
CA ASN PA 112 -94.91 36.39 22.39
C ASN PA 112 -95.08 37.03 23.76
N ARG PA 113 -94.36 38.13 24.00
CA ARG PA 113 -94.41 38.79 25.30
C ARG PA 113 -95.77 39.40 25.56
N ARG PA 114 -96.36 40.02 24.53
CA ARG PA 114 -97.70 40.59 24.68
C ARG PA 114 -98.72 39.49 25.00
N LEU PA 115 -98.54 38.30 24.42
CA LEU PA 115 -99.49 37.22 24.62
C LEU PA 115 -99.53 36.79 26.08
N VAL PA 116 -98.36 36.63 26.70
CA VAL PA 116 -98.30 36.25 28.11
C VAL PA 116 -98.83 37.37 28.98
N LYS PA 117 -98.47 38.61 28.66
CA LYS PA 117 -98.91 39.75 29.47
C LYS PA 117 -100.40 39.72 29.72
N GLN PA 118 -101.20 39.59 28.65
CA GLN PA 118 -102.64 39.74 28.80
C GLN PA 118 -103.27 38.59 29.56
N ILE PA 119 -102.67 37.39 29.51
CA ILE PA 119 -103.15 36.29 30.35
C ILE PA 119 -103.13 36.71 31.81
N LEU PA 120 -102.01 37.26 32.26
CA LEU PA 120 -101.90 37.70 33.64
C LEU PA 120 -102.89 38.82 33.95
N THR PA 121 -102.95 39.83 33.07
CA THR PA 121 -103.86 40.95 33.31
C THR PA 121 -105.30 40.47 33.45
N ASN PA 122 -105.72 39.54 32.57
CA ASN PA 122 -107.08 39.04 32.67
C ASN PA 122 -107.29 38.23 33.95
N LEU PA 123 -106.31 37.41 34.32
CA LEU PA 123 -106.39 36.69 35.57
C LEU PA 123 -106.55 37.64 36.76
N LEU PA 124 -105.77 38.72 36.77
CA LEU PA 124 -105.84 39.68 37.88
C LEU PA 124 -107.17 40.40 37.91
N GLY PA 125 -107.81 40.57 36.75
CA GLY PA 125 -109.08 41.23 36.68
C GLY PA 125 -110.29 40.32 36.73
N ASN PA 126 -110.06 39.02 36.94
CA ASN PA 126 -111.14 38.03 36.99
C ASN PA 126 -111.95 38.03 35.69
N VAL PA 127 -111.26 38.19 34.57
CA VAL PA 127 -111.89 38.32 33.27
C VAL PA 127 -111.70 37.02 32.51
N SER PA 128 -112.80 36.35 32.21
CA SER PA 128 -112.77 35.11 31.45
C SER PA 128 -113.16 35.32 29.99
N THR PA 129 -113.44 36.56 29.57
CA THR PA 129 -113.82 36.85 28.20
C THR PA 129 -112.62 37.39 27.43
N SER PA 130 -112.86 37.73 26.16
CA SER PA 130 -111.81 38.19 25.27
C SER PA 130 -111.54 39.68 25.47
N VAL PA 131 -110.27 40.03 25.66
CA VAL PA 131 -109.84 41.40 25.86
C VAL PA 131 -108.62 41.65 24.98
N ALA PA 132 -108.64 42.76 24.24
CA ALA PA 132 -107.54 43.09 23.36
C ALA PA 132 -106.34 43.57 24.17
N ALA PA 133 -105.18 43.03 23.86
CA ALA PA 133 -103.97 43.40 24.58
C ALA PA 133 -103.50 44.78 24.13
N PRO PA 134 -103.22 45.69 25.06
CA PRO PA 134 -102.78 47.02 24.66
C PRO PA 134 -101.47 46.97 23.89
N THR PA 135 -101.37 47.77 22.83
CA THR PA 135 -100.15 47.90 22.05
C THR PA 135 -99.49 49.26 22.23
N THR PA 136 -100.02 50.10 23.10
CA THR PA 136 -99.44 51.40 23.43
C THR PA 136 -99.44 51.58 24.94
N GLY PA 137 -98.78 52.62 25.40
CA GLY PA 137 -98.64 52.87 26.82
C GLY PA 137 -97.29 52.38 27.35
N PHE PA 138 -96.91 52.92 28.50
CA PHE PA 138 -95.59 52.62 29.03
C PHE PA 138 -95.46 51.15 29.43
N ALA PA 139 -96.54 50.55 29.92
CA ALA PA 139 -96.48 49.14 30.30
C ALA PA 139 -96.28 48.27 29.08
N SER PA 140 -97.04 48.52 28.00
CA SER PA 140 -96.86 47.75 26.78
C SER PA 140 -95.47 47.95 26.19
N GLU PA 141 -94.96 49.18 26.22
CA GLU PA 141 -93.63 49.42 25.67
C GLU PA 141 -92.57 48.66 26.44
N LEU PA 142 -92.73 48.53 27.76
CA LEU PA 142 -91.75 47.82 28.57
C LEU PA 142 -91.88 46.31 28.42
N ILE PA 143 -93.08 45.77 28.60
CA ILE PA 143 -93.26 44.33 28.62
C ILE PA 143 -93.20 43.75 27.21
N ASP PA 144 -93.94 44.35 26.28
CA ASP PA 144 -93.98 43.79 24.93
C ASP PA 144 -92.67 44.03 24.19
N SER PA 145 -92.11 45.23 24.29
CA SER PA 145 -91.03 45.65 23.40
C SER PA 145 -89.71 45.95 24.09
N GLY PA 146 -89.63 45.84 25.41
CA GLY PA 146 -88.39 46.08 26.11
C GLY PA 146 -87.95 47.54 26.12
N ILE PA 147 -88.90 48.47 26.07
CA ILE PA 147 -88.62 49.89 25.99
C ILE PA 147 -88.79 50.52 27.35
N THR PA 148 -87.83 51.37 27.74
CA THR PA 148 -87.92 52.19 28.94
C THR PA 148 -88.22 53.62 28.56
N ALA PA 149 -88.94 54.32 29.43
CA ALA PA 149 -89.34 55.69 29.15
C ALA PA 149 -88.11 56.62 29.09
N SER PA 150 -88.34 57.84 28.63
CA SER PA 150 -87.26 58.82 28.49
C SER PA 150 -87.73 60.26 28.75
N SER QA 1 -60.78 -34.32 -18.08
CA SER QA 1 -59.74 -33.84 -17.20
C SER QA 1 -60.28 -33.35 -15.84
N SER QA 2 -61.59 -33.43 -15.65
CA SER QA 2 -62.18 -33.24 -14.34
C SER QA 2 -62.57 -34.58 -13.74
N GLN QA 3 -62.81 -34.60 -12.44
CA GLN QA 3 -63.01 -35.85 -11.73
C GLN QA 3 -64.31 -36.53 -12.15
N ALA QA 4 -64.25 -37.85 -12.33
CA ALA QA 4 -65.42 -38.65 -12.65
C ALA QA 4 -65.26 -40.02 -12.00
N ASN QA 5 -66.34 -40.80 -12.06
CA ASN QA 5 -66.31 -42.14 -11.48
C ASN QA 5 -65.27 -43.01 -12.17
N ILE QA 6 -64.73 -43.97 -11.42
CA ILE QA 6 -63.76 -44.93 -11.93
C ILE QA 6 -64.30 -46.33 -11.64
N THR QA 7 -64.38 -47.16 -12.67
CA THR QA 7 -64.79 -48.55 -12.54
C THR QA 7 -63.59 -49.44 -12.84
N VAL QA 8 -63.17 -50.24 -11.86
CA VAL QA 8 -61.99 -51.09 -11.96
C VAL QA 8 -62.27 -52.43 -11.32
N PHE QA 9 -61.85 -53.51 -11.99
CA PHE QA 9 -61.86 -54.84 -11.40
C PHE QA 9 -60.55 -55.08 -10.66
N ASP QA 10 -60.64 -55.78 -9.53
CA ASP QA 10 -59.44 -56.05 -8.73
C ASP QA 10 -58.79 -57.35 -9.20
N GLY QA 11 -57.86 -57.86 -8.40
CA GLY QA 11 -57.11 -59.05 -8.77
C GLY QA 11 -57.43 -60.25 -7.91
N ALA QA 12 -58.66 -60.35 -7.42
CA ALA QA 12 -59.09 -61.54 -6.71
C ALA QA 12 -59.11 -62.73 -7.67
N ALA QA 13 -59.19 -63.93 -7.10
CA ALA QA 13 -59.25 -65.14 -7.92
C ALA QA 13 -60.40 -65.07 -8.91
N THR QA 14 -61.58 -64.69 -8.43
CA THR QA 14 -62.66 -64.21 -9.29
C THR QA 14 -62.73 -62.70 -9.13
N PRO QA 15 -62.24 -61.92 -10.09
CA PRO QA 15 -62.12 -60.47 -9.88
C PRO QA 15 -63.45 -59.78 -9.67
N VAL QA 16 -63.43 -58.75 -8.81
CA VAL QA 16 -64.60 -58.02 -8.36
C VAL QA 16 -64.51 -56.58 -8.84
N SER QA 17 -65.60 -56.05 -9.38
CA SER QA 17 -65.62 -54.66 -9.82
C SER QA 17 -65.79 -53.71 -8.64
N HIS QA 18 -65.13 -52.56 -8.73
CA HIS QA 18 -65.24 -51.50 -7.73
C HIS QA 18 -65.54 -50.20 -8.44
N VAL QA 19 -66.46 -49.42 -7.88
CA VAL QA 19 -66.77 -48.10 -8.40
C VAL QA 19 -66.23 -47.07 -7.41
N LEU QA 20 -65.24 -46.30 -7.85
CA LEU QA 20 -64.61 -45.28 -7.03
C LEU QA 20 -65.21 -43.92 -7.41
N VAL QA 21 -65.82 -43.26 -6.42
CA VAL QA 21 -66.47 -41.97 -6.61
C VAL QA 21 -65.45 -40.88 -6.33
N PRO QA 22 -65.51 -39.73 -7.01
CA PRO QA 22 -64.60 -38.63 -6.65
C PRO QA 22 -64.81 -38.20 -5.22
N LEU QA 23 -63.71 -37.92 -4.53
CA LEU QA 23 -63.72 -37.58 -3.12
C LEU QA 23 -63.26 -36.17 -2.82
N GLY QA 24 -62.41 -35.59 -3.66
CA GLY QA 24 -61.99 -34.22 -3.48
C GLY QA 24 -60.67 -33.95 -4.17
N VAL QA 25 -60.34 -32.67 -4.26
CA VAL QA 25 -59.07 -32.21 -4.80
C VAL QA 25 -58.51 -31.18 -3.83
N GLY QA 26 -57.18 -31.13 -3.74
CA GLY QA 26 -56.54 -30.17 -2.87
C GLY QA 26 -55.08 -29.99 -3.20
N ILE QA 27 -54.44 -29.07 -2.47
CA ILE QA 27 -53.00 -28.87 -2.51
C ILE QA 27 -52.44 -29.19 -1.14
N ASP QA 28 -51.33 -29.91 -1.11
CA ASP QA 28 -50.66 -30.30 0.13
C ASP QA 28 -49.28 -29.69 0.17
N GLU QA 29 -48.86 -29.33 1.39
CA GLU QA 29 -47.53 -28.76 1.58
C GLU QA 29 -46.44 -29.72 1.11
N ASN QA 30 -46.55 -31.00 1.48
CA ASN QA 30 -45.51 -32.00 1.23
C ASN QA 30 -45.83 -32.94 0.07
N LEU QA 31 -47.09 -33.03 -0.35
CA LEU QA 31 -47.49 -33.99 -1.38
C LEU QA 31 -47.69 -33.37 -2.75
N GLY QA 32 -48.10 -32.10 -2.81
CA GLY QA 32 -48.33 -31.44 -4.10
C GLY QA 32 -49.79 -31.42 -4.47
N SER QA 33 -50.09 -31.48 -5.77
CA SER QA 33 -51.48 -31.54 -6.22
C SER QA 33 -52.04 -32.94 -5.98
N VAL QA 34 -53.12 -33.02 -5.22
CA VAL QA 34 -53.71 -34.28 -4.80
C VAL QA 34 -55.14 -34.37 -5.33
N ALA QA 35 -55.51 -35.54 -5.83
CA ALA QA 35 -56.88 -35.88 -6.19
C ALA QA 35 -57.22 -37.23 -5.58
N LYS QA 36 -58.44 -37.34 -5.03
CA LYS QA 36 -58.84 -38.50 -4.26
C LYS QA 36 -60.12 -39.12 -4.81
N TRP QA 37 -60.14 -40.44 -4.89
CA TRP QA 37 -61.33 -41.23 -5.19
C TRP QA 37 -61.53 -42.24 -4.07
N ARG QA 38 -62.71 -42.84 -4.04
CA ARG QA 38 -63.06 -43.76 -2.95
C ARG QA 38 -64.32 -44.52 -3.31
N GLU QA 39 -64.35 -45.78 -2.93
CA GLU QA 39 -65.55 -46.59 -3.04
C GLU QA 39 -66.59 -46.16 -2.00
N ASN QA 40 -67.83 -46.58 -2.22
CA ASN QA 40 -68.93 -46.20 -1.32
C ASN QA 40 -69.71 -47.41 -0.86
N LEU QA 41 -69.00 -48.51 -0.56
CA LEU QA 41 -69.70 -49.72 -0.15
C LEU QA 41 -70.37 -49.51 1.19
N ALA QA 42 -71.58 -50.06 1.34
CA ALA QA 42 -72.25 -50.14 2.62
C ALA QA 42 -71.67 -51.20 3.53
N THR QA 43 -70.68 -51.98 3.06
CA THR QA 43 -70.21 -53.12 3.84
C THR QA 43 -69.28 -52.66 4.98
N VAL QA 44 -68.51 -51.61 4.73
CA VAL QA 44 -67.49 -51.12 5.64
C VAL QA 44 -67.84 -49.67 5.96
N PRO QA 45 -67.25 -49.10 7.02
CA PRO QA 45 -67.42 -47.67 7.27
C PRO QA 45 -66.71 -46.86 6.20
N LEU QA 46 -66.96 -45.55 6.22
CA LEU QA 46 -66.48 -44.69 5.14
C LEU QA 46 -64.96 -44.73 5.01
N TYR QA 47 -64.24 -44.65 6.12
CA TYR QA 47 -62.79 -44.60 6.06
C TYR QA 47 -62.17 -45.90 5.56
N ALA QA 48 -62.89 -47.02 5.61
CA ALA QA 48 -62.33 -48.32 5.29
C ALA QA 48 -62.54 -48.74 3.83
N ASN QA 49 -63.00 -47.84 2.98
CA ASN QA 49 -63.26 -48.18 1.58
C ASN QA 49 -61.96 -48.18 0.77
N VAL QA 50 -61.97 -48.97 -0.31
CA VAL QA 50 -60.89 -48.93 -1.28
C VAL QA 50 -60.77 -47.52 -1.84
N ARG QA 51 -59.54 -47.00 -1.89
CA ARG QA 51 -59.32 -45.63 -2.31
C ARG QA 51 -58.21 -45.56 -3.35
N VAL QA 52 -58.30 -44.52 -4.18
CA VAL QA 52 -57.28 -44.21 -5.18
C VAL QA 52 -56.94 -42.74 -5.04
N THR QA 53 -55.64 -42.42 -5.11
CA THR QA 53 -55.15 -41.07 -4.92
C THR QA 53 -54.02 -40.79 -5.89
N THR QA 54 -54.01 -39.61 -6.49
CA THR QA 54 -52.92 -39.15 -7.34
C THR QA 54 -52.19 -37.98 -6.69
N MET QA 55 -50.88 -37.96 -6.86
CA MET QA 55 -50.03 -36.89 -6.36
C MET QA 55 -49.14 -36.38 -7.48
N GLN QA 56 -48.99 -35.06 -7.57
CA GLN QA 56 -48.12 -34.41 -8.53
C GLN QA 56 -47.33 -33.34 -7.79
N LYS QA 57 -46.01 -33.52 -7.70
CA LYS QA 57 -45.15 -32.65 -6.91
C LYS QA 57 -43.92 -32.30 -7.73
N LYS QA 58 -43.66 -31.00 -7.87
CA LYS QA 58 -42.46 -30.54 -8.54
C LYS QA 58 -41.28 -30.60 -7.57
N LEU QA 59 -40.18 -31.23 -8.00
CA LEU QA 59 -38.98 -31.31 -7.20
C LEU QA 59 -37.93 -30.35 -7.73
N LYS QA 60 -36.75 -30.41 -7.11
CA LYS QA 60 -35.64 -29.59 -7.56
C LYS QA 60 -35.03 -30.17 -8.83
N SER QA 61 -34.32 -29.32 -9.55
CA SER QA 61 -33.65 -29.68 -10.80
C SER QA 61 -34.65 -30.09 -11.88
N GLY QA 62 -35.84 -29.49 -11.86
CA GLY QA 62 -36.79 -29.67 -12.95
C GLY QA 62 -37.26 -31.09 -13.15
N ILE QA 63 -37.54 -31.78 -12.06
CA ILE QA 63 -38.07 -33.15 -12.09
C ILE QA 63 -39.37 -33.15 -11.31
N GLU QA 64 -40.41 -33.74 -11.89
CA GLU QA 64 -41.68 -33.86 -11.19
C GLU QA 64 -41.90 -35.32 -10.82
N ARG QA 65 -42.47 -35.52 -9.63
CA ARG QA 65 -42.81 -36.86 -9.15
C ARG QA 65 -44.31 -37.03 -9.28
N VAL QA 66 -44.72 -38.17 -9.82
CA VAL QA 66 -46.12 -38.45 -10.12
C VAL QA 66 -46.46 -39.80 -9.51
N GLU QA 67 -47.57 -39.87 -8.77
CA GLU QA 67 -47.97 -41.12 -8.13
C GLU QA 67 -49.46 -41.36 -8.31
N ILE QA 68 -49.81 -42.62 -8.57
CA ILE QA 68 -51.17 -43.12 -8.48
C ILE QA 68 -51.16 -44.20 -7.41
N ARG QA 69 -51.73 -43.91 -6.24
CA ARG QA 69 -51.67 -44.80 -5.09
C ARG QA 69 -53.01 -45.50 -4.87
N VAL QA 70 -53.01 -46.83 -4.96
CA VAL QA 70 -54.17 -47.64 -4.68
C VAL QA 70 -53.99 -48.28 -3.31
N GLU QA 71 -54.92 -47.99 -2.40
CA GLU QA 71 -54.88 -48.55 -1.05
C GLU QA 71 -56.14 -49.37 -0.81
N VAL QA 72 -55.96 -50.63 -0.43
CA VAL QA 72 -57.07 -51.53 -0.14
C VAL QA 72 -57.05 -51.90 1.34
N PRO QA 73 -57.93 -51.35 2.16
CA PRO QA 73 -58.01 -51.79 3.56
C PRO QA 73 -58.67 -53.16 3.64
N VAL QA 74 -57.98 -54.10 4.29
CA VAL QA 74 -58.48 -55.44 4.53
C VAL QA 74 -59.01 -55.49 5.95
N MET QA 75 -60.28 -55.84 6.12
CA MET QA 75 -60.92 -55.75 7.41
C MET QA 75 -60.69 -57.01 8.23
N GLU QA 76 -60.66 -56.84 9.55
CA GLU QA 76 -60.73 -58.00 10.44
C GLU QA 76 -62.07 -58.68 10.30
N ALA QA 77 -62.08 -59.99 10.52
CA ALA QA 77 -63.31 -60.77 10.43
C ALA QA 77 -64.01 -60.72 11.78
N VAL QA 78 -65.18 -60.10 11.81
CA VAL QA 78 -65.98 -60.05 13.03
C VAL QA 78 -66.63 -61.41 13.24
N SER QA 79 -66.34 -62.03 14.39
CA SER QA 79 -66.89 -63.33 14.74
C SER QA 79 -67.26 -63.31 16.21
N GLY QA 80 -68.45 -63.81 16.53
CA GLY QA 80 -68.92 -63.85 17.91
C GLY QA 80 -68.91 -62.47 18.57
N GLN QA 81 -68.80 -62.50 19.88
CA GLN QA 81 -68.82 -61.30 20.71
C GLN QA 81 -67.46 -61.08 21.35
N ASN QA 82 -67.21 -59.84 21.75
CA ASN QA 82 -65.99 -59.50 22.46
C ASN QA 82 -66.17 -59.77 23.96
N ALA QA 83 -65.14 -59.43 24.73
CA ALA QA 83 -65.17 -59.70 26.17
C ALA QA 83 -66.23 -58.90 26.91
N PHE QA 84 -66.87 -57.94 26.24
CA PHE QA 84 -67.92 -57.13 26.87
C PHE QA 84 -69.32 -57.60 26.53
N GLY QA 85 -69.46 -58.60 25.66
CA GLY QA 85 -70.76 -59.11 25.29
C GLY QA 85 -71.41 -58.45 24.11
N TYR QA 86 -70.67 -57.64 23.36
CA TYR QA 86 -71.18 -56.97 22.17
C TYR QA 86 -70.49 -57.49 20.92
N THR QA 87 -71.17 -57.38 19.79
CA THR QA 87 -70.54 -57.65 18.50
C THR QA 87 -69.47 -56.59 18.23
N ALA QA 88 -68.30 -57.04 17.80
CA ALA QA 88 -67.17 -56.12 17.63
C ALA QA 88 -67.44 -55.10 16.54
N ALA QA 89 -66.91 -53.89 16.74
CA ALA QA 89 -66.98 -52.88 15.71
C ALA QA 89 -66.03 -53.24 14.57
N PRO QA 90 -66.34 -52.83 13.34
CA PRO QA 90 -65.42 -53.09 12.23
C PRO QA 90 -64.06 -52.44 12.48
N LYS QA 91 -63.00 -53.19 12.17
CA LYS QA 91 -61.64 -52.73 12.39
C LYS QA 91 -60.77 -53.14 11.22
N VAL QA 92 -59.91 -52.22 10.79
CA VAL QA 92 -58.99 -52.50 9.68
C VAL QA 92 -57.87 -53.39 10.18
N ALA QA 93 -57.67 -54.53 9.52
CA ALA QA 93 -56.59 -55.44 9.91
C ALA QA 93 -55.25 -54.94 9.39
N PHE QA 94 -55.19 -54.63 8.10
CA PHE QA 94 -54.01 -54.04 7.48
C PHE QA 94 -54.46 -53.39 6.18
N THR QA 95 -53.60 -52.51 5.67
CA THR QA 95 -53.89 -51.82 4.42
C THR QA 95 -52.78 -52.12 3.42
N ASP QA 96 -53.15 -52.71 2.29
CA ASP QA 96 -52.21 -52.97 1.21
C ASP QA 96 -52.15 -51.77 0.28
N SER QA 97 -50.94 -51.44 -0.16
CA SER QA 97 -50.70 -50.25 -0.97
C SER QA 97 -49.91 -50.63 -2.21
N GLY QA 98 -50.49 -50.45 -3.38
CA GLY QA 98 -49.78 -50.58 -4.63
C GLY QA 98 -49.91 -49.32 -5.45
N SER QA 99 -48.80 -48.78 -5.94
CA SER QA 99 -48.85 -47.48 -6.59
C SER QA 99 -47.94 -47.44 -7.80
N PHE QA 100 -48.29 -46.58 -8.75
CA PHE QA 100 -47.37 -46.16 -9.80
C PHE QA 100 -46.63 -44.92 -9.32
N VAL QA 101 -45.31 -44.90 -9.52
CA VAL QA 101 -44.50 -43.75 -9.15
C VAL QA 101 -43.62 -43.39 -10.35
N GLY QA 102 -43.82 -42.19 -10.89
CA GLY QA 102 -43.05 -41.71 -12.02
C GLY QA 102 -42.21 -40.51 -11.64
N TYR QA 103 -40.96 -40.51 -12.12
CA TYR QA 103 -40.09 -39.34 -12.02
C TYR QA 103 -39.74 -38.93 -13.45
N PHE QA 104 -40.20 -37.75 -13.85
CA PHE QA 104 -40.03 -37.28 -15.22
C PHE QA 104 -39.38 -35.92 -15.23
N SER QA 105 -38.43 -35.73 -16.14
CA SER QA 105 -37.84 -34.41 -16.36
C SER QA 105 -38.84 -33.49 -17.04
N GLU QA 106 -38.70 -32.20 -16.78
CA GLU QA 106 -39.52 -31.21 -17.49
C GLU QA 106 -39.28 -31.27 -19.00
N ARG QA 107 -38.16 -31.84 -19.44
CA ARG QA 107 -37.82 -31.95 -20.85
C ARG QA 107 -38.50 -33.11 -21.56
N SER QA 108 -39.05 -34.08 -20.83
CA SER QA 108 -39.70 -35.21 -21.49
C SER QA 108 -41.04 -34.77 -22.07
N ALA QA 109 -41.38 -35.38 -23.20
CA ALA QA 109 -42.61 -35.08 -23.92
C ALA QA 109 -43.68 -36.10 -23.57
N GLN QA 110 -44.91 -35.79 -23.98
CA GLN QA 110 -46.02 -36.73 -23.79
C GLN QA 110 -45.67 -38.11 -24.32
N SER QA 111 -45.03 -38.16 -25.49
CA SER QA 111 -44.68 -39.44 -26.10
C SER QA 111 -43.69 -40.22 -25.25
N ASN QA 112 -42.68 -39.54 -24.72
CA ASN QA 112 -41.67 -40.21 -23.90
C ASN QA 112 -42.31 -40.85 -22.67
N ARG QA 113 -43.18 -40.09 -21.98
CA ARG QA 113 -43.78 -40.59 -20.76
C ARG QA 113 -44.76 -41.73 -21.04
N ARG QA 114 -45.58 -41.58 -22.08
CA ARG QA 114 -46.48 -42.65 -22.47
C ARG QA 114 -45.73 -43.93 -22.83
N LEU QA 115 -44.54 -43.79 -23.41
CA LEU QA 115 -43.77 -44.96 -23.81
C LEU QA 115 -43.32 -45.76 -22.60
N VAL QA 116 -42.79 -45.07 -21.58
CA VAL QA 116 -42.35 -45.76 -20.37
C VAL QA 116 -43.54 -46.40 -19.66
N LYS QA 117 -44.66 -45.67 -19.58
CA LYS QA 117 -45.84 -46.15 -18.86
C LYS QA 117 -46.22 -47.56 -19.30
N GLN QA 118 -46.34 -47.78 -20.60
CA GLN QA 118 -46.86 -49.06 -21.08
C GLN QA 118 -45.89 -50.20 -20.84
N ILE QA 119 -44.58 -49.94 -20.83
CA ILE QA 119 -43.62 -50.99 -20.50
C ILE QA 119 -43.95 -51.57 -19.13
N LEU QA 120 -44.05 -50.71 -18.13
CA LEU QA 120 -44.39 -51.17 -16.79
C LEU QA 120 -45.74 -51.89 -16.77
N THR QA 121 -46.74 -51.30 -17.42
CA THR QA 121 -48.06 -51.93 -17.45
C THR QA 121 -48.00 -53.34 -18.03
N ASN QA 122 -47.29 -53.50 -19.14
CA ASN QA 122 -47.18 -54.82 -19.75
C ASN QA 122 -46.41 -55.77 -18.85
N LEU QA 123 -45.38 -55.26 -18.16
CA LEU QA 123 -44.64 -56.09 -17.21
C LEU QA 123 -45.55 -56.60 -16.10
N LEU QA 124 -46.38 -55.71 -15.55
CA LEU QA 124 -47.27 -56.10 -14.47
C LEU QA 124 -48.32 -57.09 -14.93
N GLY QA 125 -48.71 -57.03 -16.20
CA GLY QA 125 -49.69 -57.93 -16.75
C GLY QA 125 -49.13 -59.20 -17.32
N ASN QA 126 -47.82 -59.39 -17.22
CA ASN QA 126 -47.12 -60.56 -17.79
C ASN QA 126 -47.41 -60.70 -19.29
N VAL QA 127 -47.34 -59.57 -19.99
CA VAL QA 127 -47.70 -59.50 -21.40
C VAL QA 127 -46.45 -59.22 -22.21
N SER QA 128 -46.12 -60.13 -23.12
CA SER QA 128 -44.96 -59.99 -23.99
C SER QA 128 -45.33 -59.62 -25.42
N THR QA 129 -46.61 -59.38 -25.70
CA THR QA 129 -47.06 -59.01 -27.03
C THR QA 129 -47.32 -57.51 -27.09
N SER QA 130 -47.74 -57.05 -28.26
CA SER QA 130 -47.98 -55.62 -28.49
C SER QA 130 -49.33 -55.21 -27.92
N VAL QA 131 -49.33 -54.14 -27.13
CA VAL QA 131 -50.53 -53.57 -26.53
C VAL QA 131 -50.49 -52.07 -26.73
N ALA QA 132 -51.60 -51.49 -27.18
CA ALA QA 132 -51.66 -50.06 -27.45
C ALA QA 132 -51.75 -49.27 -26.15
N ALA QA 133 -50.92 -48.25 -26.03
CA ALA QA 133 -50.90 -47.42 -24.82
C ALA QA 133 -52.12 -46.51 -24.80
N PRO QA 134 -52.85 -46.45 -23.70
CA PRO QA 134 -54.02 -45.56 -23.63
C PRO QA 134 -53.62 -44.10 -23.74
N THR QA 135 -54.49 -43.32 -24.39
CA THR QA 135 -54.29 -41.89 -24.52
C THR QA 135 -55.36 -41.07 -23.80
N THR QA 136 -56.28 -41.73 -23.11
CA THR QA 136 -57.31 -41.08 -22.31
C THR QA 136 -57.41 -41.76 -20.95
N GLY QA 137 -58.21 -41.17 -20.07
CA GLY QA 137 -58.33 -41.65 -18.71
C GLY QA 137 -57.46 -40.87 -17.74
N PHE QA 138 -57.83 -40.94 -16.47
CA PHE QA 138 -57.13 -40.14 -15.48
C PHE QA 138 -55.66 -40.56 -15.33
N ALA QA 139 -55.38 -41.85 -15.52
CA ALA QA 139 -54.00 -42.33 -15.44
C ALA QA 139 -53.16 -41.76 -16.58
N SER QA 140 -53.70 -41.79 -17.81
CA SER QA 140 -52.96 -41.22 -18.94
C SER QA 140 -52.78 -39.71 -18.78
N GLU QA 141 -53.83 -39.01 -18.35
CA GLU QA 141 -53.72 -37.57 -18.16
C GLU QA 141 -52.62 -37.24 -17.16
N LEU QA 142 -52.50 -38.04 -16.11
CA LEU QA 142 -51.49 -37.77 -15.09
C LEU QA 142 -50.10 -38.19 -15.54
N ILE QA 143 -49.93 -39.45 -15.96
CA ILE QA 143 -48.61 -39.96 -16.27
C ILE QA 143 -48.10 -39.40 -17.59
N ASP QA 144 -48.92 -39.44 -18.64
CA ASP QA 144 -48.46 -39.01 -19.95
C ASP QA 144 -48.30 -37.50 -20.02
N SER QA 145 -49.22 -36.76 -19.40
CA SER QA 145 -49.35 -35.33 -19.66
C SER QA 145 -49.25 -34.45 -18.42
N GLY QA 146 -48.98 -35.01 -17.25
CA GLY QA 146 -48.85 -34.18 -16.06
C GLY QA 146 -50.10 -33.41 -15.70
N ILE QA 147 -51.27 -34.04 -15.86
CA ILE QA 147 -52.55 -33.41 -15.62
C ILE QA 147 -53.16 -34.02 -14.37
N THR QA 148 -53.50 -33.18 -13.40
CA THR QA 148 -54.29 -33.60 -12.24
C THR QA 148 -55.74 -33.19 -12.44
N ALA QA 149 -56.65 -34.08 -12.02
CA ALA QA 149 -58.07 -33.80 -12.16
C ALA QA 149 -58.45 -32.52 -11.41
N SER QA 150 -59.55 -31.92 -11.85
CA SER QA 150 -60.00 -30.65 -11.27
C SER QA 150 -61.51 -30.43 -11.39
N SER RA 1 -67.14 -21.59 -15.87
CA SER RA 1 -67.03 -22.02 -14.48
C SER RA 1 -65.90 -23.03 -14.30
N SER RA 2 -66.14 -24.28 -14.68
CA SER RA 2 -65.14 -25.33 -14.55
C SER RA 2 -64.23 -25.35 -15.78
N GLN RA 3 -63.07 -25.97 -15.62
CA GLN RA 3 -62.04 -25.93 -16.65
C GLN RA 3 -62.46 -26.71 -17.89
N ALA RA 4 -62.19 -26.12 -19.05
CA ALA RA 4 -62.44 -26.76 -20.33
C ALA RA 4 -61.34 -26.39 -21.30
N ASN RA 5 -61.34 -27.05 -22.46
CA ASN RA 5 -60.33 -26.78 -23.47
C ASN RA 5 -60.48 -25.37 -24.02
N ILE RA 6 -59.37 -24.65 -24.11
CA ILE RA 6 -59.32 -23.33 -24.72
C ILE RA 6 -58.75 -23.47 -26.13
N THR RA 7 -59.41 -22.86 -27.10
CA THR RA 7 -58.93 -22.81 -28.48
C THR RA 7 -58.65 -21.36 -28.84
N VAL RA 8 -57.37 -21.07 -29.13
CA VAL RA 8 -56.91 -19.71 -29.40
C VAL RA 8 -55.99 -19.72 -30.60
N PHE RA 9 -56.08 -18.69 -31.43
CA PHE RA 9 -55.10 -18.45 -32.48
C PHE RA 9 -54.01 -17.53 -31.96
N ASP RA 10 -52.79 -17.74 -32.43
CA ASP RA 10 -51.66 -16.94 -31.98
C ASP RA 10 -51.48 -15.74 -32.90
N GLY RA 11 -50.34 -15.06 -32.78
CA GLY RA 11 -50.09 -13.87 -33.58
C GLY RA 11 -48.97 -14.04 -34.58
N ALA RA 12 -48.79 -15.26 -35.09
CA ALA RA 12 -47.85 -15.49 -36.16
C ALA RA 12 -48.31 -14.76 -37.42
N ALA RA 13 -47.38 -14.59 -38.37
CA ALA RA 13 -47.72 -13.90 -39.61
C ALA RA 13 -48.90 -14.58 -40.30
N THR RA 14 -48.93 -15.90 -40.28
CA THR RA 14 -50.14 -16.68 -40.59
C THR RA 14 -50.60 -17.34 -39.29
N PRO RA 15 -51.62 -16.80 -38.62
CA PRO RA 15 -51.96 -17.29 -37.28
C PRO RA 15 -52.33 -18.76 -37.25
N VAL RA 16 -51.91 -19.42 -36.15
CA VAL RA 16 -52.06 -20.85 -35.95
C VAL RA 16 -52.91 -21.08 -34.71
N SER RA 17 -53.80 -22.07 -34.78
CA SER RA 17 -54.65 -22.39 -33.64
C SER RA 17 -53.92 -23.29 -32.64
N HIS RA 18 -54.15 -23.03 -31.36
CA HIS RA 18 -53.64 -23.85 -30.27
C HIS RA 18 -54.79 -24.34 -29.42
N VAL RA 19 -54.74 -25.60 -29.00
CA VAL RA 19 -55.73 -26.17 -28.08
C VAL RA 19 -55.04 -26.37 -26.74
N LEU RA 20 -55.48 -25.62 -25.73
CA LEU RA 20 -54.91 -25.70 -24.39
C LEU RA 20 -55.84 -26.51 -23.51
N VAL RA 21 -55.35 -27.63 -22.99
CA VAL RA 21 -56.16 -28.51 -22.16
C VAL RA 21 -55.95 -28.16 -20.69
N PRO RA 22 -56.91 -28.47 -19.82
CA PRO RA 22 -56.73 -28.14 -18.40
C PRO RA 22 -55.63 -28.96 -17.76
N LEU RA 23 -54.94 -28.34 -16.80
CA LEU RA 23 -53.91 -29.00 -16.00
C LEU RA 23 -54.25 -29.10 -14.53
N GLY RA 24 -55.17 -28.26 -14.03
CA GLY RA 24 -55.57 -28.32 -12.64
C GLY RA 24 -55.81 -26.98 -12.01
N VAL RA 25 -56.40 -26.99 -10.82
CA VAL RA 25 -56.67 -25.78 -10.06
C VAL RA 25 -56.24 -26.04 -8.63
N GLY RA 26 -55.77 -24.98 -7.96
CA GLY RA 26 -55.41 -25.09 -6.56
C GLY RA 26 -55.23 -23.72 -5.95
N ILE RA 27 -54.96 -23.72 -4.65
CA ILE RA 27 -54.77 -22.49 -3.89
C ILE RA 27 -53.34 -22.47 -3.36
N ASP RA 28 -52.49 -21.63 -3.96
CA ASP RA 28 -51.16 -21.34 -3.45
C ASP RA 28 -51.25 -20.18 -2.46
N GLU RA 29 -50.47 -20.26 -1.38
CA GLU RA 29 -50.52 -19.21 -0.37
C GLU RA 29 -50.00 -17.88 -0.90
N ASN RA 30 -48.96 -17.93 -1.74
CA ASN RA 30 -48.39 -16.72 -2.32
C ASN RA 30 -49.16 -16.25 -3.55
N LEU RA 31 -49.44 -17.17 -4.49
CA LEU RA 31 -50.06 -16.75 -5.75
C LEU RA 31 -51.55 -16.51 -5.62
N GLY RA 32 -52.23 -17.22 -4.72
CA GLY RA 32 -53.67 -17.15 -4.61
C GLY RA 32 -54.35 -18.34 -5.26
N SER RA 33 -55.52 -18.11 -5.87
CA SER RA 33 -56.21 -19.16 -6.60
C SER RA 33 -55.62 -19.25 -8.01
N VAL RA 34 -55.08 -20.42 -8.35
CA VAL RA 34 -54.35 -20.63 -9.60
C VAL RA 34 -55.07 -21.69 -10.42
N ALA RA 35 -55.26 -21.41 -11.71
CA ALA RA 35 -55.77 -22.38 -12.68
C ALA RA 35 -54.82 -22.44 -13.86
N LYS RA 36 -54.52 -23.65 -14.32
CA LYS RA 36 -53.50 -23.86 -15.33
C LYS RA 36 -54.07 -24.57 -16.56
N TRP RA 37 -53.62 -24.14 -17.73
CA TRP RA 37 -53.90 -24.80 -19.00
C TRP RA 37 -52.58 -24.98 -19.74
N ARG RA 38 -52.54 -25.96 -20.65
CA ARG RA 38 -51.35 -26.15 -21.45
C ARG RA 38 -51.70 -26.91 -22.73
N GLU RA 39 -51.06 -26.52 -23.83
CA GLU RA 39 -51.15 -27.26 -25.08
C GLU RA 39 -50.42 -28.59 -24.96
N ASN RA 40 -50.89 -29.59 -25.69
CA ASN RA 40 -50.39 -30.96 -25.54
C ASN RA 40 -49.92 -31.48 -26.88
N LEU RA 41 -48.92 -30.83 -27.46
CA LEU RA 41 -48.25 -31.38 -28.63
C LEU RA 41 -47.52 -32.66 -28.25
N ALA RA 42 -47.71 -33.69 -29.08
CA ALA RA 42 -47.29 -35.04 -28.68
C ALA RA 42 -45.79 -35.16 -28.51
N THR RA 43 -45.01 -34.54 -29.40
CA THR RA 43 -43.56 -34.66 -29.38
C THR RA 43 -42.87 -33.52 -28.63
N VAL RA 44 -43.55 -32.42 -28.38
CA VAL RA 44 -42.89 -31.25 -27.78
C VAL RA 44 -42.71 -31.50 -26.28
N PRO RA 45 -41.54 -31.20 -25.70
CA PRO RA 45 -41.38 -31.31 -24.25
C PRO RA 45 -42.48 -30.57 -23.52
N LEU RA 46 -42.90 -31.12 -22.38
CA LEU RA 46 -44.03 -30.55 -21.66
C LEU RA 46 -43.75 -29.11 -21.24
N TYR RA 47 -42.54 -28.82 -20.78
CA TYR RA 47 -42.23 -27.46 -20.37
C TYR RA 47 -41.94 -26.53 -21.55
N ALA RA 48 -42.01 -27.04 -22.78
CA ALA RA 48 -41.85 -26.21 -23.97
C ALA RA 48 -43.16 -25.91 -24.66
N ASN RA 49 -44.29 -26.38 -24.13
CA ASN RA 49 -45.60 -26.17 -24.73
C ASN RA 49 -46.23 -24.87 -24.23
N VAL RA 50 -47.02 -24.25 -25.11
CA VAL RA 50 -47.74 -23.04 -24.76
C VAL RA 50 -48.64 -23.31 -23.56
N ARG RA 51 -48.60 -22.41 -22.57
CA ARG RA 51 -49.40 -22.58 -21.37
C ARG RA 51 -50.09 -21.26 -21.02
N VAL RA 52 -51.22 -21.39 -20.32
CA VAL RA 52 -52.00 -20.25 -19.85
C VAL RA 52 -52.34 -20.48 -18.39
N THR RA 53 -52.22 -19.42 -17.58
CA THR RA 53 -52.42 -19.52 -16.15
C THR RA 53 -53.18 -18.29 -15.66
N THR RA 54 -54.08 -18.49 -14.68
CA THR RA 54 -54.76 -17.39 -14.03
C THR RA 54 -54.43 -17.39 -12.54
N MET RA 55 -54.16 -16.21 -12.00
CA MET RA 55 -53.96 -16.00 -10.58
C MET RA 55 -55.01 -15.02 -10.06
N GLN RA 56 -55.52 -15.28 -8.86
CA GLN RA 56 -56.41 -14.35 -8.17
C GLN RA 56 -56.01 -14.29 -6.71
N LYS RA 57 -55.73 -13.09 -6.21
CA LYS RA 57 -55.26 -12.91 -4.84
C LYS RA 57 -55.78 -11.59 -4.30
N LYS RA 58 -56.29 -11.64 -3.08
CA LYS RA 58 -56.65 -10.43 -2.35
C LYS RA 58 -55.41 -9.98 -1.57
N LEU RA 59 -54.95 -8.75 -1.84
CA LEU RA 59 -53.76 -8.24 -1.19
C LEU RA 59 -54.10 -7.73 0.21
N LYS RA 60 -53.06 -7.27 0.92
CA LYS RA 60 -53.28 -6.70 2.25
C LYS RA 60 -54.08 -5.42 2.19
N SER RA 61 -53.92 -4.64 1.11
CA SER RA 61 -54.67 -3.40 0.93
C SER RA 61 -56.16 -3.62 0.84
N GLY RA 62 -56.61 -4.85 0.57
CA GLY RA 62 -57.96 -5.09 0.14
C GLY RA 62 -58.15 -5.07 -1.35
N ILE RA 63 -57.16 -4.58 -2.10
CA ILE RA 63 -57.21 -4.60 -3.55
C ILE RA 63 -57.12 -6.04 -4.04
N GLU RA 64 -58.04 -6.43 -4.92
CA GLU RA 64 -57.95 -7.74 -5.54
C GLU RA 64 -57.04 -7.64 -6.75
N ARG RA 65 -56.10 -8.57 -6.87
CA ARG RA 65 -55.21 -8.66 -8.02
C ARG RA 65 -55.62 -9.85 -8.88
N VAL RA 66 -55.57 -9.65 -10.19
CA VAL RA 66 -56.06 -10.63 -11.16
C VAL RA 66 -55.05 -10.69 -12.30
N GLU RA 67 -54.69 -11.91 -12.71
CA GLU RA 67 -53.72 -12.09 -13.79
C GLU RA 67 -54.11 -13.25 -14.69
N ILE RA 68 -53.94 -13.03 -15.99
CA ILE RA 68 -54.04 -14.08 -17.01
C ILE RA 68 -52.69 -14.09 -17.72
N ARG RA 69 -51.87 -15.11 -17.47
CA ARG RA 69 -50.49 -15.16 -17.94
C ARG RA 69 -50.35 -16.19 -19.07
N VAL RA 70 -49.98 -15.70 -20.26
CA VAL RA 70 -49.69 -16.55 -21.42
C VAL RA 70 -48.19 -16.68 -21.56
N GLU RA 71 -47.69 -17.91 -21.57
CA GLU RA 71 -46.27 -18.19 -21.70
C GLU RA 71 -46.04 -19.07 -22.92
N VAL RA 72 -45.13 -18.65 -23.79
CA VAL RA 72 -44.77 -19.39 -24.99
C VAL RA 72 -43.28 -19.71 -24.92
N PRO RA 73 -42.93 -20.95 -24.59
CA PRO RA 73 -41.51 -21.32 -24.57
C PRO RA 73 -40.96 -21.53 -25.96
N VAL RA 74 -39.70 -21.17 -26.15
CA VAL RA 74 -38.99 -21.34 -27.41
C VAL RA 74 -37.75 -22.17 -27.15
N MET RA 75 -37.58 -23.22 -27.95
CA MET RA 75 -36.46 -24.14 -27.76
C MET RA 75 -35.28 -23.72 -28.62
N GLU RA 76 -34.12 -24.27 -28.28
CA GLU RA 76 -32.95 -24.13 -29.14
C GLU RA 76 -33.12 -24.99 -30.39
N ALA RA 77 -32.10 -24.96 -31.24
CA ALA RA 77 -32.17 -25.69 -32.50
C ALA RA 77 -31.75 -27.15 -32.31
N VAL RA 78 -32.29 -28.03 -33.19
CA VAL RA 78 -31.97 -29.46 -33.17
C VAL RA 78 -30.78 -29.71 -34.08
N SER RA 79 -29.92 -30.65 -33.67
CA SER RA 79 -28.74 -30.99 -34.47
C SER RA 79 -28.88 -32.30 -35.23
N GLY RA 80 -29.89 -33.11 -34.95
CA GLY RA 80 -29.96 -34.42 -35.57
C GLY RA 80 -30.89 -35.35 -34.82
N GLN RA 81 -30.82 -36.62 -35.20
CA GLN RA 81 -31.66 -37.68 -34.64
C GLN RA 81 -30.85 -38.95 -34.54
N ASN RA 82 -30.83 -39.56 -33.36
CA ASN RA 82 -30.03 -40.77 -33.18
C ASN RA 82 -30.60 -41.93 -33.97
N ALA RA 83 -29.71 -42.73 -34.54
CA ALA RA 83 -30.17 -43.82 -35.40
C ALA RA 83 -30.86 -44.92 -34.62
N PHE RA 84 -30.53 -45.12 -33.34
CA PHE RA 84 -31.02 -46.33 -32.69
C PHE RA 84 -31.62 -46.11 -31.31
N GLY RA 85 -31.16 -45.09 -30.60
CA GLY RA 85 -31.71 -44.76 -29.29
C GLY RA 85 -32.97 -43.92 -29.37
N TYR RA 86 -33.26 -43.22 -28.28
CA TYR RA 86 -34.28 -42.19 -28.24
C TYR RA 86 -33.60 -40.83 -28.19
N THR RA 87 -34.19 -39.85 -28.89
CA THR RA 87 -33.56 -38.54 -29.06
C THR RA 87 -34.42 -37.45 -28.44
N ALA RA 88 -33.79 -36.62 -27.62
CA ALA RA 88 -34.48 -35.56 -26.90
C ALA RA 88 -34.57 -34.29 -27.74
N ALA RA 89 -35.62 -33.55 -27.51
CA ALA RA 89 -35.71 -32.22 -28.05
C ALA RA 89 -34.83 -31.26 -27.24
N PRO RA 90 -34.29 -30.22 -27.88
CA PRO RA 90 -33.34 -29.35 -27.18
C PRO RA 90 -34.01 -28.58 -26.05
N LYS RA 91 -33.16 -27.95 -25.23
CA LYS RA 91 -33.64 -27.23 -24.06
C LYS RA 91 -34.34 -25.93 -24.48
N VAL RA 92 -35.16 -25.42 -23.57
CA VAL RA 92 -35.85 -24.15 -23.80
C VAL RA 92 -34.83 -23.01 -23.75
N ALA RA 93 -34.78 -22.22 -24.82
CA ALA RA 93 -33.83 -21.10 -24.84
C ALA RA 93 -34.35 -19.91 -24.04
N PHE RA 94 -35.64 -19.62 -24.18
CA PHE RA 94 -36.27 -18.55 -23.42
C PHE RA 94 -37.77 -18.78 -23.43
N THR RA 95 -38.47 -18.05 -22.58
CA THR RA 95 -39.92 -18.12 -22.52
C THR RA 95 -40.49 -16.72 -22.57
N ASP RA 96 -41.37 -16.47 -23.54
CA ASP RA 96 -42.03 -15.19 -23.68
C ASP RA 96 -43.30 -15.18 -22.85
N SER RA 97 -43.47 -14.14 -22.05
CA SER RA 97 -44.60 -14.03 -21.12
C SER RA 97 -45.36 -12.74 -21.42
N GLY RA 98 -46.62 -12.88 -21.80
CA GLY RA 98 -47.50 -11.75 -21.94
C GLY RA 98 -48.76 -11.98 -21.13
N SER RA 99 -49.11 -11.03 -20.27
CA SER RA 99 -50.20 -11.27 -19.34
C SER RA 99 -51.05 -10.01 -19.19
N PHE RA 100 -52.32 -10.24 -18.85
CA PHE RA 100 -53.18 -9.19 -18.33
C PHE RA 100 -53.07 -9.17 -16.81
N VAL RA 101 -52.97 -7.98 -16.23
CA VAL RA 101 -52.91 -7.83 -14.78
C VAL RA 101 -53.89 -6.74 -14.38
N GLY RA 102 -54.83 -7.07 -13.52
CA GLY RA 102 -55.83 -6.13 -13.05
C GLY RA 102 -55.75 -5.91 -11.55
N TYR RA 103 -55.84 -4.64 -11.14
CA TYR RA 103 -55.91 -4.26 -9.73
C TYR RA 103 -57.22 -3.53 -9.52
N PHE RA 104 -58.12 -4.11 -8.73
CA PHE RA 104 -59.45 -3.57 -8.54
C PHE RA 104 -59.75 -3.40 -7.06
N SER RA 105 -60.46 -2.33 -6.73
CA SER RA 105 -60.96 -2.13 -5.38
C SER RA 105 -62.20 -3.00 -5.14
N GLU RA 106 -62.53 -3.20 -3.86
CA GLU RA 106 -63.74 -3.94 -3.53
C GLU RA 106 -65.00 -3.25 -4.03
N ARG RA 107 -64.98 -1.91 -4.11
CA ARG RA 107 -66.16 -1.18 -4.54
C ARG RA 107 -66.46 -1.37 -6.02
N SER RA 108 -65.45 -1.68 -6.83
CA SER RA 108 -65.65 -1.74 -8.27
C SER RA 108 -66.55 -2.92 -8.62
N ALA RA 109 -67.52 -2.65 -9.50
CA ALA RA 109 -68.53 -3.64 -9.86
C ALA RA 109 -68.11 -4.39 -11.12
N GLN RA 110 -68.92 -5.39 -11.50
CA GLN RA 110 -68.75 -6.04 -12.79
C GLN RA 110 -68.50 -5.02 -13.89
N SER RA 111 -69.39 -4.02 -14.00
CA SER RA 111 -69.32 -3.08 -15.12
C SER RA 111 -68.04 -2.25 -15.08
N ASN RA 112 -67.60 -1.87 -13.88
CA ASN RA 112 -66.35 -1.13 -13.75
C ASN RA 112 -65.17 -1.93 -14.26
N ARG RA 113 -65.01 -3.16 -13.76
CA ARG RA 113 -63.90 -4.01 -14.20
C ARG RA 113 -63.99 -4.30 -15.69
N ARG RA 114 -65.18 -4.61 -16.19
CA ARG RA 114 -65.35 -4.90 -17.60
C ARG RA 114 -65.01 -3.70 -18.47
N LEU RA 115 -65.28 -2.48 -17.96
CA LEU RA 115 -65.04 -1.28 -18.75
C LEU RA 115 -63.55 -1.09 -19.01
N VAL RA 116 -62.73 -1.25 -17.98
CA VAL RA 116 -61.29 -1.08 -18.17
C VAL RA 116 -60.73 -2.22 -18.99
N LYS RA 117 -61.20 -3.44 -18.74
CA LYS RA 117 -60.73 -4.61 -19.50
C LYS RA 117 -60.73 -4.32 -21.00
N GLN RA 118 -61.85 -3.83 -21.52
CA GLN RA 118 -61.98 -3.72 -22.97
C GLN RA 118 -61.13 -2.60 -23.54
N ILE RA 119 -60.87 -1.54 -22.75
CA ILE RA 119 -59.94 -0.51 -23.20
C ILE RA 119 -58.61 -1.13 -23.56
N LEU RA 120 -58.07 -1.95 -22.65
CA LEU RA 120 -56.79 -2.59 -22.90
C LEU RA 120 -56.87 -3.56 -24.07
N THR RA 121 -57.95 -4.36 -24.14
CA THR RA 121 -58.09 -5.30 -25.24
C THR RA 121 -58.11 -4.57 -26.58
N ASN RA 122 -58.83 -3.45 -26.66
CA ASN RA 122 -58.88 -2.69 -27.90
C ASN RA 122 -57.53 -2.06 -28.21
N LEU RA 123 -56.82 -1.59 -27.18
CA LEU RA 123 -55.48 -1.05 -27.39
C LEU RA 123 -54.55 -2.11 -27.96
N LEU RA 124 -54.60 -3.33 -27.41
CA LEU RA 124 -53.72 -4.40 -27.89
C LEU RA 124 -54.07 -4.81 -29.31
N GLY RA 125 -55.32 -4.64 -29.71
CA GLY RA 125 -55.75 -4.97 -31.06
C GLY RA 125 -55.67 -3.84 -32.05
N ASN RA 126 -55.17 -2.68 -31.62
CA ASN RA 126 -55.11 -1.47 -32.45
C ASN RA 126 -56.47 -1.12 -33.03
N VAL RA 127 -57.48 -1.15 -32.17
CA VAL RA 127 -58.87 -0.97 -32.56
C VAL RA 127 -59.35 0.37 -32.03
N SER RA 128 -59.76 1.24 -32.95
CA SER RA 128 -60.31 2.54 -32.60
C SER RA 128 -61.83 2.58 -32.67
N THR RA 129 -62.46 1.49 -33.11
CA THR RA 129 -63.91 1.44 -33.24
C THR RA 129 -64.54 0.83 -31.99
N SER RA 130 -65.87 0.72 -32.01
CA SER RA 130 -66.60 0.19 -30.87
C SER RA 130 -66.66 -1.33 -30.93
N VAL RA 131 -66.33 -1.97 -29.81
CA VAL RA 131 -66.34 -3.42 -29.68
C VAL RA 131 -67.08 -3.78 -28.40
N ALA RA 132 -68.01 -4.72 -28.50
CA ALA RA 132 -68.77 -5.16 -27.33
C ALA RA 132 -67.87 -5.95 -26.40
N ALA RA 133 -67.89 -5.59 -25.13
CA ALA RA 133 -67.06 -6.28 -24.14
C ALA RA 133 -67.68 -7.63 -23.82
N PRO RA 134 -66.91 -8.72 -23.85
CA PRO RA 134 -67.45 -10.05 -23.55
C PRO RA 134 -67.98 -10.11 -22.12
N THR RA 135 -69.07 -10.85 -21.94
CA THR RA 135 -69.64 -11.09 -20.62
C THR RA 135 -69.59 -12.56 -20.23
N THR RA 136 -69.08 -13.42 -21.11
CA THR RA 136 -68.87 -14.84 -20.82
C THR RA 136 -67.44 -15.20 -21.17
N GLY RA 137 -67.06 -16.44 -20.88
CA GLY RA 137 -65.70 -16.89 -21.09
C GLY RA 137 -64.87 -16.79 -19.81
N PHE RA 138 -63.81 -17.60 -19.77
CA PHE RA 138 -63.05 -17.68 -18.53
C PHE RA 138 -62.36 -16.36 -18.19
N ALA RA 139 -61.95 -15.60 -19.21
CA ALA RA 139 -61.34 -14.31 -18.94
C ALA RA 139 -62.35 -13.34 -18.34
N SER RA 140 -63.59 -13.34 -18.84
CA SER RA 140 -64.61 -12.47 -18.26
C SER RA 140 -64.98 -12.90 -16.83
N GLU RA 141 -65.11 -14.21 -16.60
CA GLU RA 141 -65.38 -14.68 -15.25
C GLU RA 141 -64.32 -14.19 -14.27
N LEU RA 142 -63.06 -14.21 -14.69
CA LEU RA 142 -61.97 -13.82 -13.82
C LEU RA 142 -61.87 -12.30 -13.67
N ILE RA 143 -61.80 -11.59 -14.79
CA ILE RA 143 -61.53 -10.15 -14.74
C ILE RA 143 -62.78 -9.38 -14.31
N ASP RA 144 -63.93 -9.69 -14.93
CA ASP RA 144 -65.13 -8.92 -14.60
C ASP RA 144 -65.69 -9.31 -13.23
N SER RA 145 -65.68 -10.60 -12.90
CA SER RA 145 -66.41 -11.10 -11.74
C SER RA 145 -65.55 -11.70 -10.65
N GLY RA 146 -64.24 -11.79 -10.83
CA GLY RA 146 -63.39 -12.37 -9.79
C GLY RA 146 -63.65 -13.83 -9.53
N ILE RA 147 -63.85 -14.62 -10.59
CA ILE RA 147 -64.17 -16.04 -10.47
C ILE RA 147 -63.10 -16.85 -11.19
N THR RA 148 -62.43 -17.73 -10.46
CA THR RA 148 -61.43 -18.63 -11.02
C THR RA 148 -62.07 -19.96 -11.40
N ALA RA 149 -61.49 -20.62 -12.40
CA ALA RA 149 -62.00 -21.91 -12.84
C ALA RA 149 -62.03 -22.92 -11.69
N SER RA 150 -63.02 -23.80 -11.73
CA SER RA 150 -63.28 -24.76 -10.65
C SER RA 150 -62.97 -26.20 -11.05
N SER SA 1 -69.99 -35.02 -7.95
CA SER SA 1 -68.87 -34.65 -7.10
C SER SA 1 -68.12 -33.47 -7.71
N SER SA 2 -68.11 -33.38 -9.04
CA SER SA 2 -67.55 -32.21 -9.69
C SER SA 2 -68.48 -31.01 -9.49
N GLN SA 3 -67.88 -29.85 -9.27
CA GLN SA 3 -68.62 -28.65 -8.85
C GLN SA 3 -69.36 -28.04 -10.03
N ALA SA 4 -70.66 -27.77 -9.84
CA ALA SA 4 -71.50 -27.27 -10.92
C ALA SA 4 -72.42 -26.17 -10.40
N ASN SA 5 -73.08 -25.49 -11.34
CA ASN SA 5 -74.03 -24.45 -10.98
C ASN SA 5 -75.17 -25.02 -10.15
N ILE SA 6 -75.59 -24.25 -9.15
CA ILE SA 6 -76.70 -24.62 -8.28
C ILE SA 6 -77.84 -23.66 -8.54
N THR SA 7 -79.00 -24.19 -8.93
CA THR SA 7 -80.22 -23.41 -9.05
C THR SA 7 -81.11 -23.74 -7.86
N VAL SA 8 -81.46 -22.72 -7.07
CA VAL SA 8 -82.20 -22.90 -5.82
C VAL SA 8 -83.14 -21.73 -5.62
N PHE SA 9 -84.38 -22.04 -5.22
CA PHE SA 9 -85.34 -21.00 -4.86
C PHE SA 9 -85.24 -20.68 -3.38
N ASP SA 10 -85.48 -19.42 -3.03
CA ASP SA 10 -85.39 -18.97 -1.66
C ASP SA 10 -86.76 -19.09 -0.98
N GLY SA 11 -86.89 -18.50 0.21
CA GLY SA 11 -88.12 -18.59 0.97
C GLY SA 11 -88.85 -17.28 1.09
N ALA SA 12 -88.78 -16.45 0.06
CA ALA SA 12 -89.60 -15.26 0.02
C ALA SA 12 -91.07 -15.65 -0.13
N ALA SA 13 -91.96 -14.68 0.13
CA ALA SA 13 -93.39 -14.95 -0.01
C ALA SA 13 -93.71 -15.47 -1.40
N THR SA 14 -93.10 -14.89 -2.42
CA THR SA 14 -93.03 -15.49 -3.75
C THR SA 14 -91.58 -15.91 -3.98
N PRO SA 15 -91.25 -17.20 -3.86
CA PRO SA 15 -89.84 -17.62 -3.91
C PRO SA 15 -89.17 -17.21 -5.21
N VAL SA 16 -87.89 -16.84 -5.10
CA VAL SA 16 -87.07 -16.32 -6.18
C VAL SA 16 -85.93 -17.30 -6.43
N SER SA 17 -85.70 -17.64 -7.70
CA SER SA 17 -84.60 -18.53 -8.04
C SER SA 17 -83.27 -17.79 -8.00
N HIS SA 18 -82.25 -18.45 -7.46
CA HIS SA 18 -80.90 -17.94 -7.46
C HIS SA 18 -80.00 -18.96 -8.15
N VAL SA 19 -79.08 -18.47 -8.98
CA VAL SA 19 -78.11 -19.33 -9.66
C VAL SA 19 -76.76 -19.10 -9.01
N LEU SA 20 -76.25 -20.13 -8.34
CA LEU SA 20 -75.00 -20.06 -7.58
C LEU SA 20 -73.89 -20.70 -8.40
N VAL SA 21 -72.91 -19.89 -8.79
CA VAL SA 21 -71.81 -20.31 -9.66
C VAL SA 21 -70.70 -20.87 -8.77
N PRO SA 22 -69.94 -21.87 -9.23
CA PRO SA 22 -68.82 -22.37 -8.41
C PRO SA 22 -67.68 -21.37 -8.33
N LEU SA 23 -67.08 -21.30 -7.14
CA LEU SA 23 -65.90 -20.47 -6.92
C LEU SA 23 -64.61 -21.27 -6.79
N GLY SA 24 -64.69 -22.56 -6.52
CA GLY SA 24 -63.53 -23.41 -6.33
C GLY SA 24 -63.57 -24.13 -5.01
N VAL SA 25 -62.60 -25.02 -4.82
CA VAL SA 25 -62.48 -25.82 -3.60
C VAL SA 25 -61.04 -25.75 -3.11
N GLY SA 26 -60.86 -26.07 -1.84
CA GLY SA 26 -59.53 -26.03 -1.24
C GLY SA 26 -59.57 -26.49 0.19
N ILE SA 27 -58.41 -26.44 0.83
CA ILE SA 27 -58.23 -26.90 2.21
C ILE SA 27 -57.81 -25.74 3.09
N ASP SA 28 -58.53 -25.53 4.19
CA ASP SA 28 -58.22 -24.52 5.19
C ASP SA 28 -57.79 -25.23 6.47
N GLU SA 29 -56.84 -24.63 7.19
CA GLU SA 29 -56.34 -25.25 8.41
C GLU SA 29 -57.42 -25.32 9.49
N ASN SA 30 -58.19 -24.24 9.64
CA ASN SA 30 -59.24 -24.19 10.65
C ASN SA 30 -60.47 -25.00 10.22
N LEU SA 31 -60.86 -24.90 8.95
CA LEU SA 31 -62.18 -25.34 8.52
C LEU SA 31 -62.21 -26.70 7.87
N GLY SA 32 -61.10 -27.18 7.32
CA GLY SA 32 -61.08 -28.45 6.62
C GLY SA 32 -61.17 -28.29 5.12
N SER SA 33 -61.85 -29.21 4.44
CA SER SA 33 -62.10 -29.09 3.01
C SER SA 33 -63.28 -28.15 2.80
N VAL SA 34 -63.06 -27.10 2.02
CA VAL SA 34 -64.04 -26.05 1.81
C VAL SA 34 -64.37 -25.97 0.33
N ALA SA 35 -65.66 -25.90 0.00
CA ALA SA 35 -66.13 -25.66 -1.35
C ALA SA 35 -67.07 -24.46 -1.32
N LYS SA 36 -66.93 -23.58 -2.31
CA LYS SA 36 -67.64 -22.30 -2.31
C LYS SA 36 -68.45 -22.13 -3.59
N TRP SA 37 -69.68 -21.68 -3.43
CA TRP SA 37 -70.52 -21.21 -4.52
C TRP SA 37 -70.95 -19.78 -4.24
N ARG SA 38 -71.38 -19.08 -5.29
CA ARG SA 38 -71.76 -17.68 -5.15
C ARG SA 38 -72.66 -17.31 -6.31
N GLU SA 39 -73.65 -16.46 -6.05
CA GLU SA 39 -74.42 -15.86 -7.12
C GLU SA 39 -73.63 -14.70 -7.71
N ASN SA 40 -73.89 -14.40 -8.99
CA ASN SA 40 -73.14 -13.33 -9.68
C ASN SA 40 -74.12 -12.28 -10.18
N LEU SA 41 -74.79 -11.59 -9.25
CA LEU SA 41 -75.70 -10.50 -9.58
C LEU SA 41 -74.90 -9.20 -9.71
N ALA SA 42 -75.21 -8.43 -10.76
CA ALA SA 42 -74.74 -7.06 -10.90
C ALA SA 42 -75.48 -6.07 -9.99
N THR SA 43 -76.56 -6.51 -9.35
CA THR SA 43 -77.31 -5.63 -8.46
C THR SA 43 -76.51 -5.24 -7.22
N VAL SA 44 -75.63 -6.11 -6.76
CA VAL SA 44 -74.96 -5.92 -5.47
C VAL SA 44 -73.45 -6.07 -5.68
N PRO SA 45 -72.65 -5.58 -4.72
CA PRO SA 45 -71.20 -5.82 -4.82
C PRO SA 45 -70.87 -7.30 -4.90
N LEU SA 46 -69.68 -7.59 -5.43
CA LEU SA 46 -69.28 -8.97 -5.64
C LEU SA 46 -69.24 -9.76 -4.34
N TYR SA 47 -68.67 -9.16 -3.28
CA TYR SA 47 -68.59 -9.84 -1.99
C TYR SA 47 -69.94 -9.98 -1.30
N ALA SA 48 -70.99 -9.29 -1.77
CA ALA SA 48 -72.27 -9.21 -1.06
C ALA SA 48 -73.34 -10.09 -1.69
N ASN SA 49 -72.95 -11.10 -2.46
CA ASN SA 49 -73.88 -11.98 -3.12
C ASN SA 49 -74.30 -13.14 -2.21
N VAL SA 50 -75.47 -13.70 -2.49
CA VAL SA 50 -75.89 -14.94 -1.83
C VAL SA 50 -74.84 -16.01 -2.11
N ARG SA 51 -74.44 -16.75 -1.07
CA ARG SA 51 -73.38 -17.72 -1.22
C ARG SA 51 -73.69 -18.99 -0.42
N VAL SA 52 -73.07 -20.09 -0.86
CA VAL SA 52 -73.17 -21.38 -0.19
C VAL SA 52 -71.76 -21.92 -0.03
N THR SA 53 -71.48 -22.49 1.14
CA THR SA 53 -70.17 -23.03 1.46
C THR SA 53 -70.33 -24.36 2.19
N THR SA 54 -69.44 -25.31 1.88
CA THR SA 54 -69.41 -26.60 2.57
C THR SA 54 -68.06 -26.78 3.25
N MET SA 55 -68.08 -27.10 4.55
CA MET SA 55 -66.89 -27.46 5.29
C MET SA 55 -66.96 -28.91 5.70
N GLN SA 56 -65.79 -29.56 5.73
CA GLN SA 56 -65.69 -30.96 6.16
C GLN SA 56 -64.36 -31.13 6.88
N LYS SA 57 -64.42 -31.44 8.18
CA LYS SA 57 -63.23 -31.53 9.00
C LYS SA 57 -63.37 -32.69 9.98
N LYS SA 58 -62.28 -33.43 10.15
CA LYS SA 58 -62.18 -34.42 11.23
C LYS SA 58 -61.66 -33.72 12.48
N LEU SA 59 -62.45 -33.75 13.54
CA LEU SA 59 -62.09 -33.05 14.77
C LEU SA 59 -61.04 -33.84 15.55
N LYS SA 60 -60.52 -33.21 16.60
CA LYS SA 60 -59.53 -33.86 17.45
C LYS SA 60 -60.09 -35.14 18.07
N SER SA 61 -61.37 -35.12 18.46
CA SER SA 61 -62.00 -36.29 19.05
C SER SA 61 -62.15 -37.45 18.07
N GLY SA 62 -61.93 -37.23 16.78
CA GLY SA 62 -62.18 -38.23 15.77
C GLY SA 62 -63.54 -38.13 15.13
N ILE SA 63 -64.43 -37.30 15.67
CA ILE SA 63 -65.74 -37.09 15.09
C ILE SA 63 -65.62 -36.25 13.84
N GLU SA 64 -66.24 -36.70 12.74
CA GLU SA 64 -66.26 -35.90 11.53
C GLU SA 64 -67.39 -34.87 11.59
N ARG SA 65 -67.08 -33.63 11.22
CA ARG SA 65 -68.04 -32.54 11.23
C ARG SA 65 -68.22 -32.03 9.81
N VAL SA 66 -69.48 -31.90 9.38
CA VAL SA 66 -69.81 -31.38 8.06
C VAL SA 66 -70.75 -30.19 8.24
N GLU SA 67 -70.62 -29.22 7.33
CA GLU SA 67 -71.46 -28.03 7.36
C GLU SA 67 -71.82 -27.61 5.94
N ILE SA 68 -73.06 -27.18 5.76
CA ILE SA 68 -73.49 -26.48 4.56
C ILE SA 68 -74.03 -25.14 5.02
N ARG SA 69 -73.30 -24.06 4.73
CA ARG SA 69 -73.60 -22.73 5.25
C ARG SA 69 -74.14 -21.84 4.13
N VAL SA 70 -75.37 -21.37 4.30
CA VAL SA 70 -76.02 -20.44 3.37
C VAL SA 70 -75.99 -19.05 3.99
N GLU SA 71 -75.44 -18.08 3.28
CA GLU SA 71 -75.35 -16.70 3.74
C GLU SA 71 -76.03 -15.78 2.75
N VAL SA 72 -76.93 -14.94 3.23
CA VAL SA 72 -77.67 -13.99 2.42
C VAL SA 72 -77.40 -12.58 2.95
N PRO SA 73 -76.51 -11.83 2.30
CA PRO SA 73 -76.31 -10.43 2.70
C PRO SA 73 -77.50 -9.57 2.32
N VAL SA 74 -77.83 -8.61 3.18
CA VAL SA 74 -78.87 -7.63 2.94
C VAL SA 74 -78.24 -6.26 2.96
N MET SA 75 -78.49 -5.48 1.92
CA MET SA 75 -77.82 -4.19 1.75
C MET SA 75 -78.55 -3.08 2.48
N GLU SA 76 -77.79 -2.06 2.89
CA GLU SA 76 -78.39 -0.82 3.33
C GLU SA 76 -79.05 -0.11 2.16
N ALA SA 77 -79.99 0.78 2.48
CA ALA SA 77 -80.69 1.56 1.46
C ALA SA 77 -79.96 2.89 1.30
N VAL SA 78 -79.37 3.11 0.13
CA VAL SA 78 -78.70 4.38 -0.16
C VAL SA 78 -79.78 5.43 -0.47
N SER SA 79 -79.74 6.52 0.27
CA SER SA 79 -80.69 7.61 0.09
C SER SA 79 -79.97 8.94 0.23
N GLY SA 80 -80.31 9.88 -0.65
CA GLY SA 80 -79.76 11.23 -0.55
C GLY SA 80 -78.24 11.23 -0.63
N GLN SA 81 -77.61 11.99 0.28
CA GLN SA 81 -76.17 12.14 0.31
C GLN SA 81 -75.69 12.15 1.76
N ASN SA 82 -74.41 11.84 1.93
CA ASN SA 82 -73.79 11.83 3.25
C ASN SA 82 -73.31 13.24 3.61
N ALA SA 83 -72.69 13.36 4.78
CA ALA SA 83 -72.24 14.65 5.27
C ALA SA 83 -71.14 15.27 4.42
N PHE SA 84 -70.54 14.51 3.52
CA PHE SA 84 -69.50 15.04 2.65
C PHE SA 84 -70.02 15.53 1.31
N GLY SA 85 -71.31 15.32 1.02
CA GLY SA 85 -71.90 15.79 -0.22
C GLY SA 85 -71.88 14.79 -1.35
N TYR SA 86 -71.64 13.51 -1.07
CA TYR SA 86 -71.57 12.47 -2.08
C TYR SA 86 -72.63 11.41 -1.81
N THR SA 87 -73.03 10.72 -2.88
CA THR SA 87 -73.85 9.52 -2.72
C THR SA 87 -73.04 8.44 -2.02
N ALA SA 88 -73.67 7.78 -1.05
CA ALA SA 88 -72.96 6.80 -0.24
C ALA SA 88 -72.65 5.54 -1.06
N ALA SA 89 -71.55 4.88 -0.70
CA ALA SA 89 -71.18 3.61 -1.31
C ALA SA 89 -72.07 2.49 -0.78
N PRO SA 90 -72.22 1.42 -1.55
CA PRO SA 90 -72.97 0.26 -1.05
C PRO SA 90 -72.36 -0.25 0.25
N LYS SA 91 -73.24 -0.64 1.18
CA LYS SA 91 -72.82 -1.16 2.47
C LYS SA 91 -73.76 -2.27 2.89
N VAL SA 92 -73.19 -3.36 3.40
CA VAL SA 92 -73.98 -4.50 3.86
C VAL SA 92 -74.57 -4.15 5.23
N ALA SA 93 -75.90 -4.24 5.34
CA ALA SA 93 -76.55 -3.98 6.61
C ALA SA 93 -76.32 -5.14 7.58
N PHE SA 94 -76.60 -6.37 7.14
CA PHE SA 94 -76.38 -7.56 7.94
C PHE SA 94 -76.38 -8.75 7.00
N THR SA 95 -75.86 -9.87 7.50
CA THR SA 95 -75.83 -11.11 6.73
C THR SA 95 -76.55 -12.20 7.53
N ASP SA 96 -77.66 -12.69 6.99
CA ASP SA 96 -78.33 -13.82 7.60
C ASP SA 96 -77.61 -15.11 7.22
N SER SA 97 -77.51 -16.03 8.17
CA SER SA 97 -76.79 -17.28 8.00
C SER SA 97 -77.65 -18.43 8.50
N GLY SA 98 -77.89 -19.41 7.61
CA GLY SA 98 -78.55 -20.64 7.99
C GLY SA 98 -77.76 -21.81 7.45
N SER SA 99 -77.44 -22.78 8.30
CA SER SA 99 -76.54 -23.85 7.94
C SER SA 99 -77.05 -25.18 8.49
N PHE SA 100 -76.69 -26.25 7.79
CA PHE SA 100 -76.79 -27.61 8.32
C PHE SA 100 -75.44 -27.97 8.93
N VAL SA 101 -75.47 -28.59 10.11
CA VAL SA 101 -74.24 -29.02 10.78
C VAL SA 101 -74.42 -30.45 11.23
N GLY SA 102 -73.55 -31.33 10.75
CA GLY SA 102 -73.59 -32.74 11.12
C GLY SA 102 -72.36 -33.14 11.90
N TYR SA 103 -72.58 -33.94 12.95
CA TYR SA 103 -71.50 -34.56 13.72
C TYR SA 103 -71.71 -36.06 13.66
N PHE SA 104 -70.72 -36.78 13.13
CA PHE SA 104 -70.83 -38.21 12.91
C PHE SA 104 -69.60 -38.94 13.41
N SER SA 105 -69.81 -40.10 14.01
CA SER SA 105 -68.71 -40.97 14.40
C SER SA 105 -68.10 -41.61 13.15
N GLU SA 106 -66.84 -42.06 13.30
CA GLU SA 106 -66.21 -42.81 12.21
C GLU SA 106 -67.01 -44.06 11.86
N ARG SA 107 -67.70 -44.65 12.84
CA ARG SA 107 -68.46 -45.88 12.61
C ARG SA 107 -69.76 -45.65 11.85
N SER SA 108 -70.27 -44.41 11.83
CA SER SA 108 -71.52 -44.15 11.14
C SER SA 108 -71.36 -44.39 9.65
N ALA SA 109 -72.40 -44.96 9.05
CA ALA SA 109 -72.37 -45.36 7.64
C ALA SA 109 -73.16 -44.36 6.81
N GLN SA 110 -73.06 -44.53 5.48
CA GLN SA 110 -73.82 -43.69 4.57
C GLN SA 110 -75.31 -43.74 4.90
N SER SA 111 -75.82 -44.94 5.22
CA SER SA 111 -77.24 -45.06 5.54
C SER SA 111 -77.57 -44.35 6.85
N ASN SA 112 -76.68 -44.42 7.84
CA ASN SA 112 -76.92 -43.76 9.13
C ASN SA 112 -77.00 -42.25 8.95
N ARG SA 113 -76.02 -41.67 8.24
CA ARG SA 113 -75.99 -40.22 8.07
C ARG SA 113 -77.16 -39.73 7.23
N ARG SA 114 -77.48 -40.47 6.16
CA ARG SA 114 -78.62 -40.10 5.32
C ARG SA 114 -79.92 -40.15 6.13
N LEU SA 115 -80.02 -41.11 7.07
CA LEU SA 115 -81.24 -41.25 7.85
C LEU SA 115 -81.49 -40.02 8.71
N VAL SA 116 -80.46 -39.53 9.39
CA VAL SA 116 -80.61 -38.34 10.21
C VAL SA 116 -80.87 -37.12 9.34
N LYS SA 117 -80.17 -37.01 8.22
CA LYS SA 117 -80.34 -35.85 7.34
C LYS SA 117 -81.81 -35.59 7.04
N GLN SA 118 -82.52 -36.61 6.58
CA GLN SA 118 -83.88 -36.39 6.10
C GLN SA 118 -84.85 -36.05 7.22
N ILE SA 119 -84.59 -36.52 8.44
CA ILE SA 119 -85.41 -36.09 9.58
C ILE SA 119 -85.38 -34.57 9.70
N LEU SA 120 -84.18 -33.99 9.65
CA LEU SA 120 -84.06 -32.55 9.75
C LEU SA 120 -84.72 -31.85 8.57
N THR SA 121 -84.45 -32.33 7.35
CA THR SA 121 -85.04 -31.71 6.17
C THR SA 121 -86.57 -31.70 6.25
N ASN SA 122 -87.16 -32.81 6.68
CA ASN SA 122 -88.61 -32.87 6.78
C ASN SA 122 -89.11 -31.93 7.88
N LEU SA 123 -88.42 -31.89 9.01
CA LEU SA 123 -88.78 -30.95 10.07
C LEU SA 123 -88.76 -29.51 9.56
N LEU SA 124 -87.71 -29.15 8.80
CA LEU SA 124 -87.60 -27.79 8.28
C LEU SA 124 -88.69 -27.47 7.27
N GLY SA 125 -89.18 -28.49 6.56
CA GLY SA 125 -90.22 -28.30 5.58
C GLY SA 125 -91.62 -28.53 6.09
N ASN SA 126 -91.77 -28.78 7.40
CA ASN SA 126 -93.08 -29.03 8.01
C ASN SA 126 -93.77 -30.22 7.36
N VAL SA 127 -92.99 -31.25 7.02
CA VAL SA 127 -93.46 -32.42 6.30
C VAL SA 127 -93.57 -33.58 7.28
N SER SA 128 -94.79 -34.05 7.48
CA SER SA 128 -95.05 -35.20 8.34
C SER SA 128 -95.26 -36.49 7.56
N THR SA 129 -95.17 -36.45 6.23
CA THR SA 129 -95.36 -37.63 5.41
C THR SA 129 -94.01 -38.21 5.00
N SER SA 130 -94.06 -39.27 4.19
CA SER SA 130 -92.85 -39.99 3.78
C SER SA 130 -92.22 -39.30 2.58
N VAL SA 131 -90.91 -39.04 2.68
CA VAL SA 131 -90.14 -38.39 1.62
C VAL SA 131 -88.85 -39.16 1.45
N ALA SA 132 -88.52 -39.49 0.20
CA ALA SA 132 -87.31 -40.23 -0.09
C ALA SA 132 -86.08 -39.35 0.08
N ALA SA 133 -85.09 -39.85 0.78
CA ALA SA 133 -83.88 -39.07 1.02
C ALA SA 133 -83.03 -39.05 -0.24
N PRO SA 134 -82.57 -37.88 -0.67
CA PRO SA 134 -81.76 -37.81 -1.89
C PRO SA 134 -80.46 -38.59 -1.72
N THR SA 135 -80.09 -39.31 -2.78
CA THR SA 135 -78.82 -40.03 -2.82
C THR SA 135 -77.83 -39.43 -3.80
N THR SA 136 -78.18 -38.30 -4.42
CA THR SA 136 -77.30 -37.58 -5.32
C THR SA 136 -77.36 -36.09 -4.97
N GLY SA 137 -76.47 -35.32 -5.59
CA GLY SA 137 -76.37 -33.91 -5.29
C GLY SA 137 -75.25 -33.62 -4.30
N PHE SA 138 -74.81 -32.35 -4.30
CA PHE SA 138 -73.65 -31.99 -3.49
C PHE SA 138 -73.96 -32.12 -2.00
N ALA SA 139 -75.19 -31.83 -1.59
CA ALA SA 139 -75.54 -31.95 -0.17
C ALA SA 139 -75.50 -33.41 0.26
N SER SA 140 -76.08 -34.31 -0.53
CA SER SA 140 -76.03 -35.73 -0.20
C SER SA 140 -74.61 -36.26 -0.19
N GLU SA 141 -73.79 -35.82 -1.15
CA GLU SA 141 -72.41 -36.29 -1.19
C GLU SA 141 -71.64 -35.85 0.06
N LEU SA 142 -71.92 -34.65 0.56
CA LEU SA 142 -71.23 -34.16 1.74
C LEU SA 142 -71.75 -34.82 3.03
N ILE SA 143 -73.07 -34.78 3.23
CA ILE SA 143 -73.62 -35.25 4.49
C ILE SA 143 -73.62 -36.77 4.56
N ASP SA 144 -74.11 -37.43 3.50
CA ASP SA 144 -74.21 -38.89 3.54
C ASP SA 144 -72.83 -39.55 3.45
N SER SA 145 -71.98 -39.05 2.55
CA SER SA 145 -70.77 -39.78 2.18
C SER SA 145 -69.47 -39.05 2.51
N GLY SA 146 -69.52 -37.85 3.07
CA GLY SA 146 -68.30 -37.15 3.42
C GLY SA 146 -67.49 -36.66 2.24
N ILE SA 147 -68.14 -36.37 1.12
CA ILE SA 147 -67.49 -35.97 -0.12
C ILE SA 147 -67.57 -34.45 -0.28
N THR SA 148 -66.45 -33.84 -0.64
CA THR SA 148 -66.40 -32.43 -1.00
C THR SA 148 -66.28 -32.30 -2.52
N ALA SA 149 -66.85 -31.22 -3.05
CA ALA SA 149 -66.84 -31.01 -4.50
C ALA SA 149 -65.40 -30.77 -5.01
N SER SA 150 -65.25 -30.80 -6.32
CA SER SA 150 -63.95 -30.62 -6.96
C SER SA 150 -64.03 -29.88 -8.30
#